data_5JY7
#
_entry.id   5JY7
#
_cell.length_a   315.680
_cell.length_b   315.680
_cell.length_c   124.950
_cell.angle_alpha   90.000
_cell.angle_beta   90.000
_cell.angle_gamma   90.000
#
_symmetry.space_group_name_H-M   'P 43'
#
loop_
_entity.id
_entity.type
_entity.pdbx_description
1 polymer 'Trehalose synthase/amylase TreS'
2 polymer Maltokinase
3 non-polymer 'CALCIUM ION'
#
loop_
_entity_poly.entity_id
_entity_poly.type
_entity_poly.pdbx_seq_one_letter_code
_entity_poly.pdbx_strand_id
1 'polypeptide(L)'
;MEEHTQGSHVEAGIVEHPNAEDFGHARTLPTDTNWFKHAVFYEVLVRAFYDSNADGIGDLRGLTEKLDYIKWLGVDCLWL
PPFYDSPLRDGGYDIRDFYKVLPEFGTVDDFVTLLDAAHRRGIRIITDLVMNHTSDQHEWFQESRHNPDGPYGDFYVWSD
TSDRYPDARIIFVDTEESNWTFDPVRRQFYWHRFFSHQPDLNYDNPAVQEAMLDVLRFWLDLGIDGFRLDAVPYLFEREG
TNCENLPETHAFLKRCRKAIDDEYPGRVLLAEANQWPADVVAYFGDPDTGGDECHMAFHFPLMPRIFMAVRRESRFPISE
ILAQTPPIPDTAQWGIFLRNHDELTLEMVTDEERDYMYAEYAKDPRMKANVGIRRRLAPLLENDRNQIELFTALLLSLPG
SPVLYYGDEIGMGDIIWLGDRDSVRTPMQWTPDRNAGFSKATPGRLYLPPNQDAVYGYHSVNVEAQLDSSSSLLNWTRNM
LAVRSRHDAFAVGTFRELGGSNPSVLAYIREVTRQQGDGGAKTDAVLCVNNLSRFPQPIELNLQQWAGYIPVEMTGYVEF
PSIGQLPYLLTLPGHGFYWFQLREPDPEPGAQQ
;
A,B,C,D,E,F,G,H
2 'polypeptide(L)'
;MSVEFEDWLTQQRWYAGRNRELVSATTAMAVRLRDGLELVLLQANYADGPDERYQVIVATGSGPIDEYSVVATIGIADGQ
TAYDALYDPDATRYLLSLIDESATVQNVRFVREPDVELPLDAPPRVFGAEQSNTSVVFGEDAIFKLFRRITPGVHPDIEL
NRVLARAGNPHVARLLGSFETEWEGEPYALGMVTEFAANSAEGWDMATTSTRDLFAEGDLYAEEVGGDFAGEAYRLGEAV
ASVHACLAHELGTEEVPFPADVMAQRLAAAVDAVPELREHVPQIEERYHKLADTTMTVQRVHGDLHLGQVLRTPKGWLLI
DFEGEPGQPLDERRRPDTPVRDVAGILRSFEYAAHQRLVDQAGDDDDRARQLAARAREWVTRNCASFCDGYAAEAGTDPR
DSADLLAAYELDKAVYEAAYEARHRPSWLPIPLGSIARLLE
;
I,J,K,L,M,N,O,P
#
loop_
_chem_comp.id
_chem_comp.type
_chem_comp.name
_chem_comp.formula
CA non-polymer 'CALCIUM ION' 'Ca 2'
#
# COMPACT_ATOMS: atom_id res chain seq x y z
N GLY A 13 60.90 -28.58 77.41
CA GLY A 13 61.45 -27.22 77.12
C GLY A 13 62.12 -27.15 75.74
N ILE A 14 61.97 -26.01 75.06
CA ILE A 14 62.62 -25.74 73.77
C ILE A 14 62.07 -26.56 72.59
N VAL A 15 62.37 -26.11 71.37
CA VAL A 15 61.91 -26.73 70.12
C VAL A 15 62.95 -27.72 69.60
N GLU A 16 62.55 -28.99 69.47
CA GLU A 16 63.46 -30.11 69.23
C GLU A 16 64.28 -29.97 67.93
N HIS A 17 63.61 -30.10 66.78
CA HIS A 17 64.21 -30.12 65.42
C HIS A 17 65.40 -31.10 65.22
N PRO A 18 65.47 -31.77 64.06
CA PRO A 18 66.51 -32.73 63.75
C PRO A 18 67.81 -32.08 63.30
N ASN A 19 68.79 -32.90 62.95
CA ASN A 19 70.11 -32.43 62.54
C ASN A 19 70.52 -32.93 61.15
N ALA A 20 71.43 -32.17 60.53
CA ALA A 20 71.91 -32.47 59.19
C ALA A 20 72.59 -33.83 59.09
N GLU A 21 73.33 -34.22 60.12
CA GLU A 21 74.06 -35.50 60.13
C GLU A 21 73.12 -36.70 60.06
N ASP A 22 71.91 -36.54 60.57
CA ASP A 22 70.96 -37.65 60.71
C ASP A 22 70.45 -38.21 59.37
N PHE A 23 70.70 -37.48 58.29
CA PHE A 23 70.36 -37.96 56.94
C PHE A 23 71.60 -37.99 56.05
N GLY A 24 71.47 -38.66 54.92
CA GLY A 24 72.53 -38.71 53.93
C GLY A 24 72.69 -37.36 53.26
N HIS A 25 73.94 -36.93 53.07
CA HIS A 25 74.23 -35.76 52.25
C HIS A 25 74.27 -36.20 50.79
N ALA A 26 73.68 -35.42 49.90
CA ALA A 26 73.65 -35.79 48.50
C ALA A 26 75.01 -35.60 47.88
N ARG A 27 75.17 -36.13 46.67
CA ARG A 27 76.39 -35.96 45.89
C ARG A 27 76.62 -34.48 45.64
N THR A 28 77.87 -34.03 45.71
CA THR A 28 78.18 -32.61 45.49
C THR A 28 78.86 -32.38 44.12
N LEU A 29 78.32 -31.42 43.37
CA LEU A 29 78.83 -31.07 42.04
C LEU A 29 80.13 -30.29 42.15
N PRO A 30 81.00 -30.36 41.12
CA PRO A 30 82.25 -29.61 41.15
C PRO A 30 82.00 -28.14 41.40
N THR A 31 82.81 -27.54 42.28
CA THR A 31 82.61 -26.16 42.71
C THR A 31 82.79 -25.17 41.55
N ASP A 32 81.73 -24.40 41.28
CA ASP A 32 81.70 -23.41 40.20
C ASP A 32 80.86 -22.23 40.69
N THR A 33 81.46 -21.04 40.74
CA THR A 33 80.83 -19.86 41.32
C THR A 33 80.12 -18.99 40.28
N ASN A 34 80.02 -19.47 39.05
CA ASN A 34 79.35 -18.75 37.97
C ASN A 34 78.24 -19.54 37.29
N TRP A 35 77.92 -20.72 37.81
CA TRP A 35 76.94 -21.59 37.16
C TRP A 35 75.60 -20.90 36.96
N PHE A 36 75.21 -20.10 37.94
CA PHE A 36 73.91 -19.44 37.92
C PHE A 36 73.80 -18.37 36.83
N LYS A 37 74.93 -17.84 36.39
CA LYS A 37 74.92 -16.86 35.31
C LYS A 37 74.69 -17.52 33.96
N HIS A 38 75.08 -18.79 33.84
CA HIS A 38 74.89 -19.56 32.61
C HIS A 38 73.65 -20.45 32.60
N ALA A 39 73.04 -20.63 33.75
CA ALA A 39 71.94 -21.57 33.89
C ALA A 39 70.64 -21.04 33.29
N VAL A 40 69.77 -21.98 32.94
CA VAL A 40 68.39 -21.72 32.56
C VAL A 40 67.53 -22.45 33.57
N PHE A 41 66.79 -21.69 34.37
CA PHE A 41 66.01 -22.24 35.49
C PHE A 41 64.66 -22.76 35.03
N TYR A 42 64.17 -23.78 35.71
CA TYR A 42 62.88 -24.40 35.40
C TYR A 42 62.06 -24.48 36.67
N GLU A 43 61.09 -23.60 36.82
CA GLU A 43 60.26 -23.59 38.02
C GLU A 43 59.19 -24.67 37.92
N VAL A 44 59.24 -25.66 38.80
CA VAL A 44 58.31 -26.78 38.78
C VAL A 44 57.79 -27.09 40.18
N LEU A 45 56.47 -27.13 40.32
CA LEU A 45 55.86 -27.51 41.58
C LEU A 45 55.94 -29.02 41.83
N VAL A 46 56.30 -29.40 43.05
CA VAL A 46 56.42 -30.82 43.41
C VAL A 46 55.07 -31.52 43.32
N ARG A 47 54.02 -30.82 43.81
CA ARG A 47 52.64 -31.33 43.81
C ARG A 47 52.05 -31.55 42.42
N ALA A 48 52.62 -30.88 41.42
CA ALA A 48 52.00 -30.77 40.11
C ALA A 48 52.62 -31.65 39.05
N PHE A 49 53.87 -32.04 39.24
CA PHE A 49 54.65 -32.62 38.16
C PHE A 49 54.34 -34.08 37.88
N TYR A 50 54.52 -34.94 38.88
CA TYR A 50 54.22 -36.36 38.69
C TYR A 50 53.95 -37.08 40.00
N ASP A 51 52.94 -37.94 40.00
CA ASP A 51 52.52 -38.67 41.18
C ASP A 51 52.82 -40.14 41.01
N SER A 52 53.60 -40.69 41.95
CA SER A 52 54.07 -42.06 41.86
C SER A 52 53.41 -42.99 42.87
N ASN A 53 52.70 -42.45 43.85
CA ASN A 53 52.06 -43.27 44.89
C ASN A 53 50.53 -43.32 44.77
N ALA A 54 50.01 -42.96 43.59
CA ALA A 54 48.58 -43.00 43.31
C ALA A 54 47.68 -42.44 44.44
N ASP A 55 48.15 -41.36 45.07
CA ASP A 55 47.37 -40.65 46.07
C ASP A 55 46.65 -39.44 45.47
N GLY A 56 46.98 -39.12 44.21
CA GLY A 56 46.44 -37.96 43.52
C GLY A 56 47.23 -36.70 43.75
N ILE A 57 48.37 -36.82 44.42
CA ILE A 57 49.19 -35.67 44.77
C ILE A 57 50.64 -35.91 44.35
N GLY A 58 51.14 -35.01 43.51
CA GLY A 58 52.50 -35.07 43.00
C GLY A 58 53.48 -35.06 44.14
N ASP A 59 54.54 -35.84 44.01
CA ASP A 59 55.45 -36.10 45.13
C ASP A 59 56.89 -36.12 44.68
N LEU A 60 57.81 -36.11 45.65
CA LEU A 60 59.23 -35.97 45.37
C LEU A 60 59.72 -37.13 44.54
N ARG A 61 59.30 -38.34 44.91
CA ARG A 61 59.68 -39.53 44.16
C ARG A 61 59.18 -39.59 42.74
N GLY A 62 58.04 -38.96 42.50
CA GLY A 62 57.52 -38.86 41.15
C GLY A 62 58.39 -37.91 40.34
N LEU A 63 58.69 -36.75 40.93
CA LEU A 63 59.57 -35.76 40.31
C LEU A 63 60.95 -36.36 40.01
N THR A 64 61.42 -37.25 40.88
CA THR A 64 62.68 -37.96 40.65
C THR A 64 62.59 -38.80 39.38
N GLU A 65 61.49 -39.52 39.20
CA GLU A 65 61.30 -40.40 38.02
C GLU A 65 61.36 -39.61 36.71
N LYS A 66 60.83 -38.40 36.71
CA LYS A 66 60.72 -37.60 35.51
C LYS A 66 61.92 -36.68 35.28
N LEU A 67 63.02 -36.89 36.00
CA LEU A 67 64.25 -36.09 35.80
C LEU A 67 64.87 -36.29 34.41
N ASP A 68 64.67 -37.47 33.81
CA ASP A 68 65.18 -37.74 32.47
C ASP A 68 64.57 -36.83 31.43
N TYR A 69 63.29 -36.51 31.60
CA TYR A 69 62.62 -35.53 30.75
C TYR A 69 63.24 -34.17 30.91
N ILE A 70 63.35 -33.74 32.16
CA ILE A 70 63.97 -32.45 32.48
C ILE A 70 65.34 -32.32 31.85
N LYS A 71 66.15 -33.37 32.00
CA LYS A 71 67.48 -33.41 31.38
C LYS A 71 67.38 -33.24 29.88
N TRP A 72 66.45 -33.97 29.27
CA TRP A 72 66.25 -33.96 27.81
C TRP A 72 65.84 -32.59 27.29
N LEU A 73 65.00 -31.90 28.06
CA LEU A 73 64.54 -30.56 27.72
C LEU A 73 65.71 -29.60 27.66
N GLY A 74 66.68 -29.79 28.55
CA GLY A 74 67.93 -29.03 28.53
C GLY A 74 68.01 -27.90 29.52
N VAL A 75 67.20 -27.96 30.58
CA VAL A 75 67.26 -26.99 31.66
C VAL A 75 68.40 -27.36 32.61
N ASP A 76 68.93 -26.37 33.30
CA ASP A 76 70.13 -26.53 34.10
C ASP A 76 69.85 -26.60 35.58
N CYS A 77 68.78 -25.95 36.03
CA CYS A 77 68.45 -25.91 37.45
C CYS A 77 66.96 -25.92 37.70
N LEU A 78 66.52 -26.78 38.63
CA LEU A 78 65.13 -26.83 39.07
C LEU A 78 64.90 -25.79 40.14
N TRP A 79 63.78 -25.09 40.06
CA TRP A 79 63.39 -24.19 41.14
C TRP A 79 62.07 -24.68 41.70
N LEU A 80 62.11 -25.18 42.94
CA LEU A 80 60.94 -25.72 43.63
C LEU A 80 60.33 -24.69 44.58
N PRO A 81 59.05 -24.37 44.42
CA PRO A 81 58.35 -23.56 45.41
C PRO A 81 58.24 -24.33 46.74
N PRO A 82 57.86 -23.65 47.83
CA PRO A 82 57.99 -24.22 49.17
C PRO A 82 57.32 -25.58 49.33
N PHE A 83 58.05 -26.56 49.85
CA PHE A 83 57.54 -27.92 50.02
C PHE A 83 57.65 -28.39 51.47
N TYR A 84 57.72 -27.43 52.39
CA TYR A 84 57.89 -27.75 53.81
C TYR A 84 56.53 -28.03 54.42
N ASP A 85 56.53 -28.74 55.53
CA ASP A 85 55.30 -29.05 56.26
C ASP A 85 54.53 -27.76 56.51
N SER A 86 53.25 -27.76 56.13
CA SER A 86 52.44 -26.54 56.16
C SER A 86 50.96 -26.89 56.24
N PRO A 87 50.17 -26.02 56.91
CA PRO A 87 48.72 -26.14 56.85
C PRO A 87 48.16 -25.72 55.49
N LEU A 88 49.00 -25.10 54.67
CA LEU A 88 48.68 -24.78 53.27
C LEU A 88 47.50 -23.80 53.15
N ARG A 89 47.34 -22.95 54.15
CA ARG A 89 46.32 -21.92 54.09
C ARG A 89 46.73 -20.81 53.13
N ASP A 90 48.02 -20.67 52.87
CA ASP A 90 48.53 -19.73 51.85
C ASP A 90 49.51 -20.43 50.91
N GLY A 91 48.99 -21.43 50.20
CA GLY A 91 49.76 -22.18 49.19
C GLY A 91 51.11 -22.75 49.61
N GLY A 92 51.30 -22.95 50.92
CA GLY A 92 52.55 -23.47 51.45
C GLY A 92 53.63 -22.42 51.70
N TYR A 93 53.29 -21.15 51.47
CA TYR A 93 54.20 -20.05 51.81
C TYR A 93 54.08 -19.71 53.30
N ASP A 94 53.19 -20.41 54.00
CA ASP A 94 53.09 -20.36 55.47
C ASP A 94 53.70 -21.63 56.10
N ILE A 95 54.99 -21.56 56.43
CA ILE A 95 55.74 -22.74 56.84
C ILE A 95 55.49 -23.07 58.31
N ARG A 96 55.18 -24.34 58.58
CA ARG A 96 54.93 -24.83 59.93
C ARG A 96 56.17 -25.47 60.54
N ASP A 97 57.00 -26.08 59.70
CA ASP A 97 58.21 -26.72 60.17
C ASP A 97 59.30 -26.67 59.09
N PHE A 98 60.37 -25.95 59.36
CA PHE A 98 61.44 -25.77 58.38
C PHE A 98 62.25 -27.04 58.11
N TYR A 99 62.22 -27.99 59.04
CA TYR A 99 63.03 -29.20 58.94
C TYR A 99 62.23 -30.43 58.55
N LYS A 100 61.01 -30.24 58.06
CA LYS A 100 60.15 -31.35 57.68
C LYS A 100 59.46 -31.05 56.36
N VAL A 101 59.66 -31.93 55.39
CA VAL A 101 58.95 -31.81 54.12
C VAL A 101 57.51 -32.30 54.32
N LEU A 102 56.57 -31.59 53.68
CA LEU A 102 55.14 -31.92 53.79
C LEU A 102 54.92 -33.41 53.53
N PRO A 103 54.27 -34.12 54.47
CA PRO A 103 54.00 -35.57 54.41
C PRO A 103 53.64 -36.13 53.03
N GLU A 104 52.76 -35.44 52.31
CA GLU A 104 52.24 -35.92 51.04
C GLU A 104 53.29 -35.94 49.92
N PHE A 105 54.34 -35.13 50.06
CA PHE A 105 55.44 -35.11 49.10
C PHE A 105 56.51 -36.14 49.43
N GLY A 106 56.67 -36.44 50.71
CA GLY A 106 57.58 -37.51 51.14
C GLY A 106 58.36 -37.15 52.39
N THR A 107 59.48 -37.82 52.58
CA THR A 107 60.38 -37.56 53.68
C THR A 107 61.58 -36.75 53.21
N VAL A 108 62.35 -36.22 54.16
CA VAL A 108 63.57 -35.49 53.86
C VAL A 108 64.52 -36.39 53.05
N ASP A 109 64.53 -37.68 53.39
CA ASP A 109 65.32 -38.68 52.65
C ASP A 109 64.95 -38.71 51.18
N ASP A 110 63.66 -38.63 50.88
CA ASP A 110 63.19 -38.60 49.49
C ASP A 110 63.70 -37.37 48.75
N PHE A 111 63.88 -36.26 49.47
CA PHE A 111 64.47 -35.05 48.88
C PHE A 111 65.94 -35.24 48.55
N VAL A 112 66.66 -35.94 49.43
CA VAL A 112 68.07 -36.25 49.19
C VAL A 112 68.20 -37.17 47.96
N THR A 113 67.30 -38.15 47.87
CA THR A 113 67.23 -39.05 46.71
C THR A 113 67.04 -38.26 45.41
N LEU A 114 66.18 -37.24 45.44
CA LEU A 114 65.98 -36.36 44.29
C LEU A 114 67.26 -35.58 43.97
N LEU A 115 67.87 -35.00 45.00
CA LEU A 115 69.09 -34.22 44.83
C LEU A 115 70.19 -35.03 44.15
N ASP A 116 70.48 -36.19 44.74
CA ASP A 116 71.55 -37.04 44.25
C ASP A 116 71.28 -37.44 42.81
N ALA A 117 70.04 -37.81 42.53
CA ALA A 117 69.62 -38.22 41.17
C ALA A 117 69.74 -37.06 40.17
N ALA A 118 69.43 -35.85 40.63
CA ALA A 118 69.54 -34.67 39.80
C ALA A 118 70.99 -34.27 39.57
N HIS A 119 71.80 -34.28 40.63
CA HIS A 119 73.22 -33.95 40.50
C HIS A 119 73.96 -34.93 39.60
N ARG A 120 73.57 -36.20 39.66
CA ARG A 120 74.19 -37.22 38.81
C ARG A 120 74.14 -36.86 37.33
N ARG A 121 73.09 -36.16 36.92
CA ARG A 121 72.97 -35.71 35.53
C ARG A 121 73.14 -34.18 35.43
N GLY A 122 73.92 -33.62 36.35
CA GLY A 122 74.32 -32.22 36.31
C GLY A 122 73.25 -31.18 36.53
N ILE A 123 72.08 -31.59 36.99
CA ILE A 123 70.97 -30.69 37.21
C ILE A 123 70.99 -30.23 38.67
N ARG A 124 70.99 -28.93 38.88
CA ARG A 124 70.99 -28.35 40.22
C ARG A 124 69.57 -28.10 40.70
N ILE A 125 69.40 -27.92 42.01
CA ILE A 125 68.09 -27.63 42.59
C ILE A 125 68.17 -26.47 43.58
N ILE A 126 67.28 -25.48 43.42
CA ILE A 126 67.10 -24.42 44.41
C ILE A 126 65.66 -24.44 44.92
N THR A 127 65.40 -23.76 46.03
CA THR A 127 64.06 -23.75 46.59
C THR A 127 63.65 -22.38 47.18
N ASP A 128 62.36 -22.08 47.13
CA ASP A 128 61.79 -20.94 47.83
C ASP A 128 61.93 -21.18 49.31
N LEU A 129 62.36 -20.15 50.03
CA LEU A 129 62.43 -20.19 51.50
C LEU A 129 61.97 -18.85 52.09
N VAL A 130 60.79 -18.87 52.71
CA VAL A 130 60.21 -17.67 53.28
C VAL A 130 61.00 -17.32 54.55
N MET A 131 61.48 -16.08 54.60
CA MET A 131 62.32 -15.63 55.70
C MET A 131 61.56 -14.77 56.71
N ASN A 132 60.62 -13.97 56.23
CA ASN A 132 59.95 -12.96 57.06
C ASN A 132 59.02 -13.52 58.13
N HIS A 133 58.26 -14.55 57.78
CA HIS A 133 57.20 -15.05 58.63
C HIS A 133 57.09 -16.57 58.62
N THR A 134 56.58 -17.13 59.71
CA THR A 134 56.22 -18.53 59.77
C THR A 134 54.73 -18.65 59.98
N SER A 135 54.20 -19.84 59.81
CA SER A 135 52.79 -20.12 60.08
C SER A 135 52.54 -19.96 61.56
N ASP A 136 51.30 -19.63 61.93
CA ASP A 136 50.93 -19.52 63.34
C ASP A 136 50.86 -20.89 64.02
N GLN A 137 50.96 -21.95 63.23
CA GLN A 137 51.01 -23.31 63.72
C GLN A 137 52.43 -23.79 63.99
N HIS A 138 53.42 -22.99 63.60
CA HIS A 138 54.81 -23.34 63.84
C HIS A 138 55.01 -23.47 65.34
N GLU A 139 55.77 -24.47 65.75
CA GLU A 139 56.04 -24.72 67.17
C GLU A 139 56.55 -23.49 67.93
N TRP A 140 57.40 -22.69 67.29
CA TRP A 140 57.91 -21.44 67.84
C TRP A 140 56.79 -20.50 68.28
N PHE A 141 55.85 -20.23 67.38
CA PHE A 141 54.76 -19.30 67.68
C PHE A 141 53.83 -19.85 68.74
N GLN A 142 53.59 -21.16 68.74
CA GLN A 142 52.80 -21.79 69.80
C GLN A 142 53.50 -21.69 71.16
N GLU A 143 54.83 -21.75 71.16
CA GLU A 143 55.62 -21.56 72.37
C GLU A 143 55.70 -20.10 72.78
N SER A 144 55.66 -19.19 71.81
CA SER A 144 55.72 -17.76 72.10
C SER A 144 54.43 -17.27 72.74
N ARG A 145 53.29 -17.77 72.26
CA ARG A 145 51.99 -17.37 72.80
C ARG A 145 51.68 -18.04 74.15
N HIS A 146 52.02 -19.32 74.28
CA HIS A 146 51.75 -20.08 75.51
C HIS A 146 52.75 -19.80 76.62
N ASN A 147 54.01 -19.61 76.25
CA ASN A 147 55.08 -19.31 77.22
C ASN A 147 55.76 -17.99 76.88
N PRO A 148 55.12 -16.86 77.23
CA PRO A 148 55.66 -15.54 76.90
C PRO A 148 56.98 -15.23 77.60
N ASP A 149 57.23 -15.85 78.75
CA ASP A 149 58.49 -15.68 79.46
C ASP A 149 59.47 -16.82 79.17
N GLY A 150 59.09 -17.72 78.27
CA GLY A 150 59.97 -18.81 77.85
C GLY A 150 61.07 -18.34 76.92
N PRO A 151 61.68 -19.28 76.17
CA PRO A 151 62.78 -18.94 75.28
C PRO A 151 62.34 -18.48 73.90
N TYR A 152 61.04 -18.51 73.63
CA TYR A 152 60.48 -18.08 72.35
C TYR A 152 59.53 -16.91 72.47
N GLY A 153 59.44 -16.33 73.66
CA GLY A 153 58.57 -15.18 73.89
C GLY A 153 58.88 -13.98 73.02
N ASP A 154 60.13 -13.84 72.62
CA ASP A 154 60.56 -12.71 71.80
C ASP A 154 60.92 -13.12 70.38
N PHE A 155 60.46 -14.29 69.94
CA PHE A 155 60.69 -14.76 68.57
C PHE A 155 59.79 -14.03 67.56
N TYR A 156 58.68 -13.48 68.03
CA TYR A 156 57.74 -12.76 67.18
C TYR A 156 57.50 -11.35 67.73
N VAL A 157 57.00 -10.46 66.88
CA VAL A 157 56.87 -9.06 67.27
C VAL A 157 55.55 -8.85 68.01
N TRP A 158 55.62 -8.72 69.34
CA TRP A 158 54.42 -8.56 70.15
C TRP A 158 54.25 -7.10 70.60
N SER A 159 53.01 -6.73 70.95
CA SER A 159 52.68 -5.39 71.40
C SER A 159 51.40 -5.38 72.24
N ASP A 160 51.19 -4.31 72.98
CA ASP A 160 49.99 -4.15 73.80
C ASP A 160 48.92 -3.34 73.07
N THR A 161 49.31 -2.63 72.02
CA THR A 161 48.36 -1.91 71.17
C THR A 161 48.67 -2.15 69.70
N SER A 162 47.68 -1.86 68.85
CA SER A 162 47.84 -1.91 67.41
C SER A 162 48.15 -0.51 66.87
N ASP A 163 49.19 0.12 67.45
CA ASP A 163 49.57 1.50 67.12
C ASP A 163 50.95 1.64 66.46
N ARG A 164 51.86 0.69 66.72
CA ARG A 164 53.23 0.76 66.20
C ARG A 164 53.30 0.65 64.67
N TYR A 165 54.40 1.17 64.12
CA TYR A 165 54.67 1.19 62.67
C TYR A 165 53.45 1.54 61.81
N PRO A 166 52.80 2.67 62.12
CA PRO A 166 51.60 3.03 61.38
C PRO A 166 51.87 3.50 59.95
N ASP A 167 53.13 3.73 59.62
CA ASP A 167 53.51 4.12 58.25
C ASP A 167 53.51 2.93 57.28
N ALA A 168 53.68 1.73 57.82
CA ALA A 168 53.69 0.52 57.01
C ALA A 168 52.29 0.25 56.47
N ARG A 169 52.22 -0.09 55.18
CA ARG A 169 50.95 -0.39 54.53
C ARG A 169 50.51 -1.83 54.77
N ILE A 170 49.22 -2.08 54.58
CA ILE A 170 48.69 -3.43 54.61
C ILE A 170 48.81 -4.00 53.20
N ILE A 171 49.61 -5.06 53.05
CA ILE A 171 49.87 -5.63 51.74
C ILE A 171 48.57 -6.14 51.15
N PHE A 172 47.88 -7.01 51.89
CA PHE A 172 46.57 -7.50 51.46
C PHE A 172 45.51 -6.62 52.12
N VAL A 173 45.27 -5.47 51.48
CA VAL A 173 44.41 -4.45 52.04
C VAL A 173 42.93 -4.82 51.99
N ASP A 174 42.58 -5.82 51.19
CA ASP A 174 41.19 -6.27 51.08
C ASP A 174 40.84 -7.44 51.98
N THR A 175 41.86 -8.11 52.52
CA THR A 175 41.64 -9.24 53.42
C THR A 175 41.93 -8.89 54.87
N GLU A 176 43.04 -8.18 55.11
CA GLU A 176 43.43 -7.78 56.47
C GLU A 176 43.08 -6.31 56.74
N GLU A 177 42.47 -6.06 57.89
CA GLU A 177 42.09 -4.71 58.31
C GLU A 177 43.23 -4.01 59.05
N SER A 178 44.18 -4.80 59.54
CA SER A 178 45.31 -4.28 60.29
C SER A 178 46.49 -5.21 60.16
N ASN A 179 47.68 -4.69 60.40
CA ASN A 179 48.88 -5.50 60.46
C ASN A 179 49.15 -6.04 61.86
N TRP A 180 48.30 -5.67 62.81
CA TRP A 180 48.33 -6.22 64.17
C TRP A 180 47.07 -7.05 64.40
N THR A 181 47.26 -8.28 64.88
CA THR A 181 46.15 -9.18 65.20
C THR A 181 46.23 -9.59 66.66
N PHE A 182 45.09 -9.68 67.33
CA PHE A 182 45.05 -9.98 68.76
C PHE A 182 45.02 -11.49 69.02
N ASP A 183 46.05 -11.99 69.71
CA ASP A 183 46.11 -13.40 70.08
C ASP A 183 45.38 -13.61 71.41
N PRO A 184 44.41 -14.55 71.45
CA PRO A 184 43.62 -14.76 72.68
C PRO A 184 44.38 -15.45 73.82
N VAL A 185 45.34 -16.31 73.49
CA VAL A 185 46.11 -17.02 74.51
C VAL A 185 47.08 -16.09 75.24
N ARG A 186 47.88 -15.36 74.48
CA ARG A 186 48.87 -14.43 75.05
C ARG A 186 48.25 -13.10 75.47
N ARG A 187 47.05 -12.81 74.96
CA ARG A 187 46.36 -11.55 75.24
C ARG A 187 47.15 -10.33 74.74
N GLN A 188 47.80 -10.48 73.60
CA GLN A 188 48.58 -9.40 73.00
C GLN A 188 48.45 -9.37 71.47
N PHE A 189 48.82 -8.24 70.87
CA PHE A 189 48.85 -8.10 69.42
C PHE A 189 50.16 -8.66 68.87
N TYR A 190 50.11 -9.31 67.71
CA TYR A 190 51.32 -9.73 67.00
C TYR A 190 51.36 -9.20 65.57
N TRP A 191 52.55 -8.82 65.13
CA TRP A 191 52.75 -8.15 63.85
C TRP A 191 52.80 -9.19 62.75
N HIS A 192 52.22 -8.84 61.60
CA HIS A 192 52.29 -9.67 60.39
C HIS A 192 52.03 -8.82 59.17
N ARG A 193 52.96 -8.83 58.22
CA ARG A 193 52.79 -8.06 57.00
C ARG A 193 51.76 -8.74 56.11
N PHE A 194 51.81 -10.06 56.09
CA PHE A 194 50.96 -10.86 55.23
C PHE A 194 49.67 -11.18 55.98
N PHE A 195 49.18 -12.41 55.89
CA PHE A 195 47.89 -12.77 56.50
C PHE A 195 48.00 -12.96 58.01
N SER A 196 46.86 -12.90 58.69
CA SER A 196 46.83 -12.95 60.15
C SER A 196 47.36 -14.26 60.74
N HIS A 197 47.43 -15.30 59.93
CA HIS A 197 47.95 -16.60 60.37
C HIS A 197 49.41 -16.80 59.96
N GLN A 198 50.08 -15.71 59.56
CA GLN A 198 51.48 -15.75 59.17
C GLN A 198 52.27 -14.70 59.94
N PRO A 199 52.42 -14.88 61.26
CA PRO A 199 53.08 -13.89 62.11
C PRO A 199 54.53 -13.64 61.71
N ASP A 200 54.93 -12.38 61.77
CA ASP A 200 56.30 -11.97 61.41
C ASP A 200 57.29 -12.38 62.47
N LEU A 201 58.43 -12.91 62.04
CA LEU A 201 59.51 -13.24 62.94
C LEU A 201 60.17 -11.95 63.38
N ASN A 202 60.57 -11.90 64.66
CA ASN A 202 61.27 -10.75 65.22
C ASN A 202 62.76 -10.88 64.99
N TYR A 203 63.24 -10.17 63.97
CA TYR A 203 64.65 -10.25 63.61
C TYR A 203 65.55 -9.36 64.45
N ASP A 204 64.98 -8.59 65.37
CA ASP A 204 65.78 -7.85 66.34
C ASP A 204 66.34 -8.78 67.42
N ASN A 205 65.64 -9.89 67.66
CA ASN A 205 66.14 -10.93 68.56
C ASN A 205 67.31 -11.65 67.91
N PRO A 206 68.49 -11.61 68.54
CA PRO A 206 69.66 -12.30 67.97
C PRO A 206 69.46 -13.79 67.80
N ALA A 207 68.70 -14.41 68.69
CA ALA A 207 68.41 -15.85 68.62
C ALA A 207 67.64 -16.23 67.36
N VAL A 208 66.75 -15.34 66.92
CA VAL A 208 65.97 -15.54 65.70
C VAL A 208 66.88 -15.56 64.48
N GLN A 209 67.82 -14.62 64.43
CA GLN A 209 68.78 -14.56 63.33
C GLN A 209 69.60 -15.85 63.24
N GLU A 210 70.01 -16.38 64.39
CA GLU A 210 70.78 -17.61 64.44
C GLU A 210 69.94 -18.80 64.06
N ALA A 211 68.68 -18.81 64.47
CA ALA A 211 67.76 -19.90 64.15
C ALA A 211 67.57 -20.05 62.64
N MET A 212 67.35 -18.93 61.97
CA MET A 212 67.12 -18.92 60.52
C MET A 212 68.39 -19.22 59.73
N LEU A 213 69.53 -18.81 60.26
CA LEU A 213 70.80 -19.17 59.64
C LEU A 213 71.06 -20.68 59.74
N ASP A 214 70.57 -21.31 60.80
CA ASP A 214 70.68 -22.76 60.98
C ASP A 214 69.73 -23.51 60.04
N VAL A 215 68.60 -22.90 59.70
CA VAL A 215 67.67 -23.45 58.72
C VAL A 215 68.36 -23.50 57.36
N LEU A 216 68.97 -22.38 56.96
CA LEU A 216 69.76 -22.34 55.73
C LEU A 216 70.82 -23.43 55.74
N ARG A 217 71.58 -23.50 56.83
CA ARG A 217 72.67 -24.45 56.95
C ARG A 217 72.22 -25.91 56.89
N PHE A 218 71.01 -26.19 57.37
CA PHE A 218 70.47 -27.55 57.31
C PHE A 218 70.38 -28.07 55.87
N TRP A 219 69.64 -27.33 55.04
CA TRP A 219 69.42 -27.75 53.66
C TRP A 219 70.71 -27.65 52.84
N LEU A 220 71.58 -26.69 53.17
CA LEU A 220 72.89 -26.58 52.52
C LEU A 220 73.79 -27.76 52.86
N ASP A 221 73.68 -28.27 54.08
CA ASP A 221 74.39 -29.49 54.48
C ASP A 221 73.89 -30.71 53.70
N LEU A 222 72.57 -30.81 53.54
CA LEU A 222 71.98 -31.86 52.71
C LEU A 222 72.49 -31.80 51.27
N GLY A 223 72.93 -30.62 50.84
CA GLY A 223 73.57 -30.42 49.54
C GLY A 223 72.72 -29.68 48.52
N ILE A 224 71.77 -28.88 48.98
CA ILE A 224 70.96 -28.06 48.08
C ILE A 224 71.85 -26.99 47.44
N ASP A 225 71.52 -26.56 46.24
CA ASP A 225 72.38 -25.66 45.48
C ASP A 225 72.14 -24.17 45.77
N GLY A 226 70.96 -23.84 46.28
CA GLY A 226 70.69 -22.46 46.65
C GLY A 226 69.30 -22.23 47.18
N PHE A 227 68.96 -20.96 47.41
CA PHE A 227 67.63 -20.58 47.87
C PHE A 227 67.14 -19.35 47.13
N ARG A 228 65.81 -19.18 47.11
CA ARG A 228 65.20 -17.92 46.78
C ARG A 228 64.58 -17.38 48.06
N LEU A 229 65.21 -16.35 48.63
CA LEU A 229 64.76 -15.80 49.90
C LEU A 229 63.53 -14.94 49.68
N ASP A 230 62.39 -15.43 50.12
CA ASP A 230 61.11 -14.76 49.89
C ASP A 230 60.78 -13.76 50.98
N ALA A 231 60.13 -12.66 50.58
CA ALA A 231 59.63 -11.64 51.51
C ALA A 231 60.71 -10.97 52.38
N VAL A 232 61.94 -10.91 51.86
CA VAL A 232 63.04 -10.32 52.61
C VAL A 232 62.97 -8.81 52.85
N PRO A 233 62.27 -8.05 52.00
CA PRO A 233 62.21 -6.61 52.28
C PRO A 233 61.45 -6.25 53.57
N TYR A 234 60.69 -7.20 54.10
CA TYR A 234 59.83 -6.95 55.26
C TYR A 234 60.37 -7.49 56.59
N LEU A 235 61.61 -7.97 56.60
CA LEU A 235 62.21 -8.55 57.79
C LEU A 235 62.17 -7.59 58.96
N PHE A 236 62.94 -6.51 58.88
CA PHE A 236 63.05 -5.56 59.98
C PHE A 236 61.95 -4.50 59.90
N GLU A 237 61.51 -4.05 61.07
CA GLU A 237 60.51 -3.01 61.21
C GLU A 237 61.07 -1.90 62.07
N ARG A 238 61.01 -0.66 61.58
CA ARG A 238 61.47 0.52 62.34
C ARG A 238 60.44 1.65 62.31
N GLU A 239 60.34 2.38 63.42
CA GLU A 239 59.41 3.50 63.53
C GLU A 239 59.78 4.63 62.59
N GLY A 240 58.77 5.36 62.13
CA GLY A 240 58.97 6.48 61.21
C GLY A 240 59.35 6.09 59.80
N THR A 241 59.17 4.80 59.46
CA THR A 241 59.44 4.29 58.12
C THR A 241 58.36 3.30 57.70
N ASN A 242 58.27 3.06 56.40
CA ASN A 242 57.31 2.08 55.88
C ASN A 242 57.73 0.62 56.12
N CYS A 243 58.79 0.41 56.90
CA CYS A 243 59.26 -0.92 57.25
C CYS A 243 59.59 -1.79 56.03
N GLU A 244 60.20 -1.14 55.02
CA GLU A 244 60.64 -1.83 53.81
C GLU A 244 62.07 -1.43 53.45
N ASN A 245 62.90 -2.43 53.13
CA ASN A 245 64.27 -2.22 52.68
C ASN A 245 65.14 -1.45 53.68
N LEU A 246 64.92 -1.67 54.96
CA LEU A 246 65.67 -0.97 56.00
C LEU A 246 67.12 -1.47 56.02
N PRO A 247 68.07 -0.62 56.42
CA PRO A 247 69.49 -0.99 56.45
C PRO A 247 69.79 -2.30 57.17
N GLU A 248 69.16 -2.51 58.33
CA GLU A 248 69.36 -3.73 59.11
C GLU A 248 68.91 -5.00 58.36
N THR A 249 67.90 -4.87 57.50
CA THR A 249 67.46 -5.96 56.64
C THR A 249 68.59 -6.39 55.74
N HIS A 250 69.17 -5.43 55.02
CA HIS A 250 70.31 -5.70 54.15
C HIS A 250 71.48 -6.27 54.93
N ALA A 251 71.70 -5.76 56.13
CA ALA A 251 72.80 -6.21 56.98
C ALA A 251 72.72 -7.69 57.30
N PHE A 252 71.51 -8.18 57.55
CA PHE A 252 71.28 -9.60 57.79
C PHE A 252 71.57 -10.43 56.54
N LEU A 253 71.13 -9.95 55.39
CA LEU A 253 71.38 -10.65 54.13
C LEU A 253 72.87 -10.79 53.87
N LYS A 254 73.65 -9.79 54.27
CA LYS A 254 75.10 -9.85 54.10
C LYS A 254 75.69 -11.02 54.87
N ARG A 255 75.12 -11.32 56.04
CA ARG A 255 75.54 -12.48 56.84
C ARG A 255 75.27 -13.79 56.10
N CYS A 256 74.08 -13.88 55.50
CA CYS A 256 73.72 -15.08 54.75
C CYS A 256 74.69 -15.33 53.61
N ARG A 257 75.08 -14.26 52.92
CA ARG A 257 76.06 -14.37 51.83
C ARG A 257 77.40 -14.82 52.36
N LYS A 258 77.86 -14.21 53.44
CA LYS A 258 79.12 -14.59 54.06
C LYS A 258 79.12 -16.06 54.47
N ALA A 259 78.01 -16.51 55.07
CA ALA A 259 77.83 -17.92 55.46
C ALA A 259 77.89 -18.87 54.26
N ILE A 260 77.35 -18.43 53.13
CA ILE A 260 77.47 -19.19 51.89
C ILE A 260 78.92 -19.22 51.40
N ASP A 261 79.51 -18.05 51.24
CA ASP A 261 80.87 -17.94 50.69
C ASP A 261 81.91 -18.65 51.57
N ASP A 262 81.73 -18.60 52.89
CA ASP A 262 82.69 -19.21 53.81
C ASP A 262 82.54 -20.72 53.93
N GLU A 263 81.30 -21.21 54.01
CA GLU A 263 81.05 -22.63 54.30
C GLU A 263 80.75 -23.48 53.07
N TYR A 264 80.03 -22.92 52.11
CA TYR A 264 79.65 -23.67 50.92
C TYR A 264 79.88 -22.82 49.66
N PRO A 265 81.12 -22.78 49.17
CA PRO A 265 81.36 -22.03 47.94
C PRO A 265 80.62 -22.62 46.75
N GLY A 266 80.13 -21.76 45.86
CA GLY A 266 79.45 -22.19 44.65
C GLY A 266 77.96 -22.41 44.78
N ARG A 267 77.37 -21.92 45.87
CA ARG A 267 75.92 -21.94 46.06
C ARG A 267 75.36 -20.57 45.73
N VAL A 268 74.06 -20.46 45.58
CA VAL A 268 73.43 -19.21 45.13
C VAL A 268 72.33 -18.71 46.08
N LEU A 269 72.12 -17.40 46.11
CA LEU A 269 71.08 -16.77 46.91
C LEU A 269 70.26 -15.82 46.04
N LEU A 270 69.05 -16.22 45.69
CA LEU A 270 68.14 -15.37 44.92
C LEU A 270 67.26 -14.52 45.84
N ALA A 271 67.05 -13.27 45.45
CA ALA A 271 66.22 -12.35 46.24
C ALA A 271 64.91 -12.06 45.55
N GLU A 272 63.81 -12.56 46.13
CA GLU A 272 62.48 -12.17 45.70
C GLU A 272 62.19 -10.82 46.32
N ALA A 273 62.45 -9.77 45.55
CA ALA A 273 62.12 -8.40 45.93
C ALA A 273 61.28 -7.82 44.82
N ASN A 274 59.99 -7.59 45.12
CA ASN A 274 59.07 -7.16 44.10
C ASN A 274 59.03 -5.64 44.03
N GLN A 275 60.14 -5.05 43.54
CA GLN A 275 60.28 -3.59 43.48
C GLN A 275 60.90 -3.16 42.18
N TRP A 276 60.86 -1.84 41.95
CA TRP A 276 61.39 -1.25 40.73
C TRP A 276 62.88 -1.53 40.67
N PRO A 277 63.41 -1.78 39.47
CA PRO A 277 64.83 -2.09 39.25
C PRO A 277 65.81 -1.20 40.02
N ALA A 278 65.55 0.10 40.04
CA ALA A 278 66.43 1.03 40.74
C ALA A 278 66.52 0.79 42.25
N ASP A 279 65.53 0.08 42.82
CA ASP A 279 65.50 -0.24 44.24
C ASP A 279 66.13 -1.58 44.54
N VAL A 280 65.87 -2.59 43.71
CA VAL A 280 66.36 -3.94 43.97
C VAL A 280 67.87 -4.09 43.78
N VAL A 281 68.49 -3.17 43.05
CA VAL A 281 69.97 -3.15 42.90
C VAL A 281 70.71 -3.08 44.22
N ALA A 282 70.05 -2.57 45.25
CA ALA A 282 70.60 -2.54 46.61
C ALA A 282 70.73 -3.94 47.23
N TYR A 283 69.94 -4.90 46.74
CA TYR A 283 69.96 -6.26 47.27
C TYR A 283 71.11 -7.11 46.75
N PHE A 284 71.86 -6.60 45.76
CA PHE A 284 73.10 -7.24 45.31
C PHE A 284 74.25 -6.89 46.23
N GLY A 285 74.10 -5.79 46.96
CA GLY A 285 75.05 -5.40 47.99
C GLY A 285 76.01 -4.31 47.57
N ASP A 286 76.97 -4.01 48.44
CA ASP A 286 77.99 -3.00 48.19
C ASP A 286 78.77 -3.35 46.90
N PRO A 287 78.72 -2.46 45.90
CA PRO A 287 79.36 -2.75 44.61
C PRO A 287 80.88 -2.64 44.64
N ASP A 288 81.42 -2.00 45.68
CA ASP A 288 82.87 -1.91 45.83
C ASP A 288 83.49 -3.29 45.99
N THR A 289 82.85 -4.14 46.79
CA THR A 289 83.32 -5.52 46.99
C THR A 289 82.85 -6.48 45.87
N GLY A 290 82.10 -5.95 44.91
CA GLY A 290 81.61 -6.74 43.79
C GLY A 290 80.43 -7.60 44.18
N GLY A 291 79.75 -7.22 45.26
CA GLY A 291 78.60 -7.95 45.77
C GLY A 291 78.90 -8.62 47.10
N ASP A 292 78.04 -8.39 48.08
CA ASP A 292 78.12 -9.06 49.38
C ASP A 292 76.75 -9.38 50.00
N GLU A 293 75.70 -9.38 49.18
CA GLU A 293 74.37 -9.79 49.61
C GLU A 293 73.89 -10.93 48.71
N CYS A 294 72.89 -10.68 47.86
CA CYS A 294 72.36 -11.72 47.01
C CYS A 294 73.11 -11.78 45.70
N HIS A 295 73.17 -12.98 45.13
CA HIS A 295 73.78 -13.19 43.82
C HIS A 295 72.84 -12.77 42.70
N MET A 296 71.55 -13.07 42.87
CA MET A 296 70.54 -12.75 41.88
C MET A 296 69.33 -12.05 42.50
N ALA A 297 68.73 -11.16 41.74
CA ALA A 297 67.40 -10.61 42.05
C ALA A 297 66.59 -10.66 40.77
N PHE A 298 65.28 -10.51 40.87
CA PHE A 298 64.43 -10.60 39.69
C PHE A 298 64.10 -9.22 39.11
N HIS A 299 64.30 -9.11 37.80
CA HIS A 299 63.90 -7.93 37.04
C HIS A 299 62.43 -8.07 36.69
N PHE A 300 61.58 -7.60 37.59
CA PHE A 300 60.14 -7.91 37.55
C PHE A 300 59.32 -7.23 36.46
N PRO A 301 59.61 -5.96 36.14
CA PRO A 301 58.77 -5.28 35.16
C PRO A 301 59.16 -5.54 33.70
N LEU A 302 60.08 -6.45 33.42
CA LEU A 302 60.46 -6.76 32.04
C LEU A 302 59.28 -7.27 31.23
N MET A 303 58.59 -8.28 31.74
CA MET A 303 57.50 -8.91 31.01
C MET A 303 56.36 -7.95 30.72
N PRO A 304 55.88 -7.20 31.73
CA PRO A 304 54.83 -6.21 31.44
C PRO A 304 55.22 -5.24 30.34
N ARG A 305 56.50 -4.86 30.29
CA ARG A 305 56.96 -3.97 29.24
C ARG A 305 57.04 -4.68 27.90
N ILE A 306 57.60 -5.87 27.85
CA ILE A 306 57.65 -6.63 26.61
C ILE A 306 56.23 -6.79 26.09
N PHE A 307 55.32 -7.15 27.00
CA PHE A 307 53.92 -7.36 26.64
C PHE A 307 53.33 -6.12 25.97
N MET A 308 53.41 -4.98 26.65
CA MET A 308 52.90 -3.70 26.13
C MET A 308 53.64 -3.24 24.87
N ALA A 309 54.91 -3.63 24.75
CA ALA A 309 55.67 -3.32 23.56
C ALA A 309 55.10 -4.01 22.33
N VAL A 310 54.71 -5.27 22.47
CA VAL A 310 54.10 -6.01 21.36
C VAL A 310 52.71 -5.50 21.08
N ARG A 311 52.01 -5.04 22.12
CA ARG A 311 50.68 -4.43 21.99
C ARG A 311 50.73 -3.17 21.14
N ARG A 312 51.70 -2.31 21.44
CA ARG A 312 51.88 -1.04 20.72
C ARG A 312 52.55 -1.23 19.38
N GLU A 313 53.24 -2.35 19.21
CA GLU A 313 54.08 -2.60 18.04
C GLU A 313 55.17 -1.56 17.98
N SER A 314 55.71 -1.25 19.16
CA SER A 314 56.81 -0.28 19.30
C SER A 314 57.85 -0.84 20.25
N ARG A 315 59.11 -0.64 19.92
CA ARG A 315 60.19 -1.24 20.67
C ARG A 315 60.47 -0.54 21.99
N PHE A 316 59.96 0.68 22.14
CA PHE A 316 60.45 1.59 23.19
C PHE A 316 60.12 1.23 24.63
N PRO A 317 58.94 0.66 24.89
CA PRO A 317 58.69 0.20 26.25
C PRO A 317 59.71 -0.84 26.75
N ILE A 318 60.28 -1.63 25.85
CA ILE A 318 61.36 -2.55 26.21
C ILE A 318 62.65 -1.74 26.38
N SER A 319 62.99 -0.93 25.39
CA SER A 319 64.20 -0.12 25.42
C SER A 319 64.32 0.71 26.68
N GLU A 320 63.20 1.26 27.13
CA GLU A 320 63.20 2.20 28.25
C GLU A 320 63.67 1.57 29.56
N ILE A 321 63.05 0.46 29.98
CA ILE A 321 63.47 -0.21 31.23
C ILE A 321 64.87 -0.82 31.13
N LEU A 322 65.28 -1.23 29.95
CA LEU A 322 66.65 -1.69 29.77
C LEU A 322 67.66 -0.54 29.93
N ALA A 323 67.30 0.63 29.45
CA ALA A 323 68.12 1.84 29.60
C ALA A 323 68.11 2.36 31.04
N GLN A 324 66.96 2.23 31.71
CA GLN A 324 66.81 2.75 33.05
C GLN A 324 67.20 1.77 34.14
N THR A 325 67.66 0.59 33.76
CA THR A 325 68.17 -0.37 34.75
C THR A 325 69.61 -0.01 35.14
N PRO A 326 69.86 0.21 36.44
CA PRO A 326 71.21 0.54 36.86
C PRO A 326 72.15 -0.65 36.75
N PRO A 327 73.45 -0.39 36.61
CA PRO A 327 74.42 -1.48 36.56
C PRO A 327 74.53 -2.25 37.88
N ILE A 328 74.81 -3.54 37.80
CA ILE A 328 74.88 -4.41 38.98
C ILE A 328 76.30 -4.94 39.16
N PRO A 329 76.63 -5.43 40.39
CA PRO A 329 77.97 -5.93 40.68
C PRO A 329 78.45 -7.06 39.76
N ASP A 330 79.73 -7.38 39.87
CA ASP A 330 80.40 -8.33 38.97
C ASP A 330 79.88 -9.76 39.17
N THR A 331 79.75 -10.17 40.42
CA THR A 331 79.18 -11.48 40.76
C THR A 331 77.73 -11.57 40.36
N ALA A 332 77.02 -10.44 40.47
CA ALA A 332 75.57 -10.39 40.33
C ALA A 332 75.07 -10.77 38.94
N GLN A 333 73.82 -11.20 38.91
CA GLN A 333 73.13 -11.53 37.67
C GLN A 333 71.63 -11.30 37.83
N TRP A 334 71.02 -10.68 36.82
CA TRP A 334 69.57 -10.49 36.84
C TRP A 334 68.87 -11.81 36.59
N GLY A 335 67.67 -11.94 37.14
CA GLY A 335 66.80 -13.07 36.85
C GLY A 335 65.59 -12.53 36.12
N ILE A 336 65.20 -13.17 35.02
CA ILE A 336 64.03 -12.73 34.26
C ILE A 336 63.10 -13.88 33.93
N PHE A 337 61.80 -13.64 34.00
CA PHE A 337 60.80 -14.62 33.58
C PHE A 337 59.64 -13.93 32.88
N LEU A 338 58.81 -14.72 32.20
CA LEU A 338 57.71 -14.18 31.38
C LEU A 338 56.37 -14.16 32.12
N ARG A 339 56.32 -13.47 33.26
CA ARG A 339 55.06 -13.31 33.99
C ARG A 339 54.87 -11.88 34.49
N ASN A 340 53.61 -11.51 34.67
CA ASN A 340 53.25 -10.14 35.07
C ASN A 340 53.09 -9.94 36.58
N HIS A 341 52.95 -11.04 37.34
CA HIS A 341 52.71 -10.92 38.78
C HIS A 341 53.67 -11.74 39.63
N ASP A 342 53.96 -11.21 40.81
CA ASP A 342 54.79 -11.88 41.79
C ASP A 342 53.94 -12.95 42.48
N GLU A 343 54.39 -14.21 42.44
CA GLU A 343 53.63 -15.33 43.06
C GLU A 343 53.36 -15.21 44.57
N LEU A 344 54.16 -14.42 45.28
CA LEU A 344 53.97 -14.19 46.71
C LEU A 344 52.75 -13.32 47.01
N THR A 345 52.75 -12.11 46.44
CA THR A 345 51.73 -11.10 46.73
C THR A 345 50.66 -10.98 45.65
N LEU A 346 50.88 -11.63 44.51
CA LEU A 346 50.01 -11.47 43.35
C LEU A 346 49.85 -10.00 42.95
N GLU A 347 50.95 -9.25 43.05
CA GLU A 347 50.98 -7.84 42.63
C GLU A 347 51.95 -7.65 41.49
N MET A 348 51.54 -6.85 40.51
CA MET A 348 52.44 -6.48 39.43
C MET A 348 53.24 -5.29 39.91
N VAL A 349 54.56 -5.39 39.82
CA VAL A 349 55.43 -4.29 40.21
C VAL A 349 55.16 -3.03 39.37
N THR A 350 55.12 -1.89 40.04
CA THR A 350 55.03 -0.61 39.36
C THR A 350 55.41 0.52 40.32
N ASP A 351 56.01 1.57 39.76
CA ASP A 351 56.39 2.75 40.52
C ASP A 351 55.67 3.93 39.90
N GLU A 352 54.85 4.61 40.69
CA GLU A 352 54.04 5.70 40.17
C GLU A 352 54.88 6.78 39.48
N GLU A 353 56.06 7.07 40.04
CA GLU A 353 56.94 8.10 39.47
C GLU A 353 57.80 7.54 38.34
N ARG A 354 58.58 6.51 38.66
CA ARG A 354 59.62 6.03 37.75
C ARG A 354 59.12 5.16 36.57
N ASP A 355 57.89 4.67 36.64
CA ASP A 355 57.29 3.93 35.52
C ASP A 355 56.46 4.91 34.70
N TYR A 356 56.83 5.09 33.43
CA TYR A 356 56.07 5.99 32.57
C TYR A 356 54.84 5.30 32.01
N MET A 357 54.84 3.96 32.04
CA MET A 357 53.70 3.16 31.59
C MET A 357 52.69 2.96 32.73
N TYR A 358 52.85 3.70 33.83
CA TYR A 358 52.03 3.50 35.03
C TYR A 358 50.52 3.46 34.76
N ALA A 359 50.00 4.56 34.21
CA ALA A 359 48.57 4.66 33.89
C ALA A 359 48.17 3.81 32.70
N GLU A 360 49.13 3.55 31.83
CA GLU A 360 48.87 2.85 30.56
C GLU A 360 48.29 1.46 30.73
N TYR A 361 48.77 0.70 31.72
CA TYR A 361 48.43 -0.73 31.87
C TYR A 361 46.95 -0.96 32.10
N ALA A 362 46.41 -0.25 33.08
CA ALA A 362 44.99 -0.36 33.42
C ALA A 362 44.09 -0.04 32.24
N LYS A 363 44.55 0.82 31.34
CA LYS A 363 43.76 1.20 30.18
C LYS A 363 43.73 0.13 29.10
N ASP A 364 44.73 -0.76 29.08
CA ASP A 364 44.75 -1.86 28.11
C ASP A 364 43.74 -2.95 28.51
N PRO A 365 42.87 -3.35 27.57
CA PRO A 365 41.84 -4.33 27.87
C PRO A 365 42.38 -5.69 28.27
N ARG A 366 43.48 -6.10 27.64
CA ARG A 366 44.08 -7.41 27.90
C ARG A 366 44.72 -7.47 29.28
N MET A 367 45.49 -6.44 29.60
CA MET A 367 46.15 -6.31 30.90
C MET A 367 45.13 -6.23 32.02
N LYS A 368 44.07 -5.46 31.78
CA LYS A 368 43.01 -5.21 32.76
C LYS A 368 42.28 -6.49 33.16
N ALA A 369 42.21 -7.44 32.24
CA ALA A 369 41.47 -8.69 32.45
C ALA A 369 42.14 -9.62 33.44
N ASN A 370 43.46 -9.61 33.49
CA ASN A 370 44.19 -10.57 34.30
C ASN A 370 44.86 -9.97 35.53
N VAL A 371 44.39 -8.81 35.98
CA VAL A 371 44.98 -8.13 37.12
C VAL A 371 44.82 -9.02 38.35
N GLY A 372 45.95 -9.37 38.96
CA GLY A 372 45.99 -10.16 40.18
C GLY A 372 45.95 -11.66 40.02
N ILE A 373 46.02 -12.15 38.78
CA ILE A 373 45.92 -13.57 38.50
C ILE A 373 47.15 -14.04 37.74
N ARG A 374 47.76 -15.13 38.19
CA ARG A 374 48.84 -15.75 37.44
C ARG A 374 48.27 -16.43 36.19
N ARG A 375 48.88 -16.15 35.04
CA ARG A 375 48.50 -16.78 33.78
C ARG A 375 49.73 -17.35 33.12
N ARG A 376 49.53 -18.43 32.38
CA ARG A 376 50.61 -18.99 31.60
C ARG A 376 50.88 -18.23 30.34
N LEU A 377 52.01 -18.55 29.72
CA LEU A 377 52.46 -17.85 28.55
C LEU A 377 51.47 -18.00 27.42
N ALA A 378 50.99 -19.23 27.21
CA ALA A 378 50.10 -19.50 26.08
C ALA A 378 48.78 -18.73 26.16
N PRO A 379 48.07 -18.78 27.29
CA PRO A 379 46.87 -17.96 27.39
C PRO A 379 47.16 -16.46 27.35
N LEU A 380 48.25 -16.02 27.97
CA LEU A 380 48.59 -14.59 27.97
C LEU A 380 48.67 -14.01 26.57
N LEU A 381 49.13 -14.82 25.62
CA LEU A 381 49.28 -14.43 24.22
C LEU A 381 48.18 -15.03 23.34
N GLU A 382 47.06 -15.42 23.96
CA GLU A 382 45.91 -15.95 23.23
C GLU A 382 46.28 -17.11 22.32
N ASN A 383 47.18 -17.96 22.81
CA ASN A 383 47.62 -19.15 22.11
C ASN A 383 48.26 -18.92 20.74
N ASP A 384 48.71 -17.70 20.48
CA ASP A 384 49.36 -17.37 19.21
C ASP A 384 50.76 -17.96 19.20
N ARG A 385 50.96 -18.97 18.38
CA ARG A 385 52.22 -19.71 18.34
C ARG A 385 53.38 -18.83 17.95
N ASN A 386 53.15 -17.95 16.98
CA ASN A 386 54.21 -17.04 16.55
C ASN A 386 54.68 -16.10 17.66
N GLN A 387 53.73 -15.66 18.49
CA GLN A 387 54.04 -14.80 19.63
C GLN A 387 54.76 -15.58 20.72
N ILE A 388 54.26 -16.77 21.04
CA ILE A 388 54.86 -17.62 22.04
C ILE A 388 56.33 -17.78 21.73
N GLU A 389 56.65 -17.98 20.46
CA GLU A 389 58.04 -18.10 20.01
C GLU A 389 58.81 -16.80 20.23
N LEU A 390 58.21 -15.67 19.86
CA LEU A 390 58.86 -14.35 20.00
C LEU A 390 59.19 -14.02 21.44
N PHE A 391 58.23 -14.19 22.33
CA PHE A 391 58.44 -13.93 23.75
C PHE A 391 59.51 -14.86 24.33
N THR A 392 59.47 -16.13 23.93
CA THR A 392 60.49 -17.09 24.37
C THR A 392 61.85 -16.68 23.82
N ALA A 393 61.88 -16.25 22.56
CA ALA A 393 63.11 -15.82 21.92
C ALA A 393 63.73 -14.62 22.63
N LEU A 394 62.89 -13.71 23.13
CA LEU A 394 63.37 -12.53 23.87
C LEU A 394 63.88 -12.95 25.24
N LEU A 395 63.16 -13.83 25.90
CA LEU A 395 63.55 -14.32 27.22
C LEU A 395 64.94 -14.93 27.19
N LEU A 396 65.24 -15.69 26.16
CA LEU A 396 66.51 -16.40 26.09
C LEU A 396 67.67 -15.54 25.61
N SER A 397 67.38 -14.44 24.91
CA SER A 397 68.44 -13.59 24.36
C SER A 397 68.69 -12.28 25.11
N LEU A 398 67.77 -11.89 25.99
CA LEU A 398 67.94 -10.68 26.77
C LEU A 398 68.85 -10.93 27.97
N PRO A 399 69.50 -9.87 28.50
CA PRO A 399 70.45 -10.00 29.59
C PRO A 399 69.83 -10.60 30.85
N GLY A 400 70.60 -11.47 31.50
CA GLY A 400 70.17 -12.11 32.75
C GLY A 400 69.85 -13.57 32.55
N SER A 401 69.73 -14.30 33.65
CA SER A 401 69.40 -15.70 33.59
C SER A 401 67.88 -15.93 33.57
N PRO A 402 67.37 -16.65 32.55
CA PRO A 402 65.94 -16.86 32.37
C PRO A 402 65.35 -17.99 33.21
N VAL A 403 64.08 -17.86 33.57
CA VAL A 403 63.34 -18.91 34.28
C VAL A 403 62.13 -19.34 33.46
N LEU A 404 62.10 -20.61 33.09
CA LEU A 404 60.94 -21.21 32.42
C LEU A 404 59.99 -21.75 33.48
N TYR A 405 58.69 -21.63 33.24
CA TYR A 405 57.68 -22.18 34.12
C TYR A 405 57.19 -23.47 33.52
N TYR A 406 57.04 -24.50 34.35
CA TYR A 406 56.70 -25.86 33.87
C TYR A 406 55.42 -25.91 33.05
N GLY A 407 55.45 -26.68 31.99
CA GLY A 407 54.31 -26.80 31.10
C GLY A 407 54.26 -25.76 29.99
N ASP A 408 55.00 -24.66 30.13
CA ASP A 408 55.01 -23.64 29.10
C ASP A 408 55.73 -24.12 27.84
N GLU A 409 56.57 -25.13 28.00
CA GLU A 409 57.29 -25.70 26.85
C GLU A 409 56.36 -26.42 25.87
N ILE A 410 55.23 -26.96 26.37
CA ILE A 410 54.24 -27.59 25.51
C ILE A 410 53.02 -26.71 25.33
N GLY A 411 53.07 -25.49 25.85
CA GLY A 411 51.97 -24.54 25.66
C GLY A 411 50.71 -24.95 26.36
N MET A 412 50.83 -25.31 27.64
CA MET A 412 49.68 -25.61 28.48
C MET A 412 48.97 -24.33 28.77
N GLY A 413 47.71 -24.46 29.16
CA GLY A 413 46.90 -23.30 29.58
C GLY A 413 46.74 -23.19 31.08
N ASP A 414 45.71 -22.49 31.50
CA ASP A 414 45.39 -22.39 32.92
C ASP A 414 43.89 -22.45 33.15
N ILE A 415 43.53 -22.67 34.40
CA ILE A 415 42.15 -22.65 34.84
C ILE A 415 42.03 -21.56 35.89
N ILE A 416 41.57 -20.38 35.49
CA ILE A 416 41.52 -19.20 36.37
C ILE A 416 40.62 -19.37 37.58
N TRP A 417 39.57 -20.18 37.43
CA TRP A 417 38.54 -20.29 38.46
C TRP A 417 39.00 -21.08 39.68
N LEU A 418 40.13 -21.77 39.56
CA LEU A 418 40.68 -22.52 40.69
C LEU A 418 41.30 -21.62 41.75
N GLY A 419 41.61 -20.37 41.39
CA GLY A 419 42.26 -19.45 42.31
C GLY A 419 43.32 -18.63 41.61
N ASP A 420 43.59 -17.45 42.15
CA ASP A 420 44.51 -16.51 41.50
C ASP A 420 45.95 -17.02 41.38
N ARG A 421 46.32 -17.95 42.23
CA ARG A 421 47.65 -18.56 42.17
C ARG A 421 47.61 -20.02 41.72
N ASP A 422 46.53 -20.73 42.06
CA ASP A 422 46.35 -22.13 41.64
C ASP A 422 46.13 -22.25 40.15
N SER A 423 45.61 -21.19 39.53
CA SER A 423 45.38 -21.16 38.09
C SER A 423 46.51 -21.77 37.28
N VAL A 424 47.75 -21.57 37.69
CA VAL A 424 48.90 -22.04 36.92
C VAL A 424 49.53 -23.27 37.56
N ARG A 425 48.80 -23.95 38.44
CA ARG A 425 49.38 -25.04 39.23
C ARG A 425 48.62 -26.36 39.02
N THR A 426 47.99 -26.49 37.87
CA THR A 426 47.29 -27.72 37.53
C THR A 426 48.33 -28.82 37.27
N PRO A 427 47.90 -30.08 37.10
CA PRO A 427 48.86 -31.14 36.84
C PRO A 427 49.53 -31.03 35.49
N MET A 428 50.78 -31.46 35.42
CA MET A 428 51.55 -31.49 34.18
C MET A 428 50.92 -32.51 33.26
N GLN A 429 50.68 -32.11 32.03
CA GLN A 429 49.97 -32.94 31.09
C GLN A 429 50.94 -33.80 30.26
N TRP A 430 51.11 -35.05 30.70
CA TRP A 430 52.10 -35.98 30.12
C TRP A 430 51.60 -36.73 28.90
N THR A 431 50.38 -37.25 28.96
CA THR A 431 49.78 -38.02 27.87
C THR A 431 48.33 -37.65 27.74
N PRO A 432 47.65 -38.12 26.66
CA PRO A 432 46.21 -37.95 26.59
C PRO A 432 45.43 -39.06 27.31
N ASP A 433 46.10 -39.79 28.20
CA ASP A 433 45.46 -40.84 28.97
C ASP A 433 44.75 -40.23 30.18
N ARG A 434 43.99 -41.07 30.88
CA ARG A 434 43.30 -40.66 32.08
C ARG A 434 44.20 -39.83 33.00
N ASN A 435 43.66 -38.72 33.51
CA ASN A 435 44.39 -37.78 34.36
C ASN A 435 45.64 -37.22 33.69
N ALA A 436 45.62 -37.13 32.37
CA ALA A 436 46.73 -36.60 31.60
C ALA A 436 48.05 -37.30 31.89
N GLY A 437 47.98 -38.53 32.36
CA GLY A 437 49.18 -39.31 32.68
C GLY A 437 49.92 -38.83 33.91
N PHE A 438 49.25 -38.06 34.75
CA PHE A 438 49.86 -37.50 35.94
C PHE A 438 49.77 -38.45 37.13
N SER A 439 48.65 -39.17 37.23
CA SER A 439 48.43 -40.08 38.35
C SER A 439 47.55 -41.25 37.96
N LYS A 440 47.67 -42.33 38.73
CA LYS A 440 46.84 -43.51 38.54
C LYS A 440 45.55 -43.41 39.36
N ALA A 441 45.52 -42.51 40.33
CA ALA A 441 44.39 -42.39 41.23
C ALA A 441 43.13 -42.02 40.48
N THR A 442 41.97 -42.23 41.11
CA THR A 442 40.70 -41.85 40.51
C THR A 442 40.64 -40.32 40.36
N PRO A 443 39.95 -39.82 39.34
CA PRO A 443 39.99 -38.40 39.03
C PRO A 443 39.59 -37.50 40.19
N GLY A 444 38.67 -37.98 41.04
CA GLY A 444 38.25 -37.22 42.21
C GLY A 444 39.35 -36.96 43.22
N ARG A 445 40.30 -37.88 43.32
CA ARG A 445 41.38 -37.77 44.30
C ARG A 445 42.43 -36.72 43.94
N LEU A 446 42.52 -36.35 42.67
CA LEU A 446 43.54 -35.41 42.24
C LEU A 446 43.49 -34.10 43.01
N TYR A 447 44.67 -33.57 43.35
CA TYR A 447 44.78 -32.31 44.10
C TYR A 447 44.16 -31.13 43.33
N LEU A 448 44.31 -31.18 42.00
CA LEU A 448 43.68 -30.22 41.11
C LEU A 448 43.35 -30.92 39.80
N PRO A 449 42.26 -30.52 39.13
CA PRO A 449 41.89 -31.21 37.92
C PRO A 449 42.74 -30.75 36.77
N PRO A 450 43.05 -31.64 35.81
CA PRO A 450 43.74 -31.22 34.59
C PRO A 450 42.85 -30.39 33.67
N ASN A 451 43.49 -29.69 32.75
CA ASN A 451 42.79 -28.85 31.79
C ASN A 451 41.98 -29.68 30.84
N GLN A 452 40.72 -29.33 30.63
CA GLN A 452 39.81 -30.16 29.84
C GLN A 452 39.11 -29.43 28.70
N ASP A 453 39.45 -28.18 28.46
CA ASP A 453 38.78 -27.42 27.40
C ASP A 453 39.34 -27.78 26.04
N ALA A 454 38.64 -27.36 25.00
CA ALA A 454 38.98 -27.77 23.64
C ALA A 454 40.34 -27.27 23.17
N VAL A 455 40.87 -26.24 23.83
CA VAL A 455 42.09 -25.56 23.38
C VAL A 455 43.32 -26.06 24.09
N TYR A 456 43.32 -25.95 25.42
CA TYR A 456 44.47 -26.32 26.23
C TYR A 456 44.30 -27.65 26.95
N GLY A 457 43.29 -28.42 26.53
CA GLY A 457 42.95 -29.68 27.19
C GLY A 457 44.01 -30.74 27.03
N TYR A 458 44.05 -31.69 27.98
CA TYR A 458 45.07 -32.73 27.97
C TYR A 458 44.87 -33.73 26.84
N HIS A 459 43.68 -33.74 26.24
CA HIS A 459 43.47 -34.55 25.04
C HIS A 459 44.23 -34.01 23.84
N SER A 460 44.47 -32.70 23.81
CA SER A 460 45.12 -32.03 22.69
C SER A 460 46.48 -31.41 23.03
N VAL A 461 46.77 -31.17 24.31
CA VAL A 461 48.04 -30.56 24.69
C VAL A 461 48.73 -31.44 25.72
N ASN A 462 49.74 -32.19 25.29
CA ASN A 462 50.50 -33.02 26.21
C ASN A 462 51.86 -33.35 25.64
N VAL A 463 52.76 -33.81 26.50
CA VAL A 463 54.15 -34.08 26.11
C VAL A 463 54.25 -35.20 25.08
N GLU A 464 53.55 -36.30 25.33
CA GLU A 464 53.57 -37.49 24.46
C GLU A 464 53.25 -37.12 23.01
N ALA A 465 52.23 -36.29 22.84
CA ALA A 465 51.82 -35.88 21.51
C ALA A 465 52.91 -35.08 20.79
N GLN A 466 53.58 -34.21 21.53
CA GLN A 466 54.54 -33.29 20.92
C GLN A 466 55.95 -33.86 20.71
N LEU A 467 56.24 -35.00 21.32
CA LEU A 467 57.58 -35.60 21.22
C LEU A 467 57.95 -35.99 19.80
N ASP A 468 56.95 -36.23 18.97
CA ASP A 468 57.20 -36.86 17.67
C ASP A 468 57.60 -35.89 16.58
N SER A 469 56.77 -34.89 16.28
CA SER A 469 57.10 -33.95 15.20
C SER A 469 58.06 -32.90 15.71
N SER A 470 59.14 -32.68 14.96
CA SER A 470 60.14 -31.67 15.34
C SER A 470 59.61 -30.25 15.12
N SER A 471 58.40 -30.15 14.59
CA SER A 471 57.73 -28.86 14.43
C SER A 471 56.93 -28.45 15.67
N SER A 472 56.81 -29.36 16.64
CA SER A 472 56.04 -29.09 17.85
C SER A 472 56.67 -27.98 18.65
N LEU A 473 55.88 -27.40 19.54
CA LEU A 473 56.39 -26.34 20.42
C LEU A 473 57.42 -26.87 21.44
N LEU A 474 57.20 -28.09 21.92
CA LEU A 474 58.15 -28.72 22.85
C LEU A 474 59.50 -28.84 22.18
N ASN A 475 59.53 -29.48 21.03
CA ASN A 475 60.78 -29.66 20.31
C ASN A 475 61.40 -28.33 19.88
N TRP A 476 60.57 -27.36 19.52
CA TRP A 476 61.09 -26.04 19.17
C TRP A 476 61.74 -25.41 20.39
N THR A 477 61.04 -25.44 21.51
CA THR A 477 61.55 -24.86 22.75
C THR A 477 62.85 -25.53 23.20
N ARG A 478 62.91 -26.85 23.03
CA ARG A 478 64.07 -27.64 23.42
C ARG A 478 65.32 -27.19 22.67
N ASN A 479 65.15 -27.04 21.36
CA ASN A 479 66.23 -26.65 20.47
C ASN A 479 66.72 -25.25 20.67
N MET A 480 65.82 -24.36 21.08
CA MET A 480 66.20 -22.99 21.36
C MET A 480 67.13 -22.93 22.56
N LEU A 481 66.86 -23.77 23.56
CA LEU A 481 67.75 -23.89 24.69
C LEU A 481 69.06 -24.53 24.28
N ALA A 482 69.02 -25.44 23.32
CA ALA A 482 70.22 -26.08 22.78
C ALA A 482 71.11 -25.08 22.03
N VAL A 483 70.51 -24.16 21.30
CA VAL A 483 71.25 -23.09 20.64
C VAL A 483 71.83 -22.12 21.67
N ARG A 484 71.01 -21.69 22.63
CA ARG A 484 71.45 -20.73 23.66
C ARG A 484 72.64 -21.26 24.43
N SER A 485 72.66 -22.55 24.74
CA SER A 485 73.76 -23.14 25.49
C SER A 485 75.03 -23.23 24.66
N ARG A 486 74.95 -23.01 23.36
CA ARG A 486 76.13 -23.07 22.51
C ARG A 486 76.83 -21.73 22.34
N HIS A 487 76.21 -20.65 22.83
CA HIS A 487 76.83 -19.32 22.78
C HIS A 487 76.77 -18.63 24.15
N ASP A 488 77.94 -18.35 24.71
CA ASP A 488 78.05 -17.70 26.02
C ASP A 488 77.57 -16.26 25.99
N ALA A 489 77.64 -15.63 24.83
CA ALA A 489 77.18 -14.27 24.66
C ALA A 489 75.78 -14.04 25.26
N PHE A 490 74.87 -14.98 25.04
CA PHE A 490 73.52 -14.84 25.57
C PHE A 490 73.53 -14.77 27.10
N ALA A 491 74.33 -15.61 27.72
CA ALA A 491 74.34 -15.74 29.17
C ALA A 491 75.00 -14.56 29.87
N VAL A 492 76.26 -14.30 29.53
CA VAL A 492 77.09 -13.32 30.26
C VAL A 492 77.78 -12.28 29.36
N GLY A 493 77.23 -12.06 28.17
CA GLY A 493 77.82 -11.11 27.23
C GLY A 493 77.27 -9.73 27.43
N THR A 494 77.91 -8.75 26.82
CA THR A 494 77.46 -7.36 26.87
C THR A 494 76.16 -7.21 26.09
N PHE A 495 75.47 -6.09 26.26
CA PHE A 495 74.21 -5.85 25.57
C PHE A 495 74.20 -4.47 24.98
N ARG A 496 74.28 -4.36 23.66
CA ARG A 496 74.19 -3.07 23.01
C ARG A 496 73.01 -3.04 22.05
N GLU A 497 72.07 -2.14 22.30
CA GLU A 497 70.91 -1.98 21.44
C GLU A 497 71.27 -1.22 20.17
N LEU A 498 70.96 -1.80 19.02
CA LEU A 498 71.32 -1.23 17.71
C LEU A 498 70.35 -0.20 17.20
N GLY A 499 69.14 -0.18 17.75
CA GLY A 499 68.15 0.81 17.36
C GLY A 499 67.55 0.48 16.01
N GLY A 500 67.82 1.34 15.02
CA GLY A 500 67.23 1.20 13.69
C GLY A 500 66.17 2.26 13.43
N SER A 501 65.84 2.43 12.15
CA SER A 501 64.89 3.45 11.71
C SER A 501 63.44 3.05 12.00
N ASN A 502 63.15 1.76 11.92
CA ASN A 502 61.81 1.22 12.13
C ASN A 502 61.53 0.99 13.60
N PRO A 503 60.53 1.69 14.15
CA PRO A 503 60.21 1.61 15.58
C PRO A 503 59.65 0.27 16.03
N SER A 504 59.16 -0.53 15.09
CA SER A 504 58.53 -1.80 15.42
C SER A 504 59.54 -2.93 15.62
N VAL A 505 60.79 -2.71 15.23
CA VAL A 505 61.81 -3.77 15.25
C VAL A 505 62.90 -3.51 16.30
N LEU A 506 63.02 -4.41 17.27
CA LEU A 506 64.02 -4.30 18.32
C LEU A 506 65.24 -5.15 17.99
N ALA A 507 66.35 -4.50 17.66
CA ALA A 507 67.60 -5.20 17.31
C ALA A 507 68.71 -4.87 18.29
N TYR A 508 69.48 -5.89 18.69
CA TYR A 508 70.58 -5.71 19.64
C TYR A 508 71.64 -6.77 19.47
N ILE A 509 72.81 -6.53 20.05
CA ILE A 509 73.97 -7.42 19.92
C ILE A 509 74.51 -7.86 21.27
N ARG A 510 74.66 -9.17 21.48
CA ARG A 510 75.35 -9.68 22.65
C ARG A 510 76.77 -10.05 22.25
N GLU A 511 77.74 -9.83 23.15
CA GLU A 511 79.15 -9.97 22.81
C GLU A 511 80.00 -10.44 24.00
N VAL A 512 80.93 -11.35 23.72
CA VAL A 512 81.90 -11.83 24.72
C VAL A 512 83.30 -11.73 24.14
N THR A 513 84.25 -11.31 24.98
CA THR A 513 85.62 -11.01 24.50
C THR A 513 86.56 -12.23 24.43
N THR A 523 83.83 -17.28 22.11
CA THR A 523 84.09 -15.83 22.11
C THR A 523 83.35 -15.18 20.92
N ASP A 524 82.02 -15.18 21.05
CA ASP A 524 81.14 -14.79 19.96
C ASP A 524 80.66 -13.37 20.07
N ALA A 525 80.22 -12.84 18.93
CA ALA A 525 79.31 -11.72 18.89
C ALA A 525 78.05 -12.29 18.23
N VAL A 526 76.89 -12.09 18.86
CA VAL A 526 75.63 -12.56 18.27
C VAL A 526 74.71 -11.38 18.03
N LEU A 527 73.88 -11.48 17.00
CA LEU A 527 72.94 -10.44 16.63
C LEU A 527 71.53 -10.97 16.73
N CYS A 528 70.68 -10.27 17.45
CA CYS A 528 69.26 -10.63 17.56
C CYS A 528 68.38 -9.54 16.98
N VAL A 529 67.52 -9.91 16.04
CA VAL A 529 66.58 -8.97 15.48
C VAL A 529 65.20 -9.53 15.78
N ASN A 530 64.38 -8.75 16.48
CA ASN A 530 63.02 -9.13 16.85
C ASN A 530 62.00 -8.16 16.26
N ASN A 531 60.92 -8.66 15.67
CA ASN A 531 59.87 -7.81 15.10
C ASN A 531 58.63 -7.83 15.98
N LEU A 532 58.35 -6.72 16.62
CA LEU A 532 57.22 -6.65 17.55
C LEU A 532 55.88 -6.44 16.84
N SER A 533 55.90 -6.05 15.58
CA SER A 533 54.68 -5.82 14.83
C SER A 533 54.12 -7.12 14.26
N ARG A 534 52.81 -7.21 14.16
CA ARG A 534 52.15 -8.40 13.61
C ARG A 534 52.20 -8.44 12.08
N PHE A 535 52.67 -7.37 11.47
CA PHE A 535 52.85 -7.31 10.03
C PHE A 535 54.32 -7.45 9.69
N PRO A 536 54.66 -7.83 8.44
CA PRO A 536 56.05 -7.92 8.05
C PRO A 536 56.71 -6.57 8.06
N GLN A 537 57.96 -6.51 8.52
CA GLN A 537 58.68 -5.25 8.73
C GLN A 537 60.09 -5.33 8.22
N PRO A 538 60.55 -4.27 7.55
CA PRO A 538 61.93 -4.18 7.13
C PRO A 538 62.70 -3.31 8.08
N ILE A 539 63.96 -3.67 8.34
CA ILE A 539 64.83 -2.84 9.17
C ILE A 539 66.21 -2.69 8.53
N GLU A 540 66.69 -1.45 8.45
CA GLU A 540 68.03 -1.17 7.95
C GLU A 540 68.97 -0.94 9.14
N LEU A 541 69.83 -1.91 9.40
CA LEU A 541 70.72 -1.85 10.55
C LEU A 541 72.09 -1.36 10.15
N ASN A 542 72.76 -0.73 11.10
CA ASN A 542 74.14 -0.24 10.91
C ASN A 542 75.13 -1.12 11.63
N LEU A 543 75.72 -2.05 10.89
CA LEU A 543 76.67 -3.01 11.43
C LEU A 543 78.07 -2.78 10.84
N GLN A 544 78.45 -1.52 10.68
CA GLN A 544 79.73 -1.17 10.06
C GLN A 544 80.89 -1.72 10.88
N GLN A 545 80.72 -1.75 12.19
CA GLN A 545 81.78 -2.24 13.07
C GLN A 545 82.16 -3.67 12.78
N TRP A 546 81.21 -4.46 12.29
CA TRP A 546 81.48 -5.82 11.86
C TRP A 546 81.56 -5.92 10.34
N ALA A 547 82.14 -4.93 9.69
CA ALA A 547 82.33 -5.00 8.24
C ALA A 547 83.17 -6.21 7.91
N GLY A 548 82.79 -6.92 6.85
CA GLY A 548 83.53 -8.12 6.41
C GLY A 548 83.07 -9.40 7.10
N TYR A 549 82.47 -9.27 8.28
CA TYR A 549 81.94 -10.42 9.01
C TYR A 549 80.79 -11.07 8.25
N ILE A 550 80.59 -12.36 8.48
CA ILE A 550 79.50 -13.11 7.85
C ILE A 550 78.47 -13.51 8.90
N PRO A 551 77.22 -13.01 8.79
CA PRO A 551 76.17 -13.41 9.71
C PRO A 551 75.71 -14.80 9.36
N VAL A 552 75.61 -15.67 10.37
CA VAL A 552 75.20 -17.06 10.18
C VAL A 552 74.02 -17.34 11.06
N GLU A 553 72.88 -17.64 10.47
CA GLU A 553 71.67 -17.91 11.23
C GLU A 553 71.83 -19.20 12.02
N MET A 554 71.51 -19.16 13.31
CA MET A 554 71.91 -20.22 14.24
C MET A 554 71.08 -21.49 14.18
N THR A 555 69.78 -21.34 13.94
CA THR A 555 68.88 -22.50 13.86
C THR A 555 69.05 -23.32 12.58
N GLY A 556 69.62 -22.73 11.52
CA GLY A 556 69.91 -23.47 10.30
C GLY A 556 71.36 -23.51 9.81
N TYR A 557 72.25 -22.85 10.54
CA TYR A 557 73.62 -22.70 10.10
C TYR A 557 73.72 -22.22 8.66
N VAL A 558 72.89 -21.24 8.32
CA VAL A 558 72.93 -20.62 6.99
C VAL A 558 73.70 -19.32 6.96
N GLU A 559 74.59 -19.20 5.98
CA GLU A 559 75.38 -18.01 5.83
C GLU A 559 74.58 -16.98 5.06
N PHE A 560 74.53 -15.77 5.59
CA PHE A 560 73.89 -14.63 4.94
C PHE A 560 74.98 -13.79 4.26
N PRO A 561 74.59 -12.82 3.43
CA PRO A 561 75.60 -11.98 2.80
C PRO A 561 76.42 -11.21 3.81
N SER A 562 77.71 -11.04 3.54
CA SER A 562 78.61 -10.40 4.48
C SER A 562 78.23 -8.94 4.72
N ILE A 563 78.54 -8.44 5.92
CA ILE A 563 78.18 -7.08 6.29
C ILE A 563 79.14 -6.11 5.62
N GLY A 564 78.60 -5.02 5.08
CA GLY A 564 79.38 -3.99 4.39
C GLY A 564 79.32 -2.63 5.07
N GLN A 565 79.64 -1.59 4.29
CA GLN A 565 79.59 -0.23 4.81
C GLN A 565 78.18 0.32 4.80
N LEU A 566 77.41 -0.02 3.76
CA LEU A 566 76.01 0.41 3.67
C LEU A 566 75.15 -0.28 4.72
N PRO A 567 74.02 0.34 5.08
CA PRO A 567 73.12 -0.27 6.04
C PRO A 567 72.68 -1.66 5.60
N TYR A 568 72.64 -2.59 6.55
CA TYR A 568 72.24 -3.98 6.27
C TYR A 568 70.72 -4.10 6.36
N LEU A 569 70.10 -4.65 5.33
CA LEU A 569 68.64 -4.79 5.32
C LEU A 569 68.20 -6.19 5.70
N LEU A 570 67.36 -6.28 6.71
CA LEU A 570 66.74 -7.54 7.09
C LEU A 570 65.22 -7.37 7.05
N THR A 571 64.52 -8.39 6.58
CA THR A 571 63.06 -8.34 6.53
C THR A 571 62.50 -9.48 7.35
N LEU A 572 61.62 -9.17 8.27
CA LEU A 572 61.01 -10.16 9.13
C LEU A 572 59.52 -10.27 8.88
N PRO A 573 58.94 -11.45 9.13
CA PRO A 573 57.51 -11.60 9.10
C PRO A 573 56.91 -11.10 10.42
N GLY A 574 55.59 -11.09 10.49
CA GLY A 574 54.90 -10.66 11.71
C GLY A 574 55.34 -11.47 12.92
N HIS A 575 55.74 -10.78 13.97
CA HIS A 575 56.20 -11.41 15.20
C HIS A 575 57.31 -12.43 14.99
N GLY A 576 58.15 -12.18 13.98
CA GLY A 576 59.26 -13.05 13.68
C GLY A 576 60.52 -12.56 14.39
N PHE A 577 61.57 -13.36 14.31
CA PHE A 577 62.87 -12.98 14.85
C PHE A 577 63.99 -13.80 14.21
N TYR A 578 65.21 -13.27 14.26
CA TYR A 578 66.37 -13.98 13.76
C TYR A 578 67.48 -13.94 14.79
N TRP A 579 68.30 -15.00 14.82
CA TRP A 579 69.49 -15.06 15.68
C TRP A 579 70.70 -15.37 14.84
N PHE A 580 71.55 -14.38 14.64
CA PHE A 580 72.73 -14.53 13.80
C PHE A 580 74.01 -14.64 14.61
N GLN A 581 74.89 -15.54 14.23
CA GLN A 581 76.23 -15.56 14.78
C GLN A 581 77.11 -14.73 13.86
N LEU A 582 77.73 -13.68 14.39
CA LEU A 582 78.64 -12.86 13.61
C LEU A 582 80.00 -13.52 13.56
N ARG A 583 80.33 -14.06 12.38
CA ARG A 583 81.53 -14.86 12.19
C ARG A 583 82.62 -14.11 11.43
N GLU A 584 83.86 -14.27 11.86
CA GLU A 584 84.98 -13.54 11.25
C GLU A 584 85.19 -13.91 9.78
N PRO A 585 85.70 -12.95 8.98
CA PRO A 585 86.17 -13.28 7.64
C PRO A 585 87.46 -14.10 7.71
N ASP A 586 87.73 -14.88 6.66
CA ASP A 586 88.83 -15.86 6.68
C ASP A 586 90.21 -15.26 6.34
N HIS B 17 10.39 -35.02 -21.10
CA HIS B 17 11.21 -34.15 -20.18
C HIS B 17 10.67 -32.72 -20.14
N PRO B 18 10.93 -31.99 -19.04
CA PRO B 18 10.39 -30.64 -18.92
C PRO B 18 11.16 -29.64 -19.74
N ASN B 19 10.52 -28.52 -20.07
CA ASN B 19 11.15 -27.42 -20.81
C ASN B 19 11.52 -26.24 -19.92
N ALA B 20 12.41 -25.39 -20.41
CA ALA B 20 12.95 -24.32 -19.59
C ALA B 20 11.97 -23.17 -19.41
N GLU B 21 11.16 -22.91 -20.44
CA GLU B 21 10.10 -21.89 -20.35
C GLU B 21 8.93 -22.45 -19.52
N ASP B 22 9.20 -22.65 -18.23
CA ASP B 22 8.42 -23.60 -17.42
C ASP B 22 8.80 -23.53 -15.93
N PHE B 23 10.04 -23.13 -15.66
CA PHE B 23 10.48 -22.68 -14.34
C PHE B 23 10.93 -21.20 -14.46
N GLY B 24 11.07 -20.53 -13.32
CA GLY B 24 11.20 -19.07 -13.29
C GLY B 24 12.45 -18.43 -13.88
N HIS B 25 13.50 -19.22 -14.08
CA HIS B 25 14.84 -18.73 -14.53
C HIS B 25 15.36 -17.36 -14.00
N ALA B 26 16.39 -17.44 -13.16
CA ALA B 26 16.88 -16.31 -12.37
C ALA B 26 17.61 -15.28 -13.21
N ARG B 27 17.47 -14.01 -12.82
CA ARG B 27 17.81 -12.91 -13.72
C ARG B 27 19.30 -12.78 -13.88
N THR B 28 19.70 -12.18 -14.99
CA THR B 28 21.05 -12.25 -15.48
C THR B 28 21.94 -11.18 -14.92
N LEU B 29 23.17 -11.57 -14.66
CA LEU B 29 24.21 -10.62 -14.36
C LEU B 29 24.62 -9.91 -15.64
N PRO B 30 25.11 -8.67 -15.52
CA PRO B 30 25.60 -7.94 -16.69
C PRO B 30 26.61 -8.76 -17.48
N THR B 31 26.48 -8.75 -18.80
CA THR B 31 27.30 -9.58 -19.67
C THR B 31 28.78 -9.18 -19.63
N ASP B 32 29.62 -10.13 -19.24
CA ASP B 32 31.06 -9.94 -19.10
C ASP B 32 31.76 -11.23 -19.51
N THR B 33 32.61 -11.15 -20.53
CA THR B 33 33.23 -12.34 -21.13
C THR B 33 34.62 -12.64 -20.58
N ASN B 34 35.00 -11.94 -19.51
CA ASN B 34 36.27 -12.17 -18.88
C ASN B 34 36.17 -12.47 -17.39
N TRP B 35 34.95 -12.60 -16.88
CA TRP B 35 34.75 -12.76 -15.43
C TRP B 35 35.53 -13.94 -14.87
N PHE B 36 35.57 -15.03 -15.63
CA PHE B 36 36.21 -16.27 -15.20
C PHE B 36 37.73 -16.15 -15.07
N LYS B 37 38.33 -15.19 -15.75
CA LYS B 37 39.78 -14.95 -15.63
C LYS B 37 40.12 -14.23 -14.32
N HIS B 38 39.17 -13.44 -13.81
CA HIS B 38 39.37 -12.72 -12.57
C HIS B 38 38.78 -13.43 -11.35
N ALA B 39 37.96 -14.44 -11.57
CA ALA B 39 37.23 -15.08 -10.49
C ALA B 39 38.11 -15.97 -9.62
N VAL B 40 37.65 -16.19 -8.41
CA VAL B 40 38.20 -17.17 -7.50
C VAL B 40 37.07 -18.13 -7.20
N PHE B 41 37.23 -19.38 -7.64
CA PHE B 41 36.18 -20.39 -7.53
C PHE B 41 36.17 -21.08 -6.16
N TYR B 42 34.98 -21.49 -5.73
CA TYR B 42 34.79 -22.14 -4.45
C TYR B 42 33.99 -23.41 -4.69
N GLU B 43 34.67 -24.55 -4.66
CA GLU B 43 34.00 -25.84 -4.87
C GLU B 43 33.30 -26.28 -3.58
N VAL B 44 31.98 -26.36 -3.62
CA VAL B 44 31.19 -26.73 -2.44
C VAL B 44 30.12 -27.76 -2.81
N LEU B 45 30.12 -28.88 -2.09
CA LEU B 45 29.09 -29.89 -2.28
C LEU B 45 27.76 -29.47 -1.65
N VAL B 46 26.66 -29.66 -2.39
CA VAL B 46 25.33 -29.29 -1.91
C VAL B 46 24.95 -30.11 -0.68
N ARG B 47 25.27 -31.40 -0.72
CA ARG B 47 24.99 -32.33 0.38
C ARG B 47 25.75 -32.01 1.67
N ALA B 48 26.85 -31.28 1.55
CA ALA B 48 27.79 -31.15 2.66
C ALA B 48 27.72 -29.82 3.39
N PHE B 49 27.14 -28.81 2.77
CA PHE B 49 27.32 -27.43 3.24
C PHE B 49 26.38 -27.07 4.36
N TYR B 50 25.08 -27.16 4.13
CA TYR B 50 24.11 -26.85 5.18
C TYR B 50 22.76 -27.47 4.95
N ASP B 51 22.18 -28.01 6.02
CA ASP B 51 20.90 -28.71 5.97
C ASP B 51 19.83 -27.91 6.68
N SER B 52 18.77 -27.59 5.95
CA SER B 52 17.72 -26.73 6.44
C SER B 52 16.41 -27.47 6.72
N ASN B 53 16.28 -28.71 6.26
CA ASN B 53 15.05 -29.48 6.49
C ASN B 53 15.21 -30.63 7.50
N ALA B 54 16.25 -30.55 8.32
CA ALA B 54 16.52 -31.54 9.37
C ALA B 54 16.33 -33.00 8.92
N ASP B 55 16.75 -33.31 7.69
CA ASP B 55 16.75 -34.68 7.17
C ASP B 55 18.12 -35.33 7.31
N GLY B 56 19.12 -34.54 7.71
CA GLY B 56 20.49 -35.00 7.84
C GLY B 56 21.27 -34.90 6.54
N ILE B 57 20.68 -34.29 5.52
CA ILE B 57 21.31 -34.19 4.20
C ILE B 57 21.24 -32.75 3.70
N GLY B 58 22.43 -32.21 3.42
CA GLY B 58 22.57 -30.85 2.95
C GLY B 58 21.77 -30.64 1.69
N ASP B 59 21.19 -29.46 1.55
CA ASP B 59 20.23 -29.23 0.48
C ASP B 59 20.41 -27.85 -0.12
N LEU B 60 19.71 -27.61 -1.24
CA LEU B 60 19.85 -26.38 -2.01
C LEU B 60 19.43 -25.18 -1.20
N ARG B 61 18.31 -25.32 -0.51
CA ARG B 61 17.81 -24.26 0.36
C ARG B 61 18.70 -23.92 1.52
N GLY B 62 19.42 -24.91 2.02
CA GLY B 62 20.38 -24.66 3.08
C GLY B 62 21.54 -23.86 2.53
N LEU B 63 22.07 -24.30 1.39
CA LEU B 63 23.15 -23.60 0.71
C LEU B 63 22.75 -22.17 0.40
N THR B 64 21.48 -21.94 0.06
CA THR B 64 20.97 -20.59 -0.17
C THR B 64 21.10 -19.72 1.07
N GLU B 65 20.76 -20.28 2.24
CA GLU B 65 20.83 -19.55 3.51
C GLU B 65 22.25 -19.11 3.86
N LYS B 66 23.23 -19.92 3.50
CA LYS B 66 24.62 -19.63 3.85
C LYS B 66 25.37 -18.84 2.78
N LEU B 67 24.65 -18.26 1.82
CA LEU B 67 25.30 -17.45 0.77
C LEU B 67 25.94 -16.19 1.33
N ASP B 68 25.42 -15.68 2.43
CA ASP B 68 26.01 -14.50 3.06
C ASP B 68 27.43 -14.77 3.57
N TYR B 69 27.67 -15.97 4.08
CA TYR B 69 29.03 -16.38 4.46
C TYR B 69 29.94 -16.42 3.26
N ILE B 70 29.49 -17.08 2.21
CA ILE B 70 30.25 -17.18 0.95
C ILE B 70 30.64 -15.80 0.44
N LYS B 71 29.66 -14.89 0.42
CA LYS B 71 29.89 -13.51 0.04
C LYS B 71 30.96 -12.87 0.90
N TRP B 72 30.85 -13.06 2.21
CA TRP B 72 31.78 -12.49 3.19
C TRP B 72 33.20 -13.02 3.02
N LEU B 73 33.32 -14.30 2.69
CA LEU B 73 34.62 -14.91 2.46
C LEU B 73 35.31 -14.25 1.27
N GLY B 74 34.53 -13.88 0.26
CA GLY B 74 35.05 -13.12 -0.88
C GLY B 74 35.30 -13.93 -2.14
N VAL B 75 34.66 -15.08 -2.25
CA VAL B 75 34.76 -15.89 -3.46
C VAL B 75 33.78 -15.36 -4.50
N ASP B 76 34.08 -15.62 -5.76
CA ASP B 76 33.36 -15.02 -6.88
C ASP B 76 32.41 -15.98 -7.55
N CYS B 77 32.72 -17.27 -7.53
CA CYS B 77 31.88 -18.26 -8.19
C CYS B 77 31.84 -19.58 -7.45
N LEU B 78 30.63 -20.12 -7.28
CA LEU B 78 30.44 -21.42 -6.67
C LEU B 78 30.62 -22.48 -7.73
N TRP B 79 31.30 -23.58 -7.38
CA TRP B 79 31.36 -24.74 -8.26
C TRP B 79 30.73 -25.91 -7.53
N LEU B 80 29.57 -26.34 -8.03
CA LEU B 80 28.82 -27.45 -7.47
C LEU B 80 29.09 -28.75 -8.24
N PRO B 81 29.52 -29.80 -7.53
CA PRO B 81 29.58 -31.12 -8.14
C PRO B 81 28.18 -31.64 -8.45
N PRO B 82 28.07 -32.72 -9.24
CA PRO B 82 26.77 -33.11 -9.81
C PRO B 82 25.67 -33.29 -8.77
N PHE B 83 24.54 -32.64 -8.98
CA PHE B 83 23.40 -32.70 -8.05
C PHE B 83 22.12 -33.20 -8.76
N TYR B 84 22.28 -33.92 -9.85
CA TYR B 84 21.16 -34.42 -10.62
C TYR B 84 20.66 -35.71 -10.01
N ASP B 85 19.42 -36.08 -10.30
CA ASP B 85 18.82 -37.33 -9.83
C ASP B 85 19.73 -38.48 -10.22
N SER B 86 20.08 -39.29 -9.23
CA SER B 86 21.07 -40.34 -9.40
C SER B 86 20.90 -41.46 -8.38
N PRO B 87 21.20 -42.71 -8.77
CA PRO B 87 21.25 -43.80 -7.81
C PRO B 87 22.45 -43.69 -6.88
N LEU B 88 23.38 -42.80 -7.22
CA LEU B 88 24.52 -42.46 -6.37
C LEU B 88 25.47 -43.65 -6.11
N ARG B 89 25.53 -44.56 -7.07
CA ARG B 89 26.44 -45.68 -6.97
C ARG B 89 27.87 -45.22 -7.24
N ASP B 90 28.04 -44.09 -7.95
CA ASP B 90 29.35 -43.48 -8.15
C ASP B 90 29.33 -41.99 -7.80
N GLY B 91 29.03 -41.72 -6.53
CA GLY B 91 29.01 -40.35 -5.99
C GLY B 91 28.22 -39.32 -6.77
N GLY B 92 27.22 -39.76 -7.54
CA GLY B 92 26.39 -38.84 -8.32
C GLY B 92 26.96 -38.44 -9.67
N TYR B 93 28.13 -38.99 -10.01
CA TYR B 93 28.69 -38.83 -11.36
C TYR B 93 28.01 -39.78 -12.38
N ASP B 94 27.11 -40.64 -11.88
CA ASP B 94 26.25 -41.49 -12.71
C ASP B 94 24.84 -40.91 -12.76
N ILE B 95 24.59 -40.07 -13.76
CA ILE B 95 23.34 -39.32 -13.83
C ILE B 95 22.18 -40.15 -14.37
N ARG B 96 21.06 -40.12 -13.65
CA ARG B 96 19.85 -40.85 -14.05
C ARG B 96 18.87 -39.97 -14.81
N ASP B 97 18.85 -38.68 -14.48
CA ASP B 97 17.96 -37.73 -15.14
C ASP B 97 18.60 -36.35 -15.17
N PHE B 98 18.92 -35.85 -16.37
CA PHE B 98 19.59 -34.55 -16.52
C PHE B 98 18.69 -33.37 -16.15
N TYR B 99 17.37 -33.55 -16.20
CA TYR B 99 16.42 -32.46 -15.99
C TYR B 99 15.77 -32.49 -14.60
N LYS B 100 16.34 -33.27 -13.69
CA LYS B 100 15.76 -33.42 -12.35
C LYS B 100 16.87 -33.39 -11.34
N VAL B 101 16.77 -32.47 -10.38
CA VAL B 101 17.70 -32.42 -9.24
C VAL B 101 17.32 -33.50 -8.23
N LEU B 102 18.33 -34.15 -7.68
CA LEU B 102 18.13 -35.24 -6.73
C LEU B 102 17.14 -34.81 -5.63
N PRO B 103 16.05 -35.58 -5.44
CA PRO B 103 14.99 -35.29 -4.47
C PRO B 103 15.44 -34.71 -3.13
N GLU B 104 16.50 -35.26 -2.56
CA GLU B 104 16.96 -34.85 -1.23
C GLU B 104 17.55 -33.43 -1.17
N PHE B 105 18.01 -32.94 -2.32
CA PHE B 105 18.54 -31.58 -2.41
C PHE B 105 17.44 -30.56 -2.69
N GLY B 106 16.39 -30.99 -3.39
CA GLY B 106 15.21 -30.13 -3.62
C GLY B 106 14.63 -30.26 -5.02
N THR B 107 13.91 -29.23 -5.44
CA THR B 107 13.37 -29.17 -6.78
C THR B 107 14.20 -28.25 -7.65
N VAL B 108 13.93 -28.28 -8.95
CA VAL B 108 14.60 -27.40 -9.92
C VAL B 108 14.34 -25.96 -9.54
N ASP B 109 13.12 -25.69 -9.06
CA ASP B 109 12.76 -24.37 -8.54
C ASP B 109 13.69 -23.89 -7.43
N ASP B 110 14.05 -24.79 -6.52
CA ASP B 110 14.95 -24.47 -5.42
C ASP B 110 16.31 -24.08 -5.94
N PHE B 111 16.72 -24.66 -7.06
CA PHE B 111 17.98 -24.29 -7.71
C PHE B 111 17.90 -22.90 -8.31
N VAL B 112 16.77 -22.56 -8.89
CA VAL B 112 16.59 -21.20 -9.42
C VAL B 112 16.63 -20.18 -8.28
N THR B 113 15.99 -20.53 -7.16
CA THR B 113 16.00 -19.71 -5.94
C THR B 113 17.44 -19.44 -5.48
N LEU B 114 18.28 -20.47 -5.53
CA LEU B 114 19.70 -20.33 -5.20
C LEU B 114 20.39 -19.41 -6.20
N LEU B 115 20.16 -19.63 -7.49
CA LEU B 115 20.79 -18.81 -8.54
C LEU B 115 20.49 -17.34 -8.38
N ASP B 116 19.20 -17.03 -8.24
CA ASP B 116 18.76 -15.64 -8.13
C ASP B 116 19.34 -14.99 -6.88
N ALA B 117 19.34 -15.72 -5.77
CA ALA B 117 19.89 -15.24 -4.51
C ALA B 117 21.39 -15.01 -4.60
N ALA B 118 22.08 -15.87 -5.34
CA ALA B 118 23.52 -15.74 -5.53
C ALA B 118 23.87 -14.59 -6.49
N HIS B 119 23.14 -14.49 -7.59
CA HIS B 119 23.37 -13.41 -8.56
C HIS B 119 23.09 -12.04 -7.94
N ARG B 120 22.10 -11.96 -7.06
CA ARG B 120 21.77 -10.70 -6.38
C ARG B 120 22.97 -10.10 -5.67
N ARG B 121 23.85 -10.96 -5.16
CA ARG B 121 25.09 -10.51 -4.51
C ARG B 121 26.32 -10.83 -5.35
N GLY B 122 26.13 -10.84 -6.67
CA GLY B 122 27.23 -10.94 -7.64
C GLY B 122 28.02 -12.25 -7.67
N ILE B 123 27.47 -13.30 -7.04
CA ILE B 123 28.13 -14.59 -7.01
C ILE B 123 27.57 -15.46 -8.13
N ARG B 124 28.46 -15.99 -8.95
CA ARG B 124 28.08 -16.85 -10.05
C ARG B 124 28.11 -18.32 -9.62
N ILE B 125 27.44 -19.18 -10.39
CA ILE B 125 27.40 -20.61 -10.11
C ILE B 125 27.68 -21.42 -11.38
N ILE B 126 28.61 -22.37 -11.28
CA ILE B 126 28.85 -23.38 -12.33
C ILE B 126 28.65 -24.77 -11.74
N THR B 127 28.50 -25.76 -12.62
CA THR B 127 28.26 -27.13 -12.16
C THR B 127 28.99 -28.19 -12.99
N ASP B 128 29.37 -29.28 -12.34
CA ASP B 128 29.86 -30.46 -13.03
C ASP B 128 28.73 -31.01 -13.90
N LEU B 129 29.05 -31.40 -15.12
CA LEU B 129 28.10 -32.07 -16.00
C LEU B 129 28.80 -33.17 -16.80
N VAL B 130 28.50 -34.42 -16.46
CA VAL B 130 29.12 -35.57 -17.10
C VAL B 130 28.58 -35.71 -18.50
N MET B 131 29.46 -35.75 -19.49
CA MET B 131 29.07 -35.79 -20.89
C MET B 131 29.17 -37.18 -21.50
N ASN B 132 30.16 -37.95 -21.07
CA ASN B 132 30.48 -39.23 -21.71
C ASN B 132 29.48 -40.34 -21.48
N HIS B 133 28.96 -40.41 -20.27
CA HIS B 133 28.12 -41.55 -19.86
C HIS B 133 26.96 -41.14 -18.98
N THR B 134 25.88 -41.93 -19.04
CA THR B 134 24.77 -41.78 -18.11
C THR B 134 24.68 -43.04 -17.26
N SER B 135 23.87 -42.98 -16.22
CA SER B 135 23.62 -44.15 -15.39
C SER B 135 22.82 -45.16 -16.20
N ASP B 136 22.96 -46.44 -15.87
CA ASP B 136 22.19 -47.50 -16.54
C ASP B 136 20.72 -47.46 -16.17
N GLN B 137 20.38 -46.60 -15.20
CA GLN B 137 19.01 -46.38 -14.79
C GLN B 137 18.36 -45.23 -15.53
N HIS B 138 19.13 -44.51 -16.32
CA HIS B 138 18.60 -43.41 -17.10
C HIS B 138 17.56 -43.97 -18.06
N GLU B 139 16.46 -43.24 -18.22
CA GLU B 139 15.37 -43.68 -19.10
C GLU B 139 15.81 -44.06 -20.50
N TRP B 140 16.77 -43.32 -21.05
CA TRP B 140 17.36 -43.60 -22.35
C TRP B 140 17.89 -45.02 -22.45
N PHE B 141 18.75 -45.40 -21.50
CA PHE B 141 19.37 -46.71 -21.52
C PHE B 141 18.37 -47.82 -21.30
N GLN B 142 17.36 -47.59 -20.46
CA GLN B 142 16.28 -48.55 -20.29
C GLN B 142 15.44 -48.73 -21.57
N GLU B 143 15.30 -47.65 -22.33
CA GLU B 143 14.63 -47.70 -23.63
C GLU B 143 15.51 -48.32 -24.70
N SER B 144 16.82 -48.16 -24.59
CA SER B 144 17.75 -48.72 -25.55
C SER B 144 17.82 -50.23 -25.43
N ARG B 145 17.82 -50.73 -24.20
CA ARG B 145 17.92 -52.17 -23.96
C ARG B 145 16.59 -52.89 -24.22
N HIS B 146 15.49 -52.27 -23.82
CA HIS B 146 14.16 -52.87 -23.98
C HIS B 146 13.61 -52.72 -25.39
N ASN B 147 13.88 -51.58 -26.03
CA ASN B 147 13.43 -51.32 -27.40
C ASN B 147 14.62 -51.03 -28.31
N PRO B 148 15.33 -52.08 -28.73
CA PRO B 148 16.52 -51.92 -29.57
C PRO B 148 16.21 -51.30 -30.93
N ASP B 149 15.00 -51.51 -31.43
CA ASP B 149 14.58 -50.93 -32.71
C ASP B 149 13.81 -49.64 -32.52
N GLY B 150 13.67 -49.19 -31.27
CA GLY B 150 13.02 -47.93 -30.97
C GLY B 150 13.87 -46.72 -31.32
N PRO B 151 13.57 -45.55 -30.74
CA PRO B 151 14.30 -44.32 -31.04
C PRO B 151 15.54 -44.11 -30.20
N TYR B 152 15.80 -45.01 -29.26
CA TYR B 152 16.98 -44.92 -28.40
C TYR B 152 17.90 -46.12 -28.53
N GLY B 153 17.61 -46.99 -29.50
CA GLY B 153 18.43 -48.18 -29.71
C GLY B 153 19.88 -47.88 -30.02
N ASP B 154 20.14 -46.72 -30.61
CA ASP B 154 21.49 -46.34 -30.98
C ASP B 154 22.03 -45.19 -30.13
N PHE B 155 21.42 -44.97 -28.97
CA PHE B 155 21.89 -43.95 -28.04
C PHE B 155 23.14 -44.39 -27.27
N TYR B 156 23.38 -45.69 -27.19
CA TYR B 156 24.54 -46.24 -26.50
C TYR B 156 25.31 -47.16 -27.42
N VAL B 157 26.57 -47.40 -27.12
CA VAL B 157 27.44 -48.16 -28.02
C VAL B 157 27.26 -49.65 -27.79
N TRP B 158 26.52 -50.31 -28.68
CA TRP B 158 26.25 -51.75 -28.55
C TRP B 158 27.13 -52.58 -29.48
N SER B 159 27.28 -53.87 -29.14
CA SER B 159 28.08 -54.79 -29.93
C SER B 159 27.67 -56.24 -29.67
N ASP B 160 28.06 -57.13 -30.59
CA ASP B 160 27.79 -58.56 -30.43
C ASP B 160 28.94 -59.30 -29.79
N THR B 161 30.13 -58.70 -29.81
CA THR B 161 31.31 -59.27 -29.18
C THR B 161 32.00 -58.25 -28.32
N SER B 162 32.78 -58.72 -27.36
CA SER B 162 33.66 -57.84 -26.61
C SER B 162 35.03 -57.82 -27.30
N ASP B 163 35.03 -57.50 -28.60
CA ASP B 163 36.26 -57.44 -29.40
C ASP B 163 36.69 -56.03 -29.74
N ARG B 164 35.75 -55.09 -29.77
CA ARG B 164 36.01 -53.74 -30.30
C ARG B 164 36.93 -52.88 -29.43
N TYR B 165 37.55 -51.90 -30.08
CA TYR B 165 38.45 -50.92 -29.46
C TYR B 165 39.40 -51.51 -28.42
N PRO B 166 40.12 -52.56 -28.79
CA PRO B 166 40.96 -53.27 -27.84
C PRO B 166 42.16 -52.48 -27.40
N ASP B 167 42.46 -51.37 -28.08
CA ASP B 167 43.59 -50.52 -27.69
C ASP B 167 43.28 -49.64 -26.49
N ALA B 168 41.99 -49.38 -26.25
CA ALA B 168 41.55 -48.57 -25.13
C ALA B 168 41.77 -49.31 -23.82
N ARG B 169 42.29 -48.61 -22.83
CA ARG B 169 42.58 -49.20 -21.53
C ARG B 169 41.35 -49.21 -20.66
N ILE B 170 41.38 -50.05 -19.64
CA ILE B 170 40.35 -50.06 -18.61
C ILE B 170 40.75 -49.06 -17.53
N ILE B 171 39.96 -48.00 -17.37
CA ILE B 171 40.31 -46.93 -16.43
C ILE B 171 40.39 -47.51 -15.02
N PHE B 172 39.30 -48.14 -14.58
CA PHE B 172 39.30 -48.82 -13.28
C PHE B 172 39.67 -50.28 -13.48
N VAL B 173 40.97 -50.52 -13.60
CA VAL B 173 41.50 -51.83 -13.97
C VAL B 173 41.39 -52.85 -12.85
N ASP B 174 41.10 -52.39 -11.64
CA ASP B 174 40.92 -53.30 -10.50
C ASP B 174 39.48 -53.67 -10.21
N THR B 175 38.54 -52.91 -10.77
CA THR B 175 37.12 -53.16 -10.57
C THR B 175 36.48 -53.78 -11.81
N GLU B 176 36.79 -53.26 -12.99
CA GLU B 176 36.23 -53.78 -14.24
C GLU B 176 37.21 -54.67 -14.99
N GLU B 177 36.75 -55.83 -15.44
CA GLU B 177 37.58 -56.79 -16.18
C GLU B 177 37.56 -56.51 -17.69
N SER B 178 36.58 -55.72 -18.12
CA SER B 178 36.42 -55.38 -19.52
C SER B 178 35.66 -54.06 -19.65
N ASN B 179 35.84 -53.39 -20.78
CA ASN B 179 35.07 -52.20 -21.09
C ASN B 179 33.75 -52.52 -21.77
N TRP B 180 33.53 -53.80 -22.05
CA TRP B 180 32.26 -54.29 -22.60
C TRP B 180 31.57 -55.13 -21.53
N THR B 181 30.30 -54.84 -21.27
CA THR B 181 29.50 -55.61 -20.32
C THR B 181 28.25 -56.13 -20.99
N PHE B 182 27.87 -57.36 -20.68
CA PHE B 182 26.75 -58.04 -21.33
C PHE B 182 25.40 -57.71 -20.68
N ASP B 183 24.50 -57.07 -21.43
CA ASP B 183 23.17 -56.75 -20.93
C ASP B 183 22.25 -57.93 -21.17
N PRO B 184 21.57 -58.43 -20.12
CA PRO B 184 20.69 -59.62 -20.26
C PRO B 184 19.40 -59.37 -21.03
N VAL B 185 18.85 -58.16 -20.94
CA VAL B 185 17.61 -57.83 -21.63
C VAL B 185 17.83 -57.72 -23.14
N ARG B 186 18.80 -56.91 -23.55
CA ARG B 186 19.09 -56.74 -24.97
C ARG B 186 19.92 -57.89 -25.56
N ARG B 187 20.56 -58.68 -24.70
CA ARG B 187 21.40 -59.79 -25.13
C ARG B 187 22.59 -59.31 -25.96
N GLN B 188 23.14 -58.15 -25.60
CA GLN B 188 24.29 -57.57 -26.30
C GLN B 188 25.27 -56.91 -25.34
N PHE B 189 26.49 -56.68 -25.81
CA PHE B 189 27.50 -55.95 -25.03
C PHE B 189 27.32 -54.45 -25.19
N TYR B 190 27.53 -53.69 -24.11
CA TYR B 190 27.53 -52.23 -24.20
C TYR B 190 28.83 -51.65 -23.66
N TRP B 191 29.30 -50.58 -24.31
CA TRP B 191 30.60 -49.98 -24.01
C TRP B 191 30.48 -49.04 -22.83
N HIS B 192 31.50 -49.05 -21.99
CA HIS B 192 31.59 -48.11 -20.87
C HIS B 192 33.04 -47.95 -20.44
N ARG B 193 33.54 -46.72 -20.42
CA ARG B 193 34.93 -46.49 -20.01
C ARG B 193 35.03 -46.62 -18.51
N PHE B 194 33.99 -46.15 -17.82
CA PHE B 194 33.98 -46.14 -16.37
C PHE B 194 33.40 -47.46 -15.87
N PHE B 195 32.53 -47.41 -14.86
CA PHE B 195 31.97 -48.62 -14.26
C PHE B 195 30.87 -49.25 -15.14
N SER B 196 30.58 -50.51 -14.88
CA SER B 196 29.63 -51.26 -15.71
C SER B 196 28.22 -50.72 -15.67
N HIS B 197 27.91 -49.91 -14.66
CA HIS B 197 26.59 -49.28 -14.54
C HIS B 197 26.56 -47.86 -15.07
N GLN B 198 27.57 -47.48 -15.83
CA GLN B 198 27.67 -46.16 -16.40
C GLN B 198 27.95 -46.26 -17.89
N PRO B 199 26.98 -46.75 -18.66
CA PRO B 199 27.18 -46.98 -20.09
C PRO B 199 27.51 -45.71 -20.87
N ASP B 200 28.43 -45.83 -21.83
CA ASP B 200 28.84 -44.69 -22.64
C ASP B 200 27.77 -44.31 -23.64
N LEU B 201 27.54 -43.01 -23.78
CA LEU B 201 26.64 -42.49 -24.81
C LEU B 201 27.33 -42.61 -26.16
N ASN B 202 26.54 -42.95 -27.17
CA ASN B 202 27.03 -43.06 -28.54
C ASN B 202 26.97 -41.71 -29.23
N TYR B 203 28.10 -41.03 -29.31
CA TYR B 203 28.17 -39.69 -29.88
C TYR B 203 28.26 -39.70 -31.41
N ASP B 204 28.34 -40.88 -32.01
CA ASP B 204 28.26 -40.97 -33.46
C ASP B 204 26.82 -40.78 -33.94
N ASN B 205 25.86 -41.10 -33.08
CA ASN B 205 24.45 -40.83 -33.35
C ASN B 205 24.18 -39.33 -33.28
N PRO B 206 23.76 -38.71 -34.39
CA PRO B 206 23.47 -37.27 -34.38
C PRO B 206 22.42 -36.86 -33.34
N ALA B 207 21.44 -37.73 -33.09
CA ALA B 207 20.38 -37.44 -32.11
C ALA B 207 20.93 -37.31 -30.69
N VAL B 208 21.98 -38.07 -30.39
CA VAL B 208 22.65 -38.00 -29.09
C VAL B 208 23.31 -36.65 -28.89
N GLN B 209 24.00 -36.18 -29.93
CA GLN B 209 24.65 -34.88 -29.89
C GLN B 209 23.63 -33.76 -29.64
N GLU B 210 22.48 -33.85 -30.29
CA GLU B 210 21.44 -32.85 -30.11
C GLU B 210 20.79 -32.94 -28.73
N ALA B 211 20.65 -34.15 -28.22
CA ALA B 211 20.07 -34.36 -26.90
C ALA B 211 20.89 -33.72 -25.81
N MET B 212 22.21 -33.91 -25.88
CA MET B 212 23.14 -33.36 -24.88
C MET B 212 23.29 -31.84 -24.99
N LEU B 213 23.19 -31.32 -26.21
CA LEU B 213 23.19 -29.88 -26.42
C LEU B 213 21.93 -29.25 -25.84
N ASP B 214 20.82 -29.98 -25.84
CA ASP B 214 19.58 -29.50 -25.23
C ASP B 214 19.65 -29.54 -23.71
N VAL B 215 20.43 -30.46 -23.15
CA VAL B 215 20.68 -30.52 -21.71
C VAL B 215 21.44 -29.27 -21.26
N LEU B 216 22.50 -28.93 -22.00
CA LEU B 216 23.23 -27.69 -21.77
C LEU B 216 22.29 -26.49 -21.82
N ARG B 217 21.49 -26.42 -22.89
CA ARG B 217 20.58 -25.30 -23.10
C ARG B 217 19.52 -25.15 -22.02
N PHE B 218 19.12 -26.27 -21.41
CA PHE B 218 18.12 -26.23 -20.34
C PHE B 218 18.62 -25.42 -19.15
N TRP B 219 19.77 -25.81 -18.62
CA TRP B 219 20.34 -25.14 -17.44
C TRP B 219 20.83 -23.72 -17.76
N LEU B 220 21.29 -23.52 -18.99
CA LEU B 220 21.67 -22.19 -19.46
C LEU B 220 20.45 -21.26 -19.57
N ASP B 221 19.31 -21.80 -19.95
CA ASP B 221 18.06 -21.05 -19.98
C ASP B 221 17.64 -20.66 -18.56
N LEU B 222 17.78 -21.59 -17.61
CA LEU B 222 17.51 -21.29 -16.20
C LEU B 222 18.40 -20.17 -15.68
N GLY B 223 19.56 -20.01 -16.32
CA GLY B 223 20.46 -18.89 -16.03
C GLY B 223 21.75 -19.28 -15.33
N ILE B 224 22.16 -20.54 -15.46
CA ILE B 224 23.43 -20.97 -14.88
C ILE B 224 24.58 -20.31 -15.63
N ASP B 225 25.69 -20.09 -14.93
CA ASP B 225 26.79 -19.29 -15.47
C ASP B 225 27.78 -20.12 -16.30
N GLY B 226 27.81 -21.43 -16.09
CA GLY B 226 28.68 -22.29 -16.87
C GLY B 226 28.67 -23.75 -16.46
N PHE B 227 29.54 -24.54 -17.08
CA PHE B 227 29.66 -25.95 -16.74
C PHE B 227 31.11 -26.38 -16.68
N ARG B 228 31.35 -27.47 -15.97
CA ARG B 228 32.60 -28.20 -16.09
C ARG B 228 32.27 -29.53 -16.76
N LEU B 229 32.66 -29.65 -18.03
CA LEU B 229 32.34 -30.83 -18.82
C LEU B 229 33.25 -32.00 -18.45
N ASP B 230 32.69 -32.96 -17.72
CA ASP B 230 33.47 -34.08 -17.18
C ASP B 230 33.59 -35.22 -18.18
N ALA B 231 34.74 -35.89 -18.12
CA ALA B 231 35.00 -37.09 -18.92
C ALA B 231 34.90 -36.88 -20.42
N VAL B 232 35.16 -35.66 -20.88
CA VAL B 232 35.07 -35.35 -22.32
C VAL B 232 36.10 -36.04 -23.22
N PRO B 233 37.28 -36.40 -22.70
CA PRO B 233 38.22 -37.07 -23.61
C PRO B 233 37.76 -38.43 -24.11
N TYR B 234 36.75 -39.00 -23.46
CA TYR B 234 36.30 -40.36 -23.77
C TYR B 234 35.01 -40.42 -24.60
N LEU B 235 34.55 -39.28 -25.09
CA LEU B 235 33.30 -39.23 -25.86
C LEU B 235 33.33 -40.18 -27.05
N PHE B 236 34.16 -39.87 -28.04
CA PHE B 236 34.20 -40.66 -29.27
C PHE B 236 35.17 -41.82 -29.14
N GLU B 237 34.83 -42.92 -29.82
CA GLU B 237 35.64 -44.14 -29.85
C GLU B 237 35.93 -44.49 -31.29
N ARG B 238 37.20 -44.69 -31.63
CA ARG B 238 37.59 -45.10 -32.99
C ARG B 238 38.57 -46.26 -32.95
N GLU B 239 38.47 -47.13 -33.95
CA GLU B 239 39.35 -48.31 -34.06
C GLU B 239 40.80 -47.91 -34.33
N GLY B 240 41.73 -48.71 -33.84
CA GLY B 240 43.16 -48.43 -34.01
C GLY B 240 43.70 -47.28 -33.17
N THR B 241 42.93 -46.84 -32.18
CA THR B 241 43.34 -45.79 -31.27
C THR B 241 42.90 -46.09 -29.86
N ASN B 242 43.52 -45.42 -28.90
CA ASN B 242 43.16 -45.61 -27.49
C ASN B 242 41.86 -44.91 -27.10
N CYS B 243 41.13 -44.40 -28.08
CA CYS B 243 39.84 -43.78 -27.86
C CYS B 243 39.90 -42.61 -26.88
N GLU B 244 40.97 -41.83 -26.98
CA GLU B 244 41.15 -40.65 -26.15
C GLU B 244 41.56 -39.45 -27.02
N ASN B 245 40.91 -38.31 -26.78
CA ASN B 245 41.26 -37.05 -27.46
C ASN B 245 41.17 -37.12 -28.99
N LEU B 246 40.21 -37.87 -29.50
CA LEU B 246 40.05 -38.02 -30.93
C LEU B 246 39.52 -36.72 -31.55
N PRO B 247 39.86 -36.44 -32.81
CA PRO B 247 39.44 -35.21 -33.48
C PRO B 247 37.95 -34.92 -33.40
N GLU B 248 37.13 -35.94 -33.59
CA GLU B 248 35.66 -35.79 -33.51
C GLU B 248 35.17 -35.35 -32.11
N THR B 249 35.89 -35.76 -31.07
CA THR B 249 35.62 -35.31 -29.70
C THR B 249 35.75 -33.79 -29.61
N HIS B 250 36.91 -33.28 -30.04
CA HIS B 250 37.15 -31.84 -30.07
C HIS B 250 36.12 -31.11 -30.93
N ALA B 251 35.75 -31.72 -32.05
CA ALA B 251 34.80 -31.13 -32.97
C ALA B 251 33.44 -30.89 -32.31
N PHE B 252 33.01 -31.84 -31.48
CA PHE B 252 31.76 -31.67 -30.73
C PHE B 252 31.87 -30.53 -29.72
N LEU B 253 32.99 -30.46 -29.02
CA LEU B 253 33.20 -29.39 -28.05
C LEU B 253 33.11 -28.03 -28.71
N LYS B 254 33.59 -27.93 -29.96
CA LYS B 254 33.54 -26.67 -30.69
C LYS B 254 32.10 -26.20 -30.89
N ARG B 255 31.19 -27.16 -31.08
CA ARG B 255 29.76 -26.86 -31.18
C ARG B 255 29.22 -26.29 -29.88
N CYS B 256 29.61 -26.88 -28.76
CA CYS B 256 29.18 -26.39 -27.43
C CYS B 256 29.63 -24.96 -27.20
N ARG B 257 30.86 -24.65 -27.61
CA ARG B 257 31.37 -23.29 -27.49
C ARG B 257 30.56 -22.34 -28.35
N LYS B 258 30.35 -22.72 -29.61
CA LYS B 258 29.56 -21.90 -30.53
C LYS B 258 28.16 -21.64 -29.96
N ALA B 259 27.53 -22.68 -29.44
CA ALA B 259 26.20 -22.56 -28.82
C ALA B 259 26.20 -21.60 -27.62
N ILE B 260 27.28 -21.59 -26.85
CA ILE B 260 27.44 -20.62 -25.78
C ILE B 260 27.62 -19.21 -26.33
N ASP B 261 28.57 -19.03 -27.23
CA ASP B 261 28.89 -17.71 -27.78
C ASP B 261 27.71 -17.09 -28.54
N ASP B 262 26.95 -17.91 -29.24
CA ASP B 262 25.83 -17.42 -30.05
C ASP B 262 24.59 -17.11 -29.22
N GLU B 263 24.25 -17.97 -28.27
CA GLU B 263 22.98 -17.87 -27.54
C GLU B 263 23.11 -17.19 -26.18
N TYR B 264 24.20 -17.46 -25.46
CA TYR B 264 24.38 -16.92 -24.12
C TYR B 264 25.81 -16.37 -23.95
N PRO B 265 26.06 -15.15 -24.44
CA PRO B 265 27.39 -14.57 -24.26
C PRO B 265 27.71 -14.37 -22.78
N GLY B 266 28.98 -14.60 -22.43
CA GLY B 266 29.45 -14.37 -21.05
C GLY B 266 29.34 -15.57 -20.13
N ARG B 267 29.06 -16.74 -20.70
CA ARG B 267 29.05 -17.98 -19.93
C ARG B 267 30.37 -18.73 -20.13
N VAL B 268 30.64 -19.72 -19.31
CA VAL B 268 31.94 -20.39 -19.33
C VAL B 268 31.82 -21.90 -19.49
N LEU B 269 32.85 -22.52 -20.09
CA LEU B 269 32.92 -23.98 -20.29
C LEU B 269 34.26 -24.50 -19.80
N LEU B 270 34.28 -25.15 -18.65
CA LEU B 270 35.50 -25.74 -18.09
C LEU B 270 35.67 -27.18 -18.57
N ALA B 271 36.90 -27.56 -18.89
CA ALA B 271 37.19 -28.91 -19.37
C ALA B 271 37.95 -29.70 -18.31
N GLU B 272 37.29 -30.70 -17.73
CA GLU B 272 37.96 -31.67 -16.87
C GLU B 272 38.66 -32.66 -17.79
N ALA B 273 39.93 -32.39 -18.05
CA ALA B 273 40.78 -33.30 -18.82
C ALA B 273 41.99 -33.60 -17.96
N ASN B 274 42.11 -34.84 -17.50
CA ASN B 274 43.16 -35.20 -16.55
C ASN B 274 44.42 -35.68 -17.27
N GLN B 275 45.06 -34.76 -17.98
CA GLN B 275 46.21 -35.09 -18.82
C GLN B 275 47.33 -34.08 -18.63
N TRP B 276 48.48 -34.41 -19.19
CA TRP B 276 49.67 -33.55 -19.12
C TRP B 276 49.37 -32.24 -19.83
N PRO B 277 49.86 -31.12 -19.29
CA PRO B 277 49.64 -29.78 -19.84
C PRO B 277 49.78 -29.69 -21.38
N ALA B 278 50.79 -30.33 -21.92
CA ALA B 278 51.02 -30.27 -23.36
C ALA B 278 49.88 -30.91 -24.17
N ASP B 279 49.07 -31.75 -23.53
CA ASP B 279 47.93 -32.39 -24.19
C ASP B 279 46.65 -31.59 -24.04
N VAL B 280 46.40 -31.05 -22.85
CA VAL B 280 45.14 -30.36 -22.58
C VAL B 280 45.03 -29.03 -23.29
N VAL B 281 46.15 -28.47 -23.74
CA VAL B 281 46.14 -27.22 -24.51
C VAL B 281 45.32 -27.32 -25.79
N ALA B 282 45.13 -28.54 -26.29
CA ALA B 282 44.26 -28.78 -27.44
C ALA B 282 42.78 -28.56 -27.14
N TYR B 283 42.39 -28.63 -25.87
CA TYR B 283 41.00 -28.44 -25.47
C TYR B 283 40.58 -26.97 -25.41
N PHE B 284 41.53 -26.04 -25.53
CA PHE B 284 41.20 -24.62 -25.65
C PHE B 284 40.81 -24.27 -27.07
N GLY B 285 41.23 -25.12 -28.01
CA GLY B 285 40.82 -25.02 -29.41
C GLY B 285 41.88 -24.41 -30.31
N ASP B 286 41.48 -24.19 -31.57
CA ASP B 286 42.35 -23.56 -32.56
C ASP B 286 42.81 -22.18 -32.08
N PRO B 287 44.13 -21.99 -31.94
CA PRO B 287 44.64 -20.73 -31.39
C PRO B 287 44.58 -19.58 -32.39
N ASP B 288 44.39 -19.87 -33.66
CA ASP B 288 44.24 -18.84 -34.67
C ASP B 288 43.01 -17.97 -34.41
N THR B 289 41.91 -18.61 -34.05
CA THR B 289 40.69 -17.90 -33.69
C THR B 289 40.68 -17.39 -32.24
N GLY B 290 41.75 -17.65 -31.50
CA GLY B 290 41.86 -17.22 -30.11
C GLY B 290 41.04 -18.09 -29.17
N GLY B 291 40.72 -19.31 -29.62
CA GLY B 291 39.92 -20.23 -28.82
C GLY B 291 38.56 -20.45 -29.44
N ASP B 292 38.20 -21.73 -29.64
CA ASP B 292 36.86 -22.11 -30.11
C ASP B 292 36.35 -23.41 -29.48
N GLU B 293 36.94 -23.83 -28.37
CA GLU B 293 36.47 -24.98 -27.61
C GLU B 293 36.17 -24.56 -26.17
N CYS B 294 36.98 -24.98 -25.21
CA CYS B 294 36.73 -24.63 -23.83
C CYS B 294 37.42 -23.33 -23.46
N HIS B 295 36.84 -22.60 -22.50
CA HIS B 295 37.44 -21.38 -22.00
C HIS B 295 38.54 -21.71 -20.99
N MET B 296 38.28 -22.72 -20.17
CA MET B 296 39.22 -23.13 -19.13
C MET B 296 39.49 -24.63 -19.17
N ALA B 297 40.71 -25.01 -18.80
CA ALA B 297 41.05 -26.40 -18.50
C ALA B 297 41.86 -26.37 -17.22
N PHE B 298 42.03 -27.53 -16.58
CA PHE B 298 42.78 -27.56 -15.32
C PHE B 298 44.22 -27.98 -15.50
N HIS B 299 45.11 -27.19 -14.91
CA HIS B 299 46.53 -27.51 -14.86
C HIS B 299 46.76 -28.44 -13.68
N PHE B 300 46.64 -29.74 -13.97
CA PHE B 300 46.53 -30.76 -12.91
C PHE B 300 47.80 -31.07 -12.12
N PRO B 301 48.97 -31.12 -12.80
CA PRO B 301 50.17 -31.49 -12.08
C PRO B 301 50.88 -30.35 -11.30
N LEU B 302 50.25 -29.18 -11.20
CA LEU B 302 50.84 -28.08 -10.45
C LEU B 302 51.03 -28.43 -8.99
N MET B 303 49.97 -28.90 -8.33
CA MET B 303 50.04 -29.20 -6.90
C MET B 303 51.06 -30.27 -6.56
N PRO B 304 51.07 -31.41 -7.28
CA PRO B 304 52.09 -32.42 -7.02
C PRO B 304 53.50 -31.87 -7.13
N ARG B 305 53.71 -30.97 -8.07
CA ARG B 305 55.01 -30.36 -8.19
C ARG B 305 55.30 -29.39 -7.05
N ILE B 306 54.35 -28.52 -6.72
CA ILE B 306 54.52 -27.59 -5.60
C ILE B 306 54.81 -28.40 -4.35
N PHE B 307 54.07 -29.49 -4.15
CA PHE B 307 54.25 -30.35 -2.99
C PHE B 307 55.68 -30.90 -2.92
N MET B 308 56.12 -31.54 -3.99
CA MET B 308 57.49 -32.09 -4.04
C MET B 308 58.56 -31.01 -3.97
N ALA B 309 58.24 -29.81 -4.43
CA ALA B 309 59.16 -28.69 -4.36
C ALA B 309 59.43 -28.29 -2.91
N VAL B 310 58.39 -28.26 -2.09
CA VAL B 310 58.54 -27.94 -0.67
C VAL B 310 59.26 -29.10 0.04
N ARG B 311 58.99 -30.32 -0.41
CA ARG B 311 59.66 -31.50 0.14
C ARG B 311 61.18 -31.42 -0.07
N ARG B 312 61.58 -31.10 -1.29
CA ARG B 312 62.99 -31.01 -1.64
C ARG B 312 63.64 -29.72 -1.14
N GLU B 313 62.82 -28.72 -0.83
CA GLU B 313 63.27 -27.38 -0.50
C GLU B 313 64.03 -26.81 -1.69
N SER B 314 63.50 -27.08 -2.88
CA SER B 314 64.07 -26.61 -4.14
C SER B 314 62.95 -26.07 -5.01
N ARG B 315 63.21 -24.96 -5.69
CA ARG B 315 62.19 -24.28 -6.46
C ARG B 315 61.91 -24.96 -7.78
N PHE B 316 62.81 -25.84 -8.22
CA PHE B 316 62.83 -26.26 -9.63
C PHE B 316 61.71 -27.18 -10.10
N PRO B 317 61.17 -28.04 -9.23
CA PRO B 317 60.00 -28.78 -9.65
C PRO B 317 58.79 -27.90 -9.99
N ILE B 318 58.70 -26.73 -9.37
CA ILE B 318 57.67 -25.74 -9.75
C ILE B 318 58.08 -25.08 -11.05
N SER B 319 59.29 -24.55 -11.09
CA SER B 319 59.81 -23.86 -12.29
C SER B 319 59.66 -24.67 -13.57
N GLU B 320 59.91 -25.98 -13.47
CA GLU B 320 59.96 -26.86 -14.64
C GLU B 320 58.61 -26.93 -15.35
N ILE B 321 57.54 -27.31 -14.64
CA ILE B 321 56.21 -27.39 -15.26
C ILE B 321 55.68 -26.03 -15.72
N LEU B 322 56.07 -24.96 -15.05
CA LEU B 322 55.70 -23.63 -15.51
C LEU B 322 56.41 -23.30 -16.81
N ALA B 323 57.67 -23.72 -16.95
CA ALA B 323 58.43 -23.52 -18.17
C ALA B 323 57.94 -24.41 -19.29
N GLN B 324 57.53 -25.63 -18.95
CA GLN B 324 57.11 -26.61 -19.94
C GLN B 324 55.65 -26.53 -20.33
N THR B 325 54.91 -25.59 -19.73
CA THR B 325 53.52 -25.39 -20.09
C THR B 325 53.44 -24.56 -21.37
N PRO B 326 52.80 -25.09 -22.41
CA PRO B 326 52.66 -24.33 -23.65
C PRO B 326 51.73 -23.13 -23.51
N PRO B 327 51.90 -22.13 -24.37
CA PRO B 327 51.00 -20.97 -24.33
C PRO B 327 49.59 -21.32 -24.79
N ILE B 328 48.60 -20.64 -24.21
CA ILE B 328 47.19 -20.91 -24.48
C ILE B 328 46.55 -19.71 -25.18
N PRO B 329 45.38 -19.90 -25.81
CA PRO B 329 44.70 -18.81 -26.51
C PRO B 329 44.33 -17.61 -25.65
N ASP B 330 43.92 -16.53 -26.31
CA ASP B 330 43.70 -15.23 -25.66
C ASP B 330 42.51 -15.26 -24.71
N THR B 331 41.42 -15.88 -25.16
CA THR B 331 40.24 -16.09 -24.31
C THR B 331 40.53 -17.02 -23.14
N ALA B 332 41.40 -18.00 -23.40
CA ALA B 332 41.64 -19.10 -22.47
C ALA B 332 42.23 -18.67 -21.14
N GLN B 333 42.01 -19.50 -20.14
CA GLN B 333 42.58 -19.30 -18.81
C GLN B 333 42.79 -20.65 -18.13
N TRP B 334 43.95 -20.84 -17.50
CA TRP B 334 44.21 -22.07 -16.77
C TRP B 334 43.40 -22.08 -15.48
N GLY B 335 43.06 -23.27 -15.01
CA GLY B 335 42.41 -23.44 -13.72
C GLY B 335 43.36 -24.20 -12.85
N ILE B 336 43.58 -23.75 -11.62
CA ILE B 336 44.51 -24.44 -10.71
C ILE B 336 43.87 -24.65 -9.34
N PHE B 337 44.13 -25.80 -8.73
CA PHE B 337 43.70 -26.05 -7.36
C PHE B 337 44.77 -26.83 -6.61
N LEU B 338 44.65 -26.88 -5.28
CA LEU B 338 45.67 -27.52 -4.42
C LEU B 338 45.33 -28.97 -4.06
N ARG B 339 45.18 -29.83 -5.07
CA ARG B 339 44.95 -31.25 -4.85
C ARG B 339 45.78 -32.12 -5.80
N ASN B 340 46.06 -33.33 -5.36
CA ASN B 340 46.88 -34.26 -6.12
C ASN B 340 46.10 -35.23 -7.02
N HIS B 341 44.79 -35.38 -6.80
CA HIS B 341 44.01 -36.33 -7.59
C HIS B 341 42.78 -35.75 -8.24
N ASP B 342 42.44 -36.31 -9.38
CA ASP B 342 41.25 -35.94 -10.10
C ASP B 342 40.06 -36.63 -9.41
N GLU B 343 39.07 -35.84 -8.98
CA GLU B 343 37.87 -36.37 -8.31
C GLU B 343 37.05 -37.41 -9.11
N LEU B 344 37.16 -37.37 -10.44
CA LEU B 344 36.47 -38.32 -11.30
C LEU B 344 37.05 -39.72 -11.22
N THR B 345 38.34 -39.84 -11.52
CA THR B 345 39.01 -41.12 -11.64
C THR B 345 39.87 -41.47 -10.42
N LEU B 346 40.06 -40.51 -9.53
CA LEU B 346 40.97 -40.64 -8.38
C LEU B 346 42.37 -41.04 -8.82
N GLU B 347 42.80 -40.47 -9.96
CA GLU B 347 44.14 -40.69 -10.50
C GLU B 347 44.96 -39.40 -10.48
N MET B 348 46.23 -39.48 -10.09
CA MET B 348 47.11 -38.34 -10.19
C MET B 348 47.68 -38.33 -11.59
N VAL B 349 47.53 -37.21 -12.26
CA VAL B 349 48.09 -37.07 -13.62
C VAL B 349 49.61 -37.25 -13.65
N THR B 350 50.09 -38.00 -14.63
CA THR B 350 51.52 -38.12 -14.86
C THR B 350 51.78 -38.67 -16.24
N ASP B 351 52.89 -38.26 -16.82
CA ASP B 351 53.30 -38.73 -18.13
C ASP B 351 54.68 -39.36 -17.97
N GLU B 352 54.78 -40.64 -18.31
CA GLU B 352 56.02 -41.36 -18.10
C GLU B 352 57.21 -40.70 -18.79
N GLU B 353 56.99 -40.15 -19.99
CA GLU B 353 58.07 -39.48 -20.72
C GLU B 353 58.28 -38.04 -20.27
N ARG B 354 57.23 -37.25 -20.37
CA ARG B 354 57.33 -35.81 -20.18
C ARG B 354 57.42 -35.33 -18.71
N ASP B 355 57.10 -36.18 -17.76
CA ASP B 355 57.26 -35.84 -16.34
C ASP B 355 58.58 -36.40 -15.88
N TYR B 356 59.48 -35.54 -15.42
CA TYR B 356 60.79 -35.98 -14.94
C TYR B 356 60.70 -36.45 -13.50
N MET B 357 59.64 -36.03 -12.81
CA MET B 357 59.39 -36.47 -11.44
C MET B 357 58.61 -37.79 -11.40
N TYR B 358 58.49 -38.47 -12.55
CA TYR B 358 57.65 -39.66 -12.67
C TYR B 358 57.94 -40.70 -11.61
N ALA B 359 59.17 -41.19 -11.55
CA ALA B 359 59.53 -42.21 -10.55
C ALA B 359 59.63 -41.64 -9.13
N GLU B 360 59.89 -40.34 -9.04
CA GLU B 360 60.16 -39.67 -7.77
C GLU B 360 59.00 -39.76 -6.79
N TYR B 361 57.77 -39.63 -7.27
CA TYR B 361 56.61 -39.53 -6.38
C TYR B 361 56.41 -40.76 -5.52
N ALA B 362 56.41 -41.93 -6.16
CA ALA B 362 56.22 -43.20 -5.45
C ALA B 362 57.27 -43.42 -4.36
N LYS B 363 58.46 -42.88 -4.56
CA LYS B 363 59.53 -43.02 -3.59
C LYS B 363 59.36 -42.14 -2.35
N ASP B 364 58.59 -41.06 -2.47
CA ASP B 364 58.34 -40.19 -1.32
C ASP B 364 57.35 -40.87 -0.37
N PRO B 365 57.67 -40.94 0.92
CA PRO B 365 56.80 -41.59 1.89
C PRO B 365 55.45 -40.90 2.08
N ARG B 366 55.43 -39.58 2.01
CA ARG B 366 54.21 -38.80 2.19
C ARG B 366 53.24 -38.95 1.01
N MET B 367 53.80 -38.86 -0.20
CA MET B 367 53.04 -39.04 -1.43
C MET B 367 52.48 -40.47 -1.53
N LYS B 368 53.32 -41.43 -1.15
CA LYS B 368 52.98 -42.85 -1.24
C LYS B 368 51.80 -43.20 -0.38
N ALA B 369 51.63 -42.49 0.73
CA ALA B 369 50.59 -42.80 1.70
C ALA B 369 49.20 -42.45 1.23
N ASN B 370 49.07 -41.44 0.39
CA ASN B 370 47.76 -40.96 0.00
C ASN B 370 47.37 -41.27 -1.45
N VAL B 371 48.06 -42.24 -2.06
CA VAL B 371 47.83 -42.57 -3.46
C VAL B 371 46.39 -43.02 -3.60
N GLY B 372 45.66 -42.34 -4.47
CA GLY B 372 44.29 -42.69 -4.80
C GLY B 372 43.21 -42.16 -3.84
N ILE B 373 43.60 -41.30 -2.91
CA ILE B 373 42.66 -40.76 -1.92
C ILE B 373 42.67 -39.25 -1.97
N ARG B 374 41.49 -38.64 -2.01
CA ARG B 374 41.39 -37.19 -1.87
C ARG B 374 41.69 -36.79 -0.43
N ARG B 375 42.56 -35.81 -0.25
CA ARG B 375 42.89 -35.27 1.07
C ARG B 375 42.78 -33.77 1.05
N ARG B 376 42.39 -33.21 2.18
CA ARG B 376 42.36 -31.76 2.29
C ARG B 376 43.72 -31.15 2.47
N LEU B 377 43.76 -29.83 2.31
CA LEU B 377 45.00 -29.08 2.37
C LEU B 377 45.65 -29.24 3.73
N ALA B 378 44.85 -29.12 4.78
CA ALA B 378 45.43 -29.17 6.14
C ALA B 378 46.10 -30.50 6.46
N PRO B 379 45.40 -31.64 6.26
CA PRO B 379 46.08 -32.92 6.47
C PRO B 379 47.24 -33.18 5.51
N LEU B 380 47.11 -32.76 4.25
CA LEU B 380 48.19 -32.92 3.28
C LEU B 380 49.50 -32.30 3.74
N LEU B 381 49.42 -31.20 4.48
CA LEU B 381 50.59 -30.52 5.01
C LEU B 381 50.77 -30.77 6.51
N GLU B 382 50.18 -31.83 7.03
CA GLU B 382 50.30 -32.20 8.44
C GLU B 382 49.93 -31.07 9.38
N ASN B 383 48.90 -30.33 9.01
CA ASN B 383 48.36 -29.24 9.81
C ASN B 383 49.33 -28.09 10.12
N ASP B 384 50.42 -28.00 9.36
CA ASP B 384 51.40 -26.94 9.55
C ASP B 384 50.83 -25.63 9.02
N ARG B 385 50.52 -24.72 9.93
CA ARG B 385 49.87 -23.46 9.58
C ARG B 385 50.71 -22.64 8.64
N ASN B 386 52.02 -22.61 8.87
CA ASN B 386 52.92 -21.83 8.04
C ASN B 386 52.93 -22.35 6.61
N GLN B 387 52.83 -23.67 6.45
CA GLN B 387 52.75 -24.28 5.13
C GLN B 387 51.42 -24.01 4.45
N ILE B 388 50.34 -24.18 5.20
CA ILE B 388 49.01 -23.95 4.67
C ILE B 388 48.97 -22.56 4.05
N GLU B 389 49.58 -21.59 4.73
CA GLU B 389 49.65 -20.22 4.24
C GLU B 389 50.46 -20.14 2.95
N LEU B 390 51.63 -20.78 2.93
CA LEU B 390 52.51 -20.76 1.76
C LEU B 390 51.84 -21.32 0.51
N PHE B 391 51.24 -22.50 0.65
CA PHE B 391 50.55 -23.14 -0.47
C PHE B 391 49.38 -22.30 -0.95
N THR B 392 48.62 -21.72 -0.02
CA THR B 392 47.54 -20.82 -0.36
C THR B 392 48.09 -19.58 -1.06
N ALA B 393 49.20 -19.06 -0.55
CA ALA B 393 49.83 -17.88 -1.14
C ALA B 393 50.27 -18.14 -2.58
N LEU B 394 50.74 -19.37 -2.85
CA LEU B 394 51.16 -19.74 -4.20
C LEU B 394 49.94 -19.90 -5.13
N LEU B 395 48.90 -20.52 -4.62
CA LEU B 395 47.68 -20.72 -5.39
C LEU B 395 47.09 -19.39 -5.87
N LEU B 396 47.12 -18.38 -5.03
CA LEU B 396 46.51 -17.10 -5.35
C LEU B 396 47.39 -16.20 -6.23
N SER B 397 48.71 -16.44 -6.24
CA SER B 397 49.64 -15.58 -7.00
C SER B 397 50.17 -16.20 -8.30
N LEU B 398 49.99 -17.51 -8.48
CA LEU B 398 50.44 -18.18 -9.69
C LEU B 398 49.42 -18.00 -10.81
N PRO B 399 49.88 -18.09 -12.07
CA PRO B 399 49.01 -17.83 -13.23
C PRO B 399 47.82 -18.76 -13.30
N GLY B 400 46.67 -18.21 -13.69
CA GLY B 400 45.44 -18.98 -13.82
C GLY B 400 44.47 -18.70 -12.71
N SER B 401 43.21 -19.09 -12.89
CA SER B 401 42.17 -18.85 -11.90
C SER B 401 42.14 -19.98 -10.87
N PRO B 402 42.20 -19.63 -9.57
CA PRO B 402 42.29 -20.60 -8.50
C PRO B 402 40.95 -21.12 -8.03
N VAL B 403 40.93 -22.37 -7.56
CA VAL B 403 39.75 -22.98 -6.98
C VAL B 403 40.02 -23.38 -5.54
N LEU B 404 39.25 -22.81 -4.62
CA LEU B 404 39.30 -23.20 -3.21
C LEU B 404 38.31 -24.33 -2.99
N TYR B 405 38.66 -25.27 -2.12
CA TYR B 405 37.76 -26.36 -1.74
C TYR B 405 37.14 -26.03 -0.38
N TYR B 406 35.84 -26.24 -0.26
CA TYR B 406 35.11 -25.82 0.94
C TYR B 406 35.71 -26.43 2.21
N GLY B 407 35.75 -25.61 3.25
CA GLY B 407 36.29 -26.03 4.54
C GLY B 407 37.80 -25.85 4.67
N ASP B 408 38.51 -25.68 3.56
CA ASP B 408 39.94 -25.46 3.64
C ASP B 408 40.28 -24.09 4.20
N GLU B 409 39.32 -23.17 4.15
CA GLU B 409 39.53 -21.83 4.69
C GLU B 409 39.66 -21.84 6.20
N ILE B 410 39.03 -22.81 6.88
CA ILE B 410 39.14 -22.96 8.33
C ILE B 410 40.05 -24.13 8.72
N GLY B 411 40.67 -24.73 7.73
CA GLY B 411 41.61 -25.82 7.98
C GLY B 411 40.97 -27.05 8.53
N MET B 412 39.89 -27.49 7.87
CA MET B 412 39.22 -28.74 8.21
C MET B 412 40.09 -29.87 7.78
N GLY B 413 39.84 -31.04 8.35
CA GLY B 413 40.54 -32.26 7.98
C GLY B 413 39.70 -33.18 7.13
N ASP B 414 40.06 -34.46 7.13
CA ASP B 414 39.29 -35.46 6.42
C ASP B 414 39.22 -36.75 7.21
N ILE B 415 38.29 -37.60 6.80
CA ILE B 415 38.15 -38.93 7.37
C ILE B 415 38.36 -39.95 6.23
N ILE B 416 39.58 -40.47 6.12
CA ILE B 416 39.96 -41.33 5.00
C ILE B 416 39.15 -42.63 4.90
N TRP B 417 38.69 -43.13 6.04
CA TRP B 417 38.05 -44.45 6.11
C TRP B 417 36.66 -44.45 5.52
N LEU B 418 36.08 -43.27 5.29
CA LEU B 418 34.76 -43.16 4.69
C LEU B 418 34.73 -43.49 3.21
N GLY B 419 35.91 -43.48 2.58
CA GLY B 419 36.02 -43.72 1.14
C GLY B 419 37.02 -42.78 0.49
N ASP B 420 37.58 -43.21 -0.63
CA ASP B 420 38.63 -42.44 -1.30
C ASP B 420 38.20 -41.07 -1.81
N ARG B 421 36.90 -40.89 -2.03
CA ARG B 421 36.38 -39.62 -2.49
C ARG B 421 35.53 -38.97 -1.40
N ASP B 422 34.85 -39.77 -0.58
CA ASP B 422 34.02 -39.24 0.52
C ASP B 422 34.85 -38.64 1.63
N SER B 423 36.12 -39.05 1.74
CA SER B 423 37.05 -38.51 2.71
C SER B 423 36.97 -36.98 2.84
N VAL B 424 36.80 -36.28 1.73
CA VAL B 424 36.81 -34.82 1.76
C VAL B 424 35.41 -34.24 1.66
N ARG B 425 34.39 -35.04 1.94
CA ARG B 425 33.00 -34.64 1.71
C ARG B 425 32.17 -34.74 2.99
N THR B 426 32.83 -34.59 4.13
CA THR B 426 32.14 -34.56 5.40
C THR B 426 31.36 -33.24 5.54
N PRO B 427 30.50 -33.12 6.56
CA PRO B 427 29.76 -31.87 6.69
C PRO B 427 30.64 -30.69 7.04
N MET B 428 30.23 -29.51 6.56
CA MET B 428 30.91 -28.26 6.86
C MET B 428 30.74 -27.94 8.34
N GLN B 429 31.85 -27.64 9.01
CA GLN B 429 31.85 -27.46 10.44
C GLN B 429 31.60 -25.99 10.82
N TRP B 430 30.35 -25.67 11.11
CA TRP B 430 29.93 -24.29 11.35
C TRP B 430 30.13 -23.82 12.78
N THR B 431 29.76 -24.65 13.75
CA THR B 431 29.89 -24.32 15.18
C THR B 431 30.39 -25.55 15.93
N PRO B 432 30.75 -25.38 17.20
CA PRO B 432 31.03 -26.55 18.03
C PRO B 432 29.78 -27.18 18.66
N ASP B 433 28.61 -26.87 18.12
CA ASP B 433 27.35 -27.44 18.61
C ASP B 433 27.17 -28.82 17.99
N ARG B 434 26.13 -29.51 18.47
CA ARG B 434 25.75 -30.81 17.95
C ARG B 434 25.75 -30.81 16.44
N ASN B 435 26.34 -31.86 15.86
CA ASN B 435 26.48 -32.01 14.41
C ASN B 435 27.25 -30.88 13.75
N ALA B 436 28.14 -30.25 14.51
CA ALA B 436 28.93 -29.13 14.02
C ALA B 436 28.09 -28.00 13.43
N GLY B 437 26.84 -27.90 13.86
CA GLY B 437 25.93 -26.85 13.37
C GLY B 437 25.49 -27.03 11.93
N PHE B 438 25.63 -28.25 11.42
CA PHE B 438 25.29 -28.55 10.05
C PHE B 438 23.82 -28.91 9.93
N SER B 439 23.27 -29.62 10.92
CA SER B 439 21.89 -30.07 10.85
C SER B 439 21.28 -30.17 12.23
N LYS B 440 19.96 -30.14 12.29
CA LYS B 440 19.22 -30.33 13.52
C LYS B 440 18.92 -31.80 13.75
N ALA B 441 19.00 -32.61 12.71
CA ALA B 441 18.64 -34.02 12.79
C ALA B 441 19.49 -34.77 13.80
N THR B 442 19.02 -35.93 14.23
CA THR B 442 19.79 -36.76 15.13
C THR B 442 21.07 -37.22 14.44
N PRO B 443 22.15 -37.44 15.21
CA PRO B 443 23.44 -37.72 14.60
C PRO B 443 23.46 -38.90 13.67
N GLY B 444 22.66 -39.92 13.97
CA GLY B 444 22.55 -41.08 13.12
C GLY B 444 22.02 -40.82 11.72
N ARG B 445 21.17 -39.80 11.59
CA ARG B 445 20.56 -39.47 10.29
C ARG B 445 21.51 -38.79 9.31
N LEU B 446 22.59 -38.21 9.81
CA LEU B 446 23.52 -37.47 8.95
C LEU B 446 24.04 -38.34 7.81
N TYR B 447 24.15 -37.75 6.63
CA TYR B 447 24.66 -38.44 5.45
C TYR B 447 26.11 -38.90 5.64
N LEU B 448 26.89 -38.10 6.37
CA LEU B 448 28.25 -38.46 6.77
C LEU B 448 28.54 -37.82 8.12
N PRO B 449 29.38 -38.48 8.94
CA PRO B 449 29.61 -37.94 10.26
C PRO B 449 30.62 -36.82 10.19
N PRO B 450 30.49 -35.81 11.05
CA PRO B 450 31.50 -34.77 11.15
C PRO B 450 32.78 -35.27 11.78
N ASN B 451 33.86 -34.52 11.57
CA ASN B 451 35.18 -34.86 12.12
C ASN B 451 35.16 -34.76 13.63
N GLN B 452 35.67 -35.78 14.31
CA GLN B 452 35.58 -35.84 15.77
C GLN B 452 36.91 -36.08 16.48
N ASP B 453 38.03 -36.09 15.74
CA ASP B 453 39.33 -36.29 16.37
C ASP B 453 39.83 -35.03 17.04
N ALA B 454 40.85 -35.20 17.86
CA ALA B 454 41.35 -34.10 18.69
C ALA B 454 41.95 -32.94 17.87
N VAL B 455 42.29 -33.19 16.61
CA VAL B 455 43.01 -32.23 15.80
C VAL B 455 42.10 -31.44 14.88
N TYR B 456 41.35 -32.14 14.05
CA TYR B 456 40.46 -31.49 13.07
C TYR B 456 38.99 -31.59 13.46
N GLY B 457 38.73 -31.91 14.73
CA GLY B 457 37.37 -32.11 15.23
C GLY B 457 36.55 -30.85 15.26
N TYR B 458 35.23 -31.00 15.17
CA TYR B 458 34.34 -29.84 15.12
C TYR B 458 34.28 -29.11 16.44
N HIS B 459 34.74 -29.75 17.50
CA HIS B 459 34.86 -29.04 18.77
C HIS B 459 35.96 -28.00 18.74
N SER B 460 36.98 -28.22 17.92
CA SER B 460 38.15 -27.34 17.84
C SER B 460 38.31 -26.61 16.48
N VAL B 461 37.69 -27.12 15.43
CA VAL B 461 37.82 -26.50 14.12
C VAL B 461 36.45 -26.20 13.58
N ASN B 462 36.07 -24.93 13.62
CA ASN B 462 34.78 -24.51 13.07
C ASN B 462 34.79 -23.02 12.77
N VAL B 463 33.81 -22.60 11.97
CA VAL B 463 33.72 -21.22 11.50
C VAL B 463 33.49 -20.24 12.66
N GLU B 464 32.52 -20.58 13.52
CA GLU B 464 32.13 -19.75 14.66
C GLU B 464 33.33 -19.39 15.52
N ALA B 465 34.17 -20.38 15.80
CA ALA B 465 35.35 -20.16 16.61
C ALA B 465 36.33 -19.16 15.97
N GLN B 466 36.49 -19.28 14.66
CA GLN B 466 37.52 -18.52 13.94
C GLN B 466 37.10 -17.11 13.52
N LEU B 467 35.81 -16.82 13.59
CA LEU B 467 35.30 -15.52 13.17
C LEU B 467 35.84 -14.38 14.00
N ASP B 468 36.24 -14.67 15.23
CA ASP B 468 36.54 -13.60 16.19
C ASP B 468 37.94 -13.02 16.09
N SER B 469 38.97 -13.85 16.25
CA SER B 469 40.35 -13.35 16.17
C SER B 469 40.79 -13.18 14.71
N SER B 470 41.34 -12.01 14.40
CA SER B 470 41.81 -11.74 13.04
C SER B 470 43.09 -12.51 12.74
N SER B 471 43.60 -13.24 13.72
CA SER B 471 44.74 -14.10 13.53
C SER B 471 44.35 -15.49 13.04
N SER B 472 43.05 -15.81 13.03
CA SER B 472 42.58 -17.12 12.63
C SER B 472 42.87 -17.39 11.18
N LEU B 473 42.87 -18.66 10.80
CA LEU B 473 43.11 -19.06 9.42
C LEU B 473 41.97 -18.58 8.50
N LEU B 474 40.73 -18.60 8.99
CA LEU B 474 39.59 -18.12 8.20
C LEU B 474 39.79 -16.67 7.85
N ASN B 475 40.04 -15.84 8.85
CA ASN B 475 40.23 -14.42 8.62
C ASN B 475 41.48 -14.15 7.79
N TRP B 476 42.53 -14.93 7.99
CA TRP B 476 43.74 -14.77 7.17
C TRP B 476 43.42 -15.05 5.72
N THR B 477 42.76 -16.17 5.47
CA THR B 477 42.40 -16.60 4.13
C THR B 477 41.51 -15.56 3.47
N ARG B 478 40.58 -15.01 4.24
CA ARG B 478 39.64 -14.03 3.71
C ARG B 478 40.36 -12.81 3.18
N ASN B 479 41.29 -12.33 3.97
CA ASN B 479 42.04 -11.13 3.65
C ASN B 479 42.97 -11.28 2.48
N MET B 480 43.47 -12.49 2.29
CA MET B 480 44.35 -12.78 1.17
C MET B 480 43.58 -12.70 -0.13
N LEU B 481 42.33 -13.13 -0.10
CA LEU B 481 41.45 -12.97 -1.25
C LEU B 481 41.11 -11.50 -1.46
N ALA B 482 40.98 -10.77 -0.35
CA ALA B 482 40.73 -9.34 -0.43
C ALA B 482 41.91 -8.60 -1.08
N VAL B 483 43.14 -8.98 -0.74
CA VAL B 483 44.31 -8.38 -1.36
C VAL B 483 44.39 -8.76 -2.84
N ARG B 484 44.19 -10.03 -3.15
CA ARG B 484 44.27 -10.52 -4.53
C ARG B 484 43.29 -9.79 -5.43
N SER B 485 42.09 -9.50 -4.93
CA SER B 485 41.06 -8.82 -5.72
C SER B 485 41.38 -7.35 -5.97
N ARG B 486 42.37 -6.81 -5.26
CA ARG B 486 42.78 -5.42 -5.43
C ARG B 486 43.87 -5.23 -6.46
N HIS B 487 44.47 -6.32 -6.94
CA HIS B 487 45.48 -6.25 -7.99
C HIS B 487 45.17 -7.22 -9.13
N ASP B 488 44.95 -6.66 -10.33
CA ASP B 488 44.61 -7.45 -11.53
C ASP B 488 45.78 -8.31 -11.96
N ALA B 489 47.00 -7.86 -11.67
CA ALA B 489 48.22 -8.57 -12.03
C ALA B 489 48.14 -10.05 -11.68
N PHE B 490 47.61 -10.37 -10.51
CA PHE B 490 47.49 -11.76 -10.09
C PHE B 490 46.59 -12.55 -11.01
N ALA B 491 45.49 -11.95 -11.43
CA ALA B 491 44.49 -12.66 -12.25
C ALA B 491 44.94 -12.88 -13.69
N VAL B 492 45.24 -11.78 -14.38
CA VAL B 492 45.49 -11.80 -15.82
C VAL B 492 46.79 -11.12 -16.24
N GLY B 493 47.74 -11.01 -15.32
CA GLY B 493 49.02 -10.39 -15.62
C GLY B 493 50.04 -11.38 -16.14
N THR B 494 51.12 -10.87 -16.72
CA THR B 494 52.21 -11.71 -17.22
C THR B 494 52.90 -12.41 -16.06
N PHE B 495 53.73 -13.41 -16.35
CA PHE B 495 54.45 -14.14 -15.31
C PHE B 495 55.90 -14.31 -15.70
N ARG B 496 56.81 -13.61 -15.02
CA ARG B 496 58.23 -13.75 -15.27
C ARG B 496 58.93 -14.19 -14.00
N GLU B 497 59.55 -15.36 -14.07
CA GLU B 497 60.30 -15.90 -12.94
C GLU B 497 61.64 -15.20 -12.81
N LEU B 498 61.93 -14.68 -11.62
CA LEU B 498 63.16 -13.91 -11.37
C LEU B 498 64.38 -14.77 -11.06
N GLY B 499 64.16 -16.02 -10.68
CA GLY B 499 65.25 -16.93 -10.36
C GLY B 499 65.87 -16.63 -9.02
N GLY B 500 67.12 -16.17 -9.04
CA GLY B 500 67.89 -15.91 -7.83
C GLY B 500 68.96 -16.97 -7.58
N SER B 501 69.90 -16.63 -6.72
CA SER B 501 71.05 -17.50 -6.44
C SER B 501 70.69 -18.67 -5.53
N ASN B 502 69.75 -18.43 -4.62
CA ASN B 502 69.29 -19.45 -3.65
C ASN B 502 68.23 -20.35 -4.24
N PRO B 503 68.51 -21.66 -4.33
CA PRO B 503 67.59 -22.59 -4.96
C PRO B 503 66.31 -22.82 -4.18
N SER B 504 66.31 -22.49 -2.89
CA SER B 504 65.17 -22.75 -2.04
C SER B 504 64.09 -21.68 -2.14
N VAL B 505 64.39 -20.55 -2.80
CA VAL B 505 63.47 -19.41 -2.84
C VAL B 505 62.95 -19.19 -4.25
N LEU B 506 61.63 -19.25 -4.40
CA LEU B 506 60.97 -19.04 -5.69
C LEU B 506 60.41 -17.63 -5.75
N ALA B 507 61.04 -16.79 -6.58
CA ALA B 507 60.61 -15.38 -6.75
C ALA B 507 60.17 -15.09 -8.18
N TYR B 508 59.06 -14.38 -8.33
CA TYR B 508 58.51 -14.04 -9.65
C TYR B 508 57.71 -12.75 -9.63
N ILE B 509 57.44 -12.19 -10.81
CA ILE B 509 56.75 -10.92 -10.95
C ILE B 509 55.54 -11.04 -11.85
N ARG B 510 54.38 -10.60 -11.37
CA ARG B 510 53.20 -10.49 -12.21
C ARG B 510 53.04 -9.03 -12.63
N GLU B 511 52.59 -8.79 -13.86
CA GLU B 511 52.57 -7.45 -14.43
C GLU B 511 51.41 -7.22 -15.38
N VAL B 512 50.78 -6.05 -15.30
CA VAL B 512 49.70 -5.63 -16.20
C VAL B 512 50.02 -4.27 -16.78
N THR B 513 49.77 -4.07 -18.06
CA THR B 513 50.17 -2.83 -18.75
C THR B 513 49.17 -1.66 -18.71
N ARG B 514 49.71 -0.48 -19.00
CA ARG B 514 48.93 0.75 -19.16
C ARG B 514 47.96 0.70 -20.35
N GLN B 515 47.13 1.75 -20.44
CA GLN B 515 46.40 2.13 -21.67
C GLN B 515 45.99 3.62 -21.68
N GLN B 516 46.48 4.38 -20.68
CA GLN B 516 46.06 5.78 -20.40
C GLN B 516 44.56 5.92 -19.98
N GLY B 517 44.02 4.88 -19.33
CA GLY B 517 42.62 4.83 -18.88
C GLY B 517 42.43 5.26 -17.42
N ASP B 518 42.59 4.29 -16.52
CA ASP B 518 42.57 4.54 -15.07
C ASP B 518 43.26 3.40 -14.29
N GLY B 519 44.19 3.78 -13.40
CA GLY B 519 44.86 2.80 -12.52
C GLY B 519 45.54 3.43 -11.33
N GLY B 520 44.95 3.27 -10.14
CA GLY B 520 45.51 3.83 -8.89
C GLY B 520 46.76 3.04 -8.51
N ALA B 521 46.52 1.80 -8.13
CA ALA B 521 47.47 0.71 -8.28
C ALA B 521 46.64 -0.40 -8.91
N LYS B 522 46.23 -0.13 -10.16
CA LYS B 522 45.42 -1.10 -10.95
C LYS B 522 46.31 -1.81 -11.99
N THR B 523 46.95 -0.94 -12.82
CA THR B 523 48.01 -1.27 -13.80
C THR B 523 49.34 -1.46 -13.03
N ASP B 524 49.38 -2.57 -12.31
CA ASP B 524 50.40 -2.85 -11.33
C ASP B 524 51.49 -3.77 -11.87
N ALA B 525 52.64 -3.70 -11.22
CA ALA B 525 53.62 -4.76 -11.24
C ALA B 525 53.66 -5.24 -9.80
N VAL B 526 53.53 -6.54 -9.58
CA VAL B 526 53.64 -7.09 -8.23
C VAL B 526 54.77 -8.10 -8.16
N LEU B 527 55.39 -8.21 -6.99
CA LEU B 527 56.53 -9.09 -6.77
C LEU B 527 56.15 -10.08 -5.69
N CYS B 528 56.32 -11.36 -5.97
CA CYS B 528 56.08 -12.43 -5.00
C CYS B 528 57.37 -13.19 -4.72
N VAL B 529 57.73 -13.28 -3.45
CA VAL B 529 58.90 -14.05 -3.05
C VAL B 529 58.40 -15.10 -2.09
N ASN B 530 58.64 -16.37 -2.42
CA ASN B 530 58.20 -17.51 -1.62
C ASN B 530 59.41 -18.34 -1.19
N ASN B 531 59.48 -18.73 0.07
CA ASN B 531 60.58 -19.56 0.56
C ASN B 531 60.14 -21.00 0.82
N LEU B 532 60.61 -21.92 0.00
CA LEU B 532 60.18 -23.32 0.07
C LEU B 532 60.89 -24.11 1.18
N SER B 533 61.97 -23.54 1.71
CA SER B 533 62.71 -24.21 2.79
C SER B 533 62.12 -23.93 4.14
N ARG B 534 62.22 -24.91 5.05
CA ARG B 534 61.67 -24.77 6.41
C ARG B 534 62.58 -23.96 7.31
N PHE B 535 63.76 -23.61 6.82
CA PHE B 535 64.68 -22.75 7.56
C PHE B 535 64.68 -21.39 6.93
N PRO B 536 65.09 -20.35 7.68
CA PRO B 536 65.17 -19.00 7.13
C PRO B 536 66.17 -18.91 5.98
N GLN B 537 65.81 -18.16 4.95
CA GLN B 537 66.61 -18.10 3.75
C GLN B 537 66.78 -16.66 3.28
N PRO B 538 67.98 -16.30 2.79
CA PRO B 538 68.20 -15.03 2.14
C PRO B 538 68.22 -15.19 0.65
N ILE B 539 67.68 -14.20 -0.07
CA ILE B 539 67.74 -14.21 -1.51
C ILE B 539 68.15 -12.84 -2.03
N GLU B 540 69.11 -12.81 -2.95
CA GLU B 540 69.53 -11.57 -3.59
C GLU B 540 68.90 -11.50 -4.98
N LEU B 541 67.91 -10.64 -5.14
CA LEU B 541 67.17 -10.53 -6.39
C LEU B 541 67.72 -9.41 -7.25
N ASN B 542 67.56 -9.55 -8.56
CA ASN B 542 67.94 -8.50 -9.51
C ASN B 542 66.72 -7.80 -10.07
N LEU B 543 66.41 -6.65 -9.49
CA LEU B 543 65.25 -5.86 -9.86
C LEU B 543 65.69 -4.52 -10.47
N GLN B 544 66.75 -4.54 -11.27
CA GLN B 544 67.30 -3.32 -11.84
C GLN B 544 66.26 -2.63 -12.74
N GLN B 545 65.43 -3.43 -13.42
CA GLN B 545 64.43 -2.90 -14.32
C GLN B 545 63.46 -1.97 -13.61
N TRP B 546 63.23 -2.24 -12.33
CA TRP B 546 62.41 -1.35 -11.50
C TRP B 546 63.27 -0.48 -10.59
N ALA B 547 64.40 -0.01 -11.10
CA ALA B 547 65.23 0.89 -10.31
C ALA B 547 64.39 2.12 -9.94
N GLY B 548 64.54 2.60 -8.71
CA GLY B 548 63.83 3.79 -8.26
C GLY B 548 62.43 3.51 -7.71
N TYR B 549 61.85 2.39 -8.11
CA TYR B 549 60.55 1.97 -7.62
C TYR B 549 60.60 1.66 -6.13
N ILE B 550 59.47 1.78 -5.46
CA ILE B 550 59.37 1.48 -4.05
C ILE B 550 58.48 0.26 -3.84
N PRO B 551 59.05 -0.85 -3.32
CA PRO B 551 58.24 -2.02 -2.99
C PRO B 551 57.40 -1.75 -1.76
N VAL B 552 56.12 -2.07 -1.84
CA VAL B 552 55.19 -1.85 -0.74
C VAL B 552 54.50 -3.15 -0.41
N GLU B 553 54.73 -3.65 0.79
CA GLU B 553 54.15 -4.93 1.21
C GLU B 553 52.64 -4.79 1.36
N MET B 554 51.90 -5.70 0.74
CA MET B 554 50.45 -5.52 0.51
C MET B 554 49.55 -5.75 1.72
N THR B 555 49.94 -6.70 2.58
CA THR B 555 49.15 -7.00 3.77
C THR B 555 49.25 -5.92 4.86
N GLY B 556 50.32 -5.12 4.84
CA GLY B 556 50.48 -4.03 5.81
C GLY B 556 50.63 -2.62 5.25
N TYR B 557 50.65 -2.50 3.93
CA TYR B 557 50.95 -1.23 3.26
C TYR B 557 52.23 -0.60 3.78
N VAL B 558 53.28 -1.40 3.96
CA VAL B 558 54.57 -0.90 4.42
C VAL B 558 55.53 -0.67 3.28
N GLU B 559 56.16 0.50 3.28
CA GLU B 559 57.13 0.82 2.26
C GLU B 559 58.48 0.25 2.65
N PHE B 560 59.09 -0.45 1.71
CA PHE B 560 60.43 -1.00 1.87
C PHE B 560 61.42 -0.07 1.17
N PRO B 561 62.73 -0.30 1.36
CA PRO B 561 63.70 0.55 0.70
C PRO B 561 63.59 0.45 -0.81
N SER B 562 63.79 1.57 -1.52
CA SER B 562 63.63 1.61 -2.97
C SER B 562 64.67 0.74 -3.66
N ILE B 563 64.29 0.20 -4.81
CA ILE B 563 65.14 -0.72 -5.53
C ILE B 563 66.23 0.05 -6.25
N GLY B 564 67.46 -0.46 -6.18
CA GLY B 564 68.63 0.18 -6.78
C GLY B 564 69.29 -0.64 -7.87
N GLN B 565 70.55 -0.33 -8.17
CA GLN B 565 71.31 -1.05 -9.16
C GLN B 565 71.87 -2.36 -8.60
N LEU B 566 72.27 -2.32 -7.33
CA LEU B 566 72.77 -3.52 -6.68
C LEU B 566 71.66 -4.53 -6.39
N PRO B 567 72.02 -5.82 -6.28
CA PRO B 567 71.02 -6.83 -5.98
C PRO B 567 70.25 -6.51 -4.71
N TYR B 568 68.94 -6.72 -4.75
CA TYR B 568 68.05 -6.45 -3.62
C TYR B 568 67.99 -7.65 -2.70
N LEU B 569 68.27 -7.45 -1.42
CA LEU B 569 68.28 -8.56 -0.45
C LEU B 569 66.99 -8.65 0.35
N LEU B 570 66.36 -9.82 0.29
CA LEU B 570 65.18 -10.10 1.10
C LEU B 570 65.45 -11.36 1.91
N THR B 571 65.03 -11.35 3.18
CA THR B 571 65.23 -12.48 4.06
C THR B 571 63.88 -12.99 4.54
N LEU B 572 63.62 -14.28 4.33
CA LEU B 572 62.35 -14.87 4.71
C LEU B 572 62.56 -15.89 5.82
N PRO B 573 61.53 -16.10 6.66
CA PRO B 573 61.54 -17.18 7.60
C PRO B 573 61.15 -18.48 6.92
N GLY B 574 61.22 -19.58 7.66
CA GLY B 574 60.84 -20.88 7.12
C GLY B 574 59.43 -20.88 6.55
N HIS B 575 59.30 -21.33 5.32
CA HIS B 575 58.01 -21.39 4.65
C HIS B 575 57.26 -20.05 4.66
N GLY B 576 58.02 -18.95 4.62
CA GLY B 576 57.43 -17.63 4.59
C GLY B 576 57.26 -17.17 3.17
N PHE B 577 56.59 -16.02 3.01
CA PHE B 577 56.44 -15.38 1.72
C PHE B 577 56.13 -13.89 1.86
N TYR B 578 56.40 -13.11 0.82
CA TYR B 578 56.06 -11.69 0.80
C TYR B 578 55.33 -11.38 -0.49
N TRP B 579 54.44 -10.39 -0.44
CA TRP B 579 53.77 -9.86 -1.63
C TRP B 579 53.97 -8.36 -1.67
N PHE B 580 54.80 -7.91 -2.61
CA PHE B 580 55.11 -6.49 -2.75
C PHE B 580 54.43 -5.85 -3.95
N GLN B 581 53.89 -4.66 -3.77
CA GLN B 581 53.42 -3.86 -4.88
C GLN B 581 54.57 -2.96 -5.31
N LEU B 582 55.02 -3.09 -6.55
CA LEU B 582 56.05 -2.22 -7.08
C LEU B 582 55.43 -0.89 -7.52
N ARG B 583 55.73 0.15 -6.74
CA ARG B 583 55.12 1.45 -6.91
C ARG B 583 56.11 2.44 -7.52
N GLU B 584 55.62 3.30 -8.41
CA GLU B 584 56.48 4.26 -9.10
C GLU B 584 57.08 5.31 -8.17
N PRO B 585 58.29 5.80 -8.52
CA PRO B 585 58.83 6.97 -7.83
C PRO B 585 58.04 8.23 -8.21
N ASP B 586 58.06 9.22 -7.31
CA ASP B 586 57.21 10.40 -7.45
C ASP B 586 57.78 11.46 -8.38
N PRO B 587 57.01 11.82 -9.45
CA PRO B 587 57.48 12.76 -10.49
C PRO B 587 58.14 14.04 -9.94
N HIS C 9 50.20 -71.40 -1.68
CA HIS C 9 49.57 -72.33 -2.69
C HIS C 9 50.52 -72.75 -3.86
N VAL C 10 50.85 -71.85 -4.79
CA VAL C 10 51.80 -72.15 -5.92
C VAL C 10 51.14 -72.94 -7.07
N GLU C 11 51.91 -73.20 -8.13
CA GLU C 11 51.46 -74.04 -9.26
C GLU C 11 52.67 -74.65 -9.99
N ALA C 12 52.45 -75.80 -10.63
CA ALA C 12 53.48 -76.46 -11.49
C ALA C 12 52.80 -76.98 -12.78
N GLY C 13 51.72 -77.71 -12.56
CA GLY C 13 50.65 -77.92 -13.52
C GLY C 13 49.34 -77.90 -12.70
N ILE C 14 49.32 -78.73 -11.66
CA ILE C 14 48.40 -78.60 -10.54
C ILE C 14 48.81 -77.42 -9.64
N VAL C 15 47.84 -76.91 -8.88
CA VAL C 15 48.08 -75.86 -7.89
C VAL C 15 48.55 -76.58 -6.65
N GLU C 16 49.85 -76.50 -6.35
CA GLU C 16 50.43 -77.15 -5.18
C GLU C 16 49.88 -76.57 -3.87
N HIS C 17 50.17 -77.20 -2.75
CA HIS C 17 49.37 -77.00 -1.56
C HIS C 17 50.10 -77.51 -0.31
N PRO C 18 50.32 -76.62 0.68
CA PRO C 18 51.10 -76.93 1.89
C PRO C 18 50.56 -78.07 2.72
N ASN C 19 51.43 -78.62 3.57
CA ASN C 19 51.07 -79.78 4.38
C ASN C 19 50.91 -79.46 5.84
N ALA C 20 49.81 -79.94 6.40
CA ALA C 20 49.54 -79.81 7.81
C ALA C 20 50.73 -80.22 8.69
N GLU C 21 51.55 -81.15 8.20
CA GLU C 21 52.61 -81.74 9.01
C GLU C 21 53.81 -80.82 9.09
N ASP C 22 53.80 -79.72 8.32
CA ASP C 22 54.92 -78.78 8.33
C ASP C 22 54.78 -77.73 9.44
N PHE C 23 53.54 -77.45 9.83
CA PHE C 23 53.27 -76.68 11.04
C PHE C 23 53.06 -77.71 12.12
N GLY C 24 53.08 -77.31 13.38
CA GLY C 24 52.85 -78.27 14.45
C GLY C 24 51.36 -78.53 14.61
N HIS C 25 50.98 -78.96 15.80
CA HIS C 25 49.58 -79.04 16.16
C HIS C 25 49.41 -78.69 17.62
N ALA C 26 48.50 -77.77 17.90
CA ALA C 26 48.28 -77.28 19.24
C ALA C 26 47.83 -78.40 20.16
N ARG C 27 48.10 -78.20 21.46
CA ARG C 27 47.72 -79.14 22.51
C ARG C 27 46.27 -79.56 22.31
N THR C 28 46.02 -80.86 22.22
CA THR C 28 44.66 -81.37 22.03
C THR C 28 43.87 -81.34 23.33
N LEU C 29 42.60 -80.97 23.24
CA LEU C 29 41.75 -81.01 24.40
C LEU C 29 41.15 -82.40 24.53
N PRO C 30 40.83 -82.83 25.76
CA PRO C 30 40.19 -84.13 25.97
C PRO C 30 38.93 -84.26 25.14
N THR C 31 38.76 -85.42 24.50
CA THR C 31 37.66 -85.63 23.56
C THR C 31 36.30 -85.58 24.28
N ASP C 32 35.45 -84.66 23.82
CA ASP C 32 34.10 -84.44 24.38
C ASP C 32 33.15 -84.06 23.23
N THR C 33 32.13 -84.87 23.02
CA THR C 33 31.24 -84.70 21.86
C THR C 33 29.99 -83.87 22.17
N ASN C 34 29.96 -83.25 23.34
CA ASN C 34 28.85 -82.39 23.74
C ASN C 34 29.27 -81.00 24.18
N TRP C 35 30.55 -80.65 24.00
CA TRP C 35 31.05 -79.35 24.47
C TRP C 35 30.28 -78.19 23.89
N PHE C 36 29.91 -78.30 22.62
CA PHE C 36 29.23 -77.23 21.89
C PHE C 36 27.81 -76.98 22.38
N LYS C 37 27.20 -77.95 23.03
CA LYS C 37 25.88 -77.75 23.61
C LYS C 37 25.96 -76.94 24.91
N HIS C 38 27.09 -77.02 25.61
CA HIS C 38 27.29 -76.28 26.86
C HIS C 38 28.06 -74.97 26.70
N ALA C 39 28.66 -74.77 25.53
CA ALA C 39 29.54 -73.63 25.29
C ALA C 39 28.77 -72.33 25.10
N VAL C 40 29.47 -71.23 25.38
CA VAL C 40 29.02 -69.88 25.07
C VAL C 40 30.05 -69.28 24.14
N PHE C 41 29.64 -69.04 22.89
CA PHE C 41 30.54 -68.61 21.83
C PHE C 41 30.78 -67.12 21.86
N TYR C 42 31.97 -66.70 21.45
CA TYR C 42 32.37 -65.31 21.44
C TYR C 42 32.93 -64.97 20.06
N GLU C 43 32.14 -64.30 19.24
CA GLU C 43 32.56 -63.95 17.88
C GLU C 43 33.47 -62.73 17.93
N VAL C 44 34.72 -62.91 17.54
CA VAL C 44 35.70 -61.84 17.59
C VAL C 44 36.52 -61.79 16.31
N LEU C 45 36.56 -60.62 15.67
CA LEU C 45 37.37 -60.43 14.48
C LEU C 45 38.85 -60.29 14.82
N VAL C 46 39.71 -60.97 14.05
CA VAL C 46 41.15 -60.94 14.29
C VAL C 46 41.70 -59.53 14.09
N ARG C 47 41.20 -58.87 13.04
CA ARG C 47 41.63 -57.51 12.67
C ARG C 47 41.26 -56.45 13.69
N ALA C 48 40.27 -56.75 14.53
CA ALA C 48 39.64 -55.75 15.36
C ALA C 48 40.07 -55.78 16.81
N PHE C 49 40.55 -56.92 17.27
CA PHE C 49 40.66 -57.15 18.71
C PHE C 49 41.89 -56.48 19.32
N TYR C 50 43.08 -56.82 18.86
CA TYR C 50 44.29 -56.22 19.40
C TYR C 50 45.46 -56.27 18.43
N ASP C 51 46.20 -55.18 18.35
CA ASP C 51 47.33 -55.07 17.42
C ASP C 51 48.65 -55.01 18.17
N SER C 52 49.54 -55.95 17.88
CA SER C 52 50.78 -56.11 18.61
C SER C 52 52.01 -55.70 17.81
N ASN C 53 51.85 -55.48 16.52
CA ASN C 53 53.00 -55.08 15.68
C ASN C 53 52.95 -53.64 15.20
N ALA C 54 52.13 -52.81 15.87
CA ALA C 54 51.99 -51.38 15.57
C ALA C 54 51.86 -51.08 14.06
N ASP C 55 51.14 -51.92 13.33
CA ASP C 55 50.87 -51.69 11.92
C ASP C 55 49.51 -51.03 11.74
N GLY C 56 48.73 -50.96 12.84
CA GLY C 56 47.38 -50.45 12.80
C GLY C 56 46.33 -51.50 12.47
N ILE C 57 46.74 -52.75 12.39
CA ILE C 57 45.84 -53.84 12.01
C ILE C 57 45.96 -54.99 13.01
N GLY C 58 44.82 -55.33 13.60
CA GLY C 58 44.75 -56.39 14.59
C GLY C 58 45.25 -57.68 14.00
N ASP C 59 45.93 -58.48 14.81
CA ASP C 59 46.65 -59.63 14.30
C ASP C 59 46.54 -60.81 15.26
N LEU C 60 46.96 -61.98 14.79
CA LEU C 60 46.78 -63.23 15.53
C LEU C 60 47.54 -63.18 16.83
N ARG C 61 48.77 -62.69 16.78
CA ARG C 61 49.60 -62.55 17.98
C ARG C 61 49.07 -61.58 19.02
N GLY C 62 48.34 -60.57 18.57
CA GLY C 62 47.69 -59.65 19.47
C GLY C 62 46.53 -60.34 20.17
N LEU C 63 45.71 -61.03 19.38
CA LEU C 63 44.61 -61.81 19.90
C LEU C 63 45.11 -62.84 20.92
N THR C 64 46.28 -63.42 20.66
CA THR C 64 46.90 -64.35 21.60
C THR C 64 47.15 -63.68 22.94
N GLU C 65 47.70 -62.46 22.92
CA GLU C 65 48.02 -61.74 24.16
C GLU C 65 46.79 -61.49 25.02
N LYS C 66 45.65 -61.25 24.38
CA LYS C 66 44.44 -60.88 25.10
C LYS C 66 43.56 -62.07 25.49
N LEU C 67 44.09 -63.29 25.35
CA LEU C 67 43.34 -64.49 25.72
C LEU C 67 42.99 -64.54 27.19
N ASP C 68 43.83 -63.94 28.03
CA ASP C 68 43.56 -63.89 29.46
C ASP C 68 42.28 -63.14 29.78
N TYR C 69 42.00 -62.08 29.02
CA TYR C 69 40.75 -61.33 29.15
C TYR C 69 39.57 -62.21 28.79
N ILE C 70 39.69 -62.85 27.62
CA ILE C 70 38.65 -63.77 27.14
C ILE C 70 38.33 -64.85 28.17
N LYS C 71 39.38 -65.45 28.73
CA LYS C 71 39.25 -66.43 29.81
C LYS C 71 38.51 -65.85 31.01
N TRP C 72 38.91 -64.65 31.42
CA TRP C 72 38.31 -63.96 32.56
C TRP C 72 36.84 -63.65 32.33
N LEU C 73 36.48 -63.27 31.11
CA LEU C 73 35.10 -62.99 30.78
C LEU C 73 34.23 -64.24 30.98
N GLY C 74 34.79 -65.40 30.65
CA GLY C 74 34.13 -66.68 30.89
C GLY C 74 33.49 -67.30 29.67
N VAL C 75 33.93 -66.91 28.49
CA VAL C 75 33.45 -67.54 27.25
C VAL C 75 34.23 -68.83 27.02
N ASP C 76 33.59 -69.75 26.29
CA ASP C 76 34.10 -71.11 26.12
C ASP C 76 34.74 -71.35 24.77
N CYS C 77 34.29 -70.64 23.75
CA CYS C 77 34.80 -70.84 22.41
C CYS C 77 34.84 -69.54 21.60
N LEU C 78 35.96 -69.31 20.93
CA LEU C 78 36.13 -68.17 20.03
C LEU C 78 35.58 -68.54 18.67
N TRP C 79 34.86 -67.62 18.05
CA TRP C 79 34.45 -67.79 16.67
C TRP C 79 35.07 -66.67 15.86
N LEU C 80 36.01 -67.05 14.99
CA LEU C 80 36.74 -66.11 14.13
C LEU C 80 36.15 -66.09 12.71
N PRO C 81 35.75 -64.91 12.23
CA PRO C 81 35.36 -64.78 10.84
C PRO C 81 36.57 -64.99 9.94
N PRO C 82 36.37 -65.15 8.63
CA PRO C 82 37.42 -65.60 7.73
C PRO C 82 38.71 -64.77 7.79
N PHE C 83 39.84 -65.44 7.99
CA PHE C 83 41.13 -64.78 8.12
C PHE C 83 42.12 -65.30 7.07
N TYR C 84 41.61 -65.85 5.98
CA TYR C 84 42.47 -66.44 4.95
C TYR C 84 42.92 -65.35 4.01
N ASP C 85 44.02 -65.59 3.30
CA ASP C 85 44.55 -64.65 2.32
C ASP C 85 43.44 -64.28 1.38
N SER C 86 43.24 -62.98 1.17
CA SER C 86 42.10 -62.51 0.40
C SER C 86 42.36 -61.10 -0.13
N PRO C 87 41.81 -60.77 -1.30
CA PRO C 87 41.85 -59.39 -1.78
C PRO C 87 40.91 -58.47 -0.98
N LEU C 88 40.06 -59.07 -0.16
CA LEU C 88 39.20 -58.35 0.77
C LEU C 88 38.21 -57.41 0.08
N ARG C 89 37.80 -57.77 -1.14
CA ARG C 89 36.78 -57.01 -1.84
C ARG C 89 35.40 -57.27 -1.26
N ASP C 90 35.22 -58.41 -0.57
CA ASP C 90 33.99 -58.70 0.16
C ASP C 90 34.30 -59.14 1.58
N GLY C 91 34.92 -58.23 2.33
CA GLY C 91 35.24 -58.44 3.75
C GLY C 91 35.97 -59.73 4.11
N GLY C 92 36.68 -60.30 3.14
CA GLY C 92 37.41 -61.54 3.37
C GLY C 92 36.58 -62.81 3.24
N TYR C 93 35.31 -62.67 2.86
CA TYR C 93 34.48 -63.83 2.53
C TYR C 93 34.76 -64.32 1.10
N ASP C 94 35.64 -63.60 0.39
CA ASP C 94 36.18 -64.01 -0.91
C ASP C 94 37.61 -64.55 -0.74
N ILE C 95 37.72 -65.87 -0.54
CA ILE C 95 39.00 -66.47 -0.20
C ILE C 95 39.88 -66.70 -1.43
N ARG C 96 41.13 -66.26 -1.34
CA ARG C 96 42.09 -66.42 -2.43
C ARG C 96 42.96 -67.65 -2.23
N ASP C 97 43.22 -68.00 -0.98
CA ASP C 97 44.07 -69.16 -0.67
C ASP C 97 43.63 -69.76 0.65
N PHE C 98 43.12 -70.99 0.60
CA PHE C 98 42.60 -71.68 1.80
C PHE C 98 43.70 -72.09 2.78
N TYR C 99 44.93 -72.20 2.30
CA TYR C 99 46.03 -72.69 3.13
C TYR C 99 46.98 -71.58 3.55
N LYS C 100 46.55 -70.33 3.42
CA LYS C 100 47.40 -69.20 3.81
C LYS C 100 46.58 -68.19 4.56
N VAL C 101 47.01 -67.85 5.76
CA VAL C 101 46.38 -66.77 6.54
C VAL C 101 46.83 -65.43 5.96
N LEU C 102 45.91 -64.47 5.91
CA LEU C 102 46.19 -63.15 5.35
C LEU C 102 47.44 -62.56 6.00
N PRO C 103 48.42 -62.13 5.18
CA PRO C 103 49.72 -61.61 5.64
C PRO C 103 49.69 -60.71 6.88
N GLU C 104 48.74 -59.78 6.90
CA GLU C 104 48.66 -58.77 7.95
C GLU C 104 48.28 -59.34 9.31
N PHE C 105 47.66 -60.51 9.32
CA PHE C 105 47.29 -61.19 10.57
C PHE C 105 48.43 -62.09 11.06
N GLY C 106 49.21 -62.63 10.14
CA GLY C 106 50.39 -63.41 10.48
C GLY C 106 50.57 -64.63 9.62
N THR C 107 51.30 -65.61 10.14
CA THR C 107 51.54 -66.87 9.46
C THR C 107 50.66 -67.94 10.07
N VAL C 108 50.57 -69.07 9.38
CA VAL C 108 49.83 -70.24 9.85
C VAL C 108 50.38 -70.67 11.21
N ASP C 109 51.70 -70.54 11.39
CA ASP C 109 52.37 -70.82 12.66
C ASP C 109 51.81 -69.97 13.80
N ASP C 110 51.55 -68.69 13.51
CA ASP C 110 50.96 -67.79 14.48
C ASP C 110 49.56 -68.22 14.90
N PHE C 111 48.82 -68.84 13.96
CA PHE C 111 47.50 -69.41 14.27
C PHE C 111 47.63 -70.62 15.20
N VAL C 112 48.63 -71.47 14.97
CA VAL C 112 48.87 -72.61 15.84
C VAL C 112 49.24 -72.12 17.25
N THR C 113 50.07 -71.08 17.32
CA THR C 113 50.43 -70.44 18.59
C THR C 113 49.20 -69.96 19.35
N LEU C 114 48.24 -69.38 18.63
CA LEU C 114 46.96 -68.97 19.23
C LEU C 114 46.16 -70.19 19.73
N LEU C 115 46.07 -71.22 18.89
CA LEU C 115 45.33 -72.44 19.23
C LEU C 115 45.86 -73.07 20.52
N ASP C 116 47.16 -73.29 20.56
CA ASP C 116 47.82 -73.94 21.70
C ASP C 116 47.62 -73.12 22.99
N ALA C 117 47.79 -71.79 22.86
CA ALA C 117 47.62 -70.89 23.98
C ALA C 117 46.19 -70.87 24.46
N ALA C 118 45.24 -70.98 23.54
CA ALA C 118 43.81 -71.01 23.88
C ALA C 118 43.39 -72.35 24.51
N HIS C 119 43.85 -73.46 23.93
CA HIS C 119 43.55 -74.77 24.46
C HIS C 119 44.13 -74.95 25.85
N ARG C 120 45.30 -74.39 26.10
CA ARG C 120 45.94 -74.48 27.42
C ARG C 120 45.03 -73.97 28.54
N ARG C 121 44.18 -72.99 28.24
CA ARG C 121 43.21 -72.48 29.21
C ARG C 121 41.77 -72.90 28.84
N GLY C 122 41.65 -74.04 28.17
CA GLY C 122 40.36 -74.66 27.89
C GLY C 122 39.44 -73.96 26.90
N ILE C 123 39.97 -72.96 26.20
CA ILE C 123 39.18 -72.18 25.24
C ILE C 123 39.34 -72.78 23.85
N ARG C 124 38.22 -73.11 23.22
CA ARG C 124 38.21 -73.67 21.88
C ARG C 124 38.09 -72.59 20.82
N ILE C 125 38.44 -72.92 19.58
CA ILE C 125 38.36 -71.98 18.48
C ILE C 125 37.68 -72.61 17.27
N ILE C 126 36.68 -71.92 16.71
CA ILE C 126 36.10 -72.30 15.43
C ILE C 126 36.26 -71.14 14.45
N THR C 127 36.06 -71.41 13.16
CA THR C 127 36.22 -70.38 12.15
C THR C 127 35.22 -70.46 11.01
N ASP C 128 34.85 -69.30 10.46
CA ASP C 128 34.05 -69.24 9.23
C ASP C 128 34.87 -69.86 8.11
N LEU C 129 34.20 -70.68 7.29
CA LEU C 129 34.82 -71.25 6.09
C LEU C 129 33.79 -71.27 4.94
N VAL C 130 34.00 -70.41 3.97
CA VAL C 130 33.11 -70.31 2.83
C VAL C 130 33.32 -71.53 1.94
N MET C 131 32.23 -72.23 1.65
CA MET C 131 32.28 -73.47 0.88
C MET C 131 31.88 -73.29 -0.58
N ASN C 132 30.91 -72.40 -0.82
CA ASN C 132 30.28 -72.27 -2.14
C ASN C 132 31.15 -71.65 -3.23
N HIS C 133 31.95 -70.65 -2.86
CA HIS C 133 32.69 -69.87 -3.84
C HIS C 133 34.07 -69.49 -3.33
N THR C 134 34.99 -69.30 -4.27
CA THR C 134 36.31 -68.73 -3.98
C THR C 134 36.43 -67.39 -4.69
N SER C 135 37.46 -66.63 -4.34
CA SER C 135 37.74 -65.39 -5.03
C SER C 135 38.17 -65.70 -6.43
N ASP C 136 37.97 -64.76 -7.35
CA ASP C 136 38.41 -64.93 -8.75
C ASP C 136 39.92 -64.85 -8.88
N GLN C 137 40.58 -64.47 -7.79
CA GLN C 137 42.04 -64.42 -7.72
C GLN C 137 42.64 -65.71 -7.21
N HIS C 138 41.80 -66.65 -6.78
CA HIS C 138 42.28 -67.95 -6.31
C HIS C 138 42.99 -68.64 -7.46
N GLU C 139 44.10 -69.30 -7.16
CA GLU C 139 44.89 -69.98 -8.18
C GLU C 139 44.08 -70.92 -9.06
N TRP C 140 43.13 -71.63 -8.45
CA TRP C 140 42.22 -72.53 -9.17
C TRP C 140 41.49 -71.83 -10.31
N PHE C 141 40.85 -70.71 -10.01
CA PHE C 141 40.06 -69.99 -11.01
C PHE C 141 40.95 -69.38 -12.09
N GLN C 142 42.15 -68.93 -11.73
CA GLN C 142 43.11 -68.46 -12.72
C GLN C 142 43.59 -69.58 -13.63
N GLU C 143 43.70 -70.79 -13.08
CA GLU C 143 44.02 -71.98 -13.88
C GLU C 143 42.83 -72.46 -14.71
N SER C 144 41.62 -72.26 -14.20
CA SER C 144 40.42 -72.67 -14.93
C SER C 144 40.19 -71.81 -16.16
N ARG C 145 40.40 -70.51 -16.03
CA ARG C 145 40.18 -69.59 -17.14
C ARG C 145 41.32 -69.65 -18.16
N HIS C 146 42.56 -69.77 -17.69
CA HIS C 146 43.74 -69.79 -18.58
C HIS C 146 43.97 -71.16 -19.22
N ASN C 147 43.69 -72.23 -18.48
CA ASN C 147 43.84 -73.60 -18.99
C ASN C 147 42.52 -74.37 -18.90
N PRO C 148 41.60 -74.11 -19.85
CA PRO C 148 40.28 -74.72 -19.81
C PRO C 148 40.32 -76.24 -19.98
N ASP C 149 41.35 -76.74 -20.65
CA ASP C 149 41.52 -78.18 -20.83
C ASP C 149 42.47 -78.79 -19.80
N GLY C 150 42.94 -77.95 -18.88
CA GLY C 150 43.81 -78.39 -17.79
C GLY C 150 43.06 -79.19 -16.73
N PRO C 151 43.66 -79.30 -15.54
CA PRO C 151 43.05 -80.06 -14.45
C PRO C 151 42.06 -79.26 -13.60
N TYR C 152 41.93 -77.96 -13.89
CA TYR C 152 41.01 -77.09 -13.15
C TYR C 152 39.92 -76.50 -14.03
N GLY C 153 39.87 -76.93 -15.29
CA GLY C 153 38.88 -76.42 -16.23
C GLY C 153 37.45 -76.63 -15.78
N ASP C 154 37.21 -77.67 -15.00
CA ASP C 154 35.87 -77.99 -14.54
C ASP C 154 35.70 -77.75 -13.04
N PHE C 155 36.59 -76.94 -12.45
CA PHE C 155 36.48 -76.59 -11.03
C PHE C 155 35.41 -75.53 -10.77
N TYR C 156 35.03 -74.80 -11.80
CA TYR C 156 33.98 -73.77 -11.70
C TYR C 156 32.90 -74.01 -12.74
N VAL C 157 31.72 -73.44 -12.54
CA VAL C 157 30.58 -73.71 -13.39
C VAL C 157 30.64 -72.79 -14.61
N TRP C 158 31.04 -73.34 -15.76
CA TRP C 158 31.15 -72.56 -16.99
C TRP C 158 29.98 -72.82 -17.95
N SER C 159 29.73 -71.86 -18.85
CA SER C 159 28.66 -71.95 -19.82
C SER C 159 28.92 -71.07 -21.04
N ASP C 160 28.23 -71.35 -22.14
CA ASP C 160 28.36 -70.56 -23.35
C ASP C 160 27.29 -69.49 -23.46
N THR C 161 26.22 -69.62 -22.69
CA THR C 161 25.19 -68.58 -22.61
C THR C 161 24.79 -68.38 -21.18
N SER C 162 24.29 -67.19 -20.87
CA SER C 162 23.90 -66.83 -19.52
C SER C 162 22.43 -67.16 -19.29
N ASP C 163 21.99 -68.33 -19.75
CA ASP C 163 20.59 -68.72 -19.66
C ASP C 163 20.32 -69.70 -18.54
N ARG C 164 21.29 -70.55 -18.22
CA ARG C 164 21.06 -71.66 -17.29
C ARG C 164 20.57 -71.22 -15.90
N TYR C 165 19.99 -72.17 -15.18
CA TYR C 165 19.36 -71.93 -13.89
C TYR C 165 18.64 -70.58 -13.84
N PRO C 166 17.63 -70.39 -14.68
CA PRO C 166 16.97 -69.10 -14.66
C PRO C 166 16.02 -68.95 -13.47
N ASP C 167 15.70 -70.04 -12.78
CA ASP C 167 14.80 -69.97 -11.61
C ASP C 167 15.50 -69.42 -10.38
N ALA C 168 16.83 -69.53 -10.35
CA ALA C 168 17.62 -69.03 -9.22
C ALA C 168 17.60 -67.51 -9.22
N ARG C 169 17.41 -66.94 -8.04
CA ARG C 169 17.38 -65.48 -7.88
C ARG C 169 18.77 -64.89 -7.75
N ILE C 170 18.87 -63.59 -8.01
CA ILE C 170 20.11 -62.85 -7.79
C ILE C 170 20.09 -62.37 -6.35
N ILE C 171 21.04 -62.86 -5.54
CA ILE C 171 21.05 -62.54 -4.11
C ILE C 171 21.26 -61.05 -3.94
N PHE C 172 22.32 -60.51 -4.52
CA PHE C 172 22.53 -59.06 -4.52
C PHE C 172 21.94 -58.46 -5.79
N VAL C 173 20.62 -58.26 -5.76
CA VAL C 173 19.86 -57.85 -6.93
C VAL C 173 20.13 -56.41 -7.35
N ASP C 174 20.72 -55.63 -6.45
CA ASP C 174 21.02 -54.23 -6.73
C ASP C 174 22.44 -54.01 -7.23
N THR C 175 23.31 -55.01 -7.05
CA THR C 175 24.69 -54.90 -7.50
C THR C 175 24.93 -55.73 -8.76
N GLU C 176 24.42 -56.96 -8.78
CA GLU C 176 24.61 -57.85 -9.92
C GLU C 176 23.35 -57.89 -10.79
N GLU C 177 23.55 -57.80 -12.10
CA GLU C 177 22.46 -57.85 -13.08
C GLU C 177 22.16 -59.27 -13.51
N SER C 178 23.12 -60.17 -13.28
CA SER C 178 22.97 -61.57 -13.65
C SER C 178 23.82 -62.44 -12.74
N ASN C 179 23.49 -63.73 -12.68
CA ASN C 179 24.32 -64.69 -11.98
C ASN C 179 25.38 -65.30 -12.88
N TRP C 180 25.37 -64.92 -14.15
CA TRP C 180 26.41 -65.33 -15.09
C TRP C 180 27.21 -64.11 -15.47
N THR C 181 28.54 -64.21 -15.39
CA THR C 181 29.45 -63.12 -15.79
C THR C 181 30.43 -63.63 -16.86
N PHE C 182 30.72 -62.79 -17.85
CA PHE C 182 31.54 -63.20 -18.98
C PHE C 182 33.02 -62.97 -18.68
N ASP C 183 33.80 -64.05 -18.71
CA ASP C 183 35.25 -63.98 -18.51
C ASP C 183 35.94 -63.74 -19.84
N PRO C 184 36.77 -62.69 -19.94
CA PRO C 184 37.42 -62.35 -21.21
C PRO C 184 38.53 -63.31 -21.66
N VAL C 185 39.22 -63.91 -20.70
CA VAL C 185 40.31 -64.84 -21.01
C VAL C 185 39.79 -66.16 -21.56
N ARG C 186 38.84 -66.77 -20.85
CA ARG C 186 38.25 -68.04 -21.27
C ARG C 186 37.16 -67.87 -22.33
N ARG C 187 36.64 -66.65 -22.47
CA ARG C 187 35.57 -66.35 -23.44
C ARG C 187 34.29 -67.12 -23.12
N GLN C 188 34.00 -67.30 -21.84
CA GLN C 188 32.80 -68.03 -21.41
C GLN C 188 32.17 -67.39 -20.17
N PHE C 189 30.92 -67.73 -19.91
CA PHE C 189 30.23 -67.27 -18.70
C PHE C 189 30.56 -68.18 -17.53
N TYR C 190 30.69 -67.61 -16.33
CA TYR C 190 30.86 -68.40 -15.11
C TYR C 190 29.81 -68.05 -14.08
N TRP C 191 29.36 -69.06 -13.35
CA TRP C 191 28.25 -68.91 -12.41
C TRP C 191 28.77 -68.38 -11.09
N HIS C 192 27.97 -67.52 -10.46
CA HIS C 192 28.27 -67.00 -9.13
C HIS C 192 26.99 -66.50 -8.48
N ARG C 193 26.66 -67.02 -7.30
CA ARG C 193 25.46 -66.59 -6.58
C ARG C 193 25.67 -65.22 -5.99
N PHE C 194 26.89 -65.01 -5.50
CA PHE C 194 27.26 -63.77 -4.84
C PHE C 194 27.80 -62.78 -5.88
N PHE C 195 28.87 -62.06 -5.56
CA PHE C 195 29.37 -61.02 -6.46
C PHE C 195 30.15 -61.61 -7.63
N SER C 196 30.33 -60.82 -8.68
CA SER C 196 30.96 -61.29 -9.91
C SER C 196 32.40 -61.72 -9.76
N HIS C 197 33.05 -61.31 -8.67
CA HIS C 197 34.43 -61.70 -8.39
C HIS C 197 34.51 -62.86 -7.40
N GLN C 198 33.38 -63.53 -7.18
CA GLN C 198 33.32 -64.69 -6.28
C GLN C 198 32.69 -65.89 -6.99
N PRO C 199 33.38 -66.44 -7.99
CA PRO C 199 32.83 -67.50 -8.80
C PRO C 199 32.49 -68.74 -7.98
N ASP C 200 31.39 -69.39 -8.33
CA ASP C 200 30.93 -70.60 -7.63
C ASP C 200 31.77 -71.80 -8.00
N LEU C 201 32.13 -72.60 -7.00
CA LEU C 201 32.83 -73.86 -7.23
C LEU C 201 31.85 -74.86 -7.79
N ASN C 202 32.32 -75.68 -8.73
CA ASN C 202 31.51 -76.74 -9.33
C ASN C 202 31.59 -77.99 -8.50
N TYR C 203 30.55 -78.23 -7.70
CA TYR C 203 30.52 -79.37 -6.80
C TYR C 203 30.09 -80.67 -7.49
N ASP C 204 29.73 -80.59 -8.77
CA ASP C 204 29.46 -81.81 -9.54
C ASP C 204 30.75 -82.50 -9.91
N ASN C 205 31.85 -81.76 -10.01
CA ASN C 205 33.18 -82.33 -10.21
C ASN C 205 33.64 -83.04 -8.95
N PRO C 206 33.88 -84.36 -9.02
CA PRO C 206 34.34 -85.10 -7.85
C PRO C 206 35.64 -84.57 -7.28
N ALA C 207 36.53 -84.06 -8.12
CA ALA C 207 37.81 -83.50 -7.67
C ALA C 207 37.62 -82.30 -6.77
N VAL C 208 36.59 -81.50 -7.05
CA VAL C 208 36.26 -80.33 -6.23
C VAL C 208 35.83 -80.74 -4.83
N GLN C 209 35.00 -81.76 -4.74
CA GLN C 209 34.56 -82.28 -3.45
C GLN C 209 35.72 -82.76 -2.61
N GLU C 210 36.68 -83.42 -3.25
CA GLU C 210 37.86 -83.91 -2.55
C GLU C 210 38.80 -82.78 -2.14
N ALA C 211 38.90 -81.76 -2.98
CA ALA C 211 39.74 -80.61 -2.69
C ALA C 211 39.27 -79.90 -1.42
N MET C 212 37.97 -79.66 -1.33
CA MET C 212 37.38 -78.95 -0.21
C MET C 212 37.39 -79.78 1.06
N LEU C 213 37.27 -81.09 0.93
CA LEU C 213 37.41 -81.97 2.08
C LEU C 213 38.84 -81.98 2.61
N ASP C 214 39.82 -81.76 1.73
CA ASP C 214 41.23 -81.63 2.14
C ASP C 214 41.54 -80.29 2.83
N VAL C 215 40.79 -79.25 2.48
CA VAL C 215 40.87 -77.95 3.14
C VAL C 215 40.39 -78.10 4.58
N LEU C 216 39.24 -78.73 4.78
CA LEU C 216 38.76 -79.05 6.12
C LEU C 216 39.79 -79.84 6.91
N ARG C 217 40.32 -80.88 6.30
CA ARG C 217 41.29 -81.75 6.96
C ARG C 217 42.58 -81.05 7.33
N PHE C 218 42.97 -80.04 6.56
CA PHE C 218 44.18 -79.27 6.87
C PHE C 218 44.08 -78.58 8.22
N TRP C 219 43.04 -77.76 8.39
CA TRP C 219 42.87 -77.00 9.62
C TRP C 219 42.50 -77.91 10.80
N LEU C 220 41.80 -79.00 10.54
CA LEU C 220 41.51 -80.00 11.56
C LEU C 220 42.77 -80.75 12.04
N ASP C 221 43.72 -80.97 11.14
CA ASP C 221 45.02 -81.54 11.49
C ASP C 221 45.82 -80.58 12.36
N LEU C 222 45.78 -79.29 12.03
CA LEU C 222 46.40 -78.25 12.87
C LEU C 222 45.79 -78.22 14.27
N GLY C 223 44.55 -78.69 14.40
CA GLY C 223 43.90 -78.88 15.68
C GLY C 223 42.76 -77.93 15.95
N ILE C 224 42.16 -77.35 14.91
CA ILE C 224 41.03 -76.44 15.08
C ILE C 224 39.84 -77.23 15.60
N ASP C 225 38.95 -76.58 16.34
CA ASP C 225 37.87 -77.29 17.01
C ASP C 225 36.61 -77.45 16.14
N GLY C 226 36.47 -76.62 15.12
CA GLY C 226 35.33 -76.75 14.22
C GLY C 226 35.25 -75.69 13.15
N PHE C 227 34.16 -75.69 12.40
CA PHE C 227 33.95 -74.70 11.37
C PHE C 227 32.51 -74.23 11.38
N ARG C 228 32.29 -73.04 10.82
CA ARG C 228 30.97 -72.61 10.41
C ARG C 228 30.97 -72.59 8.89
N LEU C 229 30.28 -73.55 8.29
CA LEU C 229 30.24 -73.69 6.84
C LEU C 229 29.29 -72.64 6.22
N ASP C 230 29.87 -71.63 5.59
CA ASP C 230 29.12 -70.50 5.04
C ASP C 230 28.63 -70.78 3.63
N ALA C 231 27.45 -70.24 3.33
CA ALA C 231 26.85 -70.29 1.98
C ALA C 231 26.63 -71.70 1.45
N VAL C 232 26.43 -72.67 2.35
CA VAL C 232 26.22 -74.07 1.94
C VAL C 232 24.94 -74.35 1.17
N PRO C 233 23.86 -73.56 1.37
CA PRO C 233 22.66 -73.87 0.60
C PRO C 233 22.80 -73.68 -0.91
N TYR C 234 23.84 -72.99 -1.34
CA TYR C 234 24.04 -72.66 -2.75
C TYR C 234 25.10 -73.50 -3.48
N LEU C 235 25.58 -74.56 -2.82
CA LEU C 235 26.61 -75.42 -3.39
C LEU C 235 26.17 -75.98 -4.75
N PHE C 236 25.18 -76.87 -4.75
CA PHE C 236 24.74 -77.53 -5.98
C PHE C 236 23.69 -76.70 -6.71
N GLU C 237 23.73 -76.77 -8.04
CA GLU C 237 22.78 -76.09 -8.92
C GLU C 237 22.11 -77.11 -9.82
N ARG C 238 20.78 -77.12 -9.86
CA ARG C 238 20.03 -78.03 -10.74
C ARG C 238 18.95 -77.29 -11.49
N GLU C 239 18.70 -77.72 -12.73
CA GLU C 239 17.68 -77.11 -13.59
C GLU C 239 16.28 -77.33 -13.03
N GLY C 240 15.39 -76.38 -13.29
CA GLY C 240 14.02 -76.46 -12.81
C GLY C 240 13.84 -76.24 -11.32
N THR C 241 14.87 -75.72 -10.67
CA THR C 241 14.81 -75.41 -9.24
C THR C 241 15.51 -74.10 -8.97
N ASN C 242 15.23 -73.52 -7.82
CA ASN C 242 15.89 -72.27 -7.39
C ASN C 242 17.33 -72.45 -6.93
N CYS C 243 17.87 -73.65 -7.10
CA CYS C 243 19.25 -73.96 -6.76
C CYS C 243 19.57 -73.67 -5.29
N GLU C 244 18.62 -74.01 -4.42
CA GLU C 244 18.78 -73.87 -2.98
C GLU C 244 18.34 -75.14 -2.25
N ASN C 245 19.17 -75.60 -1.32
CA ASN C 245 18.85 -76.75 -0.46
C ASN C 245 18.55 -78.02 -1.23
N LEU C 246 19.27 -78.24 -2.32
CA LEU C 246 19.06 -79.43 -3.15
C LEU C 246 19.59 -80.67 -2.43
N PRO C 247 19.00 -81.84 -2.70
CA PRO C 247 19.41 -83.08 -2.03
C PRO C 247 20.91 -83.37 -2.08
N GLU C 248 21.53 -83.15 -3.24
CA GLU C 248 22.99 -83.37 -3.40
C GLU C 248 23.84 -82.45 -2.50
N THR C 249 23.33 -81.25 -2.21
CA THR C 249 23.97 -80.34 -1.27
C THR C 249 24.05 -80.99 0.11
N HIS C 250 22.91 -81.45 0.60
CA HIS C 250 22.86 -82.14 1.88
C HIS C 250 23.74 -83.39 1.89
N ALA C 251 23.76 -84.11 0.76
CA ALA C 251 24.55 -85.33 0.63
C ALA C 251 26.02 -85.07 0.83
N PHE C 252 26.53 -83.96 0.31
CA PHE C 252 27.92 -83.57 0.50
C PHE C 252 28.22 -83.24 1.97
N LEU C 253 27.30 -82.52 2.63
CA LEU C 253 27.45 -82.19 4.04
C LEU C 253 27.54 -83.44 4.91
N LYS C 254 26.82 -84.49 4.52
CA LYS C 254 26.86 -85.75 5.25
C LYS C 254 28.27 -86.35 5.23
N ARG C 255 28.97 -86.16 4.12
CA ARG C 255 30.36 -86.61 4.00
C ARG C 255 31.26 -85.85 4.97
N CYS C 256 31.07 -84.54 5.05
CA CYS C 256 31.85 -83.71 5.97
C CYS C 256 31.67 -84.16 7.42
N ARG C 257 30.43 -84.48 7.79
CA ARG C 257 30.14 -84.99 9.14
C ARG C 257 30.84 -86.31 9.38
N LYS C 258 30.72 -87.23 8.42
CA LYS C 258 31.36 -88.54 8.52
C LYS C 258 32.88 -88.40 8.69
N ALA C 259 33.47 -87.50 7.88
CA ALA C 259 34.91 -87.22 7.97
C ALA C 259 35.31 -86.69 9.34
N ILE C 260 34.45 -85.87 9.94
CA ILE C 260 34.65 -85.39 11.30
C ILE C 260 34.55 -86.54 12.30
N ASP C 261 33.44 -87.27 12.26
CA ASP C 261 33.17 -88.36 13.21
C ASP C 261 34.20 -89.49 13.13
N ASP C 262 34.67 -89.77 11.92
CA ASP C 262 35.62 -90.86 11.72
C ASP C 262 37.07 -90.50 12.10
N GLU C 263 37.50 -89.29 11.71
CA GLU C 263 38.90 -88.88 11.85
C GLU C 263 39.19 -88.04 13.08
N TYR C 264 38.27 -87.14 13.42
CA TYR C 264 38.46 -86.24 14.55
C TYR C 264 37.19 -86.17 15.41
N PRO C 265 37.01 -87.16 16.29
CA PRO C 265 35.85 -87.09 17.18
C PRO C 265 35.90 -85.88 18.12
N GLY C 266 34.74 -85.28 18.37
CA GLY C 266 34.63 -84.15 19.29
C GLY C 266 34.82 -82.78 18.66
N ARG C 267 34.78 -82.72 17.33
CA ARG C 267 34.82 -81.45 16.62
C ARG C 267 33.41 -81.07 16.19
N VAL C 268 33.21 -79.83 15.78
CA VAL C 268 31.86 -79.34 15.48
C VAL C 268 31.75 -78.75 14.07
N LEU C 269 30.54 -78.81 13.50
CA LEU C 269 30.23 -78.25 12.18
C LEU C 269 28.98 -77.38 12.27
N LEU C 270 29.16 -76.07 12.25
CA LEU C 270 28.04 -75.13 12.25
C LEU C 270 27.57 -74.81 10.81
N ALA C 271 26.27 -74.70 10.62
CA ALA C 271 25.71 -74.40 9.32
C ALA C 271 25.11 -73.00 9.30
N GLU C 272 25.77 -72.11 8.56
CA GLU C 272 25.19 -70.81 8.27
C GLU C 272 24.16 -71.01 7.16
N ALA C 273 22.90 -71.19 7.56
CA ALA C 273 21.79 -71.27 6.62
C ALA C 273 20.76 -70.23 7.03
N ASN C 274 20.62 -69.20 6.19
CA ASN C 274 19.78 -68.05 6.53
C ASN C 274 18.34 -68.25 6.07
N GLN C 275 17.67 -69.21 6.69
CA GLN C 275 16.32 -69.60 6.28
C GLN C 275 15.42 -69.80 7.47
N TRP C 276 14.13 -69.95 7.20
CA TRP C 276 13.14 -70.13 8.24
C TRP C 276 13.46 -71.43 9.00
N PRO C 277 13.26 -71.45 10.32
CA PRO C 277 13.50 -72.63 11.16
C PRO C 277 13.02 -73.97 10.58
N ALA C 278 11.82 -73.98 10.02
CA ALA C 278 11.26 -75.20 9.45
C ALA C 278 12.09 -75.75 8.28
N ASP C 279 12.91 -74.90 7.66
CA ASP C 279 13.77 -75.31 6.54
C ASP C 279 15.13 -75.77 7.01
N VAL C 280 15.73 -75.04 7.95
CA VAL C 280 17.10 -75.32 8.40
C VAL C 280 17.22 -76.61 9.20
N VAL C 281 16.11 -77.10 9.73
CA VAL C 281 16.10 -78.39 10.45
C VAL C 281 16.58 -79.57 9.58
N ALA C 282 16.48 -79.41 8.26
CA ALA C 282 17.00 -80.40 7.33
C ALA C 282 18.55 -80.48 7.33
N TYR C 283 19.20 -79.40 7.77
CA TYR C 283 20.66 -79.34 7.80
C TYR C 283 21.29 -80.07 8.99
N PHE C 284 20.45 -80.49 9.95
CA PHE C 284 20.92 -81.35 11.04
C PHE C 284 21.00 -82.81 10.59
N GLY C 285 20.27 -83.13 9.51
CA GLY C 285 20.36 -84.43 8.87
C GLY C 285 19.23 -85.38 9.24
N ASP C 286 19.34 -86.61 8.77
CA ASP C 286 18.35 -87.65 9.04
C ASP C 286 18.19 -87.85 10.56
N PRO C 287 16.97 -87.60 11.09
CA PRO C 287 16.76 -87.70 12.53
C PRO C 287 16.74 -89.13 13.06
N ASP C 288 16.58 -90.11 12.17
CA ASP C 288 16.62 -91.53 12.58
C ASP C 288 17.98 -91.91 13.16
N THR C 289 19.04 -91.43 12.52
CA THR C 289 20.40 -91.65 13.01
C THR C 289 20.81 -90.66 14.11
N GLY C 290 19.92 -89.73 14.45
CA GLY C 290 20.18 -88.74 15.49
C GLY C 290 21.08 -87.62 15.00
N GLY C 291 21.13 -87.44 13.69
CA GLY C 291 21.97 -86.42 13.05
C GLY C 291 23.12 -87.01 12.27
N ASP C 292 23.25 -86.62 11.02
CA ASP C 292 24.38 -87.03 10.18
C ASP C 292 24.87 -85.94 9.24
N GLU C 293 24.50 -84.69 9.52
CA GLU C 293 24.98 -83.54 8.76
C GLU C 293 25.66 -82.55 9.73
N CYS C 294 25.05 -81.40 9.98
CA CYS C 294 25.66 -80.42 10.87
C CYS C 294 25.24 -80.64 12.30
N HIS C 295 26.12 -80.26 13.22
CA HIS C 295 25.83 -80.35 14.64
C HIS C 295 24.97 -79.17 15.07
N MET C 296 25.26 -78.00 14.51
CA MET C 296 24.54 -76.78 14.85
C MET C 296 24.08 -76.03 13.62
N ALA C 297 22.96 -75.35 13.73
CA ALA C 297 22.52 -74.36 12.74
C ALA C 297 22.01 -73.16 13.53
N PHE C 298 21.86 -72.01 12.88
CA PHE C 298 21.44 -70.82 13.59
C PHE C 298 19.94 -70.55 13.47
N HIS C 299 19.32 -70.32 14.62
CA HIS C 299 17.92 -69.92 14.70
C HIS C 299 17.86 -68.42 14.47
N PHE C 300 17.76 -68.04 13.20
CA PHE C 300 17.97 -66.66 12.79
C PHE C 300 16.88 -65.64 13.20
N PRO C 301 15.59 -66.02 13.13
CA PRO C 301 14.56 -65.04 13.39
C PRO C 301 14.22 -64.82 14.87
N LEU C 302 14.99 -65.42 15.78
CA LEU C 302 14.74 -65.25 17.21
C LEU C 302 14.84 -63.77 17.61
N MET C 303 15.95 -63.12 17.27
CA MET C 303 16.19 -61.74 17.69
C MET C 303 15.16 -60.76 17.15
N PRO C 304 14.85 -60.81 15.84
CA PRO C 304 13.79 -59.95 15.33
C PRO C 304 12.48 -60.11 16.08
N ARG C 305 12.17 -61.33 16.48
CA ARG C 305 10.95 -61.58 17.24
C ARG C 305 11.07 -61.04 18.65
N ILE C 306 12.18 -61.33 19.33
CA ILE C 306 12.39 -60.80 20.67
C ILE C 306 12.30 -59.28 20.64
N PHE C 307 12.91 -58.68 19.63
CA PHE C 307 12.91 -57.22 19.44
C PHE C 307 11.47 -56.69 19.34
N MET C 308 10.70 -57.23 18.40
CA MET C 308 9.31 -56.81 18.21
C MET C 308 8.44 -57.13 19.40
N ALA C 309 8.78 -58.18 20.14
CA ALA C 309 8.05 -58.54 21.34
C ALA C 309 8.18 -57.47 22.43
N VAL C 310 9.37 -56.91 22.59
CA VAL C 310 9.60 -55.83 23.56
C VAL C 310 8.94 -54.55 23.06
N ARG C 311 8.93 -54.35 21.74
CA ARG C 311 8.26 -53.20 21.12
C ARG C 311 6.78 -53.20 21.42
N ARG C 312 6.14 -54.35 21.23
CA ARG C 312 4.69 -54.50 21.48
C ARG C 312 4.37 -54.61 22.97
N GLU C 313 5.36 -54.97 23.78
CA GLU C 313 5.17 -55.30 25.18
C GLU C 313 4.24 -56.49 25.31
N SER C 314 4.43 -57.45 24.40
CA SER C 314 3.65 -58.68 24.35
C SER C 314 4.59 -59.84 24.16
N ARG C 315 4.32 -60.94 24.86
CA ARG C 315 5.21 -62.10 24.85
C ARG C 315 5.10 -62.93 23.59
N PHE C 316 4.02 -62.75 22.85
CA PHE C 316 3.61 -63.73 21.84
C PHE C 316 4.47 -63.84 20.60
N PRO C 317 5.08 -62.74 20.15
CA PRO C 317 6.01 -62.90 19.03
C PRO C 317 7.22 -63.81 19.36
N ILE C 318 7.61 -63.87 20.63
CA ILE C 318 8.63 -64.83 21.06
C ILE C 318 8.03 -66.23 21.14
N SER C 319 6.91 -66.35 21.85
CA SER C 319 6.21 -67.64 22.01
C SER C 319 5.96 -68.35 20.68
N GLU C 320 5.58 -67.58 19.66
CA GLU C 320 5.15 -68.14 18.39
C GLU C 320 6.25 -68.91 17.69
N ILE C 321 7.40 -68.28 17.45
CA ILE C 321 8.53 -68.96 16.79
C ILE C 321 9.11 -70.11 17.62
N LEU C 322 9.02 -70.01 18.94
CA LEU C 322 9.44 -71.10 19.80
C LEU C 322 8.48 -72.28 19.66
N ALA C 323 7.19 -72.00 19.54
CA ALA C 323 6.19 -73.04 19.32
C ALA C 323 6.29 -73.63 17.91
N GLN C 324 6.61 -72.79 16.93
CA GLN C 324 6.65 -73.22 15.53
C GLN C 324 8.01 -73.76 15.10
N THR C 325 8.96 -73.84 16.01
CA THR C 325 10.25 -74.46 15.71
C THR C 325 10.14 -75.98 15.83
N PRO C 326 10.46 -76.70 14.74
CA PRO C 326 10.38 -78.16 14.80
C PRO C 326 11.47 -78.76 15.68
N PRO C 327 11.23 -79.97 16.21
CA PRO C 327 12.24 -80.63 17.02
C PRO C 327 13.46 -81.05 16.18
N ILE C 328 14.63 -81.02 16.81
CA ILE C 328 15.90 -81.34 16.13
C ILE C 328 16.50 -82.62 16.70
N PRO C 329 17.46 -83.23 15.97
CA PRO C 329 18.09 -84.47 16.43
C PRO C 329 18.78 -84.38 17.80
N ASP C 330 19.18 -85.54 18.32
CA ASP C 330 19.72 -85.66 19.68
C ASP C 330 21.09 -85.00 19.82
N THR C 331 21.96 -85.24 18.84
CA THR C 331 23.26 -84.57 18.78
C THR C 331 23.12 -83.06 18.58
N ALA C 332 22.11 -82.67 17.80
CA ALA C 332 21.95 -81.30 17.33
C ALA C 332 21.73 -80.29 18.43
N GLN C 333 22.09 -79.04 18.14
CA GLN C 333 21.87 -77.92 19.04
C GLN C 333 21.66 -76.65 18.25
N TRP C 334 20.67 -75.85 18.65
CA TRP C 334 20.43 -74.58 18.01
C TRP C 334 21.50 -73.57 18.42
N GLY C 335 21.80 -72.64 17.52
CA GLY C 335 22.71 -71.53 17.81
C GLY C 335 21.89 -70.27 17.76
N ILE C 336 22.03 -69.41 18.76
CA ILE C 336 21.26 -68.16 18.79
C ILE C 336 22.15 -66.97 19.09
N PHE C 337 21.89 -65.85 18.44
CA PHE C 337 22.59 -64.60 18.76
C PHE C 337 21.64 -63.41 18.64
N LEU C 338 22.06 -62.27 19.18
CA LEU C 338 21.20 -61.09 19.27
C LEU C 338 21.42 -60.12 18.12
N ARG C 339 21.22 -60.59 16.89
CA ARG C 339 21.32 -59.71 15.71
C ARG C 339 20.19 -59.96 14.71
N ASN C 340 19.87 -58.94 13.93
CA ASN C 340 18.76 -59.02 12.99
C ASN C 340 19.19 -59.42 11.58
N HIS C 341 20.48 -59.34 11.25
CA HIS C 341 20.94 -59.66 9.90
C HIS C 341 22.05 -60.68 9.82
N ASP C 342 22.02 -61.44 8.74
CA ASP C 342 23.06 -62.42 8.45
C ASP C 342 24.27 -61.68 7.89
N GLU C 343 25.43 -61.84 8.54
CA GLU C 343 26.68 -61.15 8.13
C GLU C 343 27.16 -61.44 6.70
N LEU C 344 26.74 -62.57 6.13
CA LEU C 344 27.09 -62.94 4.75
C LEU C 344 26.35 -62.08 3.72
N THR C 345 25.01 -62.11 3.78
CA THR C 345 24.17 -61.48 2.77
C THR C 345 23.59 -60.15 3.23
N LEU C 346 23.74 -59.85 4.51
CA LEU C 346 23.11 -58.67 5.11
C LEU C 346 21.59 -58.67 4.89
N GLU C 347 20.98 -59.85 4.98
CA GLU C 347 19.53 -59.99 4.83
C GLU C 347 18.94 -60.50 6.13
N MET C 348 17.81 -59.95 6.53
CA MET C 348 17.07 -60.47 7.67
C MET C 348 16.20 -61.59 7.18
N VAL C 349 16.33 -62.76 7.80
CA VAL C 349 15.49 -63.91 7.42
C VAL C 349 14.00 -63.61 7.59
N THR C 350 13.22 -64.02 6.59
CA THR C 350 11.77 -63.95 6.70
C THR C 350 11.12 -64.85 5.65
N ASP C 351 9.96 -65.39 6.00
CA ASP C 351 9.20 -66.23 5.09
C ASP C 351 7.83 -65.57 4.92
N GLU C 352 7.49 -65.21 3.69
CA GLU C 352 6.25 -64.50 3.44
C GLU C 352 5.02 -65.25 3.96
N GLU C 353 5.02 -66.58 3.86
CA GLU C 353 3.90 -67.40 4.33
C GLU C 353 3.99 -67.70 5.81
N ARG C 354 5.10 -68.31 6.22
CA ARG C 354 5.21 -68.85 7.57
C ARG C 354 5.52 -67.82 8.68
N ASP C 355 5.96 -66.62 8.30
CA ASP C 355 6.17 -65.54 9.28
C ASP C 355 4.91 -64.68 9.30
N TYR C 356 4.26 -64.59 10.46
CA TYR C 356 3.08 -63.78 10.60
C TYR C 356 3.44 -62.32 10.85
N MET C 357 4.68 -62.09 11.30
CA MET C 357 5.19 -60.74 11.49
C MET C 357 5.78 -60.15 10.18
N TYR C 358 5.55 -60.82 9.05
CA TYR C 358 6.17 -60.46 7.77
C TYR C 358 6.02 -58.99 7.40
N ALA C 359 4.79 -58.52 7.30
CA ALA C 359 4.52 -57.11 6.96
C ALA C 359 4.82 -56.15 8.13
N GLU C 360 4.75 -56.68 9.36
CA GLU C 360 4.88 -55.89 10.58
C GLU C 360 6.22 -55.15 10.70
N TYR C 361 7.31 -55.81 10.30
CA TYR C 361 8.66 -55.27 10.53
C TYR C 361 8.87 -53.94 9.82
N ALA C 362 8.59 -53.92 8.52
CA ALA C 362 8.78 -52.71 7.72
C ALA C 362 7.97 -51.52 8.24
N LYS C 363 6.86 -51.79 8.90
CA LYS C 363 6.03 -50.73 9.45
C LYS C 363 6.61 -50.14 10.74
N ASP C 364 7.45 -50.89 11.45
CA ASP C 364 8.08 -50.38 12.67
C ASP C 364 9.19 -49.38 12.32
N PRO C 365 9.16 -48.18 12.92
CA PRO C 365 10.13 -47.13 12.59
C PRO C 365 11.58 -47.50 12.95
N ARG C 366 11.75 -48.22 14.05
CA ARG C 366 13.08 -48.62 14.52
C ARG C 366 13.69 -49.68 13.62
N MET C 367 12.90 -50.70 13.29
CA MET C 367 13.31 -51.78 12.41
C MET C 367 13.65 -51.24 11.03
N LYS C 368 12.80 -50.33 10.54
CA LYS C 368 12.92 -49.75 9.20
C LYS C 368 14.24 -48.99 9.02
N ALA C 369 14.74 -48.40 10.10
CA ALA C 369 15.92 -47.56 10.06
C ALA C 369 17.19 -48.33 9.81
N ASN C 370 17.26 -49.57 10.29
CA ASN C 370 18.50 -50.35 10.22
C ASN C 370 18.45 -51.51 9.23
N VAL C 371 17.54 -51.45 8.26
CA VAL C 371 17.39 -52.51 7.28
C VAL C 371 18.69 -52.62 6.50
N GLY C 372 19.28 -53.81 6.51
CA GLY C 372 20.49 -54.11 5.77
C GLY C 372 21.80 -53.71 6.40
N ILE C 373 21.78 -53.28 7.67
CA ILE C 373 22.98 -52.82 8.35
C ILE C 373 23.15 -53.59 9.64
N ARG C 374 24.35 -54.09 9.89
CA ARG C 374 24.67 -54.72 11.17
C ARG C 374 24.78 -53.64 12.26
N ARG C 375 24.10 -53.85 13.38
CA ARG C 375 24.16 -52.94 14.50
C ARG C 375 24.46 -53.73 15.74
N ARG C 376 25.16 -53.10 16.67
CA ARG C 376 25.41 -53.73 17.96
C ARG C 376 24.22 -53.68 18.88
N LEU C 377 24.31 -54.46 19.95
CA LEU C 377 23.22 -54.59 20.89
C LEU C 377 22.89 -53.25 21.52
N ALA C 378 23.91 -52.51 21.96
CA ALA C 378 23.68 -51.25 22.67
C ALA C 378 22.95 -50.23 21.80
N PRO C 379 23.41 -49.96 20.57
CA PRO C 379 22.65 -49.05 19.73
C PRO C 379 21.28 -49.57 19.33
N LEU C 380 21.16 -50.86 19.09
CA LEU C 380 19.86 -51.45 18.74
C LEU C 380 18.78 -51.16 19.78
N LEU C 381 19.17 -51.09 21.05
CA LEU C 381 18.25 -50.81 22.14
C LEU C 381 18.40 -49.37 22.66
N GLU C 382 18.96 -48.49 21.84
CA GLU C 382 19.13 -47.08 22.19
C GLU C 382 19.84 -46.90 23.52
N ASN C 383 20.85 -47.73 23.76
CA ASN C 383 21.70 -47.66 24.94
C ASN C 383 20.98 -47.81 26.29
N ASP C 384 19.77 -48.35 26.25
CA ASP C 384 19.00 -48.58 27.47
C ASP C 384 19.61 -49.76 28.22
N ARG C 385 20.23 -49.46 29.36
CA ARG C 385 20.94 -50.47 30.15
C ARG C 385 20.01 -51.58 30.61
N ASN C 386 18.81 -51.22 31.04
CA ASN C 386 17.85 -52.20 31.53
C ASN C 386 17.44 -53.17 30.43
N GLN C 387 17.32 -52.66 29.20
CA GLN C 387 17.00 -53.50 28.04
C GLN C 387 18.16 -54.39 27.65
N ILE C 388 19.36 -53.82 27.60
CA ILE C 388 20.56 -54.58 27.28
C ILE C 388 20.66 -55.79 28.19
N GLU C 389 20.34 -55.61 29.47
CA GLU C 389 20.33 -56.71 30.43
C GLU C 389 19.24 -57.74 30.10
N LEU C 390 18.04 -57.28 29.80
CA LEU C 390 16.92 -58.17 29.48
C LEU C 390 17.22 -59.05 28.28
N PHE C 391 17.67 -58.45 27.19
CA PHE C 391 17.99 -59.17 25.96
C PHE C 391 19.11 -60.15 26.19
N THR C 392 20.12 -59.74 26.95
CA THR C 392 21.20 -60.64 27.32
C THR C 392 20.66 -61.79 28.18
N ALA C 393 19.80 -61.45 29.14
CA ALA C 393 19.20 -62.45 30.02
C ALA C 393 18.40 -63.49 29.24
N LEU C 394 17.72 -63.05 28.17
CA LEU C 394 16.95 -63.98 27.33
C LEU C 394 17.89 -64.85 26.51
N LEU C 395 18.94 -64.26 25.96
CA LEU C 395 19.92 -64.98 25.16
C LEU C 395 20.54 -66.14 25.91
N LEU C 396 20.84 -65.92 27.19
CA LEU C 396 21.52 -66.92 27.99
C LEU C 396 20.58 -68.00 28.54
N SER C 397 19.28 -67.70 28.65
CA SER C 397 18.31 -68.63 29.26
C SER C 397 17.42 -69.37 28.26
N LEU C 398 17.37 -68.89 27.00
CA LEU C 398 16.56 -69.55 25.97
C LEU C 398 17.31 -70.76 25.42
N PRO C 399 16.56 -71.73 24.84
CA PRO C 399 17.16 -72.98 24.35
C PRO C 399 18.17 -72.76 23.25
N GLY C 400 19.27 -73.52 23.29
CA GLY C 400 20.32 -73.43 22.27
C GLY C 400 21.57 -72.76 22.81
N SER C 401 22.66 -72.88 22.09
CA SER C 401 23.93 -72.29 22.51
C SER C 401 24.08 -70.85 21.99
N PRO C 402 24.36 -69.90 22.91
CA PRO C 402 24.40 -68.48 22.59
C PRO C 402 25.73 -68.01 22.06
N VAL C 403 25.69 -67.00 21.20
CA VAL C 403 26.89 -66.37 20.66
C VAL C 403 26.92 -64.89 21.04
N LEU C 404 27.95 -64.49 21.77
CA LEU C 404 28.18 -63.09 22.10
C LEU C 404 29.04 -62.48 21.02
N TYR C 405 28.78 -61.23 20.68
CA TYR C 405 29.61 -60.49 19.74
C TYR C 405 30.55 -59.60 20.53
N TYR C 406 31.82 -59.56 20.11
CA TYR C 406 32.86 -58.82 20.83
C TYR C 406 32.52 -57.32 21.02
N GLY C 407 32.81 -56.85 22.21
CA GLY C 407 32.51 -55.46 22.55
C GLY C 407 31.12 -55.22 23.08
N ASP C 408 30.21 -56.16 22.89
CA ASP C 408 28.86 -56.00 23.44
C ASP C 408 28.86 -56.13 24.95
N GLU C 409 29.88 -56.79 25.51
CA GLU C 409 29.98 -56.95 26.95
C GLU C 409 30.22 -55.62 27.67
N ILE C 410 30.86 -54.67 27.01
CA ILE C 410 31.06 -53.33 27.57
C ILE C 410 30.13 -52.29 26.94
N GLY C 411 29.21 -52.76 26.09
CA GLY C 411 28.22 -51.87 25.51
C GLY C 411 28.82 -50.88 24.53
N MET C 412 29.65 -51.39 23.62
CA MET C 412 30.21 -50.57 22.55
C MET C 412 29.11 -50.26 21.56
N GLY C 413 29.34 -49.22 20.78
CA GLY C 413 28.40 -48.82 19.73
C GLY C 413 28.91 -49.22 18.36
N ASP C 414 28.40 -48.53 17.36
CA ASP C 414 28.85 -48.75 15.99
C ASP C 414 28.95 -47.43 15.22
N ILE C 415 29.62 -47.50 14.07
CA ILE C 415 29.72 -46.38 13.16
C ILE C 415 29.12 -46.83 11.83
N ILE C 416 27.85 -46.50 11.61
CA ILE C 416 27.11 -46.98 10.43
C ILE C 416 27.69 -46.52 9.10
N TRP C 417 28.36 -45.37 9.09
CA TRP C 417 28.82 -44.76 7.84
C TRP C 417 30.03 -45.46 7.25
N LEU C 418 30.68 -46.32 8.03
CA LEU C 418 31.84 -47.07 7.54
C LEU C 418 31.46 -48.19 6.56
N GLY C 419 30.20 -48.58 6.55
CA GLY C 419 29.73 -49.68 5.69
C GLY C 419 28.74 -50.57 6.43
N ASP C 420 27.88 -51.23 5.68
CA ASP C 420 26.79 -52.01 6.28
C ASP C 420 27.27 -53.20 7.12
N ARG C 421 28.48 -53.68 6.86
CA ARG C 421 29.04 -54.76 7.64
C ARG C 421 30.20 -54.26 8.52
N ASP C 422 30.96 -53.26 8.05
CA ASP C 422 32.08 -52.71 8.83
C ASP C 422 31.59 -51.96 10.05
N SER C 423 30.37 -51.46 10.02
CA SER C 423 29.77 -50.75 11.15
C SER C 423 30.04 -51.39 12.50
N VAL C 424 30.05 -52.72 12.55
CA VAL C 424 30.25 -53.43 13.82
C VAL C 424 31.66 -54.02 13.96
N ARG C 425 32.60 -53.52 13.18
CA ARG C 425 33.94 -54.11 13.11
C ARG C 425 35.02 -53.10 13.43
N THR C 426 34.66 -52.08 14.21
CA THR C 426 35.62 -51.09 14.65
C THR C 426 36.59 -51.75 15.68
N PRO C 427 37.66 -51.05 16.07
CA PRO C 427 38.57 -51.64 17.05
C PRO C 427 37.95 -51.80 18.43
N MET C 428 38.38 -52.85 19.13
CA MET C 428 37.95 -53.12 20.49
C MET C 428 38.50 -52.03 21.37
N GLN C 429 37.64 -51.47 22.20
CA GLN C 429 38.00 -50.32 23.02
C GLN C 429 38.51 -50.77 24.39
N TRP C 430 39.83 -50.86 24.53
CA TRP C 430 40.48 -51.39 25.73
C TRP C 430 40.69 -50.36 26.84
N THR C 431 41.13 -49.17 26.48
CA THR C 431 41.38 -48.08 27.44
C THR C 431 40.93 -46.77 26.85
N PRO C 432 40.91 -45.70 27.65
CA PRO C 432 40.67 -44.36 27.09
C PRO C 432 41.93 -43.70 26.56
N ASP C 433 42.99 -44.48 26.32
CA ASP C 433 44.24 -43.95 25.77
C ASP C 433 44.11 -43.82 24.27
N ARG C 434 45.13 -43.22 23.66
CA ARG C 434 45.20 -43.07 22.22
C ARG C 434 44.87 -44.37 21.50
N ASN C 435 44.02 -44.28 20.47
CA ASN C 435 43.51 -45.43 19.71
C ASN C 435 42.74 -46.45 20.55
N ALA C 436 42.16 -45.98 21.65
CA ALA C 436 41.42 -46.83 22.57
C ALA C 436 42.25 -48.00 23.08
N GLY C 437 43.57 -47.88 23.08
CA GLY C 437 44.46 -48.95 23.55
C GLY C 437 44.51 -50.16 22.64
N PHE C 438 44.12 -49.97 21.39
CA PHE C 438 44.10 -51.04 20.41
C PHE C 438 45.43 -51.18 19.70
N SER C 439 46.10 -50.08 19.44
CA SER C 439 47.37 -50.09 18.71
C SER C 439 48.25 -48.93 19.10
N LYS C 440 49.55 -49.08 18.86
CA LYS C 440 50.52 -48.02 19.12
C LYS C 440 50.69 -47.15 17.89
N ALA C 441 50.23 -47.64 16.75
CA ALA C 441 50.41 -46.93 15.48
C ALA C 441 49.72 -45.58 15.48
N THR C 442 50.13 -44.70 14.57
CA THR C 442 49.50 -43.39 14.44
C THR C 442 48.06 -43.59 14.03
N PRO C 443 47.17 -42.68 14.45
CA PRO C 443 45.75 -42.88 14.22
C PRO C 443 45.36 -43.09 12.75
N GLY C 444 46.10 -42.46 11.85
CA GLY C 444 45.85 -42.60 10.42
C GLY C 444 46.06 -44.00 9.89
N ARG C 445 46.97 -44.74 10.50
CA ARG C 445 47.29 -46.11 10.07
C ARG C 445 46.23 -47.13 10.40
N LEU C 446 45.38 -46.85 11.39
CA LEU C 446 44.39 -47.82 11.84
C LEU C 446 43.49 -48.28 10.69
N TYR C 447 43.19 -49.58 10.69
CA TYR C 447 42.33 -50.20 9.66
C TYR C 447 40.92 -49.59 9.68
N LEU C 448 40.45 -49.25 10.86
CA LEU C 448 39.19 -48.53 11.05
C LEU C 448 39.31 -47.65 12.29
N PRO C 449 38.64 -46.50 12.27
CA PRO C 449 38.78 -45.60 13.40
C PRO C 449 37.93 -46.09 14.56
N PRO C 450 38.38 -45.83 15.80
CA PRO C 450 37.55 -46.13 16.98
C PRO C 450 36.40 -45.16 17.11
N ASN C 451 35.40 -45.57 17.90
CA ASN C 451 34.22 -44.74 18.17
C ASN C 451 34.59 -43.50 18.95
N GLN C 452 34.13 -42.35 18.50
CA GLN C 452 34.55 -41.08 19.10
C GLN C 452 33.41 -40.18 19.53
N ASP C 453 32.17 -40.64 19.44
CA ASP C 453 31.03 -39.82 19.84
C ASP C 453 30.85 -39.79 21.34
N ALA C 454 30.03 -38.88 21.80
CA ALA C 454 29.89 -38.63 23.23
C ALA C 454 29.29 -39.81 23.99
N VAL C 455 28.62 -40.71 23.27
CA VAL C 455 27.87 -41.80 23.90
C VAL C 455 28.63 -43.10 23.95
N TYR C 456 29.07 -43.57 22.79
CA TYR C 456 29.79 -44.84 22.69
C TYR C 456 31.28 -44.67 22.45
N GLY C 457 31.79 -43.47 22.69
CA GLY C 457 33.19 -43.14 22.43
C GLY C 457 34.13 -43.87 23.35
N TYR C 458 35.38 -44.04 22.90
CA TYR C 458 36.38 -44.79 23.67
C TYR C 458 36.84 -44.01 24.90
N HIS C 459 36.55 -42.72 24.94
CA HIS C 459 36.82 -41.95 26.16
C HIS C 459 35.87 -42.32 27.29
N SER C 460 34.68 -42.78 26.95
CA SER C 460 33.66 -43.13 27.93
C SER C 460 33.26 -44.61 27.96
N VAL C 461 33.56 -45.36 26.92
CA VAL C 461 33.21 -46.78 26.88
C VAL C 461 34.45 -47.60 26.58
N ASN C 462 35.00 -48.24 27.59
CA ASN C 462 36.16 -49.12 27.39
C ASN C 462 36.27 -50.12 28.51
N VAL C 463 37.09 -51.15 28.30
CA VAL C 463 37.25 -52.23 29.28
C VAL C 463 37.89 -51.75 30.59
N GLU C 464 38.96 -50.98 30.48
CA GLU C 464 39.70 -50.48 31.63
C GLU C 464 38.79 -49.76 32.63
N ALA C 465 37.92 -48.91 32.10
CA ALA C 465 36.99 -48.15 32.93
C ALA C 465 36.02 -49.03 33.69
N GLN C 466 35.54 -50.07 33.02
CA GLN C 466 34.50 -50.94 33.59
C GLN C 466 34.99 -52.06 34.50
N LEU C 467 36.30 -52.31 34.51
CA LEU C 467 36.85 -53.39 35.31
C LEU C 467 36.67 -53.18 36.80
N ASP C 468 36.54 -51.92 37.22
CA ASP C 468 36.60 -51.59 38.64
C ASP C 468 35.30 -51.76 39.40
N SER C 469 34.24 -51.07 38.98
CA SER C 469 32.96 -51.18 39.69
C SER C 469 32.21 -52.43 39.27
N SER C 470 31.77 -53.22 40.24
CA SER C 470 31.04 -54.46 39.96
C SER C 470 29.64 -54.15 39.43
N SER C 471 29.29 -52.87 39.37
CA SER C 471 28.02 -52.44 38.82
C SER C 471 28.09 -52.19 37.32
N SER C 472 29.29 -52.25 36.75
CA SER C 472 29.50 -52.03 35.32
C SER C 472 28.84 -53.11 34.47
N LEU C 473 28.62 -52.80 33.19
CA LEU C 473 28.00 -53.76 32.30
C LEU C 473 28.91 -54.94 32.03
N LEU C 474 30.22 -54.70 31.97
CA LEU C 474 31.20 -55.77 31.78
C LEU C 474 31.11 -56.77 32.92
N ASN C 475 31.23 -56.27 34.13
CA ASN C 475 31.17 -57.13 35.29
C ASN C 475 29.82 -57.80 35.45
N TRP C 476 28.75 -57.10 35.09
CA TRP C 476 27.41 -57.71 35.12
C TRP C 476 27.33 -58.87 34.14
N THR C 477 27.78 -58.62 32.91
CA THR C 477 27.76 -59.61 31.85
C THR C 477 28.63 -60.81 32.21
N ARG C 478 29.77 -60.56 32.83
CA ARG C 478 30.68 -61.63 33.23
C ARG C 478 30.01 -62.58 34.21
N ASN C 479 29.36 -62.00 35.21
CA ASN C 479 28.70 -62.76 36.25
C ASN C 479 27.51 -63.56 35.79
N MET C 480 26.81 -63.05 34.78
CA MET C 480 25.66 -63.75 34.21
C MET C 480 26.11 -65.02 33.51
N LEU C 481 27.28 -64.97 32.87
CA LEU C 481 27.88 -66.15 32.28
C LEU C 481 28.36 -67.09 33.37
N ALA C 482 28.82 -66.54 34.49
CA ALA C 482 29.23 -67.34 35.64
C ALA C 482 28.06 -68.11 36.27
N VAL C 483 26.90 -67.46 36.34
CA VAL C 483 25.68 -68.12 36.83
C VAL C 483 25.22 -69.19 35.85
N ARG C 484 25.18 -68.85 34.56
CA ARG C 484 24.73 -69.79 33.51
C ARG C 484 25.55 -71.06 33.49
N SER C 485 26.86 -70.93 33.70
CA SER C 485 27.74 -72.09 33.71
C SER C 485 27.57 -72.98 34.94
N ARG C 486 26.86 -72.49 35.95
CA ARG C 486 26.61 -73.26 37.16
C ARG C 486 25.33 -74.09 37.10
N HIS C 487 24.51 -73.89 36.07
CA HIS C 487 23.30 -74.69 35.89
C HIS C 487 23.20 -75.25 34.47
N ASP C 488 23.20 -76.57 34.36
CA ASP C 488 23.14 -77.24 33.06
C ASP C 488 21.80 -77.03 32.38
N ALA C 489 20.76 -76.81 33.19
CA ALA C 489 19.41 -76.60 32.67
C ALA C 489 19.35 -75.57 31.54
N PHE C 490 20.11 -74.50 31.67
CA PHE C 490 20.15 -73.46 30.64
C PHE C 490 20.69 -74.00 29.31
N ALA C 491 21.73 -74.81 29.40
CA ALA C 491 22.42 -75.30 28.22
C ALA C 491 21.62 -76.37 27.47
N VAL C 492 21.31 -77.47 28.17
CA VAL C 492 20.74 -78.66 27.54
C VAL C 492 19.48 -79.18 28.24
N GLY C 493 18.79 -78.31 28.96
CA GLY C 493 17.55 -78.68 29.64
C GLY C 493 16.32 -78.51 28.76
N THR C 494 15.20 -79.08 29.20
CA THR C 494 13.94 -78.95 28.49
C THR C 494 13.45 -77.52 28.59
N PHE C 495 12.46 -77.17 27.76
CA PHE C 495 11.91 -75.80 27.77
C PHE C 495 10.39 -75.87 27.77
N ARG C 496 9.78 -75.50 28.90
CA ARG C 496 8.33 -75.42 28.98
C ARG C 496 7.89 -74.01 29.32
N GLU C 497 7.12 -73.40 28.44
CA GLU C 497 6.61 -72.06 28.66
C GLU C 497 5.42 -72.08 29.62
N LEU C 498 5.49 -71.29 30.68
CA LEU C 498 4.47 -71.29 31.74
C LEU C 498 3.25 -70.44 31.41
N GLY C 499 3.40 -69.51 30.47
CA GLY C 499 2.30 -68.63 30.08
C GLY C 499 2.05 -67.54 31.09
N GLY C 500 0.89 -67.61 31.75
CA GLY C 500 0.48 -66.59 32.71
C GLY C 500 -0.64 -65.71 32.16
N SER C 501 -1.31 -65.01 33.07
CA SER C 501 -2.44 -64.18 32.71
C SER C 501 -2.03 -62.88 32.05
N ASN C 502 -0.88 -62.34 32.46
CA ASN C 502 -0.36 -61.07 31.93
C ASN C 502 0.41 -61.30 30.62
N PRO C 503 -0.05 -60.70 29.51
CA PRO C 503 0.58 -60.89 28.20
C PRO C 503 1.96 -60.27 28.05
N SER C 504 2.30 -59.33 28.94
CA SER C 504 3.58 -58.63 28.88
C SER C 504 4.73 -59.40 29.53
N VAL C 505 4.43 -60.49 30.24
CA VAL C 505 5.44 -61.22 30.99
C VAL C 505 5.63 -62.63 30.42
N LEU C 506 6.85 -62.91 29.97
CA LEU C 506 7.22 -64.22 29.42
C LEU C 506 7.93 -65.05 30.48
N ALA C 507 7.25 -66.09 30.97
CA ALA C 507 7.80 -66.98 31.99
C ALA C 507 7.93 -68.42 31.48
N TYR C 508 9.05 -69.06 31.78
CA TYR C 508 9.32 -70.43 31.36
C TYR C 508 10.29 -71.15 32.29
N ILE C 509 10.33 -72.47 32.17
CA ILE C 509 11.13 -73.32 33.05
C ILE C 509 12.07 -74.21 32.26
N ARG C 510 13.36 -74.18 32.60
CA ARG C 510 14.32 -75.12 32.05
C ARG C 510 14.55 -76.22 33.08
N GLU C 511 14.74 -77.45 32.62
CA GLU C 511 14.80 -78.60 33.51
C GLU C 511 15.73 -79.69 32.99
N VAL C 512 16.50 -80.30 33.90
CA VAL C 512 17.37 -81.44 33.61
C VAL C 512 17.08 -82.55 34.60
N THR C 513 17.08 -83.79 34.13
CA THR C 513 16.68 -84.95 34.98
C THR C 513 17.82 -85.58 35.80
N THR C 523 21.44 -81.30 38.48
CA THR C 523 20.13 -81.80 38.07
C THR C 523 19.02 -80.84 38.56
N ASP C 524 19.01 -79.66 37.96
CA ASP C 524 18.19 -78.54 38.40
C ASP C 524 16.91 -78.40 37.60
N ALA C 525 15.96 -77.70 38.22
CA ALA C 525 14.88 -77.05 37.52
C ALA C 525 15.10 -75.57 37.78
N VAL C 526 15.11 -74.77 36.72
CA VAL C 526 15.25 -73.32 36.90
C VAL C 526 14.05 -72.61 36.32
N LEU C 527 13.71 -71.46 36.91
CA LEU C 527 12.55 -70.67 36.50
C LEU C 527 13.03 -69.30 36.05
N CYS C 528 12.64 -68.89 34.85
CA CYS C 528 12.97 -67.57 34.34
C CYS C 528 11.72 -66.76 34.09
N VAL C 529 11.64 -65.59 34.69
CA VAL C 529 10.52 -64.69 34.47
C VAL C 529 11.09 -63.42 33.87
N ASN C 530 10.61 -63.06 32.68
CA ASN C 530 11.06 -61.87 31.96
C ASN C 530 9.90 -60.91 31.73
N ASN C 531 10.08 -59.62 32.00
CA ASN C 531 9.04 -58.63 31.77
C ASN C 531 9.34 -57.78 30.55
N LEU C 532 8.56 -57.96 29.49
CA LEU C 532 8.80 -57.27 28.23
C LEU C 532 8.28 -55.84 28.23
N SER C 533 7.43 -55.49 29.20
CA SER C 533 6.89 -54.14 29.30
C SER C 533 7.85 -53.19 30.01
N ARG C 534 7.83 -51.92 29.61
CA ARG C 534 8.67 -50.90 30.22
C ARG C 534 8.11 -50.41 31.55
N PHE C 535 6.89 -50.83 31.87
CA PHE C 535 6.27 -50.50 33.15
C PHE C 535 6.32 -51.72 34.04
N PRO C 536 6.23 -51.51 35.38
CA PRO C 536 6.20 -52.64 36.30
C PRO C 536 5.00 -53.51 36.08
N GLN C 537 5.20 -54.84 36.16
CA GLN C 537 4.14 -55.79 35.84
C GLN C 537 4.05 -56.88 36.89
N PRO C 538 2.83 -57.27 37.28
CA PRO C 538 2.63 -58.43 38.13
C PRO C 538 2.25 -59.64 37.31
N ILE C 539 2.73 -60.82 37.71
CA ILE C 539 2.32 -62.06 37.05
C ILE C 539 1.99 -63.13 38.07
N GLU C 540 0.84 -63.77 37.89
CA GLU C 540 0.44 -64.88 38.74
C GLU C 540 0.74 -66.18 38.01
N LEU C 541 1.77 -66.89 38.46
CA LEU C 541 2.20 -68.13 37.81
C LEU C 541 1.63 -69.35 38.52
N ASN C 542 1.46 -70.42 37.76
CA ASN C 542 0.98 -71.69 38.28
C ASN C 542 2.12 -72.72 38.37
N LEU C 543 2.71 -72.82 39.56
CA LEU C 543 3.83 -73.70 39.80
C LEU C 543 3.46 -74.82 40.76
N GLN C 544 2.24 -75.34 40.63
CA GLN C 544 1.72 -76.37 41.54
C GLN C 544 2.58 -77.63 41.50
N GLN C 545 3.13 -77.92 40.33
CA GLN C 545 3.97 -79.11 40.15
C GLN C 545 5.19 -79.08 41.06
N TRP C 546 5.69 -77.89 41.37
CA TRP C 546 6.79 -77.73 42.33
C TRP C 546 6.27 -77.26 43.68
N ALA C 547 5.11 -77.76 44.11
CA ALA C 547 4.62 -77.41 45.43
C ALA C 547 5.66 -77.83 46.47
N GLY C 548 5.87 -76.98 47.47
CA GLY C 548 6.83 -77.28 48.54
C GLY C 548 8.25 -76.86 48.23
N TYR C 549 8.57 -76.74 46.94
CA TYR C 549 9.89 -76.29 46.52
C TYR C 549 10.14 -74.84 46.93
N ILE C 550 11.42 -74.50 47.10
CA ILE C 550 11.82 -73.15 47.47
C ILE C 550 12.55 -72.51 46.32
N PRO C 551 11.99 -71.43 45.74
CA PRO C 551 12.69 -70.69 44.69
C PRO C 551 13.84 -69.90 45.29
N VAL C 552 15.01 -70.00 44.69
CA VAL C 552 16.19 -69.28 45.18
C VAL C 552 16.75 -68.44 44.05
N GLU C 553 16.74 -67.13 44.22
CA GLU C 553 17.24 -66.21 43.19
C GLU C 553 18.75 -66.37 43.05
N MET C 554 19.22 -66.57 41.82
CA MET C 554 20.58 -67.05 41.55
C MET C 554 21.69 -66.03 41.72
N THR C 555 21.40 -64.78 41.35
CA THR C 555 22.39 -63.71 41.46
C THR C 555 22.69 -63.29 42.91
N GLY C 556 21.75 -63.54 43.83
CA GLY C 556 21.93 -63.22 45.25
C GLY C 556 21.82 -64.38 46.24
N TYR C 557 21.53 -65.57 45.74
CA TYR C 557 21.28 -66.73 46.60
C TYR C 557 20.26 -66.43 47.69
N VAL C 558 19.19 -65.73 47.32
CA VAL C 558 18.13 -65.40 48.25
C VAL C 558 16.94 -66.36 48.13
N GLU C 559 16.49 -66.87 49.26
CA GLU C 559 15.36 -67.77 49.29
C GLU C 559 14.08 -66.95 49.27
N PHE C 560 13.18 -67.32 48.36
CA PHE C 560 11.85 -66.72 48.28
C PHE C 560 10.85 -67.63 48.98
N PRO C 561 9.63 -67.16 49.20
CA PRO C 561 8.65 -68.02 49.84
C PRO C 561 8.38 -69.28 49.03
N SER C 562 8.15 -70.40 49.71
CA SER C 562 7.96 -71.69 49.06
C SER C 562 6.68 -71.71 48.22
N ILE C 563 6.72 -72.48 47.13
CA ILE C 563 5.61 -72.53 46.20
C ILE C 563 4.49 -73.37 46.80
N GLY C 564 3.25 -72.88 46.68
CA GLY C 564 2.08 -73.56 47.22
C GLY C 564 1.09 -73.99 46.14
N GLN C 565 -0.15 -74.21 46.56
CA GLN C 565 -1.21 -74.60 45.63
C GLN C 565 -1.79 -73.41 44.89
N LEU C 566 -1.89 -72.28 45.59
CA LEU C 566 -2.38 -71.05 44.98
C LEU C 566 -1.38 -70.49 43.97
N PRO C 567 -1.85 -69.69 43.00
CA PRO C 567 -0.94 -69.07 42.06
C PRO C 567 0.15 -68.26 42.74
N TYR C 568 1.37 -68.38 42.25
CA TYR C 568 2.52 -67.66 42.79
C TYR C 568 2.62 -66.27 42.16
N LEU C 569 2.68 -65.24 42.99
CA LEU C 569 2.75 -63.85 42.49
C LEU C 569 4.18 -63.32 42.49
N LEU C 570 4.62 -62.87 41.34
CA LEU C 570 5.90 -62.20 41.19
C LEU C 570 5.67 -60.84 40.55
N THR C 571 6.39 -59.83 41.03
CA THR C 571 6.26 -58.48 40.51
C THR C 571 7.62 -58.03 39.98
N LEU C 572 7.66 -57.59 38.73
CA LEU C 572 8.89 -57.16 38.11
C LEU C 572 8.81 -55.68 37.80
N PRO C 573 9.97 -55.00 37.76
CA PRO C 573 10.05 -53.63 37.26
C PRO C 573 10.08 -53.63 35.74
N GLY C 574 10.04 -52.45 35.15
CA GLY C 574 10.11 -52.33 33.70
C GLY C 574 11.35 -53.00 33.12
N HIS C 575 11.14 -53.86 32.14
CA HIS C 575 12.23 -54.60 31.49
C HIS C 575 13.14 -55.34 32.49
N GLY C 576 12.55 -55.80 33.58
CA GLY C 576 13.26 -56.57 34.57
C GLY C 576 13.16 -58.06 34.27
N PHE C 577 13.89 -58.85 35.04
CA PHE C 577 13.79 -60.30 34.97
C PHE C 577 14.32 -60.94 36.26
N TYR C 578 13.91 -62.18 36.50
CA TYR C 578 14.42 -62.96 37.62
C TYR C 578 14.86 -64.35 37.16
N TRP C 579 15.88 -64.90 37.81
CA TRP C 579 16.31 -66.28 37.58
C TRP C 579 16.30 -67.05 38.89
N PHE C 580 15.34 -67.95 39.03
CA PHE C 580 15.19 -68.72 40.25
C PHE C 580 15.65 -70.16 40.08
N GLN C 581 16.37 -70.66 41.06
CA GLN C 581 16.67 -72.09 41.16
C GLN C 581 15.55 -72.72 42.00
N LEU C 582 14.83 -73.68 41.41
CA LEU C 582 13.81 -74.40 42.16
C LEU C 582 14.46 -75.52 42.97
N ARG C 583 14.50 -75.32 44.28
CA ARG C 583 15.22 -76.20 45.19
C ARG C 583 14.26 -77.06 45.99
N GLU C 584 14.62 -78.33 46.19
CA GLU C 584 13.76 -79.28 46.89
C GLU C 584 13.53 -78.90 48.36
N PRO C 585 12.36 -79.30 48.90
CA PRO C 585 12.16 -79.20 50.33
C PRO C 585 12.98 -80.24 51.07
N ASP C 586 13.30 -79.97 52.34
CA ASP C 586 14.25 -80.79 53.10
C ASP C 586 13.60 -82.01 53.72
N HIS D 17 17.36 4.86 52.40
CA HIS D 17 17.10 3.66 51.52
C HIS D 17 15.74 3.78 50.83
N PRO D 18 15.51 3.03 49.74
CA PRO D 18 14.27 3.18 48.97
C PRO D 18 12.97 2.67 49.63
N ASN D 19 11.85 2.85 48.92
CA ASN D 19 10.53 2.42 49.35
C ASN D 19 9.90 1.44 48.36
N ALA D 20 8.85 0.76 48.81
CA ALA D 20 8.21 -0.27 48.00
C ALA D 20 7.38 0.35 46.88
N GLU D 21 6.60 1.37 47.21
CA GLU D 21 5.76 2.05 46.23
C GLU D 21 6.59 2.96 45.31
N ASP D 22 7.85 2.60 45.11
CA ASP D 22 8.67 3.23 44.11
C ASP D 22 9.14 2.19 43.09
N PHE D 23 8.49 1.02 43.11
CA PHE D 23 8.77 -0.04 42.13
C PHE D 23 7.53 -0.77 41.58
N GLY D 24 6.36 -0.55 42.17
CA GLY D 24 5.14 -1.23 41.73
C GLY D 24 5.17 -2.74 42.01
N HIS D 25 4.09 -3.24 42.62
CA HIS D 25 4.04 -4.64 43.02
C HIS D 25 3.86 -5.60 41.85
N ALA D 26 4.15 -6.87 42.10
CA ALA D 26 3.86 -7.95 41.17
C ALA D 26 2.46 -8.45 41.43
N ARG D 27 1.99 -9.37 40.59
CA ARG D 27 0.66 -9.93 40.74
C ARG D 27 0.59 -10.81 41.97
N THR D 28 -0.53 -10.73 42.66
CA THR D 28 -0.78 -11.54 43.84
C THR D 28 -1.55 -12.79 43.44
N LEU D 29 -1.02 -13.94 43.81
CA LEU D 29 -1.74 -15.19 43.62
C LEU D 29 -2.89 -15.27 44.62
N PRO D 30 -3.94 -16.04 44.28
CA PRO D 30 -5.06 -16.22 45.22
C PRO D 30 -4.55 -16.71 46.58
N THR D 31 -5.09 -16.13 47.64
CA THR D 31 -4.62 -16.41 48.99
C THR D 31 -4.90 -17.88 49.39
N ASP D 32 -3.83 -18.59 49.74
CA ASP D 32 -3.89 -20.00 50.13
C ASP D 32 -2.83 -20.22 51.21
N THR D 33 -3.25 -20.66 52.39
CA THR D 33 -2.37 -20.80 53.55
C THR D 33 -1.80 -22.19 53.72
N ASN D 34 -2.00 -23.06 52.73
CA ASN D 34 -1.48 -24.41 52.76
C ASN D 34 -0.65 -24.79 51.52
N TRP D 35 -0.37 -23.81 50.65
CA TRP D 35 0.35 -24.10 49.40
C TRP D 35 1.70 -24.76 49.64
N PHE D 36 2.39 -24.31 50.68
CA PHE D 36 3.73 -24.80 51.00
C PHE D 36 3.75 -26.26 51.45
N LYS D 37 2.63 -26.76 51.95
CA LYS D 37 2.55 -28.18 52.33
C LYS D 37 2.40 -29.08 51.11
N HIS D 38 1.85 -28.55 50.02
CA HIS D 38 1.68 -29.30 48.78
C HIS D 38 2.79 -29.05 47.75
N ALA D 39 3.58 -28.01 47.97
CA ALA D 39 4.56 -27.58 46.97
C ALA D 39 5.76 -28.49 46.91
N VAL D 40 6.42 -28.46 45.76
CA VAL D 40 7.71 -29.10 45.53
C VAL D 40 8.66 -27.98 45.16
N PHE D 41 9.63 -27.72 46.03
CA PHE D 41 10.54 -26.58 45.88
C PHE D 41 11.70 -26.91 44.95
N TYR D 42 12.19 -25.88 44.25
CA TYR D 42 13.27 -26.03 43.30
C TYR D 42 14.32 -24.96 43.62
N GLU D 43 15.42 -25.36 44.25
CA GLU D 43 16.46 -24.41 44.61
C GLU D 43 17.33 -24.12 43.40
N VAL D 44 17.32 -22.88 42.93
CA VAL D 44 18.07 -22.48 41.75
C VAL D 44 18.82 -21.17 41.96
N LEU D 45 20.13 -21.19 41.72
CA LEU D 45 20.95 -19.98 41.84
C LEU D 45 20.75 -19.07 40.64
N VAL D 46 20.59 -17.78 40.91
CA VAL D 46 20.36 -16.79 39.85
C VAL D 46 21.57 -16.70 38.93
N ARG D 47 22.76 -16.74 39.53
CA ARG D 47 24.03 -16.66 38.79
C ARG D 47 24.31 -17.85 37.86
N ALA D 48 23.65 -18.97 38.14
CA ALA D 48 23.99 -20.24 37.53
C ALA D 48 23.06 -20.68 36.42
N PHE D 49 21.84 -20.18 36.42
CA PHE D 49 20.78 -20.78 35.62
C PHE D 49 20.85 -20.36 34.16
N TYR D 50 20.77 -19.06 33.87
CA TYR D 50 20.84 -18.61 32.48
C TYR D 50 21.28 -17.17 32.38
N ASP D 51 22.15 -16.90 31.40
CA ASP D 51 22.69 -15.57 31.19
C ASP D 51 22.17 -14.99 29.89
N SER D 52 21.53 -13.83 29.98
CA SER D 52 20.88 -13.20 28.85
C SER D 52 21.60 -11.95 28.33
N ASN D 53 22.56 -11.43 29.09
CA ASN D 53 23.30 -10.23 28.69
C ASN D 53 24.74 -10.50 28.30
N ALA D 54 25.06 -11.76 27.99
CA ALA D 54 26.39 -12.17 27.53
C ALA D 54 27.55 -11.56 28.33
N ASP D 55 27.37 -11.43 29.65
CA ASP D 55 28.42 -10.96 30.55
C ASP D 55 29.15 -12.14 31.20
N GLY D 56 28.63 -13.35 30.98
CA GLY D 56 29.16 -14.56 31.58
C GLY D 56 28.60 -14.84 32.95
N ILE D 57 27.61 -14.07 33.39
CA ILE D 57 27.03 -14.22 34.71
C ILE D 57 25.51 -14.29 34.62
N GLY D 58 24.97 -15.38 35.16
CA GLY D 58 23.54 -15.64 35.15
C GLY D 58 22.83 -14.50 35.84
N ASP D 59 21.66 -14.14 35.33
CA ASP D 59 20.97 -12.94 35.77
C ASP D 59 19.47 -13.15 35.85
N LEU D 60 18.78 -12.20 36.47
CA LEU D 60 17.36 -12.32 36.76
C LEU D 60 16.56 -12.46 35.48
N ARG D 61 16.90 -11.64 34.50
CA ARG D 61 16.24 -11.68 33.20
C ARG D 61 16.43 -12.95 32.43
N GLY D 62 17.55 -13.61 32.66
CA GLY D 62 17.79 -14.90 32.05
C GLY D 62 16.90 -15.94 32.70
N LEU D 63 16.88 -15.94 34.03
CA LEU D 63 16.03 -16.83 34.80
C LEU D 63 14.57 -16.65 34.42
N THR D 64 14.16 -15.41 34.13
CA THR D 64 12.81 -15.13 33.66
C THR D 64 12.51 -15.87 32.35
N GLU D 65 13.46 -15.84 31.41
CA GLU D 65 13.29 -16.48 30.10
C GLU D 65 13.09 -17.98 30.21
N LYS D 66 13.74 -18.60 31.19
CA LYS D 66 13.71 -20.06 31.34
C LYS D 66 12.60 -20.54 32.28
N LEU D 67 11.66 -19.67 32.64
CA LEU D 67 10.53 -20.06 33.50
C LEU D 67 9.62 -21.10 32.85
N ASP D 68 9.55 -21.11 31.53
CA ASP D 68 8.76 -22.10 30.81
C ASP D 68 9.27 -23.52 31.04
N TYR D 69 10.59 -23.68 31.11
CA TYR D 69 11.20 -24.96 31.45
C TYR D 69 10.80 -25.36 32.85
N ILE D 70 10.99 -24.46 33.79
CA ILE D 70 10.62 -24.70 35.19
C ILE D 70 9.16 -25.14 35.33
N LYS D 71 8.27 -24.44 34.64
CA LYS D 71 6.86 -24.79 34.59
C LYS D 71 6.67 -26.21 34.04
N TRP D 72 7.37 -26.52 32.95
CA TRP D 72 7.27 -27.82 32.28
C TRP D 72 7.76 -28.95 33.18
N LEU D 73 8.82 -28.70 33.95
CA LEU D 73 9.36 -29.69 34.86
C LEU D 73 8.32 -30.07 35.92
N GLY D 74 7.55 -29.08 36.35
CA GLY D 74 6.43 -29.30 37.27
C GLY D 74 6.70 -28.95 38.72
N VAL D 75 7.68 -28.08 38.94
CA VAL D 75 7.95 -27.58 40.28
C VAL D 75 7.00 -26.43 40.60
N ASP D 76 6.75 -26.23 41.89
CA ASP D 76 5.72 -25.29 42.34
C ASP D 76 6.30 -23.99 42.86
N CYS D 77 7.50 -24.03 43.41
CA CYS D 77 8.10 -22.84 43.99
C CYS D 77 9.60 -22.80 43.79
N LEU D 78 10.10 -21.64 43.37
CA LEU D 78 11.53 -21.40 43.23
C LEU D 78 12.09 -20.99 44.57
N TRP D 79 13.26 -21.51 44.92
CA TRP D 79 13.98 -21.04 46.09
C TRP D 79 15.32 -20.47 45.64
N LEU D 80 15.45 -19.15 45.77
CA LEU D 80 16.65 -18.43 45.35
C LEU D 80 17.56 -18.15 46.55
N PRO D 81 18.81 -18.60 46.49
CA PRO D 81 19.80 -18.17 47.48
C PRO D 81 20.08 -16.67 47.37
N PRO D 82 20.74 -16.07 48.36
CA PRO D 82 20.81 -14.62 48.46
C PRO D 82 21.33 -13.93 47.22
N PHE D 83 20.60 -12.94 46.73
CA PHE D 83 20.96 -12.23 45.51
C PHE D 83 21.10 -10.72 45.76
N TYR D 84 21.33 -10.35 47.01
CA TYR D 84 21.42 -8.94 47.38
C TYR D 84 22.81 -8.43 47.09
N ASP D 85 22.95 -7.11 46.98
CA ASP D 85 24.26 -6.48 46.78
C ASP D 85 25.21 -6.94 47.86
N SER D 86 26.37 -7.43 47.44
CA SER D 86 27.33 -8.07 48.34
C SER D 86 28.74 -8.03 47.77
N PRO D 87 29.74 -7.93 48.67
CA PRO D 87 31.13 -8.10 48.24
C PRO D 87 31.45 -9.55 47.89
N LEU D 88 30.55 -10.47 48.24
CA LEU D 88 30.63 -11.88 47.84
C LEU D 88 31.87 -12.59 48.39
N ARG D 89 32.33 -12.14 49.55
CA ARG D 89 33.45 -12.78 50.23
C ARG D 89 33.00 -14.10 50.85
N ASP D 90 31.71 -14.23 51.14
CA ASP D 90 31.13 -15.49 51.63
C ASP D 90 29.90 -15.86 50.80
N GLY D 91 30.13 -16.09 49.51
CA GLY D 91 29.09 -16.54 48.58
C GLY D 91 27.79 -15.74 48.56
N GLY D 92 27.85 -14.48 48.97
CA GLY D 92 26.66 -13.61 48.99
C GLY D 92 25.81 -13.75 50.25
N TYR D 93 26.23 -14.59 51.19
CA TYR D 93 25.56 -14.69 52.49
C TYR D 93 25.99 -13.55 53.41
N ASP D 94 26.93 -12.72 52.92
CA ASP D 94 27.34 -11.48 53.59
C ASP D 94 26.70 -10.28 52.87
N ILE D 95 25.53 -9.86 53.34
CA ILE D 95 24.74 -8.86 52.65
C ILE D 95 25.23 -7.43 52.96
N ARG D 96 25.44 -6.65 51.90
CA ARG D 96 25.89 -5.26 52.01
C ARG D 96 24.72 -4.28 51.97
N ASP D 97 23.67 -4.63 51.23
CA ASP D 97 22.49 -3.78 51.11
C ASP D 97 21.24 -4.65 50.91
N PHE D 98 20.33 -4.61 51.89
CA PHE D 98 19.12 -5.43 51.83
C PHE D 98 18.12 -4.98 50.76
N TYR D 99 18.22 -3.72 50.34
CA TYR D 99 17.25 -3.13 49.41
C TYR D 99 17.80 -3.00 47.99
N LYS D 100 18.91 -3.67 47.70
CA LYS D 100 19.53 -3.58 46.39
C LYS D 100 19.96 -4.96 45.92
N VAL D 101 19.47 -5.38 44.77
CA VAL D 101 19.92 -6.64 44.17
C VAL D 101 21.29 -6.41 43.54
N LEU D 102 22.16 -7.41 43.67
CA LEU D 102 23.52 -7.34 43.15
C LEU D 102 23.51 -6.91 41.69
N PRO D 103 24.25 -5.82 41.34
CA PRO D 103 24.31 -5.23 40.01
C PRO D 103 24.31 -6.21 38.84
N GLU D 104 25.11 -7.27 38.95
CA GLU D 104 25.30 -8.24 37.86
C GLU D 104 24.05 -9.08 37.56
N PHE D 105 23.16 -9.20 38.54
CA PHE D 105 21.91 -9.92 38.36
C PHE D 105 20.80 -9.02 37.80
N GLY D 106 20.86 -7.73 38.14
CA GLY D 106 19.93 -6.75 37.59
C GLY D 106 19.47 -5.73 38.60
N THR D 107 18.31 -5.12 38.33
CA THR D 107 17.69 -4.17 39.24
C THR D 107 16.54 -4.81 39.98
N VAL D 108 16.05 -4.12 41.00
CA VAL D 108 14.90 -4.57 41.78
C VAL D 108 13.72 -4.75 40.84
N ASP D 109 13.60 -3.86 39.87
CA ASP D 109 12.56 -3.96 38.83
C ASP D 109 12.61 -5.29 38.09
N ASP D 110 13.83 -5.75 37.76
CA ASP D 110 14.00 -7.03 37.08
C ASP D 110 13.50 -8.19 37.93
N PHE D 111 13.61 -8.04 39.25
CA PHE D 111 13.09 -9.04 40.19
C PHE D 111 11.56 -9.06 40.18
N VAL D 112 10.96 -7.89 40.09
CA VAL D 112 9.50 -7.80 40.00
C VAL D 112 9.02 -8.41 38.68
N THR D 113 9.75 -8.15 37.60
CA THR D 113 9.46 -8.76 36.30
C THR D 113 9.47 -10.29 36.38
N LEU D 114 10.46 -10.85 37.10
CA LEU D 114 10.53 -12.28 37.34
C LEU D 114 9.33 -12.78 38.15
N LEU D 115 9.01 -12.08 39.24
CA LEU D 115 7.90 -12.45 40.11
C LEU D 115 6.60 -12.53 39.33
N ASP D 116 6.29 -11.45 38.61
CA ASP D 116 5.03 -11.35 37.86
C ASP D 116 4.96 -12.46 36.81
N ALA D 117 6.06 -12.67 36.10
CA ALA D 117 6.13 -13.71 35.09
C ALA D 117 5.95 -15.10 35.68
N ALA D 118 6.50 -15.31 36.87
CA ALA D 118 6.39 -16.59 37.57
C ALA D 118 4.98 -16.82 38.13
N HIS D 119 4.41 -15.78 38.73
CA HIS D 119 3.05 -15.87 39.28
C HIS D 119 2.04 -16.12 38.18
N ARG D 120 2.26 -15.54 37.01
CA ARG D 120 1.36 -15.73 35.87
C ARG D 120 1.15 -17.19 35.51
N ARG D 121 2.18 -18.00 35.74
CA ARG D 121 2.08 -19.44 35.52
C ARG D 121 2.11 -20.21 36.85
N GLY D 122 1.59 -19.57 37.89
CA GLY D 122 1.35 -20.23 39.18
C GLY D 122 2.58 -20.68 39.96
N ILE D 123 3.76 -20.19 39.57
CA ILE D 123 5.00 -20.54 40.24
C ILE D 123 5.33 -19.49 41.27
N ARG D 124 5.54 -19.91 42.51
CA ARG D 124 5.89 -19.01 43.60
C ARG D 124 7.40 -18.87 43.73
N ILE D 125 7.84 -17.82 44.43
CA ILE D 125 9.26 -17.59 44.68
C ILE D 125 9.52 -17.25 46.15
N ILE D 126 10.47 -17.95 46.75
CA ILE D 126 10.99 -17.60 48.08
C ILE D 126 12.48 -17.33 47.98
N THR D 127 13.05 -16.70 49.01
CA THR D 127 14.48 -16.37 48.98
C THR D 127 15.15 -16.53 50.34
N ASP D 128 16.45 -16.88 50.31
CA ASP D 128 17.30 -16.86 51.50
C ASP D 128 17.44 -15.43 51.99
N LEU D 129 17.29 -15.22 53.30
CA LEU D 129 17.50 -13.92 53.90
C LEU D 129 18.24 -14.09 55.24
N VAL D 130 19.50 -13.67 55.25
CA VAL D 130 20.33 -13.79 56.45
C VAL D 130 19.88 -12.75 57.46
N MET D 131 19.56 -13.22 58.66
CA MET D 131 19.03 -12.36 59.72
C MET D 131 20.08 -11.97 60.77
N ASN D 132 21.01 -12.87 61.06
CA ASN D 132 21.95 -12.69 62.17
C ASN D 132 23.00 -11.62 61.96
N HIS D 133 23.52 -11.54 60.74
CA HIS D 133 24.67 -10.68 60.47
C HIS D 133 24.57 -10.01 59.12
N THR D 134 25.22 -8.86 59.00
CA THR D 134 25.40 -8.17 57.72
C THR D 134 26.89 -8.12 57.40
N SER D 135 27.21 -7.76 56.16
CA SER D 135 28.59 -7.57 55.75
C SER D 135 29.15 -6.37 56.49
N ASP D 136 30.47 -6.36 56.69
CA ASP D 136 31.13 -5.22 57.32
C ASP D 136 31.16 -4.00 56.39
N GLN D 137 30.77 -4.21 55.14
CA GLN D 137 30.64 -3.12 54.18
C GLN D 137 29.25 -2.50 54.16
N HIS D 138 28.31 -3.09 54.89
CA HIS D 138 26.96 -2.55 54.98
C HIS D 138 27.05 -1.15 55.56
N GLU D 139 26.27 -0.22 55.02
CA GLU D 139 26.26 1.17 55.49
C GLU D 139 26.08 1.33 57.00
N TRP D 140 25.24 0.49 57.59
CA TRP D 140 25.00 0.45 59.03
C TRP D 140 26.31 0.27 59.80
N PHE D 141 27.07 -0.76 59.46
CA PHE D 141 28.31 -1.06 60.17
C PHE D 141 29.36 0.01 59.98
N GLN D 142 29.41 0.59 58.78
CA GLN D 142 30.31 1.72 58.52
C GLN D 142 29.92 2.96 59.34
N GLU D 143 28.62 3.13 59.56
CA GLU D 143 28.13 4.20 60.42
C GLU D 143 28.33 3.89 61.90
N SER D 144 28.28 2.61 62.26
CA SER D 144 28.48 2.19 63.65
C SER D 144 29.91 2.40 64.09
N ARG D 145 30.85 2.07 63.23
CA ARG D 145 32.27 2.20 63.55
C ARG D 145 32.76 3.65 63.49
N HIS D 146 32.29 4.40 62.49
CA HIS D 146 32.71 5.80 62.31
C HIS D 146 31.99 6.76 63.25
N ASN D 147 30.70 6.52 63.51
CA ASN D 147 29.90 7.34 64.41
C ASN D 147 29.34 6.51 65.56
N PRO D 148 30.18 6.22 66.57
CA PRO D 148 29.76 5.38 67.70
C PRO D 148 28.66 6.01 68.54
N ASP D 149 28.57 7.34 68.55
CA ASP D 149 27.51 8.03 69.27
C ASP D 149 26.35 8.42 68.36
N GLY D 150 26.42 8.01 67.09
CA GLY D 150 25.35 8.25 66.13
C GLY D 150 24.15 7.36 66.36
N PRO D 151 23.29 7.21 65.35
CA PRO D 151 22.09 6.40 65.47
C PRO D 151 22.30 4.91 65.18
N TYR D 152 23.51 4.54 64.77
CA TYR D 152 23.84 3.16 64.47
C TYR D 152 24.94 2.59 65.36
N GLY D 153 25.34 3.37 66.37
CA GLY D 153 26.38 2.93 67.29
C GLY D 153 26.06 1.65 68.05
N ASP D 154 24.78 1.37 68.25
CA ASP D 154 24.35 0.18 68.95
C ASP D 154 23.65 -0.83 68.04
N PHE D 155 23.87 -0.73 66.73
CA PHE D 155 23.31 -1.69 65.78
C PHE D 155 24.07 -3.02 65.77
N TYR D 156 25.32 -2.99 66.24
CA TYR D 156 26.16 -4.18 66.31
C TYR D 156 26.69 -4.36 67.73
N VAL D 157 27.10 -5.59 68.05
CA VAL D 157 27.48 -5.93 69.41
C VAL D 157 28.94 -5.54 69.62
N TRP D 158 29.16 -4.42 70.33
CA TRP D 158 30.51 -3.94 70.62
C TRP D 158 30.96 -4.24 72.05
N SER D 159 32.27 -4.26 72.25
CA SER D 159 32.85 -4.54 73.56
C SER D 159 34.27 -3.97 73.67
N ASP D 160 34.75 -3.83 74.91
CA ASP D 160 36.10 -3.33 75.17
C ASP D 160 37.12 -4.45 75.37
N THR D 161 36.62 -5.63 75.71
CA THR D 161 37.45 -6.83 75.71
C THR D 161 36.64 -8.00 75.18
N SER D 162 37.36 -8.99 74.66
CA SER D 162 36.76 -10.16 74.03
C SER D 162 36.48 -11.33 75.01
N ASP D 163 36.15 -10.98 76.26
CA ASP D 163 35.87 -11.96 77.31
C ASP D 163 34.41 -12.41 77.32
N ARG D 164 33.50 -11.53 76.89
CA ARG D 164 32.06 -11.82 76.84
C ARG D 164 31.73 -13.08 76.06
N TYR D 165 30.65 -13.73 76.49
CA TYR D 165 30.11 -14.91 75.83
C TYR D 165 31.13 -16.02 75.57
N PRO D 166 31.91 -16.39 76.59
CA PRO D 166 32.97 -17.36 76.36
C PRO D 166 32.47 -18.79 76.19
N ASP D 167 31.20 -19.05 76.50
CA ASP D 167 30.62 -20.38 76.33
C ASP D 167 30.28 -20.67 74.87
N ALA D 168 30.06 -19.62 74.07
CA ALA D 168 29.74 -19.77 72.66
C ALA D 168 30.95 -20.28 71.89
N ARG D 169 30.72 -21.26 71.02
CA ARG D 169 31.79 -21.85 70.22
C ARG D 169 32.07 -21.02 68.98
N ILE D 170 33.25 -21.22 68.41
CA ILE D 170 33.60 -20.63 67.14
C ILE D 170 33.14 -21.59 66.04
N ILE D 171 32.19 -21.14 65.23
CA ILE D 171 31.61 -22.00 64.19
C ILE D 171 32.70 -22.43 63.23
N PHE D 172 33.38 -21.47 62.61
CA PHE D 172 34.52 -21.77 61.75
C PHE D 172 35.80 -21.73 62.58
N VAL D 173 36.03 -22.83 63.29
CA VAL D 173 37.12 -22.92 64.25
C VAL D 173 38.51 -22.97 63.60
N ASP D 174 38.55 -23.24 62.30
CA ASP D 174 39.82 -23.31 61.58
C ASP D 174 40.18 -22.00 60.89
N THR D 175 39.21 -21.11 60.73
CA THR D 175 39.46 -19.83 60.09
C THR D 175 39.52 -18.69 61.10
N GLU D 176 38.58 -18.68 62.04
CA GLU D 176 38.55 -17.63 63.07
C GLU D 176 39.12 -18.12 64.41
N GLU D 177 39.97 -17.30 64.99
CA GLU D 177 40.59 -17.60 66.28
C GLU D 177 39.75 -17.12 67.45
N SER D 178 38.81 -16.22 67.17
CA SER D 178 37.93 -15.66 68.19
C SER D 178 36.63 -15.20 67.55
N ASN D 179 35.58 -15.09 68.37
CA ASN D 179 34.33 -14.51 67.93
C ASN D 179 34.28 -13.00 68.11
N TRP D 180 35.35 -12.44 68.68
CA TRP D 180 35.52 -11.01 68.79
C TRP D 180 36.68 -10.56 67.90
N THR D 181 36.43 -9.55 67.07
CA THR D 181 37.47 -8.99 66.20
C THR D 181 37.61 -7.49 66.48
N PHE D 182 38.85 -7.00 66.47
CA PHE D 182 39.15 -5.62 66.83
C PHE D 182 39.03 -4.69 65.62
N ASP D 183 38.11 -3.74 65.69
CA ASP D 183 37.95 -2.75 64.62
C ASP D 183 38.89 -1.58 64.87
N PRO D 184 39.71 -1.20 63.86
CA PRO D 184 40.70 -0.13 64.04
C PRO D 184 40.11 1.29 64.09
N VAL D 185 39.00 1.51 63.39
CA VAL D 185 38.37 2.83 63.38
C VAL D 185 37.69 3.13 64.72
N ARG D 186 36.84 2.23 65.19
CA ARG D 186 36.12 2.42 66.45
C ARG D 186 36.99 2.09 67.67
N ARG D 187 38.09 1.36 67.46
CA ARG D 187 38.98 0.96 68.55
C ARG D 187 38.27 0.04 69.55
N GLN D 188 37.38 -0.83 69.06
CA GLN D 188 36.63 -1.76 69.92
C GLN D 188 36.45 -3.11 69.27
N PHE D 189 36.13 -4.12 70.07
CA PHE D 189 35.83 -5.46 69.55
C PHE D 189 34.37 -5.53 69.10
N TYR D 190 34.10 -6.25 68.01
CA TYR D 190 32.73 -6.52 67.57
C TYR D 190 32.47 -8.02 67.42
N TRP D 191 31.26 -8.43 67.80
CA TRP D 191 30.90 -9.84 67.85
C TRP D 191 30.49 -10.33 66.48
N HIS D 192 30.87 -11.56 66.17
CA HIS D 192 30.47 -12.23 64.93
C HIS D 192 30.57 -13.73 65.11
N ARG D 193 29.48 -14.45 64.86
CA ARG D 193 29.51 -15.91 64.96
C ARG D 193 30.23 -16.49 63.76
N PHE D 194 30.01 -15.87 62.62
CA PHE D 194 30.57 -16.36 61.36
C PHE D 194 31.94 -15.71 61.15
N PHE D 195 32.25 -15.28 59.93
CA PHE D 195 33.57 -14.74 59.61
C PHE D 195 33.74 -13.31 60.10
N SER D 196 34.98 -12.87 60.23
CA SER D 196 35.30 -11.56 60.83
C SER D 196 34.75 -10.38 60.04
N HIS D 197 34.38 -10.60 58.80
CA HIS D 197 33.80 -9.56 57.95
C HIS D 197 32.28 -9.65 57.90
N GLN D 198 31.70 -10.42 58.82
CA GLN D 198 30.25 -10.58 58.90
C GLN D 198 29.76 -10.30 60.34
N PRO D 199 29.86 -9.03 60.77
CA PRO D 199 29.53 -8.68 62.14
C PRO D 199 28.07 -8.97 62.50
N ASP D 200 27.85 -9.45 63.71
CA ASP D 200 26.51 -9.78 64.19
C ASP D 200 25.70 -8.53 64.49
N LEU D 201 24.43 -8.54 64.07
CA LEU D 201 23.51 -7.47 64.41
C LEU D 201 23.12 -7.60 65.87
N ASN D 202 23.00 -6.46 66.55
CA ASN D 202 22.59 -6.41 67.94
C ASN D 202 21.06 -6.39 68.03
N TYR D 203 20.48 -7.54 68.32
CA TYR D 203 19.03 -7.67 68.37
C TYR D 203 18.44 -7.23 69.70
N ASP D 204 19.29 -6.85 70.66
CA ASP D 204 18.80 -6.25 71.90
C ASP D 204 18.37 -4.80 71.68
N ASN D 205 18.94 -4.15 70.67
CA ASN D 205 18.51 -2.82 70.26
C ASN D 205 17.14 -2.92 69.58
N PRO D 206 16.13 -2.23 70.12
CA PRO D 206 14.79 -2.26 69.52
C PRO D 206 14.76 -1.75 68.08
N ALA D 207 15.61 -0.76 67.77
CA ALA D 207 15.69 -0.19 66.42
C ALA D 207 16.12 -1.23 65.38
N VAL D 208 17.01 -2.13 65.79
CA VAL D 208 17.49 -3.20 64.93
C VAL D 208 16.36 -4.16 64.57
N GLN D 209 15.56 -4.53 65.56
CA GLN D 209 14.41 -5.40 65.33
C GLN D 209 13.43 -4.78 64.34
N GLU D 210 13.21 -3.47 64.46
CA GLU D 210 12.31 -2.76 63.55
C GLU D 210 12.89 -2.62 62.16
N ALA D 211 14.20 -2.44 62.07
CA ALA D 211 14.89 -2.32 60.79
C ALA D 211 14.78 -3.60 59.96
N MET D 212 14.99 -4.74 60.61
CA MET D 212 14.91 -6.05 59.93
C MET D 212 13.49 -6.45 59.58
N LEU D 213 12.53 -6.05 60.40
CA LEU D 213 11.12 -6.27 60.08
C LEU D 213 10.69 -5.44 58.87
N ASP D 214 11.30 -4.27 58.68
CA ASP D 214 11.04 -3.42 57.51
C ASP D 214 11.68 -4.00 56.24
N VAL D 215 12.79 -4.73 56.40
CA VAL D 215 13.42 -5.44 55.28
C VAL D 215 12.50 -6.54 54.78
N LEU D 216 11.96 -7.33 55.71
CA LEU D 216 10.95 -8.33 55.38
C LEU D 216 9.77 -7.70 54.65
N ARG D 217 9.25 -6.61 55.22
CA ARG D 217 8.09 -5.92 54.66
C ARG D 217 8.32 -5.35 53.26
N PHE D 218 9.56 -4.96 52.98
CA PHE D 218 9.90 -4.43 51.65
C PHE D 218 9.65 -5.46 50.57
N TRP D 219 10.28 -6.63 50.69
CA TRP D 219 10.16 -7.68 49.67
C TRP D 219 8.77 -8.30 49.66
N LEU D 220 8.11 -8.35 50.82
CA LEU D 220 6.73 -8.81 50.90
C LEU D 220 5.77 -7.85 50.19
N ASP D 221 6.05 -6.55 50.26
CA ASP D 221 5.27 -5.54 49.52
C ASP D 221 5.45 -5.71 48.02
N LEU D 222 6.68 -5.98 47.58
CA LEU D 222 6.95 -6.28 46.18
C LEU D 222 6.18 -7.50 45.71
N GLY D 223 5.83 -8.38 46.65
CA GLY D 223 4.98 -9.54 46.37
C GLY D 223 5.69 -10.89 46.42
N ILE D 224 6.81 -10.97 47.13
CA ILE D 224 7.51 -12.24 47.28
C ILE D 224 6.67 -13.18 48.14
N ASP D 225 6.80 -14.47 47.92
CA ASP D 225 5.92 -15.45 48.54
C ASP D 225 6.40 -15.91 49.92
N GLY D 226 7.69 -15.76 50.20
CA GLY D 226 8.22 -16.13 51.50
C GLY D 226 9.72 -15.96 51.63
N PHE D 227 10.24 -16.39 52.78
CA PHE D 227 11.67 -16.32 53.05
C PHE D 227 12.16 -17.60 53.70
N ARG D 228 13.45 -17.84 53.57
CA ARG D 228 14.15 -18.79 54.43
C ARG D 228 15.10 -18.00 55.32
N LEU D 229 14.72 -17.89 56.59
CA LEU D 229 15.47 -17.09 57.55
C LEU D 229 16.74 -17.82 57.99
N ASP D 230 17.89 -17.36 57.48
CA ASP D 230 19.17 -18.02 57.71
C ASP D 230 19.83 -17.55 59.00
N ALA D 231 20.52 -18.49 59.64
CA ALA D 231 21.33 -18.22 60.84
C ALA D 231 20.53 -17.65 62.02
N VAL D 232 19.25 -17.98 62.10
CA VAL D 232 18.38 -17.46 63.18
C VAL D 232 18.68 -17.97 64.58
N PRO D 233 19.31 -19.16 64.73
CA PRO D 233 19.62 -19.58 66.10
C PRO D 233 20.65 -18.71 66.83
N TYR D 234 21.39 -17.90 66.07
CA TYR D 234 22.49 -17.10 66.63
C TYR D 234 22.15 -15.61 66.83
N LEU D 235 20.89 -15.23 66.67
CA LEU D 235 20.46 -13.84 66.80
C LEU D 235 20.86 -13.27 68.15
N PHE D 236 20.23 -13.75 69.22
CA PHE D 236 20.47 -13.22 70.57
C PHE D 236 21.65 -13.92 71.23
N GLU D 237 22.37 -13.15 72.04
CA GLU D 237 23.52 -13.63 72.81
C GLU D 237 23.27 -13.32 74.29
N ARG D 238 23.41 -14.33 75.14
CA ARG D 238 23.26 -14.16 76.60
C ARG D 238 24.38 -14.83 77.36
N GLU D 239 24.79 -14.21 78.48
CA GLU D 239 25.87 -14.74 79.31
C GLU D 239 25.48 -16.06 79.96
N GLY D 240 26.45 -16.92 80.19
CA GLY D 240 26.21 -18.23 80.81
C GLY D 240 25.52 -19.24 79.92
N THR D 241 25.46 -18.96 78.62
CA THR D 241 24.86 -19.87 77.64
C THR D 241 25.69 -19.90 76.38
N ASN D 242 25.50 -20.94 75.57
CA ASN D 242 26.19 -21.06 74.28
C ASN D 242 25.65 -20.13 73.20
N CYS D 243 24.74 -19.23 73.57
CA CYS D 243 24.16 -18.23 72.67
C CYS D 243 23.47 -18.84 71.46
N GLU D 244 22.79 -19.96 71.69
CA GLU D 244 22.04 -20.65 70.66
C GLU D 244 20.63 -20.97 71.14
N ASN D 245 19.65 -20.69 70.30
CA ASN D 245 18.25 -21.04 70.56
C ASN D 245 17.69 -20.43 71.84
N LEU D 246 18.14 -19.21 72.16
CA LEU D 246 17.70 -18.53 73.38
C LEU D 246 16.23 -18.09 73.24
N PRO D 247 15.51 -18.02 74.37
CA PRO D 247 14.08 -17.67 74.35
C PRO D 247 13.77 -16.39 73.58
N GLU D 248 14.59 -15.35 73.77
CA GLU D 248 14.40 -14.07 73.07
C GLU D 248 14.53 -14.19 71.55
N THR D 249 15.36 -15.12 71.08
CA THR D 249 15.46 -15.42 69.66
C THR D 249 14.12 -15.89 69.12
N HIS D 250 13.53 -16.89 69.76
CA HIS D 250 12.22 -17.41 69.39
C HIS D 250 11.16 -16.31 69.47
N ALA D 251 11.25 -15.47 70.49
CA ALA D 251 10.30 -14.38 70.69
C ALA D 251 10.26 -13.42 69.51
N PHE D 252 11.44 -13.13 68.95
CA PHE D 252 11.51 -12.27 67.76
C PHE D 252 10.89 -12.94 66.54
N LEU D 253 11.14 -14.23 66.37
CA LEU D 253 10.55 -14.98 65.26
C LEU D 253 9.03 -14.98 65.32
N LYS D 254 8.48 -14.98 66.54
CA LYS D 254 7.03 -14.92 66.72
C LYS D 254 6.44 -13.62 66.14
N ARG D 255 7.20 -12.54 66.28
CA ARG D 255 6.81 -11.25 65.70
C ARG D 255 6.77 -11.30 64.18
N CYS D 256 7.77 -11.94 63.59
CA CYS D 256 7.83 -12.10 62.14
C CYS D 256 6.63 -12.88 61.60
N ARG D 257 6.24 -13.93 62.32
CA ARG D 257 5.07 -14.73 61.95
C ARG D 257 3.82 -13.88 62.05
N LYS D 258 3.66 -13.16 63.16
CA LYS D 258 2.51 -12.28 63.35
C LYS D 258 2.41 -11.23 62.25
N ALA D 259 3.55 -10.63 61.90
CA ALA D 259 3.63 -9.65 60.80
C ALA D 259 3.22 -10.25 59.46
N ILE D 260 3.57 -11.52 59.23
CA ILE D 260 3.11 -12.25 58.06
C ILE D 260 1.60 -12.49 58.10
N ASP D 261 1.13 -13.11 59.19
CA ASP D 261 -0.28 -13.46 59.32
C ASP D 261 -1.20 -12.24 59.27
N ASP D 262 -0.76 -11.13 59.86
CA ASP D 262 -1.58 -9.93 59.95
C ASP D 262 -1.62 -9.14 58.64
N GLU D 263 -0.46 -8.98 58.00
CA GLU D 263 -0.33 -8.09 56.83
C GLU D 263 -0.41 -8.82 55.49
N TYR D 264 0.17 -10.00 55.40
CA TYR D 264 0.20 -10.75 54.15
C TYR D 264 -0.17 -12.21 54.38
N PRO D 265 -1.47 -12.53 54.47
CA PRO D 265 -1.86 -13.92 54.65
C PRO D 265 -1.45 -14.79 53.46
N GLY D 266 -1.03 -16.01 53.73
CA GLY D 266 -0.68 -16.97 52.68
C GLY D 266 0.78 -16.94 52.25
N ARG D 267 1.62 -16.26 53.03
CA ARG D 267 3.07 -16.26 52.79
C ARG D 267 3.73 -17.25 53.74
N VAL D 268 4.99 -17.59 53.49
CA VAL D 268 5.66 -18.64 54.25
C VAL D 268 6.98 -18.17 54.87
N LEU D 269 7.37 -18.79 55.98
CA LEU D 269 8.62 -18.49 56.68
C LEU D 269 9.36 -19.79 56.97
N LEU D 270 10.42 -20.05 56.22
CA LEU D 270 11.25 -21.24 56.43
C LEU D 270 12.39 -20.95 57.40
N ALA D 271 12.68 -21.89 58.29
CA ALA D 271 13.75 -21.73 59.26
C ALA D 271 14.93 -22.63 58.94
N GLU D 272 16.04 -22.02 58.53
CA GLU D 272 17.30 -22.73 58.41
C GLU D 272 17.88 -22.85 59.81
N ALA D 273 17.59 -23.99 60.44
CA ALA D 273 18.17 -24.33 61.73
C ALA D 273 18.85 -25.69 61.57
N ASN D 274 20.17 -25.68 61.64
CA ASN D 274 20.95 -26.89 61.40
C ASN D 274 21.17 -27.67 62.70
N GLN D 275 20.09 -28.22 63.23
CA GLN D 275 20.13 -28.93 64.51
C GLN D 275 19.33 -30.23 64.44
N TRP D 276 19.47 -31.03 65.49
CA TRP D 276 18.77 -32.31 65.59
C TRP D 276 17.27 -32.05 65.62
N PRO D 277 16.47 -32.92 64.96
CA PRO D 277 15.01 -32.80 64.91
C PRO D 277 14.34 -32.42 66.22
N ALA D 278 14.77 -33.04 67.32
CA ALA D 278 14.17 -32.75 68.62
C ALA D 278 14.36 -31.30 69.08
N ASP D 279 15.34 -30.62 68.50
CA ASP D 279 15.61 -29.21 68.84
C ASP D 279 14.86 -28.24 67.93
N VAL D 280 14.84 -28.54 66.63
CA VAL D 280 14.24 -27.62 65.67
C VAL D 280 12.72 -27.53 65.76
N VAL D 281 12.09 -28.53 66.39
CA VAL D 281 10.65 -28.50 66.62
C VAL D 281 10.20 -27.26 67.41
N ALA D 282 11.11 -26.68 68.19
CA ALA D 282 10.83 -25.44 68.91
C ALA D 282 10.66 -24.22 67.99
N TYR D 283 11.20 -24.31 66.77
CA TYR D 283 11.11 -23.21 65.82
C TYR D 283 9.77 -23.14 65.08
N PHE D 284 8.93 -24.15 65.25
CA PHE D 284 7.55 -24.10 64.74
C PHE D 284 6.66 -23.31 65.69
N GLY D 285 7.08 -23.20 66.95
CA GLY D 285 6.43 -22.36 67.94
C GLY D 285 5.54 -23.13 68.91
N ASP D 286 4.82 -22.39 69.75
CA ASP D 286 3.90 -22.97 70.72
C ASP D 286 2.86 -23.83 70.01
N PRO D 287 2.83 -25.14 70.33
CA PRO D 287 1.91 -26.06 69.66
C PRO D 287 0.46 -25.89 70.08
N ASP D 288 0.21 -25.22 71.20
CA ASP D 288 -1.16 -24.94 71.66
C ASP D 288 -1.92 -24.08 70.65
N THR D 289 -1.23 -23.07 70.11
CA THR D 289 -1.81 -22.20 69.09
C THR D 289 -1.71 -22.80 67.68
N GLY D 290 -1.11 -23.98 67.56
CA GLY D 290 -0.95 -24.65 66.28
C GLY D 290 0.16 -24.05 65.44
N GLY D 291 1.09 -23.36 66.11
CA GLY D 291 2.23 -22.71 65.45
C GLY D 291 2.11 -21.20 65.49
N ASP D 292 3.17 -20.55 65.96
CA ASP D 292 3.26 -19.09 65.96
C ASP D 292 4.67 -18.56 65.67
N GLU D 293 5.53 -19.41 65.10
CA GLU D 293 6.86 -18.99 64.66
C GLU D 293 7.01 -19.30 63.18
N CYS D 294 7.83 -20.29 62.82
CA CYS D 294 8.04 -20.61 61.43
C CYS D 294 7.02 -21.64 60.93
N HIS D 295 6.70 -21.58 59.66
CA HIS D 295 5.82 -22.55 59.02
C HIS D 295 6.57 -23.84 58.72
N MET D 296 7.82 -23.69 58.28
CA MET D 296 8.65 -24.83 57.90
C MET D 296 10.03 -24.75 58.54
N ALA D 297 10.58 -25.92 58.83
CA ALA D 297 11.99 -26.07 59.20
C ALA D 297 12.52 -27.29 58.45
N PHE D 298 13.83 -27.41 58.35
CA PHE D 298 14.40 -28.51 57.57
C PHE D 298 14.78 -29.69 58.45
N HIS D 299 14.34 -30.87 58.02
CA HIS D 299 14.72 -32.13 58.65
C HIS D 299 16.06 -32.55 58.07
N PHE D 300 17.13 -32.07 58.69
CA PHE D 300 18.48 -32.14 58.10
C PHE D 300 19.13 -33.53 58.04
N PRO D 301 18.95 -34.35 59.09
CA PRO D 301 19.67 -35.63 59.08
C PRO D 301 18.99 -36.76 58.30
N LEU D 302 17.91 -36.46 57.57
CA LEU D 302 17.21 -37.49 56.79
C LEU D 302 18.13 -38.10 55.75
N MET D 303 18.77 -37.26 54.93
CA MET D 303 19.61 -37.73 53.83
C MET D 303 20.80 -38.58 54.30
N PRO D 304 21.56 -38.09 55.31
CA PRO D 304 22.64 -38.92 55.84
C PRO D 304 22.17 -40.30 56.31
N ARG D 305 20.98 -40.36 56.87
CA ARG D 305 20.41 -41.63 57.29
C ARG D 305 19.99 -42.49 56.10
N ILE D 306 19.27 -41.90 55.15
CA ILE D 306 18.87 -42.63 53.95
C ILE D 306 20.12 -43.17 53.27
N PHE D 307 21.15 -42.34 53.18
CA PHE D 307 22.42 -42.73 52.55
C PHE D 307 23.02 -43.96 53.22
N MET D 308 23.22 -43.87 54.54
CA MET D 308 23.78 -44.99 55.31
C MET D 308 22.87 -46.21 55.30
N ALA D 309 21.57 -45.99 55.18
CA ALA D 309 20.62 -47.09 55.10
C ALA D 309 20.83 -47.92 53.83
N VAL D 310 21.08 -47.24 52.71
CA VAL D 310 21.36 -47.94 51.45
C VAL D 310 22.73 -48.62 51.50
N ARG D 311 23.66 -47.98 52.20
CA ARG D 311 25.00 -48.55 52.40
C ARG D 311 24.94 -49.88 53.16
N ARG D 312 24.19 -49.89 54.24
CA ARG D 312 24.03 -51.09 55.08
C ARG D 312 23.09 -52.11 54.45
N GLU D 313 22.23 -51.66 53.54
CA GLU D 313 21.14 -52.46 52.99
C GLU D 313 20.18 -52.86 54.10
N SER D 314 19.94 -51.91 55.01
CA SER D 314 19.05 -52.09 56.13
C SER D 314 18.15 -50.87 56.24
N ARG D 315 16.88 -51.10 56.55
CA ARG D 315 15.90 -50.03 56.59
C ARG D 315 16.00 -49.17 57.83
N PHE D 316 16.67 -49.68 58.86
CA PHE D 316 16.52 -49.14 60.20
C PHE D 316 17.09 -47.74 60.45
N PRO D 317 18.22 -47.39 59.81
CA PRO D 317 18.67 -46.01 59.96
C PRO D 317 17.66 -44.97 59.48
N ILE D 318 16.82 -45.32 58.50
CA ILE D 318 15.71 -44.45 58.10
C ILE D 318 14.59 -44.50 59.14
N SER D 319 14.17 -45.72 59.48
CA SER D 319 13.10 -45.92 60.46
C SER D 319 13.34 -45.18 61.78
N GLU D 320 14.59 -45.17 62.22
CA GLU D 320 14.95 -44.63 63.54
C GLU D 320 14.66 -43.13 63.65
N ILE D 321 15.21 -42.33 62.75
CA ILE D 321 14.97 -40.87 62.79
C ILE D 321 13.52 -40.51 62.51
N LEU D 322 12.82 -41.31 61.71
CA LEU D 322 11.40 -41.10 61.51
C LEU D 322 10.60 -41.37 62.78
N ALA D 323 11.01 -42.39 63.53
CA ALA D 323 10.39 -42.70 64.82
C ALA D 323 10.77 -41.70 65.88
N GLN D 324 12.00 -41.19 65.83
CA GLN D 324 12.49 -40.26 66.85
C GLN D 324 12.19 -38.79 66.55
N THR D 325 11.51 -38.52 65.45
CA THR D 325 11.10 -37.15 65.14
C THR D 325 9.82 -36.80 65.90
N PRO D 326 9.87 -35.74 66.72
CA PRO D 326 8.67 -35.35 67.47
C PRO D 326 7.58 -34.78 66.57
N PRO D 327 6.32 -34.85 67.02
CA PRO D 327 5.21 -34.28 66.24
C PRO D 327 5.28 -32.76 66.20
N ILE D 328 4.83 -32.19 65.08
CA ILE D 328 4.90 -30.76 64.84
C ILE D 328 3.50 -30.17 64.77
N PRO D 329 3.37 -28.84 64.92
CA PRO D 329 2.06 -28.17 64.87
C PRO D 329 1.25 -28.39 63.58
N ASP D 330 -0.02 -28.00 63.61
CA ASP D 330 -0.96 -28.27 62.52
C ASP D 330 -0.62 -27.48 61.25
N THR D 331 -0.28 -26.21 61.42
CA THR D 331 0.17 -25.38 60.30
C THR D 331 1.51 -25.86 59.76
N ALA D 332 2.35 -26.36 60.65
CA ALA D 332 3.74 -26.68 60.34
C ALA D 332 3.91 -27.78 59.29
N GLN D 333 5.06 -27.75 58.62
CA GLN D 333 5.43 -28.77 57.65
C GLN D 333 6.96 -28.92 57.62
N TRP D 334 7.43 -30.18 57.59
CA TRP D 334 8.85 -30.44 57.48
C TRP D 334 9.32 -30.13 56.06
N GLY D 335 10.58 -29.73 55.95
CA GLY D 335 11.24 -29.55 54.65
C GLY D 335 12.33 -30.57 54.55
N ILE D 336 12.41 -31.29 53.43
CA ILE D 336 13.45 -32.31 53.25
C ILE D 336 14.13 -32.18 51.91
N PHE D 337 15.43 -32.39 51.90
CA PHE D 337 16.19 -32.41 50.65
C PHE D 337 17.27 -33.49 50.71
N LEU D 338 17.85 -33.82 49.54
CA LEU D 338 18.81 -34.92 49.43
C LEU D 338 20.25 -34.44 49.48
N ARG D 339 20.62 -33.79 50.58
CA ARG D 339 22.02 -33.36 50.79
C ARG D 339 22.49 -33.62 52.21
N ASN D 340 23.80 -33.78 52.37
CA ASN D 340 24.39 -34.10 53.65
C ASN D 340 24.90 -32.89 54.44
N HIS D 341 25.04 -31.74 53.79
CA HIS D 341 25.56 -30.55 54.48
C HIS D 341 24.68 -29.31 54.33
N ASP D 342 24.72 -28.49 55.38
CA ASP D 342 24.04 -27.22 55.38
C ASP D 342 24.87 -26.20 54.59
N GLU D 343 24.27 -25.61 53.56
CA GLU D 343 24.98 -24.65 52.68
C GLU D 343 25.58 -23.42 53.40
N LEU D 344 25.03 -23.07 54.56
CA LEU D 344 25.53 -21.94 55.34
C LEU D 344 26.88 -22.22 55.99
N THR D 345 26.93 -23.28 56.80
CA THR D 345 28.10 -23.60 57.61
C THR D 345 28.94 -24.73 57.03
N LEU D 346 28.42 -25.41 56.01
CA LEU D 346 29.04 -26.62 55.45
C LEU D 346 29.31 -27.68 56.52
N GLU D 347 28.36 -27.81 57.45
CA GLU D 347 28.42 -28.82 58.51
C GLU D 347 27.28 -29.81 58.36
N MET D 348 27.58 -31.08 58.55
CA MET D 348 26.53 -32.10 58.60
C MET D 348 26.00 -32.14 60.01
N VAL D 349 24.69 -32.01 60.16
CA VAL D 349 24.06 -32.07 61.48
C VAL D 349 24.31 -33.41 62.16
N THR D 350 24.64 -33.36 63.45
CA THR D 350 24.74 -34.57 64.26
C THR D 350 24.72 -34.21 65.74
N ASP D 351 24.16 -35.11 66.52
CA ASP D 351 24.09 -34.96 67.96
C ASP D 351 24.81 -36.15 68.56
N GLU D 352 25.87 -35.87 69.33
CA GLU D 352 26.68 -36.94 69.92
C GLU D 352 25.86 -37.93 70.74
N GLU D 353 24.87 -37.44 71.49
CA GLU D 353 24.03 -38.30 72.32
C GLU D 353 22.89 -38.92 71.53
N ARG D 354 22.06 -38.08 70.92
CA ARG D 354 20.80 -38.54 70.31
C ARG D 354 20.94 -39.23 68.93
N ASP D 355 22.08 -39.07 68.27
CA ASP D 355 22.35 -39.79 67.01
C ASP D 355 23.13 -41.05 67.36
N TYR D 356 22.56 -42.21 67.03
CA TYR D 356 23.22 -43.49 67.27
C TYR D 356 24.22 -43.80 66.14
N MET D 357 24.04 -43.15 65.00
CA MET D 357 24.95 -43.28 63.88
C MET D 357 26.16 -42.32 63.99
N TYR D 358 26.32 -41.68 65.15
CA TYR D 358 27.32 -40.63 65.35
C TYR D 358 28.74 -41.04 64.90
N ALA D 359 29.27 -42.10 65.50
CA ALA D 359 30.61 -42.58 65.16
C ALA D 359 30.65 -43.29 63.80
N GLU D 360 29.50 -43.81 63.37
CA GLU D 360 29.40 -44.63 62.16
C GLU D 360 29.81 -43.91 60.89
N TYR D 361 29.44 -42.63 60.76
CA TYR D 361 29.62 -41.88 59.51
C TYR D 361 31.10 -41.77 59.13
N ALA D 362 31.91 -41.30 60.06
CA ALA D 362 33.34 -41.10 59.83
C ALA D 362 34.04 -42.39 59.40
N LYS D 363 33.52 -43.53 59.85
CA LYS D 363 34.10 -44.81 59.50
C LYS D 363 33.77 -45.26 58.08
N ASP D 364 32.69 -44.75 57.51
CA ASP D 364 32.32 -45.08 56.12
C ASP D 364 33.24 -44.36 55.16
N PRO D 365 33.83 -45.09 54.19
CA PRO D 365 34.79 -44.49 53.25
C PRO D 365 34.16 -43.44 52.33
N ARG D 366 32.92 -43.66 51.93
CA ARG D 366 32.21 -42.76 51.02
C ARG D 366 31.85 -41.45 51.71
N MET D 367 31.30 -41.56 52.92
CA MET D 367 30.94 -40.40 53.73
C MET D 367 32.18 -39.57 54.08
N LYS D 368 33.26 -40.26 54.43
CA LYS D 368 34.52 -39.65 54.86
C LYS D 368 35.12 -38.78 53.77
N ALA D 369 34.90 -39.17 52.52
CA ALA D 369 35.51 -38.48 51.37
C ALA D 369 34.95 -37.10 51.12
N ASN D 370 33.67 -36.91 51.44
CA ASN D 370 32.99 -35.67 51.10
C ASN D 370 32.66 -34.79 52.30
N VAL D 371 33.37 -35.00 53.41
CA VAL D 371 33.12 -34.22 54.61
C VAL D 371 33.40 -32.75 54.31
N GLY D 372 32.38 -31.92 54.52
CA GLY D 372 32.50 -30.48 54.38
C GLY D 372 32.33 -29.94 52.97
N ILE D 373 31.92 -30.79 52.04
CA ILE D 373 31.77 -30.38 50.65
C ILE D 373 30.36 -30.70 50.15
N ARG D 374 29.73 -29.71 49.52
CA ARG D 374 28.45 -29.94 48.87
C ARG D 374 28.67 -30.79 47.62
N ARG D 375 27.89 -31.85 47.48
CA ARG D 375 27.92 -32.72 46.30
C ARG D 375 26.52 -32.89 45.76
N ARG D 376 26.43 -33.05 44.45
CA ARG D 376 25.15 -33.35 43.85
C ARG D 376 24.74 -34.79 44.03
N LEU D 377 23.47 -35.05 43.71
CA LEU D 377 22.87 -36.35 43.90
C LEU D 377 23.56 -37.40 43.06
N ALA D 378 23.84 -37.07 41.80
CA ALA D 378 24.46 -38.03 40.88
C ALA D 378 25.86 -38.49 41.33
N PRO D 379 26.78 -37.55 41.63
CA PRO D 379 28.06 -37.97 42.16
C PRO D 379 27.98 -38.66 43.52
N LEU D 380 27.10 -38.19 44.39
CA LEU D 380 26.92 -38.82 45.71
C LEU D 380 26.62 -40.31 45.61
N LEU D 381 25.89 -40.70 44.57
CA LEU D 381 25.53 -42.10 44.36
C LEU D 381 26.34 -42.72 43.22
N GLU D 382 27.50 -42.14 42.92
CA GLU D 382 28.42 -42.66 41.89
C GLU D 382 27.75 -42.88 40.55
N ASN D 383 26.85 -41.96 40.21
CA ASN D 383 26.12 -41.96 38.94
C ASN D 383 25.25 -43.20 38.67
N ASP D 384 24.92 -43.94 39.71
CA ASP D 384 24.08 -45.12 39.57
C ASP D 384 22.64 -44.67 39.36
N ARG D 385 22.15 -44.89 38.14
CA ARG D 385 20.82 -44.44 37.75
C ARG D 385 19.72 -45.04 38.60
N ASN D 386 19.85 -46.33 38.90
CA ASN D 386 18.85 -47.02 39.72
C ASN D 386 18.77 -46.42 41.11
N GLN D 387 19.92 -46.03 41.67
CA GLN D 387 19.96 -45.38 42.98
C GLN D 387 19.38 -43.97 42.95
N ILE D 388 19.77 -43.20 41.94
CA ILE D 388 19.27 -41.85 41.75
C ILE D 388 17.75 -41.87 41.77
N GLU D 389 17.16 -42.87 41.11
CA GLU D 389 15.71 -43.04 41.10
C GLU D 389 15.16 -43.37 42.49
N LEU D 390 15.81 -44.30 43.19
CA LEU D 390 15.38 -44.69 44.54
C LEU D 390 15.38 -43.54 45.53
N PHE D 391 16.48 -42.79 45.58
CA PHE D 391 16.60 -41.64 46.48
C PHE D 391 15.58 -40.57 46.14
N THR D 392 15.37 -40.32 44.85
CA THR D 392 14.35 -39.38 44.40
C THR D 392 12.97 -39.91 44.80
N ALA D 393 12.74 -41.19 44.61
CA ALA D 393 11.46 -41.82 44.96
C ALA D 393 11.16 -41.68 46.46
N LEU D 394 12.18 -41.78 47.30
CA LEU D 394 12.02 -41.61 48.74
C LEU D 394 11.74 -40.15 49.10
N LEU D 395 12.46 -39.24 48.46
CA LEU D 395 12.28 -37.81 48.70
C LEU D 395 10.85 -37.38 48.43
N LEU D 396 10.24 -37.89 47.37
CA LEU D 396 8.92 -37.46 46.98
C LEU D 396 7.81 -38.14 47.78
N SER D 397 8.09 -39.30 48.37
CA SER D 397 7.05 -40.08 49.09
C SER D 397 7.14 -40.00 50.60
N LEU D 398 8.25 -39.51 51.15
CA LEU D 398 8.39 -39.36 52.60
C LEU D 398 7.72 -38.08 53.08
N PRO D 399 7.34 -38.04 54.37
CA PRO D 399 6.62 -36.91 54.92
C PRO D 399 7.38 -35.61 54.83
N GLY D 400 6.66 -34.53 54.52
CA GLY D 400 7.25 -33.20 54.42
C GLY D 400 7.38 -32.74 52.98
N SER D 401 7.59 -31.44 52.79
CA SER D 401 7.71 -30.88 51.45
C SER D 401 9.16 -30.97 50.93
N PRO D 402 9.34 -31.56 49.74
CA PRO D 402 10.66 -31.82 49.19
C PRO D 402 11.25 -30.64 48.42
N VAL D 403 12.59 -30.53 48.45
CA VAL D 403 13.32 -29.51 47.71
C VAL D 403 14.26 -30.18 46.72
N LEU D 404 14.05 -29.91 45.44
CA LEU D 404 14.97 -30.35 44.39
C LEU D 404 16.05 -29.29 44.17
N TYR D 405 17.28 -29.74 43.91
CA TYR D 405 18.37 -28.83 43.60
C TYR D 405 18.55 -28.81 42.09
N TYR D 406 18.74 -27.62 41.53
CA TYR D 406 18.81 -27.44 40.08
C TYR D 406 19.89 -28.29 39.45
N GLY D 407 19.55 -28.87 38.30
CA GLY D 407 20.47 -29.71 37.56
C GLY D 407 20.43 -31.16 37.98
N ASP D 408 19.88 -31.47 39.15
CA ASP D 408 19.78 -32.86 39.58
C ASP D 408 18.77 -33.65 38.76
N GLU D 409 17.85 -32.94 38.12
CA GLU D 409 16.85 -33.59 37.28
C GLU D 409 17.46 -34.23 36.04
N ILE D 410 18.56 -33.68 35.55
CA ILE D 410 19.29 -34.25 34.40
C ILE D 410 20.56 -34.98 34.82
N GLY D 411 20.78 -35.09 36.13
CA GLY D 411 21.92 -35.83 36.66
C GLY D 411 23.25 -35.17 36.36
N MET D 412 23.32 -33.87 36.62
CA MET D 412 24.56 -33.13 36.50
C MET D 412 25.48 -33.54 37.63
N GLY D 413 26.76 -33.28 37.43
CA GLY D 413 27.76 -33.57 38.45
C GLY D 413 28.23 -32.32 39.17
N ASP D 414 29.42 -32.40 39.75
CA ASP D 414 30.03 -31.24 40.38
C ASP D 414 31.54 -31.19 40.13
N ILE D 415 32.12 -30.03 40.41
CA ILE D 415 33.55 -29.83 40.32
C ILE D 415 34.05 -29.43 41.70
N ILE D 416 34.54 -30.40 42.45
CA ILE D 416 34.90 -30.17 43.86
C ILE D 416 35.99 -29.13 44.06
N TRP D 417 36.88 -29.01 43.09
CA TRP D 417 38.08 -28.18 43.25
C TRP D 417 37.78 -26.69 43.21
N LEU D 418 36.58 -26.33 42.76
CA LEU D 418 36.16 -24.93 42.70
C LEU D 418 35.87 -24.33 44.07
N GLY D 419 35.68 -25.19 45.07
CA GLY D 419 35.34 -24.74 46.43
C GLY D 419 34.27 -25.61 47.04
N ASP D 420 34.25 -25.65 48.38
CA ASP D 420 33.35 -26.55 49.10
C ASP D 420 31.88 -26.25 48.91
N ARG D 421 31.57 -25.02 48.52
CA ARG D 421 30.20 -24.63 48.25
C ARG D 421 29.98 -24.35 46.76
N ASP D 422 31.01 -23.85 46.07
CA ASP D 422 30.90 -23.59 44.64
C ASP D 422 30.78 -24.88 43.83
N SER D 423 31.30 -25.98 44.36
CA SER D 423 31.23 -27.28 43.71
C SER D 423 29.89 -27.57 43.04
N VAL D 424 28.80 -27.16 43.67
CA VAL D 424 27.47 -27.45 43.16
C VAL D 424 26.81 -26.24 42.50
N ARG D 425 27.61 -25.25 42.13
CA ARG D 425 27.08 -23.98 41.63
C ARG D 425 27.63 -23.64 40.25
N THR D 426 27.98 -24.68 39.48
CA THR D 426 28.41 -24.50 38.11
C THR D 426 27.22 -24.08 37.24
N PRO D 427 27.46 -23.70 35.97
CA PRO D 427 26.33 -23.32 35.12
C PRO D 427 25.42 -24.48 34.77
N MET D 428 24.14 -24.17 34.63
CA MET D 428 23.14 -25.15 34.23
C MET D 428 23.43 -25.56 32.81
N GLN D 429 23.46 -26.86 32.57
CA GLN D 429 23.86 -27.39 31.28
C GLN D 429 22.66 -27.59 30.38
N TRP D 430 22.41 -26.62 29.51
CA TRP D 430 21.22 -26.58 28.64
C TRP D 430 21.36 -27.34 27.33
N THR D 431 22.49 -27.17 26.65
CA THR D 431 22.75 -27.85 25.38
C THR D 431 24.20 -28.32 25.36
N PRO D 432 24.58 -29.13 24.37
CA PRO D 432 25.99 -29.45 24.18
C PRO D 432 26.75 -28.39 23.37
N ASP D 433 26.17 -27.19 23.24
CA ASP D 433 26.83 -26.09 22.53
C ASP D 433 27.85 -25.44 23.43
N ARG D 434 28.61 -24.52 22.85
CA ARG D 434 29.57 -23.72 23.59
C ARG D 434 28.99 -23.18 24.90
N ASN D 435 29.75 -23.33 25.99
CA ASN D 435 29.33 -22.94 27.33
C ASN D 435 28.07 -23.65 27.79
N ALA D 436 27.84 -24.85 27.27
CA ALA D 436 26.67 -25.63 27.63
C ALA D 436 25.36 -24.89 27.41
N GLY D 437 25.36 -23.89 26.53
CA GLY D 437 24.16 -23.09 26.23
C GLY D 437 23.74 -22.16 27.34
N PHE D 438 24.66 -21.87 28.25
CA PHE D 438 24.38 -21.02 29.39
C PHE D 438 24.60 -19.55 29.05
N SER D 439 25.59 -19.26 28.23
CA SER D 439 25.92 -17.88 27.88
C SER D 439 26.56 -17.77 26.49
N LYS D 440 26.45 -16.60 25.91
CA LYS D 440 27.07 -16.31 24.63
C LYS D 440 28.49 -15.82 24.81
N ALA D 441 28.83 -15.38 26.03
CA ALA D 441 30.13 -14.78 26.30
C ALA D 441 31.25 -15.76 26.03
N THR D 442 32.46 -15.24 25.87
CA THR D 442 33.63 -16.09 25.70
C THR D 442 33.84 -16.94 26.95
N PRO D 443 34.39 -18.15 26.78
CA PRO D 443 34.47 -19.08 27.92
C PRO D 443 35.21 -18.54 29.12
N GLY D 444 36.19 -17.68 28.89
CA GLY D 444 36.94 -17.03 29.98
C GLY D 444 36.12 -16.12 30.88
N ARG D 445 35.10 -15.49 30.32
CA ARG D 445 34.25 -14.57 31.06
C ARG D 445 33.28 -15.25 32.03
N LEU D 446 33.01 -16.53 31.83
CA LEU D 446 32.04 -17.23 32.68
C LEU D 446 32.42 -17.15 34.15
N TYR D 447 31.42 -16.95 35.01
CA TYR D 447 31.62 -16.88 36.46
C TYR D 447 32.18 -18.18 37.03
N LEU D 448 31.78 -19.30 36.45
CA LEU D 448 32.35 -20.60 36.75
C LEU D 448 32.32 -21.46 35.48
N PRO D 449 33.29 -22.38 35.34
CA PRO D 449 33.32 -23.16 34.14
C PRO D 449 32.30 -24.29 34.22
N PRO D 450 31.71 -24.68 33.07
CA PRO D 450 30.87 -25.86 33.03
C PRO D 450 31.65 -27.16 33.17
N ASN D 451 30.93 -28.21 33.53
CA ASN D 451 31.52 -29.53 33.70
C ASN D 451 32.01 -30.06 32.39
N GLN D 452 33.25 -30.56 32.37
CA GLN D 452 33.84 -30.98 31.10
C GLN D 452 34.38 -32.41 31.08
N ASP D 453 34.18 -33.16 32.14
CA ASP D 453 34.70 -34.52 32.21
C ASP D 453 33.85 -35.46 31.38
N ALA D 454 34.36 -36.67 31.16
CA ALA D 454 33.71 -37.63 30.29
C ALA D 454 32.36 -38.12 30.81
N VAL D 455 32.11 -37.95 32.10
CA VAL D 455 30.94 -38.53 32.75
C VAL D 455 29.81 -37.52 32.90
N TYR D 456 30.10 -36.40 33.55
CA TYR D 456 29.09 -35.38 33.82
C TYR D 456 29.22 -34.15 32.93
N GLY D 457 30.01 -34.28 31.86
CA GLY D 457 30.31 -33.16 30.98
C GLY D 457 29.11 -32.68 30.21
N TYR D 458 29.15 -31.42 29.81
CA TYR D 458 28.02 -30.82 29.10
C TYR D 458 27.86 -31.38 27.70
N HIS D 459 28.90 -32.02 27.18
CA HIS D 459 28.76 -32.72 25.90
C HIS D 459 27.86 -33.97 26.00
N SER D 460 27.78 -34.55 27.20
CA SER D 460 27.01 -35.76 27.41
C SER D 460 25.83 -35.59 28.39
N VAL D 461 25.84 -34.55 29.21
CA VAL D 461 24.77 -34.33 30.17
C VAL D 461 24.18 -32.93 30.01
N ASN D 462 23.02 -32.85 29.37
CA ASN D 462 22.35 -31.57 29.18
C ASN D 462 20.87 -31.75 28.93
N VAL D 463 20.12 -30.67 29.08
CA VAL D 463 18.67 -30.72 28.97
C VAL D 463 18.24 -31.09 27.55
N GLU D 464 18.84 -30.45 26.56
CA GLU D 464 18.48 -30.65 25.15
C GLU D 464 18.54 -32.11 24.76
N ALA D 465 19.59 -32.78 25.20
CA ALA D 465 19.78 -34.20 24.90
C ALA D 465 18.69 -35.08 25.51
N GLN D 466 18.30 -34.76 26.73
CA GLN D 466 17.34 -35.59 27.48
C GLN D 466 15.86 -35.36 27.17
N LEU D 467 15.56 -34.25 26.49
CA LEU D 467 14.17 -33.89 26.21
C LEU D 467 13.46 -34.90 25.33
N ASP D 468 14.23 -35.64 24.52
CA ASP D 468 13.65 -36.46 23.46
C ASP D 468 13.14 -37.83 23.92
N SER D 469 14.03 -38.66 24.48
CA SER D 469 13.61 -39.99 24.91
C SER D 469 12.92 -39.91 26.25
N SER D 470 11.75 -40.55 26.34
CA SER D 470 11.00 -40.56 27.60
C SER D 470 11.65 -41.49 28.63
N SER D 471 12.74 -42.13 28.23
CA SER D 471 13.52 -42.96 29.14
C SER D 471 14.58 -42.15 29.90
N SER D 472 14.79 -40.91 29.51
CA SER D 472 15.81 -40.06 30.11
C SER D 472 15.51 -39.77 31.57
N LEU D 473 16.52 -39.37 32.31
CA LEU D 473 16.34 -39.05 33.71
C LEU D 473 15.49 -37.79 33.90
N LEU D 474 15.64 -36.81 33.00
CA LEU D 474 14.82 -35.59 33.05
C LEU D 474 13.34 -35.94 32.94
N ASN D 475 13.00 -36.67 31.88
CA ASN D 475 11.61 -37.06 31.66
C ASN D 475 11.08 -37.98 32.76
N TRP D 476 11.94 -38.86 33.28
CA TRP D 476 11.56 -39.72 34.40
C TRP D 476 11.23 -38.86 35.61
N THR D 477 12.14 -37.94 35.94
CA THR D 477 11.98 -37.07 37.09
C THR D 477 10.75 -36.21 36.94
N ARG D 478 10.49 -35.73 35.72
CA ARG D 478 9.32 -34.89 35.46
C ARG D 478 8.02 -35.61 35.78
N ASN D 479 7.94 -36.85 35.31
CA ASN D 479 6.75 -37.67 35.47
C ASN D 479 6.49 -38.09 36.91
N MET D 480 7.55 -38.26 37.67
CA MET D 480 7.42 -38.61 39.08
C MET D 480 6.78 -37.47 39.85
N LEU D 481 7.12 -36.24 39.48
CA LEU D 481 6.48 -35.06 40.05
C LEU D 481 5.02 -34.98 39.61
N ALA D 482 4.77 -35.39 38.36
CA ALA D 482 3.41 -35.44 37.83
C ALA D 482 2.52 -36.44 38.59
N VAL D 483 3.09 -37.58 38.94
CA VAL D 483 2.36 -38.58 39.71
C VAL D 483 2.12 -38.06 41.13
N ARG D 484 3.16 -37.51 41.76
CA ARG D 484 3.07 -37.01 43.13
C ARG D 484 2.00 -35.94 43.28
N SER D 485 1.89 -35.07 42.28
CA SER D 485 0.90 -34.00 42.30
C SER D 485 -0.53 -34.51 42.13
N ARG D 486 -0.69 -35.77 41.72
CA ARG D 486 -2.02 -36.37 41.54
C ARG D 486 -2.55 -37.06 42.79
N HIS D 487 -1.72 -37.21 43.82
CA HIS D 487 -2.15 -37.80 45.10
C HIS D 487 -1.73 -36.93 46.28
N ASP D 488 -2.73 -36.45 47.03
CA ASP D 488 -2.49 -35.57 48.17
C ASP D 488 -1.82 -36.31 49.31
N ALA D 489 -2.05 -37.62 49.37
CA ALA D 489 -1.46 -38.45 50.41
C ALA D 489 0.05 -38.21 50.59
N PHE D 490 0.77 -38.06 49.50
CA PHE D 490 2.22 -37.83 49.57
C PHE D 490 2.52 -36.52 50.30
N ALA D 491 1.75 -35.48 49.99
CA ALA D 491 2.02 -34.14 50.52
C ALA D 491 1.68 -34.00 51.99
N VAL D 492 0.42 -34.27 52.34
CA VAL D 492 -0.13 -33.98 53.68
C VAL D 492 -0.84 -35.17 54.33
N GLY D 493 -0.54 -36.39 53.87
CA GLY D 493 -1.16 -37.59 54.42
C GLY D 493 -0.41 -38.12 55.63
N THR D 494 -1.03 -39.04 56.35
CA THR D 494 -0.41 -39.70 57.49
C THR D 494 0.73 -40.59 57.01
N PHE D 495 1.57 -41.04 57.93
CA PHE D 495 2.70 -41.90 57.60
C PHE D 495 2.78 -43.07 58.56
N ARG D 496 2.44 -44.27 58.09
CA ARG D 496 2.56 -45.47 58.90
C ARG D 496 3.50 -46.46 58.26
N GLU D 497 4.57 -46.78 58.97
CA GLU D 497 5.56 -47.74 58.49
C GLU D 497 5.04 -49.16 58.68
N LEU D 498 5.05 -49.94 57.59
CA LEU D 498 4.50 -51.30 57.60
C LEU D 498 5.49 -52.36 58.10
N GLY D 499 6.77 -52.03 58.11
CA GLY D 499 7.79 -52.95 58.59
C GLY D 499 8.07 -54.06 57.60
N GLY D 500 7.70 -55.28 57.96
CA GLY D 500 7.98 -56.46 57.14
C GLY D 500 9.09 -57.31 57.72
N SER D 501 9.17 -58.56 57.24
CA SER D 501 10.14 -59.53 57.73
C SER D 501 11.55 -59.27 57.21
N ASN D 502 11.64 -58.77 55.97
CA ASN D 502 12.92 -58.49 55.33
C ASN D 502 13.46 -57.12 55.74
N PRO D 503 14.65 -57.09 56.39
CA PRO D 503 15.23 -55.83 56.86
C PRO D 503 15.70 -54.88 55.77
N SER D 504 15.89 -55.39 54.57
CA SER D 504 16.39 -54.59 53.46
C SER D 504 15.29 -53.79 52.74
N VAL D 505 14.03 -54.07 53.05
CA VAL D 505 12.92 -53.43 52.34
C VAL D 505 12.13 -52.51 53.26
N LEU D 506 12.08 -51.22 52.90
CA LEU D 506 11.33 -50.22 53.66
C LEU D 506 9.97 -49.96 53.02
N ALA D 507 8.90 -50.43 53.68
CA ALA D 507 7.54 -50.26 53.18
C ALA D 507 6.69 -49.42 54.14
N TYR D 508 5.90 -48.49 53.57
CA TYR D 508 5.04 -47.61 54.36
C TYR D 508 3.82 -47.13 53.57
N ILE D 509 2.84 -46.60 54.29
CA ILE D 509 1.58 -46.17 53.69
C ILE D 509 1.29 -44.71 54.03
N ARG D 510 0.99 -43.92 53.00
CA ARG D 510 0.49 -42.55 53.19
C ARG D 510 -1.01 -42.57 52.98
N GLU D 511 -1.74 -41.78 53.76
CA GLU D 511 -3.20 -41.83 53.79
C GLU D 511 -3.84 -40.47 54.07
N VAL D 512 -4.92 -40.17 53.34
CA VAL D 512 -5.73 -38.96 53.53
C VAL D 512 -7.19 -39.37 53.69
N THR D 513 -7.88 -38.72 54.62
CA THR D 513 -9.27 -39.10 54.95
C THR D 513 -10.32 -38.46 54.06
N ARG D 514 -11.46 -39.14 53.97
CA ARG D 514 -12.56 -38.75 53.09
C ARG D 514 -13.31 -37.53 53.66
N GLN D 515 -12.82 -36.33 53.33
CA GLN D 515 -13.43 -35.08 53.80
C GLN D 515 -14.80 -34.87 53.14
N GLN D 516 -15.83 -34.85 53.99
CA GLN D 516 -17.25 -34.78 53.57
C GLN D 516 -17.68 -35.68 52.38
N GLY D 517 -16.86 -36.70 52.09
CA GLY D 517 -17.15 -37.68 51.02
C GLY D 517 -16.42 -37.49 49.70
N ASP D 518 -15.76 -38.57 49.25
CA ASP D 518 -15.31 -38.76 47.85
C ASP D 518 -14.40 -40.00 47.72
N GLY D 519 -14.23 -40.49 46.49
CA GLY D 519 -13.39 -41.65 46.20
C GLY D 519 -12.51 -41.44 44.98
N GLY D 520 -11.78 -40.33 44.97
CA GLY D 520 -10.86 -39.98 43.87
C GLY D 520 -9.39 -40.13 44.23
N ALA D 521 -8.53 -39.57 43.38
CA ALA D 521 -7.09 -39.49 43.66
C ALA D 521 -6.79 -38.46 44.78
N LYS D 522 -7.81 -37.67 45.13
CA LYS D 522 -7.81 -36.91 46.38
C LYS D 522 -7.68 -37.85 47.59
N THR D 523 -8.80 -38.45 48.02
CA THR D 523 -8.87 -39.12 49.34
C THR D 523 -8.32 -40.56 49.24
N ASP D 524 -7.02 -40.62 49.03
CA ASP D 524 -6.33 -41.85 48.71
C ASP D 524 -5.67 -42.46 49.93
N ALA D 525 -5.39 -43.76 49.79
CA ALA D 525 -4.36 -44.43 50.56
C ALA D 525 -3.35 -44.87 49.51
N VAL D 526 -2.07 -44.56 49.73
CA VAL D 526 -1.03 -45.02 48.81
C VAL D 526 0.00 -45.88 49.55
N LEU D 527 0.57 -46.84 48.83
CA LEU D 527 1.54 -47.77 49.39
C LEU D 527 2.85 -47.61 48.66
N CYS D 528 3.92 -47.41 49.42
CA CYS D 528 5.27 -47.30 48.86
C CYS D 528 6.15 -48.42 49.38
N VAL D 529 6.74 -49.18 48.47
CA VAL D 529 7.68 -50.23 48.85
C VAL D 529 9.01 -49.88 48.21
N ASN D 530 10.04 -49.73 49.04
CA ASN D 530 11.39 -49.38 48.58
C ASN D 530 12.38 -50.48 48.97
N ASN D 531 13.23 -50.89 48.04
CA ASN D 531 14.25 -51.90 48.33
C ASN D 531 15.62 -51.26 48.43
N LEU D 532 16.18 -51.25 49.65
CA LEU D 532 17.47 -50.62 49.89
C LEU D 532 18.66 -51.49 49.50
N SER D 533 18.42 -52.78 49.28
CA SER D 533 19.49 -53.70 48.88
C SER D 533 19.75 -53.65 47.38
N ARG D 534 21.00 -53.88 46.99
CA ARG D 534 21.38 -53.87 45.58
C ARG D 534 21.04 -55.18 44.88
N PHE D 535 20.60 -56.18 45.65
CA PHE D 535 20.15 -57.44 45.10
C PHE D 535 18.64 -57.49 45.14
N PRO D 536 18.01 -58.36 44.33
CA PRO D 536 16.55 -58.51 44.36
C PRO D 536 16.07 -59.04 45.69
N GLN D 537 14.95 -58.49 46.18
CA GLN D 537 14.47 -58.83 47.51
C GLN D 537 12.97 -59.11 47.48
N PRO D 538 12.53 -60.14 48.22
CA PRO D 538 11.11 -60.38 48.43
C PRO D 538 10.67 -59.81 49.77
N ILE D 539 9.46 -59.29 49.83
CA ILE D 539 8.88 -58.85 51.10
C ILE D 539 7.43 -59.30 51.24
N GLU D 540 7.12 -59.89 52.39
CA GLU D 540 5.75 -60.28 52.70
C GLU D 540 5.12 -59.24 53.62
N LEU D 541 4.22 -58.45 53.06
CA LEU D 541 3.58 -57.37 53.80
C LEU D 541 2.23 -57.81 54.35
N ASN D 542 1.84 -57.17 55.45
CA ASN D 542 0.54 -57.40 56.06
C ASN D 542 -0.40 -56.22 55.82
N LEU D 543 -1.25 -56.38 54.80
CA LEU D 543 -2.18 -55.33 54.40
C LEU D 543 -3.62 -55.78 54.63
N GLN D 544 -3.87 -56.48 55.75
CA GLN D 544 -5.18 -57.04 56.05
C GLN D 544 -6.24 -55.94 56.17
N GLN D 545 -5.81 -54.78 56.67
CA GLN D 545 -6.72 -53.66 56.85
C GLN D 545 -7.34 -53.21 55.53
N TRP D 546 -6.60 -53.37 54.43
CA TRP D 546 -7.13 -53.08 53.10
C TRP D 546 -7.53 -54.37 52.37
N ALA D 547 -8.11 -55.33 53.09
CA ALA D 547 -8.58 -56.55 52.44
C ALA D 547 -9.62 -56.17 51.39
N GLY D 548 -9.55 -56.82 50.23
CA GLY D 548 -10.50 -56.55 49.13
C GLY D 548 -10.09 -55.41 48.22
N TYR D 549 -9.24 -54.51 48.73
CA TYR D 549 -8.73 -53.39 47.93
C TYR D 549 -7.83 -53.90 46.80
N ILE D 550 -7.76 -53.11 45.73
CA ILE D 550 -6.94 -53.44 44.58
C ILE D 550 -5.78 -52.45 44.50
N PRO D 551 -4.54 -52.93 44.64
CA PRO D 551 -3.39 -52.07 44.44
C PRO D 551 -3.21 -51.77 42.97
N VAL D 552 -3.02 -50.50 42.64
CA VAL D 552 -2.81 -50.06 41.26
C VAL D 552 -1.51 -49.29 41.15
N GLU D 553 -0.56 -49.82 40.40
CA GLU D 553 0.74 -49.18 40.23
C GLU D 553 0.58 -47.88 39.45
N MET D 554 1.13 -46.79 39.99
CA MET D 554 0.79 -45.43 39.54
C MET D 554 1.43 -45.01 38.22
N THR D 555 2.66 -45.45 38.00
CA THR D 555 3.38 -45.07 36.78
C THR D 555 2.81 -45.76 35.53
N GLY D 556 2.13 -46.88 35.70
CA GLY D 556 1.53 -47.60 34.57
C GLY D 556 0.02 -47.84 34.63
N TYR D 557 -0.61 -47.43 35.73
CA TYR D 557 -2.03 -47.71 35.96
C TYR D 557 -2.35 -49.18 35.79
N VAL D 558 -1.48 -50.04 36.32
CA VAL D 558 -1.70 -51.48 36.25
C VAL D 558 -2.30 -52.01 37.55
N GLU D 559 -3.35 -52.82 37.41
CA GLU D 559 -3.99 -53.42 38.55
C GLU D 559 -3.25 -54.68 38.95
N PHE D 560 -2.93 -54.76 40.24
CA PHE D 560 -2.29 -55.94 40.82
C PHE D 560 -3.37 -56.79 41.48
N PRO D 561 -3.02 -58.03 41.88
CA PRO D 561 -4.00 -58.85 42.56
C PRO D 561 -4.52 -58.21 43.84
N SER D 562 -5.80 -58.38 44.13
CA SER D 562 -6.43 -57.76 45.30
C SER D 562 -5.82 -58.29 46.60
N ILE D 563 -5.81 -57.43 47.62
CA ILE D 563 -5.21 -57.78 48.89
C ILE D 563 -6.15 -58.70 49.66
N GLY D 564 -5.58 -59.75 50.25
CA GLY D 564 -6.35 -60.73 51.01
C GLY D 564 -5.98 -60.78 52.48
N GLN D 565 -6.32 -61.90 53.13
CA GLN D 565 -5.99 -62.11 54.54
C GLN D 565 -4.55 -62.55 54.72
N LEU D 566 -4.05 -63.37 53.80
CA LEU D 566 -2.67 -63.82 53.85
C LEU D 566 -1.70 -62.69 53.53
N PRO D 567 -0.45 -62.79 54.02
CA PRO D 567 0.55 -61.77 53.71
C PRO D 567 0.70 -61.55 52.21
N TYR D 568 0.81 -60.30 51.80
CA TYR D 568 0.95 -59.94 50.39
C TYR D 568 2.43 -60.01 50.01
N LEU D 569 2.75 -60.73 48.94
CA LEU D 569 4.15 -60.85 48.49
C LEU D 569 4.48 -59.92 47.33
N LEU D 570 5.49 -59.09 47.53
CA LEU D 570 6.01 -58.23 46.47
C LEU D 570 7.50 -58.52 46.30
N THR D 571 7.95 -58.55 45.05
CA THR D 571 9.35 -58.80 44.75
C THR D 571 9.93 -57.62 44.00
N LEU D 572 11.02 -57.07 44.51
CA LEU D 572 11.65 -55.92 43.90
C LEU D 572 13.04 -56.29 43.38
N PRO D 573 13.51 -55.59 42.34
CA PRO D 573 14.88 -55.70 41.90
C PRO D 573 15.78 -54.85 42.78
N GLY D 574 17.09 -54.95 42.57
CA GLY D 574 18.05 -54.16 43.32
C GLY D 574 17.75 -52.67 43.24
N HIS D 575 17.67 -52.02 44.39
CA HIS D 575 17.38 -50.59 44.47
C HIS D 575 16.13 -50.18 43.68
N GLY D 576 15.15 -51.07 43.64
CA GLY D 576 13.89 -50.78 42.98
C GLY D 576 12.89 -50.25 43.97
N PHE D 577 11.74 -49.82 43.45
CA PHE D 577 10.63 -49.38 44.29
C PHE D 577 9.32 -49.43 43.52
N TYR D 578 8.21 -49.49 44.26
CA TYR D 578 6.87 -49.45 43.67
C TYR D 578 6.01 -48.42 44.39
N TRP D 579 5.09 -47.80 43.64
CA TRP D 579 4.11 -46.87 44.20
C TRP D 579 2.72 -47.35 43.80
N PHE D 580 1.98 -47.86 44.77
CA PHE D 580 0.65 -48.39 44.52
C PHE D 580 -0.42 -47.45 45.06
N GLN D 581 -1.47 -47.26 44.28
CA GLN D 581 -2.69 -46.62 44.77
C GLN D 581 -3.63 -47.71 45.28
N LEU D 582 -3.99 -47.65 46.56
CA LEU D 582 -4.93 -48.61 47.12
C LEU D 582 -6.36 -48.18 46.81
N ARG D 583 -6.98 -48.92 45.90
CA ARG D 583 -8.28 -48.56 45.35
C ARG D 583 -9.37 -49.45 45.92
N GLU D 584 -10.53 -48.86 46.20
CA GLU D 584 -11.64 -49.61 46.80
C GLU D 584 -12.20 -50.70 45.89
N PRO D 585 -12.73 -51.78 46.49
CA PRO D 585 -13.50 -52.74 45.70
C PRO D 585 -14.85 -52.15 45.29
N ASP D 586 -15.40 -52.66 44.19
CA ASP D 586 -16.57 -52.08 43.55
C ASP D 586 -17.89 -52.48 44.22
N PRO D 587 -18.66 -51.49 44.71
CA PRO D 587 -19.87 -51.79 45.49
C PRO D 587 -20.91 -52.61 44.73
N LEU E 29 -40.89 50.83 14.92
CA LEU E 29 -40.55 49.42 15.25
C LEU E 29 -39.84 49.35 16.59
N PRO E 30 -39.95 48.21 17.29
CA PRO E 30 -39.25 48.04 18.56
C PRO E 30 -37.76 48.33 18.44
N THR E 31 -37.21 49.06 19.39
CA THR E 31 -35.83 49.51 19.32
C THR E 31 -34.85 48.32 19.38
N ASP E 32 -34.03 48.21 18.34
CA ASP E 32 -33.04 47.13 18.21
C ASP E 32 -31.80 47.70 17.53
N THR E 33 -30.65 47.65 18.20
CA THR E 33 -29.44 48.30 17.71
C THR E 33 -28.53 47.36 16.93
N ASN E 34 -29.01 46.16 16.62
CA ASN E 34 -28.26 45.18 15.84
C ASN E 34 -28.99 44.65 14.60
N TRP E 35 -30.15 45.23 14.28
CA TRP E 35 -30.98 44.75 13.17
C TRP E 35 -30.23 44.75 11.84
N PHE E 36 -29.40 45.76 11.64
CA PHE E 36 -28.66 45.92 10.39
C PHE E 36 -27.58 44.86 10.19
N LYS E 37 -27.11 44.24 11.27
CA LYS E 37 -26.14 43.15 11.16
C LYS E 37 -26.79 41.83 10.72
N HIS E 38 -28.08 41.68 11.00
CA HIS E 38 -28.84 40.50 10.61
C HIS E 38 -29.65 40.69 9.32
N ALA E 39 -29.81 41.92 8.88
CA ALA E 39 -30.69 42.25 7.77
C ALA E 39 -30.10 41.82 6.43
N VAL E 40 -30.99 41.62 5.46
CA VAL E 40 -30.64 41.43 4.06
C VAL E 40 -31.31 42.56 3.30
N PHE E 41 -30.49 43.45 2.73
CA PHE E 41 -30.99 44.66 2.09
C PHE E 41 -31.44 44.42 0.66
N TYR E 42 -32.44 45.17 0.23
CA TYR E 42 -33.01 45.05 -1.11
C TYR E 42 -33.05 46.43 -1.75
N GLU E 43 -32.10 46.71 -2.64
CA GLU E 43 -32.04 48.01 -3.30
C GLU E 43 -33.06 48.08 -4.43
N VAL E 44 -34.04 48.97 -4.30
CA VAL E 44 -35.10 49.08 -5.28
C VAL E 44 -35.38 50.54 -5.60
N LEU E 45 -35.33 50.89 -6.88
CA LEU E 45 -35.68 52.23 -7.33
C LEU E 45 -37.19 52.48 -7.30
N VAL E 46 -37.59 53.65 -6.79
CA VAL E 46 -39.01 54.00 -6.71
C VAL E 46 -39.62 54.12 -8.10
N ARG E 47 -38.87 54.72 -9.02
CA ARG E 47 -39.30 54.93 -10.41
C ARG E 47 -39.47 53.65 -11.21
N ALA E 48 -38.85 52.57 -10.75
CA ALA E 48 -38.71 51.36 -11.55
C ALA E 48 -39.64 50.23 -11.14
N PHE E 49 -40.11 50.25 -9.91
CA PHE E 49 -40.71 49.06 -9.31
C PHE E 49 -42.16 48.86 -9.75
N TYR E 50 -43.04 49.83 -9.48
CA TYR E 50 -44.43 49.71 -9.88
C TYR E 50 -45.11 51.06 -10.01
N ASP E 51 -45.92 51.20 -11.05
CA ASP E 51 -46.64 52.44 -11.32
C ASP E 51 -48.14 52.25 -11.13
N SER E 52 -48.71 53.07 -10.25
CA SER E 52 -50.12 52.94 -9.86
C SER E 52 -51.01 54.04 -10.42
N ASN E 53 -50.43 55.11 -10.94
CA ASN E 53 -51.20 56.24 -11.48
C ASN E 53 -51.16 56.34 -13.01
N ALA E 54 -50.77 55.25 -13.67
CA ALA E 54 -50.72 55.16 -15.13
C ALA E 54 -50.10 56.38 -15.82
N ASP E 55 -49.05 56.94 -15.21
CA ASP E 55 -48.29 58.04 -15.80
C ASP E 55 -47.06 57.54 -16.53
N GLY E 56 -46.77 56.25 -16.38
CA GLY E 56 -45.59 55.62 -16.96
C GLY E 56 -44.36 55.72 -16.07
N ILE E 57 -44.53 56.23 -14.85
CA ILE E 57 -43.42 56.44 -13.92
C ILE E 57 -43.73 55.84 -12.57
N GLY E 58 -42.87 54.92 -12.14
CA GLY E 58 -43.03 54.22 -10.87
C GLY E 58 -43.07 55.21 -9.74
N ASP E 59 -43.90 54.92 -8.74
CA ASP E 59 -44.22 55.89 -7.71
C ASP E 59 -44.29 55.24 -6.34
N LEU E 60 -44.34 56.07 -5.30
CA LEU E 60 -44.30 55.61 -3.92
C LEU E 60 -45.50 54.72 -3.61
N ARG E 61 -46.67 55.16 -4.04
CA ARG E 61 -47.90 54.39 -3.85
C ARG E 61 -47.91 53.04 -4.56
N GLY E 62 -47.22 52.95 -5.68
CA GLY E 62 -47.10 51.69 -6.38
C GLY E 62 -46.22 50.77 -5.59
N LEU E 63 -45.07 51.28 -5.15
CA LEU E 63 -44.15 50.53 -4.31
C LEU E 63 -44.83 50.04 -3.04
N THR E 64 -45.74 50.85 -2.49
CA THR E 64 -46.52 50.45 -1.33
C THR E 64 -47.38 49.22 -1.61
N GLU E 65 -48.02 49.20 -2.77
CA GLU E 65 -48.89 48.07 -3.17
C GLU E 65 -48.13 46.75 -3.27
N LYS E 66 -46.88 46.82 -3.71
CA LYS E 66 -46.07 45.63 -3.95
C LYS E 66 -45.23 45.20 -2.74
N LEU E 67 -45.49 45.78 -1.57
CA LEU E 67 -44.78 45.40 -0.36
C LEU E 67 -45.01 43.95 0.04
N ASP E 68 -46.17 43.40 -0.31
CA ASP E 68 -46.48 42.00 -0.01
C ASP E 68 -45.54 41.05 -0.72
N TYR E 69 -45.13 41.40 -1.94
CA TYR E 69 -44.13 40.64 -2.68
C TYR E 69 -42.78 40.70 -1.96
N ILE E 70 -42.35 41.90 -1.64
CA ILE E 70 -41.11 42.12 -0.92
C ILE E 70 -41.07 41.30 0.37
N LYS E 71 -42.15 41.34 1.14
CA LYS E 71 -42.28 40.54 2.36
C LYS E 71 -42.12 39.06 2.05
N TRP E 72 -42.81 38.59 1.00
CA TRP E 72 -42.79 37.19 0.58
C TRP E 72 -41.39 36.73 0.18
N LEU E 73 -40.67 37.60 -0.51
CA LEU E 73 -39.30 37.30 -0.93
C LEU E 73 -38.41 37.03 0.29
N GLY E 74 -38.65 37.80 1.36
CA GLY E 74 -37.95 37.60 2.63
C GLY E 74 -36.82 38.56 2.91
N VAL E 75 -36.83 39.72 2.25
CA VAL E 75 -35.85 40.75 2.53
C VAL E 75 -36.28 41.53 3.76
N ASP E 76 -35.31 42.12 4.45
CA ASP E 76 -35.53 42.75 5.73
C ASP E 76 -35.61 44.28 5.65
N CYS E 77 -34.88 44.86 4.71
CA CYS E 77 -34.82 46.31 4.59
C CYS E 77 -34.75 46.77 3.14
N LEU E 78 -35.57 47.77 2.81
CA LEU E 78 -35.54 48.40 1.50
C LEU E 78 -34.47 49.48 1.49
N TRP E 79 -33.71 49.55 0.41
CA TRP E 79 -32.78 50.66 0.21
C TRP E 79 -33.20 51.41 -1.06
N LEU E 80 -33.68 52.64 -0.85
CA LEU E 80 -34.16 53.50 -1.92
C LEU E 80 -33.09 54.52 -2.33
N PRO E 81 -32.70 54.53 -3.61
CA PRO E 81 -31.85 55.61 -4.12
C PRO E 81 -32.61 56.94 -4.08
N PRO E 82 -31.90 58.07 -4.27
CA PRO E 82 -32.48 59.39 -3.97
C PRO E 82 -33.79 59.69 -4.70
N PHE E 83 -34.81 60.09 -3.95
CA PHE E 83 -36.14 60.33 -4.50
C PHE E 83 -36.59 61.75 -4.20
N TYR E 84 -35.64 62.64 -3.95
CA TYR E 84 -35.96 64.03 -3.60
C TYR E 84 -36.19 64.83 -4.87
N ASP E 85 -36.89 65.95 -4.75
CA ASP E 85 -37.12 66.85 -5.88
C ASP E 85 -35.79 67.18 -6.53
N SER E 86 -35.71 66.99 -7.84
CA SER E 86 -34.46 67.13 -8.57
C SER E 86 -34.71 67.42 -10.04
N PRO E 87 -33.80 68.18 -10.68
CA PRO E 87 -33.84 68.33 -12.14
C PRO E 87 -33.40 67.07 -12.86
N LEU E 88 -32.83 66.12 -12.11
CA LEU E 88 -32.51 64.78 -12.62
C LEU E 88 -31.48 64.81 -13.76
N ARG E 89 -30.60 65.80 -13.72
CA ARG E 89 -29.50 65.89 -14.68
C ARG E 89 -28.41 64.87 -14.35
N ASP E 90 -28.36 64.43 -13.09
CA ASP E 90 -27.45 63.35 -12.70
C ASP E 90 -28.21 62.28 -11.91
N GLY E 91 -29.19 61.66 -12.57
CA GLY E 91 -29.99 60.56 -12.00
C GLY E 91 -30.60 60.80 -10.63
N GLY E 92 -30.84 62.06 -10.27
CA GLY E 92 -31.43 62.40 -8.97
C GLY E 92 -30.44 62.49 -7.82
N TYR E 93 -29.16 62.28 -8.11
CA TYR E 93 -28.11 62.49 -7.11
C TYR E 93 -27.76 63.98 -6.98
N ASP E 94 -28.40 64.81 -7.80
CA ASP E 94 -28.33 66.28 -7.70
C ASP E 94 -29.62 66.82 -7.09
N ILE E 95 -29.62 66.96 -5.76
CA ILE E 95 -30.84 67.29 -5.02
C ILE E 95 -31.15 68.78 -5.05
N ARG E 96 -32.39 69.10 -5.42
CA ARG E 96 -32.86 70.48 -5.50
C ARG E 96 -33.57 70.91 -4.21
N ASP E 97 -34.23 69.97 -3.55
CA ASP E 97 -34.95 70.27 -2.30
C ASP E 97 -34.96 69.04 -1.41
N PHE E 98 -34.29 69.15 -0.26
CA PHE E 98 -34.17 68.01 0.68
C PHE E 98 -35.47 67.65 1.38
N TYR E 99 -36.42 68.59 1.43
CA TYR E 99 -37.68 68.38 2.15
C TYR E 99 -38.88 68.11 1.23
N LYS E 100 -38.62 67.80 -0.04
CA LYS E 100 -39.67 67.58 -1.01
C LYS E 100 -39.34 66.38 -1.86
N VAL E 101 -40.22 65.40 -1.85
CA VAL E 101 -40.09 64.23 -2.72
C VAL E 101 -40.49 64.64 -4.15
N LEU E 102 -39.74 64.14 -5.13
CA LEU E 102 -39.99 64.46 -6.54
C LEU E 102 -41.47 64.24 -6.89
N PRO E 103 -42.13 65.28 -7.44
CA PRO E 103 -43.55 65.29 -7.78
C PRO E 103 -44.10 63.98 -8.36
N GLU E 104 -43.36 63.39 -9.28
CA GLU E 104 -43.81 62.19 -10.01
C GLU E 104 -43.89 60.94 -9.14
N PHE E 105 -43.16 60.93 -8.04
CA PHE E 105 -43.20 59.82 -7.09
C PHE E 105 -44.31 60.00 -6.06
N GLY E 106 -44.61 61.26 -5.72
CA GLY E 106 -45.72 61.56 -4.81
C GLY E 106 -45.39 62.67 -3.84
N THR E 107 -46.13 62.70 -2.74
CA THR E 107 -45.91 63.68 -1.68
C THR E 107 -45.17 63.03 -0.54
N VAL E 108 -44.70 63.86 0.39
CA VAL E 108 -44.03 63.38 1.59
C VAL E 108 -44.98 62.47 2.37
N ASP E 109 -46.27 62.80 2.36
CA ASP E 109 -47.32 61.96 2.98
C ASP E 109 -47.33 60.55 2.41
N ASP E 110 -47.17 60.44 1.09
CA ASP E 110 -47.12 59.13 0.44
C ASP E 110 -45.92 58.30 0.89
N PHE E 111 -44.83 58.99 1.23
CA PHE E 111 -43.65 58.32 1.78
C PHE E 111 -43.94 57.78 3.18
N VAL E 112 -44.67 58.56 3.98
CA VAL E 112 -45.05 58.12 5.33
C VAL E 112 -45.99 56.90 5.24
N THR E 113 -46.91 56.94 4.27
CA THR E 113 -47.82 55.82 3.99
C THR E 113 -47.04 54.56 3.67
N LEU E 114 -45.97 54.68 2.88
CA LEU E 114 -45.06 53.57 2.58
C LEU E 114 -44.35 53.05 3.83
N LEU E 115 -43.80 53.98 4.60
CA LEU E 115 -43.10 53.63 5.84
C LEU E 115 -43.97 52.83 6.79
N ASP E 116 -45.15 53.37 7.09
CA ASP E 116 -46.07 52.74 8.02
C ASP E 116 -46.48 51.35 7.53
N ALA E 117 -46.78 51.25 6.24
CA ALA E 117 -47.15 49.98 5.61
C ALA E 117 -46.02 48.97 5.64
N ALA E 118 -44.79 49.45 5.47
CA ALA E 118 -43.61 48.58 5.53
C ALA E 118 -43.28 48.14 6.95
N HIS E 119 -43.33 49.07 7.90
CA HIS E 119 -43.08 48.74 9.30
C HIS E 119 -44.10 47.77 9.86
N ARG E 120 -45.35 47.89 9.42
CA ARG E 120 -46.42 46.97 9.86
C ARG E 120 -46.07 45.50 9.61
N ARG E 121 -45.31 45.24 8.55
CA ARG E 121 -44.86 43.88 8.25
C ARG E 121 -43.35 43.74 8.48
N GLY E 122 -42.83 44.53 9.42
CA GLY E 122 -41.44 44.41 9.89
C GLY E 122 -40.34 44.74 8.90
N ILE E 123 -40.69 45.39 7.80
CA ILE E 123 -39.71 45.77 6.77
C ILE E 123 -39.26 47.21 7.02
N ARG E 124 -37.95 47.39 7.14
CA ARG E 124 -37.36 48.71 7.35
C ARG E 124 -37.01 49.38 6.03
N ILE E 125 -36.82 50.70 6.06
CA ILE E 125 -36.47 51.47 4.87
C ILE E 125 -35.32 52.42 5.17
N ILE E 126 -34.29 52.38 4.32
CA ILE E 126 -33.20 53.37 4.34
C ILE E 126 -33.14 54.06 2.99
N THR E 127 -32.45 55.20 2.92
CA THR E 127 -32.36 55.95 1.68
C THR E 127 -30.98 56.56 1.44
N ASP E 128 -30.62 56.70 0.16
CA ASP E 128 -29.44 57.46 -0.24
C ASP E 128 -29.67 58.93 0.09
N LEU E 129 -28.66 59.57 0.68
CA LEU E 129 -28.70 61.00 0.95
C LEU E 129 -27.34 61.63 0.66
N VAL E 130 -27.29 62.42 -0.41
CA VAL E 130 -26.06 63.06 -0.83
C VAL E 130 -25.74 64.20 0.14
N MET E 131 -24.54 64.17 0.69
CA MET E 131 -24.12 65.12 1.72
C MET E 131 -23.20 66.22 1.16
N ASN E 132 -22.35 65.86 0.20
CA ASN E 132 -21.31 66.76 -0.29
C ASN E 132 -21.81 67.96 -1.09
N HIS E 133 -22.80 67.72 -1.95
CA HIS E 133 -23.23 68.73 -2.92
C HIS E 133 -24.74 68.76 -3.09
N THR E 134 -25.26 69.91 -3.47
CA THR E 134 -26.65 70.05 -3.89
C THR E 134 -26.68 70.46 -5.36
N SER E 135 -27.86 70.40 -5.95
CA SER E 135 -28.05 70.88 -7.32
C SER E 135 -27.87 72.38 -7.35
N ASP E 136 -27.45 72.92 -8.49
CA ASP E 136 -27.33 74.37 -8.66
C ASP E 136 -28.69 75.08 -8.70
N GLN E 137 -29.75 74.29 -8.78
CA GLN E 137 -31.12 74.78 -8.74
C GLN E 137 -31.67 74.85 -7.32
N HIS E 138 -30.93 74.31 -6.36
CA HIS E 138 -31.36 74.34 -4.96
C HIS E 138 -31.48 75.80 -4.55
N GLU E 139 -32.54 76.11 -3.80
CA GLU E 139 -32.79 77.48 -3.34
C GLU E 139 -31.59 78.16 -2.66
N TRP E 140 -30.85 77.38 -1.87
CA TRP E 140 -29.61 77.84 -1.22
C TRP E 140 -28.62 78.42 -2.21
N PHE E 141 -28.30 77.66 -3.26
CA PHE E 141 -27.31 78.09 -4.25
C PHE E 141 -27.80 79.29 -5.06
N GLN E 142 -29.10 79.34 -5.34
CA GLN E 142 -29.68 80.51 -6.00
C GLN E 142 -29.62 81.76 -5.12
N GLU E 143 -29.75 81.56 -3.82
CA GLU E 143 -29.59 82.64 -2.84
C GLU E 143 -28.13 83.02 -2.63
N SER E 144 -27.23 82.06 -2.75
CA SER E 144 -25.80 82.31 -2.59
C SER E 144 -25.23 83.13 -3.73
N ARG E 145 -25.66 82.83 -4.95
CA ARG E 145 -25.19 83.54 -6.14
C ARG E 145 -25.84 84.93 -6.29
N HIS E 146 -27.13 85.03 -6.00
CA HIS E 146 -27.88 86.29 -6.15
C HIS E 146 -27.63 87.24 -4.98
N ASN E 147 -27.53 86.69 -3.76
CA ASN E 147 -27.28 87.49 -2.55
C ASN E 147 -26.01 87.04 -1.86
N PRO E 148 -24.84 87.48 -2.38
CA PRO E 148 -23.55 87.05 -1.82
C PRO E 148 -23.30 87.55 -0.40
N ASP E 149 -23.93 88.67 -0.02
CA ASP E 149 -23.83 89.19 1.34
C ASP E 149 -25.02 88.77 2.21
N GLY E 150 -25.91 87.95 1.65
CA GLY E 150 -27.05 87.42 2.39
C GLY E 150 -26.65 86.34 3.39
N PRO E 151 -27.63 85.52 3.81
CA PRO E 151 -27.36 84.47 4.80
C PRO E 151 -26.87 83.16 4.18
N TYR E 152 -26.83 83.09 2.86
CA TYR E 152 -26.39 81.89 2.15
C TYR E 152 -25.15 82.13 1.30
N GLY E 153 -24.56 83.32 1.41
CA GLY E 153 -23.38 83.66 0.64
C GLY E 153 -22.20 82.75 0.88
N ASP E 154 -22.13 82.16 2.07
CA ASP E 154 -21.02 81.27 2.43
C ASP E 154 -21.47 79.81 2.58
N PHE E 155 -22.60 79.47 1.98
CA PHE E 155 -23.09 78.09 1.99
C PHE E 155 -22.34 77.21 0.99
N TYR E 156 -21.72 77.84 -0.01
CA TYR E 156 -20.94 77.12 -1.02
C TYR E 156 -19.54 77.68 -1.10
N VAL E 157 -18.61 76.90 -1.65
CA VAL E 157 -17.20 77.27 -1.65
C VAL E 157 -16.92 78.18 -2.85
N TRP E 158 -16.79 79.48 -2.59
CA TRP E 158 -16.53 80.46 -3.63
C TRP E 158 -15.07 80.93 -3.66
N SER E 159 -14.64 81.42 -4.82
CA SER E 159 -13.27 81.89 -5.01
C SER E 159 -13.19 82.90 -6.15
N ASP E 160 -12.09 83.66 -6.19
CA ASP E 160 -11.85 84.63 -7.26
C ASP E 160 -10.98 84.07 -8.39
N THR E 161 -10.27 82.98 -8.13
CA THR E 161 -9.52 82.26 -9.17
C THR E 161 -9.85 80.77 -9.12
N SER E 162 -9.39 80.01 -10.12
CA SER E 162 -9.64 78.57 -10.18
C SER E 162 -8.39 77.73 -9.83
N ASP E 163 -7.51 78.31 -9.02
CA ASP E 163 -6.25 77.65 -8.65
C ASP E 163 -6.45 76.80 -7.40
N ARG E 164 -7.10 77.39 -6.39
CA ARG E 164 -7.25 76.79 -5.06
C ARG E 164 -7.54 75.29 -5.08
N TYR E 165 -6.86 74.57 -4.19
CA TYR E 165 -6.97 73.11 -4.05
C TYR E 165 -6.54 72.36 -5.31
N PRO E 166 -5.31 72.61 -5.79
CA PRO E 166 -4.87 72.03 -7.06
C PRO E 166 -4.46 70.57 -6.96
N ASP E 167 -4.27 70.05 -5.76
CA ASP E 167 -3.90 68.65 -5.56
C ASP E 167 -5.09 67.71 -5.76
N ALA E 168 -6.30 68.23 -5.58
CA ALA E 168 -7.51 67.44 -5.75
C ALA E 168 -7.71 67.10 -7.22
N ARG E 169 -8.05 65.84 -7.49
CA ARG E 169 -8.28 65.38 -8.87
C ARG E 169 -9.68 65.71 -9.34
N ILE E 170 -9.87 65.72 -10.65
CA ILE E 170 -11.19 65.84 -11.25
C ILE E 170 -11.78 64.44 -11.37
N ILE E 171 -12.87 64.19 -10.66
CA ILE E 171 -13.46 62.85 -10.62
C ILE E 171 -13.90 62.45 -12.03
N PHE E 172 -14.75 63.29 -12.64
CA PHE E 172 -15.16 63.07 -14.03
C PHE E 172 -14.21 63.86 -14.93
N VAL E 173 -13.05 63.26 -15.19
CA VAL E 173 -11.96 63.93 -15.90
C VAL E 173 -12.25 64.09 -17.40
N ASP E 174 -13.24 63.37 -17.92
CA ASP E 174 -13.62 63.44 -19.32
C ASP E 174 -14.75 64.43 -19.60
N THR E 175 -15.48 64.81 -18.55
CA THR E 175 -16.61 65.73 -18.70
C THR E 175 -16.23 67.13 -18.19
N GLU E 176 -15.60 67.20 -17.03
CA GLU E 176 -15.22 68.47 -16.43
C GLU E 176 -13.73 68.77 -16.66
N GLU E 177 -13.44 69.99 -17.08
CA GLU E 177 -12.07 70.45 -17.32
C GLU E 177 -11.43 71.02 -16.05
N SER E 178 -12.27 71.38 -15.08
CA SER E 178 -11.81 71.95 -13.83
C SER E 178 -12.81 71.67 -12.72
N ASN E 179 -12.35 71.74 -11.48
CA ASN E 179 -13.23 71.62 -10.32
C ASN E 179 -13.78 72.98 -9.90
N TRP E 180 -13.35 74.04 -10.59
CA TRP E 180 -13.90 75.38 -10.38
C TRP E 180 -14.67 75.78 -11.63
N THR E 181 -15.90 76.26 -11.45
CA THR E 181 -16.73 76.74 -12.56
C THR E 181 -17.16 78.18 -12.27
N PHE E 182 -17.17 79.01 -13.31
CA PHE E 182 -17.45 80.44 -13.18
C PHE E 182 -18.95 80.73 -13.24
N ASP E 183 -19.51 81.27 -12.16
CA ASP E 183 -20.92 81.65 -12.13
C ASP E 183 -21.08 83.07 -12.66
N PRO E 184 -21.97 83.26 -13.66
CA PRO E 184 -22.14 84.58 -14.28
C PRO E 184 -22.84 85.61 -13.41
N VAL E 185 -23.76 85.16 -12.55
CA VAL E 185 -24.52 86.06 -11.69
C VAL E 185 -23.64 86.63 -10.55
N ARG E 186 -22.96 85.74 -9.83
CA ARG E 186 -22.09 86.17 -8.74
C ARG E 186 -20.72 86.68 -9.21
N ARG E 187 -20.35 86.33 -10.45
CA ARG E 187 -19.05 86.71 -11.02
C ARG E 187 -17.89 86.08 -10.26
N GLN E 188 -18.07 84.84 -9.79
CA GLN E 188 -17.04 84.11 -9.04
C GLN E 188 -17.02 82.63 -9.39
N PHE E 189 -15.91 81.97 -9.06
CA PHE E 189 -15.79 80.52 -9.21
C PHE E 189 -16.40 79.79 -8.03
N TYR E 190 -17.06 78.66 -8.28
CA TYR E 190 -17.56 77.80 -7.21
C TYR E 190 -17.03 76.38 -7.34
N TRP E 191 -16.74 75.77 -6.21
CA TRP E 191 -16.10 74.46 -6.16
C TRP E 191 -17.16 73.37 -6.32
N HIS E 192 -16.78 72.32 -7.04
CA HIS E 192 -17.60 71.12 -7.21
C HIS E 192 -16.72 69.93 -7.58
N ARG E 193 -16.78 68.86 -6.79
CA ARG E 193 -16.01 67.66 -7.10
C ARG E 193 -16.64 66.94 -8.28
N PHE E 194 -17.97 66.93 -8.31
CA PHE E 194 -18.73 66.22 -9.32
C PHE E 194 -18.97 67.14 -10.51
N PHE E 195 -20.17 67.14 -11.08
CA PHE E 195 -20.45 67.92 -12.28
C PHE E 195 -20.64 69.40 -11.96
N SER E 196 -20.52 70.24 -12.98
CA SER E 196 -20.56 71.70 -12.81
C SER E 196 -21.89 72.23 -12.27
N HIS E 197 -22.95 71.43 -12.38
CA HIS E 197 -24.28 71.80 -11.88
C HIS E 197 -24.55 71.22 -10.49
N GLN E 198 -23.51 70.71 -9.84
CA GLN E 198 -23.63 70.11 -8.51
C GLN E 198 -22.62 70.74 -7.56
N PRO E 199 -22.80 72.02 -7.25
CA PRO E 199 -21.84 72.76 -6.41
C PRO E 199 -21.66 72.16 -5.02
N ASP E 200 -20.41 72.16 -4.54
CA ASP E 200 -20.09 71.61 -3.23
C ASP E 200 -20.57 72.53 -2.12
N LEU E 201 -21.17 71.94 -1.09
CA LEU E 201 -21.55 72.68 0.11
C LEU E 201 -20.29 73.01 0.90
N ASN E 202 -20.26 74.21 1.47
CA ASN E 202 -19.14 74.64 2.30
C ASN E 202 -19.37 74.18 3.73
N TYR E 203 -18.69 73.10 4.11
CA TYR E 203 -18.83 72.53 5.45
C TYR E 203 -18.00 73.22 6.51
N ASP E 204 -17.19 74.21 6.11
CA ASP E 204 -16.48 75.06 7.08
C ASP E 204 -17.44 76.07 7.73
N ASN E 205 -18.50 76.43 7.02
CA ASN E 205 -19.56 77.25 7.58
C ASN E 205 -20.35 76.44 8.60
N PRO E 206 -20.38 76.90 9.87
CA PRO E 206 -21.13 76.18 10.91
C PRO E 206 -22.62 76.05 10.59
N ALA E 207 -23.19 77.06 9.94
CA ALA E 207 -24.62 77.05 9.56
C ALA E 207 -24.95 75.92 8.60
N VAL E 208 -24.01 75.59 7.71
CA VAL E 208 -24.17 74.49 6.76
C VAL E 208 -24.24 73.15 7.48
N GLN E 209 -23.36 72.95 8.46
CA GLN E 209 -23.37 71.74 9.26
C GLN E 209 -24.69 71.54 9.99
N GLU E 210 -25.24 72.63 10.53
CA GLU E 210 -26.52 72.59 11.23
C GLU E 210 -27.68 72.34 10.27
N ALA E 211 -27.60 72.93 9.08
CA ALA E 211 -28.64 72.75 8.06
C ALA E 211 -28.79 71.29 7.64
N MET E 212 -27.66 70.65 7.39
CA MET E 212 -27.64 69.25 6.96
C MET E 212 -28.02 68.29 8.08
N LEU E 213 -27.68 68.63 9.32
CA LEU E 213 -28.11 67.84 10.47
C LEU E 213 -29.62 67.93 10.67
N ASP E 214 -30.21 69.06 10.29
CA ASP E 214 -31.67 69.24 10.34
C ASP E 214 -32.38 68.46 9.24
N VAL E 215 -31.69 68.26 8.10
CA VAL E 215 -32.20 67.42 7.00
C VAL E 215 -32.30 65.97 7.47
N LEU E 216 -31.23 65.48 8.08
CA LEU E 216 -31.23 64.16 8.69
C LEU E 216 -32.38 64.03 9.69
N ARG E 217 -32.48 64.99 10.59
CA ARG E 217 -33.50 64.97 11.65
C ARG E 217 -34.93 64.98 11.12
N PHE E 218 -35.15 65.63 9.98
CA PHE E 218 -36.48 65.69 9.36
C PHE E 218 -36.99 64.29 9.02
N TRP E 219 -36.21 63.56 8.22
CA TRP E 219 -36.61 62.23 7.78
C TRP E 219 -36.59 61.22 8.94
N LEU E 220 -35.69 61.41 9.89
CA LEU E 220 -35.66 60.59 11.10
C LEU E 220 -36.89 60.81 11.98
N ASP E 221 -37.39 62.04 12.01
CA ASP E 221 -38.63 62.35 12.72
C ASP E 221 -39.82 61.67 12.05
N LEU E 222 -39.85 61.69 10.72
CA LEU E 222 -40.89 60.97 9.96
C LEU E 222 -40.87 59.47 10.25
N GLY E 223 -39.71 58.97 10.68
CA GLY E 223 -39.56 57.59 11.13
C GLY E 223 -38.76 56.69 10.21
N ILE E 224 -37.91 57.27 9.37
CA ILE E 224 -37.05 56.48 8.49
C ILE E 224 -36.02 55.74 9.35
N ASP E 225 -35.59 54.58 8.85
CA ASP E 225 -34.74 53.69 9.66
C ASP E 225 -33.25 53.99 9.54
N GLY E 226 -32.84 54.68 8.47
CA GLY E 226 -31.45 55.07 8.32
C GLY E 226 -31.14 55.77 7.02
N PHE E 227 -29.86 56.03 6.79
CA PHE E 227 -29.39 56.67 5.56
C PHE E 227 -28.12 56.01 5.04
N ARG E 228 -27.90 56.16 3.74
CA ARG E 228 -26.60 55.91 3.15
C ARG E 228 -26.03 57.25 2.74
N LEU E 229 -25.04 57.72 3.51
CA LEU E 229 -24.44 59.04 3.28
C LEU E 229 -23.49 59.01 2.08
N ASP E 230 -23.93 59.58 0.98
CA ASP E 230 -23.19 59.53 -0.28
C ASP E 230 -22.17 60.64 -0.39
N ALA E 231 -21.05 60.33 -1.05
CA ALA E 231 -20.00 61.30 -1.35
C ALA E 231 -19.40 62.00 -0.13
N VAL E 232 -19.40 61.32 1.02
CA VAL E 232 -18.86 61.89 2.27
C VAL E 232 -17.35 62.11 2.32
N PRO E 233 -16.56 61.36 1.53
CA PRO E 233 -15.12 61.65 1.59
C PRO E 233 -14.72 63.01 1.04
N TYR E 234 -15.61 63.67 0.31
CA TYR E 234 -15.31 64.94 -0.36
C TYR E 234 -15.88 66.19 0.34
N LEU E 235 -16.42 66.01 1.54
CA LEU E 235 -17.04 67.11 2.29
C LEU E 235 -16.06 68.25 2.46
N PHE E 236 -15.03 68.05 3.28
CA PHE E 236 -14.07 69.13 3.59
C PHE E 236 -12.95 69.18 2.57
N GLU E 237 -12.49 70.41 2.32
CA GLU E 237 -11.39 70.67 1.39
C GLU E 237 -10.31 71.44 2.14
N ARG E 238 -9.06 70.95 2.07
CA ARG E 238 -7.92 71.62 2.70
C ARG E 238 -6.74 71.73 1.73
N GLU E 239 -5.98 72.81 1.85
CA GLU E 239 -4.82 73.05 1.00
C GLU E 239 -3.70 72.05 1.30
N GLY E 240 -2.92 71.72 0.28
CA GLY E 240 -1.82 70.77 0.41
C GLY E 240 -2.25 69.32 0.54
N THR E 241 -3.51 69.03 0.24
CA THR E 241 -4.05 67.67 0.29
C THR E 241 -4.97 67.44 -0.88
N ASN E 242 -5.23 66.16 -1.18
CA ASN E 242 -6.15 65.78 -2.25
C ASN E 242 -7.63 65.98 -1.89
N CYS E 243 -7.90 66.59 -0.73
CA CYS E 243 -9.25 66.90 -0.28
C CYS E 243 -10.14 65.65 -0.16
N GLU E 244 -9.54 64.56 0.32
CA GLU E 244 -10.24 63.31 0.54
C GLU E 244 -9.92 62.75 1.92
N ASN E 245 -10.97 62.33 2.63
CA ASN E 245 -10.84 61.67 3.93
C ASN E 245 -10.13 62.51 4.98
N LEU E 246 -10.34 63.83 4.94
CA LEU E 246 -9.67 64.73 5.87
C LEU E 246 -10.27 64.57 7.27
N PRO E 247 -9.45 64.82 8.32
CA PRO E 247 -9.89 64.65 9.72
C PRO E 247 -11.22 65.35 10.06
N GLU E 248 -11.38 66.57 9.58
CA GLU E 248 -12.62 67.33 9.81
C GLU E 248 -13.86 66.67 9.18
N THR E 249 -13.67 65.97 8.06
CA THR E 249 -14.74 65.19 7.44
C THR E 249 -15.25 64.13 8.42
N HIS E 250 -14.33 63.33 8.94
CA HIS E 250 -14.65 62.31 9.93
C HIS E 250 -15.29 62.91 11.17
N ALA E 251 -14.78 64.07 11.59
CA ALA E 251 -15.29 64.77 12.78
C ALA E 251 -16.76 65.12 12.64
N PHE E 252 -17.17 65.53 11.45
CA PHE E 252 -18.58 65.83 11.19
C PHE E 252 -19.44 64.57 11.26
N LEU E 253 -18.94 63.48 10.68
CA LEU E 253 -19.65 62.20 10.71
C LEU E 253 -19.89 61.73 12.15
N LYS E 254 -18.93 62.00 13.02
CA LYS E 254 -19.07 61.63 14.43
C LYS E 254 -20.27 62.33 15.06
N ARG E 255 -20.53 63.57 14.65
CA ARG E 255 -21.69 64.32 15.11
C ARG E 255 -22.98 63.65 14.66
N CYS E 256 -23.03 63.21 13.40
CA CYS E 256 -24.19 62.53 12.86
C CYS E 256 -24.51 61.26 13.63
N ARG E 257 -23.47 60.51 13.99
CA ARG E 257 -23.63 59.30 14.78
C ARG E 257 -24.18 59.64 16.17
N LYS E 258 -23.58 60.64 16.82
CA LYS E 258 -24.03 61.08 18.14
C LYS E 258 -25.49 61.49 18.10
N ALA E 259 -25.88 62.26 17.08
CA ALA E 259 -27.26 62.69 16.89
C ALA E 259 -28.21 61.51 16.73
N ILE E 260 -27.77 60.47 16.06
CA ILE E 260 -28.53 59.22 15.94
C ILE E 260 -28.66 58.52 17.29
N ASP E 261 -27.52 58.27 17.93
CA ASP E 261 -27.49 57.54 19.20
C ASP E 261 -28.25 58.26 20.31
N ASP E 262 -28.18 59.58 20.33
CA ASP E 262 -28.83 60.38 21.37
C ASP E 262 -30.34 60.54 21.16
N GLU E 263 -30.76 60.81 19.93
CA GLU E 263 -32.15 61.16 19.64
C GLU E 263 -32.99 59.99 19.13
N TYR E 264 -32.41 59.13 18.30
CA TYR E 264 -33.13 58.01 17.72
C TYR E 264 -32.31 56.73 17.81
N PRO E 265 -32.33 56.05 18.97
CA PRO E 265 -31.60 54.79 19.09
C PRO E 265 -32.16 53.70 18.15
N GLY E 266 -31.26 52.90 17.58
CA GLY E 266 -31.67 51.81 16.70
C GLY E 266 -31.79 52.16 15.23
N ARG E 267 -31.26 53.33 14.85
CA ARG E 267 -31.22 53.73 13.44
C ARG E 267 -29.81 53.48 12.91
N VAL E 268 -29.65 53.50 11.59
CA VAL E 268 -28.37 53.12 10.98
C VAL E 268 -27.82 54.23 10.05
N LEU E 269 -26.50 54.25 9.91
CA LEU E 269 -25.79 55.20 9.04
C LEU E 269 -24.80 54.44 8.16
N LEU E 270 -25.14 54.28 6.89
CA LEU E 270 -24.25 53.62 5.93
C LEU E 270 -23.34 54.64 5.24
N ALA E 271 -22.08 54.28 5.04
CA ALA E 271 -21.11 55.16 4.39
C ALA E 271 -20.76 54.65 3.00
N GLU E 272 -21.20 55.39 1.99
CA GLU E 272 -20.73 55.15 0.63
C GLU E 272 -19.35 55.78 0.50
N ALA E 273 -18.33 54.97 0.71
CA ALA E 273 -16.94 55.37 0.50
C ALA E 273 -16.33 54.37 -0.46
N ASN E 274 -16.04 54.83 -1.67
CA ASN E 274 -15.54 53.96 -2.73
C ASN E 274 -14.02 53.86 -2.71
N GLN E 275 -13.49 53.25 -1.65
CA GLN E 275 -12.04 53.16 -1.43
C GLN E 275 -11.63 51.76 -1.01
N TRP E 276 -10.33 51.53 -0.98
CA TRP E 276 -9.77 50.25 -0.58
C TRP E 276 -10.14 49.98 0.88
N PRO E 277 -10.47 48.71 1.21
CA PRO E 277 -10.84 48.30 2.57
C PRO E 277 -9.99 48.90 3.71
N ALA E 278 -8.67 48.95 3.52
CA ALA E 278 -7.78 49.51 4.53
C ALA E 278 -8.02 50.99 4.80
N ASP E 279 -8.67 51.69 3.86
CA ASP E 279 -9.00 53.11 4.03
C ASP E 279 -10.37 53.34 4.64
N VAL E 280 -11.36 52.56 4.20
CA VAL E 280 -12.74 52.77 4.65
C VAL E 280 -12.97 52.36 6.11
N VAL E 281 -12.08 51.54 6.67
CA VAL E 281 -12.16 51.19 8.08
C VAL E 281 -12.12 52.40 9.02
N ALA E 282 -11.55 53.51 8.55
CA ALA E 282 -11.54 54.77 9.31
C ALA E 282 -12.95 55.38 9.45
N TYR E 283 -13.86 55.02 8.54
CA TYR E 283 -15.23 55.55 8.56
C TYR E 283 -16.14 54.86 9.58
N PHE E 284 -15.68 53.78 10.20
CA PHE E 284 -16.40 53.18 11.33
C PHE E 284 -16.11 53.93 12.62
N GLY E 285 -15.00 54.66 12.65
CA GLY E 285 -14.65 55.54 13.75
C GLY E 285 -13.61 54.97 14.69
N ASP E 286 -13.36 55.69 15.77
CA ASP E 286 -12.42 55.27 16.81
C ASP E 286 -12.81 53.89 17.35
N PRO E 287 -11.92 52.89 17.21
CA PRO E 287 -12.24 51.53 17.65
C PRO E 287 -12.21 51.34 19.17
N ASP E 288 -11.61 52.28 19.90
CA ASP E 288 -11.61 52.24 21.35
C ASP E 288 -13.03 52.33 21.92
N THR E 289 -13.83 53.22 21.36
CA THR E 289 -15.24 53.37 21.76
C THR E 289 -16.15 52.35 21.09
N GLY E 290 -15.59 51.49 20.24
CA GLY E 290 -16.36 50.46 19.55
C GLY E 290 -17.15 51.02 18.38
N GLY E 291 -16.72 52.19 17.89
CA GLY E 291 -17.40 52.86 16.78
C GLY E 291 -18.07 54.15 17.23
N ASP E 292 -17.79 55.23 16.53
CA ASP E 292 -18.46 56.51 16.77
C ASP E 292 -18.70 57.33 15.49
N GLU E 293 -18.65 56.66 14.33
CA GLU E 293 -18.97 57.30 13.05
C GLU E 293 -20.09 56.49 12.38
N CYS E 294 -19.78 55.78 11.30
CA CYS E 294 -20.81 55.03 10.58
C CYS E 294 -20.93 53.62 11.14
N HIS E 295 -22.13 53.07 11.05
CA HIS E 295 -22.38 51.68 11.47
C HIS E 295 -21.91 50.71 10.40
N MET E 296 -22.14 51.09 9.14
CA MET E 296 -21.77 50.25 8.00
C MET E 296 -21.00 51.02 6.94
N ALA E 297 -20.09 50.33 6.27
CA ALA E 297 -19.45 50.82 5.05
C ALA E 297 -19.45 49.66 4.07
N PHE E 298 -19.23 49.95 2.79
CA PHE E 298 -19.28 48.89 1.78
C PHE E 298 -17.90 48.35 1.43
N HIS E 299 -17.80 47.02 1.46
CA HIS E 299 -16.60 46.32 1.03
C HIS E 299 -16.68 46.19 -0.50
N PHE E 300 -16.15 47.20 -1.18
CA PHE E 300 -16.38 47.36 -2.62
C PHE E 300 -15.68 46.37 -3.55
N PRO E 301 -14.41 46.02 -3.26
CA PRO E 301 -13.69 45.16 -4.19
C PRO E 301 -13.96 43.65 -4.05
N LEU E 302 -14.93 43.26 -3.21
CA LEU E 302 -15.26 41.84 -3.04
C LEU E 302 -15.71 41.20 -4.35
N MET E 303 -16.70 41.81 -5.00
CA MET E 303 -17.27 41.25 -6.23
C MET E 303 -16.24 41.13 -7.37
N PRO E 304 -15.47 42.19 -7.65
CA PRO E 304 -14.43 42.05 -8.68
C PRO E 304 -13.49 40.89 -8.39
N ARG E 305 -13.17 40.66 -7.12
CA ARG E 305 -12.30 39.55 -6.74
C ARG E 305 -13.01 38.21 -6.91
N ILE E 306 -14.24 38.11 -6.41
CA ILE E 306 -15.01 36.87 -6.58
C ILE E 306 -15.11 36.55 -8.06
N PHE E 307 -15.40 37.57 -8.87
CA PHE E 307 -15.53 37.42 -10.31
C PHE E 307 -14.27 36.84 -10.91
N MET E 308 -13.14 37.49 -10.68
CA MET E 308 -11.85 37.04 -11.21
C MET E 308 -11.44 35.68 -10.64
N ALA E 309 -11.89 35.38 -9.43
CA ALA E 309 -11.61 34.09 -8.81
C ALA E 309 -12.27 32.94 -9.57
N VAL E 310 -13.51 33.15 -10.02
CA VAL E 310 -14.23 32.15 -10.81
C VAL E 310 -13.62 32.07 -12.22
N ARG E 311 -13.15 33.21 -12.73
CA ARG E 311 -12.47 33.24 -14.03
C ARG E 311 -11.23 32.37 -14.02
N ARG E 312 -10.40 32.54 -12.98
CA ARG E 312 -9.14 31.80 -12.85
C ARG E 312 -9.37 30.37 -12.40
N GLU E 313 -10.54 30.11 -11.80
CA GLU E 313 -10.84 28.84 -11.13
C GLU E 313 -9.88 28.61 -9.97
N SER E 314 -9.57 29.70 -9.26
CA SER E 314 -8.66 29.68 -8.13
C SER E 314 -9.30 30.47 -7.00
N ARG E 315 -9.16 29.96 -5.78
CA ARG E 315 -9.81 30.55 -4.63
C ARG E 315 -9.12 31.83 -4.14
N PHE E 316 -7.86 32.02 -4.54
CA PHE E 316 -6.98 32.97 -3.86
C PHE E 316 -7.31 34.46 -4.02
N PRO E 317 -7.84 34.87 -5.18
CA PRO E 317 -8.27 36.27 -5.26
C PRO E 317 -9.37 36.64 -4.24
N ILE E 318 -10.20 35.67 -3.84
CA ILE E 318 -11.15 35.88 -2.76
C ILE E 318 -10.42 35.87 -1.42
N SER E 319 -9.64 34.82 -1.18
CA SER E 319 -8.89 34.67 0.07
C SER E 319 -8.07 35.90 0.42
N GLU E 320 -7.45 36.51 -0.60
CA GLU E 320 -6.50 37.59 -0.40
C GLU E 320 -7.15 38.82 0.25
N ILE E 321 -8.21 39.35 -0.38
CA ILE E 321 -8.89 40.53 0.18
C ILE E 321 -9.56 40.26 1.53
N LEU E 322 -10.00 39.03 1.75
CA LEU E 322 -10.56 38.64 3.04
C LEU E 322 -9.47 38.63 4.12
N ALA E 323 -8.27 38.19 3.75
CA ALA E 323 -7.12 38.22 4.65
C ALA E 323 -6.58 39.64 4.87
N GLN E 324 -6.64 40.46 3.83
CA GLN E 324 -6.12 41.83 3.89
C GLN E 324 -7.13 42.88 4.36
N THR E 325 -8.34 42.45 4.72
CA THR E 325 -9.32 43.35 5.31
C THR E 325 -9.04 43.52 6.79
N PRO E 326 -8.82 44.76 7.24
CA PRO E 326 -8.57 44.99 8.66
C PRO E 326 -9.81 44.75 9.52
N PRO E 327 -9.62 44.43 10.81
CA PRO E 327 -10.76 44.25 11.70
C PRO E 327 -11.51 45.57 11.96
N ILE E 328 -12.82 45.46 12.15
CA ILE E 328 -13.69 46.63 12.33
C ILE E 328 -14.28 46.64 13.75
N PRO E 329 -14.78 47.79 14.20
CA PRO E 329 -15.37 47.91 15.54
C PRO E 329 -16.53 46.93 15.83
N ASP E 330 -16.92 46.86 17.11
CA ASP E 330 -17.92 45.89 17.58
C ASP E 330 -19.32 46.17 17.04
N THR E 331 -19.71 47.45 17.05
CA THR E 331 -20.98 47.88 16.46
C THR E 331 -21.00 47.70 14.95
N ALA E 332 -19.83 47.90 14.33
CA ALA E 332 -19.69 47.97 12.88
C ALA E 332 -20.05 46.67 12.16
N GLN E 333 -20.43 46.81 10.90
CA GLN E 333 -20.75 45.68 10.02
C GLN E 333 -20.42 46.04 8.58
N TRP E 334 -19.78 45.12 7.87
CA TRP E 334 -19.49 45.33 6.46
C TRP E 334 -20.77 45.19 5.64
N GLY E 335 -20.83 45.92 4.53
CA GLY E 335 -21.92 45.79 3.57
C GLY E 335 -21.32 45.24 2.30
N ILE E 336 -21.93 44.20 1.73
CA ILE E 336 -21.43 43.61 0.48
C ILE E 336 -22.53 43.43 -0.54
N PHE E 337 -22.20 43.69 -1.80
CA PHE E 337 -23.13 43.43 -2.90
C PHE E 337 -22.36 42.89 -4.11
N LEU E 338 -23.11 42.35 -5.08
CA LEU E 338 -22.53 41.68 -6.25
C LEU E 338 -22.44 42.59 -7.48
N ARG E 339 -21.74 43.72 -7.35
CA ARG E 339 -21.51 44.63 -8.47
C ARG E 339 -20.07 45.11 -8.51
N ASN E 340 -19.62 45.48 -9.71
CA ASN E 340 -18.24 45.92 -9.92
C ASN E 340 -18.03 47.43 -9.84
N HIS E 341 -19.11 48.22 -9.94
CA HIS E 341 -18.98 49.68 -9.95
C HIS E 341 -19.84 50.39 -8.93
N ASP E 342 -19.32 51.51 -8.46
CA ASP E 342 -20.03 52.38 -7.53
C ASP E 342 -21.04 53.19 -8.34
N GLU E 343 -22.33 53.10 -7.97
CA GLU E 343 -23.40 53.83 -8.68
C GLU E 343 -23.26 55.36 -8.74
N LEU E 344 -22.52 55.94 -7.79
CA LEU E 344 -22.26 57.40 -7.77
C LEU E 344 -21.31 57.86 -8.87
N THR E 345 -20.11 57.29 -8.89
CA THR E 345 -19.04 57.72 -9.80
C THR E 345 -18.87 56.81 -11.02
N LEU E 346 -19.53 55.64 -10.99
CA LEU E 346 -19.34 54.60 -12.00
C LEU E 346 -17.86 54.20 -12.13
N GLU E 347 -17.17 54.12 -10.99
CA GLU E 347 -15.77 53.71 -10.95
C GLU E 347 -15.66 52.41 -10.16
N MET E 348 -14.84 51.50 -10.66
CA MET E 348 -14.50 50.30 -9.90
C MET E 348 -13.35 50.63 -8.99
N VAL E 349 -13.53 50.37 -7.70
CA VAL E 349 -12.48 50.62 -6.72
C VAL E 349 -11.21 49.82 -7.04
N THR E 350 -10.07 50.47 -6.92
CA THR E 350 -8.79 49.80 -7.02
C THR E 350 -7.67 50.67 -6.45
N ASP E 351 -6.67 50.01 -5.87
CA ASP E 351 -5.52 50.70 -5.32
C ASP E 351 -4.30 50.15 -6.06
N GLU E 352 -3.58 51.03 -6.74
CA GLU E 352 -2.43 50.63 -7.54
C GLU E 352 -1.39 49.82 -6.75
N GLU E 353 -1.16 50.21 -5.51
CA GLU E 353 -0.20 49.51 -4.64
C GLU E 353 -0.81 48.27 -3.98
N ARG E 354 -1.89 48.48 -3.23
CA ARG E 354 -2.43 47.44 -2.35
C ARG E 354 -3.28 46.36 -3.05
N ASP E 355 -3.70 46.61 -4.29
CA ASP E 355 -4.41 45.60 -5.08
C ASP E 355 -3.37 44.91 -5.97
N TYR E 356 -3.22 43.60 -5.80
CA TYR E 356 -2.29 42.83 -6.61
C TYR E 356 -2.93 42.44 -7.96
N MET E 357 -4.26 42.50 -8.01
CA MET E 357 -5.01 42.25 -9.24
C MET E 357 -5.14 43.51 -10.10
N TYR E 358 -4.41 44.58 -9.74
CA TYR E 358 -4.55 45.89 -10.39
C TYR E 358 -4.50 45.83 -11.92
N ALA E 359 -3.38 45.34 -12.46
CA ALA E 359 -3.20 45.24 -13.90
C ALA E 359 -4.02 44.11 -14.53
N GLU E 360 -4.36 43.11 -13.71
CA GLU E 360 -5.05 41.90 -14.16
C GLU E 360 -6.43 42.15 -14.79
N TYR E 361 -7.19 43.08 -14.20
CA TYR E 361 -8.60 43.28 -14.62
C TYR E 361 -8.72 43.73 -16.07
N ALA E 362 -7.98 44.78 -16.43
CA ALA E 362 -8.01 45.34 -17.78
C ALA E 362 -7.65 44.30 -18.85
N LYS E 363 -6.83 43.33 -18.48
CA LYS E 363 -6.40 42.28 -19.40
C LYS E 363 -7.48 41.24 -19.64
N ASP E 364 -8.41 41.09 -18.70
CA ASP E 364 -9.52 40.15 -18.86
C ASP E 364 -10.54 40.70 -19.86
N PRO E 365 -10.93 39.88 -20.87
CA PRO E 365 -11.85 40.34 -21.91
C PRO E 365 -13.26 40.67 -21.41
N ARG E 366 -13.72 39.91 -20.43
CA ARG E 366 -15.05 40.10 -19.86
C ARG E 366 -15.14 41.37 -19.02
N MET E 367 -14.14 41.56 -18.16
CA MET E 367 -14.03 42.75 -17.32
C MET E 367 -13.89 44.02 -18.16
N LYS E 368 -13.05 43.92 -19.20
CA LYS E 368 -12.75 45.03 -20.10
C LYS E 368 -13.99 45.55 -20.83
N ALA E 369 -14.94 44.66 -21.11
CA ALA E 369 -16.13 45.00 -21.87
C ALA E 369 -17.10 45.89 -21.11
N ASN E 370 -17.16 45.75 -19.79
CA ASN E 370 -18.15 46.46 -18.99
C ASN E 370 -17.59 47.58 -18.11
N VAL E 371 -16.41 48.07 -18.47
CA VAL E 371 -15.77 49.11 -17.69
C VAL E 371 -16.65 50.36 -17.72
N GLY E 372 -17.04 50.82 -16.53
CA GLY E 372 -17.81 52.04 -16.37
C GLY E 372 -19.32 51.90 -16.53
N ILE E 373 -19.81 50.66 -16.64
CA ILE E 373 -21.23 50.40 -16.85
C ILE E 373 -21.77 49.47 -15.78
N ARG E 374 -22.89 49.86 -15.18
CA ARG E 374 -23.57 48.98 -14.24
C ARG E 374 -24.21 47.82 -15.02
N ARG E 375 -23.98 46.59 -14.56
CA ARG E 375 -24.59 45.41 -15.16
C ARG E 375 -25.23 44.58 -14.07
N ARG E 376 -26.30 43.90 -14.42
CA ARG E 376 -26.93 42.98 -13.49
C ARG E 376 -26.20 41.69 -13.37
N LEU E 377 -26.58 40.92 -12.36
CA LEU E 377 -25.92 39.67 -12.06
C LEU E 377 -26.03 38.69 -13.20
N ALA E 378 -27.23 38.56 -13.76
CA ALA E 378 -27.45 37.57 -14.82
C ALA E 378 -26.59 37.82 -16.07
N PRO E 379 -26.61 39.05 -16.63
CA PRO E 379 -25.71 39.33 -17.75
C PRO E 379 -24.23 39.23 -17.40
N LEU E 380 -23.85 39.68 -16.20
CA LEU E 380 -22.44 39.61 -15.76
C LEU E 380 -21.89 38.20 -15.85
N LEU E 381 -22.74 37.21 -15.58
CA LEU E 381 -22.35 35.80 -15.63
C LEU E 381 -22.88 35.08 -16.87
N GLU E 382 -23.20 35.85 -17.91
CA GLU E 382 -23.67 35.31 -19.19
C GLU E 382 -24.84 34.36 -19.03
N ASN E 383 -25.74 34.73 -18.12
CA ASN E 383 -26.98 34.00 -17.83
C ASN E 383 -26.81 32.55 -17.37
N ASP E 384 -25.61 32.20 -16.92
CA ASP E 384 -25.34 30.86 -16.45
C ASP E 384 -26.01 30.68 -15.09
N ARG E 385 -27.04 29.84 -15.06
CA ARG E 385 -27.84 29.63 -13.85
C ARG E 385 -27.02 29.07 -12.70
N ASN E 386 -26.13 28.12 -13.01
CA ASN E 386 -25.30 27.53 -11.98
C ASN E 386 -24.37 28.57 -11.33
N GLN E 387 -23.87 29.50 -12.14
CA GLN E 387 -23.02 30.57 -11.62
C GLN E 387 -23.82 31.56 -10.79
N ILE E 388 -24.99 31.95 -11.30
CA ILE E 388 -25.87 32.87 -10.59
C ILE E 388 -26.14 32.36 -9.18
N GLU E 389 -26.33 31.05 -9.07
CA GLU E 389 -26.51 30.42 -7.77
C GLU E 389 -25.27 30.51 -6.91
N LEU E 390 -24.10 30.21 -7.48
CA LEU E 390 -22.84 30.24 -6.75
C LEU E 390 -22.53 31.62 -6.18
N PHE E 391 -22.62 32.65 -7.03
CA PHE E 391 -22.35 34.03 -6.61
C PHE E 391 -23.35 34.46 -5.53
N THR E 392 -24.61 34.09 -5.69
CA THR E 392 -25.61 34.38 -4.68
C THR E 392 -25.30 33.63 -3.40
N ALA E 393 -24.89 32.37 -3.53
CA ALA E 393 -24.53 31.56 -2.37
C ALA E 393 -23.36 32.16 -1.59
N LEU E 394 -22.39 32.75 -2.30
CA LEU E 394 -21.25 33.41 -1.66
C LEU E 394 -21.67 34.71 -0.96
N LEU E 395 -22.51 35.49 -1.63
CA LEU E 395 -23.01 36.74 -1.08
C LEU E 395 -23.70 36.54 0.26
N LEU E 396 -24.48 35.47 0.37
CA LEU E 396 -25.27 35.23 1.57
C LEU E 396 -24.48 34.58 2.70
N SER E 397 -23.37 33.92 2.37
CA SER E 397 -22.58 33.20 3.38
C SER E 397 -21.28 33.90 3.80
N LEU E 398 -20.83 34.89 3.03
CA LEU E 398 -19.62 35.62 3.38
C LEU E 398 -19.92 36.69 4.44
N PRO E 399 -18.89 37.09 5.21
CA PRO E 399 -19.07 38.05 6.31
C PRO E 399 -19.62 39.40 5.86
N GLY E 400 -20.53 39.95 6.66
CA GLY E 400 -21.14 41.25 6.36
C GLY E 400 -22.58 41.12 5.91
N SER E 401 -23.30 42.22 5.92
CA SER E 401 -24.71 42.21 5.53
C SER E 401 -24.83 42.42 4.02
N PRO E 402 -25.56 41.52 3.34
CA PRO E 402 -25.68 41.52 1.88
C PRO E 402 -26.78 42.44 1.35
N VAL E 403 -26.56 42.98 0.15
CA VAL E 403 -27.54 43.80 -0.54
C VAL E 403 -27.92 43.16 -1.87
N LEU E 404 -29.20 42.83 -2.02
CA LEU E 404 -29.73 42.34 -3.29
C LEU E 404 -30.21 43.52 -4.11
N TYR E 405 -30.01 43.44 -5.42
CA TYR E 405 -30.51 44.48 -6.34
C TYR E 405 -31.79 43.97 -6.98
N TYR E 406 -32.78 44.83 -7.05
CA TYR E 406 -34.12 44.44 -7.52
C TYR E 406 -34.07 43.82 -8.92
N GLY E 407 -34.86 42.77 -9.09
CA GLY E 407 -34.93 42.06 -10.36
C GLY E 407 -33.89 40.97 -10.53
N ASP E 408 -32.84 40.98 -9.71
CA ASP E 408 -31.82 39.93 -9.78
C ASP E 408 -32.35 38.60 -9.27
N GLU E 409 -33.41 38.65 -8.46
CA GLU E 409 -34.04 37.42 -7.95
C GLU E 409 -34.71 36.60 -9.04
N ILE E 410 -35.18 37.25 -10.10
CA ILE E 410 -35.76 36.55 -11.25
C ILE E 410 -34.81 36.52 -12.45
N GLY E 411 -33.59 37.00 -12.26
CA GLY E 411 -32.57 36.97 -13.30
C GLY E 411 -32.90 37.86 -14.47
N MET E 412 -33.26 39.11 -14.17
CA MET E 412 -33.48 40.12 -15.20
C MET E 412 -32.15 40.49 -15.82
N GLY E 413 -32.20 41.06 -17.01
CA GLY E 413 -31.02 41.55 -17.69
C GLY E 413 -30.89 43.05 -17.59
N ASP E 414 -30.14 43.62 -18.53
CA ASP E 414 -30.01 45.07 -18.64
C ASP E 414 -29.98 45.51 -20.10
N ILE E 415 -30.17 46.81 -20.28
CA ILE E 415 -30.09 47.43 -21.59
C ILE E 415 -28.98 48.47 -21.50
N ILE E 416 -27.78 48.10 -21.93
CA ILE E 416 -26.61 48.98 -21.80
C ILE E 416 -26.71 50.31 -22.54
N TRP E 417 -27.46 50.33 -23.64
CA TRP E 417 -27.50 51.51 -24.52
C TRP E 417 -28.29 52.67 -23.92
N LEU E 418 -29.08 52.40 -22.88
CA LEU E 418 -29.86 53.44 -22.20
C LEU E 418 -28.99 54.41 -21.39
N GLY E 419 -27.77 53.99 -21.07
CA GLY E 419 -26.87 54.79 -20.24
C GLY E 419 -26.12 53.91 -19.26
N ASP E 420 -24.95 54.38 -18.84
CA ASP E 420 -24.07 53.60 -17.98
C ASP E 420 -24.65 53.29 -16.60
N ARG E 421 -25.60 54.10 -16.16
CA ARG E 421 -26.28 53.87 -14.89
C ARG E 421 -27.76 53.45 -15.08
N ASP E 422 -28.40 53.95 -16.13
CA ASP E 422 -29.79 53.59 -16.43
C ASP E 422 -29.91 52.14 -16.87
N SER E 423 -28.83 51.57 -17.41
CA SER E 423 -28.79 50.17 -17.85
C SER E 423 -29.48 49.19 -16.89
N VAL E 424 -29.32 49.43 -15.58
CA VAL E 424 -29.86 48.53 -14.57
C VAL E 424 -31.12 49.08 -13.92
N ARG E 425 -31.75 50.07 -14.56
CA ARG E 425 -32.87 50.79 -13.95
C ARG E 425 -34.13 50.73 -14.80
N THR E 426 -34.25 49.67 -15.59
CA THR E 426 -35.44 49.42 -16.40
C THR E 426 -36.61 49.02 -15.48
N PRO E 427 -37.83 48.95 -16.01
CA PRO E 427 -38.94 48.57 -15.15
C PRO E 427 -38.87 47.12 -14.67
N MET E 428 -39.38 46.89 -13.46
CA MET E 428 -39.47 45.57 -12.88
C MET E 428 -40.47 44.76 -13.68
N GLN E 429 -40.06 43.57 -14.10
CA GLN E 429 -40.86 42.75 -14.99
C GLN E 429 -41.78 41.81 -14.21
N TRP E 430 -43.03 42.23 -14.03
CA TRP E 430 -43.98 41.52 -13.18
C TRP E 430 -44.71 40.40 -13.88
N THR E 431 -45.17 40.66 -15.11
CA THR E 431 -45.91 39.68 -15.90
C THR E 431 -45.45 39.75 -17.35
N PRO E 432 -45.84 38.78 -18.18
CA PRO E 432 -45.59 38.92 -19.61
C PRO E 432 -46.64 39.78 -20.33
N ASP E 433 -47.44 40.54 -19.57
CA ASP E 433 -48.46 41.40 -20.16
C ASP E 433 -47.80 42.66 -20.69
N ARG E 434 -48.59 43.48 -21.36
CA ARG E 434 -48.16 44.78 -21.87
C ARG E 434 -47.38 45.55 -20.81
N ASN E 435 -46.24 46.11 -21.20
CA ASN E 435 -45.32 46.84 -20.28
C ASN E 435 -44.80 46.01 -19.12
N ALA E 436 -44.74 44.70 -19.32
CA ALA E 436 -44.28 43.78 -18.30
C ALA E 436 -45.08 43.87 -16.99
N GLY E 437 -46.31 44.37 -17.06
CA GLY E 437 -47.17 44.53 -15.90
C GLY E 437 -46.72 45.64 -14.95
N PHE E 438 -45.91 46.56 -15.46
CA PHE E 438 -45.36 47.63 -14.65
C PHE E 438 -46.28 48.82 -14.62
N SER E 439 -46.95 49.10 -15.73
CA SER E 439 -47.83 50.26 -15.84
C SER E 439 -48.97 50.02 -16.82
N LYS E 440 -50.05 50.77 -16.65
CA LYS E 440 -51.19 50.72 -17.56
C LYS E 440 -51.01 51.71 -18.70
N ALA E 441 -50.09 52.65 -18.55
CA ALA E 441 -49.88 53.70 -19.54
C ALA E 441 -49.43 53.13 -20.87
N THR E 442 -49.58 53.94 -21.93
CA THR E 442 -49.14 53.53 -23.26
C THR E 442 -47.63 53.37 -23.26
N PRO E 443 -47.10 52.43 -24.06
CA PRO E 443 -45.68 52.11 -23.99
C PRO E 443 -44.75 53.30 -24.18
N GLY E 444 -45.18 54.27 -24.98
CA GLY E 444 -44.39 55.48 -25.19
C GLY E 444 -44.17 56.32 -23.93
N ARG E 445 -45.15 56.31 -23.03
CA ARG E 445 -45.09 57.13 -21.81
C ARG E 445 -44.09 56.62 -20.79
N LEU E 446 -43.73 55.34 -20.86
CA LEU E 446 -42.85 54.73 -19.86
C LEU E 446 -41.54 55.49 -19.73
N TYR E 447 -41.09 55.68 -18.49
CA TYR E 447 -39.84 56.38 -18.21
C TYR E 447 -38.64 55.68 -18.84
N LEU E 448 -38.69 54.36 -18.90
CA LEU E 448 -37.71 53.54 -19.60
C LEU E 448 -38.40 52.30 -20.15
N PRO E 449 -37.93 51.79 -21.31
CA PRO E 449 -38.61 50.65 -21.89
C PRO E 449 -38.20 49.37 -21.19
N PRO E 450 -39.12 48.41 -21.07
CA PRO E 450 -38.75 47.11 -20.54
C PRO E 450 -37.85 46.32 -21.49
N ASN E 451 -37.18 45.31 -20.95
CA ASN E 451 -36.32 44.42 -21.73
C ASN E 451 -37.14 43.62 -22.73
N GLN E 452 -36.71 43.59 -23.98
CA GLN E 452 -37.48 42.94 -25.03
C GLN E 452 -36.72 41.91 -25.87
N ASP E 453 -35.48 41.61 -25.49
CA ASP E 453 -34.70 40.64 -26.26
C ASP E 453 -35.10 39.21 -25.90
N ALA E 454 -34.65 38.26 -26.73
CA ALA E 454 -35.09 36.88 -26.61
C ALA E 454 -34.65 36.21 -25.31
N VAL E 455 -33.66 36.79 -24.63
CA VAL E 455 -33.05 36.15 -23.47
C VAL E 455 -33.60 36.69 -22.16
N TYR E 456 -33.50 38.00 -21.97
CA TYR E 456 -33.94 38.63 -20.72
C TYR E 456 -35.25 39.40 -20.88
N GLY E 457 -35.97 39.15 -21.97
CA GLY E 457 -37.20 39.86 -22.28
C GLY E 457 -38.32 39.57 -21.30
N TYR E 458 -39.25 40.52 -21.18
CA TYR E 458 -40.35 40.36 -20.24
C TYR E 458 -41.34 39.28 -20.67
N HIS E 459 -41.28 38.85 -21.93
CA HIS E 459 -42.08 37.70 -22.36
C HIS E 459 -41.57 36.40 -21.75
N SER E 460 -40.28 36.35 -21.44
CA SER E 460 -39.66 35.14 -20.91
C SER E 460 -39.12 35.26 -19.49
N VAL E 461 -38.90 36.47 -19.00
CA VAL E 461 -38.38 36.68 -17.67
C VAL E 461 -39.30 37.60 -16.89
N ASN E 462 -40.10 37.04 -16.00
CA ASN E 462 -40.97 37.84 -15.15
C ASN E 462 -41.38 37.09 -13.90
N VAL E 463 -41.89 37.83 -12.92
CA VAL E 463 -42.24 37.25 -11.62
C VAL E 463 -43.38 36.23 -11.72
N GLU E 464 -44.42 36.58 -12.47
CA GLU E 464 -45.60 35.74 -12.63
C GLU E 464 -45.23 34.35 -13.12
N ALA E 465 -44.36 34.30 -14.11
CA ALA E 465 -43.92 33.03 -14.69
C ALA E 465 -43.20 32.16 -13.68
N GLN E 466 -42.37 32.77 -12.84
CA GLN E 466 -41.50 32.04 -11.91
C GLN E 466 -42.14 31.65 -10.59
N LEU E 467 -43.30 32.22 -10.28
CA LEU E 467 -43.96 31.94 -9.02
C LEU E 467 -44.40 30.49 -8.87
N ASP E 468 -44.59 29.80 -9.98
CA ASP E 468 -45.22 28.48 -9.95
C ASP E 468 -44.27 27.33 -9.64
N SER E 469 -43.24 27.14 -10.47
CA SER E 469 -42.33 26.02 -10.25
C SER E 469 -41.34 26.39 -9.16
N SER E 470 -41.17 25.50 -8.19
CA SER E 470 -40.22 25.71 -7.10
C SER E 470 -38.77 25.56 -7.58
N SER E 471 -38.61 25.19 -8.85
CA SER E 471 -37.30 25.09 -9.47
C SER E 471 -36.84 26.41 -10.06
N SER E 472 -37.73 27.41 -10.09
CA SER E 472 -37.41 28.72 -10.67
C SER E 472 -36.34 29.44 -9.87
N LEU E 473 -35.70 30.43 -10.49
CA LEU E 473 -34.68 31.20 -9.82
C LEU E 473 -35.26 32.04 -8.69
N LEU E 474 -36.46 32.56 -8.89
CA LEU E 474 -37.13 33.36 -7.85
C LEU E 474 -37.34 32.52 -6.60
N ASN E 475 -37.97 31.37 -6.77
CA ASN E 475 -38.22 30.49 -5.63
C ASN E 475 -36.93 29.95 -5.01
N TRP E 476 -35.92 29.69 -5.84
CA TRP E 476 -34.62 29.26 -5.32
C TRP E 476 -34.04 30.37 -4.44
N THR E 477 -34.01 31.58 -4.98
CA THR E 477 -33.45 32.73 -4.27
C THR E 477 -34.20 32.99 -2.98
N ARG E 478 -35.52 32.84 -3.02
CA ARG E 478 -36.37 33.07 -1.85
C ARG E 478 -35.98 32.13 -0.70
N ASN E 479 -35.84 30.86 -1.03
CA ASN E 479 -35.52 29.81 -0.08
C ASN E 479 -34.14 29.93 0.53
N MET E 480 -33.20 30.44 -0.26
CA MET E 480 -31.85 30.66 0.23
C MET E 480 -31.82 31.73 1.31
N LEU E 481 -32.65 32.74 1.16
CA LEU E 481 -32.82 33.76 2.18
C LEU E 481 -33.52 33.16 3.40
N ALA E 482 -34.45 32.23 3.15
CA ALA E 482 -35.15 31.54 4.23
C ALA E 482 -34.19 30.69 5.06
N VAL E 483 -33.24 30.03 4.40
CA VAL E 483 -32.23 29.25 5.09
C VAL E 483 -31.30 30.18 5.87
N ARG E 484 -30.82 31.23 5.22
CA ARG E 484 -29.88 32.17 5.85
C ARG E 484 -30.45 32.79 7.13
N SER E 485 -31.75 33.09 7.12
CA SER E 485 -32.41 33.68 8.28
C SER E 485 -32.57 32.69 9.44
N ARG E 486 -32.37 31.40 9.17
CA ARG E 486 -32.49 30.37 10.22
C ARG E 486 -31.18 30.10 10.96
N HIS E 487 -30.07 30.65 10.47
CA HIS E 487 -28.77 30.51 11.14
C HIS E 487 -28.08 31.85 11.31
N ASP E 488 -27.85 32.24 12.56
CA ASP E 488 -27.21 33.52 12.89
C ASP E 488 -25.74 33.54 12.47
N ALA E 489 -25.13 32.38 12.40
CA ALA E 489 -23.73 32.26 12.01
C ALA E 489 -23.41 33.05 10.76
N PHE E 490 -24.30 32.98 9.76
CA PHE E 490 -24.08 33.70 8.50
C PHE E 490 -24.01 35.20 8.72
N ALA E 491 -24.89 35.71 9.56
CA ALA E 491 -25.02 37.16 9.78
C ALA E 491 -23.85 37.73 10.59
N VAL E 492 -23.67 37.21 11.80
CA VAL E 492 -22.74 37.80 12.78
C VAL E 492 -21.76 36.79 13.38
N GLY E 493 -21.53 35.69 12.69
CA GLY E 493 -20.62 34.67 13.17
C GLY E 493 -19.19 34.94 12.74
N THR E 494 -18.25 34.22 13.35
CA THR E 494 -16.84 34.32 12.99
C THR E 494 -16.62 33.72 11.60
N PHE E 495 -15.46 34.00 11.01
CA PHE E 495 -15.14 33.50 9.67
C PHE E 495 -13.74 32.91 9.64
N ARG E 496 -13.66 31.58 9.54
CA ARG E 496 -12.37 30.91 9.43
C ARG E 496 -12.30 30.12 8.13
N GLU E 497 -11.34 30.49 7.28
CA GLU E 497 -11.14 29.82 6.01
C GLU E 497 -10.40 28.50 6.24
N LEU E 498 -10.98 27.41 5.73
CA LEU E 498 -10.43 26.07 5.94
C LEU E 498 -9.32 25.69 4.96
N GLY E 499 -9.24 26.40 3.84
CA GLY E 499 -8.20 26.14 2.85
C GLY E 499 -8.49 24.90 2.04
N GLY E 500 -7.68 23.87 2.21
CA GLY E 500 -7.80 22.64 1.45
C GLY E 500 -6.69 22.51 0.40
N SER E 501 -6.51 21.28 -0.08
CA SER E 501 -5.44 20.96 -1.03
C SER E 501 -5.75 21.42 -2.45
N ASN E 502 -7.04 21.40 -2.81
CA ASN E 502 -7.49 21.84 -4.13
C ASN E 502 -7.69 23.35 -4.20
N PRO E 503 -6.93 24.03 -5.09
CA PRO E 503 -7.00 25.48 -5.19
C PRO E 503 -8.30 26.02 -5.75
N SER E 504 -9.06 25.16 -6.43
CA SER E 504 -10.30 25.58 -7.06
C SER E 504 -11.51 25.61 -6.12
N VAL E 505 -11.34 25.08 -4.90
CA VAL E 505 -12.45 24.98 -3.95
C VAL E 505 -12.23 25.88 -2.72
N LEU E 506 -13.15 26.82 -2.51
CA LEU E 506 -13.09 27.73 -1.36
C LEU E 506 -14.01 27.22 -0.25
N ALA E 507 -13.42 26.74 0.83
CA ALA E 507 -14.18 26.24 1.98
C ALA E 507 -13.90 27.05 3.24
N TYR E 508 -14.96 27.35 4.01
CA TYR E 508 -14.84 28.13 5.24
C TYR E 508 -15.96 27.80 6.22
N ILE E 509 -15.78 28.22 7.48
CA ILE E 509 -16.73 27.94 8.55
C ILE E 509 -17.18 29.23 9.23
N ARG E 510 -18.49 29.41 9.36
CA ARG E 510 -19.05 30.48 10.19
C ARG E 510 -19.51 29.87 11.51
N GLU E 511 -19.33 30.63 12.60
CA GLU E 511 -19.54 30.09 13.95
C GLU E 511 -20.07 31.15 14.92
N VAL E 512 -21.03 30.76 15.75
CA VAL E 512 -21.57 31.60 16.83
C VAL E 512 -21.51 30.82 18.14
N THR E 513 -21.15 31.51 19.23
CA THR E 513 -20.94 30.85 20.52
C THR E 513 -22.21 30.67 21.37
N THR E 523 -27.13 28.83 18.08
CA THR E 523 -25.71 28.80 18.38
C THR E 523 -25.02 27.72 17.54
N ASP E 524 -24.94 28.02 16.24
CA ASP E 524 -24.51 27.08 15.23
C ASP E 524 -23.04 27.23 14.86
N ALA E 525 -22.50 26.16 14.29
CA ALA E 525 -21.34 26.22 13.44
C ALA E 525 -21.83 25.75 12.06
N VAL E 526 -21.58 26.54 11.02
CA VAL E 526 -21.97 26.14 9.67
C VAL E 526 -20.75 26.03 8.78
N LEU E 527 -20.81 25.12 7.82
CA LEU E 527 -19.72 24.86 6.89
C LEU E 527 -20.18 25.17 5.48
N CYS E 528 -19.41 25.99 4.77
CA CYS E 528 -19.70 26.31 3.38
C CYS E 528 -18.56 25.85 2.49
N VAL E 529 -18.89 25.05 1.48
CA VAL E 529 -17.92 24.62 0.51
C VAL E 529 -18.39 25.10 -0.86
N ASN E 530 -17.56 25.90 -1.53
CA ASN E 530 -17.89 26.46 -2.83
C ASN E 530 -16.85 26.00 -3.84
N ASN E 531 -17.31 25.58 -5.02
CA ASN E 531 -16.41 25.18 -6.10
C ASN E 531 -16.35 26.21 -7.21
N LEU E 532 -15.21 26.89 -7.33
CA LEU E 532 -15.05 27.96 -8.30
C LEU E 532 -14.79 27.46 -9.72
N SER E 533 -14.41 26.19 -9.85
CA SER E 533 -14.13 25.62 -11.17
C SER E 533 -15.39 25.15 -11.84
N ARG E 534 -15.41 25.23 -13.17
CA ARG E 534 -16.57 24.81 -13.97
C ARG E 534 -16.64 23.30 -14.14
N PHE E 535 -15.59 22.61 -13.72
CA PHE E 535 -15.55 21.15 -13.76
C PHE E 535 -15.77 20.63 -12.35
N PRO E 536 -16.19 19.35 -12.22
CA PRO E 536 -16.35 18.75 -10.89
C PRO E 536 -15.02 18.64 -10.14
N GLN E 537 -15.05 18.93 -8.85
CA GLN E 537 -13.82 18.99 -8.07
C GLN E 537 -14.00 18.24 -6.77
N PRO E 538 -12.96 17.49 -6.36
CA PRO E 538 -12.92 16.90 -5.02
C PRO E 538 -12.09 17.75 -4.07
N ILE E 539 -12.51 17.82 -2.82
CA ILE E 539 -11.72 18.51 -1.80
C ILE E 539 -11.64 17.69 -0.52
N GLU E 540 -10.43 17.54 0.02
CA GLU E 540 -10.22 16.87 1.28
C GLU E 540 -10.05 17.91 2.38
N LEU E 541 -11.05 18.05 3.23
CA LEU E 541 -11.03 19.07 4.29
C LEU E 541 -10.60 18.46 5.59
N ASN E 542 -10.02 19.30 6.45
CA ASN E 542 -9.62 18.91 7.79
C ASN E 542 -10.54 19.50 8.85
N LEU E 543 -11.51 18.70 9.28
CA LEU E 543 -12.52 19.11 10.24
C LEU E 543 -12.37 18.33 11.55
N GLN E 544 -11.14 18.09 11.97
CA GLN E 544 -10.85 17.28 13.17
C GLN E 544 -11.44 17.91 14.42
N GLN E 545 -11.47 19.24 14.44
CA GLN E 545 -12.01 19.97 15.57
C GLN E 545 -13.47 19.64 15.82
N TRP E 546 -14.22 19.32 14.76
CA TRP E 546 -15.60 18.85 14.90
C TRP E 546 -15.71 17.34 14.74
N ALA E 547 -14.75 16.59 15.30
CA ALA E 547 -14.83 15.15 15.27
C ALA E 547 -16.09 14.71 15.99
N GLY E 548 -16.79 13.72 15.43
CA GLY E 548 -18.03 13.21 16.01
C GLY E 548 -19.28 13.97 15.60
N TYR E 549 -19.11 15.22 15.16
CA TYR E 549 -20.22 16.04 14.68
C TYR E 549 -20.81 15.47 13.40
N ILE E 550 -22.08 15.75 13.17
CA ILE E 550 -22.77 15.29 11.98
C ILE E 550 -23.08 16.51 11.11
N PRO E 551 -22.49 16.58 9.91
CA PRO E 551 -22.86 17.62 8.96
C PRO E 551 -24.27 17.36 8.40
N VAL E 552 -25.12 18.38 8.39
CA VAL E 552 -26.47 18.26 7.86
C VAL E 552 -26.69 19.31 6.79
N GLU E 553 -26.94 18.87 5.57
CA GLU E 553 -27.15 19.79 4.46
C GLU E 553 -28.47 20.55 4.67
N MET E 554 -28.40 21.87 4.58
CA MET E 554 -29.48 22.76 5.04
C MET E 554 -30.70 22.79 4.13
N THR E 555 -30.46 22.76 2.81
CA THR E 555 -31.55 22.86 1.84
C THR E 555 -32.44 21.61 1.86
N GLY E 556 -31.86 20.48 2.28
CA GLY E 556 -32.62 19.23 2.33
C GLY E 556 -32.75 18.53 3.67
N TYR E 557 -32.10 19.09 4.70
CA TYR E 557 -32.04 18.46 6.02
C TYR E 557 -31.54 17.02 5.97
N VAL E 558 -30.52 16.78 5.14
CA VAL E 558 -29.92 15.46 4.99
C VAL E 558 -28.67 15.33 5.82
N GLU E 559 -28.59 14.23 6.56
CA GLU E 559 -27.44 13.94 7.39
C GLU E 559 -26.37 13.26 6.57
N PHE E 560 -25.17 13.81 6.64
CA PHE E 560 -24.00 13.25 5.96
C PHE E 560 -23.22 12.42 6.97
N PRO E 561 -22.24 11.63 6.50
CA PRO E 561 -21.44 10.84 7.44
C PRO E 561 -20.72 11.73 8.45
N SER E 562 -20.63 11.26 9.70
CA SER E 562 -20.03 12.03 10.78
C SER E 562 -18.55 12.30 10.52
N ILE E 563 -18.06 13.43 11.01
CA ILE E 563 -16.69 13.84 10.78
C ILE E 563 -15.77 13.05 11.69
N GLY E 564 -14.66 12.58 11.12
CA GLY E 564 -13.69 11.76 11.86
C GLY E 564 -12.33 12.42 11.97
N GLN E 565 -11.32 11.60 12.22
CA GLN E 565 -9.94 12.09 12.32
C GLN E 565 -9.29 12.27 10.96
N LEU E 566 -9.62 11.37 10.03
CA LEU E 566 -9.11 11.47 8.66
C LEU E 566 -9.73 12.66 7.92
N PRO E 567 -9.05 13.17 6.89
CA PRO E 567 -9.60 14.25 6.09
C PRO E 567 -10.97 13.90 5.50
N TYR E 568 -11.90 14.85 5.57
CA TYR E 568 -13.27 14.66 5.08
C TYR E 568 -13.29 14.94 3.57
N LEU E 569 -13.80 14.00 2.78
CA LEU E 569 -13.88 14.19 1.33
C LEU E 569 -15.27 14.64 0.89
N LEU E 570 -15.31 15.76 0.18
CA LEU E 570 -16.54 16.25 -0.45
C LEU E 570 -16.26 16.40 -1.94
N THR E 571 -17.25 16.06 -2.75
CA THR E 571 -17.14 16.21 -4.19
C THR E 571 -18.25 17.13 -4.70
N LEU E 572 -17.89 18.16 -5.44
CA LEU E 572 -18.85 19.11 -5.95
C LEU E 572 -18.88 19.05 -7.48
N PRO E 573 -20.01 19.40 -8.07
CA PRO E 573 -20.07 19.62 -9.51
C PRO E 573 -19.54 21.00 -9.89
N GLY E 574 -19.46 21.27 -11.19
CA GLY E 574 -19.00 22.56 -11.67
C GLY E 574 -19.82 23.71 -11.10
N HIS E 575 -19.15 24.70 -10.53
CA HIS E 575 -19.80 25.85 -9.92
C HIS E 575 -20.89 25.47 -8.92
N GLY E 576 -20.68 24.36 -8.23
CA GLY E 576 -21.61 23.91 -7.20
C GLY E 576 -21.18 24.41 -5.84
N PHE E 577 -22.04 24.20 -4.85
CA PHE E 577 -21.73 24.54 -3.47
C PHE E 577 -22.60 23.75 -2.51
N TYR E 578 -22.14 23.62 -1.26
CA TYR E 578 -22.92 22.96 -0.19
C TYR E 578 -22.93 23.83 1.06
N TRP E 579 -24.03 23.77 1.80
CA TRP E 579 -24.16 24.46 3.07
C TRP E 579 -24.53 23.46 4.14
N PHE E 580 -23.58 23.14 5.01
CA PHE E 580 -23.79 22.14 6.06
C PHE E 580 -23.94 22.79 7.42
N GLN E 581 -24.91 22.30 8.19
CA GLN E 581 -25.02 22.64 9.61
C GLN E 581 -24.24 21.60 10.39
N LEU E 582 -23.23 22.04 11.15
CA LEU E 582 -22.45 21.12 11.99
C LEU E 582 -23.18 20.86 13.30
N ARG E 583 -23.74 19.66 13.42
CA ARG E 583 -24.63 19.32 14.52
C ARG E 583 -23.91 18.40 15.51
N GLU E 584 -24.15 18.64 16.80
CA GLU E 584 -23.48 17.87 17.85
C GLU E 584 -23.86 16.38 17.84
N PRO E 585 -22.94 15.52 18.33
CA PRO E 585 -23.30 14.13 18.57
C PRO E 585 -24.18 14.00 19.81
N ASP E 586 -25.00 12.95 19.86
CA ASP E 586 -26.06 12.82 20.86
C ASP E 586 -25.51 12.27 22.18
N HIS F 17 -49.39 -0.99 -58.44
CA HIS F 17 -48.47 -0.42 -57.41
C HIS F 17 -47.16 0.06 -58.05
N PRO F 18 -46.84 1.36 -57.92
CA PRO F 18 -45.62 1.93 -58.51
C PRO F 18 -44.34 1.17 -58.15
N ASN F 19 -43.42 1.08 -59.11
CA ASN F 19 -42.14 0.41 -58.90
C ASN F 19 -41.16 1.34 -58.21
N ALA F 20 -40.28 0.76 -57.40
CA ALA F 20 -39.27 1.50 -56.67
C ALA F 20 -38.11 1.90 -57.59
N GLU F 21 -37.60 0.93 -58.35
CA GLU F 21 -36.54 1.18 -59.31
C GLU F 21 -37.07 2.08 -60.44
N ASP F 22 -37.03 3.38 -60.19
CA ASP F 22 -37.63 4.39 -61.06
C ASP F 22 -37.22 5.80 -60.63
N PHE F 23 -37.32 6.07 -59.33
CA PHE F 23 -36.83 7.32 -58.75
C PHE F 23 -35.37 7.13 -58.36
N GLY F 24 -34.59 8.20 -58.42
CA GLY F 24 -33.14 8.13 -58.20
C GLY F 24 -32.74 7.79 -56.78
N HIS F 25 -32.54 6.50 -56.52
CA HIS F 25 -32.28 5.97 -55.17
C HIS F 25 -31.18 6.70 -54.37
N ALA F 26 -31.40 6.81 -53.07
CA ALA F 26 -30.49 7.54 -52.16
C ALA F 26 -29.18 6.79 -51.95
N ARG F 27 -28.14 7.54 -51.57
CA ARG F 27 -26.80 6.97 -51.43
C ARG F 27 -26.76 5.96 -50.28
N THR F 28 -26.46 4.71 -50.61
CA THR F 28 -26.43 3.63 -49.62
C THR F 28 -25.21 3.78 -48.71
N LEU F 29 -25.48 3.89 -47.41
CA LEU F 29 -24.41 3.97 -46.42
C LEU F 29 -23.67 2.65 -46.36
N PRO F 30 -22.38 2.68 -45.96
CA PRO F 30 -21.61 1.44 -45.82
C PRO F 30 -22.33 0.44 -44.92
N THR F 31 -22.36 -0.83 -45.35
CA THR F 31 -23.11 -1.86 -44.64
C THR F 31 -22.54 -2.12 -43.23
N ASP F 32 -23.40 -1.94 -42.22
CA ASP F 32 -23.04 -2.11 -40.82
C ASP F 32 -24.25 -2.68 -40.10
N THR F 33 -24.09 -3.87 -39.50
CA THR F 33 -25.22 -4.58 -38.89
C THR F 33 -25.36 -4.33 -37.39
N ASN F 34 -24.61 -3.37 -36.86
CA ASN F 34 -24.68 -3.00 -35.45
C ASN F 34 -24.93 -1.50 -35.21
N TRP F 35 -25.21 -0.74 -36.27
CA TRP F 35 -25.38 0.70 -36.14
C TRP F 35 -26.48 1.08 -35.15
N PHE F 36 -27.55 0.30 -35.15
CA PHE F 36 -28.71 0.57 -34.31
C PHE F 36 -28.43 0.39 -32.81
N LYS F 37 -27.42 -0.41 -32.47
CA LYS F 37 -27.03 -0.58 -31.08
C LYS F 37 -26.26 0.63 -30.54
N HIS F 38 -25.58 1.34 -31.44
CA HIS F 38 -24.80 2.52 -31.08
C HIS F 38 -25.56 3.83 -31.32
N ALA F 39 -26.66 3.77 -32.05
CA ALA F 39 -27.36 4.97 -32.47
C ALA F 39 -28.15 5.62 -31.33
N VAL F 40 -28.39 6.92 -31.49
CA VAL F 40 -29.30 7.68 -30.65
C VAL F 40 -30.39 8.22 -31.57
N PHE F 41 -31.60 7.73 -31.37
CA PHE F 41 -32.71 8.04 -32.27
C PHE F 41 -33.37 9.36 -31.91
N TYR F 42 -33.90 10.03 -32.92
CA TYR F 42 -34.55 11.33 -32.78
C TYR F 42 -35.90 11.26 -33.46
N GLU F 43 -36.97 11.13 -32.67
CA GLU F 43 -38.32 11.05 -33.22
C GLU F 43 -38.84 12.45 -33.58
N VAL F 44 -39.06 12.69 -34.87
CA VAL F 44 -39.48 14.00 -35.35
C VAL F 44 -40.62 13.87 -36.35
N LEU F 45 -41.72 14.56 -36.08
CA LEU F 45 -42.84 14.59 -37.02
C LEU F 45 -42.55 15.48 -38.22
N VAL F 46 -42.89 15.00 -39.41
CA VAL F 46 -42.67 15.74 -40.65
C VAL F 46 -43.50 17.03 -40.68
N ARG F 47 -44.74 16.91 -40.22
CA ARG F 47 -45.69 18.04 -40.17
C ARG F 47 -45.29 19.14 -39.20
N ALA F 48 -44.44 18.82 -38.24
CA ALA F 48 -44.18 19.69 -37.11
C ALA F 48 -42.86 20.43 -37.18
N PHE F 49 -41.90 19.92 -37.94
CA PHE F 49 -40.52 20.37 -37.82
C PHE F 49 -40.26 21.68 -38.53
N TYR F 50 -40.49 21.74 -39.84
CA TYR F 50 -40.26 22.97 -40.59
C TYR F 50 -41.08 23.01 -41.86
N ASP F 51 -41.64 24.19 -42.16
CA ASP F 51 -42.46 24.39 -43.34
C ASP F 51 -41.77 25.32 -44.33
N SER F 52 -41.57 24.83 -45.55
CA SER F 52 -40.82 25.54 -46.57
C SER F 52 -41.68 26.10 -47.69
N ASN F 53 -42.94 25.67 -47.78
CA ASN F 53 -43.84 26.13 -48.85
C ASN F 53 -44.96 27.06 -48.36
N ALA F 54 -44.75 27.64 -47.17
CA ALA F 54 -45.69 28.61 -46.59
C ALA F 54 -47.17 28.21 -46.69
N ASP F 55 -47.45 26.91 -46.53
CA ASP F 55 -48.82 26.40 -46.50
C ASP F 55 -49.31 26.24 -45.07
N GLY F 56 -48.41 26.42 -44.10
CA GLY F 56 -48.71 26.24 -42.69
C GLY F 56 -48.55 24.81 -42.21
N ILE F 57 -48.02 23.95 -43.07
CA ILE F 57 -47.87 22.53 -42.74
C ILE F 57 -46.45 22.07 -43.05
N GLY F 58 -45.79 21.54 -42.02
CA GLY F 58 -44.43 21.06 -42.13
C GLY F 58 -44.34 19.99 -43.20
N ASP F 59 -43.23 19.99 -43.93
CA ASP F 59 -43.12 19.16 -45.12
C ASP F 59 -41.73 18.55 -45.23
N LEU F 60 -41.59 17.59 -46.15
CA LEU F 60 -40.36 16.84 -46.29
C LEU F 60 -39.20 17.74 -46.67
N ARG F 61 -39.45 18.64 -47.61
CA ARG F 61 -38.42 19.60 -48.05
C ARG F 61 -37.98 20.57 -46.97
N GLY F 62 -38.87 20.88 -46.04
CA GLY F 62 -38.52 21.72 -44.91
C GLY F 62 -37.61 20.95 -43.97
N LEU F 63 -38.00 19.71 -43.66
CA LEU F 63 -37.18 18.82 -42.84
C LEU F 63 -35.79 18.59 -43.44
N THR F 64 -35.72 18.55 -44.77
CA THR F 64 -34.44 18.45 -45.47
C THR F 64 -33.55 19.65 -45.17
N GLU F 65 -34.12 20.85 -45.21
CA GLU F 65 -33.37 22.09 -44.96
C GLU F 65 -32.76 22.13 -43.56
N LYS F 66 -33.46 21.56 -42.60
CA LYS F 66 -33.04 21.62 -41.20
C LYS F 66 -32.18 20.42 -40.76
N LEU F 67 -31.72 19.61 -41.72
CA LEU F 67 -30.86 18.47 -41.39
C LEU F 67 -29.52 18.89 -40.77
N ASP F 68 -29.04 20.08 -41.11
CA ASP F 68 -27.80 20.60 -40.55
C ASP F 68 -27.90 20.80 -39.03
N TYR F 69 -29.07 21.22 -38.56
CA TYR F 69 -29.33 21.32 -37.13
C TYR F 69 -29.28 19.93 -36.49
N ILE F 70 -30.01 19.00 -37.08
CA ILE F 70 -30.05 17.62 -36.60
C ILE F 70 -28.65 17.03 -36.49
N LYS F 71 -27.85 17.22 -37.53
CA LYS F 71 -26.44 16.81 -37.55
C LYS F 71 -25.68 17.44 -36.38
N TRP F 72 -25.86 18.75 -36.20
CA TRP F 72 -25.18 19.52 -35.15
C TRP F 72 -25.55 19.05 -33.75
N LEU F 73 -26.81 18.69 -33.56
CA LEU F 73 -27.29 18.18 -32.29
C LEU F 73 -26.55 16.88 -31.93
N GLY F 74 -26.29 16.05 -32.93
CA GLY F 74 -25.49 14.84 -32.76
C GLY F 74 -26.30 13.56 -32.66
N VAL F 75 -27.53 13.58 -33.20
CA VAL F 75 -28.34 12.38 -33.28
C VAL F 75 -27.94 11.57 -34.51
N ASP F 76 -28.16 10.26 -34.44
CA ASP F 76 -27.66 9.33 -35.45
C ASP F 76 -28.73 8.88 -36.44
N CYS F 77 -29.98 8.81 -35.97
CA CYS F 77 -31.06 8.33 -36.81
C CYS F 77 -32.38 9.07 -36.55
N LEU F 78 -33.04 9.47 -37.63
CA LEU F 78 -34.35 10.09 -37.55
C LEU F 78 -35.41 8.99 -37.50
N TRP F 79 -36.41 9.17 -36.64
CA TRP F 79 -37.57 8.28 -36.63
C TRP F 79 -38.80 9.11 -36.96
N LEU F 80 -39.36 8.86 -38.14
CA LEU F 80 -40.53 9.59 -38.64
C LEU F 80 -41.80 8.77 -38.39
N PRO F 81 -42.79 9.36 -37.69
CA PRO F 81 -44.12 8.73 -37.62
C PRO F 81 -44.78 8.73 -38.99
N PRO F 82 -45.88 7.96 -39.17
CA PRO F 82 -46.42 7.67 -40.50
C PRO F 82 -46.71 8.92 -41.33
N PHE F 83 -46.19 8.95 -42.56
CA PHE F 83 -46.36 10.11 -43.44
C PHE F 83 -47.00 9.70 -44.76
N TYR F 84 -47.71 8.58 -44.77
CA TYR F 84 -48.33 8.07 -45.98
C TYR F 84 -49.67 8.77 -46.20
N ASP F 85 -50.15 8.73 -47.43
CA ASP F 85 -51.45 9.30 -47.77
C ASP F 85 -52.50 8.73 -46.83
N SER F 86 -53.28 9.61 -46.22
CA SER F 86 -54.22 9.21 -45.17
C SER F 86 -55.34 10.24 -45.03
N PRO F 87 -56.55 9.78 -44.67
CA PRO F 87 -57.61 10.72 -44.28
C PRO F 87 -57.34 11.37 -42.91
N LEU F 88 -56.36 10.84 -42.17
CA LEU F 88 -55.89 11.44 -40.93
C LEU F 88 -56.97 11.49 -39.85
N ARG F 89 -57.88 10.52 -39.88
CA ARG F 89 -58.89 10.41 -38.84
C ARG F 89 -58.29 9.84 -37.56
N ASP F 90 -57.17 9.13 -37.67
CA ASP F 90 -56.42 8.67 -36.50
C ASP F 90 -54.94 9.03 -36.62
N GLY F 91 -54.67 10.33 -36.67
CA GLY F 91 -53.31 10.88 -36.72
C GLY F 91 -52.38 10.31 -37.78
N GLY F 92 -52.94 9.77 -38.87
CA GLY F 92 -52.14 9.18 -39.94
C GLY F 92 -51.71 7.74 -39.71
N TYR F 93 -52.14 7.15 -38.61
CA TYR F 93 -51.92 5.73 -38.35
C TYR F 93 -52.95 4.88 -39.09
N ASP F 94 -53.89 5.54 -39.77
CA ASP F 94 -54.84 4.90 -40.70
C ASP F 94 -54.41 5.15 -42.15
N ILE F 95 -53.62 4.23 -42.69
CA ILE F 95 -53.00 4.42 -44.00
C ILE F 95 -53.96 4.12 -45.14
N ARG F 96 -54.06 5.06 -46.09
CA ARG F 96 -54.92 4.92 -47.27
C ARG F 96 -54.15 4.39 -48.48
N ASP F 97 -52.87 4.73 -48.57
CA ASP F 97 -52.03 4.29 -49.67
C ASP F 97 -50.58 4.14 -49.20
N PHE F 98 -50.08 2.91 -49.21
CA PHE F 98 -48.72 2.63 -48.74
C PHE F 98 -47.62 3.18 -49.65
N TYR F 99 -47.95 3.43 -50.92
CA TYR F 99 -46.97 3.84 -51.92
C TYR F 99 -47.06 5.33 -52.26
N LYS F 100 -47.77 6.09 -51.44
CA LYS F 100 -47.96 7.52 -51.69
C LYS F 100 -47.79 8.31 -50.39
N VAL F 101 -46.86 9.24 -50.40
CA VAL F 101 -46.69 10.15 -49.27
C VAL F 101 -47.81 11.20 -49.32
N LEU F 102 -48.33 11.54 -48.14
CA LEU F 102 -49.42 12.50 -48.02
C LEU F 102 -49.08 13.78 -48.79
N PRO F 103 -49.96 14.21 -49.71
CA PRO F 103 -49.78 15.38 -50.58
C PRO F 103 -49.11 16.60 -49.93
N GLU F 104 -49.55 16.94 -48.72
CA GLU F 104 -49.09 18.15 -48.04
C GLU F 104 -47.62 18.07 -47.61
N PHE F 105 -47.09 16.87 -47.47
CA PHE F 105 -45.68 16.68 -47.12
C PHE F 105 -44.80 16.66 -48.36
N GLY F 106 -45.34 16.19 -49.48
CA GLY F 106 -44.62 16.21 -50.75
C GLY F 106 -44.84 14.96 -51.58
N THR F 107 -43.91 14.69 -52.48
CA THR F 107 -43.92 13.50 -53.32
C THR F 107 -42.93 12.48 -52.79
N VAL F 108 -43.01 11.27 -53.31
CA VAL F 108 -42.06 10.21 -52.95
C VAL F 108 -40.65 10.66 -53.29
N ASP F 109 -40.51 11.40 -54.39
CA ASP F 109 -39.22 11.97 -54.80
C ASP F 109 -38.62 12.88 -53.72
N ASP F 110 -39.48 13.69 -53.08
CA ASP F 110 -39.03 14.56 -52.00
C ASP F 110 -38.51 13.76 -50.80
N PHE F 111 -39.07 12.58 -50.58
CA PHE F 111 -38.57 11.67 -49.55
C PHE F 111 -37.19 11.12 -49.89
N VAL F 112 -36.97 10.80 -51.15
CA VAL F 112 -35.67 10.33 -51.62
C VAL F 112 -34.63 11.45 -51.48
N THR F 113 -35.04 12.67 -51.81
CA THR F 113 -34.19 13.87 -51.60
C THR F 113 -33.77 14.02 -50.14
N LEU F 114 -34.70 13.79 -49.22
CA LEU F 114 -34.40 13.80 -47.79
C LEU F 114 -33.42 12.70 -47.41
N LEU F 115 -33.69 11.48 -47.88
CA LEU F 115 -32.84 10.32 -47.59
C LEU F 115 -31.39 10.56 -48.02
N ASP F 116 -31.21 10.96 -49.28
CA ASP F 116 -29.89 11.18 -49.84
C ASP F 116 -29.16 12.28 -49.08
N ALA F 117 -29.87 13.37 -48.78
CA ALA F 117 -29.30 14.48 -48.03
C ALA F 117 -28.90 14.06 -46.62
N ALA F 118 -29.71 13.20 -46.01
CA ALA F 118 -29.44 12.69 -44.66
C ALA F 118 -28.27 11.71 -44.65
N HIS F 119 -28.26 10.79 -45.60
CA HIS F 119 -27.17 9.80 -45.70
C HIS F 119 -25.83 10.47 -45.98
N ARG F 120 -25.86 11.55 -46.77
CA ARG F 120 -24.63 12.30 -47.08
C ARG F 120 -23.88 12.75 -45.82
N ARG F 121 -24.62 13.05 -44.75
CA ARG F 121 -24.03 13.42 -43.48
C ARG F 121 -24.22 12.32 -42.43
N GLY F 122 -24.29 11.07 -42.89
CA GLY F 122 -24.29 9.90 -42.02
C GLY F 122 -25.51 9.70 -41.13
N ILE F 123 -26.58 10.43 -41.40
CA ILE F 123 -27.80 10.31 -40.62
C ILE F 123 -28.74 9.32 -41.30
N ARG F 124 -29.19 8.32 -40.54
CA ARG F 124 -30.12 7.32 -41.05
C ARG F 124 -31.57 7.72 -40.78
N ILE F 125 -32.49 7.10 -41.49
CA ILE F 125 -33.92 7.36 -41.31
C ILE F 125 -34.72 6.06 -41.22
N ILE F 126 -35.56 5.95 -40.19
CA ILE F 126 -36.54 4.87 -40.08
C ILE F 126 -37.93 5.47 -40.02
N THR F 127 -38.95 4.65 -40.22
CA THR F 127 -40.32 5.14 -40.19
C THR F 127 -41.30 4.16 -39.55
N ASP F 128 -42.35 4.71 -38.94
CA ASP F 128 -43.48 3.92 -38.47
C ASP F 128 -44.20 3.32 -39.67
N LEU F 129 -44.54 2.03 -39.58
CA LEU F 129 -45.32 1.36 -40.62
C LEU F 129 -46.35 0.45 -39.96
N VAL F 130 -47.62 0.82 -40.06
CA VAL F 130 -48.71 0.05 -39.48
C VAL F 130 -48.93 -1.21 -40.31
N MET F 131 -48.88 -2.37 -39.64
CA MET F 131 -48.97 -3.66 -40.33
C MET F 131 -50.36 -4.29 -40.19
N ASN F 132 -51.01 -4.09 -39.05
CA ASN F 132 -52.26 -4.78 -38.73
C ASN F 132 -53.46 -4.36 -39.55
N HIS F 133 -53.59 -3.06 -39.79
CA HIS F 133 -54.80 -2.50 -40.39
C HIS F 133 -54.49 -1.40 -41.40
N THR F 134 -55.39 -1.22 -42.34
CA THR F 134 -55.36 -0.09 -43.26
C THR F 134 -56.61 0.74 -43.04
N SER F 135 -56.63 1.94 -43.60
CA SER F 135 -57.80 2.80 -43.55
C SER F 135 -58.91 2.14 -44.37
N ASP F 136 -60.16 2.44 -44.03
CA ASP F 136 -61.30 1.93 -44.79
C ASP F 136 -61.42 2.61 -46.16
N GLN F 137 -60.62 3.65 -46.38
CA GLN F 137 -60.52 4.34 -47.65
C GLN F 137 -59.47 3.76 -48.57
N HIS F 138 -58.66 2.83 -48.05
CA HIS F 138 -57.63 2.19 -48.85
C HIS F 138 -58.32 1.48 -50.00
N GLU F 139 -57.73 1.56 -51.18
CA GLU F 139 -58.28 0.93 -52.39
C GLU F 139 -58.63 -0.56 -52.21
N TRP F 140 -57.80 -1.29 -51.48
CA TRP F 140 -58.03 -2.69 -51.15
C TRP F 140 -59.39 -2.91 -50.49
N PHE F 141 -59.66 -2.16 -49.42
CA PHE F 141 -60.91 -2.32 -48.68
C PHE F 141 -62.13 -1.90 -49.48
N GLN F 142 -61.98 -0.88 -50.32
CA GLN F 142 -63.05 -0.47 -51.23
C GLN F 142 -63.33 -1.54 -52.28
N GLU F 143 -62.28 -2.24 -52.70
CA GLU F 143 -62.42 -3.38 -53.63
C GLU F 143 -62.96 -4.63 -52.92
N SER F 144 -62.65 -4.79 -51.64
CA SER F 144 -63.13 -5.94 -50.87
C SER F 144 -64.63 -5.85 -50.61
N ARG F 145 -65.10 -4.65 -50.29
CA ARG F 145 -66.52 -4.44 -50.00
C ARG F 145 -67.39 -4.41 -51.26
N HIS F 146 -66.88 -3.78 -52.33
CA HIS F 146 -67.62 -3.66 -53.60
C HIS F 146 -67.56 -4.93 -54.45
N ASN F 147 -66.40 -5.60 -54.44
CA ASN F 147 -66.21 -6.84 -55.19
C ASN F 147 -65.82 -7.98 -54.26
N PRO F 148 -66.79 -8.57 -53.55
CA PRO F 148 -66.51 -9.64 -52.58
C PRO F 148 -65.96 -10.90 -53.22
N ASP F 149 -66.29 -11.15 -54.49
CA ASP F 149 -65.78 -12.29 -55.23
C ASP F 149 -64.56 -11.93 -56.07
N GLY F 150 -64.11 -10.68 -55.99
CA GLY F 150 -62.93 -10.22 -56.70
C GLY F 150 -61.64 -10.75 -56.10
N PRO F 151 -60.51 -10.11 -56.39
CA PRO F 151 -59.21 -10.54 -55.89
C PRO F 151 -58.86 -9.98 -54.50
N TYR F 152 -59.71 -9.10 -53.96
CA TYR F 152 -59.49 -8.50 -52.65
C TYR F 152 -60.58 -8.84 -51.65
N GLY F 153 -61.50 -9.73 -52.04
CA GLY F 153 -62.59 -10.14 -51.17
C GLY F 153 -62.15 -10.75 -49.85
N ASP F 154 -60.98 -11.37 -49.85
CA ASP F 154 -60.44 -12.02 -48.65
C ASP F 154 -59.22 -11.28 -48.07
N PHE F 155 -59.05 -10.02 -48.44
CA PHE F 155 -57.96 -9.20 -47.91
C PHE F 155 -58.24 -8.73 -46.48
N TYR F 156 -59.52 -8.70 -46.10
CA TYR F 156 -59.93 -8.29 -44.76
C TYR F 156 -60.77 -9.38 -44.11
N VAL F 157 -60.88 -9.34 -42.79
CA VAL F 157 -61.56 -10.40 -42.04
C VAL F 157 -63.06 -10.13 -42.03
N TRP F 158 -63.81 -10.86 -42.83
CA TRP F 158 -65.26 -10.69 -42.92
C TRP F 158 -66.01 -11.79 -42.19
N SER F 159 -67.26 -11.50 -41.81
CA SER F 159 -68.10 -12.46 -41.10
C SER F 159 -69.59 -12.12 -41.29
N ASP F 160 -70.44 -13.10 -41.00
CA ASP F 160 -71.90 -12.91 -41.08
C ASP F 160 -72.52 -12.56 -39.73
N THR F 161 -71.80 -12.86 -38.64
CA THR F 161 -72.22 -12.48 -37.29
C THR F 161 -71.02 -11.86 -36.55
N SER F 162 -71.23 -11.45 -35.30
CA SER F 162 -70.16 -10.88 -34.48
C SER F 162 -69.71 -11.84 -33.37
N ASP F 163 -69.98 -13.13 -33.57
CA ASP F 163 -69.70 -14.16 -32.56
C ASP F 163 -68.21 -14.49 -32.43
N ARG F 164 -67.49 -14.42 -33.56
CA ARG F 164 -66.10 -14.85 -33.63
C ARG F 164 -65.15 -13.99 -32.79
N TYR F 165 -64.14 -14.63 -32.23
CA TYR F 165 -63.12 -14.00 -31.38
C TYR F 165 -63.74 -13.20 -30.23
N PRO F 166 -64.59 -13.84 -29.42
CA PRO F 166 -65.18 -13.10 -28.32
C PRO F 166 -64.24 -12.92 -27.13
N ASP F 167 -63.12 -13.65 -27.11
CA ASP F 167 -62.14 -13.51 -26.03
C ASP F 167 -61.29 -12.26 -26.19
N ALA F 168 -61.17 -11.76 -27.42
CA ALA F 168 -60.39 -10.56 -27.70
C ALA F 168 -61.08 -9.33 -27.12
N ARG F 169 -60.30 -8.47 -26.46
CA ARG F 169 -60.84 -7.26 -25.85
C ARG F 169 -60.97 -6.14 -26.87
N ILE F 170 -61.80 -5.15 -26.54
CA ILE F 170 -61.90 -3.93 -27.33
C ILE F 170 -60.85 -2.96 -26.81
N ILE F 171 -59.88 -2.62 -27.66
CA ILE F 171 -58.77 -1.76 -27.23
C ILE F 171 -59.32 -0.40 -26.80
N PHE F 172 -60.05 0.25 -27.69
CA PHE F 172 -60.71 1.51 -27.36
C PHE F 172 -62.13 1.20 -26.90
N VAL F 173 -62.23 0.81 -25.62
CA VAL F 173 -63.49 0.33 -25.05
C VAL F 173 -64.52 1.44 -24.84
N ASP F 174 -64.07 2.69 -24.87
CA ASP F 174 -64.96 3.85 -24.69
C ASP F 174 -65.48 4.42 -26.00
N THR F 175 -64.82 4.09 -27.12
CA THR F 175 -65.23 4.58 -28.43
C THR F 175 -65.94 3.50 -29.24
N GLU F 176 -65.40 2.29 -29.24
CA GLU F 176 -65.99 1.18 -29.99
C GLU F 176 -66.77 0.24 -29.06
N GLU F 177 -67.98 -0.11 -29.49
CA GLU F 177 -68.86 -1.03 -28.75
C GLU F 177 -68.58 -2.49 -29.11
N SER F 178 -67.94 -2.71 -30.25
CA SER F 178 -67.63 -4.05 -30.74
C SER F 178 -66.40 -4.00 -31.63
N ASN F 179 -65.75 -5.15 -31.78
CA ASN F 179 -64.65 -5.28 -32.73
C ASN F 179 -65.13 -5.70 -34.12
N TRP F 180 -66.44 -5.91 -34.25
CA TRP F 180 -67.05 -6.16 -35.54
C TRP F 180 -67.96 -4.98 -35.91
N THR F 181 -67.79 -4.45 -37.12
CA THR F 181 -68.62 -3.36 -37.62
C THR F 181 -69.29 -3.79 -38.92
N PHE F 182 -70.55 -3.40 -39.09
CA PHE F 182 -71.35 -3.81 -40.24
C PHE F 182 -71.16 -2.88 -41.43
N ASP F 183 -70.64 -3.42 -42.54
CA ASP F 183 -70.46 -2.65 -43.77
C ASP F 183 -71.75 -2.70 -44.59
N PRO F 184 -72.29 -1.52 -44.97
CA PRO F 184 -73.55 -1.48 -45.71
C PRO F 184 -73.47 -1.96 -47.16
N VAL F 185 -72.32 -1.76 -47.81
CA VAL F 185 -72.15 -2.15 -49.21
C VAL F 185 -72.04 -3.67 -49.35
N ARG F 186 -71.15 -4.28 -48.56
CA ARG F 186 -70.95 -5.73 -48.61
C ARG F 186 -72.00 -6.50 -47.81
N ARG F 187 -72.71 -5.80 -46.91
CA ARG F 187 -73.73 -6.42 -46.05
C ARG F 187 -73.13 -7.47 -45.11
N GLN F 188 -71.91 -7.21 -44.63
CA GLN F 188 -71.21 -8.13 -43.71
C GLN F 188 -70.44 -7.38 -42.64
N PHE F 189 -70.10 -8.09 -41.57
CA PHE F 189 -69.25 -7.54 -40.51
C PHE F 189 -67.78 -7.65 -40.88
N TYR F 190 -66.99 -6.64 -40.54
CA TYR F 190 -65.53 -6.70 -40.72
C TYR F 190 -64.80 -6.45 -39.40
N TRP F 191 -63.70 -7.18 -39.20
CA TRP F 191 -62.96 -7.15 -37.95
C TRP F 191 -62.01 -5.95 -37.92
N HIS F 192 -61.88 -5.35 -36.74
CA HIS F 192 -60.94 -4.27 -36.51
C HIS F 192 -60.65 -4.19 -35.01
N ARG F 193 -59.37 -4.27 -34.66
CA ARG F 193 -58.98 -4.13 -33.26
C ARG F 193 -59.07 -2.68 -32.83
N PHE F 194 -58.71 -1.78 -33.74
CA PHE F 194 -58.68 -0.35 -33.46
C PHE F 194 -60.05 0.24 -33.80
N PHE F 195 -60.07 1.42 -34.43
CA PHE F 195 -61.32 2.10 -34.70
C PHE F 195 -62.06 1.49 -35.88
N SER F 196 -63.35 1.78 -35.99
CA SER F 196 -64.23 1.15 -36.99
C SER F 196 -63.84 1.49 -38.43
N HIS F 197 -63.07 2.55 -38.61
CA HIS F 197 -62.60 2.97 -39.93
C HIS F 197 -61.18 2.46 -40.22
N GLN F 198 -60.70 1.53 -39.41
CA GLN F 198 -59.37 0.94 -39.57
C GLN F 198 -59.45 -0.58 -39.60
N PRO F 199 -60.07 -1.14 -40.66
CA PRO F 199 -60.30 -2.58 -40.75
C PRO F 199 -59.02 -3.40 -40.73
N ASP F 200 -59.04 -4.52 -40.03
CA ASP F 200 -57.89 -5.40 -39.92
C ASP F 200 -57.63 -6.15 -41.21
N LEU F 201 -56.36 -6.23 -41.61
CA LEU F 201 -55.96 -7.03 -42.76
C LEU F 201 -56.02 -8.50 -42.37
N ASN F 202 -56.48 -9.33 -43.31
CA ASN F 202 -56.55 -10.77 -43.10
C ASN F 202 -55.22 -11.41 -43.46
N TYR F 203 -54.42 -11.72 -42.44
CA TYR F 203 -53.09 -12.28 -42.65
C TYR F 203 -53.10 -13.78 -42.88
N ASP F 204 -54.27 -14.41 -42.81
CA ASP F 204 -54.42 -15.82 -43.18
C ASP F 204 -54.39 -15.98 -44.70
N ASN F 205 -54.80 -14.94 -45.42
CA ASN F 205 -54.68 -14.91 -46.87
C ASN F 205 -53.21 -14.77 -47.27
N PRO F 206 -52.67 -15.75 -48.02
CA PRO F 206 -51.26 -15.67 -48.45
C PRO F 206 -50.95 -14.44 -49.30
N ALA F 207 -51.92 -13.99 -50.10
CA ALA F 207 -51.74 -12.80 -50.95
C ALA F 207 -51.52 -11.54 -50.13
N VAL F 208 -52.16 -11.45 -48.96
CA VAL F 208 -52.00 -10.33 -48.04
C VAL F 208 -50.58 -10.26 -47.49
N GLN F 209 -50.04 -11.42 -47.09
CA GLN F 209 -48.67 -11.50 -46.60
C GLN F 209 -47.66 -11.05 -47.65
N GLU F 210 -47.90 -11.43 -48.90
CA GLU F 210 -47.02 -11.03 -50.00
C GLU F 210 -47.15 -9.55 -50.33
N ALA F 211 -48.37 -9.02 -50.23
CA ALA F 211 -48.64 -7.61 -50.48
C ALA F 211 -47.87 -6.71 -49.51
N MET F 212 -47.93 -7.06 -48.22
CA MET F 212 -47.26 -6.27 -47.18
C MET F 212 -45.75 -6.41 -47.22
N LEU F 213 -45.26 -7.57 -47.64
CA LEU F 213 -43.82 -7.76 -47.84
C LEU F 213 -43.31 -6.91 -49.01
N ASP F 214 -44.16 -6.70 -50.01
CA ASP F 214 -43.82 -5.83 -51.14
C ASP F 214 -43.83 -4.35 -50.76
N VAL F 215 -44.65 -3.99 -49.77
CA VAL F 215 -44.66 -2.64 -49.22
C VAL F 215 -43.34 -2.35 -48.53
N LEU F 216 -42.90 -3.28 -47.69
CA LEU F 216 -41.57 -3.20 -47.05
C LEU F 216 -40.48 -3.05 -48.10
N ARG F 217 -40.51 -3.93 -49.11
CA ARG F 217 -39.50 -3.95 -50.16
C ARG F 217 -39.45 -2.65 -50.97
N PHE F 218 -40.60 -1.99 -51.14
CA PHE F 218 -40.66 -0.73 -51.87
C PHE F 218 -39.79 0.35 -51.22
N TRP F 219 -40.04 0.62 -49.95
CA TRP F 219 -39.30 1.66 -49.24
C TRP F 219 -37.85 1.25 -48.99
N LEU F 220 -37.60 -0.04 -48.82
CA LEU F 220 -36.23 -0.57 -48.69
C LEU F 220 -35.44 -0.41 -49.99
N ASP F 221 -36.11 -0.56 -51.12
CA ASP F 221 -35.50 -0.30 -52.43
C ASP F 221 -35.13 1.17 -52.59
N LEU F 222 -36.03 2.06 -52.16
CA LEU F 222 -35.75 3.50 -52.14
C LEU F 222 -34.52 3.83 -51.29
N GLY F 223 -34.24 2.97 -50.31
CA GLY F 223 -33.03 3.07 -49.50
C GLY F 223 -33.27 3.48 -48.05
N ILE F 224 -34.48 3.25 -47.54
CA ILE F 224 -34.77 3.54 -46.15
C ILE F 224 -33.99 2.58 -45.25
N ASP F 225 -33.65 3.03 -44.06
CA ASP F 225 -32.75 2.27 -43.19
C ASP F 225 -33.48 1.25 -42.31
N GLY F 226 -34.77 1.44 -42.08
CA GLY F 226 -35.55 0.48 -41.30
C GLY F 226 -36.99 0.88 -41.09
N PHE F 227 -37.68 0.10 -40.28
CA PHE F 227 -39.07 0.36 -39.94
C PHE F 227 -39.34 0.13 -38.46
N ARG F 228 -40.39 0.76 -37.97
CA ARG F 228 -40.99 0.39 -36.70
C ARG F 228 -42.35 -0.23 -37.02
N LEU F 229 -42.44 -1.55 -36.88
CA LEU F 229 -43.66 -2.27 -37.22
C LEU F 229 -44.71 -2.10 -36.13
N ASP F 230 -45.72 -1.29 -36.42
CA ASP F 230 -46.75 -0.93 -35.45
C ASP F 230 -47.90 -1.93 -35.41
N ALA F 231 -48.44 -2.13 -34.21
CA ALA F 231 -49.62 -2.99 -34.00
C ALA F 231 -49.44 -4.45 -34.44
N VAL F 232 -48.21 -4.95 -34.41
CA VAL F 232 -47.93 -6.32 -34.83
C VAL F 232 -48.49 -7.42 -33.95
N PRO F 233 -48.73 -7.17 -32.64
CA PRO F 233 -49.30 -8.26 -31.84
C PRO F 233 -50.72 -8.66 -32.24
N TYR F 234 -51.39 -7.81 -33.03
CA TYR F 234 -52.79 -8.05 -33.38
C TYR F 234 -53.03 -8.59 -34.80
N LEU F 235 -51.94 -8.95 -35.49
CA LEU F 235 -52.01 -9.43 -36.87
C LEU F 235 -52.98 -10.59 -36.99
N PHE F 236 -52.59 -11.74 -36.44
CA PHE F 236 -53.39 -12.97 -36.56
C PHE F 236 -54.44 -13.05 -35.47
N GLU F 237 -55.58 -13.65 -35.82
CA GLU F 237 -56.69 -13.86 -34.91
C GLU F 237 -57.03 -15.34 -34.90
N ARG F 238 -57.10 -15.94 -33.71
CA ARG F 238 -57.48 -17.36 -33.56
C ARG F 238 -58.53 -17.54 -32.47
N GLU F 239 -59.42 -18.51 -32.68
CA GLU F 239 -60.49 -18.81 -31.72
C GLU F 239 -59.93 -19.37 -30.42
N GLY F 240 -60.63 -19.10 -29.33
CA GLY F 240 -60.21 -19.57 -28.01
C GLY F 240 -59.00 -18.85 -27.43
N THR F 241 -58.63 -17.73 -28.03
CA THR F 241 -57.51 -16.91 -27.56
C THR F 241 -57.87 -15.42 -27.64
N ASN F 242 -57.12 -14.61 -26.90
CA ASN F 242 -57.30 -13.16 -26.92
C ASN F 242 -56.76 -12.49 -28.19
N CYS F 243 -56.33 -13.30 -29.18
CA CYS F 243 -55.84 -12.81 -30.47
C CYS F 243 -54.66 -11.85 -30.33
N GLU F 244 -53.78 -12.17 -29.39
CA GLU F 244 -52.57 -11.39 -29.16
C GLU F 244 -51.36 -12.33 -29.07
N ASN F 245 -50.29 -11.95 -29.77
CA ASN F 245 -49.00 -12.65 -29.71
C ASN F 245 -49.09 -14.13 -30.11
N LEU F 246 -49.95 -14.43 -31.08
CA LEU F 246 -50.14 -15.80 -31.52
C LEU F 246 -48.92 -16.28 -32.30
N PRO F 247 -48.62 -17.59 -32.26
CA PRO F 247 -47.45 -18.14 -32.94
C PRO F 247 -47.30 -17.74 -34.42
N GLU F 248 -48.42 -17.75 -35.15
CA GLU F 248 -48.42 -17.38 -36.57
C GLU F 248 -48.03 -15.90 -36.79
N THR F 249 -48.35 -15.05 -35.83
CA THR F 249 -47.92 -13.64 -35.86
C THR F 249 -46.39 -13.56 -35.87
N HIS F 250 -45.76 -14.22 -34.91
CA HIS F 250 -44.31 -14.29 -34.83
C HIS F 250 -43.70 -14.92 -36.09
N ALA F 251 -44.37 -15.95 -36.61
CA ALA F 251 -43.91 -16.64 -37.81
C ALA F 251 -43.80 -15.72 -39.02
N PHE F 252 -44.77 -14.80 -39.15
CA PHE F 252 -44.73 -13.81 -40.22
C PHE F 252 -43.57 -12.83 -40.04
N LEU F 253 -43.37 -12.38 -38.80
CA LEU F 253 -42.27 -11.47 -38.49
C LEU F 253 -40.91 -12.08 -38.85
N LYS F 254 -40.78 -13.40 -38.67
CA LYS F 254 -39.56 -14.10 -39.03
C LYS F 254 -39.25 -13.97 -40.52
N ARG F 255 -40.31 -13.98 -41.33
CA ARG F 255 -40.17 -13.77 -42.79
C ARG F 255 -39.64 -12.38 -43.10
N CYS F 256 -40.17 -11.37 -42.42
CA CYS F 256 -39.73 -9.99 -42.60
C CYS F 256 -38.25 -9.82 -42.28
N ARG F 257 -37.80 -10.47 -41.21
CA ARG F 257 -36.38 -10.47 -40.84
C ARG F 257 -35.53 -11.15 -41.90
N LYS F 258 -35.96 -12.33 -42.34
CA LYS F 258 -35.25 -13.06 -43.39
C LYS F 258 -35.14 -12.21 -44.65
N ALA F 259 -36.24 -11.57 -45.04
CA ALA F 259 -36.26 -10.68 -46.22
C ALA F 259 -35.28 -9.51 -46.08
N ILE F 260 -35.15 -8.99 -44.86
CA ILE F 260 -34.14 -7.96 -44.56
C ILE F 260 -32.73 -8.52 -44.67
N ASP F 261 -32.46 -9.61 -43.95
CA ASP F 261 -31.11 -10.19 -43.91
C ASP F 261 -30.64 -10.68 -45.28
N ASP F 262 -31.56 -11.22 -46.08
CA ASP F 262 -31.21 -11.76 -47.40
C ASP F 262 -31.02 -10.68 -48.47
N GLU F 263 -31.91 -9.70 -48.50
CA GLU F 263 -31.93 -8.71 -49.58
C GLU F 263 -31.22 -7.40 -49.25
N TYR F 264 -31.36 -6.93 -48.02
CA TYR F 264 -30.78 -5.65 -47.60
C TYR F 264 -30.08 -5.79 -46.24
N PRO F 265 -28.85 -6.30 -46.24
CA PRO F 265 -28.12 -6.40 -44.97
C PRO F 265 -27.85 -5.03 -44.36
N GLY F 266 -27.93 -4.95 -43.03
CA GLY F 266 -27.64 -3.71 -42.31
C GLY F 266 -28.84 -2.79 -42.10
N ARG F 267 -30.04 -3.29 -42.35
CA ARG F 267 -31.27 -2.55 -42.07
C ARG F 267 -31.86 -3.04 -40.75
N VAL F 268 -32.81 -2.29 -40.20
CA VAL F 268 -33.33 -2.59 -38.86
C VAL F 268 -34.86 -2.74 -38.85
N LEU F 269 -35.36 -3.54 -37.91
CA LEU F 269 -36.80 -3.77 -37.72
C LEU F 269 -37.15 -3.58 -36.25
N LEU F 270 -37.79 -2.46 -35.94
CA LEU F 270 -38.24 -2.18 -34.58
C LEU F 270 -39.66 -2.70 -34.36
N ALA F 271 -39.91 -3.27 -33.18
CA ALA F 271 -41.23 -3.80 -32.85
C ALA F 271 -41.92 -2.93 -31.79
N GLU F 272 -42.98 -2.25 -32.22
CA GLU F 272 -43.86 -1.57 -31.29
C GLU F 272 -44.78 -2.63 -30.68
N ALA F 273 -44.37 -3.15 -29.53
CA ALA F 273 -45.20 -4.08 -28.76
C ALA F 273 -45.34 -3.47 -27.37
N ASN F 274 -46.56 -3.06 -27.03
CA ASN F 274 -46.81 -2.38 -25.77
C ASN F 274 -47.17 -3.36 -24.68
N GLN F 275 -46.20 -4.17 -24.29
CA GLN F 275 -46.41 -5.23 -23.30
C GLN F 275 -45.28 -5.26 -22.27
N TRP F 276 -45.48 -6.06 -21.24
CA TRP F 276 -44.50 -6.22 -20.18
C TRP F 276 -43.22 -6.85 -20.77
N PRO F 277 -42.05 -6.41 -20.31
CA PRO F 277 -40.75 -6.91 -20.78
C PRO F 277 -40.66 -8.43 -20.97
N ALA F 278 -41.20 -9.19 -20.02
CA ALA F 278 -41.16 -10.65 -20.10
C ALA F 278 -41.92 -11.21 -21.31
N ASP F 279 -42.84 -10.42 -21.87
CA ASP F 279 -43.61 -10.84 -23.05
C ASP F 279 -42.94 -10.42 -24.36
N VAL F 280 -42.44 -9.19 -24.41
CA VAL F 280 -41.87 -8.64 -25.64
C VAL F 280 -40.55 -9.30 -26.05
N VAL F 281 -39.88 -9.97 -25.11
CA VAL F 281 -38.66 -10.72 -25.43
C VAL F 281 -38.87 -11.81 -26.50
N ALA F 282 -40.11 -12.27 -26.64
CA ALA F 282 -40.47 -13.21 -27.69
C ALA F 282 -40.40 -12.60 -29.10
N TYR F 283 -40.48 -11.27 -29.19
CA TYR F 283 -40.43 -10.57 -30.48
C TYR F 283 -39.01 -10.38 -31.04
N PHE F 284 -38.00 -10.70 -30.24
CA PHE F 284 -36.62 -10.76 -30.75
C PHE F 284 -36.35 -12.08 -31.47
N GLY F 285 -37.16 -13.09 -31.16
CA GLY F 285 -37.13 -14.37 -31.87
C GLY F 285 -36.41 -15.46 -31.12
N ASP F 286 -36.24 -16.61 -31.79
CA ASP F 286 -35.55 -17.75 -31.23
C ASP F 286 -34.12 -17.36 -30.81
N PRO F 287 -33.80 -17.48 -29.50
CA PRO F 287 -32.48 -17.06 -29.03
C PRO F 287 -31.34 -18.00 -29.42
N ASP F 288 -31.68 -19.23 -29.84
CA ASP F 288 -30.68 -20.18 -30.32
C ASP F 288 -29.93 -19.65 -31.55
N THR F 289 -30.69 -19.07 -32.47
CA THR F 289 -30.12 -18.46 -33.68
C THR F 289 -29.59 -17.04 -33.44
N GLY F 290 -29.73 -16.54 -32.21
CA GLY F 290 -29.28 -15.21 -31.85
C GLY F 290 -30.22 -14.12 -32.35
N GLY F 291 -31.46 -14.50 -32.62
CA GLY F 291 -32.47 -13.57 -33.12
C GLY F 291 -32.84 -13.88 -34.57
N ASP F 292 -34.15 -14.01 -34.82
CA ASP F 292 -34.67 -14.19 -36.18
C ASP F 292 -36.01 -13.48 -36.42
N GLU F 293 -36.34 -12.51 -35.56
CA GLU F 293 -37.53 -11.68 -35.73
C GLU F 293 -37.10 -10.21 -35.76
N CYS F 294 -37.43 -9.45 -34.73
CA CYS F 294 -37.10 -8.03 -34.72
C CYS F 294 -35.72 -7.83 -34.11
N HIS F 295 -35.05 -6.76 -34.55
CA HIS F 295 -33.76 -6.36 -33.99
C HIS F 295 -33.96 -5.61 -32.68
N MET F 296 -34.98 -4.77 -32.64
CA MET F 296 -35.28 -3.97 -31.46
C MET F 296 -36.75 -4.05 -31.05
N ALA F 297 -36.98 -3.96 -29.74
CA ALA F 297 -38.31 -3.76 -29.19
C ALA F 297 -38.18 -2.70 -28.12
N PHE F 298 -39.30 -2.11 -27.70
CA PHE F 298 -39.23 -1.03 -26.72
C PHE F 298 -39.49 -1.51 -25.30
N HIS F 299 -38.59 -1.12 -24.40
CA HIS F 299 -38.76 -1.36 -22.98
C HIS F 299 -39.66 -0.26 -22.41
N PHE F 300 -40.96 -0.52 -22.46
CA PHE F 300 -41.98 0.51 -22.22
C PHE F 300 -42.12 1.00 -20.78
N PRO F 301 -42.04 0.10 -19.78
CA PRO F 301 -42.29 0.55 -18.42
C PRO F 301 -41.09 1.19 -17.70
N LEU F 302 -39.99 1.42 -18.41
CA LEU F 302 -38.81 2.04 -17.81
C LEU F 302 -39.11 3.43 -17.26
N MET F 303 -39.69 4.28 -18.10
CA MET F 303 -39.96 5.67 -17.72
C MET F 303 -40.92 5.79 -16.52
N PRO F 304 -42.07 5.08 -16.57
CA PRO F 304 -42.95 5.11 -15.40
C PRO F 304 -42.24 4.72 -14.11
N ARG F 305 -41.32 3.76 -14.19
CA ARG F 305 -40.58 3.35 -13.01
C ARG F 305 -39.56 4.40 -12.60
N ILE F 306 -38.81 4.93 -13.56
CA ILE F 306 -37.85 6.00 -13.26
C ILE F 306 -38.59 7.16 -12.61
N PHE F 307 -39.75 7.51 -13.18
CA PHE F 307 -40.57 8.60 -12.66
C PHE F 307 -40.95 8.38 -11.20
N MET F 308 -41.55 7.23 -10.92
CA MET F 308 -41.96 6.88 -9.56
C MET F 308 -40.77 6.74 -8.62
N ALA F 309 -39.63 6.35 -9.17
CA ALA F 309 -38.41 6.23 -8.37
C ALA F 309 -37.95 7.58 -7.85
N VAL F 310 -38.03 8.61 -8.68
CA VAL F 310 -37.68 9.97 -8.25
C VAL F 310 -38.73 10.51 -7.29
N ARG F 311 -39.99 10.13 -7.52
CA ARG F 311 -41.08 10.53 -6.63
C ARG F 311 -40.84 10.01 -5.21
N ARG F 312 -40.50 8.73 -5.10
CA ARG F 312 -40.27 8.08 -3.81
C ARG F 312 -38.92 8.45 -3.22
N GLU F 313 -37.99 8.92 -4.07
CA GLU F 313 -36.60 9.14 -3.70
C GLU F 313 -35.95 7.83 -3.28
N SER F 314 -36.30 6.77 -4.01
CA SER F 314 -35.80 5.42 -3.77
C SER F 314 -35.39 4.83 -5.10
N ARG F 315 -34.28 4.11 -5.12
CA ARG F 315 -33.73 3.56 -6.35
C ARG F 315 -34.47 2.32 -6.85
N PHE F 316 -35.24 1.69 -5.96
CA PHE F 316 -35.69 0.32 -6.18
C PHE F 316 -36.72 0.09 -7.29
N PRO F 317 -37.64 1.05 -7.51
CA PRO F 317 -38.52 0.88 -8.66
C PRO F 317 -37.77 0.81 -10.00
N ILE F 318 -36.61 1.45 -10.10
CA ILE F 318 -35.73 1.29 -11.28
C ILE F 318 -35.04 -0.06 -11.24
N SER F 319 -34.39 -0.37 -10.10
CA SER F 319 -33.67 -1.63 -9.92
C SER F 319 -34.52 -2.86 -10.25
N GLU F 320 -35.79 -2.82 -9.86
CA GLU F 320 -36.69 -3.97 -9.97
C GLU F 320 -36.91 -4.40 -11.42
N ILE F 321 -37.38 -3.48 -12.27
CA ILE F 321 -37.61 -3.82 -13.69
C ILE F 321 -36.33 -4.15 -14.44
N LEU F 322 -35.21 -3.57 -14.04
CA LEU F 322 -33.92 -3.92 -14.63
C LEU F 322 -33.51 -5.34 -14.25
N ALA F 323 -33.81 -5.73 -13.02
CA ALA F 323 -33.55 -7.09 -12.55
C ALA F 323 -34.53 -8.09 -13.15
N GLN F 324 -35.77 -7.68 -13.35
CA GLN F 324 -36.82 -8.56 -13.86
C GLN F 324 -36.90 -8.60 -15.39
N THR F 325 -36.02 -7.87 -16.07
CA THR F 325 -35.98 -7.94 -17.52
C THR F 325 -35.18 -9.15 -17.96
N PRO F 326 -35.79 -10.04 -18.75
CA PRO F 326 -35.07 -11.23 -19.22
C PRO F 326 -33.98 -10.87 -20.23
N PRO F 327 -32.95 -11.74 -20.35
CA PRO F 327 -31.90 -11.50 -21.33
C PRO F 327 -32.40 -11.64 -22.77
N ILE F 328 -31.82 -10.86 -23.67
CA ILE F 328 -32.25 -10.84 -25.08
C ILE F 328 -31.14 -11.38 -25.98
N PRO F 329 -31.49 -11.76 -27.22
CA PRO F 329 -30.49 -12.29 -28.16
C PRO F 329 -29.29 -11.38 -28.45
N ASP F 330 -28.28 -11.93 -29.11
CA ASP F 330 -27.01 -11.23 -29.34
C ASP F 330 -27.16 -10.05 -30.31
N THR F 331 -27.91 -10.26 -31.39
CA THR F 331 -28.23 -9.19 -32.34
C THR F 331 -29.11 -8.11 -31.71
N ALA F 332 -29.99 -8.56 -30.82
CA ALA F 332 -31.05 -7.73 -30.26
C ALA F 332 -30.54 -6.54 -29.44
N GLN F 333 -31.38 -5.51 -29.36
CA GLN F 333 -31.10 -4.33 -28.55
C GLN F 333 -32.40 -3.71 -28.05
N TRP F 334 -32.44 -3.34 -26.78
CA TRP F 334 -33.60 -2.67 -26.22
C TRP F 334 -33.68 -1.24 -26.73
N GLY F 335 -34.90 -0.73 -26.85
CA GLY F 335 -35.14 0.67 -27.18
C GLY F 335 -35.79 1.31 -25.98
N ILE F 336 -35.28 2.46 -25.56
CA ILE F 336 -35.86 3.15 -24.41
C ILE F 336 -36.10 4.63 -24.71
N PHE F 337 -37.21 5.14 -24.20
CA PHE F 337 -37.50 6.57 -24.29
C PHE F 337 -38.15 7.07 -23.01
N LEU F 338 -38.22 8.39 -22.84
CA LEU F 338 -38.72 9.02 -21.63
C LEU F 338 -40.18 9.44 -21.73
N ARG F 339 -41.07 8.48 -21.99
CA ARG F 339 -42.52 8.73 -22.01
C ARG F 339 -43.29 7.62 -21.30
N ASN F 340 -44.47 7.98 -20.80
CA ASN F 340 -45.32 7.05 -20.05
C ASN F 340 -46.38 6.31 -20.89
N HIS F 341 -46.66 6.79 -22.11
CA HIS F 341 -47.70 6.20 -22.93
C HIS F 341 -47.25 5.83 -24.34
N ASP F 342 -47.85 4.77 -24.85
CA ASP F 342 -47.62 4.33 -26.21
C ASP F 342 -48.42 5.23 -27.15
N GLU F 343 -47.74 5.86 -28.11
CA GLU F 343 -48.40 6.79 -29.07
C GLU F 343 -49.53 6.18 -29.92
N LEU F 344 -49.52 4.85 -30.09
CA LEU F 344 -50.56 4.14 -30.85
C LEU F 344 -51.89 4.07 -30.10
N THR F 345 -51.86 3.50 -28.90
CA THR F 345 -53.07 3.24 -28.13
C THR F 345 -53.31 4.26 -27.01
N LEU F 346 -52.31 5.10 -26.72
CA LEU F 346 -52.34 6.02 -25.59
C LEU F 346 -52.59 5.27 -24.27
N GLU F 347 -51.99 4.09 -24.14
CA GLU F 347 -52.07 3.29 -22.92
C GLU F 347 -50.70 3.14 -22.30
N MET F 348 -50.63 3.27 -20.97
CA MET F 348 -49.39 2.99 -20.24
C MET F 348 -49.34 1.51 -19.99
N VAL F 349 -48.24 0.88 -20.38
CA VAL F 349 -48.07 -0.56 -20.15
C VAL F 349 -48.10 -0.90 -18.66
N THR F 350 -48.81 -1.97 -18.33
CA THR F 350 -48.79 -2.50 -16.97
C THR F 350 -49.33 -3.92 -16.96
N ASP F 351 -48.80 -4.72 -16.05
CA ASP F 351 -49.22 -6.10 -15.87
C ASP F 351 -49.71 -6.24 -14.43
N GLU F 352 -50.98 -6.59 -14.26
CA GLU F 352 -51.57 -6.66 -12.93
C GLU F 352 -50.78 -7.56 -11.98
N GLU F 353 -50.28 -8.68 -12.49
CA GLU F 353 -49.50 -9.64 -11.68
C GLU F 353 -48.05 -9.21 -11.55
N ARG F 354 -47.36 -9.07 -12.68
CA ARG F 354 -45.91 -8.92 -12.70
C ARG F 354 -45.39 -7.52 -12.36
N ASP F 355 -46.28 -6.51 -12.38
CA ASP F 355 -45.91 -5.16 -11.96
C ASP F 355 -46.32 -5.00 -10.50
N TYR F 356 -45.36 -4.73 -9.63
CA TYR F 356 -45.65 -4.54 -8.20
C TYR F 356 -46.09 -3.09 -7.95
N MET F 357 -45.77 -2.20 -8.88
CA MET F 357 -46.21 -0.81 -8.80
C MET F 357 -47.61 -0.63 -9.40
N TYR F 358 -48.32 -1.73 -9.68
CA TYR F 358 -49.61 -1.69 -10.39
C TYR F 358 -50.61 -0.69 -9.80
N ALA F 359 -50.96 -0.89 -8.52
CA ALA F 359 -51.92 -0.02 -7.84
C ALA F 359 -51.31 1.34 -7.50
N GLU F 360 -49.98 1.38 -7.36
CA GLU F 360 -49.27 2.59 -6.92
C GLU F 360 -49.45 3.82 -7.81
N TYR F 361 -49.47 3.61 -9.13
CA TYR F 361 -49.48 4.72 -10.10
C TYR F 361 -50.72 5.59 -9.96
N ALA F 362 -51.89 4.95 -9.98
CA ALA F 362 -53.17 5.68 -9.89
C ALA F 362 -53.28 6.52 -8.61
N LYS F 363 -52.60 6.07 -7.55
CA LYS F 363 -52.62 6.79 -6.27
C LYS F 363 -51.75 8.04 -6.27
N ASP F 364 -50.75 8.08 -7.15
CA ASP F 364 -49.89 9.26 -7.26
C ASP F 364 -50.64 10.39 -7.97
N PRO F 365 -50.66 11.60 -7.36
CA PRO F 365 -51.40 12.74 -7.93
C PRO F 365 -50.87 13.21 -9.29
N ARG F 366 -49.55 13.16 -9.47
CA ARG F 366 -48.91 13.58 -10.71
C ARG F 366 -49.21 12.63 -11.86
N MET F 367 -49.05 11.33 -11.60
CA MET F 367 -49.32 10.29 -12.58
C MET F 367 -50.80 10.30 -12.98
N LYS F 368 -51.66 10.48 -11.99
CA LYS F 368 -53.12 10.45 -12.17
C LYS F 368 -53.61 11.56 -13.10
N ALA F 369 -52.90 12.68 -13.10
CA ALA F 369 -53.29 13.85 -13.86
C ALA F 369 -53.13 13.67 -15.37
N ASN F 370 -52.13 12.89 -15.78
CA ASN F 370 -51.78 12.77 -17.19
C ASN F 370 -52.13 11.41 -17.81
N VAL F 371 -53.05 10.69 -17.18
CA VAL F 371 -53.43 9.38 -17.67
C VAL F 371 -54.04 9.51 -19.06
N GLY F 372 -53.45 8.84 -20.03
CA GLY F 372 -53.95 8.80 -21.40
C GLY F 372 -53.52 9.95 -22.28
N ILE F 373 -52.61 10.80 -21.81
CA ILE F 373 -52.17 11.97 -22.57
C ILE F 373 -50.65 11.96 -22.71
N ARG F 374 -50.18 12.16 -23.94
CA ARG F 374 -48.75 12.32 -24.18
C ARG F 374 -48.28 13.67 -23.63
N ARG F 375 -47.22 13.65 -22.84
CA ARG F 375 -46.63 14.88 -22.31
C ARG F 375 -45.15 14.88 -22.61
N ARG F 376 -44.60 16.07 -22.80
CA ARG F 376 -43.17 16.22 -22.97
C ARG F 376 -42.42 16.12 -21.66
N LEU F 377 -41.11 15.98 -21.80
CA LEU F 377 -40.24 15.78 -20.66
C LEU F 377 -40.30 16.98 -19.73
N ALA F 378 -40.25 18.18 -20.28
CA ALA F 378 -40.21 19.38 -19.45
C ALA F 378 -41.46 19.54 -18.59
N PRO F 379 -42.67 19.46 -19.18
CA PRO F 379 -43.86 19.52 -18.33
C PRO F 379 -43.98 18.34 -17.37
N LEU F 380 -43.61 17.15 -17.81
CA LEU F 380 -43.69 15.96 -16.95
C LEU F 380 -42.93 16.16 -15.63
N LEU F 381 -41.84 16.91 -15.69
CA LEU F 381 -41.01 17.18 -14.51
C LEU F 381 -41.20 18.61 -13.99
N GLU F 382 -42.33 19.22 -14.34
CA GLU F 382 -42.67 20.56 -13.88
C GLU F 382 -41.57 21.58 -14.17
N ASN F 383 -40.96 21.44 -15.33
CA ASN F 383 -39.92 22.34 -15.81
C ASN F 383 -38.67 22.45 -14.93
N ASP F 384 -38.48 21.48 -14.04
CA ASP F 384 -37.31 21.47 -13.16
C ASP F 384 -36.09 21.09 -13.98
N ARG F 385 -35.19 22.06 -14.18
CA ARG F 385 -34.01 21.87 -15.02
C ARG F 385 -33.11 20.77 -14.49
N ASN F 386 -32.92 20.73 -13.18
CA ASN F 386 -32.07 19.73 -12.57
C ASN F 386 -32.61 18.31 -12.82
N GLN F 387 -33.94 18.17 -12.78
CA GLN F 387 -34.58 16.88 -13.06
C GLN F 387 -34.46 16.52 -14.54
N ILE F 388 -34.73 17.48 -15.41
CA ILE F 388 -34.64 17.26 -16.84
C ILE F 388 -33.28 16.68 -17.17
N GLU F 389 -32.25 17.20 -16.52
CA GLU F 389 -30.88 16.70 -16.70
C GLU F 389 -30.71 15.28 -16.20
N LEU F 390 -31.25 15.00 -15.00
CA LEU F 390 -31.14 13.68 -14.40
C LEU F 390 -31.79 12.60 -15.27
N PHE F 391 -33.03 12.85 -15.69
CA PHE F 391 -33.77 11.91 -16.53
C PHE F 391 -33.08 11.69 -17.86
N THR F 392 -32.55 12.76 -18.44
CA THR F 392 -31.78 12.67 -19.68
C THR F 392 -30.51 11.87 -19.43
N ALA F 393 -29.85 12.14 -18.30
CA ALA F 393 -28.63 11.43 -17.92
C ALA F 393 -28.86 9.92 -17.76
N LEU F 394 -30.02 9.55 -17.22
CA LEU F 394 -30.36 8.13 -17.08
C LEU F 394 -30.66 7.50 -18.43
N LEU F 395 -31.40 8.21 -19.28
CA LEU F 395 -31.74 7.73 -20.61
C LEU F 395 -30.50 7.37 -21.43
N LEU F 396 -29.47 8.19 -21.33
CA LEU F 396 -28.27 8.01 -22.13
C LEU F 396 -27.31 6.98 -21.56
N SER F 397 -27.40 6.70 -20.26
CA SER F 397 -26.47 5.78 -19.61
C SER F 397 -27.04 4.40 -19.30
N LEU F 398 -28.36 4.24 -19.36
CA LEU F 398 -28.98 2.94 -19.11
C LEU F 398 -28.92 2.05 -20.35
N PRO F 399 -28.98 0.72 -20.17
CA PRO F 399 -28.84 -0.22 -21.28
C PRO F 399 -29.90 -0.03 -22.35
N GLY F 400 -29.48 -0.16 -23.61
CA GLY F 400 -30.39 -0.06 -24.75
C GLY F 400 -30.17 1.24 -25.51
N SER F 401 -30.72 1.31 -26.70
CA SER F 401 -30.58 2.50 -27.55
C SER F 401 -31.70 3.51 -27.24
N PRO F 402 -31.32 4.77 -26.92
CA PRO F 402 -32.26 5.80 -26.50
C PRO F 402 -32.93 6.53 -27.66
N VAL F 403 -34.16 6.98 -27.44
CA VAL F 403 -34.90 7.79 -28.40
C VAL F 403 -35.22 9.15 -27.79
N LEU F 404 -34.73 10.21 -28.41
CA LEU F 404 -35.09 11.58 -28.03
C LEU F 404 -36.33 11.99 -28.83
N TYR F 405 -37.21 12.75 -28.19
CA TYR F 405 -38.37 13.32 -28.87
C TYR F 405 -38.09 14.78 -29.21
N TYR F 406 -38.42 15.18 -30.43
CA TYR F 406 -38.08 16.50 -30.93
C TYR F 406 -38.61 17.61 -30.02
N GLY F 407 -37.77 18.64 -29.85
CA GLY F 407 -38.13 19.77 -29.01
C GLY F 407 -37.81 19.59 -27.54
N ASP F 408 -37.56 18.35 -27.11
CA ASP F 408 -37.18 18.10 -25.71
C ASP F 408 -35.78 18.60 -25.40
N GLU F 409 -34.95 18.74 -26.44
CA GLU F 409 -33.59 19.26 -26.28
C GLU F 409 -33.57 20.72 -25.84
N ILE F 410 -34.58 21.50 -26.22
CA ILE F 410 -34.70 22.89 -25.78
C ILE F 410 -35.75 23.06 -24.68
N GLY F 411 -36.31 21.95 -24.21
CA GLY F 411 -37.28 21.99 -23.12
C GLY F 411 -38.59 22.66 -23.50
N MET F 412 -39.14 22.25 -24.66
CA MET F 412 -40.45 22.70 -25.09
C MET F 412 -41.50 22.07 -24.20
N GLY F 413 -42.67 22.70 -24.19
CA GLY F 413 -43.80 22.18 -23.44
C GLY F 413 -44.82 21.50 -24.35
N ASP F 414 -46.05 21.41 -23.86
CA ASP F 414 -47.15 20.88 -24.65
C ASP F 414 -48.44 21.64 -24.40
N ILE F 415 -49.40 21.44 -25.29
CA ILE F 415 -50.72 22.01 -25.17
C ILE F 415 -51.71 20.84 -25.10
N ILE F 416 -52.09 20.48 -23.89
CA ILE F 416 -52.93 19.30 -23.66
C ILE F 416 -54.31 19.38 -24.32
N TRP F 417 -54.84 20.58 -24.47
CA TRP F 417 -56.21 20.77 -24.94
C TRP F 417 -56.39 20.49 -26.44
N LEU F 418 -55.28 20.40 -27.16
CA LEU F 418 -55.31 20.10 -28.59
C LEU F 418 -55.68 18.64 -28.88
N GLY F 419 -55.54 17.77 -27.88
CA GLY F 419 -55.79 16.35 -28.06
C GLY F 419 -54.74 15.51 -27.34
N ASP F 420 -55.12 14.30 -26.97
CA ASP F 420 -54.28 13.43 -26.16
C ASP F 420 -52.96 13.04 -26.85
N ARG F 421 -52.95 13.07 -28.18
CA ARG F 421 -51.76 12.76 -28.94
C ARG F 421 -51.17 13.99 -29.63
N ASP F 422 -52.03 14.94 -30.02
CA ASP F 422 -51.57 16.20 -30.64
C ASP F 422 -50.84 17.10 -29.64
N SER F 423 -51.14 16.95 -28.35
CA SER F 423 -50.47 17.71 -27.30
C SER F 423 -48.95 17.88 -27.49
N VAL F 424 -48.29 16.84 -27.98
CA VAL F 424 -46.84 16.86 -28.13
C VAL F 424 -46.42 17.06 -29.58
N ARG F 425 -47.33 17.53 -30.43
CA ARG F 425 -47.09 17.62 -31.87
C ARG F 425 -47.26 19.03 -32.41
N THR F 426 -47.02 20.01 -31.54
CA THR F 426 -47.05 21.41 -31.93
C THR F 426 -45.81 21.71 -32.80
N PRO F 427 -45.77 22.90 -33.43
CA PRO F 427 -44.60 23.22 -34.26
C PRO F 427 -43.32 23.37 -33.46
N MET F 428 -42.21 22.99 -34.07
CA MET F 428 -40.89 23.15 -33.48
C MET F 428 -40.58 24.63 -33.37
N GLN F 429 -40.15 25.05 -32.20
CA GLN F 429 -39.95 26.47 -31.92
C GLN F 429 -38.53 26.90 -32.25
N TRP F 430 -38.34 27.46 -33.44
CA TRP F 430 -37.01 27.79 -33.95
C TRP F 430 -36.49 29.15 -33.49
N THR F 431 -37.35 30.17 -33.55
CA THR F 431 -37.00 31.53 -33.16
C THR F 431 -38.15 32.15 -32.40
N PRO F 432 -37.92 33.32 -31.77
CA PRO F 432 -39.05 34.04 -31.19
C PRO F 432 -39.83 34.88 -32.20
N ASP F 433 -39.61 34.65 -33.49
CA ASP F 433 -40.28 35.39 -34.54
C ASP F 433 -41.70 34.84 -34.71
N ARG F 434 -42.48 35.53 -35.54
CA ARG F 434 -43.83 35.09 -35.89
C ARG F 434 -43.85 33.60 -36.20
N ASN F 435 -44.84 32.90 -35.64
CA ASN F 435 -45.00 31.44 -35.79
C ASN F 435 -43.79 30.64 -35.30
N ALA F 436 -43.06 31.20 -34.35
CA ALA F 436 -41.87 30.55 -33.81
C ALA F 436 -40.84 30.17 -34.88
N GLY F 437 -40.87 30.87 -36.02
CA GLY F 437 -39.95 30.60 -37.12
C GLY F 437 -40.20 29.28 -37.83
N PHE F 438 -41.41 28.74 -37.67
CA PHE F 438 -41.76 27.46 -38.26
C PHE F 438 -42.29 27.62 -39.68
N SER F 439 -43.02 28.71 -39.91
CA SER F 439 -43.62 28.94 -41.22
C SER F 439 -43.79 30.43 -41.50
N LYS F 440 -43.89 30.76 -42.79
CA LYS F 440 -44.13 32.12 -43.24
C LYS F 440 -45.62 32.41 -43.36
N ALA F 441 -46.43 31.35 -43.38
CA ALA F 441 -47.88 31.48 -43.55
C ALA F 441 -48.51 32.27 -42.42
N THR F 442 -49.72 32.78 -42.66
CA THR F 442 -50.45 33.51 -41.62
C THR F 442 -50.77 32.56 -40.48
N PRO F 443 -50.84 33.08 -39.25
CA PRO F 443 -50.98 32.21 -38.08
C PRO F 443 -52.19 31.29 -38.13
N GLY F 444 -53.28 31.75 -38.75
CA GLY F 444 -54.47 30.93 -38.91
C GLY F 444 -54.29 29.66 -39.73
N ARG F 445 -53.38 29.71 -40.72
CA ARG F 445 -53.13 28.58 -41.60
C ARG F 445 -52.38 27.43 -40.95
N LEU F 446 -51.66 27.69 -39.86
CA LEU F 446 -50.84 26.68 -39.23
C LEU F 446 -51.66 25.45 -38.85
N TYR F 447 -51.09 24.27 -39.08
CA TYR F 447 -51.74 22.99 -38.75
C TYR F 447 -52.03 22.87 -37.26
N LEU F 448 -51.15 23.43 -36.43
CA LEU F 448 -51.34 23.54 -34.99
C LEU F 448 -50.67 24.81 -34.50
N PRO F 449 -51.24 25.44 -33.47
CA PRO F 449 -50.64 26.68 -33.00
C PRO F 449 -49.41 26.41 -32.14
N PRO F 450 -48.40 27.29 -32.20
CA PRO F 450 -47.26 27.15 -31.32
C PRO F 450 -47.63 27.45 -29.86
N ASN F 451 -46.78 27.03 -28.95
CA ASN F 451 -46.94 27.33 -27.52
C ASN F 451 -46.81 28.81 -27.22
N GLN F 452 -47.76 29.36 -26.47
CA GLN F 452 -47.79 30.79 -26.24
C GLN F 452 -47.86 31.20 -24.79
N ASP F 453 -47.77 30.24 -23.86
CA ASP F 453 -47.84 30.58 -22.43
C ASP F 453 -46.52 31.15 -21.93
N ALA F 454 -46.54 31.72 -20.73
CA ALA F 454 -45.39 32.45 -20.20
C ALA F 454 -44.19 31.55 -19.93
N VAL F 455 -44.43 30.23 -19.83
CA VAL F 455 -43.39 29.29 -19.41
C VAL F 455 -42.72 28.60 -20.59
N TYR F 456 -43.52 27.94 -21.42
CA TYR F 456 -43.00 27.17 -22.56
C TYR F 456 -43.25 27.85 -23.92
N GLY F 457 -43.58 29.14 -23.86
CA GLY F 457 -43.92 29.89 -25.05
C GLY F 457 -42.74 30.08 -25.98
N TYR F 458 -43.03 30.29 -27.27
CA TYR F 458 -41.98 30.44 -28.26
C TYR F 458 -41.23 31.77 -28.10
N HIS F 459 -41.81 32.73 -27.36
CA HIS F 459 -41.08 33.96 -27.04
C HIS F 459 -39.93 33.69 -26.08
N SER F 460 -40.07 32.66 -25.25
CA SER F 460 -39.07 32.34 -24.23
C SER F 460 -38.36 31.00 -24.43
N VAL F 461 -38.93 30.10 -25.22
CA VAL F 461 -38.31 28.80 -25.45
C VAL F 461 -38.17 28.57 -26.94
N ASN F 462 -36.95 28.71 -27.45
CA ASN F 462 -36.68 28.44 -28.85
C ASN F 462 -35.20 28.15 -29.09
N VAL F 463 -34.90 27.59 -30.25
CA VAL F 463 -33.54 27.16 -30.58
C VAL F 463 -32.59 28.34 -30.67
N GLU F 464 -33.02 29.39 -31.37
CA GLU F 464 -32.20 30.60 -31.59
C GLU F 464 -31.69 31.19 -30.29
N ALA F 465 -32.57 31.29 -29.31
CA ALA F 465 -32.21 31.84 -28.01
C ALA F 465 -31.15 31.00 -27.30
N GLN F 466 -31.26 29.68 -27.41
CA GLN F 466 -30.39 28.76 -26.66
C GLN F 466 -29.06 28.46 -27.31
N LEU F 467 -28.91 28.81 -28.59
CA LEU F 467 -27.67 28.51 -29.31
C LEU F 467 -26.44 29.22 -28.75
N ASP F 468 -26.66 30.33 -28.06
CA ASP F 468 -25.56 31.21 -27.67
C ASP F 468 -24.85 30.78 -26.39
N SER F 469 -25.56 30.72 -25.27
CA SER F 469 -24.92 30.38 -24.01
C SER F 469 -24.73 28.88 -23.92
N SER F 470 -23.51 28.46 -23.58
CA SER F 470 -23.21 27.04 -23.44
C SER F 470 -23.86 26.45 -22.17
N SER F 471 -24.49 27.31 -21.39
CA SER F 471 -25.22 26.89 -20.20
C SER F 471 -26.66 26.48 -20.52
N SER F 472 -27.10 26.73 -21.76
CA SER F 472 -28.49 26.44 -22.16
C SER F 472 -28.74 24.94 -22.17
N LEU F 473 -30.01 24.57 -22.12
CA LEU F 473 -30.38 23.16 -22.13
C LEU F 473 -30.05 22.48 -23.48
N LEU F 474 -30.19 23.23 -24.57
CA LEU F 474 -29.86 22.71 -25.89
C LEU F 474 -28.39 22.33 -25.93
N ASN F 475 -27.53 23.28 -25.59
CA ASN F 475 -26.09 23.02 -25.59
C ASN F 475 -25.68 21.96 -24.58
N TRP F 476 -26.35 21.92 -23.43
CA TRP F 476 -26.09 20.87 -22.44
C TRP F 476 -26.44 19.51 -23.02
N THR F 477 -27.63 19.40 -23.60
CA THR F 477 -28.11 18.15 -24.19
C THR F 477 -27.19 17.69 -25.32
N ARG F 478 -26.73 18.66 -26.12
CA ARG F 478 -25.85 18.36 -27.26
C ARG F 478 -24.56 17.71 -26.80
N ASN F 479 -23.95 18.30 -25.78
CA ASN F 479 -22.70 17.83 -25.23
C ASN F 479 -22.78 16.46 -24.56
N MET F 480 -23.93 16.18 -23.98
CA MET F 480 -24.13 14.89 -23.33
C MET F 480 -24.15 13.79 -24.37
N LEU F 481 -24.72 14.07 -25.52
CA LEU F 481 -24.67 13.13 -26.64
C LEU F 481 -23.24 13.02 -27.18
N ALA F 482 -22.50 14.12 -27.15
CA ALA F 482 -21.10 14.12 -27.56
C ALA F 482 -20.24 13.26 -26.64
N VAL F 483 -20.50 13.31 -25.34
CA VAL F 483 -19.80 12.45 -24.38
C VAL F 483 -20.18 10.99 -24.58
N ARG F 484 -21.48 10.72 -24.71
CA ARG F 484 -21.98 9.34 -24.87
C ARG F 484 -21.38 8.66 -26.10
N SER F 485 -21.23 9.42 -27.19
CA SER F 485 -20.66 8.87 -28.41
C SER F 485 -19.16 8.59 -28.31
N ARG F 486 -18.51 9.08 -27.27
CA ARG F 486 -17.08 8.85 -27.06
C ARG F 486 -16.77 7.59 -26.24
N HIS F 487 -17.80 6.99 -25.64
CA HIS F 487 -17.63 5.74 -24.89
C HIS F 487 -18.64 4.69 -25.33
N ASP F 488 -18.13 3.57 -25.84
CA ASP F 488 -18.97 2.48 -26.32
C ASP F 488 -19.70 1.78 -25.18
N ALA F 489 -19.12 1.82 -23.99
CA ALA F 489 -19.72 1.20 -22.80
C ALA F 489 -21.20 1.54 -22.64
N PHE F 490 -21.56 2.80 -22.87
CA PHE F 490 -22.95 3.23 -22.74
C PHE F 490 -23.85 2.48 -23.73
N ALA F 491 -23.38 2.33 -24.95
CA ALA F 491 -24.18 1.75 -26.03
C ALA F 491 -24.37 0.24 -25.87
N VAL F 492 -23.26 -0.49 -25.84
CA VAL F 492 -23.28 -1.95 -25.91
C VAL F 492 -22.47 -2.64 -24.80
N GLY F 493 -22.25 -1.93 -23.69
CA GLY F 493 -21.49 -2.49 -22.58
C GLY F 493 -22.38 -3.24 -21.61
N THR F 494 -21.75 -4.00 -20.71
CA THR F 494 -22.47 -4.74 -19.68
C THR F 494 -23.06 -3.76 -18.69
N PHE F 495 -23.98 -4.24 -17.85
CA PHE F 495 -24.62 -3.39 -16.84
C PHE F 495 -24.63 -4.08 -15.49
N ARG F 496 -23.82 -3.59 -14.56
CA ARG F 496 -23.82 -4.12 -13.20
C ARG F 496 -24.16 -3.04 -12.21
N GLU F 497 -25.27 -3.25 -11.47
CA GLU F 497 -25.71 -2.30 -10.46
C GLU F 497 -24.87 -2.46 -9.20
N LEU F 498 -24.31 -1.35 -8.73
CA LEU F 498 -23.41 -1.35 -7.58
C LEU F 498 -24.13 -1.31 -6.24
N GLY F 499 -25.39 -0.90 -6.24
CA GLY F 499 -26.16 -0.82 -5.01
C GLY F 499 -25.76 0.36 -4.15
N GLY F 500 -25.19 0.08 -2.99
CA GLY F 500 -24.81 1.11 -2.02
C GLY F 500 -25.75 1.12 -0.82
N SER F 501 -25.29 1.76 0.25
CA SER F 501 -26.02 1.79 1.52
C SER F 501 -27.20 2.75 1.48
N ASN F 502 -27.06 3.85 0.73
CA ASN F 502 -28.10 4.86 0.62
C ASN F 502 -29.12 4.49 -0.45
N PRO F 503 -30.40 4.33 -0.06
CA PRO F 503 -31.46 3.91 -0.98
C PRO F 503 -31.82 4.96 -2.03
N SER F 504 -31.47 6.21 -1.78
CA SER F 504 -31.83 7.29 -2.69
C SER F 504 -30.87 7.44 -3.87
N VAL F 505 -29.74 6.73 -3.85
CA VAL F 505 -28.71 6.87 -4.88
C VAL F 505 -28.57 5.59 -5.69
N LEU F 506 -28.80 5.72 -7.01
CA LEU F 506 -28.66 4.61 -7.95
C LEU F 506 -27.31 4.68 -8.65
N ALA F 507 -26.42 3.75 -8.31
CA ALA F 507 -25.08 3.68 -8.92
C ALA F 507 -24.88 2.37 -9.68
N TYR F 508 -24.26 2.46 -10.87
CA TYR F 508 -24.00 1.29 -11.70
C TYR F 508 -22.80 1.50 -12.62
N ILE F 509 -22.30 0.40 -13.19
CA ILE F 509 -21.11 0.41 -14.04
C ILE F 509 -21.40 -0.23 -15.40
N ARG F 510 -21.07 0.49 -16.46
CA ARG F 510 -21.09 -0.06 -17.81
C ARG F 510 -19.65 -0.42 -18.20
N GLU F 511 -19.49 -1.51 -18.94
CA GLU F 511 -18.16 -2.06 -19.22
C GLU F 511 -18.08 -2.76 -20.58
N VAL F 512 -16.97 -2.52 -21.29
CA VAL F 512 -16.68 -3.17 -22.57
C VAL F 512 -15.28 -3.78 -22.50
N THR F 513 -15.13 -4.98 -23.06
CA THR F 513 -13.87 -5.74 -22.95
C THR F 513 -12.82 -5.41 -24.03
N ARG F 514 -11.55 -5.59 -23.66
CA ARG F 514 -10.40 -5.14 -24.48
C ARG F 514 -9.59 -6.31 -25.08
N GLN F 515 -9.28 -6.22 -26.37
CA GLN F 515 -8.47 -7.26 -27.05
C GLN F 515 -8.00 -6.82 -28.44
N GLN F 516 -6.76 -7.21 -28.79
CA GLN F 516 -6.08 -6.91 -30.07
C GLN F 516 -4.54 -6.85 -29.88
N GLY F 517 -4.14 -6.26 -28.76
CA GLY F 517 -2.77 -5.79 -28.53
C GLY F 517 -2.80 -4.27 -28.40
N ASP F 518 -3.68 -3.76 -27.51
CA ASP F 518 -4.01 -2.33 -27.45
C ASP F 518 -4.42 -1.83 -26.04
N GLY F 519 -4.69 -0.53 -25.94
CA GLY F 519 -5.20 0.10 -24.73
C GLY F 519 -5.93 1.40 -25.05
N GLY F 520 -6.56 2.01 -24.05
CA GLY F 520 -7.23 3.31 -24.21
C GLY F 520 -8.63 3.38 -23.60
N ALA F 521 -9.32 4.50 -23.84
CA ALA F 521 -10.67 4.71 -23.32
C ALA F 521 -11.79 4.51 -24.37
N LYS F 522 -11.61 3.47 -25.18
CA LYS F 522 -12.68 2.92 -26.02
C LYS F 522 -13.22 1.67 -25.32
N THR F 523 -12.29 0.75 -25.02
CA THR F 523 -12.53 -0.43 -24.19
C THR F 523 -12.55 0.05 -22.74
N ASP F 524 -13.64 0.75 -22.42
CA ASP F 524 -13.78 1.47 -21.16
C ASP F 524 -14.58 0.69 -20.14
N ALA F 525 -14.38 1.09 -18.89
CA ALA F 525 -15.32 0.86 -17.81
C ALA F 525 -15.78 2.25 -17.39
N VAL F 526 -17.08 2.49 -17.34
CA VAL F 526 -17.59 3.78 -16.90
C VAL F 526 -18.47 3.60 -15.66
N LEU F 527 -18.48 4.61 -14.81
CA LEU F 527 -19.24 4.58 -13.56
C LEU F 527 -20.27 5.71 -13.58
N CYS F 528 -21.53 5.38 -13.35
CA CYS F 528 -22.59 6.38 -13.27
C CYS F 528 -23.19 6.37 -11.88
N VAL F 529 -23.23 7.53 -11.25
CA VAL F 529 -23.86 7.69 -9.96
C VAL F 529 -24.97 8.72 -10.13
N ASN F 530 -26.21 8.32 -9.83
CA ASN F 530 -27.37 9.17 -9.94
C ASN F 530 -28.04 9.34 -8.57
N ASN F 531 -28.40 10.58 -8.21
CA ASN F 531 -29.11 10.84 -6.96
C ASN F 531 -30.58 11.15 -7.21
N LEU F 532 -31.46 10.23 -6.81
CA LEU F 532 -32.89 10.38 -7.05
C LEU F 532 -33.56 11.32 -6.05
N SER F 533 -32.89 11.61 -4.94
CA SER F 533 -33.45 12.50 -3.92
C SER F 533 -33.23 13.96 -4.28
N ARG F 534 -34.17 14.81 -3.88
CA ARG F 534 -34.08 16.26 -4.14
C ARG F 534 -33.14 16.96 -3.16
N PHE F 535 -32.69 16.24 -2.13
CA PHE F 535 -31.74 16.77 -1.19
C PHE F 535 -30.38 16.18 -1.50
N PRO F 536 -29.30 16.82 -1.05
CA PRO F 536 -27.95 16.26 -1.22
C PRO F 536 -27.76 14.93 -0.49
N GLN F 537 -27.08 13.99 -1.13
CA GLN F 537 -26.96 12.65 -0.61
C GLN F 537 -25.52 12.18 -0.69
N PRO F 538 -25.03 11.49 0.36
CA PRO F 538 -23.75 10.80 0.30
C PRO F 538 -23.92 9.32 0.01
N ILE F 539 -23.01 8.75 -0.77
CA ILE F 539 -23.03 7.31 -1.01
C ILE F 539 -21.64 6.73 -0.89
N GLU F 540 -21.53 5.63 -0.14
CA GLU F 540 -20.29 4.90 -0.01
C GLU F 540 -20.33 3.67 -0.92
N LEU F 541 -19.56 3.73 -2.00
CA LEU F 541 -19.55 2.66 -2.99
C LEU F 541 -18.38 1.73 -2.76
N ASN F 542 -18.55 0.48 -3.19
CA ASN F 542 -17.50 -0.52 -3.13
C ASN F 542 -16.94 -0.81 -4.51
N LEU F 543 -15.82 -0.16 -4.82
CA LEU F 543 -15.17 -0.29 -6.11
C LEU F 543 -13.80 -0.97 -5.98
N GLN F 544 -13.72 -1.98 -5.10
CA GLN F 544 -12.45 -2.65 -4.81
C GLN F 544 -11.87 -3.30 -6.06
N GLN F 545 -12.77 -3.78 -6.93
CA GLN F 545 -12.35 -4.44 -8.16
C GLN F 545 -11.51 -3.52 -9.06
N TRP F 546 -11.78 -2.22 -8.99
CA TRP F 546 -10.98 -1.23 -9.69
C TRP F 546 -10.01 -0.50 -8.76
N ALA F 547 -9.42 -1.23 -7.82
CA ALA F 547 -8.42 -0.63 -6.93
C ALA F 547 -7.27 -0.12 -7.79
N GLY F 548 -6.78 1.08 -7.46
CA GLY F 548 -5.67 1.69 -8.19
C GLY F 548 -6.12 2.51 -9.38
N TYR F 549 -7.31 2.23 -9.90
CA TYR F 549 -7.86 2.98 -11.03
C TYR F 549 -8.14 4.43 -10.63
N ILE F 550 -8.12 5.32 -11.61
CA ILE F 550 -8.41 6.72 -11.38
C ILE F 550 -9.74 7.06 -12.07
N PRO F 551 -10.76 7.44 -11.28
CA PRO F 551 -11.99 7.94 -11.88
C PRO F 551 -11.79 9.33 -12.49
N VAL F 552 -12.23 9.51 -13.72
CA VAL F 552 -12.11 10.79 -14.40
C VAL F 552 -13.48 11.27 -14.84
N GLU F 553 -13.92 12.40 -14.31
CA GLU F 553 -15.24 12.93 -14.66
C GLU F 553 -15.23 13.38 -16.13
N MET F 554 -16.21 12.92 -16.89
CA MET F 554 -16.19 13.02 -18.34
C MET F 554 -16.47 14.42 -18.89
N THR F 555 -17.39 15.14 -18.26
CA THR F 555 -17.79 16.46 -18.75
C THR F 555 -16.69 17.49 -18.56
N GLY F 556 -15.79 17.25 -17.59
CA GLY F 556 -14.69 18.18 -17.33
C GLY F 556 -13.29 17.62 -17.45
N TYR F 557 -13.17 16.32 -17.71
CA TYR F 557 -11.87 15.63 -17.73
C TYR F 557 -11.05 15.84 -16.46
N VAL F 558 -11.74 15.81 -15.31
CA VAL F 558 -11.11 16.00 -14.02
C VAL F 558 -10.82 14.66 -13.36
N GLU F 559 -9.61 14.53 -12.87
CA GLU F 559 -9.19 13.32 -12.17
C GLU F 559 -9.60 13.40 -10.72
N PHE F 560 -10.28 12.35 -10.26
CA PHE F 560 -10.68 12.24 -8.85
C PHE F 560 -9.66 11.37 -8.15
N PRO F 561 -9.73 11.29 -6.80
CA PRO F 561 -8.79 10.44 -6.09
C PRO F 561 -8.94 8.97 -6.49
N SER F 562 -7.81 8.27 -6.56
CA SER F 562 -7.77 6.88 -7.00
C SER F 562 -8.56 5.97 -6.06
N ILE F 563 -9.14 4.92 -6.62
CA ILE F 563 -9.98 4.01 -5.85
C ILE F 563 -9.09 3.11 -5.03
N GLY F 564 -9.46 2.91 -3.76
CA GLY F 564 -8.70 2.08 -2.84
C GLY F 564 -9.48 0.87 -2.35
N GLN F 565 -9.06 0.33 -1.21
CA GLN F 565 -9.72 -0.82 -0.59
C GLN F 565 -10.95 -0.41 0.22
N LEU F 566 -10.86 0.73 0.89
CA LEU F 566 -11.99 1.25 1.65
C LEU F 566 -13.10 1.72 0.72
N PRO F 567 -14.34 1.78 1.23
CA PRO F 567 -15.45 2.29 0.42
C PRO F 567 -15.21 3.70 -0.11
N TYR F 568 -15.54 3.92 -1.36
CA TYR F 568 -15.35 5.22 -2.01
C TYR F 568 -16.53 6.11 -1.69
N LEU F 569 -16.28 7.31 -1.18
CA LEU F 569 -17.35 8.25 -0.85
C LEU F 569 -17.56 9.30 -1.95
N LEU F 570 -18.79 9.38 -2.45
CA LEU F 570 -19.19 10.42 -3.37
C LEU F 570 -20.38 11.17 -2.78
N THR F 571 -20.40 12.48 -2.96
CA THR F 571 -21.50 13.31 -2.47
C THR F 571 -22.14 14.06 -3.65
N LEU F 572 -23.45 13.91 -3.78
CA LEU F 572 -24.16 14.54 -4.88
C LEU F 572 -25.13 15.58 -4.34
N PRO F 573 -25.45 16.59 -5.16
CA PRO F 573 -26.52 17.51 -4.82
C PRO F 573 -27.88 16.90 -5.20
N GLY F 574 -28.96 17.60 -4.84
CA GLY F 574 -30.31 17.15 -5.18
C GLY F 574 -30.44 16.91 -6.67
N HIS F 575 -30.93 15.73 -7.03
CA HIS F 575 -31.14 15.34 -8.42
C HIS F 575 -29.89 15.57 -9.28
N GLY F 576 -28.73 15.37 -8.67
CA GLY F 576 -27.47 15.46 -9.39
C GLY F 576 -27.01 14.10 -9.88
N PHE F 577 -25.97 14.09 -10.69
CA PHE F 577 -25.37 12.85 -11.17
C PHE F 577 -23.93 13.08 -11.62
N TYR F 578 -23.14 12.01 -11.65
CA TYR F 578 -21.76 12.06 -12.13
C TYR F 578 -21.51 10.93 -13.13
N TRP F 579 -20.65 11.20 -14.11
CA TRP F 579 -20.23 10.19 -15.08
C TRP F 579 -18.71 10.10 -15.05
N PHE F 580 -18.19 9.02 -14.50
CA PHE F 580 -16.75 8.82 -14.37
C PHE F 580 -16.23 7.78 -15.36
N GLN F 581 -15.11 8.10 -16.00
CA GLN F 581 -14.36 7.12 -16.77
C GLN F 581 -13.35 6.47 -15.85
N LEU F 582 -13.43 5.15 -15.68
CA LEU F 582 -12.47 4.41 -14.85
C LEU F 582 -11.22 4.12 -15.65
N ARG F 583 -10.15 4.83 -15.33
CA ARG F 583 -8.91 4.82 -16.10
C ARG F 583 -7.84 4.03 -15.37
N GLU F 584 -7.07 3.25 -16.12
CA GLU F 584 -6.04 2.39 -15.54
C GLU F 584 -4.92 3.19 -14.86
N PRO F 585 -4.27 2.58 -13.86
CA PRO F 585 -3.04 3.15 -13.31
C PRO F 585 -1.87 2.96 -14.26
N ASP F 586 -0.88 3.86 -14.19
CA ASP F 586 0.19 3.93 -15.17
C ASP F 586 1.28 2.88 -14.85
N PRO F 587 1.51 1.90 -15.74
CA PRO F 587 2.46 0.83 -15.38
C PRO F 587 3.91 1.28 -15.33
N HIS G 17 -7.50 70.18 -43.57
CA HIS G 17 -8.75 69.49 -44.01
C HIS G 17 -8.49 68.43 -45.09
N PRO G 18 -9.33 67.38 -45.16
CA PRO G 18 -9.33 66.49 -46.32
C PRO G 18 -9.92 67.18 -47.57
N ASN G 19 -9.37 66.84 -48.75
CA ASN G 19 -9.81 67.44 -50.01
C ASN G 19 -10.75 66.53 -50.79
N ALA G 20 -11.54 67.13 -51.68
CA ALA G 20 -12.61 66.43 -52.41
C ALA G 20 -12.09 65.48 -53.49
N GLU G 21 -10.86 65.71 -53.96
CA GLU G 21 -10.27 64.86 -55.00
C GLU G 21 -10.00 63.46 -54.49
N ASP G 22 -9.52 63.37 -53.24
CA ASP G 22 -9.12 62.10 -52.64
C ASP G 22 -10.17 61.01 -52.83
N PHE G 23 -11.33 61.14 -52.18
CA PHE G 23 -12.42 60.19 -52.35
C PHE G 23 -13.26 60.57 -53.58
N GLY G 24 -13.94 59.58 -54.16
CA GLY G 24 -14.62 59.74 -55.44
C GLY G 24 -15.83 60.67 -55.43
N HIS G 25 -16.28 61.05 -56.62
CA HIS G 25 -17.41 61.99 -56.77
C HIS G 25 -18.57 61.38 -57.57
N ALA G 26 -19.79 61.79 -57.24
CA ALA G 26 -21.00 61.21 -57.84
C ALA G 26 -21.26 61.73 -59.25
N ARG G 27 -22.26 61.15 -59.92
CA ARG G 27 -22.55 61.45 -61.32
C ARG G 27 -23.67 62.50 -61.49
N THR G 28 -23.49 63.36 -62.49
CA THR G 28 -24.30 64.58 -62.65
C THR G 28 -25.62 64.32 -63.40
N LEU G 29 -26.72 64.83 -62.85
CA LEU G 29 -27.99 64.88 -63.58
C LEU G 29 -27.94 66.00 -64.62
N PRO G 30 -28.72 65.86 -65.72
CA PRO G 30 -28.77 66.91 -66.73
C PRO G 30 -29.12 68.26 -66.11
N THR G 31 -28.40 69.30 -66.52
CA THR G 31 -28.55 70.62 -65.92
C THR G 31 -29.95 71.22 -66.17
N ASP G 32 -30.66 71.51 -65.09
CA ASP G 32 -32.02 72.07 -65.13
C ASP G 32 -32.15 73.04 -63.97
N THR G 33 -32.45 74.31 -64.29
CA THR G 33 -32.48 75.38 -63.29
C THR G 33 -33.87 75.64 -62.72
N ASN G 34 -34.83 74.78 -63.04
CA ASN G 34 -36.19 74.91 -62.54
C ASN G 34 -36.73 73.66 -61.85
N TRP G 35 -35.87 72.65 -61.65
CA TRP G 35 -36.29 71.37 -61.07
C TRP G 35 -36.97 71.54 -59.71
N PHE G 36 -36.43 72.46 -58.91
CA PHE G 36 -36.92 72.69 -57.56
C PHE G 36 -38.32 73.29 -57.51
N LYS G 37 -38.74 73.96 -58.58
CA LYS G 37 -40.10 74.49 -58.66
C LYS G 37 -41.12 73.40 -58.93
N HIS G 38 -40.69 72.33 -59.60
CA HIS G 38 -41.57 71.20 -59.92
C HIS G 38 -41.46 70.04 -58.94
N ALA G 39 -40.43 70.07 -58.09
CA ALA G 39 -40.14 68.95 -57.21
C ALA G 39 -41.11 68.85 -56.03
N VAL G 40 -41.22 67.64 -55.51
CA VAL G 40 -41.91 67.36 -54.25
C VAL G 40 -40.87 66.77 -53.31
N PHE G 41 -40.54 67.51 -52.25
CA PHE G 41 -39.46 67.14 -51.35
C PHE G 41 -39.93 66.12 -50.31
N TYR G 42 -39.00 65.28 -49.88
CA TYR G 42 -39.27 64.24 -48.89
C TYR G 42 -38.21 64.32 -47.79
N GLU G 43 -38.57 64.89 -46.64
CA GLU G 43 -37.62 65.04 -45.54
C GLU G 43 -37.50 63.72 -44.79
N VAL G 44 -36.31 63.13 -44.83
CA VAL G 44 -36.07 61.83 -44.20
C VAL G 44 -34.75 61.83 -43.41
N LEU G 45 -34.84 61.47 -42.14
CA LEU G 45 -33.65 61.36 -41.29
C LEU G 45 -32.86 60.10 -41.63
N VAL G 46 -31.54 60.24 -41.71
CA VAL G 46 -30.66 59.10 -42.02
C VAL G 46 -30.72 58.05 -40.91
N ARG G 47 -30.72 58.52 -39.66
CA ARG G 47 -30.76 57.67 -38.47
C ARG G 47 -32.04 56.87 -38.31
N ALA G 48 -33.12 57.32 -38.97
CA ALA G 48 -34.46 56.83 -38.71
C ALA G 48 -34.99 55.87 -39.76
N PHE G 49 -34.45 55.94 -40.98
CA PHE G 49 -35.11 55.31 -42.12
C PHE G 49 -34.87 53.80 -42.19
N TYR G 50 -33.62 53.38 -42.27
CA TYR G 50 -33.31 51.96 -42.34
C TYR G 50 -31.90 51.66 -41.88
N ASP G 51 -31.76 50.58 -41.11
CA ASP G 51 -30.47 50.16 -40.57
C ASP G 51 -30.01 48.86 -41.21
N SER G 52 -28.82 48.89 -41.81
CA SER G 52 -28.31 47.76 -42.57
C SER G 52 -27.15 47.04 -41.89
N ASN G 53 -26.58 47.64 -40.85
CA ASN G 53 -25.44 47.03 -40.15
C ASN G 53 -25.80 46.52 -38.74
N ALA G 54 -27.09 46.33 -38.49
CA ALA G 54 -27.58 45.78 -37.22
C ALA G 54 -26.91 46.40 -35.98
N ASP G 55 -26.65 47.70 -36.02
CA ASP G 55 -26.13 48.43 -34.87
C ASP G 55 -27.26 49.12 -34.10
N GLY G 56 -28.47 49.11 -34.66
CA GLY G 56 -29.63 49.78 -34.09
C GLY G 56 -29.75 51.24 -34.51
N ILE G 57 -28.91 51.68 -35.44
CA ILE G 57 -28.88 53.08 -35.87
C ILE G 57 -28.92 53.14 -37.38
N GLY G 58 -29.93 53.84 -37.90
CA GLY G 58 -30.14 54.00 -39.33
C GLY G 58 -28.93 54.63 -39.96
N ASP G 59 -28.59 54.20 -41.17
CA ASP G 59 -27.31 54.57 -41.78
C ASP G 59 -27.49 54.85 -43.26
N LEU G 60 -26.44 55.42 -43.86
CA LEU G 60 -26.48 55.85 -45.25
C LEU G 60 -26.73 54.68 -46.19
N ARG G 61 -26.02 53.59 -45.94
CA ARG G 61 -26.19 52.38 -46.73
C ARG G 61 -27.55 51.74 -46.65
N GLY G 62 -28.20 51.92 -45.51
CA GLY G 62 -29.56 51.43 -45.35
C GLY G 62 -30.52 52.28 -46.17
N LEU G 63 -30.36 53.60 -46.06
CA LEU G 63 -31.13 54.54 -46.85
C LEU G 63 -30.95 54.30 -48.35
N THR G 64 -29.75 53.90 -48.75
CA THR G 64 -29.47 53.54 -50.15
C THR G 64 -30.33 52.36 -50.59
N GLU G 65 -30.42 51.33 -49.74
CA GLU G 65 -31.20 50.12 -50.07
C GLU G 65 -32.68 50.42 -50.30
N LYS G 66 -33.21 51.38 -49.55
CA LYS G 66 -34.64 51.70 -49.60
C LYS G 66 -34.99 52.81 -50.60
N LEU G 67 -34.05 53.16 -51.49
CA LEU G 67 -34.32 54.16 -52.51
C LEU G 67 -35.40 53.74 -53.50
N ASP G 68 -35.55 52.43 -53.72
CA ASP G 68 -36.58 51.91 -54.61
C ASP G 68 -37.99 52.23 -54.10
N TYR G 69 -38.17 52.19 -52.78
CA TYR G 69 -39.42 52.61 -52.16
C TYR G 69 -39.67 54.09 -52.41
N ILE G 70 -38.67 54.91 -52.11
CA ILE G 70 -38.75 56.35 -52.33
C ILE G 70 -39.14 56.67 -53.79
N LYS G 71 -38.48 56.00 -54.73
CA LYS G 71 -38.79 56.13 -56.15
C LYS G 71 -40.26 55.77 -56.42
N TRP G 72 -40.69 54.65 -55.86
CA TRP G 72 -42.06 54.15 -56.04
C TRP G 72 -43.10 55.12 -55.49
N LEU G 73 -42.80 55.73 -54.35
CA LEU G 73 -43.71 56.70 -53.75
C LEU G 73 -43.93 57.90 -54.68
N GLY G 74 -42.87 58.29 -55.39
CA GLY G 74 -42.95 59.33 -56.41
C GLY G 74 -42.46 60.69 -55.98
N VAL G 75 -41.60 60.73 -54.96
CA VAL G 75 -40.97 61.98 -54.53
C VAL G 75 -39.79 62.27 -55.43
N ASP G 76 -39.43 63.55 -55.55
CA ASP G 76 -38.42 63.99 -56.49
C ASP G 76 -37.08 64.31 -55.86
N CYS G 77 -37.10 64.74 -54.59
CA CYS G 77 -35.87 65.12 -53.91
C CYS G 77 -35.91 64.74 -52.42
N LEU G 78 -34.81 64.15 -51.96
CA LEU G 78 -34.62 63.84 -50.54
C LEU G 78 -34.07 65.06 -49.83
N TRP G 79 -34.60 65.35 -48.66
CA TRP G 79 -34.03 66.38 -47.80
C TRP G 79 -33.55 65.73 -46.50
N LEU G 80 -32.23 65.69 -46.33
CA LEU G 80 -31.60 65.08 -45.17
C LEU G 80 -31.22 66.14 -44.14
N PRO G 81 -31.71 66.00 -42.90
CA PRO G 81 -31.21 66.85 -41.81
C PRO G 81 -29.74 66.54 -41.52
N PRO G 82 -29.06 67.39 -40.74
CA PRO G 82 -27.60 67.33 -40.62
C PRO G 82 -27.06 65.97 -40.21
N PHE G 83 -26.11 65.44 -40.99
CA PHE G 83 -25.55 64.12 -40.75
C PHE G 83 -24.03 64.18 -40.57
N TYR G 84 -23.53 65.35 -40.19
CA TYR G 84 -22.08 65.57 -40.04
C TYR G 84 -21.65 65.09 -38.67
N ASP G 85 -20.36 64.81 -38.52
CA ASP G 85 -19.80 64.40 -37.24
C ASP G 85 -20.19 65.42 -36.18
N SER G 86 -20.75 64.94 -35.08
CA SER G 86 -21.32 65.82 -34.05
C SER G 86 -21.36 65.11 -32.70
N PRO G 87 -21.19 65.87 -31.60
CA PRO G 87 -21.46 65.32 -30.27
C PRO G 87 -22.95 65.11 -30.02
N LEU G 88 -23.79 65.65 -30.90
CA LEU G 88 -25.24 65.41 -30.88
C LEU G 88 -25.93 65.91 -29.60
N ARG G 89 -25.37 66.96 -29.01
CA ARG G 89 -25.97 67.58 -27.85
C ARG G 89 -27.19 68.42 -28.24
N ASP G 90 -27.26 68.83 -29.51
CA ASP G 90 -28.44 69.50 -30.05
C ASP G 90 -28.86 68.84 -31.38
N GLY G 91 -29.23 67.58 -31.29
CA GLY G 91 -29.73 66.81 -32.43
C GLY G 91 -28.91 66.82 -33.71
N GLY G 92 -27.61 67.09 -33.58
CA GLY G 92 -26.72 67.14 -34.74
C GLY G 92 -26.70 68.47 -35.48
N TYR G 93 -27.44 69.46 -34.97
CA TYR G 93 -27.38 70.82 -35.50
C TYR G 93 -26.15 71.57 -34.93
N ASP G 94 -25.41 70.90 -34.04
CA ASP G 94 -24.11 71.37 -33.55
C ASP G 94 -22.98 70.60 -34.23
N ILE G 95 -22.49 71.13 -35.34
CA ILE G 95 -21.53 70.43 -36.19
C ILE G 95 -20.11 70.52 -35.64
N ARG G 96 -19.46 69.37 -35.52
CA ARG G 96 -18.08 69.28 -35.04
C ARG G 96 -17.06 69.23 -36.19
N ASP G 97 -17.47 68.66 -37.32
CA ASP G 97 -16.60 68.56 -38.50
C ASP G 97 -17.45 68.58 -39.77
N PHE G 98 -17.28 69.63 -40.56
CA PHE G 98 -18.06 69.80 -41.79
C PHE G 98 -17.70 68.79 -42.89
N TYR G 99 -16.49 68.23 -42.83
CA TYR G 99 -15.97 67.34 -43.87
C TYR G 99 -16.03 65.87 -43.47
N LYS G 100 -16.75 65.55 -42.41
CA LYS G 100 -16.83 64.18 -41.92
C LYS G 100 -18.27 63.85 -41.55
N VAL G 101 -18.78 62.80 -42.17
CA VAL G 101 -20.11 62.28 -41.82
C VAL G 101 -19.99 61.48 -40.52
N LEU G 102 -20.99 61.65 -39.64
CA LEU G 102 -21.01 60.99 -38.34
C LEU G 102 -20.74 59.50 -38.50
N PRO G 103 -19.74 58.96 -37.78
CA PRO G 103 -19.30 57.56 -37.86
C PRO G 103 -20.39 56.51 -37.99
N GLU G 104 -21.47 56.66 -37.22
CA GLU G 104 -22.54 55.67 -37.16
C GLU G 104 -23.36 55.60 -38.45
N PHE G 105 -23.35 56.67 -39.23
CA PHE G 105 -24.06 56.70 -40.51
C PHE G 105 -23.18 56.16 -41.65
N GLY G 106 -21.87 56.34 -41.53
CA GLY G 106 -20.92 55.79 -42.49
C GLY G 106 -19.79 56.74 -42.83
N THR G 107 -19.19 56.52 -43.99
CA THR G 107 -18.11 57.36 -44.49
C THR G 107 -18.64 58.29 -45.56
N VAL G 108 -17.83 59.27 -45.93
CA VAL G 108 -18.17 60.20 -47.01
C VAL G 108 -18.41 59.42 -48.30
N ASP G 109 -17.63 58.36 -48.50
CA ASP G 109 -17.80 57.45 -49.64
C ASP G 109 -19.20 56.85 -49.70
N ASP G 110 -19.72 56.46 -48.54
CA ASP G 110 -21.08 55.91 -48.45
C ASP G 110 -22.13 56.94 -48.88
N PHE G 111 -21.86 58.22 -48.62
CA PHE G 111 -22.73 59.30 -49.06
C PHE G 111 -22.72 59.44 -50.58
N VAL G 112 -21.53 59.29 -51.18
CA VAL G 112 -21.40 59.35 -52.64
C VAL G 112 -22.13 58.16 -53.26
N THR G 113 -22.02 56.99 -52.64
CA THR G 113 -22.75 55.81 -53.07
C THR G 113 -24.27 56.05 -53.08
N LEU G 114 -24.76 56.73 -52.04
CA LEU G 114 -26.17 57.12 -51.98
C LEU G 114 -26.54 58.09 -53.09
N LEU G 115 -25.70 59.12 -53.28
CA LEU G 115 -25.94 60.13 -54.32
C LEU G 115 -26.05 59.51 -55.69
N ASP G 116 -25.06 58.69 -56.06
CA ASP G 116 -25.00 58.07 -57.37
C ASP G 116 -26.21 57.16 -57.58
N ALA G 117 -26.55 56.38 -56.56
CA ALA G 117 -27.69 55.48 -56.61
C ALA G 117 -29.02 56.24 -56.75
N ALA G 118 -29.11 57.40 -56.08
CA ALA G 118 -30.30 58.24 -56.15
C ALA G 118 -30.42 58.96 -57.50
N HIS G 119 -29.32 59.50 -57.98
CA HIS G 119 -29.30 60.18 -59.28
C HIS G 119 -29.62 59.23 -60.42
N ARG G 120 -29.18 57.99 -60.31
CA ARG G 120 -29.46 56.96 -61.32
C ARG G 120 -30.95 56.79 -61.60
N ARG G 121 -31.77 57.01 -60.57
CA ARG G 121 -33.23 56.96 -60.72
C ARG G 121 -33.85 58.35 -60.59
N GLY G 122 -33.09 59.37 -60.97
CA GLY G 122 -33.58 60.74 -61.06
C GLY G 122 -33.97 61.42 -59.76
N ILE G 123 -33.58 60.86 -58.63
CA ILE G 123 -33.89 61.45 -57.33
C ILE G 123 -32.73 62.32 -56.88
N ARG G 124 -33.03 63.57 -56.54
CA ARG G 124 -32.02 64.52 -56.08
C ARG G 124 -31.92 64.49 -54.55
N ILE G 125 -30.82 65.02 -54.02
CA ILE G 125 -30.61 65.09 -52.57
C ILE G 125 -30.11 66.47 -52.14
N ILE G 126 -30.78 67.05 -51.15
CA ILE G 126 -30.31 68.27 -50.49
C ILE G 126 -30.09 67.99 -49.01
N THR G 127 -29.37 68.87 -48.33
CA THR G 127 -29.09 68.68 -46.92
C THR G 127 -29.13 69.98 -46.11
N ASP G 128 -29.51 69.85 -44.84
CA ASP G 128 -29.40 70.94 -43.87
C ASP G 128 -27.92 71.25 -43.65
N LEU G 129 -27.57 72.53 -43.65
CA LEU G 129 -26.22 72.97 -43.35
C LEU G 129 -26.26 74.22 -42.48
N VAL G 130 -25.88 74.06 -41.22
CA VAL G 130 -25.88 75.17 -40.26
C VAL G 130 -24.73 76.11 -40.59
N MET G 131 -25.06 77.38 -40.78
CA MET G 131 -24.08 78.39 -41.20
C MET G 131 -23.61 79.26 -40.04
N ASN G 132 -24.51 79.56 -39.10
CA ASN G 132 -24.24 80.55 -38.05
C ASN G 132 -23.23 80.12 -37.00
N HIS G 133 -23.29 78.85 -36.60
CA HIS G 133 -22.51 78.36 -35.47
C HIS G 133 -21.97 76.96 -35.70
N THR G 134 -20.87 76.65 -35.05
CA THR G 134 -20.34 75.29 -35.00
C THR G 134 -20.37 74.82 -33.55
N SER G 135 -20.15 73.52 -33.36
CA SER G 135 -20.05 72.96 -32.01
C SER G 135 -18.80 73.51 -31.35
N ASP G 136 -18.81 73.57 -30.02
CA ASP G 136 -17.62 74.00 -29.27
C ASP G 136 -16.50 72.95 -29.32
N GLN G 137 -16.83 71.77 -29.85
CA GLN G 137 -15.84 70.70 -30.05
C GLN G 137 -15.18 70.76 -31.42
N HIS G 138 -15.67 71.64 -32.29
CA HIS G 138 -15.09 71.80 -33.62
C HIS G 138 -13.64 72.22 -33.44
N GLU G 139 -12.76 71.65 -34.26
CA GLU G 139 -11.32 71.96 -34.19
C GLU G 139 -11.00 73.46 -34.21
N TRP G 140 -11.74 74.22 -35.02
CA TRP G 140 -11.62 75.68 -35.08
C TRP G 140 -11.75 76.32 -33.71
N PHE G 141 -12.84 76.02 -33.01
CA PHE G 141 -13.09 76.65 -31.70
C PHE G 141 -12.07 76.22 -30.66
N GLN G 142 -11.63 74.97 -30.72
CA GLN G 142 -10.56 74.50 -29.83
C GLN G 142 -9.24 75.21 -30.11
N GLU G 143 -8.99 75.55 -31.37
CA GLU G 143 -7.82 76.33 -31.76
C GLU G 143 -7.97 77.81 -31.42
N SER G 144 -9.21 78.31 -31.44
CA SER G 144 -9.47 79.71 -31.12
C SER G 144 -9.27 79.99 -29.64
N ARG G 145 -9.73 79.07 -28.79
CA ARG G 145 -9.61 79.23 -27.34
C ARG G 145 -8.19 78.94 -26.84
N HIS G 146 -7.54 77.92 -27.40
CA HIS G 146 -6.18 77.54 -26.97
C HIS G 146 -5.10 78.43 -27.58
N ASN G 147 -5.29 78.85 -28.83
CA ASN G 147 -4.34 79.73 -29.52
C ASN G 147 -5.03 81.01 -29.96
N PRO G 148 -5.23 81.97 -29.03
CA PRO G 148 -5.92 83.22 -29.35
C PRO G 148 -5.18 84.10 -30.35
N ASP G 149 -3.86 83.97 -30.41
CA ASP G 149 -3.05 84.71 -31.38
C ASP G 149 -2.72 83.87 -32.62
N GLY G 150 -3.26 82.66 -32.69
CA GLY G 150 -3.10 81.79 -33.84
C GLY G 150 -3.92 82.25 -35.04
N PRO G 151 -4.15 81.35 -36.00
CA PRO G 151 -4.90 81.68 -37.21
C PRO G 151 -6.42 81.53 -37.05
N TYR G 152 -6.88 81.05 -35.89
CA TYR G 152 -8.31 80.87 -35.63
C TYR G 152 -8.80 81.70 -34.45
N GLY G 153 -7.94 82.58 -33.94
CA GLY G 153 -8.29 83.43 -32.81
C GLY G 153 -9.48 84.35 -33.06
N ASP G 154 -9.68 84.71 -34.33
CA ASP G 154 -10.79 85.58 -34.71
C ASP G 154 -11.88 84.87 -35.52
N PHE G 155 -11.91 83.54 -35.43
CA PHE G 155 -12.95 82.75 -36.11
C PHE G 155 -14.29 82.82 -35.38
N TYR G 156 -14.25 83.16 -34.09
CA TYR G 156 -15.47 83.27 -33.27
C TYR G 156 -15.51 84.65 -32.61
N VAL G 157 -16.71 85.05 -32.18
CA VAL G 157 -16.90 86.40 -31.65
C VAL G 157 -16.54 86.44 -30.18
N TRP G 158 -15.37 86.99 -29.87
CA TRP G 158 -14.89 87.06 -28.48
C TRP G 158 -15.04 88.47 -27.90
N SER G 159 -15.08 88.54 -26.58
CA SER G 159 -15.23 89.81 -25.86
C SER G 159 -14.69 89.72 -24.44
N ASP G 160 -14.44 90.86 -23.82
CA ASP G 160 -13.96 90.92 -22.43
C ASP G 160 -15.09 91.11 -21.42
N THR G 161 -16.26 91.56 -21.87
CA THR G 161 -17.41 91.71 -20.99
C THR G 161 -18.66 91.15 -21.63
N SER G 162 -19.60 90.73 -20.79
CA SER G 162 -20.89 90.23 -21.25
C SER G 162 -21.86 91.40 -21.40
N ASP G 163 -21.51 92.32 -22.30
CA ASP G 163 -22.29 93.54 -22.53
C ASP G 163 -22.66 93.68 -24.02
N ARG G 164 -21.65 93.71 -24.88
CA ARG G 164 -21.83 93.92 -26.32
C ARG G 164 -23.05 93.20 -26.91
N TYR G 165 -23.76 93.90 -27.77
CA TYR G 165 -25.01 93.42 -28.37
C TYR G 165 -26.07 93.12 -27.30
N PRO G 166 -26.63 94.18 -26.70
CA PRO G 166 -27.68 93.96 -25.69
C PRO G 166 -29.10 93.99 -26.25
N ASP G 167 -29.28 94.48 -27.47
CA ASP G 167 -30.60 94.51 -28.09
C ASP G 167 -31.04 93.15 -28.60
N ALA G 168 -30.08 92.27 -28.87
CA ALA G 168 -30.37 90.92 -29.34
C ALA G 168 -31.00 90.09 -28.22
N ARG G 169 -32.05 89.37 -28.56
CA ARG G 169 -32.77 88.53 -27.60
C ARG G 169 -32.09 87.18 -27.43
N ILE G 170 -32.37 86.52 -26.31
CA ILE G 170 -31.93 85.16 -26.09
C ILE G 170 -32.98 84.22 -26.68
N ILE G 171 -32.59 83.46 -27.70
CA ILE G 171 -33.54 82.59 -28.41
C ILE G 171 -34.12 81.55 -27.45
N PHE G 172 -33.24 80.80 -26.79
CA PHE G 172 -33.66 79.87 -25.75
C PHE G 172 -33.57 80.58 -24.42
N VAL G 173 -34.60 81.36 -24.11
CA VAL G 173 -34.63 82.22 -22.93
C VAL G 173 -34.78 81.43 -21.62
N ASP G 174 -35.21 80.17 -21.71
CA ASP G 174 -35.40 79.32 -20.53
C ASP G 174 -34.18 78.47 -20.21
N THR G 175 -33.27 78.30 -21.18
CA THR G 175 -32.07 77.49 -20.98
C THR G 175 -30.84 78.37 -20.79
N GLU G 176 -30.70 79.40 -21.62
CA GLU G 176 -29.54 80.30 -21.55
C GLU G 176 -29.91 81.61 -20.85
N GLU G 177 -29.05 82.02 -19.92
CA GLU G 177 -29.23 83.26 -19.16
C GLU G 177 -28.61 84.45 -19.89
N SER G 178 -27.72 84.18 -20.82
CA SER G 178 -27.02 85.21 -21.58
C SER G 178 -26.59 84.65 -22.94
N ASN G 179 -26.37 85.56 -23.89
CA ASN G 179 -25.80 85.18 -25.18
C ASN G 179 -24.28 85.21 -25.18
N TRP G 180 -23.69 85.60 -24.05
CA TRP G 180 -22.24 85.54 -23.84
C TRP G 180 -21.94 84.50 -22.77
N THR G 181 -21.02 83.58 -23.08
CA THR G 181 -20.58 82.55 -22.13
C THR G 181 -19.08 82.65 -21.93
N PHE G 182 -18.64 82.46 -20.69
CA PHE G 182 -17.23 82.63 -20.33
C PHE G 182 -16.43 81.34 -20.55
N ASP G 183 -15.45 81.39 -21.44
CA ASP G 183 -14.57 80.25 -21.70
C ASP G 183 -13.41 80.28 -20.71
N PRO G 184 -13.19 79.16 -19.99
CA PRO G 184 -12.12 79.12 -18.96
C PRO G 184 -10.70 79.09 -19.52
N VAL G 185 -10.51 78.48 -20.70
CA VAL G 185 -9.18 78.37 -21.30
C VAL G 185 -8.71 79.72 -21.83
N ARG G 186 -9.54 80.37 -22.64
CA ARG G 186 -9.19 81.67 -23.22
C ARG G 186 -9.40 82.83 -22.24
N ARG G 187 -10.18 82.60 -21.18
CA ARG G 187 -10.49 83.63 -20.19
C ARG G 187 -11.28 84.80 -20.81
N GLN G 188 -12.17 84.49 -21.75
CA GLN G 188 -12.98 85.51 -22.43
C GLN G 188 -14.40 85.01 -22.71
N PHE G 189 -15.30 85.95 -22.96
CA PHE G 189 -16.67 85.62 -23.35
C PHE G 189 -16.75 85.34 -24.84
N TYR G 190 -17.58 84.37 -25.22
CA TYR G 190 -17.85 84.10 -26.64
C TYR G 190 -19.34 84.16 -26.95
N TRP G 191 -19.67 84.70 -28.11
CA TRP G 191 -21.06 84.95 -28.50
C TRP G 191 -21.68 83.68 -29.05
N HIS G 192 -22.95 83.47 -28.73
CA HIS G 192 -23.74 82.36 -29.27
C HIS G 192 -25.22 82.69 -29.17
N ARG G 193 -25.93 82.64 -30.29
CA ARG G 193 -27.36 82.91 -30.29
C ARG G 193 -28.09 81.71 -29.71
N PHE G 194 -27.60 80.52 -30.04
CA PHE G 194 -28.23 79.29 -29.61
C PHE G 194 -27.65 78.88 -28.26
N PHE G 195 -27.37 77.59 -28.07
CA PHE G 195 -26.90 77.08 -26.79
C PHE G 195 -25.43 77.41 -26.55
N SER G 196 -25.01 77.35 -25.29
CA SER G 196 -23.66 77.75 -24.88
C SER G 196 -22.55 76.91 -25.50
N HIS G 197 -22.90 75.72 -25.99
CA HIS G 197 -21.93 74.83 -26.63
C HIS G 197 -21.97 74.96 -28.16
N GLN G 198 -22.63 76.00 -28.66
CA GLN G 198 -22.73 76.24 -30.10
C GLN G 198 -22.30 77.66 -30.42
N PRO G 199 -20.99 77.95 -30.25
CA PRO G 199 -20.48 79.32 -30.44
C PRO G 199 -20.68 79.84 -31.85
N ASP G 200 -21.02 81.12 -31.96
CA ASP G 200 -21.26 81.76 -33.24
C ASP G 200 -19.96 81.99 -34.00
N LEU G 201 -19.96 81.71 -35.29
CA LEU G 201 -18.84 82.02 -36.15
C LEU G 201 -18.79 83.51 -36.39
N ASN G 202 -17.58 84.08 -36.41
CA ASN G 202 -17.38 85.50 -36.69
C ASN G 202 -17.30 85.73 -38.19
N TYR G 203 -18.41 86.20 -38.77
CA TYR G 203 -18.49 86.42 -40.21
C TYR G 203 -17.89 87.75 -40.66
N ASP G 204 -17.43 88.57 -39.71
CA ASP G 204 -16.69 89.77 -40.04
C ASP G 204 -15.25 89.44 -40.47
N ASN G 205 -14.74 88.31 -39.98
CA ASN G 205 -13.45 87.79 -40.44
C ASN G 205 -13.58 87.26 -41.87
N PRO G 206 -12.82 87.85 -42.82
CA PRO G 206 -12.87 87.38 -44.21
C PRO G 206 -12.51 85.90 -44.38
N ALA G 207 -11.59 85.41 -43.55
CA ALA G 207 -11.17 84.00 -43.59
C ALA G 207 -12.31 83.04 -43.27
N VAL G 208 -13.19 83.46 -42.37
CA VAL G 208 -14.38 82.67 -42.00
C VAL G 208 -15.33 82.53 -43.18
N GLN G 209 -15.56 83.64 -43.89
CA GLN G 209 -16.42 83.62 -45.08
C GLN G 209 -15.88 82.67 -46.14
N GLU G 210 -14.57 82.68 -46.33
CA GLU G 210 -13.92 81.79 -47.30
C GLU G 210 -13.97 80.34 -46.87
N ALA G 211 -13.82 80.10 -45.56
CA ALA G 211 -13.86 78.75 -45.00
C ALA G 211 -15.22 78.09 -45.24
N MET G 212 -16.29 78.83 -44.98
CA MET G 212 -17.66 78.32 -45.15
C MET G 212 -18.05 78.16 -46.60
N LEU G 213 -17.53 79.02 -47.47
CA LEU G 213 -17.73 78.87 -48.91
C LEU G 213 -17.02 77.62 -49.44
N ASP G 214 -15.90 77.25 -48.82
CA ASP G 214 -15.19 76.02 -49.19
C ASP G 214 -15.91 74.77 -48.69
N VAL G 215 -16.67 74.89 -47.60
CA VAL G 215 -17.52 73.80 -47.09
C VAL G 215 -18.64 73.52 -48.10
N LEU G 216 -19.31 74.58 -48.54
CA LEU G 216 -20.31 74.47 -49.61
C LEU G 216 -19.73 73.79 -50.84
N ARG G 217 -18.57 74.29 -51.29
CA ARG G 217 -17.90 73.78 -52.49
C ARG G 217 -17.50 72.30 -52.39
N PHE G 218 -17.18 71.85 -51.17
CA PHE G 218 -16.79 70.45 -50.96
C PHE G 218 -17.92 69.51 -51.34
N TRP G 219 -19.09 69.70 -50.72
CA TRP G 219 -20.24 68.83 -50.97
C TRP G 219 -20.83 69.03 -52.37
N LEU G 220 -20.73 70.24 -52.91
CA LEU G 220 -21.12 70.52 -54.29
C LEU G 220 -20.22 69.82 -55.31
N ASP G 221 -18.94 69.71 -54.98
CA ASP G 221 -17.98 68.95 -55.80
C ASP G 221 -18.32 67.46 -55.80
N LEU G 222 -18.67 66.94 -54.62
CA LEU G 222 -19.14 65.55 -54.50
C LEU G 222 -20.38 65.30 -55.35
N GLY G 223 -21.15 66.35 -55.61
CA GLY G 223 -22.29 66.30 -56.51
C GLY G 223 -23.65 66.42 -55.83
N ILE G 224 -23.69 67.02 -54.63
CA ILE G 224 -24.96 67.25 -53.95
C ILE G 224 -25.76 68.29 -54.72
N ASP G 225 -27.09 68.19 -54.63
CA ASP G 225 -27.97 69.01 -55.46
C ASP G 225 -28.30 70.37 -54.84
N GLY G 226 -28.15 70.50 -53.53
CA GLY G 226 -28.38 71.78 -52.88
C GLY G 226 -28.22 71.75 -51.38
N PHE G 227 -28.55 72.87 -50.74
CA PHE G 227 -28.51 72.99 -49.29
C PHE G 227 -29.71 73.72 -48.76
N ARG G 228 -30.02 73.48 -47.48
CA ARG G 228 -30.89 74.35 -46.72
C ARG G 228 -30.03 75.05 -45.69
N LEU G 229 -29.78 76.34 -45.92
CA LEU G 229 -28.90 77.13 -45.05
C LEU G 229 -29.62 77.51 -43.76
N ASP G 230 -29.25 76.84 -42.67
CA ASP G 230 -29.93 77.00 -41.39
C ASP G 230 -29.35 78.16 -40.58
N ALA G 231 -30.24 78.83 -39.84
CA ALA G 231 -29.85 79.90 -38.91
C ALA G 231 -29.13 81.10 -39.57
N VAL G 232 -29.42 81.34 -40.85
CA VAL G 232 -28.76 82.43 -41.58
C VAL G 232 -29.12 83.85 -41.13
N PRO G 233 -30.30 84.07 -40.53
CA PRO G 233 -30.58 85.44 -40.08
C PRO G 233 -29.68 85.95 -38.97
N TYR G 234 -28.96 85.03 -38.30
CA TYR G 234 -28.15 85.38 -37.13
C TYR G 234 -26.64 85.45 -37.41
N LEU G 235 -26.25 85.38 -38.68
CA LEU G 235 -24.84 85.41 -39.06
C LEU G 235 -24.13 86.65 -38.52
N PHE G 236 -24.46 87.82 -39.05
CA PHE G 236 -23.80 89.06 -38.66
C PHE G 236 -24.45 89.68 -37.43
N GLU G 237 -23.62 90.32 -36.61
CA GLU G 237 -24.06 91.02 -35.40
C GLU G 237 -23.58 92.46 -35.47
N ARG G 238 -24.50 93.41 -35.29
CA ARG G 238 -24.17 94.84 -35.27
C ARG G 238 -24.80 95.55 -34.08
N GLU G 239 -24.08 96.55 -33.55
CA GLU G 239 -24.55 97.33 -32.41
C GLU G 239 -25.76 98.17 -32.76
N GLY G 240 -26.63 98.39 -31.78
CA GLY G 240 -27.85 99.17 -31.97
C GLY G 240 -28.94 98.47 -32.78
N THR G 241 -28.80 97.15 -32.96
CA THR G 241 -29.77 96.34 -33.68
C THR G 241 -29.97 95.01 -32.98
N ASN G 242 -31.08 94.35 -33.28
CA ASN G 242 -31.37 93.03 -32.73
C ASN G 242 -30.54 91.91 -33.36
N CYS G 243 -29.57 92.27 -34.21
CA CYS G 243 -28.67 91.31 -34.85
C CYS G 243 -29.41 90.24 -35.67
N GLU G 244 -30.45 90.68 -36.36
CA GLU G 244 -31.23 89.80 -37.22
C GLU G 244 -31.45 90.47 -38.58
N ASN G 245 -31.23 89.70 -39.64
CA ASN G 245 -31.50 90.14 -41.02
C ASN G 245 -30.74 91.40 -41.43
N LEU G 246 -29.51 91.53 -40.93
CA LEU G 246 -28.70 92.72 -41.22
C LEU G 246 -28.23 92.69 -42.69
N PRO G 247 -28.03 93.87 -43.29
CA PRO G 247 -27.61 93.95 -44.71
C PRO G 247 -26.41 93.08 -45.08
N GLU G 248 -25.40 93.06 -44.22
CA GLU G 248 -24.19 92.24 -44.45
C GLU G 248 -24.49 90.73 -44.49
N THR G 249 -25.48 90.29 -43.72
CA THR G 249 -25.95 88.90 -43.76
C THR G 249 -26.43 88.55 -45.18
N HIS G 250 -27.34 89.36 -45.70
CA HIS G 250 -27.84 89.19 -47.06
C HIS G 250 -26.71 89.25 -48.09
N ALA G 251 -25.76 90.16 -47.87
CA ALA G 251 -24.63 90.35 -48.78
C ALA G 251 -23.80 89.08 -48.92
N PHE G 252 -23.61 88.36 -47.81
CA PHE G 252 -22.89 87.09 -47.83
C PHE G 252 -23.67 86.03 -48.61
N LEU G 253 -24.98 85.97 -48.39
CA LEU G 253 -25.83 85.02 -49.11
C LEU G 253 -25.77 85.23 -50.61
N LYS G 254 -25.63 86.48 -51.03
CA LYS G 254 -25.50 86.80 -52.46
C LYS G 254 -24.26 86.16 -53.06
N ARG G 255 -23.18 86.09 -52.27
CA ARG G 255 -21.96 85.42 -52.70
C ARG G 255 -22.20 83.93 -52.91
N CYS G 256 -22.91 83.30 -51.97
CA CYS G 256 -23.22 81.87 -52.07
C CYS G 256 -24.01 81.56 -53.33
N ARG G 257 -24.97 82.42 -53.67
CA ARG G 257 -25.75 82.28 -54.89
C ARG G 257 -24.86 82.40 -56.12
N LYS G 258 -24.02 83.44 -56.14
CA LYS G 258 -23.10 83.66 -57.24
C LYS G 258 -22.19 82.43 -57.44
N ALA G 259 -21.66 81.92 -56.33
CA ALA G 259 -20.80 80.72 -56.36
C ALA G 259 -21.54 79.51 -56.93
N ILE G 260 -22.82 79.38 -56.63
CA ILE G 260 -23.66 78.34 -57.21
C ILE G 260 -23.84 78.57 -58.71
N ASP G 261 -24.33 79.75 -59.07
CA ASP G 261 -24.63 80.07 -60.47
C ASP G 261 -23.39 79.98 -61.37
N ASP G 262 -22.24 80.40 -60.84
CA ASP G 262 -21.01 80.43 -61.64
C ASP G 262 -20.36 79.05 -61.78
N GLU G 263 -20.30 78.28 -60.69
CA GLU G 263 -19.55 77.03 -60.68
C GLU G 263 -20.42 75.79 -60.92
N TYR G 264 -21.63 75.77 -60.36
CA TYR G 264 -22.51 74.61 -60.47
C TYR G 264 -23.93 75.05 -60.83
N PRO G 265 -24.18 75.29 -62.13
CA PRO G 265 -25.54 75.65 -62.53
C PRO G 265 -26.53 74.53 -62.27
N GLY G 266 -27.75 74.89 -61.84
CA GLY G 266 -28.82 73.91 -61.62
C GLY G 266 -28.88 73.33 -60.21
N ARG G 267 -28.15 73.95 -59.27
CA ARG G 267 -28.21 73.58 -57.86
C ARG G 267 -29.13 74.56 -57.12
N VAL G 268 -29.52 74.21 -55.90
CA VAL G 268 -30.51 75.02 -55.17
C VAL G 268 -30.02 75.44 -53.79
N LEU G 269 -30.52 76.57 -53.31
CA LEU G 269 -30.19 77.12 -51.99
C LEU G 269 -31.48 77.47 -51.25
N LEU G 270 -31.84 76.64 -50.27
CA LEU G 270 -33.03 76.90 -49.45
C LEU G 270 -32.65 77.71 -48.21
N ALA G 271 -33.51 78.67 -47.85
CA ALA G 271 -33.27 79.51 -46.67
C ALA G 271 -34.25 79.16 -45.55
N GLU G 272 -33.71 78.57 -44.48
CA GLU G 272 -34.47 78.41 -43.25
C GLU G 272 -34.47 79.75 -42.53
N ALA G 273 -35.51 80.52 -42.77
CA ALA G 273 -35.75 81.78 -42.06
C ALA G 273 -37.13 81.71 -41.44
N ASN G 274 -37.16 81.64 -40.12
CA ASN G 274 -38.41 81.46 -39.38
C ASN G 274 -39.06 82.81 -39.05
N GLN G 275 -39.50 83.50 -40.09
CA GLN G 275 -40.07 84.84 -39.93
C GLN G 275 -41.34 85.00 -40.76
N TRP G 276 -42.03 86.11 -40.52
CA TRP G 276 -43.25 86.43 -41.23
C TRP G 276 -42.95 86.58 -42.72
N PRO G 277 -43.85 86.09 -43.60
CA PRO G 277 -43.70 86.17 -45.05
C PRO G 277 -43.16 87.50 -45.58
N ALA G 278 -43.67 88.62 -45.05
CA ALA G 278 -43.24 89.95 -45.50
C ALA G 278 -41.75 90.22 -45.23
N ASP G 279 -41.15 89.47 -44.30
CA ASP G 279 -39.73 89.61 -43.97
C ASP G 279 -38.85 88.69 -44.79
N VAL G 280 -39.28 87.44 -44.96
CA VAL G 280 -38.45 86.42 -45.64
C VAL G 280 -38.32 86.66 -47.14
N VAL G 281 -39.22 87.47 -47.72
CA VAL G 281 -39.11 87.85 -49.14
C VAL G 281 -37.79 88.54 -49.48
N ALA G 282 -37.15 89.15 -48.48
CA ALA G 282 -35.84 89.76 -48.65
C ALA G 282 -34.73 88.74 -48.89
N TYR G 283 -34.95 87.49 -48.48
CA TYR G 283 -33.96 86.42 -48.65
C TYR G 283 -33.93 85.80 -50.06
N PHE G 284 -34.90 86.18 -50.91
CA PHE G 284 -34.85 85.81 -52.33
C PHE G 284 -33.94 86.75 -53.10
N GLY G 285 -33.71 87.94 -52.54
CA GLY G 285 -32.74 88.90 -53.08
C GLY G 285 -33.38 90.03 -53.87
N ASP G 286 -32.53 90.84 -54.48
CA ASP G 286 -32.95 91.96 -55.30
C ASP G 286 -33.89 91.46 -56.41
N PRO G 287 -35.15 91.93 -56.44
CA PRO G 287 -36.10 91.46 -57.45
C PRO G 287 -35.85 92.01 -58.87
N ASP G 288 -35.04 93.06 -58.98
CA ASP G 288 -34.67 93.63 -60.28
C ASP G 288 -33.90 92.61 -61.12
N THR G 289 -32.97 91.91 -60.49
CA THR G 289 -32.20 90.86 -61.15
C THR G 289 -32.94 89.51 -61.20
N GLY G 290 -34.15 89.47 -60.64
CA GLY G 290 -34.96 88.25 -60.63
C GLY G 290 -34.50 87.25 -59.59
N GLY G 291 -33.78 87.74 -58.59
CA GLY G 291 -33.23 86.90 -57.52
C GLY G 291 -31.72 86.79 -57.61
N ASP G 292 -31.05 87.07 -56.48
CA ASP G 292 -29.60 86.90 -56.37
C ASP G 292 -29.16 86.41 -54.99
N GLU G 293 -30.08 85.86 -54.21
CA GLU G 293 -29.78 85.24 -52.92
C GLU G 293 -30.25 83.79 -52.94
N CYS G 294 -31.29 83.46 -52.17
CA CYS G 294 -31.77 82.09 -52.11
C CYS G 294 -32.82 81.83 -53.17
N HIS G 295 -32.88 80.58 -53.63
CA HIS G 295 -33.88 80.17 -54.61
C HIS G 295 -35.21 79.93 -53.91
N MET G 296 -35.16 79.34 -52.71
CA MET G 296 -36.35 79.01 -51.95
C MET G 296 -36.24 79.50 -50.51
N ALA G 297 -37.39 79.88 -49.95
CA ALA G 297 -37.55 80.11 -48.51
C ALA G 297 -38.85 79.43 -48.10
N PHE G 298 -39.04 79.21 -46.81
CA PHE G 298 -40.23 78.52 -46.33
C PHE G 298 -41.32 79.47 -45.88
N HIS G 299 -42.52 79.24 -46.40
CA HIS G 299 -43.72 79.95 -45.98
C HIS G 299 -44.22 79.27 -44.71
N PHE G 300 -43.71 79.74 -43.57
CA PHE G 300 -43.89 79.03 -42.29
C PHE G 300 -45.30 79.05 -41.68
N PRO G 301 -46.01 80.20 -41.75
CA PRO G 301 -47.30 80.26 -41.07
C PRO G 301 -48.48 79.69 -41.85
N LEU G 302 -48.23 79.04 -42.99
CA LEU G 302 -49.31 78.45 -43.78
C LEU G 302 -50.06 77.39 -43.00
N MET G 303 -49.33 76.42 -42.43
CA MET G 303 -49.96 75.30 -41.73
C MET G 303 -50.78 75.75 -40.51
N PRO G 304 -50.20 76.60 -39.63
CA PRO G 304 -51.01 77.11 -38.52
C PRO G 304 -52.31 77.77 -38.97
N ARG G 305 -52.28 78.46 -40.10
CA ARG G 305 -53.48 79.09 -40.63
C ARG G 305 -54.45 78.06 -41.20
N ILE G 306 -53.93 77.11 -42.00
CA ILE G 306 -54.78 76.03 -42.53
C ILE G 306 -55.44 75.28 -41.38
N PHE G 307 -54.65 75.00 -40.34
CA PHE G 307 -55.14 74.30 -39.16
C PHE G 307 -56.30 75.06 -38.52
N MET G 308 -56.08 76.33 -38.18
CA MET G 308 -57.11 77.16 -37.57
C MET G 308 -58.30 77.37 -38.49
N ALA G 309 -58.06 77.36 -39.80
CA ALA G 309 -59.13 77.50 -40.78
C ALA G 309 -60.11 76.32 -40.72
N VAL G 310 -59.57 75.11 -40.57
CA VAL G 310 -60.41 73.92 -40.45
C VAL G 310 -61.11 73.91 -39.07
N ARG G 311 -60.43 74.44 -38.06
CA ARG G 311 -61.01 74.55 -36.73
C ARG G 311 -62.25 75.44 -36.74
N ARG G 312 -62.12 76.60 -37.38
CA ARG G 312 -63.21 77.58 -37.46
C ARG G 312 -64.27 77.17 -38.48
N GLU G 313 -63.89 76.30 -39.42
CA GLU G 313 -64.72 75.96 -40.57
C GLU G 313 -64.96 77.20 -41.42
N SER G 314 -63.92 78.01 -41.54
CA SER G 314 -63.96 79.24 -42.32
C SER G 314 -62.71 79.31 -43.18
N ARG G 315 -62.87 79.76 -44.41
CA ARG G 315 -61.77 79.78 -45.37
C ARG G 315 -60.77 80.91 -45.12
N PHE G 316 -61.17 81.92 -44.36
CA PHE G 316 -60.48 83.20 -44.37
C PHE G 316 -59.09 83.24 -43.73
N PRO G 317 -58.85 82.45 -42.67
CA PRO G 317 -57.48 82.40 -42.17
C PRO G 317 -56.45 81.90 -43.20
N ILE G 318 -56.89 81.06 -44.15
CA ILE G 318 -56.03 80.67 -45.28
C ILE G 318 -55.94 81.81 -46.29
N SER G 319 -57.10 82.34 -46.70
CA SER G 319 -57.17 83.44 -47.66
C SER G 319 -56.30 84.62 -47.27
N GLU G 320 -56.27 84.94 -45.98
CA GLU G 320 -55.61 86.15 -45.48
C GLU G 320 -54.10 86.13 -45.73
N ILE G 321 -53.41 85.09 -45.26
CA ILE G 321 -51.95 84.99 -45.47
C ILE G 321 -51.57 84.83 -46.94
N LEU G 322 -52.44 84.20 -47.74
CA LEU G 322 -52.20 84.10 -49.17
C LEU G 322 -52.31 85.47 -49.84
N ALA G 323 -53.26 86.28 -49.36
CA ALA G 323 -53.41 87.65 -49.85
C ALA G 323 -52.30 88.57 -49.36
N GLN G 324 -51.85 88.34 -48.12
CA GLN G 324 -50.82 89.20 -47.50
C GLN G 324 -49.39 88.76 -47.79
N THR G 325 -49.21 87.71 -48.59
CA THR G 325 -47.89 87.29 -49.00
C THR G 325 -47.42 88.15 -50.18
N PRO G 326 -46.27 88.84 -50.03
CA PRO G 326 -45.76 89.65 -51.14
C PRO G 326 -45.26 88.81 -52.30
N PRO G 327 -45.26 89.37 -53.51
CA PRO G 327 -44.75 88.66 -54.67
C PRO G 327 -43.24 88.42 -54.58
N ILE G 328 -42.79 87.30 -55.13
CA ILE G 328 -41.38 86.91 -55.07
C ILE G 328 -40.76 86.92 -56.47
N PRO G 329 -39.41 86.95 -56.56
CA PRO G 329 -38.72 86.95 -57.85
C PRO G 329 -39.05 85.78 -58.78
N ASP G 330 -38.62 85.90 -60.03
CA ASP G 330 -38.97 84.95 -61.09
C ASP G 330 -38.36 83.58 -60.87
N THR G 331 -37.08 83.55 -60.48
CA THR G 331 -36.38 82.31 -60.14
C THR G 331 -36.97 81.68 -58.87
N ALA G 332 -37.39 82.54 -57.94
CA ALA G 332 -37.79 82.12 -56.60
C ALA G 332 -39.00 81.20 -56.57
N GLN G 333 -39.08 80.42 -55.49
CA GLN G 333 -40.20 79.53 -55.25
C GLN G 333 -40.40 79.36 -53.75
N TRP G 334 -41.67 79.42 -53.31
CA TRP G 334 -41.98 79.19 -51.90
C TRP G 334 -41.84 77.72 -51.57
N GLY G 335 -41.48 77.43 -50.32
CA GLY G 335 -41.48 76.07 -49.81
C GLY G 335 -42.54 75.99 -48.75
N ILE G 336 -43.38 74.95 -48.81
CA ILE G 336 -44.44 74.77 -47.82
C ILE G 336 -44.46 73.35 -47.27
N PHE G 337 -44.71 73.23 -45.97
CA PHE G 337 -44.91 71.92 -45.35
C PHE G 337 -46.00 71.99 -44.29
N LEU G 338 -46.48 70.81 -43.85
CA LEU G 338 -47.61 70.72 -42.93
C LEU G 338 -47.16 70.56 -41.47
N ARG G 339 -46.41 71.53 -40.96
CA ARG G 339 -46.01 71.56 -39.55
C ARG G 339 -46.12 72.95 -38.95
N ASN G 340 -46.31 73.00 -37.63
CA ASN G 340 -46.51 74.25 -36.90
C ASN G 340 -45.23 74.84 -36.31
N HIS G 341 -44.16 74.05 -36.21
CA HIS G 341 -42.92 74.54 -35.59
C HIS G 341 -41.69 74.35 -36.46
N ASP G 342 -40.76 75.28 -36.30
CA ASP G 342 -39.47 75.23 -36.95
C ASP G 342 -38.57 74.25 -36.19
N GLU G 343 -38.07 73.23 -36.89
CA GLU G 343 -37.23 72.19 -36.26
C GLU G 343 -35.95 72.69 -35.58
N LEU G 344 -35.46 73.86 -35.99
CA LEU G 344 -34.27 74.46 -35.38
C LEU G 344 -34.53 75.01 -33.98
N THR G 345 -35.49 75.91 -33.87
CA THR G 345 -35.76 76.63 -32.62
C THR G 345 -36.97 76.08 -31.85
N LEU G 346 -37.74 75.21 -32.50
CA LEU G 346 -39.02 74.72 -31.96
C LEU G 346 -39.97 75.87 -31.61
N GLU G 347 -39.97 76.91 -32.45
CA GLU G 347 -40.84 78.06 -32.30
C GLU G 347 -41.81 78.15 -33.46
N MET G 348 -43.07 78.43 -33.17
CA MET G 348 -44.05 78.70 -34.22
C MET G 348 -43.92 80.17 -34.61
N VAL G 349 -43.72 80.44 -35.90
CA VAL G 349 -43.63 81.80 -36.39
C VAL G 349 -44.90 82.60 -36.09
N THR G 350 -44.71 83.83 -35.63
CA THR G 350 -45.83 84.75 -35.46
C THR G 350 -45.32 86.18 -35.34
N ASP G 351 -46.11 87.12 -35.83
CA ASP G 351 -45.80 88.53 -35.75
C ASP G 351 -46.92 89.21 -34.99
N GLU G 352 -46.60 89.83 -33.86
CA GLU G 352 -47.63 90.43 -33.00
C GLU G 352 -48.50 91.42 -33.74
N GLU G 353 -47.91 92.20 -34.64
CA GLU G 353 -48.65 93.20 -35.42
C GLU G 353 -49.31 92.60 -36.64
N ARG G 354 -48.52 91.98 -37.51
CA ARG G 354 -48.99 91.57 -38.83
C ARG G 354 -49.82 90.27 -38.86
N ASP G 355 -49.78 89.49 -37.78
CA ASP G 355 -50.64 88.30 -37.66
C ASP G 355 -51.89 88.68 -36.87
N TYR G 356 -53.06 88.56 -37.50
CA TYR G 356 -54.32 88.87 -36.84
C TYR G 356 -54.78 87.70 -35.98
N MET G 357 -54.25 86.51 -36.26
CA MET G 357 -54.54 85.31 -35.46
C MET G 357 -53.60 85.20 -34.25
N TYR G 358 -52.85 86.26 -33.95
CA TYR G 358 -51.81 86.23 -32.91
C TYR G 358 -52.31 85.69 -31.57
N ALA G 359 -53.31 86.35 -30.99
CA ALA G 359 -53.87 85.94 -29.70
C ALA G 359 -54.72 84.66 -29.81
N GLU G 360 -55.25 84.42 -31.02
CA GLU G 360 -56.19 83.32 -31.26
C GLU G 360 -55.62 81.92 -30.97
N TYR G 361 -54.36 81.70 -31.33
CA TYR G 361 -53.76 80.36 -31.26
C TYR G 361 -53.72 79.82 -29.83
N ALA G 362 -53.18 80.60 -28.91
CA ALA G 362 -53.05 80.21 -27.50
C ALA G 362 -54.41 79.86 -26.87
N LYS G 363 -55.48 80.49 -27.37
CA LYS G 363 -56.83 80.24 -26.85
C LYS G 363 -57.42 78.92 -27.34
N ASP G 364 -56.93 78.41 -28.47
CA ASP G 364 -57.39 77.12 -28.99
C ASP G 364 -56.81 75.98 -28.15
N PRO G 365 -57.65 75.05 -27.67
CA PRO G 365 -57.19 73.96 -26.82
C PRO G 365 -56.23 72.99 -27.51
N ARG G 366 -56.46 72.74 -28.79
CA ARG G 366 -55.64 71.81 -29.58
C ARG G 366 -54.24 72.39 -29.85
N MET G 367 -54.21 73.65 -30.27
CA MET G 367 -52.95 74.36 -30.52
C MET G 367 -52.13 74.49 -29.24
N LYS G 368 -52.82 74.80 -28.14
CA LYS G 368 -52.21 75.03 -26.84
C LYS G 368 -51.48 73.80 -26.31
N ALA G 369 -51.99 72.62 -26.67
CA ALA G 369 -51.46 71.36 -26.17
C ALA G 369 -50.09 71.01 -26.74
N ASN G 370 -49.82 71.43 -27.98
CA ASN G 370 -48.60 71.02 -28.67
C ASN G 370 -47.58 72.14 -28.85
N VAL G 371 -47.70 73.19 -28.04
CA VAL G 371 -46.79 74.33 -28.14
C VAL G 371 -45.37 73.86 -27.87
N GLY G 372 -44.49 74.08 -28.84
CA GLY G 372 -43.07 73.77 -28.71
C GLY G 372 -42.68 72.34 -29.02
N ILE G 373 -43.61 71.54 -29.53
CA ILE G 373 -43.36 70.12 -29.81
C ILE G 373 -43.67 69.81 -31.27
N ARG G 374 -42.76 69.13 -31.95
CA ARG G 374 -43.01 68.65 -33.30
C ARG G 374 -44.01 67.50 -33.24
N ARG G 375 -45.04 67.57 -34.05
CA ARG G 375 -46.03 66.49 -34.15
C ARG G 375 -46.22 66.12 -35.60
N ARG G 376 -46.53 64.86 -35.84
CA ARG G 376 -46.85 64.41 -37.18
C ARG G 376 -48.24 64.79 -37.60
N LEU G 377 -48.48 64.63 -38.89
CA LEU G 377 -49.75 65.02 -39.48
C LEU G 377 -50.90 64.22 -38.88
N ALA G 378 -50.72 62.91 -38.75
CA ALA G 378 -51.78 62.06 -38.27
C ALA G 378 -52.24 62.41 -36.84
N PRO G 379 -51.30 62.50 -35.88
CA PRO G 379 -51.71 62.94 -34.54
C PRO G 379 -52.26 64.36 -34.49
N LEU G 380 -51.67 65.27 -35.27
CA LEU G 380 -52.14 66.66 -35.32
C LEU G 380 -53.63 66.77 -35.65
N LEU G 381 -54.10 65.85 -36.50
CA LEU G 381 -55.50 65.83 -36.91
C LEU G 381 -56.28 64.69 -36.23
N GLU G 382 -55.76 64.21 -35.10
CA GLU G 382 -56.42 63.18 -34.31
C GLU G 382 -56.76 61.94 -35.13
N ASN G 383 -55.86 61.59 -36.04
CA ASN G 383 -55.96 60.41 -36.89
C ASN G 383 -57.18 60.37 -37.80
N ASP G 384 -57.80 61.52 -38.04
CA ASP G 384 -58.96 61.61 -38.91
C ASP G 384 -58.50 61.47 -40.36
N ARG G 385 -58.85 60.34 -40.97
CA ARG G 385 -58.39 60.02 -42.33
C ARG G 385 -58.88 61.04 -43.34
N ASN G 386 -60.13 61.48 -43.21
CA ASN G 386 -60.69 62.45 -44.13
C ASN G 386 -59.94 63.78 -44.04
N GLN G 387 -59.52 64.17 -42.84
CA GLN G 387 -58.73 65.39 -42.65
C GLN G 387 -57.32 65.25 -43.19
N ILE G 388 -56.70 64.13 -42.90
CA ILE G 388 -55.35 63.86 -43.40
C ILE G 388 -55.31 64.04 -44.92
N GLU G 389 -56.36 63.56 -45.58
CA GLU G 389 -56.48 63.71 -47.03
C GLU G 389 -56.63 65.18 -47.43
N LEU G 390 -57.50 65.91 -46.73
CA LEU G 390 -57.75 67.32 -47.03
C LEU G 390 -56.48 68.17 -46.91
N PHE G 391 -55.77 68.01 -45.79
CA PHE G 391 -54.54 68.76 -45.55
C PHE G 391 -53.46 68.41 -46.58
N THR G 392 -53.38 67.13 -46.93
CA THR G 392 -52.46 66.69 -47.98
C THR G 392 -52.88 67.27 -49.33
N ALA G 393 -54.18 67.27 -49.59
CA ALA G 393 -54.72 67.82 -50.83
C ALA G 393 -54.41 69.31 -50.97
N LEU G 394 -54.45 70.05 -49.86
CA LEU G 394 -54.13 71.47 -49.87
C LEU G 394 -52.63 71.69 -50.08
N LEU G 395 -51.82 70.90 -49.41
CA LEU G 395 -50.36 70.98 -49.53
C LEU G 395 -49.92 70.83 -50.99
N LEU G 396 -50.52 69.89 -51.71
CA LEU G 396 -50.10 69.58 -53.06
C LEU G 396 -50.65 70.55 -54.11
N SER G 397 -51.76 71.25 -53.79
CA SER G 397 -52.41 72.15 -54.74
C SER G 397 -52.16 73.64 -54.50
N LEU G 398 -51.66 74.00 -53.32
CA LEU G 398 -51.36 75.41 -53.02
C LEU G 398 -50.03 75.81 -53.63
N PRO G 399 -49.83 77.13 -53.89
CA PRO G 399 -48.61 77.62 -54.53
C PRO G 399 -47.34 77.31 -53.75
N GLY G 400 -46.28 76.96 -54.47
CA GLY G 400 -45.00 76.65 -53.87
C GLY G 400 -44.71 75.16 -53.91
N SER G 401 -43.46 74.80 -53.66
CA SER G 401 -43.03 73.40 -53.67
C SER G 401 -43.22 72.76 -52.30
N PRO G 402 -43.94 71.62 -52.24
CA PRO G 402 -44.30 70.97 -50.99
C PRO G 402 -43.22 70.04 -50.45
N VAL G 403 -43.17 69.92 -49.13
CA VAL G 403 -42.27 69.00 -48.45
C VAL G 403 -43.08 67.99 -47.63
N LEU G 404 -42.93 66.71 -47.97
CA LEU G 404 -43.51 65.63 -47.17
C LEU G 404 -42.50 65.21 -46.11
N TYR G 405 -43.01 64.87 -44.92
CA TYR G 405 -42.17 64.35 -43.85
C TYR G 405 -42.32 62.84 -43.83
N TYR G 406 -41.20 62.13 -43.67
CA TYR G 406 -41.18 60.67 -43.76
C TYR G 406 -42.12 60.01 -42.76
N GLY G 407 -42.81 58.97 -43.22
CA GLY G 407 -43.77 58.24 -42.40
C GLY G 407 -45.17 58.81 -42.40
N ASP G 408 -45.34 60.06 -42.85
CA ASP G 408 -46.66 60.68 -42.94
C ASP G 408 -47.49 60.05 -44.05
N GLU G 409 -46.83 59.44 -45.02
CA GLU G 409 -47.53 58.77 -46.11
C GLU G 409 -48.32 57.56 -45.64
N ILE G 410 -47.86 56.90 -44.59
CA ILE G 410 -48.59 55.75 -44.00
C ILE G 410 -49.30 56.14 -42.71
N GLY G 411 -49.27 57.42 -42.36
CA GLY G 411 -49.98 57.90 -41.18
C GLY G 411 -49.39 57.39 -39.89
N MET G 412 -48.07 57.52 -39.76
CA MET G 412 -47.39 57.19 -38.51
C MET G 412 -47.73 58.23 -37.47
N GLY G 413 -47.54 57.87 -36.22
CA GLY G 413 -47.73 58.81 -35.11
C GLY G 413 -46.42 59.32 -34.55
N ASP G 414 -46.47 59.80 -33.31
CA ASP G 414 -45.27 60.25 -32.63
C ASP G 414 -45.30 59.83 -31.16
N ILE G 415 -44.14 59.93 -30.54
CA ILE G 415 -44.00 59.68 -29.12
C ILE G 415 -43.45 60.96 -28.49
N ILE G 416 -44.35 61.77 -27.94
CA ILE G 416 -43.99 63.10 -27.41
C ILE G 416 -42.97 63.07 -26.26
N TRP G 417 -42.97 62.00 -25.48
CA TRP G 417 -42.17 61.93 -24.27
C TRP G 417 -40.69 61.74 -24.56
N LEU G 418 -40.34 61.38 -25.79
CA LEU G 418 -38.94 61.21 -26.18
C LEU G 418 -38.19 62.55 -26.29
N GLY G 419 -38.92 63.64 -26.41
CA GLY G 419 -38.32 64.96 -26.59
C GLY G 419 -39.10 65.77 -27.61
N ASP G 420 -39.01 67.09 -27.48
CA ASP G 420 -39.80 67.99 -28.32
C ASP G 420 -39.47 67.92 -29.81
N ARG G 421 -38.26 67.45 -30.14
CA ARG G 421 -37.85 67.27 -31.52
C ARG G 421 -37.73 65.79 -31.90
N ASP G 422 -37.35 64.95 -30.94
CA ASP G 422 -37.24 63.50 -31.17
C ASP G 422 -38.59 62.86 -31.39
N SER G 423 -39.65 63.46 -30.85
CA SER G 423 -41.02 62.96 -31.01
C SER G 423 -41.35 62.46 -32.41
N VAL G 424 -40.84 63.16 -33.43
CA VAL G 424 -41.14 62.82 -34.82
C VAL G 424 -39.98 62.10 -35.51
N ARG G 425 -39.06 61.56 -34.72
CA ARG G 425 -37.84 60.97 -35.28
C ARG G 425 -37.66 59.51 -34.89
N THR G 426 -38.77 58.84 -34.64
CA THR G 426 -38.77 57.41 -34.34
C THR G 426 -38.44 56.62 -35.62
N PRO G 427 -38.17 55.31 -35.49
CA PRO G 427 -37.84 54.54 -36.70
C PRO G 427 -39.00 54.42 -37.67
N MET G 428 -38.68 54.37 -38.96
CA MET G 428 -39.66 54.17 -40.00
C MET G 428 -40.24 52.78 -39.87
N GLN G 429 -41.57 52.69 -39.87
CA GLN G 429 -42.24 51.43 -39.62
C GLN G 429 -42.49 50.67 -40.92
N TRP G 430 -41.61 49.73 -41.24
CA TRP G 430 -41.63 49.01 -42.51
C TRP G 430 -42.55 47.79 -42.53
N THR G 431 -42.49 46.99 -41.47
CA THR G 431 -43.30 45.77 -41.35
C THR G 431 -43.82 45.66 -39.92
N PRO G 432 -44.75 44.72 -39.67
CA PRO G 432 -45.13 44.43 -38.29
C PRO G 432 -44.20 43.43 -37.60
N ASP G 433 -43.00 43.24 -38.17
CA ASP G 433 -42.00 42.35 -37.57
C ASP G 433 -41.28 43.06 -36.44
N ARG G 434 -40.45 42.31 -35.73
CA ARG G 434 -39.62 42.85 -34.67
C ARG G 434 -38.92 44.13 -35.10
N ASN G 435 -38.95 45.14 -34.23
CA ASN G 435 -38.40 46.48 -34.51
C ASN G 435 -39.01 47.15 -35.74
N ALA G 436 -40.26 46.81 -36.05
CA ALA G 436 -40.97 47.37 -37.19
C ALA G 436 -40.21 47.18 -38.52
N GLY G 437 -39.32 46.18 -38.58
CA GLY G 437 -38.53 45.92 -39.77
C GLY G 437 -37.45 46.95 -40.05
N PHE G 438 -37.10 47.72 -39.03
CA PHE G 438 -36.13 48.79 -39.18
C PHE G 438 -34.72 48.28 -38.99
N SER G 439 -34.55 47.34 -38.07
CA SER G 439 -33.21 46.81 -37.76
C SER G 439 -33.28 45.38 -37.28
N LYS G 440 -32.15 44.69 -37.42
CA LYS G 440 -32.03 43.31 -36.93
C LYS G 440 -31.53 43.29 -35.49
N ALA G 441 -31.00 44.41 -35.02
CA ALA G 441 -30.43 44.49 -33.68
C ALA G 441 -31.47 44.23 -32.59
N THR G 442 -31.00 43.92 -31.40
CA THR G 442 -31.91 43.70 -30.27
C THR G 442 -32.61 45.00 -29.96
N PRO G 443 -33.86 44.92 -29.49
CA PRO G 443 -34.67 46.13 -29.29
C PRO G 443 -34.02 47.19 -28.41
N GLY G 444 -33.23 46.76 -27.43
CA GLY G 444 -32.51 47.69 -26.57
C GLY G 444 -31.49 48.58 -27.28
N ARG G 445 -30.89 48.06 -28.35
CA ARG G 445 -29.85 48.77 -29.09
C ARG G 445 -30.38 49.92 -29.92
N LEU G 446 -31.67 49.87 -30.26
CA LEU G 446 -32.25 50.88 -31.15
C LEU G 446 -32.04 52.30 -30.62
N TYR G 447 -31.70 53.21 -31.53
CA TYR G 447 -31.47 54.61 -31.18
C TYR G 447 -32.72 55.25 -30.58
N LEU G 448 -33.89 54.83 -31.06
CA LEU G 448 -35.18 55.24 -30.50
C LEU G 448 -36.16 54.09 -30.68
N PRO G 449 -37.10 53.95 -29.74
CA PRO G 449 -38.03 52.83 -29.85
C PRO G 449 -39.12 53.13 -30.86
N PRO G 450 -39.60 52.11 -31.59
CA PRO G 450 -40.74 52.29 -32.47
C PRO G 450 -42.04 52.51 -31.71
N ASN G 451 -43.03 53.06 -32.41
CA ASN G 451 -44.34 53.31 -31.82
C ASN G 451 -45.02 52.01 -31.46
N GLN G 452 -45.55 51.90 -30.26
CA GLN G 452 -46.13 50.66 -29.79
C GLN G 452 -47.55 50.75 -29.27
N ASP G 453 -48.18 51.91 -29.38
CA ASP G 453 -49.56 52.07 -28.88
C ASP G 453 -50.57 51.46 -29.85
N ALA G 454 -51.80 51.32 -29.38
CA ALA G 454 -52.83 50.62 -30.14
C ALA G 454 -53.22 51.31 -31.44
N VAL G 455 -52.90 52.60 -31.54
CA VAL G 455 -53.37 53.42 -32.66
C VAL G 455 -52.31 53.56 -33.76
N TYR G 456 -51.14 54.06 -33.39
CA TYR G 456 -50.06 54.33 -34.35
C TYR G 456 -48.94 53.29 -34.26
N GLY G 457 -49.20 52.17 -33.59
CA GLY G 457 -48.19 51.14 -33.34
C GLY G 457 -47.74 50.46 -34.61
N TYR G 458 -46.53 49.93 -34.60
CA TYR G 458 -45.99 49.26 -35.78
C TYR G 458 -46.68 47.94 -36.09
N HIS G 459 -47.43 47.39 -35.14
CA HIS G 459 -48.27 46.23 -35.41
C HIS G 459 -49.45 46.57 -36.33
N SER G 460 -49.90 47.82 -36.27
CA SER G 460 -51.06 48.27 -37.04
C SER G 460 -50.76 49.31 -38.12
N VAL G 461 -49.63 50.00 -38.00
CA VAL G 461 -49.28 51.02 -38.97
C VAL G 461 -47.89 50.75 -39.52
N ASN G 462 -47.84 50.22 -40.75
CA ASN G 462 -46.57 49.97 -41.42
C ASN G 462 -46.73 49.88 -42.93
N VAL G 463 -45.62 49.99 -43.64
CA VAL G 463 -45.63 50.04 -45.11
C VAL G 463 -46.13 48.73 -45.70
N GLU G 464 -45.63 47.61 -45.18
CA GLU G 464 -45.98 46.28 -45.69
C GLU G 464 -47.49 46.05 -45.70
N ALA G 465 -48.14 46.43 -44.61
CA ALA G 465 -49.58 46.27 -44.49
C ALA G 465 -50.34 47.09 -45.53
N GLN G 466 -49.89 48.31 -45.80
CA GLN G 466 -50.60 49.23 -46.66
C GLN G 466 -50.33 49.06 -48.16
N LEU G 467 -49.31 48.29 -48.52
CA LEU G 467 -48.95 48.11 -49.93
C LEU G 467 -50.01 47.41 -50.74
N ASP G 468 -50.87 46.63 -50.09
CA ASP G 468 -51.79 45.75 -50.79
C ASP G 468 -53.07 46.40 -51.26
N SER G 469 -53.85 46.95 -50.33
CA SER G 469 -55.12 47.58 -50.72
C SER G 469 -54.87 48.98 -51.26
N SER G 470 -55.45 49.26 -52.43
CA SER G 470 -55.32 50.58 -53.07
C SER G 470 -56.14 51.64 -52.32
N SER G 471 -56.88 51.21 -51.30
CA SER G 471 -57.63 52.11 -50.46
C SER G 471 -56.79 52.64 -49.29
N SER G 472 -55.59 52.08 -49.10
CA SER G 472 -54.71 52.49 -48.00
C SER G 472 -54.24 53.93 -48.16
N LEU G 473 -53.80 54.52 -47.05
CA LEU G 473 -53.32 55.90 -47.08
C LEU G 473 -52.03 56.02 -47.90
N LEU G 474 -51.18 55.00 -47.83
CA LEU G 474 -49.93 55.00 -48.60
C LEU G 474 -50.24 55.07 -50.09
N ASN G 475 -51.06 54.15 -50.56
CA ASN G 475 -51.44 54.12 -51.96
C ASN G 475 -52.22 55.37 -52.39
N TRP G 476 -53.06 55.90 -51.49
CA TRP G 476 -53.79 57.14 -51.78
C TRP G 476 -52.80 58.29 -51.96
N THR G 477 -51.86 58.41 -51.01
CA THR G 477 -50.86 59.48 -51.03
C THR G 477 -49.98 59.36 -52.27
N ARG G 478 -49.63 58.13 -52.65
CA ARG G 478 -48.79 57.88 -53.81
C ARG G 478 -49.43 58.41 -55.09
N ASN G 479 -50.72 58.08 -55.25
CA ASN G 479 -51.49 58.46 -56.41
C ASN G 479 -51.73 59.95 -56.55
N MET G 480 -51.86 60.62 -55.41
CA MET G 480 -52.05 62.05 -55.40
C MET G 480 -50.81 62.76 -55.93
N LEU G 481 -49.64 62.23 -55.61
CA LEU G 481 -48.39 62.73 -56.17
C LEU G 481 -48.30 62.41 -57.66
N ALA G 482 -48.83 61.26 -58.05
CA ALA G 482 -48.89 60.86 -59.45
C ALA G 482 -49.79 61.80 -60.28
N VAL G 483 -50.91 62.23 -59.70
CA VAL G 483 -51.79 63.20 -60.35
C VAL G 483 -51.12 64.57 -60.43
N ARG G 484 -50.53 65.01 -59.31
CA ARG G 484 -49.87 66.33 -59.26
C ARG G 484 -48.76 66.46 -60.29
N SER G 485 -48.01 65.39 -60.50
CA SER G 485 -46.91 65.39 -61.46
C SER G 485 -47.39 65.42 -62.92
N ARG G 486 -48.68 65.18 -63.14
CA ARG G 486 -49.25 65.20 -64.49
C ARG G 486 -49.79 66.58 -64.91
N HIS G 487 -49.86 67.52 -63.97
CA HIS G 487 -50.29 68.89 -64.28
C HIS G 487 -49.31 69.92 -63.72
N ASP G 488 -48.70 70.70 -64.62
CA ASP G 488 -47.72 71.71 -64.23
C ASP G 488 -48.36 72.86 -63.46
N ALA G 489 -49.65 73.08 -63.71
CA ALA G 489 -50.40 74.14 -63.03
C ALA G 489 -50.19 74.16 -61.52
N PHE G 490 -50.17 72.98 -60.91
CA PHE G 490 -49.97 72.87 -59.46
C PHE G 490 -48.60 73.41 -59.04
N ALA G 491 -47.57 73.08 -59.83
CA ALA G 491 -46.20 73.42 -59.49
C ALA G 491 -45.89 74.91 -59.68
N VAL G 492 -46.08 75.39 -60.91
CA VAL G 492 -45.64 76.74 -61.29
C VAL G 492 -46.73 77.58 -61.96
N GLY G 493 -47.99 77.23 -61.73
CA GLY G 493 -49.11 77.98 -62.31
C GLY G 493 -49.53 79.14 -61.44
N THR G 494 -50.34 80.03 -62.02
CA THR G 494 -50.89 81.17 -61.29
C THR G 494 -51.86 80.69 -60.23
N PHE G 495 -52.23 81.57 -59.30
CA PHE G 495 -53.17 81.21 -58.23
C PHE G 495 -54.23 82.29 -58.08
N ARG G 496 -55.46 82.00 -58.49
CA ARG G 496 -56.57 82.92 -58.31
C ARG G 496 -57.66 82.30 -57.45
N GLU G 497 -57.93 82.92 -56.31
CA GLU G 497 -58.96 82.44 -55.40
C GLU G 497 -60.33 82.85 -55.93
N LEU G 498 -61.22 81.86 -56.05
CA LEU G 498 -62.55 82.07 -56.61
C LEU G 498 -63.57 82.61 -55.61
N GLY G 499 -63.29 82.43 -54.32
CA GLY G 499 -64.19 82.90 -53.28
C GLY G 499 -65.40 82.00 -53.12
N GLY G 500 -66.57 82.53 -53.45
CA GLY G 500 -67.84 81.82 -53.29
C GLY G 500 -68.66 82.39 -52.15
N SER G 501 -69.95 82.04 -52.15
CA SER G 501 -70.89 82.54 -51.15
C SER G 501 -70.74 81.85 -49.79
N ASN G 502 -70.38 80.57 -49.83
CA ASN G 502 -70.21 79.78 -48.61
C ASN G 502 -68.81 79.97 -48.00
N PRO G 503 -68.74 80.48 -46.76
CA PRO G 503 -67.47 80.76 -46.12
C PRO G 503 -66.64 79.53 -45.74
N SER G 504 -67.30 78.38 -45.67
CA SER G 504 -66.65 77.13 -45.27
C SER G 504 -65.90 76.44 -46.42
N VAL G 505 -66.09 76.89 -47.66
CA VAL G 505 -65.51 76.25 -48.83
C VAL G 505 -64.47 77.14 -49.51
N LEU G 506 -63.23 76.65 -49.57
CA LEU G 506 -62.12 77.37 -50.22
C LEU G 506 -61.92 76.84 -51.63
N ALA G 507 -62.26 77.65 -52.62
CA ALA G 507 -62.10 77.28 -54.03
C ALA G 507 -61.13 78.21 -54.75
N TYR G 508 -60.26 77.64 -55.58
CA TYR G 508 -59.27 78.41 -56.35
C TYR G 508 -58.86 77.69 -57.63
N ILE G 509 -58.21 78.45 -58.52
CA ILE G 509 -57.80 77.94 -59.83
C ILE G 509 -56.31 78.14 -60.06
N ARG G 510 -55.61 77.07 -60.44
CA ARG G 510 -54.23 77.15 -60.89
C ARG G 510 -54.21 77.11 -62.42
N GLU G 511 -53.31 77.86 -63.03
CA GLU G 511 -53.32 78.04 -64.48
C GLU G 511 -51.92 78.22 -65.06
N VAL G 512 -51.67 77.59 -66.21
CA VAL G 512 -50.43 77.72 -66.96
C VAL G 512 -50.76 78.07 -68.42
N THR G 513 -49.99 78.97 -69.02
CA THR G 513 -50.29 79.50 -70.36
C THR G 513 -49.73 78.69 -71.52
N ARG G 514 -50.39 78.86 -72.67
CA ARG G 514 -50.05 78.21 -73.95
C ARG G 514 -49.19 79.11 -74.84
N GLN G 515 -47.89 78.80 -74.91
CA GLN G 515 -46.96 79.54 -75.76
C GLN G 515 -45.64 78.77 -75.95
N GLN G 516 -45.26 78.58 -77.21
CA GLN G 516 -44.12 77.74 -77.66
C GLN G 516 -44.52 77.07 -78.98
N GLY G 517 -45.71 76.47 -78.96
CA GLY G 517 -46.22 75.63 -80.05
C GLY G 517 -46.74 74.31 -79.50
N ASP G 518 -47.51 74.39 -78.41
CA ASP G 518 -47.94 73.21 -77.66
C ASP G 518 -49.31 73.40 -77.00
N GLY G 519 -49.88 72.29 -76.52
CA GLY G 519 -51.21 72.30 -75.88
C GLY G 519 -51.74 70.90 -75.62
N GLY G 520 -51.61 70.44 -74.38
CA GLY G 520 -52.13 69.14 -73.97
C GLY G 520 -52.60 69.16 -72.53
N ALA G 521 -52.19 68.15 -71.76
CA ALA G 521 -52.50 68.07 -70.31
C ALA G 521 -51.41 68.76 -69.46
N LYS G 522 -50.71 69.73 -70.06
CA LYS G 522 -49.66 70.50 -69.38
C LYS G 522 -49.87 72.01 -69.44
N THR G 523 -50.44 72.55 -70.54
CA THR G 523 -50.91 73.93 -70.53
C THR G 523 -52.37 73.94 -70.02
N ASP G 524 -52.50 73.59 -68.74
CA ASP G 524 -53.80 73.33 -68.11
C ASP G 524 -54.30 74.53 -67.32
N ALA G 525 -55.60 74.53 -67.10
CA ALA G 525 -56.22 75.26 -66.03
C ALA G 525 -56.84 74.19 -65.13
N VAL G 526 -56.53 74.22 -63.84
CA VAL G 526 -57.11 73.26 -62.91
C VAL G 526 -57.92 73.98 -61.85
N LEU G 527 -58.96 73.30 -61.36
CA LEU G 527 -59.86 73.86 -60.36
C LEU G 527 -59.83 72.99 -59.11
N CYS G 528 -59.57 73.61 -57.97
CA CYS G 528 -59.55 72.91 -56.68
C CYS G 528 -60.65 73.48 -55.79
N VAL G 529 -61.52 72.60 -55.30
CA VAL G 529 -62.54 72.99 -54.34
C VAL G 529 -62.32 72.17 -53.08
N ASN G 530 -62.11 72.86 -51.97
CA ASN G 530 -61.85 72.23 -50.67
C ASN G 530 -62.92 72.63 -49.67
N ASN G 531 -63.47 71.68 -48.92
CA ASN G 531 -64.46 71.96 -47.90
C ASN G 531 -63.86 71.88 -46.51
N LEU G 532 -63.73 73.01 -45.83
CA LEU G 532 -63.12 73.06 -44.51
C LEU G 532 -64.06 72.63 -43.39
N SER G 533 -65.36 72.58 -43.66
CA SER G 533 -66.34 72.19 -42.66
C SER G 533 -66.47 70.67 -42.58
N ARG G 534 -66.75 70.18 -41.37
CA ARG G 534 -66.91 68.74 -41.13
C ARG G 534 -68.28 68.24 -41.59
N PHE G 535 -69.15 69.15 -41.96
CA PHE G 535 -70.45 68.80 -42.48
C PHE G 535 -70.44 69.01 -43.99
N PRO G 536 -71.36 68.35 -44.71
CA PRO G 536 -71.45 68.55 -46.17
C PRO G 536 -71.82 69.97 -46.54
N GLN G 537 -71.21 70.52 -47.57
CA GLN G 537 -71.41 71.93 -47.92
C GLN G 537 -71.64 72.09 -49.40
N PRO G 538 -72.57 72.97 -49.78
CA PRO G 538 -72.75 73.35 -51.17
C PRO G 538 -72.06 74.67 -51.46
N ILE G 539 -71.50 74.79 -52.65
CA ILE G 539 -70.89 76.06 -53.08
C ILE G 539 -71.30 76.38 -54.51
N GLU G 540 -71.74 77.62 -54.71
CA GLU G 540 -72.06 78.11 -56.05
C GLU G 540 -70.89 78.96 -56.54
N LEU G 541 -70.15 78.42 -57.50
CA LEU G 541 -68.97 79.09 -58.04
C LEU G 541 -69.30 79.82 -59.33
N ASN G 542 -68.54 80.88 -59.60
CA ASN G 542 -68.67 81.64 -60.83
C ASN G 542 -67.50 81.37 -61.77
N LEU G 543 -67.73 80.47 -62.72
CA LEU G 543 -66.71 80.04 -63.67
C LEU G 543 -67.09 80.47 -65.10
N GLN G 544 -67.66 81.66 -65.23
CA GLN G 544 -68.14 82.15 -66.52
C GLN G 544 -67.01 82.26 -67.54
N GLN G 545 -65.82 82.59 -67.05
CA GLN G 545 -64.64 82.74 -67.90
C GLN G 545 -64.31 81.44 -68.64
N TRP G 546 -64.62 80.30 -68.03
CA TRP G 546 -64.47 79.01 -68.69
C TRP G 546 -65.82 78.46 -69.16
N ALA G 547 -66.67 79.33 -69.69
CA ALA G 547 -67.94 78.87 -70.26
C ALA G 547 -67.66 77.91 -71.41
N GLY G 548 -68.42 76.82 -71.48
CA GLY G 548 -68.24 75.81 -72.52
C GLY G 548 -67.21 74.74 -72.19
N TYR G 549 -66.29 75.05 -71.28
CA TYR G 549 -65.29 74.09 -70.82
C TYR G 549 -65.92 72.94 -70.05
N ILE G 550 -65.27 71.78 -70.09
CA ILE G 550 -65.75 70.60 -69.38
C ILE G 550 -64.81 70.30 -68.23
N PRO G 551 -65.31 70.38 -66.98
CA PRO G 551 -64.52 69.96 -65.84
C PRO G 551 -64.37 68.45 -65.82
N VAL G 552 -63.15 67.96 -65.63
CA VAL G 552 -62.88 66.53 -65.57
C VAL G 552 -62.17 66.22 -64.27
N GLU G 553 -62.81 65.41 -63.42
CA GLU G 553 -62.22 65.04 -62.13
C GLU G 553 -61.00 64.15 -62.37
N MET G 554 -59.88 64.52 -61.75
CA MET G 554 -58.57 63.95 -62.10
C MET G 554 -58.33 62.53 -61.60
N THR G 555 -58.82 62.22 -60.40
CA THR G 555 -58.59 60.91 -59.79
C THR G 555 -59.38 59.81 -60.51
N GLY G 556 -60.47 60.17 -61.18
CA GLY G 556 -61.28 59.19 -61.90
C GLY G 556 -61.48 59.43 -63.38
N TYR G 557 -60.93 60.53 -63.91
CA TYR G 557 -61.13 60.93 -65.30
C TYR G 557 -62.61 60.99 -65.70
N VAL G 558 -63.43 61.51 -64.80
CA VAL G 558 -64.86 61.63 -65.03
C VAL G 558 -65.23 63.02 -65.48
N GLU G 559 -66.01 63.09 -66.55
CA GLU G 559 -66.47 64.36 -67.09
C GLU G 559 -67.70 64.82 -66.34
N PHE G 560 -67.66 66.06 -65.88
CA PHE G 560 -68.79 66.70 -65.20
C PHE G 560 -69.52 67.56 -66.21
N PRO G 561 -70.72 68.06 -65.85
CA PRO G 561 -71.45 68.92 -66.78
C PRO G 561 -70.66 70.18 -67.14
N SER G 562 -70.76 70.60 -68.40
CA SER G 562 -70.00 71.74 -68.89
C SER G 562 -70.39 73.02 -68.16
N ILE G 563 -69.43 73.93 -68.02
CA ILE G 563 -69.64 75.17 -67.30
C ILE G 563 -70.45 76.13 -68.17
N GLY G 564 -71.45 76.78 -67.58
CA GLY G 564 -72.32 77.71 -68.29
C GLY G 564 -72.22 79.13 -67.76
N GLN G 565 -73.25 79.92 -68.04
CA GLN G 565 -73.31 81.31 -67.58
C GLN G 565 -73.79 81.42 -66.13
N LEU G 566 -74.72 80.54 -65.75
CA LEU G 566 -75.20 80.50 -64.38
C LEU G 566 -74.13 79.96 -63.42
N PRO G 567 -74.21 80.32 -62.13
CA PRO G 567 -73.27 79.80 -61.15
C PRO G 567 -73.23 78.27 -61.13
N TYR G 568 -72.02 77.71 -61.06
CA TYR G 568 -71.82 76.27 -61.05
C TYR G 568 -71.96 75.76 -59.62
N LEU G 569 -72.82 74.75 -59.42
CA LEU G 569 -73.03 74.18 -58.09
C LEU G 569 -72.23 72.90 -57.88
N LEU G 570 -71.43 72.88 -56.83
CA LEU G 570 -70.71 71.69 -56.41
C LEU G 570 -71.07 71.41 -54.97
N THR G 571 -71.24 70.13 -54.64
CA THR G 571 -71.55 69.73 -53.29
C THR G 571 -70.48 68.77 -52.77
N LEU G 572 -69.91 69.10 -51.61
CA LEU G 572 -68.86 68.29 -51.03
C LEU G 572 -69.32 67.68 -49.72
N PRO G 573 -68.75 66.53 -49.35
CA PRO G 573 -68.95 65.98 -48.02
C PRO G 573 -68.04 66.66 -47.01
N GLY G 574 -68.20 66.32 -45.73
CA GLY G 574 -67.35 66.88 -44.68
C GLY G 574 -65.88 66.66 -44.96
N HIS G 575 -65.10 67.74 -44.90
CA HIS G 575 -63.66 67.69 -45.16
C HIS G 575 -63.31 66.98 -46.47
N GLY G 576 -64.17 67.14 -47.46
CA GLY G 576 -63.93 66.59 -48.79
C GLY G 576 -63.27 67.62 -49.69
N PHE G 577 -62.86 67.18 -50.87
CA PHE G 577 -62.28 68.07 -51.88
C PHE G 577 -62.39 67.45 -53.26
N TYR G 578 -62.32 68.29 -54.29
CA TYR G 578 -62.31 67.85 -55.68
C TYR G 578 -61.19 68.53 -56.45
N TRP G 579 -60.62 67.81 -57.41
CA TRP G 579 -59.61 68.36 -58.31
C TRP G 579 -60.08 68.17 -59.74
N PHE G 580 -60.46 69.27 -60.39
CA PHE G 580 -60.97 69.23 -61.75
C PHE G 580 -59.96 69.77 -62.75
N GLN G 581 -59.82 69.08 -63.88
CA GLN G 581 -59.08 69.60 -65.02
C GLN G 581 -60.08 70.32 -65.91
N LEU G 582 -59.87 71.61 -66.15
CA LEU G 582 -60.73 72.39 -67.04
C LEU G 582 -60.29 72.18 -68.48
N ARG G 583 -61.11 71.41 -69.21
CA ARG G 583 -60.77 70.96 -70.55
C ARG G 583 -61.58 71.73 -71.58
N GLU G 584 -60.93 72.07 -72.68
CA GLU G 584 -61.55 72.87 -73.75
C GLU G 584 -62.73 72.14 -74.41
N PRO G 585 -63.70 72.91 -74.93
CA PRO G 585 -64.74 72.32 -75.80
C PRO G 585 -64.16 71.98 -77.18
N ASP G 586 -64.78 71.00 -77.84
CA ASP G 586 -64.21 70.41 -79.06
C ASP G 586 -64.53 71.25 -80.30
N PRO G 587 -63.49 71.63 -81.07
CA PRO G 587 -63.71 72.48 -82.25
C PRO G 587 -64.37 71.74 -83.40
N LEU H 29 -90.95 44.55 -21.17
CA LEU H 29 -90.99 45.90 -21.82
C LEU H 29 -92.42 46.28 -22.18
N PRO H 30 -92.72 47.60 -22.22
CA PRO H 30 -94.05 48.04 -22.63
C PRO H 30 -94.45 47.45 -23.97
N THR H 31 -95.70 46.97 -24.05
CA THR H 31 -96.18 46.27 -25.23
C THR H 31 -96.23 47.18 -26.47
N ASP H 32 -95.49 46.77 -27.51
CA ASP H 32 -95.38 47.51 -28.76
C ASP H 32 -95.29 46.50 -29.89
N THR H 33 -96.25 46.55 -30.82
CA THR H 33 -96.36 45.55 -31.88
C THR H 33 -95.65 45.96 -33.18
N ASN H 34 -94.90 47.06 -33.14
CA ASN H 34 -94.18 47.55 -34.31
C ASN H 34 -92.68 47.76 -34.05
N TRP H 35 -92.19 47.34 -32.88
CA TRP H 35 -90.79 47.58 -32.52
C TRP H 35 -89.80 46.98 -33.52
N PHE H 36 -90.14 45.81 -34.05
CA PHE H 36 -89.27 45.09 -34.97
C PHE H 36 -89.12 45.80 -36.34
N LYS H 37 -90.10 46.63 -36.70
CA LYS H 37 -90.01 47.40 -37.93
C LYS H 37 -89.04 48.58 -37.80
N HIS H 38 -88.87 49.07 -36.58
CA HIS H 38 -87.96 50.18 -36.30
C HIS H 38 -86.59 49.74 -35.77
N ALA H 39 -86.48 48.47 -35.39
CA ALA H 39 -85.27 47.97 -34.74
C ALA H 39 -84.12 47.79 -35.72
N VAL H 40 -82.92 47.83 -35.17
CA VAL H 40 -81.68 47.46 -35.85
C VAL H 40 -81.10 46.29 -35.07
N PHE H 41 -81.08 45.11 -35.71
CA PHE H 41 -80.67 43.89 -35.04
C PHE H 41 -79.15 43.72 -35.03
N TYR H 42 -78.65 43.06 -33.99
CA TYR H 42 -77.22 42.83 -33.81
C TYR H 42 -77.00 41.35 -33.53
N GLU H 43 -76.55 40.61 -34.53
CA GLU H 43 -76.32 39.17 -34.37
C GLU H 43 -74.99 38.92 -33.68
N VAL H 44 -75.06 38.35 -32.47
CA VAL H 44 -73.87 38.13 -31.66
C VAL H 44 -73.89 36.72 -31.06
N LEU H 45 -72.82 35.98 -31.29
CA LEU H 45 -72.67 34.65 -30.70
C LEU H 45 -72.29 34.73 -29.23
N VAL H 46 -72.94 33.91 -28.39
CA VAL H 46 -72.69 33.90 -26.95
C VAL H 46 -71.26 33.43 -26.68
N ARG H 47 -70.83 32.42 -27.41
CA ARG H 47 -69.48 31.84 -27.25
C ARG H 47 -68.35 32.78 -27.64
N ALA H 48 -68.66 33.80 -28.43
CA ALA H 48 -67.65 34.62 -29.08
C ALA H 48 -67.43 35.99 -28.44
N PHE H 49 -68.43 36.49 -27.73
CA PHE H 49 -68.46 37.90 -27.37
C PHE H 49 -67.54 38.22 -26.20
N TYR H 50 -67.78 37.59 -25.04
CA TYR H 50 -66.95 37.85 -23.87
C TYR H 50 -67.00 36.70 -22.88
N ASP H 51 -65.84 36.37 -22.33
CA ASP H 51 -65.70 35.28 -21.37
C ASP H 51 -65.37 35.83 -19.98
N SER H 52 -66.22 35.49 -19.00
CA SER H 52 -66.11 36.01 -17.65
C SER H 52 -65.64 34.99 -16.62
N ASN H 53 -65.62 33.71 -17.00
CA ASN H 53 -65.19 32.66 -16.07
C ASN H 53 -63.84 32.02 -16.44
N ALA H 54 -63.06 32.73 -17.25
CA ALA H 54 -61.71 32.30 -17.65
C ALA H 54 -61.61 30.82 -18.04
N ASP H 55 -62.64 30.31 -18.71
CA ASP H 55 -62.64 28.94 -19.23
C ASP H 55 -62.21 28.91 -20.70
N GLY H 56 -62.09 30.10 -21.30
CA GLY H 56 -61.76 30.23 -22.71
C GLY H 56 -62.98 30.18 -23.62
N ILE H 57 -64.17 30.18 -23.03
CA ILE H 57 -65.41 30.09 -23.80
C ILE H 57 -66.39 31.16 -23.37
N GLY H 58 -66.80 31.98 -24.34
CA GLY H 58 -67.72 33.08 -24.10
C GLY H 58 -69.00 32.55 -23.50
N ASP H 59 -69.59 33.32 -22.59
CA ASP H 59 -70.69 32.84 -21.78
C ASP H 59 -71.74 33.92 -21.59
N LEU H 60 -72.90 33.53 -21.06
CA LEU H 60 -74.03 34.43 -20.93
C LEU H 60 -73.70 35.59 -20.01
N ARG H 61 -73.07 35.28 -18.89
CA ARG H 61 -72.66 36.29 -17.92
C ARG H 61 -71.64 37.30 -18.44
N GLY H 62 -70.81 36.86 -19.36
CA GLY H 62 -69.87 37.75 -20.01
C GLY H 62 -70.61 38.70 -20.92
N LEU H 63 -71.51 38.14 -21.73
CA LEU H 63 -72.35 38.93 -22.62
C LEU H 63 -73.17 39.95 -21.82
N THR H 64 -73.61 39.57 -20.62
CA THR H 64 -74.33 40.49 -19.74
C THR H 64 -73.46 41.71 -19.37
N GLU H 65 -72.19 41.45 -19.04
CA GLU H 65 -71.26 42.53 -18.65
C GLU H 65 -71.04 43.55 -19.76
N LYS H 66 -71.05 43.09 -21.01
CA LYS H 66 -70.77 43.95 -22.16
C LYS H 66 -72.01 44.58 -22.79
N LEU H 67 -73.15 44.51 -22.11
CA LEU H 67 -74.38 45.12 -22.60
C LEU H 67 -74.29 46.64 -22.72
N ASP H 68 -73.46 47.26 -21.87
CA ASP H 68 -73.26 48.70 -21.91
C ASP H 68 -72.63 49.15 -23.23
N TYR H 69 -71.73 48.33 -23.77
CA TYR H 69 -71.16 48.58 -25.09
C TYR H 69 -72.25 48.50 -26.16
N ILE H 70 -73.00 47.42 -26.14
CA ILE H 70 -74.11 47.21 -27.07
C ILE H 70 -75.08 48.40 -27.06
N LYS H 71 -75.45 48.83 -25.86
CA LYS H 71 -76.30 50.01 -25.69
C LYS H 71 -75.66 51.24 -26.34
N TRP H 72 -74.37 51.45 -26.06
CA TRP H 72 -73.62 52.59 -26.58
C TRP H 72 -73.54 52.60 -28.10
N LEU H 73 -73.38 51.41 -28.69
CA LEU H 73 -73.34 51.28 -30.14
C LEU H 73 -74.66 51.74 -30.76
N GLY H 74 -75.77 51.46 -30.08
CA GLY H 74 -77.08 51.96 -30.49
C GLY H 74 -77.94 50.94 -31.21
N VAL H 75 -77.66 49.66 -31.01
CA VAL H 75 -78.49 48.60 -31.57
C VAL H 75 -79.70 48.38 -30.66
N ASP H 76 -80.78 47.88 -31.24
CA ASP H 76 -82.06 47.79 -30.55
C ASP H 76 -82.38 46.38 -30.07
N CYS H 77 -81.90 45.38 -30.79
CA CYS H 77 -82.20 43.99 -30.46
C CYS H 77 -81.02 43.05 -30.73
N LEU H 78 -80.75 42.19 -29.76
CA LEU H 78 -79.73 41.15 -29.90
C LEU H 78 -80.34 39.94 -30.58
N TRP H 79 -79.60 39.35 -31.52
CA TRP H 79 -80.01 38.08 -32.11
C TRP H 79 -78.94 37.05 -31.79
N LEU H 80 -79.30 36.09 -30.95
CA LEU H 80 -78.40 35.04 -30.50
C LEU H 80 -78.64 33.75 -31.30
N PRO H 81 -77.59 33.22 -31.95
CA PRO H 81 -77.68 31.88 -32.55
C PRO H 81 -77.83 30.82 -31.45
N PRO H 82 -78.19 29.57 -31.83
CA PRO H 82 -78.64 28.58 -30.85
C PRO H 82 -77.66 28.32 -29.71
N PHE H 83 -78.14 28.43 -28.48
CA PHE H 83 -77.30 28.27 -27.30
C PHE H 83 -77.80 27.15 -26.40
N TYR H 84 -78.58 26.24 -26.97
CA TYR H 84 -79.17 25.14 -26.20
C TYR H 84 -78.15 24.02 -26.05
N ASP H 85 -78.37 23.17 -25.05
CA ASP H 85 -77.51 22.01 -24.84
C ASP H 85 -77.43 21.21 -26.13
N SER H 86 -76.20 20.92 -26.56
CA SER H 86 -75.96 20.30 -27.85
C SER H 86 -74.62 19.57 -27.87
N PRO H 87 -74.53 18.47 -28.63
CA PRO H 87 -73.22 17.84 -28.89
C PRO H 87 -72.34 18.68 -29.83
N LEU H 88 -72.93 19.70 -30.45
CA LEU H 88 -72.20 20.68 -31.26
C LEU H 88 -71.51 20.08 -32.47
N ARG H 89 -72.08 19.00 -33.00
CA ARG H 89 -71.57 18.38 -34.21
C ARG H 89 -71.94 19.20 -35.45
N ASP H 90 -72.97 20.03 -35.34
CA ASP H 90 -73.33 20.97 -36.40
C ASP H 90 -73.52 22.38 -35.81
N GLY H 91 -72.45 22.91 -35.24
CA GLY H 91 -72.43 24.28 -34.69
C GLY H 91 -73.56 24.66 -33.71
N GLY H 92 -74.14 23.67 -33.06
CA GLY H 92 -75.24 23.91 -32.11
C GLY H 92 -76.61 24.03 -32.74
N TYR H 93 -76.69 23.85 -34.06
CA TYR H 93 -77.99 23.79 -34.76
C TYR H 93 -78.62 22.39 -34.62
N ASP H 94 -77.90 21.47 -33.98
CA ASP H 94 -78.41 20.16 -33.59
C ASP H 94 -78.72 20.13 -32.09
N ILE H 95 -79.97 20.45 -31.74
CA ILE H 95 -80.35 20.66 -30.36
C ILE H 95 -80.62 19.33 -29.65
N ARG H 96 -80.00 19.15 -28.48
CA ARG H 96 -80.16 17.95 -27.66
C ARG H 96 -81.23 18.13 -26.58
N ASP H 97 -81.38 19.35 -26.08
CA ASP H 97 -82.37 19.66 -25.05
C ASP H 97 -82.86 21.09 -25.18
N PHE H 98 -84.14 21.26 -25.52
CA PHE H 98 -84.71 22.58 -25.74
C PHE H 98 -84.83 23.42 -24.46
N TYR H 99 -84.85 22.76 -23.30
CA TYR H 99 -85.08 23.44 -22.03
C TYR H 99 -83.80 23.60 -21.21
N LYS H 100 -82.64 23.40 -21.84
CA LYS H 100 -81.37 23.49 -21.14
C LYS H 100 -80.37 24.24 -21.99
N VAL H 101 -79.82 25.32 -21.43
CA VAL H 101 -78.76 26.07 -22.09
C VAL H 101 -77.45 25.30 -21.93
N LEU H 102 -76.65 25.26 -22.99
CA LEU H 102 -75.38 24.54 -23.00
C LEU H 102 -74.55 24.91 -21.77
N PRO H 103 -74.11 23.90 -20.99
CA PRO H 103 -73.36 24.07 -19.74
C PRO H 103 -72.31 25.18 -19.73
N GLU H 104 -71.53 25.27 -20.80
CA GLU H 104 -70.41 26.20 -20.88
C GLU H 104 -70.84 27.66 -20.97
N PHE H 105 -72.08 27.91 -21.40
CA PHE H 105 -72.62 29.27 -21.46
C PHE H 105 -73.28 29.68 -20.13
N GLY H 106 -73.83 28.70 -19.41
CA GLY H 106 -74.39 28.94 -18.09
C GLY H 106 -75.68 28.17 -17.85
N THR H 107 -76.47 28.68 -16.91
CA THR H 107 -77.77 28.11 -16.59
C THR H 107 -78.88 28.94 -17.22
N VAL H 108 -80.09 28.41 -17.20
CA VAL H 108 -81.27 29.12 -17.69
C VAL H 108 -81.43 30.41 -16.90
N ASP H 109 -81.11 30.37 -15.60
CA ASP H 109 -81.13 31.54 -14.73
C ASP H 109 -80.21 32.65 -15.24
N ASP H 110 -79.03 32.28 -15.73
CA ASP H 110 -78.08 33.24 -16.30
C ASP H 110 -78.66 33.92 -17.54
N PHE H 111 -79.49 33.20 -18.29
CA PHE H 111 -80.17 33.77 -19.45
C PHE H 111 -81.21 34.80 -19.02
N VAL H 112 -81.93 34.50 -17.94
CA VAL H 112 -82.92 35.44 -17.40
C VAL H 112 -82.22 36.70 -16.89
N THR H 113 -81.07 36.52 -16.24
CA THR H 113 -80.23 37.63 -15.79
C THR H 113 -79.82 38.53 -16.96
N LEU H 114 -79.47 37.92 -18.09
CA LEU H 114 -79.16 38.67 -19.31
C LEU H 114 -80.39 39.42 -19.82
N LEU H 115 -81.53 38.73 -19.89
CA LEU H 115 -82.78 39.33 -20.37
C LEU H 115 -83.16 40.57 -19.57
N ASP H 116 -83.20 40.41 -18.25
CA ASP H 116 -83.60 41.49 -17.36
C ASP H 116 -82.64 42.68 -17.49
N ALA H 117 -81.34 42.39 -17.54
CA ALA H 117 -80.31 43.42 -17.69
C ALA H 117 -80.43 44.14 -19.03
N ALA H 118 -80.78 43.40 -20.08
CA ALA H 118 -80.95 43.97 -21.43
C ALA H 118 -82.23 44.80 -21.53
N HIS H 119 -83.33 44.28 -20.98
CA HIS H 119 -84.61 45.01 -20.99
C HIS H 119 -84.53 46.29 -20.18
N ARG H 120 -83.77 46.28 -19.10
CA ARG H 120 -83.59 47.48 -18.27
C ARG H 120 -83.08 48.68 -19.07
N ARG H 121 -82.28 48.41 -20.10
CA ARG H 121 -81.78 49.47 -20.99
C ARG H 121 -82.42 49.37 -22.37
N GLY H 122 -83.65 48.86 -22.42
CA GLY H 122 -84.48 48.86 -23.63
C GLY H 122 -84.01 47.97 -24.78
N ILE H 123 -83.06 47.09 -24.51
CA ILE H 123 -82.54 46.19 -25.54
C ILE H 123 -83.30 44.87 -25.50
N ARG H 124 -83.85 44.48 -26.64
CA ARG H 124 -84.59 43.23 -26.76
C ARG H 124 -83.66 42.08 -27.19
N ILE H 125 -84.12 40.86 -26.99
CA ILE H 125 -83.35 39.67 -27.37
C ILE H 125 -84.22 38.65 -28.11
N ILE H 126 -83.75 38.21 -29.27
CA ILE H 126 -84.38 37.09 -29.99
C ILE H 126 -83.35 35.98 -30.15
N THR H 127 -83.80 34.78 -30.50
CA THR H 127 -82.90 33.64 -30.65
C THR H 127 -83.28 32.72 -31.82
N ASP H 128 -82.26 32.09 -32.40
CA ASP H 128 -82.48 31.02 -33.37
C ASP H 128 -83.11 29.83 -32.66
N LEU H 129 -84.13 29.25 -33.29
CA LEU H 129 -84.76 28.04 -32.78
C LEU H 129 -85.07 27.09 -33.94
N VAL H 130 -84.33 26.00 -34.01
CA VAL H 130 -84.50 25.00 -35.06
C VAL H 130 -85.78 24.23 -34.80
N MET H 131 -86.66 24.22 -35.80
CA MET H 131 -87.98 23.59 -35.68
C MET H 131 -88.05 22.21 -36.35
N ASN H 132 -87.35 22.04 -37.45
CA ASN H 132 -87.47 20.82 -38.28
C ASN H 132 -86.90 19.56 -37.66
N HIS H 133 -85.76 19.67 -37.00
CA HIS H 133 -85.02 18.51 -36.53
C HIS H 133 -84.40 18.73 -35.16
N THR H 134 -84.20 17.64 -34.43
CA THR H 134 -83.44 17.66 -33.20
C THR H 134 -82.20 16.78 -33.39
N SER H 135 -81.27 16.88 -32.45
CA SER H 135 -80.09 16.01 -32.45
C SER H 135 -80.53 14.57 -32.19
N ASP H 136 -79.75 13.61 -32.69
CA ASP H 136 -80.03 12.20 -32.43
C ASP H 136 -79.76 11.80 -30.97
N GLN H 137 -79.16 12.73 -30.23
CA GLN H 137 -78.92 12.56 -28.80
C GLN H 137 -80.06 13.09 -27.93
N HIS H 138 -81.02 13.77 -28.55
CA HIS H 138 -82.16 14.29 -27.83
C HIS H 138 -82.89 13.11 -27.20
N GLU H 139 -83.33 13.30 -25.96
CA GLU H 139 -84.04 12.25 -25.22
C GLU H 139 -85.22 11.63 -26.01
N TRP H 140 -85.96 12.45 -26.74
CA TRP H 140 -87.06 12.01 -27.60
C TRP H 140 -86.62 10.93 -28.59
N PHE H 141 -85.56 11.21 -29.34
CA PHE H 141 -85.08 10.27 -30.36
C PHE H 141 -84.53 8.99 -29.75
N GLN H 142 -83.87 9.10 -28.60
CA GLN H 142 -83.40 7.92 -27.87
C GLN H 142 -84.56 7.07 -27.36
N GLU H 143 -85.67 7.73 -27.00
CA GLU H 143 -86.89 7.02 -26.61
C GLU H 143 -87.64 6.46 -27.82
N SER H 144 -87.54 7.13 -28.97
CA SER H 144 -88.21 6.67 -30.18
C SER H 144 -87.56 5.40 -30.73
N ARG H 145 -86.23 5.35 -30.70
CA ARG H 145 -85.48 4.21 -31.21
C ARG H 145 -85.51 3.01 -30.24
N HIS H 146 -85.40 3.28 -28.94
CA HIS H 146 -85.40 2.22 -27.92
C HIS H 146 -86.80 1.69 -27.59
N ASN H 147 -87.79 2.58 -27.57
CA ASN H 147 -89.18 2.22 -27.29
C ASN H 147 -90.08 2.61 -28.46
N PRO H 148 -90.09 1.80 -29.54
CA PRO H 148 -90.88 2.12 -30.73
C PRO H 148 -92.38 2.10 -30.49
N ASP H 149 -92.84 1.33 -29.50
CA ASP H 149 -94.25 1.29 -29.13
C ASP H 149 -94.56 2.22 -27.95
N GLY H 150 -93.55 2.96 -27.48
CA GLY H 150 -93.73 3.91 -26.40
C GLY H 150 -94.47 5.16 -26.85
N PRO H 151 -94.35 6.26 -26.08
CA PRO H 151 -95.04 7.50 -26.41
C PRO H 151 -94.27 8.40 -27.37
N TYR H 152 -93.05 8.01 -27.74
CA TYR H 152 -92.23 8.80 -28.66
C TYR H 152 -91.88 8.03 -29.94
N GLY H 153 -92.50 6.86 -30.12
CA GLY H 153 -92.26 6.04 -31.30
C GLY H 153 -92.59 6.72 -32.61
N ASP H 154 -93.55 7.66 -32.57
CA ASP H 154 -93.98 8.38 -33.76
C ASP H 154 -93.57 9.85 -33.75
N PHE H 155 -92.58 10.21 -32.91
CA PHE H 155 -92.06 11.57 -32.85
C PHE H 155 -91.15 11.89 -34.04
N TYR H 156 -90.60 10.85 -34.67
CA TYR H 156 -89.72 11.01 -35.82
C TYR H 156 -90.23 10.19 -36.99
N VAL H 157 -89.80 10.54 -38.20
CA VAL H 157 -90.33 9.91 -39.41
C VAL H 157 -89.58 8.60 -39.68
N TRP H 158 -90.21 7.48 -39.37
CA TRP H 158 -89.60 6.15 -39.57
C TRP H 158 -90.15 5.44 -40.81
N SER H 159 -89.36 4.50 -41.32
CA SER H 159 -89.74 3.73 -42.51
C SER H 159 -89.00 2.39 -42.56
N ASP H 160 -89.50 1.47 -43.36
CA ASP H 160 -88.87 0.15 -43.53
C ASP H 160 -87.97 0.12 -44.77
N PRO H 166 -88.97 10.40 -52.75
CA PRO H 166 -87.80 10.40 -53.62
C PRO H 166 -87.61 11.70 -54.41
N ASP H 167 -88.62 12.55 -54.45
CA ASP H 167 -88.54 13.83 -55.15
C ASP H 167 -87.73 14.87 -54.36
N ALA H 168 -87.66 14.70 -53.04
CA ALA H 168 -86.91 15.61 -52.18
C ALA H 168 -85.42 15.45 -52.42
N ARG H 169 -84.73 16.58 -52.53
CA ARG H 169 -83.28 16.58 -52.78
C ARG H 169 -82.51 16.41 -51.48
N ILE H 170 -81.25 15.99 -51.61
CA ILE H 170 -80.34 15.93 -50.48
C ILE H 170 -79.67 17.30 -50.36
N ILE H 171 -79.91 17.99 -49.25
CA ILE H 171 -79.40 19.36 -49.07
C ILE H 171 -77.88 19.32 -49.10
N PHE H 172 -77.28 18.52 -48.22
CA PHE H 172 -75.84 18.32 -48.21
C PHE H 172 -75.53 17.11 -49.08
N VAL H 173 -75.48 17.33 -50.39
CA VAL H 173 -75.34 16.26 -51.37
C VAL H 173 -73.93 15.65 -51.39
N ASP H 174 -72.96 16.34 -50.81
CA ASP H 174 -71.58 15.86 -50.76
C ASP H 174 -71.24 15.10 -49.48
N THR H 175 -72.07 15.26 -48.45
CA THR H 175 -71.85 14.57 -47.17
C THR H 175 -72.80 13.39 -47.00
N GLU H 176 -74.08 13.59 -47.30
CA GLU H 176 -75.10 12.55 -47.16
C GLU H 176 -75.43 11.91 -48.51
N GLU H 177 -75.46 10.58 -48.52
CA GLU H 177 -75.79 9.80 -49.73
C GLU H 177 -77.30 9.58 -49.87
N SER H 178 -78.02 9.75 -48.76
CA SER H 178 -79.46 9.56 -48.73
C SER H 178 -80.07 10.41 -47.62
N ASN H 179 -81.37 10.67 -47.76
CA ASN H 179 -82.13 11.34 -46.70
C ASN H 179 -82.72 10.34 -45.70
N TRP H 180 -82.52 9.05 -45.96
CA TRP H 180 -82.89 8.01 -45.02
C TRP H 180 -81.63 7.35 -44.48
N THR H 181 -81.54 7.24 -43.15
CA THR H 181 -80.41 6.58 -42.49
C THR H 181 -80.92 5.44 -41.62
N PHE H 182 -80.20 4.33 -41.62
CA PHE H 182 -80.62 3.12 -40.91
C PHE H 182 -80.17 3.12 -39.44
N ASP H 183 -81.13 3.11 -38.53
CA ASP H 183 -80.83 3.05 -37.09
C ASP H 183 -80.67 1.60 -36.65
N PRO H 184 -79.54 1.26 -36.01
CA PRO H 184 -79.28 -0.14 -35.62
C PRO H 184 -80.15 -0.64 -34.46
N VAL H 185 -80.52 0.24 -33.53
CA VAL H 185 -81.31 -0.14 -32.37
C VAL H 185 -82.77 -0.44 -32.77
N ARG H 186 -83.39 0.47 -33.50
CA ARG H 186 -84.78 0.29 -33.93
C ARG H 186 -84.90 -0.59 -35.17
N ARG H 187 -83.79 -0.78 -35.89
CA ARG H 187 -83.77 -1.59 -37.13
C ARG H 187 -84.66 -0.98 -38.22
N GLN H 188 -84.70 0.35 -38.29
CA GLN H 188 -85.51 1.07 -39.28
C GLN H 188 -84.79 2.31 -39.81
N PHE H 189 -85.26 2.81 -40.95
CA PHE H 189 -84.76 4.06 -41.52
C PHE H 189 -85.45 5.25 -40.89
N TYR H 190 -84.71 6.33 -40.66
CA TYR H 190 -85.30 7.59 -40.19
C TYR H 190 -84.96 8.75 -41.13
N TRP H 191 -85.92 9.64 -41.31
CA TRP H 191 -85.80 10.73 -42.28
C TRP H 191 -85.04 11.89 -41.65
N HIS H 192 -84.20 12.53 -42.47
CA HIS H 192 -83.49 13.73 -42.07
C HIS H 192 -83.08 14.52 -43.32
N ARG H 193 -83.48 15.79 -43.38
CA ARG H 193 -83.13 16.64 -44.51
C ARG H 193 -81.66 17.04 -44.41
N PHE H 194 -81.22 17.30 -43.18
CA PHE H 194 -79.88 17.75 -42.91
C PHE H 194 -78.97 16.54 -42.70
N PHE H 195 -78.07 16.59 -41.72
CA PHE H 195 -77.11 15.51 -41.50
C PHE H 195 -77.75 14.30 -40.83
N SER H 196 -77.08 13.16 -40.93
CA SER H 196 -77.62 11.88 -40.42
C SER H 196 -77.84 11.84 -38.92
N HIS H 197 -77.19 12.75 -38.19
CA HIS H 197 -77.35 12.84 -36.74
C HIS H 197 -78.37 13.92 -36.34
N GLN H 198 -79.15 14.40 -37.30
CA GLN H 198 -80.15 15.42 -37.06
C GLN H 198 -81.50 14.97 -37.62
N PRO H 199 -82.09 13.93 -36.99
CA PRO H 199 -83.34 13.35 -37.48
C PRO H 199 -84.49 14.34 -37.50
N ASP H 200 -85.32 14.26 -38.54
CA ASP H 200 -86.47 15.15 -38.70
C ASP H 200 -87.59 14.78 -37.75
N LEU H 201 -88.19 15.79 -37.12
CA LEU H 201 -89.37 15.59 -36.28
C LEU H 201 -90.56 15.30 -37.17
N ASN H 202 -91.41 14.38 -36.73
CA ASN H 202 -92.63 14.06 -37.44
C ASN H 202 -93.75 15.01 -37.04
N TYR H 203 -94.01 15.99 -37.90
CA TYR H 203 -95.02 17.00 -37.62
C TYR H 203 -96.44 16.55 -37.95
N ASP H 204 -96.59 15.34 -38.51
CA ASP H 204 -97.91 14.76 -38.70
C ASP H 204 -98.49 14.24 -37.39
N ASN H 205 -97.60 13.88 -36.45
CA ASN H 205 -98.02 13.53 -35.10
C ASN H 205 -98.49 14.78 -34.36
N PRO H 206 -99.76 14.81 -33.91
CA PRO H 206 -100.28 15.96 -33.18
C PRO H 206 -99.51 16.28 -31.89
N ALA H 207 -99.00 15.24 -31.23
CA ALA H 207 -98.22 15.41 -30.00
C ALA H 207 -96.92 16.18 -30.23
N VAL H 208 -96.32 15.99 -31.40
CA VAL H 208 -95.10 16.71 -31.79
C VAL H 208 -95.37 18.20 -31.95
N GLN H 209 -96.48 18.54 -32.59
CA GLN H 209 -96.88 19.93 -32.75
C GLN H 209 -97.09 20.63 -31.41
N GLU H 210 -97.70 19.92 -30.47
CA GLU H 210 -97.94 20.45 -29.12
C GLU H 210 -96.64 20.58 -28.33
N ALA H 211 -95.74 19.62 -28.50
CA ALA H 211 -94.45 19.64 -27.82
C ALA H 211 -93.62 20.87 -28.21
N MET H 212 -93.56 21.16 -29.51
CA MET H 212 -92.80 22.29 -30.02
C MET H 212 -93.43 23.64 -29.69
N LEU H 213 -94.76 23.66 -29.62
CA LEU H 213 -95.47 24.87 -29.18
C LEU H 213 -95.21 25.16 -27.70
N ASP H 214 -94.99 24.11 -26.91
CA ASP H 214 -94.63 24.25 -25.50
C ASP H 214 -93.19 24.72 -25.31
N VAL H 215 -92.32 24.38 -26.26
CA VAL H 215 -90.94 24.88 -26.29
C VAL H 215 -90.94 26.39 -26.51
N LEU H 216 -91.69 26.84 -27.50
CA LEU H 216 -91.89 28.27 -27.74
C LEU H 216 -92.40 28.97 -26.48
N ARG H 217 -93.46 28.40 -25.90
CA ARG H 217 -94.11 28.98 -24.71
C ARG H 217 -93.19 29.06 -23.49
N PHE H 218 -92.25 28.12 -23.38
CA PHE H 218 -91.29 28.13 -22.27
C PHE H 218 -90.44 29.40 -22.28
N TRP H 219 -89.75 29.65 -23.39
CA TRP H 219 -88.87 30.80 -23.49
C TRP H 219 -89.65 32.12 -23.53
N LEU H 220 -90.86 32.08 -24.10
CA LEU H 220 -91.75 33.26 -24.08
C LEU H 220 -92.24 33.60 -22.67
N ASP H 221 -92.45 32.57 -21.86
CA ASP H 221 -92.80 32.78 -20.44
C ASP H 221 -91.63 33.41 -19.68
N LEU H 222 -90.41 32.94 -19.95
CA LEU H 222 -89.20 33.55 -19.40
C LEU H 222 -89.06 35.02 -19.77
N GLY H 223 -89.67 35.40 -20.89
CA GLY H 223 -89.76 36.79 -21.32
C GLY H 223 -88.92 37.14 -22.54
N ILE H 224 -88.58 36.15 -23.35
CA ILE H 224 -87.83 36.40 -24.59
C ILE H 224 -88.72 37.17 -25.56
N ASP H 225 -88.09 37.99 -26.40
CA ASP H 225 -88.83 38.91 -27.26
C ASP H 225 -89.28 38.29 -28.58
N GLY H 226 -88.61 37.22 -29.01
CA GLY H 226 -89.01 36.54 -30.23
C GLY H 226 -88.11 35.39 -30.60
N PHE H 227 -88.36 34.82 -31.79
CA PHE H 227 -87.57 33.73 -32.32
C PHE H 227 -87.29 33.91 -33.79
N ARG H 228 -86.23 33.26 -34.26
CA ARG H 228 -86.02 33.03 -35.68
C ARG H 228 -86.20 31.54 -35.91
N LEU H 229 -87.31 31.19 -36.54
CA LEU H 229 -87.66 29.78 -36.77
C LEU H 229 -86.84 29.23 -37.94
N ASP H 230 -85.85 28.40 -37.61
CA ASP H 230 -84.93 27.87 -38.60
C ASP H 230 -85.43 26.59 -39.25
N ALA H 231 -85.12 26.44 -40.54
CA ALA H 231 -85.42 25.22 -41.31
C ALA H 231 -86.92 24.90 -41.40
N VAL H 232 -87.77 25.91 -41.32
CA VAL H 232 -89.22 25.70 -41.36
C VAL H 232 -89.79 25.21 -42.70
N PRO H 233 -89.12 25.48 -43.83
CA PRO H 233 -89.69 24.95 -45.08
C PRO H 233 -89.68 23.42 -45.20
N TYR H 234 -88.92 22.74 -44.34
CA TYR H 234 -88.75 21.31 -44.41
C TYR H 234 -89.56 20.51 -43.36
N LEU H 235 -90.44 21.18 -42.63
CA LEU H 235 -91.23 20.55 -41.57
C LEU H 235 -91.99 19.35 -42.10
N PHE H 236 -93.01 19.61 -42.93
CA PHE H 236 -93.88 18.55 -43.45
C PHE H 236 -93.29 17.92 -44.70
N GLU H 237 -93.55 16.62 -44.84
CA GLU H 237 -93.11 15.85 -46.00
C GLU H 237 -94.34 15.18 -46.63
N ARG H 238 -94.52 15.36 -47.93
CA ARG H 238 -95.64 14.73 -48.66
C ARG H 238 -95.15 14.07 -49.96
N GLU H 239 -95.79 12.96 -50.31
CA GLU H 239 -95.44 12.21 -51.53
C GLU H 239 -95.77 13.02 -52.78
N GLY H 240 -94.99 12.80 -53.83
CA GLY H 240 -95.19 13.50 -55.11
C GLY H 240 -94.78 14.97 -55.09
N THR H 241 -94.05 15.39 -54.06
CA THR H 241 -93.56 16.76 -53.95
C THR H 241 -92.14 16.76 -53.42
N ASN H 242 -91.45 17.88 -53.61
CA ASN H 242 -90.08 18.05 -53.11
C ASN H 242 -90.01 18.29 -51.60
N CYS H 243 -91.15 18.18 -50.91
CA CYS H 243 -91.23 18.31 -49.46
C CYS H 243 -90.71 19.68 -48.97
N GLU H 244 -91.04 20.72 -49.72
CA GLU H 244 -90.69 22.09 -49.38
C GLU H 244 -91.90 23.01 -49.52
N ASN H 245 -92.12 23.85 -48.50
CA ASN H 245 -93.17 24.87 -48.51
C ASN H 245 -94.57 24.30 -48.70
N LEU H 246 -94.82 23.12 -48.14
CA LEU H 246 -96.12 22.47 -48.28
C LEU H 246 -97.18 23.22 -47.46
N PRO H 247 -98.45 23.19 -47.91
CA PRO H 247 -99.54 23.91 -47.22
C PRO H 247 -99.61 23.65 -45.71
N GLU H 248 -99.46 22.40 -45.31
CA GLU H 248 -99.49 22.01 -43.89
C GLU H 248 -98.36 22.65 -43.06
N THR H 249 -97.22 22.88 -43.69
CA THR H 249 -96.11 23.61 -43.06
C THR H 249 -96.55 25.02 -42.69
N HIS H 250 -97.09 25.75 -43.65
CA HIS H 250 -97.62 27.09 -43.42
C HIS H 250 -98.73 27.08 -42.36
N ALA H 251 -99.58 26.06 -42.40
CA ALA H 251 -100.69 25.93 -41.47
C ALA H 251 -100.22 25.85 -40.01
N PHE H 252 -99.11 25.15 -39.79
CA PHE H 252 -98.52 25.07 -38.46
C PHE H 252 -97.97 26.41 -38.01
N LEU H 253 -97.30 27.12 -38.91
CA LEU H 253 -96.76 28.45 -38.61
C LEU H 253 -97.87 29.43 -38.21
N LYS H 254 -99.04 29.28 -38.80
CA LYS H 254 -100.19 30.11 -38.46
C LYS H 254 -100.60 29.93 -37.00
N ARG H 255 -100.47 28.70 -36.50
CA ARG H 255 -100.73 28.41 -35.09
C ARG H 255 -99.74 29.13 -34.17
N CYS H 256 -98.47 29.10 -34.55
CA CYS H 256 -97.42 29.78 -33.79
C CYS H 256 -97.67 31.28 -33.68
N ARG H 257 -98.11 31.88 -34.79
CA ARG H 257 -98.47 33.30 -34.80
C ARG H 257 -99.66 33.57 -33.89
N LYS H 258 -100.70 32.75 -34.00
CA LYS H 258 -101.89 32.88 -33.16
C LYS H 258 -101.51 32.77 -31.68
N ALA H 259 -100.67 31.80 -31.34
CA ALA H 259 -100.18 31.61 -29.97
C ALA H 259 -99.41 32.83 -29.46
N ILE H 260 -98.66 33.48 -30.34
CA ILE H 260 -97.98 34.73 -30.01
C ILE H 260 -98.99 35.86 -29.78
N ASP H 261 -99.85 36.08 -30.78
CA ASP H 261 -100.83 37.19 -30.72
C ASP H 261 -101.80 37.05 -29.54
N ASP H 262 -102.20 35.82 -29.22
CA ASP H 262 -103.17 35.58 -28.15
C ASP H 262 -102.57 35.66 -26.74
N GLU H 263 -101.38 35.08 -26.56
CA GLU H 263 -100.77 34.94 -25.23
C GLU H 263 -99.74 36.02 -24.90
N TYR H 264 -98.93 36.41 -25.88
CA TYR H 264 -97.86 37.37 -25.67
C TYR H 264 -97.85 38.43 -26.79
N PRO H 265 -98.72 39.44 -26.68
CA PRO H 265 -98.71 40.49 -27.70
C PRO H 265 -97.39 41.27 -27.70
N GLY H 266 -96.92 41.63 -28.89
CA GLY H 266 -95.71 42.44 -29.04
C GLY H 266 -94.43 41.63 -29.17
N ARG H 267 -94.54 40.32 -29.40
CA ARG H 267 -93.38 39.47 -29.66
C ARG H 267 -93.27 39.24 -31.16
N VAL H 268 -92.12 38.73 -31.61
CA VAL H 268 -91.84 38.61 -33.04
C VAL H 268 -91.47 37.19 -33.45
N LEU H 269 -91.76 36.84 -34.71
CA LEU H 269 -91.44 35.53 -35.29
C LEU H 269 -90.75 35.74 -36.64
N LEU H 270 -89.44 35.52 -36.66
CA LEU H 270 -88.66 35.61 -37.90
C LEU H 270 -88.59 34.27 -38.60
N ALA H 271 -88.70 34.28 -39.93
CA ALA H 271 -88.64 33.06 -40.72
C ALA H 271 -87.35 32.97 -41.51
N GLU H 272 -86.49 32.03 -41.13
CA GLU H 272 -85.34 31.70 -41.93
C GLU H 272 -85.82 30.80 -43.07
N ALA H 273 -86.10 31.42 -44.20
CA ALA H 273 -86.44 30.71 -45.42
C ALA H 273 -85.48 31.17 -46.50
N ASN H 274 -84.60 30.26 -46.93
CA ASN H 274 -83.55 30.61 -47.88
C ASN H 274 -84.03 30.40 -49.31
N GLN H 275 -84.98 31.23 -49.74
CA GLN H 275 -85.60 31.10 -51.06
C GLN H 275 -85.74 32.45 -51.74
N TRP H 276 -86.09 32.41 -53.02
CA TRP H 276 -86.27 33.62 -53.81
C TRP H 276 -87.42 34.43 -53.21
N PRO H 277 -87.28 35.77 -53.20
CA PRO H 277 -88.30 36.69 -52.66
C PRO H 277 -89.75 36.35 -53.01
N ALA H 278 -90.00 35.97 -54.27
CA ALA H 278 -91.35 35.64 -54.71
C ALA H 278 -91.93 34.42 -54.00
N ASP H 279 -91.06 33.58 -53.41
CA ASP H 279 -91.50 32.39 -52.66
C ASP H 279 -91.70 32.67 -51.18
N VAL H 280 -90.78 33.42 -50.58
CA VAL H 280 -90.82 33.67 -49.13
C VAL H 280 -91.97 34.58 -48.70
N VAL H 281 -92.53 35.34 -49.63
CA VAL H 281 -93.71 36.17 -49.34
C VAL H 281 -94.91 35.38 -48.81
N ALA H 282 -94.94 34.08 -49.13
CA ALA H 282 -95.97 33.18 -48.59
C ALA H 282 -95.83 32.94 -47.09
N TYR H 283 -94.62 33.15 -46.56
CA TYR H 283 -94.37 32.94 -45.13
C TYR H 283 -94.83 34.10 -44.23
N PHE H 284 -95.24 35.21 -44.83
CA PHE H 284 -95.89 36.29 -44.09
C PHE H 284 -97.36 35.99 -43.84
N GLY H 285 -97.92 35.11 -44.67
CA GLY H 285 -99.28 34.60 -44.47
C GLY H 285 -100.30 35.25 -45.39
N ASP H 286 -101.56 34.90 -45.17
CA ASP H 286 -102.68 35.45 -45.92
C ASP H 286 -102.69 36.98 -45.83
N PRO H 287 -102.55 37.67 -46.99
CA PRO H 287 -102.48 39.14 -46.97
C PRO H 287 -103.83 39.82 -46.69
N ASP H 288 -104.93 39.08 -46.83
CA ASP H 288 -106.25 39.61 -46.51
C ASP H 288 -106.36 40.01 -45.04
N THR H 289 -105.83 39.16 -44.16
CA THR H 289 -105.80 39.44 -42.72
C THR H 289 -104.64 40.34 -42.31
N GLY H 290 -103.81 40.73 -43.27
CA GLY H 290 -102.65 41.59 -43.01
C GLY H 290 -101.50 40.84 -42.38
N GLY H 291 -101.49 39.51 -42.56
CA GLY H 291 -100.46 38.64 -41.99
C GLY H 291 -101.02 37.76 -40.89
N ASP H 292 -100.76 36.46 -41.00
CA ASP H 292 -101.12 35.51 -39.96
C ASP H 292 -100.09 34.37 -39.79
N GLU H 293 -98.88 34.57 -40.31
CA GLU H 293 -97.78 33.62 -40.11
C GLU H 293 -96.61 34.35 -39.46
N CYS H 294 -95.53 34.57 -40.19
CA CYS H 294 -94.36 35.22 -39.62
C CYS H 294 -94.45 36.73 -39.79
N HIS H 295 -93.84 37.45 -38.85
CA HIS H 295 -93.77 38.91 -38.92
C HIS H 295 -92.66 39.33 -39.87
N MET H 296 -91.55 38.62 -39.85
CA MET H 296 -90.40 38.92 -40.69
C MET H 296 -89.88 37.70 -41.43
N ALA H 297 -89.36 37.92 -42.63
CA ALA H 297 -88.58 36.94 -43.35
C ALA H 297 -87.37 37.66 -43.91
N PHE H 298 -86.35 36.93 -44.32
CA PHE H 298 -85.13 37.56 -44.81
C PHE H 298 -85.09 37.66 -46.33
N HIS H 299 -84.79 38.88 -46.79
CA HIS H 299 -84.57 39.13 -48.21
C HIS H 299 -83.12 38.76 -48.53
N PHE H 300 -82.93 37.49 -48.89
CA PHE H 300 -81.59 36.89 -48.96
C PHE H 300 -80.70 37.34 -50.12
N PRO H 301 -81.26 37.53 -51.32
CA PRO H 301 -80.39 37.84 -52.46
C PRO H 301 -80.03 39.33 -52.59
N LEU H 302 -80.39 40.17 -51.62
CA LEU H 302 -80.06 41.59 -51.68
C LEU H 302 -78.56 41.82 -51.74
N MET H 303 -77.83 41.22 -50.81
CA MET H 303 -76.38 41.44 -50.71
C MET H 303 -75.62 40.97 -51.97
N PRO H 304 -75.88 39.74 -52.44
CA PRO H 304 -75.24 39.32 -53.69
C PRO H 304 -75.47 40.28 -54.84
N ARG H 305 -76.66 40.87 -54.90
CA ARG H 305 -76.98 41.85 -55.94
C ARG H 305 -76.26 43.16 -55.71
N ILE H 306 -76.29 43.68 -54.48
CA ILE H 306 -75.56 44.91 -54.14
C ILE H 306 -74.09 44.71 -54.47
N PHE H 307 -73.54 43.56 -54.11
CA PHE H 307 -72.14 43.23 -54.35
C PHE H 307 -71.82 43.30 -55.85
N MET H 308 -72.58 42.56 -56.66
CA MET H 308 -72.38 42.55 -58.11
C MET H 308 -72.65 43.90 -58.75
N ALA H 309 -73.54 44.68 -58.14
CA ALA H 309 -73.83 46.03 -58.62
C ALA H 309 -72.61 46.95 -58.51
N VAL H 310 -71.90 46.85 -57.39
CA VAL H 310 -70.67 47.64 -57.20
C VAL H 310 -69.56 47.12 -58.11
N ARG H 311 -69.55 45.80 -58.34
CA ARG H 311 -68.59 45.18 -59.26
C ARG H 311 -68.75 45.75 -60.66
N ARG H 312 -69.99 45.77 -61.15
CA ARG H 312 -70.31 46.26 -62.49
C ARG H 312 -70.25 47.79 -62.59
N GLU H 313 -70.37 48.45 -61.44
CA GLU H 313 -70.53 49.91 -61.37
C GLU H 313 -71.81 50.31 -62.07
N SER H 314 -72.84 49.49 -61.89
CA SER H 314 -74.16 49.71 -62.47
C SER H 314 -75.20 49.51 -61.38
N ARG H 315 -76.23 50.37 -61.38
CA ARG H 315 -77.24 50.33 -60.34
C ARG H 315 -78.23 49.19 -60.50
N PHE H 316 -78.31 48.62 -61.70
CA PHE H 316 -79.46 47.82 -62.10
C PHE H 316 -79.63 46.46 -61.41
N PRO H 317 -78.52 45.78 -61.08
CA PRO H 317 -78.70 44.56 -60.30
C PRO H 317 -79.38 44.78 -58.94
N ILE H 318 -79.22 45.97 -58.35
CA ILE H 318 -79.97 46.34 -57.15
C ILE H 318 -81.42 46.67 -57.52
N SER H 319 -81.59 47.55 -58.49
CA SER H 319 -82.92 47.97 -58.96
C SER H 319 -83.83 46.80 -59.29
N GLU H 320 -83.26 45.77 -59.92
CA GLU H 320 -84.03 44.65 -60.45
C GLU H 320 -84.74 43.85 -59.34
N ILE H 321 -83.99 43.38 -58.35
CA ILE H 321 -84.61 42.62 -57.24
C ILE H 321 -85.54 43.47 -56.38
N LEU H 322 -85.28 44.77 -56.28
CA LEU H 322 -86.20 45.66 -55.58
C LEU H 322 -87.52 45.83 -56.34
N ALA H 323 -87.43 45.86 -57.67
CA ALA H 323 -88.61 45.91 -58.53
C ALA H 323 -89.36 44.58 -58.56
N GLN H 324 -88.62 43.48 -58.51
CA GLN H 324 -89.20 42.14 -58.62
C GLN H 324 -89.62 41.55 -57.26
N THR H 325 -89.45 42.30 -56.18
CA THR H 325 -89.91 41.86 -54.88
C THR H 325 -91.41 42.17 -54.73
N PRO H 326 -92.23 41.12 -54.49
CA PRO H 326 -93.66 41.35 -54.32
C PRO H 326 -94.00 42.10 -53.04
N PRO H 327 -95.14 42.80 -53.00
CA PRO H 327 -95.55 43.50 -51.80
C PRO H 327 -95.91 42.54 -50.66
N ILE H 328 -95.65 42.95 -49.43
CA ILE H 328 -95.87 42.12 -48.25
C ILE H 328 -96.97 42.71 -47.37
N PRO H 329 -97.54 41.90 -46.47
CA PRO H 329 -98.62 42.38 -45.57
C PRO H 329 -98.26 43.59 -44.71
N ASP H 330 -99.28 44.17 -44.08
CA ASP H 330 -99.15 45.43 -43.33
C ASP H 330 -98.28 45.26 -42.07
N THR H 331 -98.52 44.18 -41.33
CA THR H 331 -97.72 43.84 -40.17
C THR H 331 -96.29 43.49 -40.55
N ALA H 332 -96.14 42.87 -41.72
CA ALA H 332 -94.88 42.28 -42.16
C ALA H 332 -93.76 43.30 -42.36
N GLN H 333 -92.53 42.80 -42.25
CA GLN H 333 -91.33 43.61 -42.49
C GLN H 333 -90.21 42.72 -43.02
N TRP H 334 -89.52 43.19 -44.04
CA TRP H 334 -88.36 42.46 -44.57
C TRP H 334 -87.19 42.56 -43.61
N GLY H 335 -86.36 41.52 -43.60
CA GLY H 335 -85.11 41.54 -42.85
C GLY H 335 -83.99 41.49 -43.87
N ILE H 336 -82.99 42.37 -43.71
CA ILE H 336 -81.85 42.39 -44.63
C ILE H 336 -80.54 42.43 -43.88
N PHE H 337 -79.55 41.70 -44.40
CA PHE H 337 -78.19 41.75 -43.88
C PHE H 337 -77.17 41.68 -45.01
N LEU H 338 -75.91 42.00 -44.70
CA LEU H 338 -74.84 42.10 -45.70
C LEU H 338 -74.00 40.82 -45.79
N ARG H 339 -74.65 39.69 -46.10
CA ARG H 339 -73.94 38.43 -46.32
C ARG H 339 -74.48 37.68 -47.53
N ASN H 340 -73.63 36.84 -48.11
CA ASN H 340 -73.97 36.10 -49.32
C ASN H 340 -74.50 34.68 -49.06
N HIS H 341 -74.31 34.14 -47.86
CA HIS H 341 -74.74 32.77 -47.57
C HIS H 341 -75.60 32.63 -46.32
N ASP H 342 -76.49 31.67 -46.38
CA ASP H 342 -77.34 31.32 -45.27
C ASP H 342 -76.52 30.51 -44.27
N GLU H 343 -76.44 30.96 -43.02
CA GLU H 343 -75.65 30.27 -41.97
C GLU H 343 -76.07 28.81 -41.68
N LEU H 344 -77.32 28.46 -42.00
CA LEU H 344 -77.81 27.09 -41.80
C LEU H 344 -77.22 26.10 -42.80
N THR H 345 -77.42 26.38 -44.08
CA THR H 345 -77.04 25.46 -45.16
C THR H 345 -75.74 25.85 -45.86
N LEU H 346 -75.24 27.06 -45.58
CA LEU H 346 -74.09 27.63 -46.30
C LEU H 346 -74.31 27.67 -47.81
N GLU H 347 -75.54 27.98 -48.21
CA GLU H 347 -75.90 28.10 -49.62
C GLU H 347 -76.31 29.54 -49.92
N MET H 348 -75.87 30.05 -51.06
CA MET H 348 -76.33 31.35 -51.53
C MET H 348 -77.62 31.12 -52.30
N VAL H 349 -78.66 31.84 -51.92
CA VAL H 349 -79.95 31.73 -52.60
C VAL H 349 -79.83 32.11 -54.07
N THR H 350 -80.47 31.32 -54.92
CA THR H 350 -80.58 31.63 -56.34
C THR H 350 -81.70 30.81 -56.99
N ASP H 351 -82.35 31.40 -57.98
CA ASP H 351 -83.39 30.75 -58.74
C ASP H 351 -82.94 30.74 -60.19
N GLU H 352 -82.80 29.55 -60.77
CA GLU H 352 -82.30 29.42 -62.13
C GLU H 352 -83.12 30.22 -63.15
N GLU H 353 -84.44 30.25 -62.96
CA GLU H 353 -85.34 30.99 -63.87
C GLU H 353 -85.42 32.47 -63.50
N ARG H 354 -85.83 32.76 -62.27
CA ARG H 354 -86.18 34.13 -61.86
C ARG H 354 -84.99 35.04 -61.54
N ASP H 355 -83.80 34.47 -61.36
CA ASP H 355 -82.57 35.27 -61.17
C ASP H 355 -81.88 35.41 -62.52
N TYR H 356 -81.74 36.64 -63.00
CA TYR H 356 -81.07 36.89 -64.27
C TYR H 356 -79.55 36.90 -64.10
N MET H 357 -79.11 37.10 -62.86
CA MET H 357 -77.68 37.06 -62.52
C MET H 357 -77.20 35.62 -62.24
N TYR H 358 -78.05 34.63 -62.53
CA TYR H 358 -77.77 33.23 -62.18
C TYR H 358 -76.38 32.75 -62.60
N ALA H 359 -76.10 32.79 -63.89
CA ALA H 359 -74.80 32.35 -64.42
C ALA H 359 -73.68 33.35 -64.10
N GLU H 360 -74.05 34.60 -63.89
CA GLU H 360 -73.09 35.70 -63.71
C GLU H 360 -72.17 35.54 -62.49
N TYR H 361 -72.71 35.04 -61.38
CA TYR H 361 -71.96 34.98 -60.11
C TYR H 361 -70.72 34.10 -60.20
N ALA H 362 -70.90 32.87 -60.68
CA ALA H 362 -69.82 31.90 -60.81
C ALA H 362 -68.67 32.42 -61.68
N LYS H 363 -69.00 33.27 -62.65
CA LYS H 363 -68.00 33.85 -63.55
C LYS H 363 -67.17 34.95 -62.91
N ASP H 364 -67.70 35.59 -61.87
CA ASP H 364 -66.95 36.62 -61.14
C ASP H 364 -65.86 35.98 -60.26
N PRO H 365 -64.61 36.45 -60.37
CA PRO H 365 -63.49 35.86 -59.62
C PRO H 365 -63.63 36.01 -58.10
N ARG H 366 -64.17 37.14 -57.66
CA ARG H 366 -64.33 37.43 -56.24
C ARG H 366 -65.41 36.57 -55.60
N MET H 367 -66.56 36.48 -56.28
CA MET H 367 -67.67 35.65 -55.84
C MET H 367 -67.28 34.18 -55.80
N LYS H 368 -66.55 33.75 -56.84
CA LYS H 368 -66.14 32.36 -57.02
C LYS H 368 -65.24 31.87 -55.88
N ALA H 369 -64.46 32.79 -55.32
CA ALA H 369 -63.49 32.47 -54.28
C ALA H 369 -64.11 32.08 -52.95
N ASN H 370 -65.27 32.67 -52.64
CA ASN H 370 -65.88 32.50 -51.33
C ASN H 370 -67.16 31.66 -51.34
N VAL H 371 -67.33 30.85 -52.37
CA VAL H 371 -68.53 30.02 -52.48
C VAL H 371 -68.56 29.04 -51.32
N GLY H 372 -69.64 29.10 -50.55
CA GLY H 372 -69.88 28.19 -49.44
C GLY H 372 -69.22 28.56 -48.13
N ILE H 373 -68.64 29.76 -48.04
CA ILE H 373 -67.94 30.21 -46.84
C ILE H 373 -68.49 31.54 -46.36
N ARG H 374 -68.81 31.62 -45.07
CA ARG H 374 -69.22 32.88 -44.47
C ARG H 374 -68.00 33.80 -44.39
N ARG H 375 -68.16 35.03 -44.86
CA ARG H 375 -67.10 36.05 -44.77
C ARG H 375 -67.67 37.31 -44.16
N ARG H 376 -66.84 38.03 -43.44
CA ARG H 376 -67.24 39.31 -42.90
C ARG H 376 -67.23 40.39 -43.94
N LEU H 377 -67.83 41.52 -43.58
CA LEU H 377 -67.98 42.64 -44.47
C LEU H 377 -66.63 43.19 -44.91
N ALA H 378 -65.71 43.35 -43.97
CA ALA H 378 -64.41 43.93 -44.27
C ALA H 378 -63.60 43.10 -45.28
N PRO H 379 -63.43 41.79 -45.05
CA PRO H 379 -62.76 40.98 -46.07
C PRO H 379 -63.51 40.88 -47.38
N LEU H 380 -64.83 40.80 -47.33
CA LEU H 380 -65.64 40.74 -48.55
C LEU H 380 -65.36 41.91 -49.51
N LEU H 381 -65.06 43.07 -48.94
CA LEU H 381 -64.78 44.27 -49.71
C LEU H 381 -63.28 44.61 -49.71
N GLU H 382 -62.44 43.61 -49.42
CA GLU H 382 -60.99 43.77 -49.43
C GLU H 382 -60.52 44.93 -48.56
N ASN H 383 -61.18 45.08 -47.41
CA ASN H 383 -60.85 46.10 -46.41
C ASN H 383 -60.91 47.55 -46.89
N ASP H 384 -61.61 47.78 -48.00
CA ASP H 384 -61.76 49.12 -48.53
C ASP H 384 -62.73 49.90 -47.66
N ARG H 385 -62.21 50.88 -46.93
CA ARG H 385 -63.01 51.64 -45.97
C ARG H 385 -64.16 52.38 -46.62
N ASN H 386 -63.91 52.97 -47.79
CA ASN H 386 -64.94 53.70 -48.50
C ASN H 386 -66.10 52.79 -48.93
N GLN H 387 -65.77 51.55 -49.31
CA GLN H 387 -66.80 50.55 -49.67
C GLN H 387 -67.58 50.09 -48.45
N ILE H 388 -66.86 49.79 -47.36
CA ILE H 388 -67.47 49.36 -46.12
C ILE H 388 -68.53 50.36 -45.70
N GLU H 389 -68.23 51.65 -45.86
CA GLU H 389 -69.18 52.71 -45.57
C GLU H 389 -70.39 52.68 -46.51
N LEU H 390 -70.13 52.52 -47.81
CA LEU H 390 -71.20 52.49 -48.82
C LEU H 390 -72.19 51.36 -48.57
N PHE H 391 -71.67 50.14 -48.38
CA PHE H 391 -72.51 48.97 -48.13
C PHE H 391 -73.30 49.11 -46.84
N THR H 392 -72.67 49.66 -45.81
CA THR H 392 -73.36 49.94 -44.56
C THR H 392 -74.43 51.01 -44.78
N ALA H 393 -74.09 52.04 -45.55
CA ALA H 393 -75.03 53.11 -45.87
C ALA H 393 -76.27 52.59 -46.60
N LEU H 394 -76.08 51.62 -47.49
CA LEU H 394 -77.19 51.01 -48.21
C LEU H 394 -78.04 50.14 -47.29
N LEU H 395 -77.38 49.37 -46.43
CA LEU H 395 -78.06 48.50 -45.48
C LEU H 395 -79.02 49.28 -44.60
N LEU H 396 -78.59 50.44 -44.14
CA LEU H 396 -79.38 51.24 -43.20
C LEU H 396 -80.48 52.06 -43.88
N SER H 397 -80.36 52.34 -45.17
CA SER H 397 -81.32 53.19 -45.89
C SER H 397 -82.29 52.43 -46.80
N LEU H 398 -82.00 51.16 -47.10
CA LEU H 398 -82.88 50.35 -47.93
C LEU H 398 -84.05 49.80 -47.11
N PRO H 399 -85.18 49.49 -47.77
CA PRO H 399 -86.40 49.02 -47.08
C PRO H 399 -86.19 47.74 -46.29
N GLY H 400 -86.78 47.68 -45.10
CA GLY H 400 -86.68 46.51 -44.23
C GLY H 400 -85.78 46.78 -43.04
N SER H 401 -85.86 45.90 -42.05
CA SER H 401 -85.06 46.04 -40.83
C SER H 401 -83.70 45.38 -40.99
N PRO H 402 -82.61 46.13 -40.72
CA PRO H 402 -81.25 45.65 -40.95
C PRO H 402 -80.69 44.83 -39.79
N VAL H 403 -79.81 43.88 -40.12
CA VAL H 403 -79.10 43.09 -39.13
C VAL H 403 -77.59 43.31 -39.26
N LEU H 404 -76.97 43.82 -38.21
CA LEU H 404 -75.52 43.94 -38.14
C LEU H 404 -74.94 42.66 -37.54
N TYR H 405 -73.79 42.23 -38.05
CA TYR H 405 -73.07 41.08 -37.50
C TYR H 405 -71.96 41.58 -36.60
N TYR H 406 -71.82 40.96 -35.44
CA TYR H 406 -70.86 41.44 -34.43
C TYR H 406 -69.44 41.52 -34.96
N GLY H 407 -68.75 42.58 -34.57
CA GLY H 407 -67.38 42.81 -35.01
C GLY H 407 -67.25 43.54 -36.33
N ASP H 408 -68.33 43.61 -37.11
CA ASP H 408 -68.29 44.34 -38.37
C ASP H 408 -68.23 45.85 -38.13
N GLU H 409 -68.65 46.30 -36.96
CA GLU H 409 -68.61 47.72 -36.62
C GLU H 409 -67.17 48.25 -36.50
N ILE H 410 -66.24 47.38 -36.10
CA ILE H 410 -64.81 47.75 -36.02
C ILE H 410 -64.00 47.18 -37.19
N GLY H 411 -64.69 46.55 -38.13
CA GLY H 411 -64.04 46.03 -39.33
C GLY H 411 -63.12 44.88 -39.04
N MET H 412 -63.62 43.90 -38.28
CA MET H 412 -62.89 42.67 -38.01
C MET H 412 -62.86 41.85 -39.28
N GLY H 413 -61.90 40.93 -39.35
CA GLY H 413 -61.78 40.00 -40.46
C GLY H 413 -62.28 38.62 -40.13
N ASP H 414 -61.82 37.64 -40.89
CA ASP H 414 -62.14 36.25 -40.62
C ASP H 414 -60.95 35.35 -40.86
N ILE H 415 -61.06 34.12 -40.35
CA ILE H 415 -60.06 33.09 -40.56
C ILE H 415 -60.78 31.94 -41.25
N ILE H 416 -60.65 31.89 -42.57
CA ILE H 416 -61.37 30.91 -43.39
C ILE H 416 -61.04 29.44 -43.08
N TRP H 417 -59.82 29.19 -42.63
CA TRP H 417 -59.32 27.83 -42.45
C TRP H 417 -59.93 27.13 -41.25
N LEU H 418 -60.57 27.88 -40.36
CA LEU H 418 -61.22 27.30 -39.18
C LEU H 418 -62.49 26.53 -39.52
N GLY H 419 -63.06 26.79 -40.71
CA GLY H 419 -64.30 26.15 -41.13
C GLY H 419 -65.20 27.13 -41.84
N ASP H 420 -66.07 26.61 -42.70
CA ASP H 420 -66.91 27.45 -43.54
C ASP H 420 -67.89 28.34 -42.77
N ARG H 421 -68.23 27.93 -41.56
CA ARG H 421 -69.12 28.71 -40.70
C ARG H 421 -68.37 29.31 -39.51
N ASP H 422 -67.35 28.62 -39.00
CA ASP H 422 -66.55 29.13 -37.88
C ASP H 422 -65.71 30.34 -38.28
N SER H 423 -65.39 30.46 -39.58
CA SER H 423 -64.64 31.59 -40.12
C SER H 423 -65.04 32.95 -39.52
N VAL H 424 -66.34 33.15 -39.31
CA VAL H 424 -66.85 34.44 -38.83
C VAL H 424 -67.21 34.39 -37.35
N ARG H 425 -66.70 33.39 -36.64
CA ARG H 425 -67.10 33.17 -35.24
C ARG H 425 -65.92 33.18 -34.29
N THR H 426 -64.87 33.91 -34.66
CA THR H 426 -63.71 34.10 -33.81
C THR H 426 -64.07 35.02 -32.65
N PRO H 427 -63.18 35.14 -31.63
CA PRO H 427 -63.53 36.02 -30.51
C PRO H 427 -63.60 37.50 -30.88
N MET H 428 -64.49 38.21 -30.20
CA MET H 428 -64.64 39.65 -30.36
C MET H 428 -63.38 40.31 -29.85
N GLN H 429 -62.81 41.19 -30.66
CA GLN H 429 -61.52 41.80 -30.36
C GLN H 429 -61.70 43.10 -29.59
N TRP H 430 -61.59 43.03 -28.26
CA TRP H 430 -61.88 44.16 -27.38
C TRP H 430 -60.70 45.10 -27.19
N THR H 431 -59.52 44.54 -26.97
CA THR H 431 -58.30 45.31 -26.75
C THR H 431 -57.14 44.65 -27.49
N PRO H 432 -56.00 45.34 -27.58
CA PRO H 432 -54.79 44.69 -28.11
C PRO H 432 -54.06 43.87 -27.06
N ASP H 433 -54.71 43.57 -25.93
CA ASP H 433 -54.10 42.79 -24.86
C ASP H 433 -54.16 41.31 -25.23
N ARG H 434 -53.52 40.49 -24.42
CA ARG H 434 -53.56 39.03 -24.57
C ARG H 434 -54.98 38.54 -24.83
N ASN H 435 -55.13 37.65 -25.81
CA ASN H 435 -56.43 37.11 -26.24
C ASN H 435 -57.41 38.18 -26.69
N ALA H 436 -56.89 39.30 -27.18
CA ALA H 436 -57.72 40.41 -27.63
C ALA H 436 -58.69 40.92 -26.56
N GLY H 437 -58.37 40.69 -25.29
CA GLY H 437 -59.23 41.11 -24.18
C GLY H 437 -60.53 40.32 -24.07
N PHE H 438 -60.56 39.14 -24.68
CA PHE H 438 -61.76 38.31 -24.69
C PHE H 438 -61.83 37.41 -23.48
N SER H 439 -60.68 36.90 -23.05
CA SER H 439 -60.61 35.99 -21.92
C SER H 439 -59.30 36.10 -21.17
N LYS H 440 -59.33 35.69 -19.91
CA LYS H 440 -58.14 35.66 -19.06
C LYS H 440 -57.42 34.33 -19.20
N ALA H 441 -58.11 33.32 -19.75
CA ALA H 441 -57.56 31.97 -19.86
C ALA H 441 -56.32 31.95 -20.74
N THR H 442 -55.53 30.89 -20.61
CA THR H 442 -54.33 30.73 -21.45
C THR H 442 -54.76 30.57 -22.90
N PRO H 443 -53.94 31.05 -23.85
CA PRO H 443 -54.35 31.08 -25.25
C PRO H 443 -54.79 29.73 -25.82
N GLY H 444 -54.19 28.65 -25.32
CA GLY H 444 -54.57 27.31 -25.75
C GLY H 444 -56.00 26.92 -25.42
N ARG H 445 -56.53 27.43 -24.32
CA ARG H 445 -57.88 27.09 -23.86
C ARG H 445 -58.99 27.70 -24.70
N LEU H 446 -58.69 28.79 -25.43
CA LEU H 446 -59.70 29.51 -26.19
C LEU H 446 -60.44 28.59 -27.16
N TYR H 447 -61.76 28.76 -27.23
CA TYR H 447 -62.59 27.96 -28.13
C TYR H 447 -62.19 28.15 -29.60
N LEU H 448 -61.76 29.36 -29.94
CA LEU H 448 -61.20 29.66 -31.25
C LEU H 448 -60.14 30.76 -31.08
N PRO H 449 -59.10 30.74 -31.92
CA PRO H 449 -58.06 31.73 -31.76
C PRO H 449 -58.46 33.07 -32.36
N PRO H 450 -58.02 34.17 -31.75
CA PRO H 450 -58.27 35.49 -32.33
C PRO H 450 -57.47 35.71 -33.60
N ASN H 451 -57.91 36.68 -34.41
CA ASN H 451 -57.22 37.05 -35.64
C ASN H 451 -55.84 37.60 -35.34
N GLN H 452 -54.82 37.11 -36.04
CA GLN H 452 -53.46 37.51 -35.73
C GLN H 452 -52.67 38.02 -36.93
N ASP H 453 -53.31 38.18 -38.09
CA ASP H 453 -52.59 38.66 -39.27
C ASP H 453 -52.38 40.18 -39.23
N ALA H 454 -51.52 40.68 -40.10
CA ALA H 454 -51.10 42.07 -40.07
C ALA H 454 -52.24 43.06 -40.35
N VAL H 455 -53.32 42.57 -40.97
CA VAL H 455 -54.40 43.43 -41.45
C VAL H 455 -55.59 43.49 -40.49
N TYR H 456 -56.14 42.33 -40.15
CA TYR H 456 -57.32 42.24 -39.28
C TYR H 456 -56.97 41.74 -37.88
N GLY H 457 -55.69 41.75 -37.54
CA GLY H 457 -55.22 41.24 -36.26
C GLY H 457 -55.68 42.06 -35.08
N TYR H 458 -55.76 41.41 -33.92
CA TYR H 458 -56.24 42.09 -32.72
C TYR H 458 -55.26 43.14 -32.21
N HIS H 459 -54.01 43.09 -32.68
CA HIS H 459 -53.06 44.15 -32.36
C HIS H 459 -53.43 45.46 -33.05
N SER H 460 -54.08 45.35 -34.21
CA SER H 460 -54.43 46.52 -35.01
C SER H 460 -55.92 46.80 -35.15
N VAL H 461 -56.75 45.80 -34.89
CA VAL H 461 -58.20 45.96 -35.01
C VAL H 461 -58.87 45.55 -33.71
N ASN H 462 -59.29 46.54 -32.93
CA ASN H 462 -60.01 46.27 -31.69
C ASN H 462 -60.83 47.47 -31.25
N VAL H 463 -61.75 47.24 -30.33
CA VAL H 463 -62.69 48.27 -29.88
C VAL H 463 -61.96 49.40 -29.14
N GLU H 464 -61.07 49.02 -28.22
CA GLU H 464 -60.32 49.98 -27.41
C GLU H 464 -59.61 51.02 -28.26
N ALA H 465 -58.95 50.55 -29.32
CA ALA H 465 -58.21 51.44 -30.22
C ALA H 465 -59.13 52.44 -30.93
N GLN H 466 -60.31 52.00 -31.33
CA GLN H 466 -61.22 52.80 -32.13
C GLN H 466 -62.12 53.74 -31.35
N LEU H 467 -62.20 53.55 -30.03
CA LEU H 467 -63.07 54.38 -29.20
C LEU H 467 -62.69 55.86 -29.17
N ASP H 468 -61.42 56.15 -29.44
CA ASP H 468 -60.89 57.50 -29.23
C ASP H 468 -61.15 58.47 -30.37
N SER H 469 -60.66 58.16 -31.57
CA SER H 469 -60.85 59.08 -32.70
C SER H 469 -62.26 58.92 -33.26
N SER H 470 -62.96 60.03 -33.45
CA SER H 470 -64.30 60.01 -34.03
C SER H 470 -64.26 59.71 -35.52
N SER H 471 -63.06 59.57 -36.08
CA SER H 471 -62.87 59.18 -37.47
C SER H 471 -62.83 57.67 -37.65
N SER H 472 -62.79 56.92 -36.54
CA SER H 472 -62.71 55.46 -36.59
C SER H 472 -63.98 54.87 -37.18
N LEU H 473 -63.88 53.63 -37.64
CA LEU H 473 -65.03 52.94 -38.24
C LEU H 473 -66.10 52.65 -37.19
N LEU H 474 -65.69 52.35 -35.97
CA LEU H 474 -66.64 52.10 -34.88
C LEU H 474 -67.48 53.34 -34.64
N ASN H 475 -66.83 54.47 -34.42
CA ASN H 475 -67.54 55.71 -34.18
C ASN H 475 -68.37 56.15 -35.38
N TRP H 476 -67.86 55.92 -36.59
CA TRP H 476 -68.62 56.24 -37.81
C TRP H 476 -69.89 55.40 -37.85
N THR H 477 -69.74 54.09 -37.64
CA THR H 477 -70.85 53.16 -37.65
C THR H 477 -71.88 53.52 -36.58
N ARG H 478 -71.40 53.92 -35.41
CA ARG H 478 -72.26 54.28 -34.30
C ARG H 478 -73.17 55.45 -34.64
N ASN H 479 -72.56 56.48 -35.22
CA ASN H 479 -73.26 57.69 -35.60
C ASN H 479 -74.28 57.50 -36.71
N MET H 480 -73.98 56.57 -37.62
CA MET H 480 -74.89 56.29 -38.72
C MET H 480 -76.17 55.67 -38.19
N LEU H 481 -76.05 54.85 -37.15
CA LEU H 481 -77.22 54.30 -36.46
C LEU H 481 -77.95 55.40 -35.69
N ALA H 482 -77.20 56.35 -35.16
CA ALA H 482 -77.77 57.50 -34.47
C ALA H 482 -78.59 58.39 -35.41
N VAL H 483 -78.09 58.58 -36.62
CA VAL H 483 -78.82 59.34 -37.65
C VAL H 483 -80.07 58.56 -38.09
N ARG H 484 -79.93 57.27 -38.36
CA ARG H 484 -81.04 56.43 -38.82
C ARG H 484 -82.18 56.40 -37.82
N SER H 485 -81.86 56.37 -36.53
CA SER H 485 -82.87 56.37 -35.48
C SER H 485 -83.62 57.71 -35.34
N ARG H 486 -83.10 58.77 -35.96
CA ARG H 486 -83.73 60.08 -35.90
C ARG H 486 -84.73 60.32 -37.03
N HIS H 487 -84.78 59.43 -38.02
CA HIS H 487 -85.75 59.53 -39.11
C HIS H 487 -86.48 58.21 -39.33
N ASP H 488 -87.80 58.23 -39.14
CA ASP H 488 -88.64 57.05 -39.30
C ASP H 488 -88.72 56.58 -40.75
N ALA H 489 -88.54 57.52 -41.68
CA ALA H 489 -88.57 57.22 -43.11
C ALA H 489 -87.74 56.00 -43.48
N PHE H 490 -86.54 55.90 -42.89
CA PHE H 490 -85.65 54.77 -43.16
C PHE H 490 -86.28 53.44 -42.74
N ALA H 491 -86.91 53.45 -41.58
CA ALA H 491 -87.47 52.21 -41.00
C ALA H 491 -88.72 51.73 -41.72
N VAL H 492 -89.75 52.59 -41.76
CA VAL H 492 -91.08 52.19 -42.24
C VAL H 492 -91.67 53.13 -43.31
N GLY H 493 -90.81 53.86 -44.01
CA GLY H 493 -91.25 54.79 -45.05
C GLY H 493 -91.37 54.11 -46.39
N THR H 494 -92.02 54.78 -47.33
CA THR H 494 -92.15 54.29 -48.70
C THR H 494 -90.79 54.30 -49.39
N PHE H 495 -90.68 53.63 -50.53
CA PHE H 495 -89.43 53.56 -51.28
C PHE H 495 -89.68 53.83 -52.75
N ARG H 496 -89.25 54.99 -53.23
CA ARG H 496 -89.36 55.31 -54.65
C ARG H 496 -87.99 55.57 -55.24
N GLU H 497 -87.62 54.75 -56.22
CA GLU H 497 -86.33 54.91 -56.90
C GLU H 497 -86.41 56.05 -57.91
N LEU H 498 -85.48 56.99 -57.81
CA LEU H 498 -85.47 58.20 -58.65
C LEU H 498 -84.82 57.98 -60.01
N GLY H 499 -84.01 56.94 -60.14
CA GLY H 499 -83.34 56.63 -61.39
C GLY H 499 -82.17 57.55 -61.66
N GLY H 500 -82.32 58.40 -62.68
CA GLY H 500 -81.24 59.30 -63.11
C GLY H 500 -80.61 58.86 -64.42
N SER H 501 -79.89 59.78 -65.05
CA SER H 501 -79.26 59.52 -66.35
C SER H 501 -78.00 58.66 -66.23
N ASN H 502 -77.27 58.81 -65.12
CA ASN H 502 -76.05 58.07 -64.89
C ASN H 502 -76.34 56.69 -64.28
N PRO H 503 -75.96 55.62 -64.99
CA PRO H 503 -76.24 54.25 -64.54
C PRO H 503 -75.45 53.81 -63.30
N SER H 504 -74.37 54.51 -62.99
CA SER H 504 -73.51 54.15 -61.87
C SER H 504 -74.02 54.69 -60.53
N VAL H 505 -75.03 55.56 -60.56
CA VAL H 505 -75.52 56.20 -59.34
C VAL H 505 -76.95 55.77 -59.01
N LEU H 506 -77.13 55.16 -57.84
CA LEU H 506 -78.43 54.71 -57.36
C LEU H 506 -79.02 55.73 -56.39
N ALA H 507 -80.06 56.42 -56.82
CA ALA H 507 -80.73 57.43 -56.00
C ALA H 507 -82.20 57.05 -55.74
N TYR H 508 -82.64 57.25 -54.50
CA TYR H 508 -84.01 56.93 -54.09
C TYR H 508 -84.47 57.78 -52.91
N ILE H 509 -85.78 57.79 -52.68
CA ILE H 509 -86.40 58.60 -51.64
C ILE H 509 -87.26 57.75 -50.70
N ARG H 510 -87.01 57.89 -49.40
CA ARG H 510 -87.88 57.30 -48.39
C ARG H 510 -88.78 58.39 -47.83
N GLU H 511 -90.02 58.04 -47.53
CA GLU H 511 -91.04 59.03 -47.17
C GLU H 511 -92.07 58.50 -46.17
N VAL H 512 -92.42 59.33 -45.19
CA VAL H 512 -93.46 59.03 -44.20
C VAL H 512 -94.47 60.18 -44.16
N THR H 513 -95.75 59.84 -44.06
CA THR H 513 -96.81 60.85 -44.16
C THR H 513 -97.14 61.54 -42.84
N THR H 523 -92.13 63.11 -39.54
CA THR H 523 -92.84 62.96 -40.80
C THR H 523 -91.99 63.53 -41.94
N ASP H 524 -90.91 62.80 -42.22
CA ASP H 524 -89.85 63.25 -43.13
C ASP H 524 -90.00 62.66 -44.52
N ALA H 525 -89.37 63.35 -45.47
CA ALA H 525 -88.98 62.78 -46.74
C ALA H 525 -87.45 62.83 -46.72
N VAL H 526 -86.79 61.71 -46.97
CA VAL H 526 -85.33 61.69 -47.04
C VAL H 526 -84.86 61.24 -48.41
N LEU H 527 -83.71 61.76 -48.82
CA LEU H 527 -83.15 61.46 -50.14
C LEU H 527 -81.79 60.80 -49.93
N CYS H 528 -81.59 59.64 -50.56
CA CYS H 528 -80.32 58.93 -50.51
C CYS H 528 -79.74 58.83 -51.91
N VAL H 529 -78.50 59.29 -52.07
CA VAL H 529 -77.80 59.16 -53.33
C VAL H 529 -76.55 58.34 -53.07
N ASN H 530 -76.42 57.22 -53.77
CA ASN H 530 -75.28 56.32 -53.61
C ASN H 530 -74.54 56.17 -54.94
N ASN H 531 -73.21 56.26 -54.91
CA ASN H 531 -72.39 56.09 -56.11
C ASN H 531 -71.69 54.74 -56.11
N LEU H 532 -72.11 53.85 -57.00
CA LEU H 532 -71.57 52.50 -57.05
C LEU H 532 -70.22 52.43 -57.77
N SER H 533 -69.87 53.48 -58.53
CA SER H 533 -68.61 53.51 -59.26
C SER H 533 -67.46 53.95 -58.36
N ARG H 534 -66.27 53.42 -58.62
CA ARG H 534 -65.07 53.77 -57.86
C ARG H 534 -64.48 55.12 -58.28
N PHE H 535 -65.00 55.69 -59.36
CA PHE H 535 -64.60 57.00 -59.82
C PHE H 535 -65.67 58.01 -59.43
N PRO H 536 -65.32 59.30 -59.36
CA PRO H 536 -66.32 60.33 -59.08
C PRO H 536 -67.39 60.41 -60.16
N GLN H 537 -68.64 60.61 -59.76
CA GLN H 537 -69.74 60.56 -60.71
C GLN H 537 -70.69 61.74 -60.47
N PRO H 538 -71.17 62.37 -61.55
CA PRO H 538 -72.22 63.36 -61.46
C PRO H 538 -73.58 62.75 -61.78
N ILE H 539 -74.62 63.19 -61.08
CA ILE H 539 -75.97 62.74 -61.37
C ILE H 539 -76.93 63.93 -61.37
N GLU H 540 -77.75 64.01 -62.43
CA GLU H 540 -78.79 65.02 -62.53
C GLU H 540 -80.13 64.40 -62.16
N LEU H 541 -80.63 64.75 -60.97
CA LEU H 541 -81.87 64.18 -60.46
C LEU H 541 -83.04 65.10 -60.72
N ASN H 542 -84.22 64.50 -60.84
CA ASN H 542 -85.46 65.23 -61.02
C ASN H 542 -86.29 65.23 -59.75
N LEU H 543 -86.17 66.31 -58.98
CA LEU H 543 -86.85 66.45 -57.71
C LEU H 543 -87.88 67.59 -57.77
N GLN H 544 -88.57 67.71 -58.90
CA GLN H 544 -89.53 68.81 -59.11
C GLN H 544 -90.67 68.77 -58.10
N GLN H 545 -91.03 67.56 -57.68
CA GLN H 545 -92.10 67.37 -56.70
C GLN H 545 -91.79 68.05 -55.37
N TRP H 546 -90.51 68.15 -55.03
CA TRP H 546 -90.09 68.89 -53.84
C TRP H 546 -89.49 70.26 -54.22
N ALA H 547 -90.10 70.94 -55.19
CA ALA H 547 -89.66 72.28 -55.55
C ALA H 547 -89.81 73.18 -54.34
N GLY H 548 -88.80 74.03 -54.10
CA GLY H 548 -88.82 74.95 -52.96
C GLY H 548 -88.25 74.36 -51.68
N TYR H 549 -88.26 73.03 -51.57
CA TYR H 549 -87.69 72.33 -50.41
C TYR H 549 -86.19 72.54 -50.32
N ILE H 550 -85.66 72.47 -49.11
CA ILE H 550 -84.23 72.61 -48.87
C ILE H 550 -83.66 71.26 -48.43
N PRO H 551 -82.76 70.68 -49.24
CA PRO H 551 -82.07 69.47 -48.81
C PRO H 551 -81.06 69.80 -47.71
N VAL H 552 -81.07 69.02 -46.62
CA VAL H 552 -80.15 69.22 -45.52
C VAL H 552 -79.41 67.92 -45.27
N GLU H 553 -78.09 67.96 -45.44
CA GLU H 553 -77.26 66.77 -45.23
C GLU H 553 -77.26 66.40 -43.74
N MET H 554 -77.54 65.14 -43.45
CA MET H 554 -77.86 64.71 -42.08
C MET H 554 -76.67 64.60 -41.14
N THR H 555 -75.54 64.13 -41.67
CA THR H 555 -74.35 63.93 -40.85
C THR H 555 -73.74 65.26 -40.40
N GLY H 556 -74.00 66.32 -41.16
CA GLY H 556 -73.50 67.62 -40.81
C GLY H 556 -74.49 68.76 -40.58
N TYR H 557 -75.76 68.47 -40.78
CA TYR H 557 -76.81 69.50 -40.71
C TYR H 557 -76.53 70.72 -41.60
N VAL H 558 -76.02 70.45 -42.80
CA VAL H 558 -75.71 71.51 -43.76
C VAL H 558 -76.82 71.67 -44.77
N GLU H 559 -77.21 72.91 -44.99
CA GLU H 559 -78.24 73.22 -45.96
C GLU H 559 -77.64 73.34 -47.34
N PHE H 560 -78.24 72.62 -48.29
CA PHE H 560 -77.84 72.67 -49.69
C PHE H 560 -78.77 73.63 -50.43
N PRO H 561 -78.44 74.00 -51.68
CA PRO H 561 -79.31 74.89 -52.41
C PRO H 561 -80.69 74.27 -52.60
N SER H 562 -81.73 75.11 -52.53
CA SER H 562 -83.11 74.65 -52.62
C SER H 562 -83.40 74.03 -53.99
N ILE H 563 -84.30 73.05 -54.00
CA ILE H 563 -84.63 72.31 -55.21
C ILE H 563 -85.52 73.18 -56.09
N GLY H 564 -85.22 73.20 -57.39
CA GLY H 564 -85.96 74.01 -58.36
C GLY H 564 -86.67 73.16 -59.41
N GLN H 565 -86.99 73.79 -60.53
CA GLN H 565 -87.64 73.11 -61.64
C GLN H 565 -86.64 72.35 -62.51
N LEU H 566 -85.46 72.92 -62.68
CA LEU H 566 -84.39 72.27 -63.44
C LEU H 566 -83.84 71.05 -62.68
N PRO H 567 -83.25 70.09 -63.41
CA PRO H 567 -82.64 68.94 -62.76
C PRO H 567 -81.60 69.33 -61.72
N TYR H 568 -81.63 68.67 -60.58
CA TYR H 568 -80.69 68.94 -59.47
C TYR H 568 -79.41 68.17 -59.70
N LEU H 569 -78.27 68.86 -59.68
CA LEU H 569 -76.97 68.21 -59.89
C LEU H 569 -76.27 67.92 -58.56
N LEU H 570 -75.92 66.65 -58.37
CA LEU H 570 -75.10 66.23 -57.24
C LEU H 570 -73.87 65.51 -57.78
N THR H 571 -72.73 65.76 -57.14
CA THR H 571 -71.49 65.12 -57.53
C THR H 571 -70.94 64.33 -56.36
N LEU H 572 -70.66 63.05 -56.59
CA LEU H 572 -70.14 62.18 -55.55
C LEU H 572 -68.73 61.73 -55.88
N PRO H 573 -67.93 61.43 -54.85
CA PRO H 573 -66.65 60.76 -55.06
C PRO H 573 -66.85 59.27 -55.26
N GLY H 574 -65.77 58.54 -55.58
CA GLY H 574 -65.81 57.10 -55.73
C GLY H 574 -66.39 56.41 -54.50
N HIS H 575 -67.40 55.56 -54.72
CA HIS H 575 -68.06 54.84 -53.63
C HIS H 575 -68.52 55.75 -52.49
N GLY H 576 -68.90 56.98 -52.84
CA GLY H 576 -69.44 57.91 -51.87
C GLY H 576 -70.95 57.82 -51.81
N PHE H 577 -71.53 58.53 -50.84
CA PHE H 577 -72.99 58.63 -50.72
C PHE H 577 -73.39 59.86 -49.90
N TYR H 578 -74.62 60.31 -50.08
CA TYR H 578 -75.17 61.43 -49.32
C TYR H 578 -76.54 61.07 -48.77
N TRP H 579 -76.86 61.58 -47.59
CA TRP H 579 -78.18 61.42 -46.98
C TRP H 579 -78.76 62.79 -46.68
N PHE H 580 -79.77 63.19 -47.45
CA PHE H 580 -80.38 64.51 -47.31
C PHE H 580 -81.75 64.41 -46.67
N GLN H 581 -82.02 65.31 -45.73
CA GLN H 581 -83.36 65.50 -45.21
C GLN H 581 -84.05 66.58 -46.05
N LEU H 582 -85.16 66.24 -46.71
CA LEU H 582 -85.91 67.21 -47.49
C LEU H 582 -86.81 68.01 -46.58
N ARG H 583 -86.43 69.28 -46.37
CA ARG H 583 -87.08 70.15 -45.40
C ARG H 583 -87.95 71.17 -46.11
N GLU H 584 -89.11 71.44 -45.52
CA GLU H 584 -90.07 72.38 -46.12
C GLU H 584 -89.54 73.81 -46.20
N PRO H 585 -90.02 74.59 -47.18
CA PRO H 585 -89.76 76.03 -47.19
C PRO H 585 -90.59 76.75 -46.13
N ASP H 586 -90.09 77.89 -45.65
CA ASP H 586 -90.66 78.55 -44.49
C ASP H 586 -91.89 79.39 -44.86
N SER I 2 98.59 7.81 -18.92
CA SER I 2 99.36 8.35 -17.75
C SER I 2 98.45 8.49 -16.52
N VAL I 3 98.25 7.36 -15.84
CA VAL I 3 97.33 7.25 -14.71
C VAL I 3 97.87 6.22 -13.72
N GLU I 4 98.04 6.61 -12.47
CA GLU I 4 98.54 5.69 -11.46
C GLU I 4 97.50 4.64 -11.11
N PHE I 5 97.58 3.49 -11.77
CA PHE I 5 96.68 2.38 -11.46
C PHE I 5 97.02 1.84 -10.07
N GLU I 6 98.31 1.74 -9.76
CA GLU I 6 98.81 1.11 -8.53
C GLU I 6 97.74 0.98 -7.45
N ASP I 7 97.16 2.12 -7.05
CA ASP I 7 96.24 2.19 -5.91
C ASP I 7 94.96 1.36 -6.03
N TRP I 8 94.30 1.38 -7.18
CA TRP I 8 93.03 0.64 -7.30
C TRP I 8 93.18 -0.73 -7.97
N LEU I 9 94.24 -0.95 -8.75
CA LEU I 9 94.54 -2.28 -9.31
C LEU I 9 94.94 -3.28 -8.23
N THR I 10 94.86 -2.84 -6.96
CA THR I 10 95.11 -3.68 -5.79
C THR I 10 93.96 -3.63 -4.79
N GLN I 11 92.80 -3.16 -5.24
CA GLN I 11 91.61 -3.11 -4.40
C GLN I 11 90.51 -4.00 -4.94
N GLN I 12 90.77 -4.62 -6.08
CA GLN I 12 89.67 -5.03 -6.93
C GLN I 12 88.99 -6.36 -6.61
N ARG I 13 89.74 -7.36 -6.15
CA ARG I 13 89.17 -8.70 -5.92
C ARG I 13 89.18 -9.54 -7.18
N TRP I 14 89.92 -9.11 -8.19
CA TRP I 14 90.42 -10.01 -9.20
C TRP I 14 91.95 -10.03 -9.17
N TYR I 15 92.52 -8.99 -8.55
CA TYR I 15 93.95 -8.89 -8.31
C TYR I 15 94.39 -10.05 -7.44
N ALA I 16 95.43 -10.74 -7.87
CA ALA I 16 95.92 -11.94 -7.20
C ALA I 16 96.74 -11.58 -6.00
N GLY I 17 97.72 -10.70 -6.22
CA GLY I 17 98.77 -10.43 -5.24
C GLY I 17 98.37 -9.61 -4.03
N ARG I 18 97.21 -9.93 -3.45
CA ARG I 18 96.77 -9.30 -2.21
C ARG I 18 97.80 -9.50 -1.10
N ASN I 19 98.74 -10.43 -1.28
CA ASN I 19 99.87 -10.66 -0.36
C ASN I 19 101.25 -10.32 -0.94
N ARG I 20 101.32 -10.01 -2.24
CA ARG I 20 102.56 -10.12 -3.02
C ARG I 20 103.58 -8.96 -2.94
N GLU I 21 103.17 -7.77 -2.51
CA GLU I 21 104.05 -6.59 -2.50
C GLU I 21 104.38 -6.12 -3.91
N LEU I 22 103.45 -5.39 -4.53
CA LEU I 22 103.59 -4.93 -5.92
C LEU I 22 104.36 -3.61 -6.02
N VAL I 23 105.59 -3.67 -6.55
CA VAL I 23 106.31 -2.48 -7.01
C VAL I 23 105.55 -1.93 -8.21
N SER I 24 105.99 -0.80 -8.76
CA SER I 24 105.26 -0.12 -9.85
C SER I 24 104.64 -1.08 -10.89
N ALA I 25 103.41 -0.80 -11.31
CA ALA I 25 102.70 -1.64 -12.27
C ALA I 25 101.98 -0.81 -13.34
N THR I 26 102.71 -0.48 -14.42
CA THR I 26 102.20 0.42 -15.46
C THR I 26 101.83 -0.34 -16.73
N THR I 27 101.33 0.41 -17.72
CA THR I 27 100.74 -0.21 -18.91
C THR I 27 101.78 -1.03 -19.67
N ALA I 28 101.28 -2.04 -20.42
CA ALA I 28 102.10 -2.77 -21.39
C ALA I 28 101.44 -2.80 -22.78
N MET I 29 100.38 -2.01 -22.97
CA MET I 29 99.65 -1.92 -24.23
C MET I 29 98.45 -1.00 -24.07
N ALA I 30 98.10 -0.29 -25.14
CA ALA I 30 96.91 0.56 -25.14
C ALA I 30 96.39 0.81 -26.55
N VAL I 31 95.34 0.05 -26.92
CA VAL I 31 94.64 0.27 -28.18
C VAL I 31 93.49 1.22 -27.90
N ARG I 32 93.35 2.26 -28.72
CA ARG I 32 92.26 3.22 -28.54
C ARG I 32 90.99 2.69 -29.17
N LEU I 33 90.18 1.97 -28.39
CA LEU I 33 88.95 1.38 -28.93
C LEU I 33 88.02 2.48 -29.52
N ARG I 34 87.87 3.56 -28.76
CA ARG I 34 87.00 4.69 -29.12
C ARG I 34 87.75 5.92 -28.63
N ASP I 35 87.22 7.12 -28.87
CA ASP I 35 87.81 8.33 -28.31
C ASP I 35 87.80 8.31 -26.77
N GLY I 36 86.70 7.81 -26.19
CA GLY I 36 86.59 7.66 -24.73
C GLY I 36 87.37 6.50 -24.13
N LEU I 37 87.26 5.32 -24.75
CA LEU I 37 87.84 4.09 -24.24
C LEU I 37 89.31 3.87 -24.60
N GLU I 38 89.93 2.91 -23.92
CA GLU I 38 91.27 2.42 -24.27
C GLU I 38 91.48 1.06 -23.63
N LEU I 39 91.57 -0.01 -24.43
CA LEU I 39 91.83 -1.35 -23.88
C LEU I 39 93.26 -1.39 -23.35
N VAL I 40 93.45 -1.10 -22.08
CA VAL I 40 94.78 -1.11 -21.49
C VAL I 40 95.10 -2.46 -20.88
N LEU I 41 96.19 -3.08 -21.34
CA LEU I 41 96.69 -4.31 -20.73
C LEU I 41 97.89 -3.95 -19.84
N LEU I 42 97.71 -4.05 -18.52
CA LEU I 42 98.69 -3.59 -17.53
C LEU I 42 99.62 -4.71 -17.06
N GLN I 43 100.92 -4.41 -16.92
CA GLN I 43 101.93 -5.38 -16.45
C GLN I 43 102.27 -5.10 -15.00
N ALA I 44 102.25 -6.14 -14.18
CA ALA I 44 102.38 -5.98 -12.73
C ALA I 44 103.67 -6.60 -12.19
N ASN I 45 104.70 -5.76 -12.00
CA ASN I 45 106.00 -6.23 -11.48
C ASN I 45 106.01 -6.24 -9.97
N TYR I 46 106.26 -7.40 -9.36
CA TYR I 46 106.42 -7.51 -7.90
C TYR I 46 107.83 -7.94 -7.54
N ALA I 47 108.36 -7.41 -6.45
CA ALA I 47 109.62 -7.89 -5.91
C ALA I 47 109.41 -9.31 -5.36
N ASP I 48 110.30 -10.22 -5.74
CA ASP I 48 110.25 -11.63 -5.34
C ASP I 48 109.10 -12.43 -5.99
N GLY I 49 108.76 -12.10 -7.24
CA GLY I 49 107.71 -12.84 -7.94
C GLY I 49 107.80 -12.78 -9.46
N PRO I 50 106.97 -13.57 -10.17
CA PRO I 50 106.90 -13.51 -11.62
C PRO I 50 105.79 -12.55 -12.07
N ASP I 51 106.10 -11.69 -13.06
CA ASP I 51 105.16 -10.64 -13.49
C ASP I 51 103.80 -11.20 -13.95
N GLU I 52 102.73 -10.50 -13.58
CA GLU I 52 101.37 -10.86 -13.97
C GLU I 52 100.77 -9.75 -14.83
N ARG I 53 99.97 -10.11 -15.84
CA ARG I 53 99.40 -9.16 -16.78
C ARG I 53 97.87 -9.12 -16.69
N TYR I 54 97.31 -7.98 -16.29
CA TYR I 54 95.84 -7.78 -16.20
C TYR I 54 95.33 -6.82 -17.24
N GLN I 55 94.07 -6.98 -17.65
CA GLN I 55 93.47 -6.11 -18.67
C GLN I 55 92.44 -5.19 -18.05
N VAL I 56 92.23 -4.02 -18.64
CA VAL I 56 91.16 -3.14 -18.19
C VAL I 56 90.72 -2.15 -19.26
N ILE I 57 89.45 -2.18 -19.64
CA ILE I 57 88.91 -1.23 -20.60
C ILE I 57 88.63 0.08 -19.86
N VAL I 58 89.54 1.05 -20.01
CA VAL I 58 89.52 2.31 -19.24
C VAL I 58 88.77 3.44 -19.95
N ALA I 59 87.80 4.03 -19.27
CA ALA I 59 87.05 5.17 -19.80
C ALA I 59 87.45 6.42 -19.07
N THR I 60 87.30 7.57 -19.73
CA THR I 60 87.53 8.88 -19.10
C THR I 60 86.23 9.71 -19.09
N GLY I 61 86.34 11.00 -18.78
CA GLY I 61 85.19 11.89 -18.79
C GLY I 61 84.48 11.88 -17.45
N SER I 62 83.40 11.12 -17.36
CA SER I 62 82.71 10.86 -16.10
C SER I 62 82.33 9.38 -16.04
N GLY I 63 82.39 8.78 -14.85
CA GLY I 63 82.22 7.33 -14.70
C GLY I 63 81.11 6.87 -13.80
N PRO I 64 79.89 7.40 -14.00
CA PRO I 64 78.77 7.06 -13.10
C PRO I 64 78.26 5.63 -13.39
N ILE I 65 77.34 5.10 -12.57
CA ILE I 65 76.61 5.83 -11.51
C ILE I 65 77.45 6.31 -10.31
N ASP I 66 76.77 7.04 -9.41
CA ASP I 66 77.31 7.40 -8.09
C ASP I 66 77.27 6.19 -7.17
N GLU I 67 76.43 5.22 -7.53
CA GLU I 67 76.38 3.94 -6.84
C GLU I 67 77.56 3.02 -7.18
N TYR I 68 78.53 3.53 -7.94
CA TYR I 68 79.68 2.72 -8.36
C TYR I 68 81.03 3.43 -8.32
N SER I 69 81.10 4.61 -7.70
CA SER I 69 82.30 5.46 -7.75
C SER I 69 83.52 4.75 -7.17
N VAL I 70 83.37 4.24 -5.95
CA VAL I 70 84.46 3.60 -5.22
C VAL I 70 85.12 2.51 -6.05
N VAL I 71 84.33 1.49 -6.41
CA VAL I 71 84.84 0.33 -7.15
C VAL I 71 85.49 0.69 -8.48
N ALA I 72 84.92 1.67 -9.19
CA ALA I 72 85.35 1.98 -10.56
C ALA I 72 86.34 3.13 -10.70
N THR I 73 86.26 4.15 -9.85
CA THR I 73 87.13 5.34 -9.99
C THR I 73 88.60 4.96 -9.87
N ILE I 74 89.40 5.38 -10.86
CA ILE I 74 90.79 4.93 -11.01
C ILE I 74 91.83 5.97 -10.58
N GLY I 75 91.69 7.20 -11.05
CA GLY I 75 92.58 8.30 -10.70
C GLY I 75 92.34 9.50 -11.58
N ILE I 76 93.03 10.62 -11.30
CA ILE I 76 92.98 11.80 -12.16
C ILE I 76 93.72 11.49 -13.47
N ALA I 77 93.28 12.10 -14.57
CA ALA I 77 93.88 11.86 -15.90
C ALA I 77 94.05 13.15 -16.73
N ASP I 78 94.94 14.01 -16.27
CA ASP I 78 95.27 15.31 -16.87
C ASP I 78 94.24 15.85 -17.92
N GLY I 79 93.09 16.35 -17.49
CA GLY I 79 92.67 16.40 -16.09
C GLY I 79 91.22 15.99 -15.96
N GLN I 80 90.86 14.89 -16.62
CA GLN I 80 89.55 14.24 -16.47
C GLN I 80 89.68 13.05 -15.51
N THR I 81 88.55 12.48 -15.09
CA THR I 81 88.58 11.33 -14.17
C THR I 81 88.53 9.99 -14.92
N ALA I 82 89.51 9.12 -14.66
CA ALA I 82 89.61 7.83 -15.31
C ALA I 82 89.07 6.75 -14.40
N TYR I 83 88.16 5.93 -14.91
CA TYR I 83 87.52 4.85 -14.15
C TYR I 83 87.64 3.60 -14.98
N ASP I 84 86.73 2.63 -14.87
CA ASP I 84 86.72 1.56 -15.88
C ASP I 84 85.35 1.26 -16.48
N ALA I 85 85.36 1.11 -17.81
CA ALA I 85 84.15 1.20 -18.61
C ALA I 85 83.16 0.07 -18.38
N LEU I 86 83.54 -0.97 -17.64
CA LEU I 86 82.60 -2.05 -17.35
C LEU I 86 81.48 -1.57 -16.41
N TYR I 87 81.54 -0.30 -16.01
CA TYR I 87 80.51 0.33 -15.19
C TYR I 87 79.87 1.52 -15.89
N ASP I 88 80.03 1.61 -17.22
CA ASP I 88 79.39 2.66 -18.01
C ASP I 88 78.51 2.08 -19.13
N PRO I 89 77.19 2.16 -18.96
CA PRO I 89 76.26 1.41 -19.79
C PRO I 89 76.31 1.82 -21.25
N ASP I 90 76.70 3.08 -21.52
CA ASP I 90 76.93 3.53 -22.88
C ASP I 90 78.20 2.90 -23.43
N ALA I 91 79.23 2.79 -22.57
CA ALA I 91 80.51 2.25 -22.98
C ALA I 91 80.51 0.74 -23.08
N THR I 92 79.66 0.06 -22.32
CA THR I 92 79.49 -1.40 -22.47
C THR I 92 78.69 -1.73 -23.74
N ARG I 93 77.68 -0.91 -24.06
CA ARG I 93 76.89 -1.04 -25.29
C ARG I 93 77.79 -1.05 -26.52
N TYR I 94 78.81 -0.20 -26.49
CA TYR I 94 79.71 -0.06 -27.62
C TYR I 94 80.71 -1.19 -27.70
N LEU I 95 81.16 -1.71 -26.56
CA LEU I 95 82.03 -2.87 -26.59
C LEU I 95 81.22 -4.02 -27.24
N LEU I 96 79.97 -4.19 -26.81
CA LEU I 96 79.12 -5.27 -27.36
C LEU I 96 78.78 -5.05 -28.83
N SER I 97 78.63 -3.79 -29.26
CA SER I 97 78.39 -3.53 -30.69
C SER I 97 79.62 -3.93 -31.48
N LEU I 98 80.80 -3.61 -30.95
CA LEU I 98 82.05 -3.92 -31.63
C LEU I 98 82.27 -5.41 -31.84
N ILE I 99 81.72 -6.20 -30.92
CA ILE I 99 81.81 -7.64 -31.00
C ILE I 99 80.81 -8.21 -32.00
N ASP I 100 79.84 -7.41 -32.40
CA ASP I 100 78.84 -7.80 -33.37
C ASP I 100 79.15 -7.31 -34.79
N GLU I 101 80.01 -6.30 -34.91
CA GLU I 101 80.33 -5.71 -36.21
C GLU I 101 80.74 -6.75 -37.30
N SER I 102 81.58 -7.75 -37.01
CA SER I 102 82.40 -7.84 -35.82
C SER I 102 83.76 -7.35 -36.26
N ALA I 103 84.24 -6.33 -35.58
CA ALA I 103 85.31 -5.48 -36.11
C ALA I 103 86.71 -5.95 -35.74
N THR I 104 87.70 -5.19 -36.19
CA THR I 104 89.02 -5.27 -35.60
C THR I 104 89.61 -3.88 -35.48
N VAL I 105 89.60 -3.35 -34.26
CA VAL I 105 90.29 -2.13 -33.93
C VAL I 105 91.74 -2.51 -33.80
N GLN I 106 92.60 -1.92 -34.61
CA GLN I 106 94.05 -2.18 -34.59
C GLN I 106 94.42 -3.64 -34.22
N ASN I 107 95.00 -3.82 -33.04
CA ASN I 107 95.50 -5.11 -32.57
C ASN I 107 94.39 -6.02 -31.96
N VAL I 108 93.48 -5.44 -31.19
CA VAL I 108 92.40 -6.19 -30.55
C VAL I 108 91.37 -6.56 -31.60
N ARG I 109 91.27 -7.85 -31.91
CA ARG I 109 90.38 -8.40 -32.95
C ARG I 109 89.12 -9.04 -32.35
N PHE I 110 87.95 -8.53 -32.73
CA PHE I 110 86.67 -8.99 -32.19
C PHE I 110 86.09 -10.01 -33.19
N VAL I 111 85.19 -10.88 -32.75
CA VAL I 111 84.65 -11.95 -33.60
C VAL I 111 83.36 -12.51 -33.02
N ARG I 112 82.26 -12.50 -33.78
CA ARG I 112 80.98 -13.08 -33.30
C ARG I 112 80.64 -14.36 -34.03
N GLU I 113 79.93 -15.26 -33.37
CA GLU I 113 79.50 -16.51 -34.02
C GLU I 113 78.40 -16.15 -35.02
N PRO I 114 77.77 -17.16 -35.66
CA PRO I 114 76.56 -16.94 -36.49
C PRO I 114 75.17 -16.81 -35.76
N ASP I 115 75.09 -15.90 -34.77
CA ASP I 115 73.93 -15.72 -33.88
C ASP I 115 73.28 -14.35 -34.07
N VAL I 116 72.52 -13.89 -33.06
CA VAL I 116 71.99 -12.52 -32.98
C VAL I 116 72.15 -11.95 -31.56
N GLU I 117 73.14 -11.06 -31.38
CA GLU I 117 73.52 -10.49 -30.07
C GLU I 117 72.39 -9.62 -29.51
N LEU I 118 72.49 -9.23 -28.23
CA LEU I 118 71.38 -8.56 -27.55
C LEU I 118 71.56 -7.07 -27.26
N PRO I 119 72.06 -6.26 -28.24
CA PRO I 119 72.35 -4.86 -27.89
C PRO I 119 71.06 -4.08 -27.72
N LEU I 120 71.19 -2.77 -27.48
CA LEU I 120 70.05 -1.94 -27.09
C LEU I 120 69.24 -2.64 -25.97
N ASP I 121 69.95 -3.33 -25.06
CA ASP I 121 69.37 -3.96 -23.87
C ASP I 121 70.16 -3.46 -22.65
N ALA I 122 69.50 -3.40 -21.50
CA ALA I 122 70.06 -2.75 -20.32
C ALA I 122 71.19 -3.56 -19.67
N PRO I 123 72.40 -2.97 -19.47
CA PRO I 123 73.52 -3.69 -18.82
C PRO I 123 73.90 -3.22 -17.43
N PRO I 124 73.91 -4.13 -16.41
CA PRO I 124 74.71 -3.94 -15.18
C PRO I 124 75.88 -4.93 -15.07
N ARG I 125 76.82 -4.64 -14.17
CA ARG I 125 77.88 -5.60 -13.80
C ARG I 125 77.28 -6.81 -13.03
N VAL I 126 77.99 -7.94 -12.95
CA VAL I 126 77.60 -9.08 -12.09
C VAL I 126 78.68 -9.37 -11.03
N PHE I 127 78.22 -9.68 -9.81
CA PHE I 127 79.02 -9.52 -8.56
C PHE I 127 79.86 -10.73 -8.06
N GLY I 128 79.66 -11.93 -8.62
CA GLY I 128 80.50 -13.11 -8.29
C GLY I 128 81.84 -13.11 -9.03
N ALA I 129 82.63 -12.08 -8.75
CA ALA I 129 83.77 -11.74 -9.58
C ALA I 129 84.96 -12.64 -9.23
N GLU I 130 85.09 -13.77 -9.94
CA GLU I 130 86.29 -14.61 -9.83
C GLU I 130 87.55 -13.82 -10.23
N GLN I 131 88.68 -14.19 -9.64
CA GLN I 131 89.97 -13.55 -9.97
C GLN I 131 90.26 -13.55 -11.49
N SER I 132 89.53 -14.41 -12.20
CA SER I 132 89.59 -14.50 -13.65
C SER I 132 88.88 -13.35 -14.36
N ASN I 133 87.88 -12.75 -13.71
CA ASN I 133 86.90 -12.02 -14.49
C ASN I 133 85.92 -11.12 -13.78
N THR I 134 85.47 -10.15 -14.57
CA THR I 134 84.47 -9.17 -14.24
C THR I 134 83.49 -9.30 -15.41
N SER I 135 82.19 -9.09 -15.21
CA SER I 135 81.22 -9.37 -16.27
C SER I 135 79.89 -8.65 -16.14
N VAL I 136 79.46 -8.05 -17.25
CA VAL I 136 78.18 -7.33 -17.33
C VAL I 136 77.15 -8.18 -18.05
N VAL I 137 75.88 -7.98 -17.71
CA VAL I 137 74.81 -8.77 -18.27
C VAL I 137 73.81 -7.89 -18.97
N PHE I 138 73.70 -8.07 -20.29
CA PHE I 138 72.74 -7.30 -21.08
C PHE I 138 71.34 -7.91 -20.97
N GLY I 139 70.43 -7.17 -20.36
CA GLY I 139 69.05 -7.61 -20.18
C GLY I 139 68.99 -8.87 -19.35
N GLU I 140 68.29 -9.87 -19.86
CA GLU I 140 68.35 -11.22 -19.31
C GLU I 140 68.70 -12.19 -20.44
N ASP I 141 69.37 -11.66 -21.48
CA ASP I 141 69.61 -12.40 -22.73
C ASP I 141 71.07 -12.85 -22.96
N ALA I 142 72.03 -12.04 -22.50
CA ALA I 142 73.43 -12.26 -22.83
C ALA I 142 74.32 -11.75 -21.72
N ILE I 143 75.41 -12.46 -21.46
CA ILE I 143 76.34 -12.08 -20.40
C ILE I 143 77.76 -11.98 -20.94
N PHE I 144 78.27 -10.75 -20.92
CA PHE I 144 79.61 -10.43 -21.42
C PHE I 144 80.60 -10.62 -20.29
N LYS I 145 81.82 -11.05 -20.61
CA LYS I 145 82.80 -11.38 -19.57
C LYS I 145 84.21 -11.00 -19.99
N LEU I 146 84.78 -10.00 -19.33
CA LEU I 146 86.18 -9.63 -19.54
C LEU I 146 87.06 -10.56 -18.70
N PHE I 147 88.02 -11.23 -19.34
CA PHE I 147 89.04 -11.99 -18.62
C PHE I 147 90.04 -11.00 -18.05
N ARG I 148 90.10 -10.86 -16.73
CA ARG I 148 90.95 -9.84 -16.12
C ARG I 148 92.45 -10.13 -16.22
N ARG I 149 92.84 -11.38 -15.96
CA ARG I 149 94.26 -11.76 -16.01
C ARG I 149 94.60 -12.54 -17.28
N ILE I 150 95.18 -11.86 -18.27
CA ILE I 150 95.47 -12.44 -19.58
C ILE I 150 96.67 -13.40 -19.55
N THR I 151 96.44 -14.67 -19.90
CA THR I 151 97.50 -15.65 -20.20
C THR I 151 97.30 -16.16 -21.64
N PRO I 152 98.39 -16.38 -22.42
CA PRO I 152 98.38 -16.54 -23.89
C PRO I 152 97.43 -17.61 -24.48
N GLY I 153 96.62 -17.23 -25.47
CA GLY I 153 95.63 -18.13 -26.07
C GLY I 153 96.24 -19.38 -26.70
N VAL I 154 95.45 -20.42 -26.99
CA VAL I 154 93.98 -20.34 -26.94
C VAL I 154 93.44 -20.47 -25.52
N HIS I 155 92.12 -20.43 -25.42
CA HIS I 155 91.45 -20.46 -24.14
C HIS I 155 90.35 -21.50 -24.22
N PRO I 156 90.51 -22.63 -23.51
CA PRO I 156 89.55 -23.73 -23.62
C PRO I 156 88.10 -23.32 -23.45
N ASP I 157 87.82 -22.47 -22.46
CA ASP I 157 86.45 -22.07 -22.18
C ASP I 157 85.69 -21.53 -23.39
N ILE I 158 86.40 -20.94 -24.35
CA ILE I 158 85.82 -20.55 -25.64
C ILE I 158 85.95 -21.68 -26.66
N GLU I 159 87.13 -22.29 -26.71
CA GLU I 159 87.42 -23.39 -27.63
C GLU I 159 86.41 -24.52 -27.48
N LEU I 160 86.12 -24.89 -26.26
CA LEU I 160 85.20 -25.99 -25.99
C LEU I 160 83.74 -25.59 -26.19
N ASN I 161 83.31 -24.45 -25.64
CA ASN I 161 81.93 -24.02 -25.82
C ASN I 161 81.51 -23.79 -27.25
N ARG I 162 82.48 -23.60 -28.14
CA ARG I 162 82.21 -23.50 -29.56
C ARG I 162 81.98 -24.92 -30.12
N VAL I 163 82.99 -25.78 -30.06
CA VAL I 163 82.89 -27.15 -30.58
C VAL I 163 81.72 -27.91 -29.99
N LEU I 164 81.33 -27.52 -28.79
CA LEU I 164 80.30 -28.20 -28.04
C LEU I 164 78.92 -27.66 -28.39
N ALA I 165 78.84 -26.37 -28.69
CA ALA I 165 77.59 -25.74 -29.11
C ALA I 165 77.31 -25.90 -30.62
N ARG I 166 78.32 -25.90 -31.48
CA ARG I 166 78.12 -26.21 -32.91
C ARG I 166 77.66 -27.67 -33.08
N ALA I 167 78.20 -28.55 -32.25
CA ALA I 167 77.75 -29.93 -32.17
C ALA I 167 76.36 -30.00 -31.55
N GLY I 168 75.95 -28.95 -30.86
CA GLY I 168 74.56 -28.81 -30.41
C GLY I 168 74.28 -29.53 -29.11
N ASN I 169 75.29 -29.65 -28.26
CA ASN I 169 75.11 -30.23 -26.95
C ASN I 169 74.23 -29.32 -26.11
N PRO I 170 73.22 -29.89 -25.45
CA PRO I 170 72.31 -29.11 -24.63
C PRO I 170 72.90 -28.56 -23.36
N HIS I 171 73.99 -29.15 -22.88
CA HIS I 171 74.48 -28.88 -21.52
C HIS I 171 75.49 -27.76 -21.39
N VAL I 172 75.44 -26.82 -22.33
CA VAL I 172 76.46 -25.81 -22.46
C VAL I 172 75.81 -24.46 -22.67
N ALA I 173 76.31 -23.45 -21.95
CA ALA I 173 75.87 -22.06 -22.12
C ALA I 173 76.28 -21.58 -23.51
N ARG I 174 75.32 -21.41 -24.41
CA ARG I 174 75.64 -21.23 -25.83
C ARG I 174 76.50 -20.01 -26.10
N LEU I 175 77.69 -20.21 -26.70
CA LEU I 175 78.62 -19.08 -26.94
C LEU I 175 78.21 -18.20 -28.13
N LEU I 176 78.36 -16.89 -27.97
CA LEU I 176 77.87 -15.93 -28.96
C LEU I 176 79.00 -15.22 -29.68
N GLY I 177 79.94 -14.67 -28.92
CA GLY I 177 81.09 -13.93 -29.48
C GLY I 177 82.27 -13.88 -28.52
N SER I 178 83.33 -13.21 -28.94
CA SER I 178 84.55 -13.20 -28.17
C SER I 178 85.50 -12.18 -28.74
N PHE I 179 86.61 -11.90 -28.05
CA PHE I 179 87.63 -11.05 -28.65
C PHE I 179 89.00 -11.30 -28.03
N GLU I 180 90.06 -11.13 -28.83
CA GLU I 180 91.43 -11.40 -28.39
C GLU I 180 92.44 -10.42 -28.95
N THR I 181 93.73 -10.67 -28.76
CA THR I 181 94.77 -9.77 -29.25
C THR I 181 96.14 -10.45 -29.30
N GLU I 182 96.95 -10.12 -30.31
CA GLU I 182 98.25 -10.75 -30.51
C GLU I 182 99.36 -9.88 -29.92
N TRP I 183 99.34 -9.74 -28.60
CA TRP I 183 100.38 -9.00 -27.87
C TRP I 183 101.69 -9.78 -27.86
N GLU I 184 102.77 -9.09 -28.22
CA GLU I 184 104.07 -9.72 -28.41
C GLU I 184 103.87 -10.94 -29.33
N GLY I 185 104.40 -12.09 -28.95
CA GLY I 185 104.39 -13.26 -29.82
C GLY I 185 103.03 -13.92 -29.94
N GLU I 186 102.40 -14.16 -28.80
CA GLU I 186 101.23 -15.05 -28.76
C GLU I 186 99.90 -14.29 -28.83
N PRO I 187 98.79 -15.02 -29.09
CA PRO I 187 97.46 -14.43 -28.96
C PRO I 187 97.05 -14.38 -27.52
N TYR I 188 96.00 -13.64 -27.21
CA TYR I 188 95.52 -13.51 -25.84
C TYR I 188 94.02 -13.37 -25.82
N ALA I 189 93.32 -14.40 -25.39
CA ALA I 189 91.86 -14.33 -25.33
C ALA I 189 91.47 -13.36 -24.25
N LEU I 190 90.75 -12.29 -24.63
CA LEU I 190 90.45 -11.18 -23.69
C LEU I 190 89.07 -11.21 -23.09
N GLY I 191 88.10 -11.77 -23.80
CA GLY I 191 86.75 -11.91 -23.27
C GLY I 191 85.82 -12.74 -24.12
N MET I 192 84.68 -13.13 -23.56
CA MET I 192 83.67 -13.85 -24.30
C MET I 192 82.28 -13.39 -23.87
N VAL I 193 81.33 -13.54 -24.78
CA VAL I 193 79.93 -13.24 -24.51
C VAL I 193 79.09 -14.46 -24.84
N THR I 194 78.14 -14.78 -23.98
CA THR I 194 77.41 -16.03 -24.08
C THR I 194 75.97 -15.85 -23.61
N GLU I 195 75.08 -16.66 -24.19
CA GLU I 195 73.66 -16.70 -23.80
C GLU I 195 73.52 -16.78 -22.27
N PHE I 196 72.55 -16.05 -21.73
CA PHE I 196 72.47 -15.86 -20.29
C PHE I 196 71.45 -16.75 -19.59
N ALA I 197 71.96 -17.59 -18.70
CA ALA I 197 71.15 -18.52 -17.95
C ALA I 197 70.52 -17.87 -16.72
N ALA I 198 69.73 -16.83 -16.94
CA ALA I 198 68.95 -16.20 -15.86
C ALA I 198 68.10 -17.29 -15.24
N ASN I 199 67.84 -17.19 -13.95
CA ASN I 199 67.23 -18.30 -13.18
C ASN I 199 68.10 -19.59 -13.18
N SER I 200 69.20 -19.49 -12.45
CA SER I 200 70.16 -20.57 -12.31
C SER I 200 70.44 -20.77 -10.84
N ALA I 201 71.13 -21.87 -10.52
CA ALA I 201 71.59 -22.14 -9.17
C ALA I 201 72.76 -23.10 -9.21
N GLU I 202 73.76 -22.85 -8.39
CA GLU I 202 74.95 -23.68 -8.39
C GLU I 202 74.67 -25.08 -7.86
N GLY I 203 75.45 -26.05 -8.30
CA GLY I 203 75.36 -27.40 -7.79
C GLY I 203 75.72 -27.50 -6.33
N TRP I 204 76.82 -26.85 -5.94
CA TRP I 204 77.28 -26.87 -4.55
C TRP I 204 76.22 -26.29 -3.63
N ASP I 205 75.60 -25.20 -4.06
CA ASP I 205 74.53 -24.55 -3.28
C ASP I 205 73.26 -25.40 -3.16
N MET I 206 73.07 -26.27 -4.14
CA MET I 206 71.90 -27.13 -4.18
C MET I 206 72.12 -28.44 -3.43
N ALA I 207 73.35 -28.96 -3.49
CA ALA I 207 73.75 -30.10 -2.68
C ALA I 207 73.83 -29.68 -1.22
N THR I 208 74.32 -28.47 -0.96
CA THR I 208 74.42 -27.92 0.41
C THR I 208 73.08 -27.89 1.13
N THR I 209 72.00 -27.63 0.38
CA THR I 209 70.63 -27.59 0.94
C THR I 209 70.03 -28.96 1.17
N SER I 210 70.47 -29.95 0.40
CA SER I 210 70.06 -31.33 0.63
C SER I 210 70.85 -31.96 1.77
N THR I 211 72.14 -31.63 1.86
CA THR I 211 72.99 -32.06 2.97
C THR I 211 72.52 -31.39 4.26
N ARG I 212 71.99 -30.18 4.13
CA ARG I 212 71.36 -29.45 5.25
C ARG I 212 70.11 -30.14 5.78
N ASP I 213 69.39 -30.80 4.89
CA ASP I 213 68.11 -31.45 5.20
C ASP I 213 68.29 -32.66 6.10
N LEU I 214 69.10 -33.62 5.67
CA LEU I 214 69.33 -34.86 6.45
C LEU I 214 69.77 -34.53 7.84
N PHE I 215 70.77 -33.66 7.88
CA PHE I 215 71.52 -33.39 9.08
C PHE I 215 70.67 -32.72 10.16
N ALA I 216 70.05 -31.60 9.80
CA ALA I 216 69.04 -30.96 10.65
C ALA I 216 67.85 -31.91 10.73
N GLU I 217 67.31 -32.08 11.93
CA GLU I 217 66.22 -33.05 12.14
C GLU I 217 66.59 -34.40 11.49
N GLY I 218 67.72 -34.93 11.93
CA GLY I 218 68.31 -36.14 11.36
C GLY I 218 67.88 -37.41 12.07
N ASP I 219 68.69 -38.47 11.90
CA ASP I 219 68.35 -39.79 12.40
C ASP I 219 67.08 -40.35 11.75
N LEU I 220 66.88 -40.07 10.44
CA LEU I 220 65.67 -40.48 9.75
C LEU I 220 65.96 -41.10 8.38
N TYR I 221 67.19 -41.57 8.16
CA TYR I 221 67.60 -42.25 6.90
C TYR I 221 67.83 -41.27 5.76
N ALA I 222 68.75 -41.64 4.86
CA ALA I 222 69.14 -40.78 3.74
C ALA I 222 68.17 -40.83 2.57
N GLU I 223 67.47 -41.96 2.44
CA GLU I 223 66.51 -42.20 1.35
C GLU I 223 65.11 -41.71 1.72
N GLU I 224 64.78 -41.74 3.01
CA GLU I 224 63.44 -41.40 3.49
C GLU I 224 63.17 -39.87 3.49
N VAL I 225 64.21 -39.08 3.79
CA VAL I 225 64.07 -37.61 3.85
C VAL I 225 63.61 -37.05 2.51
N GLY I 226 62.86 -35.95 2.56
CA GLY I 226 62.39 -35.27 1.34
C GLY I 226 63.50 -34.64 0.54
N GLY I 227 64.51 -34.12 1.23
CA GLY I 227 65.62 -33.42 0.58
C GLY I 227 66.45 -34.23 -0.43
N ASP I 228 66.30 -35.55 -0.41
CA ASP I 228 67.05 -36.48 -1.25
C ASP I 228 67.53 -35.91 -2.59
N PHE I 229 68.84 -35.83 -2.74
CA PHE I 229 69.47 -35.29 -3.96
C PHE I 229 69.67 -36.37 -5.03
N ALA I 230 69.49 -37.63 -4.64
CA ALA I 230 69.78 -38.78 -5.50
C ALA I 230 69.25 -38.70 -6.91
N GLY I 231 68.02 -38.25 -7.05
CA GLY I 231 67.40 -38.11 -8.36
C GLY I 231 68.09 -37.08 -9.21
N GLU I 232 68.46 -35.96 -8.58
CA GLU I 232 69.12 -34.87 -9.27
C GLU I 232 70.57 -35.24 -9.61
N ALA I 233 71.20 -36.00 -8.72
CA ALA I 233 72.56 -36.48 -8.96
C ALA I 233 72.64 -37.37 -10.20
N TYR I 234 71.67 -38.26 -10.36
CA TYR I 234 71.59 -39.16 -11.50
C TYR I 234 71.49 -38.38 -12.81
N ARG I 235 70.65 -37.35 -12.82
CA ARG I 235 70.51 -36.49 -14.00
C ARG I 235 71.83 -35.78 -14.33
N LEU I 236 72.52 -35.32 -13.29
CA LEU I 236 73.82 -34.66 -13.45
C LEU I 236 74.86 -35.62 -14.01
N GLY I 237 74.67 -36.91 -13.75
CA GLY I 237 75.55 -37.95 -14.28
C GLY I 237 75.51 -38.03 -15.79
N GLU I 238 74.32 -38.30 -16.31
CA GLU I 238 74.12 -38.35 -17.76
C GLU I 238 74.36 -37.00 -18.44
N ALA I 239 74.33 -35.91 -17.67
CA ALA I 239 74.69 -34.58 -18.18
C ALA I 239 76.19 -34.47 -18.46
N VAL I 240 77.00 -34.87 -17.49
CA VAL I 240 78.45 -34.89 -17.64
C VAL I 240 78.89 -35.93 -18.66
N ALA I 241 78.19 -37.07 -18.70
CA ALA I 241 78.49 -38.12 -19.67
C ALA I 241 78.14 -37.69 -21.10
N SER I 242 77.13 -36.84 -21.22
CA SER I 242 76.70 -36.36 -22.54
C SER I 242 77.77 -35.50 -23.16
N VAL I 243 78.24 -34.50 -22.41
CA VAL I 243 79.30 -33.60 -22.88
C VAL I 243 80.61 -34.36 -23.17
N HIS I 244 80.95 -35.33 -22.33
CA HIS I 244 82.13 -36.17 -22.54
C HIS I 244 82.08 -36.96 -23.85
N ALA I 245 80.95 -37.63 -24.10
CA ALA I 245 80.78 -38.43 -25.31
C ALA I 245 80.75 -37.56 -26.55
N CYS I 246 80.09 -36.41 -26.43
CA CYS I 246 80.04 -35.44 -27.52
C CYS I 246 81.41 -34.81 -27.80
N LEU I 247 82.16 -34.56 -26.73
CA LEU I 247 83.49 -33.97 -26.87
C LEU I 247 84.43 -34.95 -27.54
N ALA I 248 84.33 -36.22 -27.16
CA ALA I 248 85.15 -37.28 -27.76
C ALA I 248 84.89 -37.50 -29.26
N HIS I 249 83.68 -37.19 -29.70
CA HIS I 249 83.31 -37.32 -31.10
C HIS I 249 84.11 -36.34 -31.96
N GLU I 250 84.12 -35.07 -31.56
CA GLU I 250 84.85 -34.03 -32.30
C GLU I 250 86.33 -33.95 -31.96
N LEU I 251 86.65 -34.02 -30.67
CA LEU I 251 88.04 -33.97 -30.22
C LEU I 251 88.83 -35.21 -30.64
N GLY I 252 88.15 -36.35 -30.70
CA GLY I 252 88.79 -37.63 -30.98
C GLY I 252 89.33 -38.26 -29.71
N THR I 253 89.77 -39.52 -29.83
CA THR I 253 90.31 -40.27 -28.69
C THR I 253 91.68 -40.84 -29.04
N GLU I 254 92.46 -41.13 -28.01
CA GLU I 254 93.75 -41.80 -28.16
C GLU I 254 93.96 -42.77 -26.99
N GLU I 255 94.91 -43.69 -27.13
CA GLU I 255 95.26 -44.61 -26.05
C GLU I 255 96.60 -44.19 -25.45
N VAL I 256 96.69 -44.19 -24.13
CA VAL I 256 97.93 -43.83 -23.43
C VAL I 256 98.01 -44.61 -22.12
N PRO I 257 99.23 -44.85 -21.60
CA PRO I 257 99.33 -45.56 -20.31
C PRO I 257 99.22 -44.63 -19.09
N PHE I 258 98.75 -45.17 -17.97
CA PHE I 258 98.59 -44.40 -16.72
C PHE I 258 99.88 -43.67 -16.38
N PRO I 259 99.80 -42.36 -16.11
CA PRO I 259 101.01 -41.56 -15.82
C PRO I 259 101.68 -41.94 -14.48
N ALA I 260 102.30 -43.12 -14.45
CA ALA I 260 102.86 -43.65 -13.21
C ALA I 260 103.91 -42.72 -12.63
N ASP I 261 104.94 -42.41 -13.43
CA ASP I 261 106.06 -41.57 -13.01
C ASP I 261 105.63 -40.11 -12.81
N VAL I 262 104.60 -39.67 -13.54
CA VAL I 262 104.08 -38.31 -13.41
C VAL I 262 103.27 -38.16 -12.15
N MET I 263 102.38 -39.11 -11.89
CA MET I 263 101.52 -39.08 -10.69
C MET I 263 102.28 -39.51 -9.43
N ALA I 264 103.43 -40.16 -9.61
CA ALA I 264 104.34 -40.42 -8.49
C ALA I 264 105.00 -39.12 -8.04
N GLN I 265 105.38 -38.29 -9.01
CA GLN I 265 105.98 -36.97 -8.74
C GLN I 265 104.99 -36.07 -7.98
N ARG I 266 103.70 -36.23 -8.25
CA ARG I 266 102.66 -35.49 -7.53
C ARG I 266 102.57 -35.93 -6.07
N LEU I 267 102.53 -37.25 -5.85
CA LEU I 267 102.44 -37.81 -4.51
C LEU I 267 103.73 -37.60 -3.73
N ALA I 268 104.85 -37.51 -4.43
CA ALA I 268 106.15 -37.25 -3.80
C ALA I 268 106.26 -35.82 -3.29
N ALA I 269 105.84 -34.87 -4.13
CA ALA I 269 105.85 -33.45 -3.76
C ALA I 269 104.84 -33.14 -2.66
N ALA I 270 103.73 -33.87 -2.67
CA ALA I 270 102.69 -33.74 -1.63
C ALA I 270 103.25 -34.10 -0.25
N VAL I 271 104.18 -35.06 -0.22
CA VAL I 271 104.81 -35.48 1.04
C VAL I 271 105.75 -34.43 1.63
N ASP I 272 106.00 -33.34 0.89
CA ASP I 272 106.79 -32.20 1.41
C ASP I 272 106.09 -31.55 2.60
N ALA I 273 104.79 -31.28 2.46
CA ALA I 273 103.94 -30.82 3.56
C ALA I 273 103.29 -32.04 4.23
N VAL I 274 104.13 -32.93 4.75
CA VAL I 274 103.68 -34.23 5.24
C VAL I 274 102.93 -34.13 6.56
N PRO I 275 101.90 -34.98 6.71
CA PRO I 275 101.15 -35.27 7.92
C PRO I 275 101.23 -36.77 8.25
N GLU I 276 100.08 -37.39 8.55
CA GLU I 276 99.97 -38.86 8.57
C GLU I 276 99.89 -39.43 7.14
N LEU I 277 99.85 -38.54 6.14
CA LEU I 277 99.86 -38.92 4.71
C LEU I 277 101.05 -39.81 4.33
N ARG I 278 102.19 -39.65 5.01
CA ARG I 278 103.35 -40.50 4.82
C ARG I 278 103.09 -41.95 5.23
N GLU I 279 102.21 -42.16 6.21
CA GLU I 279 101.82 -43.49 6.67
C GLU I 279 100.93 -44.22 5.67
N HIS I 280 100.08 -43.48 4.97
CA HIS I 280 99.24 -44.03 3.91
C HIS I 280 100.07 -44.26 2.62
N VAL I 281 101.14 -43.49 2.46
CA VAL I 281 101.92 -43.43 1.21
C VAL I 281 102.35 -44.78 0.61
N PRO I 282 102.82 -45.72 1.46
CA PRO I 282 103.13 -47.05 0.92
C PRO I 282 101.90 -47.81 0.42
N GLN I 283 100.79 -47.71 1.15
CA GLN I 283 99.53 -48.33 0.72
C GLN I 283 98.99 -47.64 -0.53
N ILE I 284 99.19 -46.33 -0.63
CA ILE I 284 98.78 -45.54 -1.80
C ILE I 284 99.64 -45.90 -3.01
N GLU I 285 100.96 -45.96 -2.79
CA GLU I 285 101.92 -46.32 -3.84
C GLU I 285 101.65 -47.74 -4.35
N GLU I 286 101.18 -48.61 -3.48
CA GLU I 286 100.79 -49.98 -3.84
C GLU I 286 99.57 -49.98 -4.77
N ARG I 287 98.66 -49.03 -4.55
CA ARG I 287 97.51 -48.85 -5.44
C ARG I 287 97.93 -48.25 -6.79
N TYR I 288 98.96 -47.40 -6.75
CA TYR I 288 99.50 -46.77 -7.97
C TYR I 288 100.25 -47.75 -8.87
N HIS I 289 101.28 -48.39 -8.33
CA HIS I 289 102.09 -49.34 -9.12
C HIS I 289 101.34 -50.63 -9.48
N LYS I 290 100.13 -50.80 -8.95
CA LYS I 290 99.23 -51.88 -9.36
C LYS I 290 98.72 -51.68 -10.79
N LEU I 291 98.45 -50.41 -11.14
CA LEU I 291 97.93 -50.06 -12.46
C LEU I 291 99.03 -49.62 -13.46
N ALA I 292 100.29 -49.89 -13.13
CA ALA I 292 101.42 -49.55 -13.99
C ALA I 292 101.42 -50.42 -15.25
N ASP I 293 101.84 -49.82 -16.37
CA ASP I 293 101.84 -50.48 -17.68
C ASP I 293 100.45 -50.93 -18.13
N THR I 294 99.44 -50.10 -17.86
CA THR I 294 98.08 -50.34 -18.31
C THR I 294 97.62 -49.14 -19.12
N THR I 295 96.88 -49.40 -20.19
CA THR I 295 96.44 -48.35 -21.12
C THR I 295 95.03 -47.85 -20.84
N MET I 296 94.83 -46.54 -20.98
CA MET I 296 93.54 -45.88 -20.79
C MET I 296 93.15 -45.17 -22.09
N THR I 297 91.99 -44.54 -22.09
CA THR I 297 91.52 -43.76 -23.23
C THR I 297 91.54 -42.30 -22.84
N VAL I 298 92.10 -41.45 -23.68
CA VAL I 298 92.18 -40.01 -23.38
C VAL I 298 91.38 -39.16 -24.38
N GLN I 299 90.46 -38.37 -23.83
CA GLN I 299 89.69 -37.40 -24.60
C GLN I 299 90.08 -36.02 -24.14
N ARG I 300 89.56 -35.03 -24.85
CA ARG I 300 89.53 -33.68 -24.33
C ARG I 300 88.48 -33.70 -23.22
N VAL I 301 88.77 -33.05 -22.09
CA VAL I 301 87.86 -33.07 -20.92
C VAL I 301 87.75 -31.70 -20.28
N HIS I 302 86.89 -31.60 -19.26
CA HIS I 302 86.70 -30.35 -18.52
C HIS I 302 87.97 -29.92 -17.75
N GLY I 303 88.57 -30.86 -17.03
CA GLY I 303 89.83 -30.64 -16.34
C GLY I 303 89.70 -30.20 -14.90
N ASP I 304 88.60 -29.51 -14.59
CA ASP I 304 88.33 -28.99 -13.25
C ASP I 304 86.85 -29.06 -12.93
N LEU I 305 86.30 -30.27 -12.86
CA LEU I 305 84.90 -30.43 -12.50
C LEU I 305 84.70 -30.50 -10.98
N HIS I 306 83.80 -29.67 -10.50
CA HIS I 306 83.24 -29.81 -9.15
C HIS I 306 81.87 -29.15 -9.15
N LEU I 307 81.09 -29.42 -8.11
CA LEU I 307 79.70 -28.94 -8.06
C LEU I 307 79.56 -27.43 -8.27
N GLY I 308 80.59 -26.66 -7.96
CA GLY I 308 80.61 -25.22 -8.20
C GLY I 308 80.58 -24.84 -9.66
N GLN I 309 81.23 -25.64 -10.51
CA GLN I 309 81.34 -25.35 -11.95
C GLN I 309 80.17 -25.95 -12.74
N VAL I 310 79.08 -26.25 -12.06
CA VAL I 310 77.90 -26.88 -12.66
C VAL I 310 76.64 -26.12 -12.22
N LEU I 311 75.81 -25.73 -13.18
CA LEU I 311 74.63 -24.91 -12.90
C LEU I 311 73.36 -25.64 -13.26
N ARG I 312 72.29 -25.37 -12.51
CA ARG I 312 70.98 -25.91 -12.84
C ARG I 312 70.00 -24.83 -13.27
N THR I 313 69.48 -25.00 -14.48
CA THR I 313 68.44 -24.16 -15.01
C THR I 313 67.16 -25.00 -15.10
N PRO I 314 66.02 -24.34 -15.30
CA PRO I 314 64.86 -25.12 -15.68
C PRO I 314 65.14 -25.79 -17.01
N LYS I 315 64.75 -27.05 -17.14
CA LYS I 315 65.02 -27.81 -18.36
C LYS I 315 66.52 -27.96 -18.64
N GLY I 316 67.28 -28.42 -17.64
CA GLY I 316 68.64 -28.90 -17.86
C GLY I 316 69.75 -28.49 -16.90
N TRP I 317 70.76 -29.35 -16.79
CA TRP I 317 72.03 -29.03 -16.13
C TRP I 317 72.99 -28.39 -17.13
N LEU I 318 73.76 -27.42 -16.67
CA LEU I 318 74.75 -26.70 -17.50
C LEU I 318 76.15 -26.89 -16.93
N LEU I 319 77.11 -27.16 -17.80
CA LEU I 319 78.52 -27.20 -17.39
C LEU I 319 79.22 -25.90 -17.81
N ILE I 320 79.88 -25.24 -16.85
CA ILE I 320 80.56 -23.97 -17.10
C ILE I 320 82.02 -23.98 -16.66
N ASP I 321 82.73 -22.88 -16.91
CA ASP I 321 84.10 -22.67 -16.43
C ASP I 321 85.04 -23.78 -16.88
N PHE I 322 85.19 -23.98 -18.18
CA PHE I 322 86.20 -24.90 -18.69
C PHE I 322 87.59 -24.27 -18.59
N GLU I 323 87.98 -23.97 -17.36
CA GLU I 323 89.11 -23.07 -17.02
C GLU I 323 90.40 -23.42 -17.78
N GLY I 324 90.92 -24.65 -17.72
CA GLY I 324 90.42 -25.75 -16.90
C GLY I 324 91.24 -25.91 -15.62
N GLU I 325 92.57 -25.98 -15.77
CA GLU I 325 93.51 -26.19 -14.63
C GLU I 325 93.29 -27.53 -13.91
N PRO I 329 100.28 -23.27 -16.81
CA PRO I 329 100.72 -24.12 -17.91
C PRO I 329 99.55 -24.34 -18.86
N LEU I 330 99.36 -23.39 -19.77
CA LEU I 330 98.26 -23.44 -20.75
C LEU I 330 98.42 -24.59 -21.73
N ASP I 331 99.68 -24.95 -21.99
CA ASP I 331 100.00 -26.12 -22.81
C ASP I 331 99.48 -27.40 -22.17
N GLU I 332 99.71 -27.55 -20.87
CA GLU I 332 99.28 -28.72 -20.12
C GLU I 332 97.76 -28.77 -19.94
N ARG I 333 97.12 -27.62 -19.87
CA ARG I 333 95.66 -27.54 -19.69
C ARG I 333 94.89 -28.11 -20.86
N ARG I 334 95.37 -27.84 -22.08
CA ARG I 334 94.75 -28.35 -23.31
C ARG I 334 94.97 -29.86 -23.53
N ARG I 335 96.02 -30.43 -22.92
CA ARG I 335 96.34 -31.83 -23.10
C ARG I 335 95.16 -32.74 -22.71
N PRO I 336 94.87 -33.77 -23.53
CA PRO I 336 93.78 -34.71 -23.24
C PRO I 336 93.99 -35.52 -21.96
N ASP I 337 92.95 -36.20 -21.49
CA ASP I 337 93.03 -36.99 -20.27
C ASP I 337 91.87 -37.96 -20.13
N THR I 338 92.06 -39.00 -19.31
CA THR I 338 91.01 -39.95 -18.97
C THR I 338 89.80 -39.22 -18.39
N PRO I 339 88.61 -39.50 -18.93
CA PRO I 339 87.40 -38.90 -18.34
C PRO I 339 87.18 -39.34 -16.88
N VAL I 340 87.85 -40.41 -16.46
CA VAL I 340 87.82 -40.88 -15.07
C VAL I 340 88.33 -39.81 -14.09
N ARG I 341 89.07 -38.82 -14.58
CA ARG I 341 89.52 -37.69 -13.77
C ARG I 341 88.38 -36.73 -13.47
N ASP I 342 87.49 -36.52 -14.44
CA ASP I 342 86.34 -35.62 -14.26
C ASP I 342 85.27 -36.19 -13.32
N VAL I 343 84.95 -37.48 -13.47
CA VAL I 343 84.01 -38.15 -12.55
C VAL I 343 84.64 -38.27 -11.16
N ALA I 344 85.96 -38.31 -11.09
CA ALA I 344 86.65 -38.26 -9.80
C ALA I 344 86.43 -36.89 -9.14
N GLY I 345 86.48 -35.84 -9.95
CA GLY I 345 86.28 -34.48 -9.44
C GLY I 345 84.91 -34.24 -8.85
N ILE I 346 83.87 -34.77 -9.51
CA ILE I 346 82.49 -34.61 -9.04
C ILE I 346 82.26 -35.45 -7.79
N LEU I 347 82.73 -36.70 -7.80
CA LEU I 347 82.61 -37.57 -6.64
C LEU I 347 83.41 -37.03 -5.48
N ARG I 348 84.54 -36.39 -5.78
CA ARG I 348 85.35 -35.74 -4.75
C ARG I 348 84.58 -34.57 -4.13
N SER I 349 83.86 -33.84 -4.98
CA SER I 349 83.09 -32.67 -4.54
C SER I 349 81.90 -33.03 -3.67
N PHE I 350 81.30 -34.20 -3.91
CA PHE I 350 80.17 -34.65 -3.10
C PHE I 350 80.57 -34.83 -1.64
N GLU I 351 81.72 -35.44 -1.40
CA GLU I 351 82.20 -35.65 -0.03
C GLU I 351 82.50 -34.32 0.66
N TYR I 352 83.05 -33.36 -0.08
CA TYR I 352 83.31 -32.03 0.49
C TYR I 352 82.04 -31.28 0.84
N ALA I 353 81.01 -31.42 0.02
CA ALA I 353 79.71 -30.82 0.29
C ALA I 353 79.07 -31.38 1.56
N ALA I 354 79.21 -32.69 1.76
CA ALA I 354 78.61 -33.37 2.91
C ALA I 354 79.35 -33.10 4.22
N HIS I 355 80.67 -32.92 4.16
CA HIS I 355 81.48 -32.82 5.36
C HIS I 355 81.90 -31.42 5.75
N GLN I 356 81.81 -30.46 4.83
CA GLN I 356 81.92 -29.05 5.22
C GLN I 356 80.81 -28.76 6.19
N ARG I 357 79.63 -29.29 5.82
CA ARG I 357 78.42 -29.24 6.64
C ARG I 357 78.68 -29.91 8.01
N LEU I 358 79.31 -31.08 8.02
CA LEU I 358 79.65 -31.79 9.27
C LEU I 358 80.68 -31.07 10.11
N VAL I 359 81.52 -30.26 9.45
CA VAL I 359 82.45 -29.36 10.14
C VAL I 359 81.63 -28.17 10.65
N ASP I 360 80.70 -27.71 9.80
CA ASP I 360 79.69 -26.72 10.19
C ASP I 360 78.63 -27.29 11.17
N GLN I 361 78.63 -28.62 11.29
CA GLN I 361 77.85 -29.35 12.30
C GLN I 361 78.69 -29.86 13.45
N ALA I 362 80.00 -29.76 13.31
CA ALA I 362 80.89 -29.78 14.45
C ALA I 362 80.98 -28.32 14.95
N GLY I 363 80.11 -27.46 14.41
CA GLY I 363 80.10 -26.03 14.65
C GLY I 363 79.52 -25.43 15.94
N ASP I 364 78.35 -25.86 16.49
CA ASP I 364 77.54 -27.05 16.15
C ASP I 364 78.00 -28.33 16.86
N ASP I 365 78.90 -28.17 17.83
CA ASP I 365 79.36 -29.27 18.71
C ASP I 365 78.22 -29.62 19.70
N ASP I 366 78.38 -30.54 20.68
CA ASP I 366 79.56 -31.37 20.96
C ASP I 366 79.30 -32.91 21.01
N ASP I 367 78.23 -33.33 21.69
CA ASP I 367 78.09 -34.73 22.16
C ASP I 367 78.03 -35.86 21.11
N ARG I 368 77.15 -35.74 20.12
CA ARG I 368 76.89 -36.84 19.18
C ARG I 368 76.93 -36.37 17.72
N ALA I 369 78.11 -35.93 17.31
CA ALA I 369 78.41 -35.70 15.90
C ALA I 369 78.59 -37.03 15.18
N ARG I 370 78.71 -38.12 15.94
CA ARG I 370 78.76 -39.48 15.40
C ARG I 370 77.54 -39.83 14.56
N GLN I 371 76.38 -39.26 14.91
CA GLN I 371 75.16 -39.43 14.14
C GLN I 371 75.26 -38.77 12.78
N LEU I 372 75.81 -37.55 12.77
CA LEU I 372 75.92 -36.78 11.55
C LEU I 372 76.87 -37.46 10.57
N ALA I 373 77.99 -37.95 11.08
CA ALA I 373 78.93 -38.70 10.25
C ALA I 373 78.27 -39.91 9.57
N ALA I 374 77.42 -40.60 10.33
CA ALA I 374 76.69 -41.76 9.82
C ALA I 374 75.77 -41.38 8.67
N ARG I 375 75.14 -40.21 8.80
CA ARG I 375 74.27 -39.69 7.77
C ARG I 375 75.07 -39.15 6.59
N ALA I 376 76.20 -38.53 6.87
CA ALA I 376 77.04 -38.00 5.80
C ALA I 376 77.60 -39.11 4.93
N ARG I 377 78.13 -40.15 5.57
CA ARG I 377 78.65 -41.30 4.84
C ARG I 377 77.54 -41.92 4.00
N GLU I 378 76.34 -41.99 4.56
CA GLU I 378 75.15 -42.45 3.83
C GLU I 378 74.92 -41.59 2.60
N TRP I 379 74.87 -40.27 2.82
CA TRP I 379 74.56 -39.33 1.74
C TRP I 379 75.68 -39.30 0.70
N VAL I 380 76.93 -39.23 1.17
CA VAL I 380 78.08 -39.15 0.27
C VAL I 380 78.13 -40.35 -0.66
N THR I 381 77.95 -41.55 -0.12
CA THR I 381 78.03 -42.78 -0.91
C THR I 381 76.81 -43.06 -1.77
N ARG I 382 75.67 -42.45 -1.45
CA ARG I 382 74.43 -42.71 -2.18
C ARG I 382 74.29 -41.86 -3.44
N ASN I 383 74.71 -40.61 -3.36
CA ASN I 383 74.66 -39.70 -4.50
C ASN I 383 75.84 -39.90 -5.45
N CYS I 384 76.94 -40.42 -4.91
CA CYS I 384 78.03 -40.87 -5.74
C CYS I 384 77.60 -42.08 -6.57
N ALA I 385 76.82 -42.95 -5.94
CA ALA I 385 76.23 -44.08 -6.64
C ALA I 385 75.26 -43.59 -7.69
N SER I 386 74.32 -42.74 -7.27
CA SER I 386 73.31 -42.20 -8.17
C SER I 386 73.94 -41.47 -9.36
N PHE I 387 75.05 -40.79 -9.13
CA PHE I 387 75.76 -40.07 -10.19
C PHE I 387 76.40 -41.02 -11.17
N CYS I 388 77.15 -41.99 -10.65
CA CYS I 388 77.81 -42.98 -11.50
C CYS I 388 76.76 -43.77 -12.30
N ASP I 389 75.62 -44.08 -11.67
CA ASP I 389 74.55 -44.82 -12.33
C ASP I 389 74.07 -44.06 -13.55
N GLY I 390 73.86 -42.76 -13.38
CA GLY I 390 73.38 -41.89 -14.46
C GLY I 390 74.40 -41.69 -15.56
N TYR I 391 75.67 -41.61 -15.19
CA TYR I 391 76.76 -41.51 -16.15
C TYR I 391 76.77 -42.77 -17.02
N ALA I 392 76.71 -43.91 -16.35
CA ALA I 392 76.74 -45.20 -17.03
C ALA I 392 75.50 -45.45 -17.88
N ALA I 393 74.40 -44.80 -17.52
CA ALA I 393 73.16 -44.91 -18.28
C ALA I 393 73.23 -44.15 -19.61
N GLU I 394 74.10 -43.15 -19.69
CA GLU I 394 74.22 -42.35 -20.90
C GLU I 394 75.16 -43.01 -21.90
N ALA I 395 76.41 -43.20 -21.52
CA ALA I 395 77.35 -43.93 -22.36
C ALA I 395 77.36 -45.37 -21.88
N GLY I 396 77.53 -46.31 -22.82
CA GLY I 396 77.59 -47.75 -22.51
C GLY I 396 78.57 -48.08 -21.39
N THR I 397 79.73 -47.41 -21.42
CA THR I 397 80.78 -47.59 -20.41
C THR I 397 80.34 -47.13 -19.01
N ASP I 398 80.64 -47.97 -18.02
CA ASP I 398 80.41 -47.63 -16.61
C ASP I 398 81.76 -47.31 -15.94
N PRO I 399 81.88 -46.13 -15.30
CA PRO I 399 83.12 -45.74 -14.62
C PRO I 399 83.53 -46.69 -13.48
N ARG I 400 82.55 -47.11 -12.67
CA ARG I 400 82.78 -48.04 -11.57
C ARG I 400 83.17 -49.43 -12.08
N ASP I 401 82.79 -49.76 -13.31
CA ASP I 401 83.15 -51.04 -13.93
C ASP I 401 84.66 -51.15 -14.11
N SER I 402 85.28 -50.03 -14.49
CA SER I 402 86.74 -49.90 -14.50
C SER I 402 87.15 -49.12 -13.25
N ALA I 403 86.86 -49.69 -12.08
CA ALA I 403 87.02 -48.99 -10.79
C ALA I 403 88.46 -48.64 -10.45
N ASP I 404 89.39 -49.56 -10.68
CA ASP I 404 90.79 -49.36 -10.30
C ASP I 404 91.38 -48.09 -10.87
N LEU I 405 91.04 -47.74 -12.12
CA LEU I 405 91.50 -46.51 -12.76
C LEU I 405 90.94 -45.28 -12.05
N LEU I 406 89.66 -45.35 -11.70
CA LEU I 406 88.97 -44.26 -11.01
C LEU I 406 89.50 -44.08 -9.60
N ALA I 407 89.65 -45.17 -8.87
CA ALA I 407 90.14 -45.15 -7.49
C ALA I 407 91.53 -44.53 -7.38
N ALA I 408 92.31 -44.63 -8.46
CA ALA I 408 93.61 -44.00 -8.52
C ALA I 408 93.47 -42.48 -8.60
N TYR I 409 92.67 -42.01 -9.56
CA TYR I 409 92.48 -40.57 -9.75
C TYR I 409 91.77 -39.90 -8.56
N GLU I 410 90.90 -40.63 -7.88
CA GLU I 410 90.28 -40.14 -6.64
C GLU I 410 91.35 -39.93 -5.57
N LEU I 411 92.26 -40.89 -5.45
CA LEU I 411 93.37 -40.79 -4.51
C LEU I 411 94.30 -39.63 -4.85
N ASP I 412 94.51 -39.39 -6.15
CA ASP I 412 95.37 -38.30 -6.61
C ASP I 412 94.71 -36.95 -6.34
N LYS I 413 93.43 -36.86 -6.62
CA LYS I 413 92.67 -35.63 -6.36
C LYS I 413 92.62 -35.32 -4.87
N ALA I 414 92.76 -36.35 -4.04
CA ALA I 414 92.83 -36.16 -2.58
C ALA I 414 94.20 -35.65 -2.12
N VAL I 415 95.26 -36.11 -2.78
CA VAL I 415 96.64 -35.67 -2.49
C VAL I 415 96.85 -34.21 -2.90
N TYR I 416 96.30 -33.82 -4.04
CA TYR I 416 96.30 -32.42 -4.47
C TYR I 416 95.41 -31.58 -3.57
N GLU I 417 94.29 -32.16 -3.13
CA GLU I 417 93.35 -31.51 -2.21
C GLU I 417 93.99 -31.28 -0.85
N ALA I 418 94.73 -32.26 -0.36
CA ALA I 418 95.42 -32.14 0.92
C ALA I 418 96.43 -30.98 0.91
N ALA I 419 97.31 -30.99 -0.08
CA ALA I 419 98.36 -29.98 -0.20
C ALA I 419 97.79 -28.58 -0.47
N TYR I 420 96.80 -28.50 -1.36
CA TYR I 420 96.14 -27.23 -1.68
C TYR I 420 95.38 -26.66 -0.48
N GLU I 421 94.79 -27.55 0.32
CA GLU I 421 94.08 -27.15 1.53
C GLU I 421 95.06 -26.84 2.66
N ALA I 422 95.94 -27.80 2.97
CA ALA I 422 96.84 -27.69 4.13
C ALA I 422 97.60 -26.36 4.21
N ARG I 423 98.14 -25.93 3.06
CA ARG I 423 98.88 -24.67 2.97
C ARG I 423 97.96 -23.49 3.26
N HIS I 424 96.82 -23.44 2.58
CA HIS I 424 95.86 -22.34 2.74
C HIS I 424 95.07 -22.43 4.07
N ARG I 425 94.35 -23.54 4.26
CA ARG I 425 93.48 -23.72 5.43
C ARG I 425 93.81 -24.99 6.24
N PRO I 426 94.31 -24.83 7.47
CA PRO I 426 94.65 -25.98 8.32
C PRO I 426 93.45 -26.82 8.74
N SER I 427 92.30 -26.17 8.91
CA SER I 427 91.08 -26.83 9.39
C SER I 427 90.55 -27.87 8.42
N TRP I 428 90.83 -27.69 7.12
CA TRP I 428 90.37 -28.62 6.08
C TRP I 428 91.03 -30.01 6.19
N LEU I 429 92.32 -30.03 6.56
CA LEU I 429 93.17 -31.25 6.54
C LEU I 429 92.52 -32.60 6.94
N PRO I 430 91.62 -32.61 7.95
CA PRO I 430 90.85 -33.83 8.24
C PRO I 430 90.00 -34.37 7.09
N ILE I 431 89.48 -33.49 6.24
CA ILE I 431 88.63 -33.90 5.13
C ILE I 431 89.40 -34.71 4.08
N PRO I 432 90.54 -34.18 3.58
CA PRO I 432 91.35 -35.01 2.67
C PRO I 432 91.93 -36.26 3.33
N LEU I 433 92.40 -36.10 4.57
CA LEU I 433 93.05 -37.20 5.29
C LEU I 433 92.07 -38.33 5.62
N GLY I 434 90.88 -37.97 6.09
CA GLY I 434 89.85 -38.94 6.42
C GLY I 434 89.30 -39.66 5.18
N SER I 435 89.10 -38.89 4.10
CA SER I 435 88.62 -39.45 2.85
C SER I 435 89.68 -40.33 2.18
N ILE I 436 90.95 -39.97 2.33
CA ILE I 436 92.06 -40.80 1.88
C ILE I 436 92.00 -42.13 2.64
N ALA I 437 91.72 -42.04 3.94
CA ALA I 437 91.59 -43.23 4.80
C ALA I 437 90.38 -44.08 4.40
N ARG I 438 89.29 -43.41 4.01
CA ARG I 438 88.08 -44.09 3.55
C ARG I 438 88.32 -44.92 2.28
N LEU I 439 89.12 -44.38 1.36
CA LEU I 439 89.46 -45.07 0.12
C LEU I 439 90.84 -45.72 0.23
N SER J 2 98.60 25.37 -2.96
CA SER J 2 98.34 25.52 -4.42
C SER J 2 97.94 24.18 -5.08
N VAL J 3 96.68 23.79 -4.86
CA VAL J 3 96.08 22.61 -5.51
C VAL J 3 94.89 23.08 -6.36
N GLU J 4 94.71 22.51 -7.54
CA GLU J 4 93.63 22.92 -8.44
C GLU J 4 92.31 22.21 -8.13
N PHE J 5 91.38 22.93 -7.50
CA PHE J 5 90.11 22.34 -7.02
C PHE J 5 89.02 22.24 -8.08
N GLU J 6 88.97 23.19 -9.01
CA GLU J 6 87.89 23.28 -10.00
C GLU J 6 87.40 21.93 -10.54
N ASP J 7 88.31 20.99 -10.73
CA ASP J 7 87.97 19.68 -11.32
C ASP J 7 87.26 18.70 -10.38
N TRP J 8 87.42 18.83 -9.06
CA TRP J 8 86.74 17.92 -8.11
C TRP J 8 85.78 18.59 -7.11
N LEU J 9 85.72 19.92 -7.06
CA LEU J 9 84.75 20.63 -6.20
C LEU J 9 83.42 20.83 -6.91
N THR J 10 83.31 20.30 -8.15
CA THR J 10 82.04 20.15 -8.86
C THR J 10 81.62 18.69 -8.96
N GLN J 11 82.42 17.81 -8.34
CA GLN J 11 82.23 16.37 -8.43
C GLN J 11 81.68 15.77 -7.15
N GLN J 12 81.55 16.58 -6.09
CA GLN J 12 81.31 16.04 -4.75
C GLN J 12 79.86 15.71 -4.39
N ARG J 13 78.91 16.35 -5.08
CA ARG J 13 77.49 16.15 -4.79
C ARG J 13 77.07 16.80 -3.46
N TRP J 14 77.91 17.67 -2.91
CA TRP J 14 77.43 18.73 -2.03
C TRP J 14 77.54 20.07 -2.76
N TYR J 15 78.09 20.03 -3.97
CA TYR J 15 78.28 21.24 -4.76
C TYR J 15 76.96 21.73 -5.32
N ALA J 16 76.65 23.00 -5.07
CA ALA J 16 75.36 23.56 -5.44
C ALA J 16 75.26 23.78 -6.93
N GLY J 17 76.22 24.51 -7.49
CA GLY J 17 76.15 24.95 -8.89
C GLY J 17 76.37 23.90 -9.96
N ARG J 18 75.80 22.71 -9.79
CA ARG J 18 75.84 21.66 -10.81
C ARG J 18 75.21 22.15 -12.12
N ASN J 19 74.28 23.10 -12.02
CA ASN J 19 73.68 23.73 -13.18
C ASN J 19 73.85 25.25 -13.17
N ARG J 20 75.08 25.70 -12.86
CA ARG J 20 75.43 27.12 -12.85
C ARG J 20 76.44 27.51 -13.95
N GLU J 21 77.41 26.65 -14.23
CA GLU J 21 78.49 26.92 -15.19
C GLU J 21 79.51 27.90 -14.57
N LEU J 22 80.59 27.34 -14.01
CA LEU J 22 81.55 28.10 -13.21
C LEU J 22 82.78 28.54 -14.00
N VAL J 23 83.36 29.67 -13.58
CA VAL J 23 84.69 30.11 -14.01
C VAL J 23 85.61 29.99 -12.78
N SER J 24 86.87 30.38 -12.94
CA SER J 24 87.86 30.31 -11.86
C SER J 24 87.24 30.18 -10.46
N ALA J 25 87.22 28.96 -9.93
CA ALA J 25 86.75 28.70 -8.58
C ALA J 25 87.96 28.51 -7.66
N THR J 26 88.48 29.62 -7.13
CA THR J 26 89.78 29.65 -6.44
C THR J 26 89.61 29.66 -4.93
N THR J 27 90.73 29.67 -4.20
CA THR J 27 90.67 29.69 -2.73
C THR J 27 90.62 31.14 -2.24
N ALA J 28 90.01 31.36 -1.08
CA ALA J 28 89.90 32.70 -0.48
C ALA J 28 90.26 32.75 1.00
N MET J 29 90.75 31.63 1.55
CA MET J 29 91.30 31.60 2.90
C MET J 29 92.08 30.31 3.06
N ALA J 30 93.00 30.28 4.02
CA ALA J 30 93.70 29.06 4.38
C ALA J 30 94.36 29.22 5.74
N VAL J 31 93.78 28.62 6.77
CA VAL J 31 94.41 28.54 8.09
C VAL J 31 94.96 27.12 8.26
N ARG J 32 96.26 27.01 8.54
CA ARG J 32 96.91 25.71 8.71
C ARG J 32 96.66 25.17 10.12
N LEU J 33 95.76 24.20 10.23
CA LEU J 33 95.40 23.63 11.52
C LEU J 33 96.55 22.79 12.12
N ARG J 34 97.24 22.02 11.29
CA ARG J 34 98.33 21.14 11.73
C ARG J 34 99.47 21.24 10.71
N ASP J 35 100.35 20.23 10.67
CA ASP J 35 101.37 20.12 9.63
C ASP J 35 100.79 19.50 8.37
N GLY J 36 99.90 18.54 8.57
CA GLY J 36 99.22 17.86 7.47
C GLY J 36 97.95 18.54 6.99
N LEU J 37 97.30 19.32 7.86
CA LEU J 37 95.97 19.87 7.59
C LEU J 37 95.95 21.34 7.15
N GLU J 38 94.77 21.82 6.76
CA GLU J 38 94.58 23.22 6.38
C GLU J 38 93.10 23.54 6.10
N LEU J 39 92.46 24.31 6.99
CA LEU J 39 91.09 24.78 6.77
C LEU J 39 91.10 25.77 5.63
N VAL J 40 90.42 25.45 4.52
CA VAL J 40 90.43 26.30 3.33
C VAL J 40 89.03 26.63 2.86
N LEU J 41 88.62 27.89 3.06
CA LEU J 41 87.35 28.36 2.52
C LEU J 41 87.56 28.76 1.06
N LEU J 42 87.05 27.95 0.14
CA LEU J 42 87.19 28.15 -1.32
C LEU J 42 86.02 28.97 -1.89
N GLN J 43 86.32 30.03 -2.66
CA GLN J 43 85.31 30.93 -3.22
C GLN J 43 85.02 30.63 -4.69
N ALA J 44 83.75 30.37 -5.01
CA ALA J 44 83.34 29.96 -6.35
C ALA J 44 82.76 31.14 -7.11
N ASN J 45 83.46 31.58 -8.15
CA ASN J 45 83.04 32.72 -8.97
C ASN J 45 82.52 32.27 -10.32
N TYR J 46 81.20 32.26 -10.48
CA TYR J 46 80.58 31.90 -11.75
C TYR J 46 80.43 33.14 -12.62
N ALA J 47 79.93 32.95 -13.84
CA ALA J 47 79.43 34.03 -14.66
C ALA J 47 77.90 33.88 -14.71
N ASP J 48 77.19 35.00 -14.55
CA ASP J 48 75.72 35.00 -14.52
C ASP J 48 75.18 34.18 -13.33
N GLY J 49 75.44 34.66 -12.13
CA GLY J 49 75.00 34.01 -10.89
C GLY J 49 75.89 34.43 -9.74
N PRO J 50 75.29 34.76 -8.57
CA PRO J 50 76.09 35.25 -7.45
C PRO J 50 77.12 34.23 -6.95
N ASP J 51 78.22 34.72 -6.40
CA ASP J 51 79.27 33.84 -5.90
C ASP J 51 78.76 33.05 -4.71
N GLU J 52 79.37 31.89 -4.47
CA GLU J 52 79.14 31.09 -3.26
C GLU J 52 80.48 30.85 -2.61
N ARG J 53 80.48 30.19 -1.45
CA ARG J 53 81.72 29.88 -0.75
C ARG J 53 81.62 28.54 -0.05
N TYR J 54 82.46 27.58 -0.45
CA TYR J 54 82.51 26.26 0.19
C TYR J 54 83.82 26.08 0.96
N GLN J 55 83.79 25.26 1.99
CA GLN J 55 85.02 24.95 2.74
C GLN J 55 85.42 23.50 2.56
N VAL J 56 86.65 23.21 2.97
CA VAL J 56 87.18 21.86 2.93
C VAL J 56 88.52 21.78 3.64
N ILE J 57 88.57 21.02 4.74
CA ILE J 57 89.82 20.76 5.45
C ILE J 57 90.69 19.81 4.62
N VAL J 58 91.80 20.32 4.10
CA VAL J 58 92.67 19.57 3.18
C VAL J 58 93.86 18.94 3.92
N ALA J 59 94.10 17.65 3.66
CA ALA J 59 95.25 16.93 4.23
C ALA J 59 96.24 16.54 3.13
N THR J 60 97.53 16.57 3.46
CA THR J 60 98.60 16.26 2.50
C THR J 60 99.57 15.23 3.05
N GLY J 61 99.96 14.27 2.22
CA GLY J 61 100.78 13.13 2.66
C GLY J 61 100.30 11.88 1.94
N SER J 62 99.96 10.85 2.71
CA SER J 62 99.19 9.71 2.17
C SER J 62 97.76 9.84 2.70
N GLY J 63 96.78 9.33 1.95
CA GLY J 63 95.36 9.58 2.26
C GLY J 63 94.41 8.48 2.73
N PRO J 64 94.90 7.24 2.98
CA PRO J 64 93.97 6.11 3.18
C PRO J 64 92.87 6.38 4.23
N ILE J 65 91.84 5.53 4.35
CA ILE J 65 91.78 4.14 3.82
C ILE J 65 91.93 3.94 2.31
N ASP J 66 92.74 2.95 1.94
CA ASP J 66 93.03 2.64 0.53
C ASP J 66 91.78 2.33 -0.31
N GLU J 67 90.65 2.06 0.33
CA GLU J 67 89.38 1.90 -0.40
C GLU J 67 88.70 3.23 -0.71
N TYR J 68 89.23 4.35 -0.20
CA TYR J 68 88.58 5.66 -0.34
C TYR J 68 89.45 6.75 -0.99
N SER J 69 90.52 6.37 -1.69
CA SER J 69 91.28 7.34 -2.47
C SER J 69 90.45 7.96 -3.59
N VAL J 70 89.37 7.29 -3.97
CA VAL J 70 88.40 7.78 -4.96
C VAL J 70 87.77 9.13 -4.56
N VAL J 71 86.75 9.09 -3.73
CA VAL J 71 86.07 10.32 -3.30
C VAL J 71 87.00 11.32 -2.57
N ALA J 72 88.26 10.95 -2.37
CA ALA J 72 89.22 11.80 -1.67
C ALA J 72 90.13 12.55 -2.62
N THR J 73 90.95 11.81 -3.38
CA THR J 73 92.06 12.38 -4.17
C THR J 73 91.70 13.71 -4.86
N ILE J 74 92.16 14.81 -4.26
CA ILE J 74 91.87 16.16 -4.76
C ILE J 74 92.82 16.53 -5.89
N GLY J 75 94.12 16.47 -5.61
CA GLY J 75 95.13 16.80 -6.61
C GLY J 75 96.56 16.51 -6.15
N ILE J 76 97.48 16.52 -7.10
CA ILE J 76 98.90 16.25 -6.85
C ILE J 76 99.71 17.55 -6.76
N ALA J 77 99.75 18.15 -5.57
CA ALA J 77 100.52 19.37 -5.32
C ALA J 77 101.98 19.03 -5.08
N ASP J 78 102.86 19.39 -6.03
CA ASP J 78 104.28 19.00 -6.02
C ASP J 78 104.85 18.90 -4.59
N GLY J 79 105.25 17.69 -4.14
CA GLY J 79 105.04 16.42 -4.82
C GLY J 79 104.14 15.46 -4.06
N GLN J 80 103.67 15.87 -2.89
CA GLN J 80 102.78 15.04 -2.06
C GLN J 80 101.33 15.22 -2.50
N THR J 81 100.55 14.14 -2.46
CA THR J 81 99.12 14.22 -2.81
C THR J 81 98.34 15.01 -1.77
N ALA J 82 97.31 15.70 -2.23
CA ALA J 82 96.41 16.44 -1.35
C ALA J 82 95.00 15.89 -1.51
N TYR J 83 94.32 15.67 -0.39
CA TYR J 83 93.00 15.03 -0.36
C TYR J 83 92.24 15.59 0.84
N ASP J 84 90.92 15.47 0.86
CA ASP J 84 90.16 15.99 2.02
C ASP J 84 90.18 15.01 3.21
N ALA J 85 90.35 15.59 4.40
CA ALA J 85 90.69 14.85 5.61
C ALA J 85 89.53 14.07 6.20
N LEU J 86 88.30 14.39 5.79
CA LEU J 86 87.14 13.72 6.36
C LEU J 86 87.21 12.21 6.18
N TYR J 87 87.85 11.76 5.10
CA TYR J 87 88.03 10.33 4.85
C TYR J 87 89.24 9.77 5.63
N ASP J 88 89.78 10.57 6.55
CA ASP J 88 90.93 10.17 7.35
C ASP J 88 90.54 10.18 8.83
N PRO J 89 90.63 9.03 9.51
CA PRO J 89 90.21 8.98 10.91
C PRO J 89 91.16 9.70 11.88
N ASP J 90 92.46 9.68 11.60
CA ASP J 90 93.43 10.37 12.44
C ASP J 90 93.35 11.90 12.27
N ALA J 91 92.76 12.35 11.17
CA ALA J 91 92.63 13.79 10.89
C ALA J 91 91.37 14.37 11.48
N THR J 92 90.30 13.57 11.52
CA THR J 92 89.09 14.00 12.21
C THR J 92 89.27 13.95 13.73
N ARG J 93 90.03 12.95 14.21
CA ARG J 93 90.40 12.89 15.63
C ARG J 93 91.04 14.21 16.07
N TYR J 94 91.81 14.83 15.17
CA TYR J 94 92.44 16.12 15.43
C TYR J 94 91.44 17.28 15.30
N LEU J 95 90.68 17.32 14.21
CA LEU J 95 89.67 18.36 14.03
C LEU J 95 88.74 18.39 15.25
N LEU J 96 88.54 17.24 15.90
CA LEU J 96 87.79 17.17 17.14
C LEU J 96 88.61 17.61 18.34
N SER J 97 89.86 17.17 18.44
CA SER J 97 90.70 17.55 19.58
C SER J 97 91.04 19.06 19.58
N LEU J 98 90.77 19.74 18.46
CA LEU J 98 90.86 21.20 18.43
C LEU J 98 89.60 21.83 18.98
N ILE J 99 88.45 21.25 18.66
CA ILE J 99 87.19 21.72 19.21
C ILE J 99 87.08 21.43 20.70
N ASP J 100 87.90 20.51 21.21
CA ASP J 100 87.96 20.21 22.64
C ASP J 100 89.02 21.07 23.35
N GLU J 101 90.04 21.52 22.61
CA GLU J 101 91.16 22.27 23.21
C GLU J 101 90.74 23.37 24.20
N SER J 102 89.82 24.28 23.85
CA SER J 102 89.21 24.42 22.55
C SER J 102 89.88 25.58 21.84
N ALA J 103 90.74 25.24 20.89
CA ALA J 103 91.76 26.15 20.41
C ALA J 103 91.23 27.23 19.48
N THR J 104 92.15 28.05 18.97
CA THR J 104 91.85 29.05 17.97
C THR J 104 93.08 29.31 17.09
N VAL J 105 93.08 28.72 15.90
CA VAL J 105 94.19 28.84 14.98
C VAL J 105 93.93 30.02 14.03
N GLN J 106 94.68 31.12 14.23
CA GLN J 106 94.61 32.31 13.38
C GLN J 106 93.20 32.91 13.33
N ASN J 107 92.45 32.62 12.26
CA ASN J 107 91.11 33.15 12.07
C ASN J 107 90.02 32.23 12.65
N VAL J 108 90.16 30.92 12.47
CA VAL J 108 89.14 29.94 12.87
C VAL J 108 89.16 29.66 14.37
N ARG J 109 88.11 30.06 15.08
CA ARG J 109 87.97 29.80 16.51
C ARG J 109 87.10 28.57 16.74
N PHE J 110 87.64 27.57 17.42
CA PHE J 110 86.85 26.40 17.82
C PHE J 110 86.40 26.59 19.27
N VAL J 111 85.09 26.56 19.52
CA VAL J 111 84.54 26.66 20.86
C VAL J 111 83.94 25.32 21.26
N ARG J 112 83.85 25.04 22.55
CA ARG J 112 83.05 23.89 23.03
C ARG J 112 82.19 24.36 24.16
N GLU J 113 81.10 23.64 24.41
CA GLU J 113 80.22 23.97 25.53
C GLU J 113 80.86 23.35 26.77
N PRO J 114 80.24 23.48 27.96
CA PRO J 114 80.76 22.81 29.19
C PRO J 114 80.58 21.25 29.32
N ASP J 115 80.89 20.51 28.25
CA ASP J 115 80.76 19.04 28.18
C ASP J 115 82.12 18.34 28.02
N VAL J 116 82.12 17.03 27.79
CA VAL J 116 83.34 16.30 27.38
C VAL J 116 83.07 15.59 26.04
N GLU J 117 83.82 15.96 24.99
CA GLU J 117 83.71 15.38 23.65
C GLU J 117 84.27 13.96 23.67
N LEU J 118 84.04 13.20 22.59
CA LEU J 118 84.33 11.76 22.56
C LEU J 118 85.48 11.35 21.62
N PRO J 119 86.71 11.89 21.81
CA PRO J 119 87.81 11.52 20.90
C PRO J 119 88.29 10.11 21.18
N LEU J 120 89.33 9.68 20.49
CA LEU J 120 89.80 8.29 20.58
C LEU J 120 88.60 7.33 20.53
N ASP J 121 87.65 7.63 19.63
CA ASP J 121 86.45 6.81 19.42
C ASP J 121 86.27 6.60 17.92
N ALA J 122 85.99 5.37 17.50
CA ALA J 122 86.06 5.00 16.09
C ALA J 122 85.08 5.80 15.25
N PRO J 123 85.59 6.62 14.28
CA PRO J 123 84.71 7.43 13.43
C PRO J 123 84.57 6.96 11.98
N PRO J 124 83.33 6.98 11.43
CA PRO J 124 83.12 7.00 9.98
C PRO J 124 82.21 8.14 9.52
N ARG J 125 82.32 8.54 8.25
CA ARG J 125 81.47 9.57 7.66
C ARG J 125 80.10 9.01 7.30
N VAL J 126 79.04 9.79 7.49
CA VAL J 126 77.67 9.36 7.14
C VAL J 126 77.34 9.76 5.70
N PHE J 127 76.86 8.78 4.93
CA PHE J 127 76.54 8.91 3.48
C PHE J 127 75.24 9.69 3.17
N GLY J 128 74.35 9.81 4.17
CA GLY J 128 73.26 10.80 4.13
C GLY J 128 73.84 12.21 4.20
N ALA J 129 74.40 12.64 3.06
CA ALA J 129 75.18 13.90 2.96
C ALA J 129 74.39 14.99 2.20
N GLU J 130 73.86 15.94 2.97
CA GLU J 130 73.04 17.03 2.44
C GLU J 130 73.89 17.99 1.62
N GLN J 131 73.25 18.65 0.64
CA GLN J 131 73.89 19.74 -0.12
C GLN J 131 74.32 20.89 0.79
N SER J 132 74.02 20.77 2.09
CA SER J 132 74.58 21.64 3.11
C SER J 132 75.80 21.02 3.81
N ASN J 133 75.90 19.68 3.85
CA ASN J 133 76.84 19.06 4.79
C ASN J 133 77.53 17.75 4.42
N THR J 134 78.54 17.45 5.24
CA THR J 134 79.07 16.11 5.47
C THR J 134 79.21 16.03 6.98
N SER J 135 79.35 14.81 7.51
CA SER J 135 79.34 14.60 8.96
C SER J 135 79.98 13.26 9.33
N VAL J 136 80.84 13.24 10.36
CA VAL J 136 81.41 11.97 10.85
C VAL J 136 80.81 11.63 12.23
N VAL J 137 80.75 10.34 12.56
CA VAL J 137 80.10 9.91 13.80
C VAL J 137 81.02 9.06 14.67
N PHE J 138 81.56 9.68 15.70
CA PHE J 138 82.51 9.02 16.60
C PHE J 138 81.81 8.04 17.53
N GLY J 139 82.00 6.75 17.28
CA GLY J 139 81.32 5.72 18.06
C GLY J 139 79.80 5.81 17.95
N GLU J 140 79.11 5.40 19.01
CA GLU J 140 77.67 5.65 19.14
C GLU J 140 77.44 6.90 20.02
N ASP J 141 78.52 7.66 20.22
CA ASP J 141 78.56 8.73 21.23
C ASP J 141 78.23 10.13 20.68
N ALA J 142 78.98 10.60 19.68
CA ALA J 142 78.83 11.98 19.19
C ALA J 142 78.96 12.09 17.68
N ILE J 143 78.33 13.11 17.11
CA ILE J 143 78.25 13.27 15.65
C ILE J 143 78.69 14.65 15.21
N PHE J 144 79.83 14.69 14.53
CA PHE J 144 80.43 15.91 14.01
C PHE J 144 79.78 16.25 12.67
N LYS J 145 79.75 17.53 12.31
CA LYS J 145 79.02 17.97 11.11
C LYS J 145 79.67 19.20 10.48
N LEU J 146 80.48 18.99 9.44
CA LEU J 146 81.26 20.05 8.78
C LEU J 146 80.48 20.67 7.64
N PHE J 147 79.87 21.84 7.88
CA PHE J 147 79.06 22.53 6.86
C PHE J 147 79.86 22.73 5.58
N ARG J 148 79.35 22.23 4.46
CA ARG J 148 80.07 22.31 3.18
C ARG J 148 79.98 23.69 2.51
N ARG J 149 78.89 24.41 2.74
CA ARG J 149 78.74 25.79 2.23
C ARG J 149 78.53 26.75 3.38
N ILE J 150 79.25 27.86 3.34
CA ILE J 150 79.26 28.78 4.47
C ILE J 150 78.43 30.04 4.20
N THR J 151 77.16 30.05 4.63
CA THR J 151 76.35 31.29 4.67
C THR J 151 76.60 32.03 5.99
N PRO J 152 76.58 33.38 5.99
CA PRO J 152 76.96 34.18 7.18
C PRO J 152 75.97 34.08 8.35
N GLY J 153 76.47 33.82 9.56
CA GLY J 153 75.65 33.52 10.76
C GLY J 153 74.52 34.51 11.09
N VAL J 154 73.74 34.25 12.15
CA VAL J 154 73.93 33.12 13.07
C VAL J 154 72.99 31.97 12.74
N HIS J 155 73.59 30.82 12.40
CA HIS J 155 72.88 29.58 12.11
C HIS J 155 72.02 29.23 13.34
N PRO J 156 70.70 29.54 13.29
CA PRO J 156 69.89 29.56 14.51
C PRO J 156 69.63 28.17 15.09
N ASP J 157 69.83 27.12 14.30
CA ASP J 157 69.80 25.77 14.82
C ASP J 157 70.86 25.60 15.92
N ILE J 158 72.03 26.17 15.70
CA ILE J 158 73.07 26.20 16.74
C ILE J 158 72.69 27.19 17.85
N GLU J 159 72.19 28.36 17.47
CA GLU J 159 71.84 29.38 18.46
C GLU J 159 70.73 28.94 19.40
N LEU J 160 69.80 28.13 18.88
CA LEU J 160 68.69 27.65 19.68
C LEU J 160 69.00 26.34 20.40
N ASN J 161 70.05 25.65 19.96
CA ASN J 161 70.52 24.46 20.67
C ASN J 161 71.43 24.77 21.83
N ARG J 162 72.25 25.80 21.68
CA ARG J 162 73.12 26.20 22.75
C ARG J 162 72.25 26.62 23.91
N VAL J 163 71.36 27.57 23.66
CA VAL J 163 70.50 28.13 24.70
C VAL J 163 69.71 27.08 25.47
N LEU J 164 69.29 26.03 24.77
CA LEU J 164 68.40 25.04 25.36
C LEU J 164 69.18 24.06 26.22
N ALA J 165 70.34 23.64 25.74
CA ALA J 165 71.17 22.66 26.44
C ALA J 165 71.88 23.24 27.68
N ARG J 166 72.37 24.48 27.57
CA ARG J 166 72.91 25.21 28.72
C ARG J 166 71.84 25.39 29.77
N ALA J 167 70.61 25.60 29.30
CA ALA J 167 69.45 25.67 30.17
C ALA J 167 69.11 24.31 30.78
N GLY J 168 69.65 23.24 30.20
CA GLY J 168 69.42 21.90 30.70
C GLY J 168 68.05 21.39 30.31
N ASN J 169 67.72 21.52 29.03
CA ASN J 169 66.46 21.01 28.53
C ASN J 169 66.65 19.56 28.11
N PRO J 170 65.88 18.63 28.69
CA PRO J 170 66.04 17.22 28.34
C PRO J 170 65.52 16.86 26.93
N HIS J 171 64.84 17.79 26.28
CA HIS J 171 64.23 17.53 24.98
C HIS J 171 64.99 18.20 23.83
N VAL J 172 66.29 17.89 23.72
CA VAL J 172 67.08 18.32 22.56
C VAL J 172 68.28 17.41 22.46
N ALA J 173 68.99 17.48 21.34
CA ALA J 173 70.22 16.71 21.14
C ALA J 173 71.42 17.51 21.64
N ARG J 174 71.70 17.38 22.93
CA ARG J 174 72.69 18.19 23.63
C ARG J 174 73.84 18.63 22.71
N LEU J 175 73.98 19.94 22.52
CA LEU J 175 75.07 20.51 21.70
C LEU J 175 76.39 20.41 22.46
N LEU J 176 77.38 19.76 21.84
CA LEU J 176 78.68 19.53 22.47
C LEU J 176 79.73 20.58 22.10
N GLY J 177 79.86 20.90 20.82
CA GLY J 177 80.79 21.94 20.39
C GLY J 177 80.43 22.56 19.05
N SER J 178 81.13 23.63 18.68
CA SER J 178 80.98 24.26 17.36
C SER J 178 82.32 24.83 16.94
N PHE J 179 82.39 25.39 15.74
CA PHE J 179 83.54 26.24 15.38
C PHE J 179 83.20 27.21 14.26
N GLU J 180 83.91 28.33 14.21
CA GLU J 180 83.58 29.40 13.28
C GLU J 180 84.74 30.33 12.97
N THR J 181 84.47 31.37 12.19
CA THR J 181 85.51 32.29 11.71
C THR J 181 84.87 33.59 11.20
N GLU J 182 85.50 34.73 11.51
CA GLU J 182 85.01 36.04 11.07
C GLU J 182 85.72 36.52 9.79
N TRP J 183 85.25 36.02 8.64
CA TRP J 183 85.84 36.35 7.34
C TRP J 183 85.19 37.57 6.69
N GLU J 184 86.04 38.45 6.14
CA GLU J 184 85.62 39.74 5.63
C GLU J 184 84.95 40.51 6.77
N GLY J 185 83.64 40.74 6.66
CA GLY J 185 82.89 41.42 7.71
C GLY J 185 82.17 40.42 8.59
N GLU J 186 81.24 39.68 7.99
CA GLU J 186 80.33 38.81 8.72
C GLU J 186 81.00 37.54 9.23
N PRO J 187 80.41 36.89 10.26
CA PRO J 187 80.93 35.65 10.80
C PRO J 187 80.38 34.44 10.04
N TYR J 188 81.16 33.36 10.00
CA TYR J 188 80.77 32.11 9.33
C TYR J 188 80.89 30.93 10.29
N ALA J 189 79.78 30.27 10.57
CA ALA J 189 79.82 29.03 11.36
C ALA J 189 80.15 27.87 10.43
N LEU J 190 81.29 27.24 10.69
CA LEU J 190 81.85 26.22 9.79
C LEU J 190 81.47 24.78 10.16
N GLY J 191 81.14 24.54 11.43
CA GLY J 191 80.69 23.21 11.83
C GLY J 191 80.18 23.12 13.25
N MET J 192 79.71 21.94 13.61
CA MET J 192 79.20 21.69 14.95
C MET J 192 79.24 20.20 15.23
N VAL J 193 79.26 19.85 16.52
CA VAL J 193 79.25 18.46 16.93
C VAL J 193 78.24 18.31 18.06
N THR J 194 77.45 17.23 18.01
CA THR J 194 76.37 17.01 18.97
C THR J 194 76.30 15.56 19.47
N GLU J 195 75.57 15.39 20.57
CA GLU J 195 75.45 14.12 21.27
C GLU J 195 74.67 13.19 20.36
N PHE J 196 75.26 12.06 20.00
CA PHE J 196 74.64 11.19 19.00
C PHE J 196 73.55 10.34 19.62
N ALA J 197 72.31 10.64 19.25
CA ALA J 197 71.17 9.87 19.73
C ALA J 197 71.12 8.46 19.11
N ALA J 198 71.85 7.53 19.72
CA ALA J 198 71.79 6.13 19.26
C ALA J 198 70.53 5.54 19.88
N ASN J 199 69.92 4.58 19.16
CA ASN J 199 68.61 4.03 19.54
C ASN J 199 67.53 5.14 19.57
N SER J 200 67.19 5.61 18.38
CA SER J 200 66.20 6.67 18.20
C SER J 200 65.20 6.23 17.15
N ALA J 201 64.08 6.95 17.05
CA ALA J 201 63.09 6.70 16.01
C ALA J 201 62.28 7.95 15.78
N GLU J 202 61.99 8.24 14.51
CA GLU J 202 61.28 9.46 14.16
C GLU J 202 59.84 9.42 14.62
N GLY J 203 59.27 10.59 14.86
CA GLY J 203 57.86 10.70 15.23
C GLY J 203 56.93 10.28 14.11
N TRP J 204 57.23 10.72 12.90
CA TRP J 204 56.43 10.38 11.74
C TRP J 204 56.43 8.86 11.51
N ASP J 205 57.58 8.22 11.64
CA ASP J 205 57.70 6.78 11.49
C ASP J 205 56.95 6.00 12.57
N MET J 206 56.79 6.63 13.74
CA MET J 206 56.14 6.01 14.88
C MET J 206 54.63 6.22 14.86
N ALA J 207 54.21 7.38 14.38
CA ALA J 207 52.80 7.65 14.12
C ALA J 207 52.29 6.82 12.93
N THR J 208 53.14 6.67 11.90
CA THR J 208 52.81 5.88 10.72
C THR J 208 52.50 4.44 11.06
N THR J 209 53.16 3.90 12.09
CA THR J 209 52.93 2.52 12.54
C THR J 209 51.68 2.37 13.39
N SER J 210 51.26 3.45 14.05
CA SER J 210 49.99 3.46 14.78
C SER J 210 48.80 3.71 13.86
N THR J 211 48.99 4.57 12.86
CA THR J 211 48.00 4.80 11.81
C THR J 211 47.87 3.55 10.95
N ARG J 212 48.94 2.78 10.82
CA ARG J 212 48.95 1.47 10.15
C ARG J 212 48.11 0.43 10.89
N ASP J 213 48.08 0.54 12.22
CA ASP J 213 47.40 -0.41 13.08
C ASP J 213 45.89 -0.35 12.95
N LEU J 214 45.30 0.82 13.17
CA LEU J 214 43.84 1.00 13.06
C LEU J 214 43.31 0.53 11.72
N PHE J 215 43.97 1.02 10.70
CA PHE J 215 43.53 0.92 9.34
C PHE J 215 43.51 -0.55 8.87
N ALA J 216 44.66 -1.22 8.96
CA ALA J 216 44.73 -2.66 8.74
C ALA J 216 43.92 -3.33 9.85
N GLU J 217 43.13 -4.33 9.49
CA GLU J 217 42.24 -4.98 10.45
C GLU J 217 41.48 -3.91 11.26
N GLY J 218 40.78 -3.06 10.53
CA GLY J 218 40.06 -1.91 11.10
C GLY J 218 38.62 -2.20 11.48
N ASP J 219 37.83 -1.13 11.56
CA ASP J 219 36.45 -1.22 12.04
C ASP J 219 36.37 -1.70 13.50
N LEU J 220 37.33 -1.28 14.33
CA LEU J 220 37.39 -1.72 15.72
C LEU J 220 37.63 -0.60 16.72
N TYR J 221 37.35 0.64 16.32
CA TYR J 221 37.50 1.83 17.18
C TYR J 221 38.94 2.29 17.35
N ALA J 222 39.12 3.60 17.52
CA ALA J 222 40.45 4.21 17.63
C ALA J 222 41.07 4.08 19.02
N GLU J 223 40.23 3.96 20.04
CA GLU J 223 40.67 3.84 21.42
C GLU J 223 40.90 2.39 21.82
N GLU J 224 40.16 1.47 21.19
CA GLU J 224 40.21 0.05 21.55
C GLU J 224 41.48 -0.64 21.04
N VAL J 225 41.95 -0.26 19.86
CA VAL J 225 43.12 -0.89 19.24
C VAL J 225 44.35 -0.74 20.12
N GLY J 226 45.25 -1.71 20.06
CA GLY J 226 46.49 -1.66 20.83
C GLY J 226 47.44 -0.57 20.40
N GLY J 227 47.47 -0.31 19.09
CA GLY J 227 48.39 0.67 18.49
C GLY J 227 48.27 2.10 18.98
N ASP J 228 47.16 2.39 19.66
CA ASP J 228 46.85 3.72 20.18
C ASP J 228 48.05 4.61 20.51
N PHE J 229 48.19 5.70 19.75
CA PHE J 229 49.30 6.65 19.92
C PHE J 229 49.01 7.70 20.99
N ALA J 230 47.74 7.80 21.41
CA ALA J 230 47.25 8.86 22.31
C ALA J 230 48.12 9.14 23.52
N GLY J 231 48.60 8.08 24.16
CA GLY J 231 49.46 8.22 25.33
C GLY J 231 50.80 8.86 25.02
N GLU J 232 51.36 8.48 23.88
CA GLU J 232 52.63 9.00 23.42
C GLU J 232 52.47 10.44 22.92
N ALA J 233 51.34 10.73 22.29
CA ALA J 233 51.06 12.08 21.81
C ALA J 233 51.00 13.05 22.97
N TYR J 234 50.37 12.64 24.06
CA TYR J 234 50.27 13.48 25.26
C TYR J 234 51.64 13.81 25.83
N ARG J 235 52.52 12.82 25.86
CA ARG J 235 53.89 13.03 26.32
C ARG J 235 54.63 14.02 25.41
N LEU J 236 54.42 13.89 24.09
CA LEU J 236 55.04 14.79 23.12
C LEU J 236 54.53 16.22 23.29
N GLY J 237 53.31 16.36 23.80
CA GLY J 237 52.73 17.68 24.07
C GLY J 237 53.51 18.43 25.12
N GLU J 238 53.62 17.85 26.30
CA GLU J 238 54.39 18.45 27.39
C GLU J 238 55.88 18.55 27.06
N ALA J 239 56.34 17.77 26.09
CA ALA J 239 57.73 17.88 25.61
C ALA J 239 57.94 19.18 24.84
N VAL J 240 57.02 19.46 23.90
CA VAL J 240 57.08 20.69 23.13
C VAL J 240 56.78 21.90 23.99
N ALA J 241 55.87 21.75 24.96
CA ALA J 241 55.55 22.83 25.88
C ALA J 241 56.70 23.15 26.82
N SER J 242 57.51 22.15 27.13
CA SER J 242 58.66 22.31 28.02
C SER J 242 59.72 23.19 27.39
N VAL J 243 60.10 22.85 26.16
CA VAL J 243 61.08 23.64 25.40
C VAL J 243 60.59 25.07 25.13
N HIS J 244 59.31 25.22 24.82
CA HIS J 244 58.70 26.55 24.62
C HIS J 244 58.78 27.47 25.86
N ALA J 245 58.38 26.92 27.00
CA ALA J 245 58.39 27.67 28.26
C ALA J 245 59.81 27.99 28.69
N CYS J 246 60.72 27.02 28.51
CA CYS J 246 62.13 27.23 28.81
C CYS J 246 62.78 28.24 27.86
N LEU J 247 62.36 28.21 26.59
CA LEU J 247 62.90 29.14 25.60
C LEU J 247 62.44 30.56 25.89
N ALA J 248 61.18 30.70 26.28
CA ALA J 248 60.62 32.00 26.66
C ALA J 248 61.31 32.63 27.88
N HIS J 249 61.82 31.81 28.77
CA HIS J 249 62.50 32.29 29.97
C HIS J 249 63.78 33.04 29.60
N GLU J 250 64.60 32.43 28.74
CA GLU J 250 65.87 33.03 28.32
C GLU J 250 65.72 33.99 27.14
N LEU J 251 64.93 33.62 26.14
CA LEU J 251 64.70 34.47 24.98
C LEU J 251 63.88 35.71 25.33
N GLY J 252 62.99 35.58 26.31
CA GLY J 252 62.07 36.67 26.68
C GLY J 252 60.82 36.66 25.82
N THR J 253 59.84 37.47 26.20
CA THR J 253 58.57 37.54 25.47
C THR J 253 58.24 38.99 25.12
N GLU J 254 57.42 39.17 24.09
CA GLU J 254 56.93 40.49 23.69
C GLU J 254 55.48 40.37 23.26
N GLU J 255 54.78 41.50 23.18
CA GLU J 255 53.41 41.53 22.67
C GLU J 255 53.39 42.15 21.28
N VAL J 256 52.66 41.53 20.36
CA VAL J 256 52.52 42.03 18.99
C VAL J 256 51.15 41.66 18.43
N PRO J 257 50.62 42.44 17.48
CA PRO J 257 49.32 42.10 16.90
C PRO J 257 49.41 41.09 15.75
N PHE J 258 48.34 40.31 15.55
CA PHE J 258 48.27 39.29 14.50
C PHE J 258 48.66 39.87 13.13
N PRO J 259 49.60 39.22 12.41
CA PRO J 259 50.08 39.77 11.14
C PRO J 259 49.01 39.71 10.04
N ALA J 260 48.01 40.58 10.16
CA ALA J 260 46.87 40.57 9.26
C ALA J 260 47.29 40.82 7.82
N ASP J 261 47.97 41.93 7.57
CA ASP J 261 48.42 42.32 6.23
C ASP J 261 49.53 41.40 5.70
N VAL J 262 50.32 40.83 6.60
CA VAL J 262 51.39 39.90 6.24
C VAL J 262 50.82 38.55 5.83
N MET J 263 49.91 38.02 6.64
CA MET J 263 49.28 36.73 6.37
C MET J 263 48.18 36.81 5.29
N ALA J 264 47.72 38.02 5.00
CA ALA J 264 46.86 38.25 3.84
C ALA J 264 47.67 38.12 2.55
N GLN J 265 48.91 38.64 2.58
CA GLN J 265 49.84 38.54 1.44
C GLN J 265 50.19 37.08 1.13
N ARG J 266 50.23 36.25 2.16
CA ARG J 266 50.47 34.80 2.01
C ARG J 266 49.28 34.11 1.34
N LEU J 267 48.08 34.41 1.81
CA LEU J 267 46.85 33.84 1.24
C LEU J 267 46.55 34.38 -0.15
N ALA J 268 47.01 35.60 -0.44
CA ALA J 268 46.84 36.23 -1.75
C ALA J 268 47.75 35.59 -2.80
N ALA J 269 49.01 35.37 -2.43
CA ALA J 269 49.98 34.72 -3.31
C ALA J 269 49.65 33.25 -3.55
N ALA J 270 49.07 32.61 -2.53
CA ALA J 270 48.63 31.22 -2.63
C ALA J 270 47.53 31.05 -3.70
N VAL J 271 46.71 32.08 -3.86
CA VAL J 271 45.64 32.07 -4.87
C VAL J 271 46.17 32.17 -6.31
N ASP J 272 47.48 32.38 -6.48
CA ASP J 272 48.11 32.37 -7.80
C ASP J 272 48.01 30.99 -8.46
N ALA J 273 48.32 29.95 -7.68
CA ALA J 273 48.11 28.56 -8.09
C ALA J 273 46.74 28.11 -7.58
N VAL J 274 45.69 28.79 -8.03
CA VAL J 274 44.35 28.62 -7.49
C VAL J 274 43.70 27.31 -7.92
N PRO J 275 42.92 26.71 -7.02
CA PRO J 275 42.04 25.57 -7.21
C PRO J 275 40.60 25.94 -6.79
N GLU J 276 39.94 25.09 -6.00
CA GLU J 276 38.73 25.48 -5.28
C GLU J 276 39.05 26.33 -4.04
N LEU J 277 40.35 26.53 -3.76
CA LEU J 277 40.83 27.40 -2.68
C LEU J 277 40.28 28.83 -2.75
N ARG J 278 40.01 29.31 -3.97
CA ARG J 278 39.39 30.63 -4.16
C ARG J 278 37.95 30.68 -3.63
N GLU J 279 37.26 29.54 -3.63
CA GLU J 279 35.90 29.44 -3.07
C GLU J 279 35.88 29.50 -1.55
N HIS J 280 36.90 28.93 -0.91
CA HIS J 280 37.05 29.01 0.53
C HIS J 280 37.58 30.38 0.98
N VAL J 281 38.28 31.08 0.08
CA VAL J 281 39.01 32.32 0.38
C VAL J 281 38.22 33.41 1.11
N PRO J 282 36.96 33.66 0.71
CA PRO J 282 36.16 34.63 1.47
C PRO J 282 35.81 34.16 2.89
N GLN J 283 35.52 32.86 3.06
CA GLN J 283 35.28 32.29 4.38
C GLN J 283 36.56 32.27 5.22
N ILE J 284 37.70 32.04 4.56
CA ILE J 284 39.00 32.08 5.22
C ILE J 284 39.37 33.50 5.63
N GLU J 285 39.17 34.46 4.71
CA GLU J 285 39.41 35.89 4.97
C GLU J 285 38.52 36.44 6.10
N GLU J 286 37.32 35.88 6.21
CA GLU J 286 36.40 36.20 7.31
C GLU J 286 36.95 35.71 8.65
N ARG J 287 37.63 34.57 8.65
CA ARG J 287 38.31 34.06 9.84
C ARG J 287 39.56 34.88 10.18
N TYR J 288 40.23 35.40 9.16
CA TYR J 288 41.42 36.25 9.32
C TYR J 288 41.10 37.62 9.90
N HIS J 289 40.24 38.37 9.21
CA HIS J 289 39.87 39.73 9.65
C HIS J 289 39.01 39.75 10.93
N LYS J 290 38.61 38.57 11.41
CA LYS J 290 37.96 38.43 12.72
C LYS J 290 38.94 38.67 13.86
N LEU J 291 40.19 38.24 13.68
CA LEU J 291 41.24 38.40 14.70
C LEU J 291 42.13 39.64 14.47
N ALA J 292 41.71 40.55 13.59
CA ALA J 292 42.46 41.78 13.32
C ALA J 292 42.44 42.72 14.53
N ASP J 293 43.54 43.44 14.73
CA ASP J 293 43.72 44.33 15.88
C ASP J 293 43.63 43.60 17.23
N THR J 294 44.19 42.40 17.29
CA THR J 294 44.26 41.64 18.53
C THR J 294 45.72 41.29 18.80
N THR J 295 46.12 41.35 20.07
CA THR J 295 47.53 41.15 20.45
C THR J 295 47.80 39.71 20.91
N MET J 296 48.97 39.20 20.52
CA MET J 296 49.43 37.87 20.89
C MET J 296 50.76 38.00 21.65
N THR J 297 51.30 36.85 22.08
CA THR J 297 52.59 36.81 22.75
C THR J 297 53.58 36.13 21.81
N VAL J 298 54.75 36.75 21.63
CA VAL J 298 55.77 36.19 20.74
C VAL J 298 57.03 35.79 21.49
N GLN J 299 57.41 34.52 21.35
CA GLN J 299 58.67 34.01 21.89
C GLN J 299 59.56 33.63 20.72
N ARG J 300 60.78 33.26 21.05
CA ARG J 300 61.60 32.52 20.12
C ARG J 300 60.99 31.11 20.05
N VAL J 301 60.89 30.55 18.85
CA VAL J 301 60.25 29.24 18.65
C VAL J 301 61.02 28.36 17.67
N HIS J 302 60.55 27.12 17.50
CA HIS J 302 61.18 26.17 16.58
C HIS J 302 61.07 26.65 15.13
N GLY J 303 59.87 27.06 14.73
CA GLY J 303 59.64 27.62 13.39
C GLY J 303 59.20 26.62 12.32
N ASP J 304 59.63 25.38 12.48
CA ASP J 304 59.31 24.30 11.53
C ASP J 304 59.10 22.97 12.26
N LEU J 305 58.07 22.90 13.10
CA LEU J 305 57.77 21.66 13.80
C LEU J 305 56.87 20.77 12.98
N HIS J 306 57.31 19.51 12.83
CA HIS J 306 56.46 18.44 12.36
C HIS J 306 57.02 17.13 12.90
N LEU J 307 56.25 16.06 12.83
CA LEU J 307 56.63 14.78 13.42
C LEU J 307 58.00 14.26 12.97
N GLY J 308 58.44 14.67 11.78
CA GLY J 308 59.79 14.35 11.27
C GLY J 308 60.94 14.99 12.04
N GLN J 309 60.71 16.19 12.58
CA GLN J 309 61.74 16.91 13.32
C GLN J 309 61.70 16.58 14.82
N VAL J 310 61.09 15.46 15.17
CA VAL J 310 60.94 15.03 16.55
C VAL J 310 61.37 13.57 16.68
N LEU J 311 62.24 13.27 17.63
CA LEU J 311 62.79 11.93 17.80
C LEU J 311 62.40 11.34 19.14
N ARG J 312 62.24 10.02 19.20
CA ARG J 312 62.02 9.35 20.48
C ARG J 312 63.19 8.47 20.84
N THR J 313 63.73 8.71 22.04
CA THR J 313 64.75 7.88 22.63
C THR J 313 64.15 7.20 23.86
N PRO J 314 64.85 6.20 24.40
CA PRO J 314 64.43 5.76 25.72
C PRO J 314 64.61 6.90 26.72
N LYS J 315 63.63 7.06 27.60
CA LYS J 315 63.64 8.15 28.58
C LYS J 315 63.68 9.52 27.90
N GLY J 316 62.72 9.74 27.01
CA GLY J 316 62.40 11.10 26.54
C GLY J 316 62.20 11.33 25.06
N TRP J 317 61.38 12.34 24.76
CA TRP J 317 61.25 12.89 23.41
C TRP J 317 62.34 13.95 23.18
N LEU J 318 62.85 14.02 21.96
CA LEU J 318 63.87 14.99 21.57
C LEU J 318 63.35 15.86 20.43
N LEU J 319 63.60 17.16 20.51
CA LEU J 319 63.31 18.07 19.39
C LEU J 319 64.61 18.44 18.65
N ILE J 320 64.60 18.26 17.33
CA ILE J 320 65.79 18.49 16.53
C ILE J 320 65.48 19.40 15.34
N ASP J 321 66.53 19.75 14.58
CA ASP J 321 66.42 20.53 13.33
C ASP J 321 65.74 21.87 13.52
N PHE J 322 66.31 22.73 14.37
CA PHE J 322 65.81 24.10 14.53
C PHE J 322 66.24 24.94 13.33
N GLU J 323 65.80 24.49 12.15
CA GLU J 323 66.35 24.91 10.85
C GLU J 323 66.47 26.45 10.71
N GLY J 324 65.39 27.23 10.91
CA GLY J 324 64.03 26.76 11.17
C GLY J 324 63.17 26.79 9.91
N GLU J 325 63.16 27.95 9.23
CA GLU J 325 62.33 28.16 8.01
C GLU J 325 60.84 27.99 8.28
N PRO J 329 65.82 33.69 3.98
CA PRO J 329 65.73 34.88 4.80
C PRO J 329 66.10 34.53 6.24
N LEU J 330 67.40 34.54 6.52
CA LEU J 330 67.93 34.19 7.83
C LEU J 330 67.50 35.20 8.88
N ASP J 331 67.33 36.45 8.45
CA ASP J 331 66.82 37.51 9.31
C ASP J 331 65.39 37.22 9.79
N GLU J 332 64.56 36.76 8.87
CA GLU J 332 63.17 36.42 9.18
C GLU J 332 63.04 35.14 10.01
N ARG J 333 63.98 34.20 9.83
CA ARG J 333 63.97 32.93 10.56
C ARG J 333 64.17 33.14 12.06
N ARG J 334 65.07 34.05 12.43
CA ARG J 334 65.35 34.35 13.84
C ARG J 334 64.23 35.13 14.54
N ARG J 335 63.39 35.81 13.76
CA ARG J 335 62.30 36.63 14.31
C ARG J 335 61.35 35.81 15.19
N PRO J 336 60.97 36.34 16.38
CA PRO J 336 60.06 35.65 17.29
C PRO J 336 58.68 35.42 16.69
N ASP J 337 57.88 34.58 17.33
CA ASP J 337 56.53 34.27 16.84
C ASP J 337 55.65 33.62 17.91
N THR J 338 54.34 33.66 17.71
CA THR J 338 53.37 32.98 18.59
C THR J 338 53.66 31.49 18.61
N PRO J 339 53.77 30.90 19.82
CA PRO J 339 53.96 29.45 19.91
C PRO J 339 52.80 28.66 19.32
N VAL J 340 51.66 29.33 19.11
CA VAL J 340 50.51 28.73 18.43
C VAL J 340 50.82 28.29 16.99
N ARG J 341 51.91 28.81 16.40
CA ARG J 341 52.38 28.37 15.09
C ARG J 341 53.04 26.99 15.15
N ASP J 342 53.76 26.73 16.24
CA ASP J 342 54.45 25.44 16.43
C ASP J 342 53.46 24.30 16.72
N VAL J 343 52.48 24.55 17.60
CA VAL J 343 51.43 23.54 17.87
C VAL J 343 50.53 23.36 16.65
N ALA J 344 50.43 24.39 15.81
CA ALA J 344 49.73 24.24 14.53
C ALA J 344 50.50 23.29 13.63
N GLY J 345 51.84 23.38 13.64
CA GLY J 345 52.68 22.52 12.82
C GLY J 345 52.58 21.04 13.16
N ILE J 346 52.53 20.73 14.46
CA ILE J 346 52.44 19.35 14.92
C ILE J 346 51.04 18.81 14.63
N LEU J 347 50.01 19.58 14.94
CA LEU J 347 48.63 19.17 14.64
C LEU J 347 48.39 19.03 13.15
N ARG J 348 49.07 19.87 12.36
CA ARG J 348 49.03 19.76 10.91
C ARG J 348 49.66 18.44 10.47
N SER J 349 50.76 18.07 11.11
CA SER J 349 51.50 16.87 10.76
C SER J 349 50.75 15.60 11.11
N PHE J 350 49.91 15.63 12.15
CA PHE J 350 49.12 14.47 12.52
C PHE J 350 48.13 14.07 11.41
N GLU J 351 47.47 15.05 10.81
CA GLU J 351 46.53 14.78 9.74
C GLU J 351 47.25 14.22 8.52
N TYR J 352 48.42 14.75 8.19
CA TYR J 352 49.19 14.23 7.05
C TYR J 352 49.65 12.78 7.28
N ALA J 353 50.02 12.44 8.51
CA ALA J 353 50.41 11.07 8.87
C ALA J 353 49.26 10.09 8.69
N ALA J 354 48.06 10.54 9.07
CA ALA J 354 46.86 9.69 8.99
C ALA J 354 46.32 9.51 7.58
N HIS J 355 46.49 10.52 6.72
CA HIS J 355 45.88 10.51 5.40
C HIS J 355 46.82 10.17 4.25
N GLN J 356 48.13 10.28 4.46
CA GLN J 356 49.09 9.71 3.52
C GLN J 356 48.79 8.23 3.45
N ARG J 357 48.59 7.68 4.65
CA ARG J 357 48.20 6.28 4.82
C ARG J 357 46.90 6.00 4.08
N LEU J 358 45.91 6.88 4.21
CA LEU J 358 44.60 6.72 3.52
C LEU J 358 44.68 6.88 2.01
N VAL J 359 45.71 7.61 1.56
CA VAL J 359 46.06 7.69 0.14
C VAL J 359 46.79 6.37 -0.22
N ASP J 360 47.67 5.93 0.68
CA ASP J 360 48.31 4.61 0.61
C ASP J 360 47.32 3.44 0.90
N GLN J 361 46.14 3.82 1.40
CA GLN J 361 44.99 2.92 1.55
C GLN J 361 43.91 3.13 0.50
N ALA J 362 44.04 4.21 -0.24
CA ALA J 362 43.36 4.36 -1.51
C ALA J 362 44.26 3.67 -2.55
N GLY J 363 45.31 3.01 -2.06
CA GLY J 363 46.36 2.41 -2.85
C GLY J 363 46.16 1.09 -3.59
N ASP J 364 45.53 0.04 -3.06
CA ASP J 364 44.74 -0.05 -1.80
C ASP J 364 43.26 0.39 -1.96
N ASP J 365 42.82 0.53 -3.22
CA ASP J 365 41.42 0.81 -3.57
C ASP J 365 40.59 -0.48 -3.35
N ASP J 366 39.29 -0.57 -3.68
CA ASP J 366 38.43 0.49 -4.22
C ASP J 366 37.12 0.74 -3.42
N ASP J 367 36.42 -0.31 -2.99
CA ASP J 367 34.99 -0.21 -2.57
C ASP J 367 34.63 0.65 -1.34
N ARG J 368 35.30 0.43 -0.20
CA ARG J 368 34.93 1.07 1.06
C ARG J 368 36.13 1.71 1.76
N ALA J 369 36.71 2.71 1.10
CA ALA J 369 37.68 3.60 1.73
C ALA J 369 36.98 4.54 2.70
N ARG J 370 35.64 4.61 2.62
CA ARG J 370 34.83 5.37 3.55
C ARG J 370 35.00 4.94 5.01
N GLN J 371 35.32 3.66 5.23
CA GLN J 371 35.63 3.16 6.56
C GLN J 371 36.95 3.72 7.09
N LEU J 372 37.96 3.75 6.22
CA LEU J 372 39.27 4.23 6.60
C LEU J 372 39.24 5.71 6.95
N ALA J 373 38.51 6.50 6.17
CA ALA J 373 38.33 7.93 6.45
C ALA J 373 37.71 8.14 7.83
N ALA J 374 36.74 7.31 8.17
CA ALA J 374 36.08 7.37 9.47
C ALA J 374 37.06 7.11 10.60
N ARG J 375 37.96 6.16 10.40
CA ARG J 375 39.00 5.85 11.37
C ARG J 375 40.08 6.91 11.44
N ALA J 376 40.43 7.45 10.27
CA ALA J 376 41.44 8.50 10.20
C ALA J 376 41.00 9.75 10.92
N ARG J 377 39.77 10.17 10.63
CA ARG J 377 39.20 11.34 11.30
C ARG J 377 39.17 11.10 12.81
N GLU J 378 38.84 9.87 13.21
CA GLU J 378 38.91 9.45 14.62
C GLU J 378 40.31 9.63 15.18
N TRP J 379 41.28 9.04 14.48
CA TRP J 379 42.67 9.05 14.94
C TRP J 379 43.24 10.46 14.91
N VAL J 380 43.01 11.19 13.82
CA VAL J 380 43.54 12.55 13.66
C VAL J 380 43.06 13.46 14.78
N THR J 381 41.76 13.41 15.06
CA THR J 381 41.19 14.30 16.08
C THR J 381 41.48 13.86 17.52
N ARG J 382 41.83 12.59 17.72
CA ARG J 382 42.05 12.10 19.07
C ARG J 382 43.45 12.35 19.62
N ASN J 383 44.45 12.23 18.74
CA ASN J 383 45.84 12.48 19.10
C ASN J 383 46.18 13.97 19.07
N CYS J 384 45.43 14.73 18.29
CA CYS J 384 45.48 16.18 18.36
C CYS J 384 44.97 16.64 19.71
N ALA J 385 43.90 16.00 20.18
CA ALA J 385 43.37 16.28 21.50
C ALA J 385 44.37 15.87 22.57
N SER J 386 44.86 14.64 22.48
CA SER J 386 45.83 14.15 23.46
C SER J 386 47.09 15.04 23.50
N PHE J 387 47.52 15.56 22.35
CA PHE J 387 48.70 16.41 22.28
C PHE J 387 48.46 17.74 22.95
N CYS J 388 47.36 18.39 22.60
CA CYS J 388 46.98 19.68 23.19
C CYS J 388 46.77 19.54 24.70
N ASP J 389 46.21 18.41 25.13
CA ASP J 389 46.00 18.13 26.55
C ASP J 389 47.31 18.09 27.30
N GLY J 390 48.29 17.43 26.73
CA GLY J 390 49.63 17.33 27.33
C GLY J 390 50.39 18.64 27.34
N TYR J 391 50.23 19.43 26.27
CA TYR J 391 50.83 20.76 26.20
C TYR J 391 50.27 21.63 27.31
N ALA J 392 48.94 21.62 27.42
CA ALA J 392 48.25 22.42 28.43
C ALA J 392 48.55 21.95 29.86
N ALA J 393 48.91 20.68 30.00
CA ALA J 393 49.26 20.14 31.31
C ALA J 393 50.63 20.62 31.78
N GLU J 394 51.48 21.02 30.85
CA GLU J 394 52.84 21.48 31.19
C GLU J 394 52.84 22.95 31.58
N ALA J 395 52.44 23.83 30.64
CA ALA J 395 52.26 25.24 30.94
C ALA J 395 50.79 25.50 31.29
N GLY J 396 50.55 26.42 32.21
CA GLY J 396 49.18 26.76 32.61
C GLY J 396 48.27 27.05 31.43
N THR J 397 48.81 27.76 30.43
CA THR J 397 48.06 28.14 29.23
C THR J 397 47.67 26.92 28.40
N ASP J 398 46.43 26.92 27.93
CA ASP J 398 45.92 25.90 27.01
C ASP J 398 45.79 26.53 25.60
N PRO J 399 46.37 25.87 24.57
CA PRO J 399 46.31 26.39 23.19
C PRO J 399 44.88 26.42 22.62
N ARG J 400 44.12 25.38 22.90
CA ARG J 400 42.72 25.29 22.48
C ARG J 400 41.82 26.31 23.20
N ASP J 401 42.25 26.76 24.38
CA ASP J 401 41.53 27.80 25.14
C ASP J 401 41.52 29.12 24.38
N SER J 402 42.64 29.44 23.74
CA SER J 402 42.71 30.56 22.78
C SER J 402 42.67 29.99 21.37
N ALA J 403 41.56 29.34 21.04
CA ALA J 403 41.41 28.57 19.81
C ALA J 403 41.48 29.41 18.53
N ASP J 404 40.83 30.57 18.54
CA ASP J 404 40.75 31.42 17.35
C ASP J 404 42.13 31.78 16.77
N LEU J 405 43.11 32.03 17.64
CA LEU J 405 44.49 32.32 17.22
C LEU J 405 45.13 31.11 16.55
N LEU J 406 44.87 29.93 17.13
CA LEU J 406 45.40 28.67 16.61
C LEU J 406 44.76 28.31 15.28
N ALA J 407 43.43 28.41 15.23
CA ALA J 407 42.68 28.07 14.02
C ALA J 407 43.11 28.91 12.81
N ALA J 408 43.62 30.10 13.08
CA ALA J 408 44.15 30.97 12.03
C ALA J 408 45.45 30.41 11.48
N TYR J 409 46.39 30.10 12.38
CA TYR J 409 47.69 29.57 11.98
C TYR J 409 47.60 28.17 11.35
N GLU J 410 46.61 27.38 11.76
CA GLU J 410 46.35 26.08 11.13
C GLU J 410 45.91 26.29 9.68
N LEU J 411 45.03 27.27 9.47
CA LEU J 411 44.56 27.62 8.13
C LEU J 411 45.70 28.18 7.25
N ASP J 412 46.61 28.94 7.85
CA ASP J 412 47.76 29.50 7.12
C ASP J 412 48.74 28.40 6.74
N LYS J 413 49.01 27.50 7.69
CA LYS J 413 49.90 26.35 7.44
C LYS J 413 49.33 25.44 6.36
N ALA J 414 48.00 25.45 6.19
CA ALA J 414 47.34 24.70 5.12
C ALA J 414 47.47 25.38 3.76
N VAL J 415 47.45 26.72 3.75
CA VAL J 415 47.63 27.50 2.52
C VAL J 415 49.05 27.39 1.99
N TYR J 416 50.03 27.43 2.89
CA TYR J 416 51.42 27.21 2.52
C TYR J 416 51.64 25.75 2.12
N GLU J 417 50.93 24.84 2.78
CA GLU J 417 50.98 23.39 2.45
C GLU J 417 50.41 23.11 1.07
N ALA J 418 49.30 23.77 0.74
CA ALA J 418 48.66 23.61 -0.57
C ALA J 418 49.60 24.04 -1.69
N ALA J 419 50.14 25.25 -1.58
CA ALA J 419 51.04 25.82 -2.60
C ALA J 419 52.36 25.06 -2.71
N TYR J 420 52.93 24.69 -1.57
CA TYR J 420 54.19 23.91 -1.53
C TYR J 420 54.00 22.50 -2.10
N GLU J 421 52.83 21.92 -1.85
CA GLU J 421 52.50 20.60 -2.39
C GLU J 421 52.10 20.69 -3.86
N ALA J 422 51.12 21.54 -4.16
CA ALA J 422 50.53 21.63 -5.52
C ALA J 422 51.57 21.76 -6.64
N ARG J 423 52.56 22.63 -6.42
CA ARG J 423 53.65 22.84 -7.39
C ARG J 423 54.50 21.58 -7.56
N HIS J 424 54.92 21.00 -6.42
CA HIS J 424 55.76 19.80 -6.43
C HIS J 424 54.97 18.53 -6.78
N ARG J 425 53.95 18.22 -5.97
CA ARG J 425 53.16 16.98 -6.11
C ARG J 425 51.65 17.26 -6.26
N PRO J 426 51.09 16.96 -7.44
CA PRO J 426 49.65 17.16 -7.68
C PRO J 426 48.74 16.27 -6.83
N SER J 427 49.21 15.06 -6.54
CA SER J 427 48.43 14.07 -5.80
C SER J 427 48.13 14.49 -4.35
N TRP J 428 48.99 15.32 -3.78
CA TRP J 428 48.81 15.80 -2.41
C TRP J 428 47.59 16.72 -2.25
N LEU J 429 47.33 17.56 -3.26
CA LEU J 429 46.30 18.63 -3.23
C LEU J 429 44.97 18.36 -2.50
N PRO J 430 44.42 17.13 -2.58
CA PRO J 430 43.26 16.77 -1.75
C PRO J 430 43.48 16.85 -0.23
N ILE J 431 44.70 16.60 0.23
CA ILE J 431 45.00 16.65 1.68
C ILE J 431 44.90 18.07 2.26
N PRO J 432 45.62 19.05 1.66
CA PRO J 432 45.41 20.44 2.11
C PRO J 432 43.98 20.97 1.88
N LEU J 433 43.40 20.67 0.71
CA LEU J 433 42.07 21.17 0.35
C LEU J 433 40.97 20.59 1.24
N GLY J 434 41.03 19.28 1.49
CA GLY J 434 40.06 18.61 2.36
C GLY J 434 40.18 19.03 3.81
N SER J 435 41.41 19.19 4.29
CA SER J 435 41.66 19.64 5.66
C SER J 435 41.28 21.12 5.84
N ILE J 436 41.47 21.92 4.81
CA ILE J 436 41.00 23.30 4.79
C ILE J 436 39.48 23.32 4.91
N ALA J 437 38.83 22.39 4.22
CA ALA J 437 37.38 22.23 4.29
C ALA J 437 36.92 21.75 5.66
N ARG J 438 37.72 20.88 6.28
CA ARG J 438 37.43 20.39 7.63
C ARG J 438 37.43 21.52 8.67
N LEU J 439 38.39 22.43 8.55
CA LEU J 439 38.51 23.58 9.46
C LEU J 439 37.88 24.83 8.84
N ASP K 84 -11.86 -74.98 68.30
CA ASP K 84 -11.21 -73.98 69.20
C ASP K 84 -11.87 -72.61 69.05
N ALA K 85 -11.53 -71.69 69.95
CA ALA K 85 -12.07 -70.33 69.93
C ALA K 85 -11.01 -69.26 69.66
N LEU K 86 -9.81 -69.69 69.28
CA LEU K 86 -8.75 -68.76 68.91
C LEU K 86 -9.06 -68.08 67.60
N TYR K 87 -9.74 -68.79 66.69
CA TYR K 87 -10.09 -68.26 65.37
C TYR K 87 -11.52 -67.74 65.34
N ASP K 88 -11.77 -66.77 66.22
CA ASP K 88 -13.04 -66.07 66.31
C ASP K 88 -12.75 -64.69 66.88
N PRO K 89 -13.04 -63.62 66.12
CA PRO K 89 -12.76 -62.27 66.62
C PRO K 89 -13.53 -61.92 67.91
N ASP K 90 -14.78 -62.37 68.01
CA ASP K 90 -15.62 -62.11 69.18
C ASP K 90 -15.19 -62.90 70.41
N ALA K 91 -14.54 -64.04 70.20
CA ALA K 91 -14.04 -64.88 71.28
C ALA K 91 -12.68 -64.38 71.77
N THR K 92 -11.81 -63.99 70.83
CA THR K 92 -10.51 -63.42 71.18
C THR K 92 -10.64 -62.12 71.98
N ARG K 93 -11.64 -61.31 71.65
CA ARG K 93 -11.93 -60.09 72.39
C ARG K 93 -12.38 -60.40 73.82
N TYR K 94 -13.15 -61.48 73.96
CA TYR K 94 -13.64 -61.90 75.28
C TYR K 94 -12.53 -62.48 76.18
N LEU K 95 -11.61 -63.25 75.59
CA LEU K 95 -10.48 -63.80 76.33
C LEU K 95 -9.49 -62.70 76.76
N LEU K 96 -9.48 -61.60 76.02
CA LEU K 96 -8.65 -60.44 76.36
C LEU K 96 -9.31 -59.60 77.46
N SER K 97 -10.64 -59.53 77.45
CA SER K 97 -11.36 -58.78 78.49
C SER K 97 -11.24 -59.44 79.86
N LEU K 98 -11.11 -60.76 79.89
CA LEU K 98 -10.94 -61.50 81.16
C LEU K 98 -9.58 -61.25 81.79
N ILE K 99 -8.54 -61.21 80.95
CA ILE K 99 -7.19 -60.94 81.43
C ILE K 99 -7.00 -59.45 81.77
N ASP K 100 -7.93 -58.61 81.32
CA ASP K 100 -7.94 -57.19 81.67
C ASP K 100 -8.71 -56.92 82.96
N GLU K 101 -9.77 -57.69 83.21
CA GLU K 101 -10.66 -57.46 84.35
C GLU K 101 -9.92 -57.03 85.64
N SER K 102 -8.98 -57.83 86.15
CA SER K 102 -8.65 -59.18 85.67
C SER K 102 -9.25 -60.20 86.63
N ALA K 103 -10.11 -61.08 86.10
CA ALA K 103 -10.89 -61.99 86.94
C ALA K 103 -10.17 -63.32 87.16
N THR K 104 -10.85 -64.25 87.84
CA THR K 104 -10.34 -65.59 88.04
C THR K 104 -11.52 -66.58 88.08
N VAL K 105 -11.56 -67.50 87.11
CA VAL K 105 -12.67 -68.44 86.97
C VAL K 105 -12.31 -69.84 87.47
N GLN K 106 -12.98 -70.27 88.55
CA GLN K 106 -12.80 -71.62 89.12
C GLN K 106 -11.35 -71.96 89.44
N ASN K 107 -10.63 -72.57 88.48
CA ASN K 107 -9.25 -73.00 88.69
C ASN K 107 -8.23 -72.06 88.03
N VAL K 108 -8.49 -71.65 86.79
CA VAL K 108 -7.58 -70.79 86.06
C VAL K 108 -7.79 -69.31 86.40
N ARG K 109 -6.77 -68.71 87.03
CA ARG K 109 -6.79 -67.30 87.39
C ARG K 109 -6.09 -66.46 86.33
N PHE K 110 -6.68 -65.33 85.96
CA PHE K 110 -6.06 -64.39 85.03
C PHE K 110 -5.45 -63.22 85.80
N VAL K 111 -4.24 -62.83 85.42
CA VAL K 111 -3.55 -61.69 86.02
C VAL K 111 -3.02 -60.76 84.95
N ARG K 112 -2.83 -59.49 85.31
CA ARG K 112 -2.20 -58.51 84.40
C ARG K 112 -1.23 -57.63 85.19
N GLU K 113 -0.33 -56.97 84.47
CA GLU K 113 0.63 -56.06 85.10
C GLU K 113 0.01 -54.67 85.19
N PRO K 114 0.71 -53.73 85.86
CA PRO K 114 0.33 -52.31 85.80
C PRO K 114 0.70 -51.62 84.48
N ASP K 115 -0.07 -51.91 83.44
CA ASP K 115 0.08 -51.30 82.13
C ASP K 115 -1.28 -51.29 81.44
N VAL K 116 -1.40 -50.63 80.30
CA VAL K 116 -2.67 -50.54 79.58
C VAL K 116 -2.79 -51.63 78.52
N GLU K 117 -3.88 -52.40 78.56
CA GLU K 117 -4.18 -53.41 77.52
C GLU K 117 -4.61 -52.72 76.21
N LEU K 118 -4.98 -53.50 75.20
CA LEU K 118 -5.37 -52.94 73.89
C LEU K 118 -6.62 -53.58 73.27
N PRO K 119 -7.74 -53.63 74.02
CA PRO K 119 -9.02 -54.06 73.43
C PRO K 119 -9.56 -53.09 72.37
N LEU K 120 -10.73 -53.39 71.81
CA LEU K 120 -11.26 -52.63 70.66
C LEU K 120 -10.18 -52.42 69.60
N ASP K 121 -9.47 -53.50 69.26
CA ASP K 121 -8.36 -53.47 68.30
C ASP K 121 -8.36 -54.74 67.43
N ALA K 122 -8.22 -54.58 66.12
CA ALA K 122 -8.45 -55.66 65.15
C ALA K 122 -7.61 -56.92 65.40
N PRO K 123 -8.25 -58.09 65.61
CA PRO K 123 -7.49 -59.33 65.85
C PRO K 123 -7.55 -60.41 64.75
N PRO K 124 -6.38 -60.85 64.25
CA PRO K 124 -6.21 -62.12 63.53
C PRO K 124 -5.25 -63.05 64.28
N ARG K 125 -4.92 -64.20 63.69
CA ARG K 125 -3.94 -65.13 64.26
C ARG K 125 -2.61 -65.02 63.52
N VAL K 126 -1.51 -64.88 64.26
CA VAL K 126 -0.17 -64.72 63.66
C VAL K 126 0.26 -65.99 62.95
N PHE K 127 1.04 -65.81 61.88
CA PHE K 127 1.65 -66.92 61.16
C PHE K 127 2.69 -67.64 62.03
N GLY K 128 3.77 -66.93 62.37
CA GLY K 128 4.91 -67.52 63.11
C GLY K 128 4.54 -68.17 64.43
N ALA K 129 4.01 -69.38 64.35
CA ALA K 129 3.63 -70.18 65.52
C ALA K 129 4.65 -71.29 65.71
N GLU K 130 5.38 -71.24 66.83
CA GLU K 130 6.46 -72.20 67.10
C GLU K 130 5.93 -73.59 67.46
N GLN K 131 6.83 -74.49 67.83
CA GLN K 131 6.49 -75.88 68.17
C GLN K 131 5.73 -76.02 69.50
N SER K 132 5.75 -74.98 70.33
CA SER K 132 5.09 -74.99 71.65
C SER K 132 3.78 -74.21 71.71
N ASN K 133 3.75 -73.04 71.06
CA ASN K 133 2.70 -72.04 71.31
C ASN K 133 1.78 -71.74 70.11
N THR K 134 0.76 -70.93 70.38
CA THR K 134 -0.10 -70.34 69.36
C THR K 134 -0.41 -68.90 69.82
N SER K 135 -0.55 -67.96 68.87
CA SER K 135 -0.72 -66.53 69.22
C SER K 135 -1.65 -65.75 68.30
N VAL K 136 -2.12 -64.61 68.81
CA VAL K 136 -2.92 -63.65 68.04
C VAL K 136 -2.42 -62.23 68.32
N VAL K 137 -2.78 -61.30 67.44
CA VAL K 137 -2.36 -59.91 67.58
C VAL K 137 -3.58 -58.99 67.64
N PHE K 138 -3.50 -57.95 68.47
CA PHE K 138 -4.55 -56.93 68.57
C PHE K 138 -4.05 -55.59 68.01
N GLY K 139 -4.46 -55.30 66.78
CA GLY K 139 -4.00 -54.13 66.04
C GLY K 139 -2.56 -54.30 65.58
N GLU K 140 -1.71 -53.36 65.98
CA GLU K 140 -0.26 -53.53 65.91
C GLU K 140 0.30 -53.23 67.31
N ASP K 141 -0.53 -53.47 68.32
CA ASP K 141 -0.26 -53.03 69.68
C ASP K 141 0.25 -54.17 70.55
N ALA K 142 -0.58 -55.20 70.73
CA ALA K 142 -0.26 -56.30 71.65
C ALA K 142 -0.39 -57.66 70.99
N ILE K 143 0.42 -58.61 71.43
CA ILE K 143 0.38 -59.99 70.93
C ILE K 143 0.12 -60.96 72.07
N PHE K 144 -1.04 -61.59 72.03
CA PHE K 144 -1.42 -62.61 72.99
C PHE K 144 -0.72 -63.92 72.64
N LYS K 145 -0.64 -64.85 73.59
CA LYS K 145 -0.08 -66.18 73.35
C LYS K 145 -0.69 -67.19 74.32
N LEU K 146 -1.08 -68.35 73.80
CA LEU K 146 -1.58 -69.46 74.60
C LEU K 146 -0.73 -70.71 74.31
N PHE K 147 -0.26 -71.36 75.36
CA PHE K 147 0.58 -72.57 75.22
C PHE K 147 -0.28 -73.80 74.93
N ARG K 148 0.08 -74.55 73.88
CA ARG K 148 -0.61 -75.79 73.54
C ARG K 148 -0.23 -76.90 74.52
N ARG K 149 1.05 -77.27 74.52
CA ARG K 149 1.59 -78.27 75.44
C ARG K 149 1.75 -77.68 76.84
N ILE K 150 1.27 -78.39 77.88
CA ILE K 150 1.24 -77.87 79.25
C ILE K 150 2.12 -78.65 80.24
N THR K 151 3.14 -77.98 80.78
CA THR K 151 4.06 -78.57 81.75
C THR K 151 3.99 -77.80 83.07
N PRO K 152 4.50 -78.37 84.18
CA PRO K 152 4.30 -77.75 85.51
C PRO K 152 5.06 -76.43 85.68
N GLY K 153 4.49 -75.50 86.43
CA GLY K 153 5.05 -74.14 86.56
C GLY K 153 6.25 -74.08 87.49
N VAL K 154 6.98 -72.96 87.53
CA VAL K 154 6.65 -71.73 86.79
C VAL K 154 7.44 -71.58 85.49
N HIS K 155 6.93 -70.74 84.61
CA HIS K 155 7.51 -70.53 83.28
C HIS K 155 8.59 -69.44 83.36
N PRO K 156 9.81 -69.72 82.83
CA PRO K 156 10.86 -68.68 82.88
C PRO K 156 10.61 -67.49 81.94
N ASP K 157 10.08 -67.74 80.75
CA ASP K 157 9.78 -66.66 79.79
C ASP K 157 8.85 -65.60 80.41
N ILE K 158 7.90 -66.05 81.22
CA ILE K 158 6.96 -65.14 81.89
C ILE K 158 7.63 -64.54 83.13
N GLU K 159 8.32 -65.39 83.90
CA GLU K 159 8.98 -64.97 85.15
C GLU K 159 10.06 -63.94 84.87
N LEU K 160 10.94 -64.24 83.91
CA LEU K 160 12.05 -63.34 83.58
C LEU K 160 11.56 -62.05 82.95
N ASN K 161 10.47 -62.11 82.18
CA ASN K 161 9.87 -60.90 81.60
C ASN K 161 9.35 -59.93 82.66
N ARG K 162 8.65 -60.46 83.67
CA ARG K 162 8.03 -59.64 84.72
C ARG K 162 9.08 -58.79 85.45
N VAL K 163 10.00 -59.46 86.16
CA VAL K 163 11.02 -58.77 86.95
C VAL K 163 11.91 -57.88 86.08
N LEU K 164 12.09 -58.28 84.83
CA LEU K 164 12.89 -57.53 83.88
C LEU K 164 12.12 -56.32 83.35
N ALA K 165 10.80 -56.44 83.26
CA ALA K 165 9.94 -55.31 82.91
C ALA K 165 9.86 -54.30 84.05
N ARG K 166 9.65 -54.79 85.27
CA ARG K 166 9.57 -53.93 86.46
C ARG K 166 10.83 -53.08 86.68
N ALA K 167 11.99 -53.64 86.35
CA ALA K 167 13.27 -52.94 86.52
C ALA K 167 13.38 -51.71 85.62
N GLY K 168 12.80 -51.79 84.43
CA GLY K 168 12.91 -50.75 83.42
C GLY K 168 13.89 -51.09 82.31
N ASN K 169 14.16 -52.38 82.10
CA ASN K 169 15.04 -52.81 81.02
C ASN K 169 14.33 -52.67 79.68
N PRO K 170 14.81 -51.78 78.80
CA PRO K 170 14.12 -51.58 77.52
C PRO K 170 14.32 -52.71 76.52
N HIS K 171 15.39 -53.49 76.67
CA HIS K 171 15.76 -54.50 75.67
C HIS K 171 14.94 -55.80 75.79
N VAL K 172 13.66 -55.67 76.16
CA VAL K 172 12.77 -56.83 76.26
C VAL K 172 11.38 -56.44 75.78
N ALA K 173 10.62 -57.43 75.32
CA ALA K 173 9.21 -57.22 74.99
C ALA K 173 8.41 -57.08 76.28
N ARG K 174 8.00 -55.86 76.60
CA ARG K 174 7.29 -55.56 77.86
C ARG K 174 6.09 -56.47 78.02
N LEU K 175 6.06 -57.25 79.10
CA LEU K 175 4.96 -58.18 79.33
C LEU K 175 3.76 -57.46 79.93
N LEU K 176 2.58 -57.73 79.36
CA LEU K 176 1.34 -57.09 79.78
C LEU K 176 0.60 -57.93 80.82
N GLY K 177 0.51 -59.24 80.58
CA GLY K 177 -0.21 -60.15 81.50
C GLY K 177 -0.13 -61.63 81.16
N SER K 178 -0.69 -62.47 82.03
CA SER K 178 -0.67 -63.93 81.85
C SER K 178 -1.68 -64.61 82.76
N PHE K 179 -1.92 -65.89 82.51
CA PHE K 179 -2.87 -66.68 83.29
C PHE K 179 -2.38 -68.11 83.48
N GLU K 180 -2.55 -68.63 84.69
CA GLU K 180 -2.15 -69.99 85.02
C GLU K 180 -3.26 -70.69 85.83
N THR K 181 -2.99 -71.91 86.25
CA THR K 181 -3.98 -72.71 86.99
C THR K 181 -3.27 -73.78 87.82
N GLU K 182 -4.05 -74.50 88.63
CA GLU K 182 -3.52 -75.56 89.51
C GLU K 182 -4.27 -76.88 89.30
N TRP K 183 -3.87 -77.60 88.26
CA TRP K 183 -4.40 -78.95 87.97
C TRP K 183 -3.70 -79.98 88.85
N GLU K 184 -4.46 -80.94 89.36
CA GLU K 184 -3.92 -81.99 90.23
C GLU K 184 -3.10 -81.37 91.36
N GLY K 185 -1.78 -81.28 91.18
CA GLY K 185 -0.87 -80.76 92.22
C GLY K 185 -0.24 -79.43 91.86
N GLU K 186 0.87 -79.49 91.14
CA GLU K 186 1.64 -78.29 90.80
C GLU K 186 0.86 -77.35 89.88
N PRO K 187 1.36 -76.11 89.69
CA PRO K 187 0.71 -75.16 88.79
C PRO K 187 1.05 -75.38 87.32
N TYR K 188 0.28 -74.75 86.43
CA TYR K 188 0.51 -74.84 84.99
C TYR K 188 0.29 -73.48 84.30
N ALA K 189 1.38 -72.85 83.86
CA ALA K 189 1.30 -71.58 83.12
C ALA K 189 0.79 -71.82 81.71
N LEU K 190 -0.37 -71.24 81.38
CA LEU K 190 -1.09 -71.54 80.13
C LEU K 190 -0.89 -70.53 79.00
N GLY K 191 -0.53 -69.29 79.32
CA GLY K 191 -0.33 -68.27 78.30
C GLY K 191 0.18 -66.93 78.81
N MET K 192 0.55 -66.08 77.87
CA MET K 192 1.04 -64.74 78.18
C MET K 192 0.71 -63.77 77.06
N VAL K 193 0.57 -62.50 77.41
CA VAL K 193 0.37 -61.44 76.42
C VAL K 193 1.52 -60.45 76.60
N THR K 194 2.03 -59.97 75.48
CA THR K 194 3.25 -59.16 75.46
C THR K 194 3.11 -57.96 74.51
N GLU K 195 3.94 -56.94 74.75
CA GLU K 195 3.93 -55.71 73.96
C GLU K 195 4.48 -56.02 72.58
N PHE K 196 3.67 -55.83 71.55
CA PHE K 196 4.02 -56.27 70.20
C PHE K 196 4.95 -55.29 69.49
N ALA K 197 6.16 -55.76 69.22
CA ALA K 197 7.14 -54.99 68.49
C ALA K 197 6.80 -55.05 66.99
N ALA K 198 5.77 -54.33 66.60
CA ALA K 198 5.49 -54.13 65.17
C ALA K 198 6.70 -53.40 64.60
N ASN K 199 7.00 -53.68 63.34
CA ASN K 199 8.25 -53.22 62.71
C ASN K 199 9.49 -53.77 63.44
N SER K 200 9.69 -55.07 63.27
CA SER K 200 10.81 -55.79 63.86
C SER K 200 11.52 -56.59 62.80
N ALA K 201 12.70 -57.09 63.13
CA ALA K 201 13.43 -57.99 62.25
C ALA K 201 14.39 -58.85 63.05
N GLU K 202 14.47 -60.12 62.71
CA GLU K 202 15.31 -61.06 63.45
C GLU K 202 16.79 -60.75 63.27
N GLY K 203 17.59 -61.11 64.27
CA GLY K 203 19.04 -60.96 64.20
C GLY K 203 19.66 -61.83 63.13
N TRP K 204 19.22 -63.09 63.07
CA TRP K 204 19.73 -64.04 62.07
C TRP K 204 19.45 -63.56 60.66
N ASP K 205 18.23 -63.04 60.44
CA ASP K 205 17.83 -62.52 59.13
C ASP K 205 18.63 -61.27 58.75
N MET K 206 19.10 -60.53 59.75
CA MET K 206 19.83 -59.29 59.54
C MET K 206 21.33 -59.55 59.36
N ALA K 207 21.84 -60.53 60.09
CA ALA K 207 23.21 -60.99 59.88
C ALA K 207 23.33 -61.69 58.53
N THR K 208 22.31 -62.46 58.17
CA THR K 208 22.27 -63.19 56.90
C THR K 208 22.40 -62.26 55.71
N THR K 209 21.84 -61.06 55.81
CA THR K 209 21.92 -60.06 54.73
C THR K 209 23.27 -59.34 54.68
N SER K 210 23.96 -59.26 55.81
CA SER K 210 25.32 -58.73 55.84
C SER K 210 26.35 -59.77 55.39
N THR K 211 26.13 -61.02 55.76
CA THR K 211 26.94 -62.14 55.29
C THR K 211 26.71 -62.36 53.79
N ARG K 212 25.50 -62.03 53.32
CA ARG K 212 25.16 -62.02 51.89
C ARG K 212 25.94 -60.95 51.10
N ASP K 213 26.23 -59.84 51.77
CA ASP K 213 26.88 -58.70 51.13
C ASP K 213 28.32 -58.98 50.77
N LEU K 214 29.13 -59.36 51.76
CA LEU K 214 30.55 -59.65 51.52
C LEU K 214 30.74 -60.67 50.41
N PHE K 215 29.99 -61.75 50.57
CA PHE K 215 30.18 -62.94 49.80
C PHE K 215 29.86 -62.72 48.31
N ALA K 216 28.65 -62.24 48.03
CA ALA K 216 28.29 -61.77 46.70
C ALA K 216 29.15 -60.56 46.39
N GLU K 217 29.69 -60.48 45.17
CA GLU K 217 30.63 -59.42 44.81
C GLU K 217 31.69 -59.25 45.91
N GLY K 218 32.39 -60.34 46.19
CA GLY K 218 33.37 -60.41 47.27
C GLY K 218 34.78 -60.04 46.85
N ASP K 219 35.76 -60.52 47.62
CA ASP K 219 37.16 -60.18 47.43
C ASP K 219 37.42 -58.68 47.62
N LEU K 220 36.71 -58.05 48.54
CA LEU K 220 36.80 -56.60 48.76
C LEU K 220 36.95 -56.21 50.24
N TYR K 221 37.38 -57.16 51.08
CA TYR K 221 37.60 -56.93 52.51
C TYR K 221 36.30 -56.88 53.32
N ALA K 222 36.39 -57.29 54.60
CA ALA K 222 35.23 -57.36 55.49
C ALA K 222 34.86 -56.00 56.11
N GLU K 223 35.84 -55.11 56.24
CA GLU K 223 35.62 -53.80 56.81
C GLU K 223 35.23 -52.75 55.77
N GLU K 224 35.67 -52.95 54.52
CA GLU K 224 35.43 -51.99 53.45
C GLU K 224 34.00 -52.03 52.91
N VAL K 225 33.40 -53.23 52.86
CA VAL K 225 32.03 -53.40 52.35
C VAL K 225 31.03 -52.56 53.14
N GLY K 226 29.98 -52.11 52.47
CA GLY K 226 28.92 -51.33 53.11
C GLY K 226 28.10 -52.14 54.09
N GLY K 227 27.88 -53.41 53.78
CA GLY K 227 27.06 -54.31 54.60
C GLY K 227 27.52 -54.56 56.02
N ASP K 228 28.77 -54.16 56.32
CA ASP K 228 29.38 -54.32 57.64
C ASP K 228 28.42 -54.33 58.82
N PHE K 229 28.35 -55.47 59.50
CA PHE K 229 27.47 -55.67 60.65
C PHE K 229 28.13 -55.23 61.96
N ALA K 230 29.44 -55.01 61.92
CA ALA K 230 30.26 -54.73 63.12
C ALA K 230 29.68 -53.72 64.09
N GLY K 231 29.15 -52.62 63.55
CA GLY K 231 28.55 -51.57 64.36
C GLY K 231 27.31 -52.03 65.09
N GLU K 232 26.50 -52.82 64.39
CA GLU K 232 25.27 -53.36 64.96
C GLU K 232 25.58 -54.46 65.96
N ALA K 233 26.62 -55.25 65.69
CA ALA K 233 27.05 -56.31 66.60
C ALA K 233 27.48 -55.75 67.95
N TYR K 234 28.21 -54.64 67.91
CA TYR K 234 28.66 -53.95 69.13
C TYR K 234 27.49 -53.50 69.97
N ARG K 235 26.47 -52.93 69.33
CA ARG K 235 25.25 -52.51 70.02
C ARG K 235 24.52 -53.70 70.67
N LEU K 236 24.48 -54.82 69.95
CA LEU K 236 23.89 -56.05 70.47
C LEU K 236 24.66 -56.60 71.67
N GLY K 237 25.97 -56.30 71.73
CA GLY K 237 26.80 -56.70 72.85
C GLY K 237 26.37 -56.06 74.15
N GLU K 238 26.36 -54.73 74.18
CA GLU K 238 25.90 -53.96 75.35
C GLU K 238 24.41 -54.16 75.64
N ALA K 239 23.64 -54.64 74.65
CA ALA K 239 22.24 -55.00 74.86
C ALA K 239 22.12 -56.27 75.72
N VAL K 240 22.87 -57.30 75.35
CA VAL K 240 22.90 -58.55 76.11
C VAL K 240 23.56 -58.37 77.49
N ALA K 241 24.59 -57.52 77.54
CA ALA K 241 25.26 -57.21 78.80
C ALA K 241 24.36 -56.41 79.76
N SER K 242 23.46 -55.61 79.20
CA SER K 242 22.55 -54.80 79.99
C SER K 242 21.55 -55.67 80.74
N VAL K 243 20.90 -56.58 80.00
CA VAL K 243 19.95 -57.52 80.60
C VAL K 243 20.63 -58.44 81.63
N HIS K 244 21.85 -58.89 81.33
CA HIS K 244 22.63 -59.73 82.25
C HIS K 244 22.93 -59.05 83.59
N ALA K 245 23.42 -57.81 83.51
CA ALA K 245 23.76 -57.03 84.70
C ALA K 245 22.52 -56.66 85.51
N CYS K 246 21.45 -56.33 84.79
CA CYS K 246 20.16 -56.03 85.42
C CYS K 246 19.53 -57.27 86.06
N LEU K 247 19.69 -58.41 85.40
CA LEU K 247 19.17 -59.68 85.91
C LEU K 247 19.91 -60.11 87.18
N ALA K 248 21.23 -59.93 87.18
CA ALA K 248 22.06 -60.24 88.33
C ALA K 248 21.74 -59.38 89.56
N HIS K 249 21.25 -58.16 89.34
CA HIS K 249 20.87 -57.26 90.43
C HIS K 249 19.70 -57.82 91.24
N GLU K 250 18.64 -58.23 90.53
CA GLU K 250 17.44 -58.78 91.17
C GLU K 250 17.55 -60.28 91.48
N LEU K 251 18.08 -61.05 90.54
CA LEU K 251 18.25 -62.50 90.73
C LEU K 251 19.32 -62.81 91.77
N GLY K 252 20.34 -61.96 91.88
CA GLY K 252 21.47 -62.20 92.77
C GLY K 252 22.53 -63.05 92.09
N THR K 253 23.69 -63.16 92.74
CA THR K 253 24.81 -63.96 92.21
C THR K 253 25.31 -64.95 93.26
N GLU K 254 25.95 -66.02 92.78
CA GLU K 254 26.58 -67.01 93.64
C GLU K 254 27.88 -67.47 93.00
N GLU K 255 28.74 -68.11 93.79
CA GLU K 255 29.98 -68.68 93.28
C GLU K 255 29.85 -70.21 93.23
N VAL K 256 30.31 -70.80 92.14
CA VAL K 256 30.28 -72.26 91.97
C VAL K 256 31.44 -72.69 91.08
N PRO K 257 31.92 -73.94 91.22
CA PRO K 257 33.01 -74.40 90.38
C PRO K 257 32.54 -74.94 89.01
N PHE K 258 33.41 -74.86 88.01
CA PHE K 258 33.11 -75.34 86.65
C PHE K 258 32.60 -76.78 86.69
N PRO K 259 31.44 -77.05 86.04
CA PRO K 259 30.84 -78.40 86.08
C PRO K 259 31.67 -79.44 85.33
N ALA K 260 32.82 -79.81 85.90
CA ALA K 260 33.77 -80.70 85.24
C ALA K 260 33.14 -82.06 84.94
N ASP K 261 32.63 -82.72 85.97
CA ASP K 261 32.03 -84.05 85.84
C ASP K 261 30.70 -84.02 85.07
N VAL K 262 30.00 -82.89 85.14
CA VAL K 262 28.74 -82.72 84.41
C VAL K 262 28.97 -82.51 82.92
N MET K 263 29.91 -81.62 82.60
CA MET K 263 30.25 -81.32 81.20
C MET K 263 31.12 -82.41 80.56
N ALA K 264 31.72 -83.26 81.39
CA ALA K 264 32.39 -84.46 80.90
C ALA K 264 31.36 -85.49 80.44
N GLN K 265 30.26 -85.60 81.18
CA GLN K 265 29.15 -86.47 80.82
C GLN K 265 28.50 -86.06 79.51
N ARG K 266 28.50 -84.75 79.22
CA ARG K 266 27.99 -84.22 77.96
C ARG K 266 28.89 -84.62 76.80
N LEU K 267 30.20 -84.42 76.96
CA LEU K 267 31.18 -84.77 75.93
C LEU K 267 31.33 -86.28 75.75
N ALA K 268 31.04 -87.04 76.81
CA ALA K 268 31.09 -88.51 76.76
C ALA K 268 29.91 -89.07 75.97
N ALA K 269 28.71 -88.53 76.23
CA ALA K 269 27.49 -88.94 75.51
C ALA K 269 27.52 -88.51 74.06
N ALA K 270 28.16 -87.36 73.78
CA ALA K 270 28.33 -86.87 72.41
C ALA K 270 29.17 -87.83 71.56
N VAL K 271 30.12 -88.51 72.20
CA VAL K 271 30.97 -89.50 71.52
C VAL K 271 30.22 -90.79 71.12
N ASP K 272 28.96 -90.93 71.53
CA ASP K 272 28.12 -92.05 71.12
C ASP K 272 27.86 -92.00 69.61
N ALA K 273 27.51 -90.81 69.10
CA ALA K 273 27.40 -90.56 67.66
C ALA K 273 28.74 -90.00 67.16
N VAL K 274 29.79 -90.80 67.31
CA VAL K 274 31.16 -90.36 67.08
C VAL K 274 31.48 -90.20 65.59
N PRO K 275 32.30 -89.20 65.27
CA PRO K 275 32.93 -88.92 63.98
C PRO K 275 34.46 -88.83 64.17
N GLU K 276 35.09 -87.79 63.60
CA GLU K 276 36.46 -87.43 63.96
C GLU K 276 36.51 -86.70 65.30
N LEU K 277 35.34 -86.44 65.90
CA LEU K 277 35.23 -85.83 67.23
C LEU K 277 35.99 -86.59 68.32
N ARG K 278 36.12 -87.91 68.17
CA ARG K 278 36.91 -88.73 69.10
C ARG K 278 38.40 -88.40 69.05
N GLU K 279 38.88 -87.94 67.88
CA GLU K 279 40.27 -87.52 67.72
C GLU K 279 40.57 -86.19 68.40
N HIS K 280 39.61 -85.28 68.41
CA HIS K 280 39.73 -84.01 69.12
C HIS K 280 39.53 -84.19 70.64
N VAL K 281 38.81 -85.25 71.02
CA VAL K 281 38.37 -85.49 72.41
C VAL K 281 39.46 -85.39 73.49
N PRO K 282 40.65 -85.97 73.24
CA PRO K 282 41.74 -85.81 74.21
C PRO K 282 42.22 -84.36 74.34
N GLN K 283 42.32 -83.65 73.21
CA GLN K 283 42.70 -82.24 73.21
C GLN K 283 41.61 -81.38 73.84
N ILE K 284 40.35 -81.77 73.63
CA ILE K 284 39.21 -81.10 74.25
C ILE K 284 39.17 -81.35 75.76
N GLU K 285 39.36 -82.60 76.15
CA GLU K 285 39.41 -82.99 77.58
C GLU K 285 40.56 -82.32 78.31
N GLU K 286 41.66 -82.07 77.59
CA GLU K 286 42.80 -81.31 78.13
C GLU K 286 42.43 -79.85 78.41
N ARG K 287 41.57 -79.28 77.57
CA ARG K 287 41.03 -77.94 77.78
C ARG K 287 40.03 -77.91 78.94
N TYR K 288 39.28 -79.00 79.11
CA TYR K 288 38.30 -79.13 80.20
C TYR K 288 38.96 -79.27 81.58
N HIS K 289 39.80 -80.29 81.74
CA HIS K 289 40.48 -80.56 83.02
C HIS K 289 41.54 -79.50 83.39
N LYS K 290 41.80 -78.57 82.46
CA LYS K 290 42.64 -77.39 82.74
C LYS K 290 41.94 -76.40 83.67
N LEU K 291 40.61 -76.27 83.51
CA LEU K 291 39.81 -75.36 84.33
C LEU K 291 39.12 -76.05 85.52
N ALA K 292 39.54 -77.28 85.85
CA ALA K 292 38.98 -78.01 86.99
C ALA K 292 39.37 -77.35 88.31
N ASP K 293 38.47 -77.41 89.28
CA ASP K 293 38.65 -76.78 90.60
C ASP K 293 38.85 -75.26 90.50
N THR K 294 38.11 -74.62 89.60
CA THR K 294 38.12 -73.16 89.48
C THR K 294 36.69 -72.65 89.63
N THR K 295 36.55 -71.52 90.33
CA THR K 295 35.22 -70.96 90.64
C THR K 295 34.79 -69.88 89.64
N MET K 296 33.50 -69.90 89.31
CA MET K 296 32.88 -68.93 88.40
C MET K 296 31.76 -68.20 89.15
N THR K 297 31.12 -67.25 88.46
CA THR K 297 29.97 -66.53 89.00
C THR K 297 28.73 -66.97 88.25
N VAL K 298 27.68 -67.32 88.98
CA VAL K 298 26.43 -67.79 88.36
C VAL K 298 25.27 -66.83 88.63
N GLN K 299 24.67 -66.34 87.54
CA GLN K 299 23.46 -65.53 87.60
C GLN K 299 22.32 -66.32 86.99
N ARG K 300 21.12 -65.75 87.09
CA ARG K 300 20.03 -66.17 86.25
C ARG K 300 20.37 -65.65 84.84
N VAL K 301 20.17 -66.48 83.82
CA VAL K 301 20.53 -66.11 82.43
C VAL K 301 19.44 -66.51 81.43
N HIS K 302 19.64 -66.14 80.17
CA HIS K 302 18.71 -66.49 79.09
C HIS K 302 18.64 -68.01 78.86
N GLY K 303 19.80 -68.66 78.78
CA GLY K 303 19.89 -70.11 78.64
C GLY K 303 19.97 -70.64 77.22
N ASP K 304 19.35 -69.90 76.28
CA ASP K 304 19.29 -70.28 74.88
C ASP K 304 19.39 -69.05 73.96
N LEU K 305 20.52 -68.35 74.03
CA LEU K 305 20.74 -67.18 73.17
C LEU K 305 21.32 -67.57 71.83
N HIS K 306 20.64 -67.12 70.77
CA HIS K 306 21.20 -67.12 69.43
C HIS K 306 20.51 -66.01 68.65
N LEU K 307 21.06 -65.66 67.49
CA LEU K 307 20.59 -64.51 66.71
C LEU K 307 19.09 -64.56 66.41
N GLY K 308 18.52 -65.77 66.36
CA GLY K 308 17.08 -65.97 66.17
C GLY K 308 16.21 -65.46 67.30
N GLN K 309 16.71 -65.55 68.54
CA GLN K 309 15.96 -65.13 69.74
C GLN K 309 16.19 -63.66 70.07
N VAL K 310 16.69 -62.89 69.09
CA VAL K 310 17.01 -61.49 69.28
C VAL K 310 16.38 -60.68 68.15
N LEU K 311 15.65 -59.62 68.50
CA LEU K 311 14.93 -58.81 67.53
C LEU K 311 15.45 -57.38 67.49
N ARG K 312 15.39 -56.75 66.32
CA ARG K 312 15.71 -55.34 66.22
C ARG K 312 14.49 -54.51 65.89
N THR K 313 14.23 -53.53 66.74
CA THR K 313 13.20 -52.53 66.50
C THR K 313 13.89 -51.19 66.29
N PRO K 314 13.14 -50.18 65.78
CA PRO K 314 13.70 -48.84 65.85
C PRO K 314 13.90 -48.43 67.30
N LYS K 315 15.03 -47.82 67.59
CA LYS K 315 15.39 -47.44 68.97
C LYS K 315 15.50 -48.66 69.90
N GLY K 316 16.31 -49.65 69.50
CA GLY K 316 16.74 -50.71 70.41
C GLY K 316 16.72 -52.15 69.92
N TRP K 317 17.61 -52.94 70.49
CA TRP K 317 17.59 -54.41 70.39
C TRP K 317 16.66 -55.00 71.46
N LEU K 318 15.96 -56.07 71.12
CA LEU K 318 15.06 -56.77 72.04
C LEU K 318 15.50 -58.23 72.21
N LEU K 319 15.50 -58.72 73.44
CA LEU K 319 15.74 -60.13 73.72
C LEU K 319 14.43 -60.84 74.01
N ILE K 320 14.16 -61.93 73.29
CA ILE K 320 12.91 -62.68 73.43
C ILE K 320 13.15 -64.16 73.66
N ASP K 321 12.06 -64.91 73.87
CA ASP K 321 12.09 -66.37 73.99
C ASP K 321 13.04 -66.86 75.09
N PHE K 322 12.78 -66.45 76.32
CA PHE K 322 13.52 -66.99 77.48
C PHE K 322 13.01 -68.40 77.79
N GLU K 323 13.17 -69.29 76.81
CA GLU K 323 12.49 -70.59 76.75
C GLU K 323 12.62 -71.41 78.06
N GLY K 324 13.82 -71.67 78.58
CA GLY K 324 15.11 -71.33 77.97
C GLY K 324 15.73 -72.54 77.27
N GLU K 325 15.82 -73.67 77.99
CA GLU K 325 16.42 -74.91 77.48
C GLU K 325 17.90 -74.71 77.11
N PRO K 329 13.27 -80.71 81.41
CA PRO K 329 13.71 -80.53 82.76
C PRO K 329 13.54 -79.07 83.15
N LEU K 330 12.34 -78.71 83.58
CA LEU K 330 12.01 -77.35 83.96
C LEU K 330 12.78 -76.90 85.20
N ASP K 331 13.08 -77.86 86.08
CA ASP K 331 13.91 -77.61 87.26
C ASP K 331 15.32 -77.18 86.86
N GLU K 332 15.90 -77.85 85.87
CA GLU K 332 17.24 -77.53 85.36
C GLU K 332 17.30 -76.21 84.58
N ARG K 333 16.19 -75.88 83.91
CA ARG K 333 16.11 -74.66 83.11
C ARG K 333 16.22 -73.40 83.97
N ARG K 334 15.57 -73.40 85.13
CA ARG K 334 15.60 -72.27 86.05
C ARG K 334 16.95 -72.09 86.77
N ARG K 335 17.73 -73.17 86.85
CA ARG K 335 19.02 -73.14 87.54
C ARG K 335 19.95 -72.06 86.97
N PRO K 336 20.62 -71.28 87.86
CA PRO K 336 21.56 -70.25 87.41
C PRO K 336 22.75 -70.79 86.64
N ASP K 337 23.51 -69.89 85.98
CA ASP K 337 24.67 -70.31 85.19
C ASP K 337 25.59 -69.12 84.87
N THR K 338 26.83 -69.44 84.53
CA THR K 338 27.80 -68.44 84.07
C THR K 338 27.27 -67.72 82.84
N PRO K 339 27.29 -66.37 82.86
CA PRO K 339 26.87 -65.61 81.67
C PRO K 339 27.76 -65.88 80.45
N VAL K 340 28.94 -66.46 80.69
CA VAL K 340 29.82 -66.89 79.61
C VAL K 340 29.19 -67.94 78.69
N ARG K 341 28.13 -68.61 79.15
CA ARG K 341 27.36 -69.54 78.32
C ARG K 341 26.49 -68.80 77.29
N ASP K 342 25.94 -67.65 77.69
CA ASP K 342 25.10 -66.85 76.80
C ASP K 342 25.91 -66.15 75.70
N VAL K 343 27.05 -65.57 76.06
CA VAL K 343 27.93 -64.97 75.06
C VAL K 343 28.55 -66.04 74.17
N ALA K 344 28.68 -67.26 74.68
CA ALA K 344 29.09 -68.39 73.86
C ALA K 344 28.03 -68.71 72.81
N GLY K 345 26.77 -68.63 73.21
CA GLY K 345 25.65 -68.88 72.31
C GLY K 345 25.54 -67.92 71.14
N ILE K 346 25.77 -66.63 71.41
CA ILE K 346 25.72 -65.59 70.38
C ILE K 346 26.91 -65.72 69.44
N LEU K 347 28.11 -65.89 70.01
CA LEU K 347 29.32 -66.08 69.20
C LEU K 347 29.25 -67.37 68.39
N ARG K 348 28.61 -68.38 68.95
CA ARG K 348 28.37 -69.64 68.24
C ARG K 348 27.45 -69.40 67.05
N SER K 349 26.44 -68.56 67.25
CA SER K 349 25.45 -68.25 66.23
C SER K 349 26.03 -67.44 65.06
N PHE K 350 27.03 -66.60 65.35
CA PHE K 350 27.68 -65.80 64.30
C PHE K 350 28.36 -66.68 63.26
N GLU K 351 29.06 -67.71 63.72
CA GLU K 351 29.73 -68.63 62.80
C GLU K 351 28.72 -69.40 61.94
N TYR K 352 27.62 -69.82 62.55
CA TYR K 352 26.57 -70.53 61.80
C TYR K 352 25.92 -69.64 60.73
N ALA K 353 25.71 -68.36 61.05
CA ALA K 353 25.17 -67.40 60.10
C ALA K 353 26.10 -67.20 58.90
N ALA K 354 27.40 -67.17 59.17
CA ALA K 354 28.40 -66.96 58.12
C ALA K 354 28.61 -68.18 57.24
N HIS K 355 28.49 -69.37 57.80
CA HIS K 355 28.85 -70.60 57.08
C HIS K 355 27.68 -71.38 56.50
N GLN K 356 26.46 -71.13 56.99
CA GLN K 356 25.26 -71.63 56.31
C GLN K 356 25.27 -71.02 54.93
N ARG K 357 25.60 -69.73 54.90
CA ARG K 357 25.77 -68.99 53.67
C ARG K 357 26.86 -69.62 52.81
N LEU K 358 28.00 -70.00 53.42
CA LEU K 358 29.10 -70.66 52.68
C LEU K 358 28.76 -72.06 52.20
N VAL K 359 27.82 -72.71 52.88
CA VAL K 359 27.24 -73.96 52.41
C VAL K 359 26.24 -73.65 51.29
N ASP K 360 25.49 -72.56 51.49
CA ASP K 360 24.64 -71.98 50.44
C ASP K 360 25.45 -71.28 49.33
N GLN K 361 26.75 -71.10 49.59
CA GLN K 361 27.74 -70.66 48.61
C GLN K 361 28.63 -71.76 48.09
N ALA K 362 28.56 -72.91 48.74
CA ALA K 362 29.01 -74.16 48.16
C ALA K 362 27.84 -74.70 47.34
N GLY K 363 26.80 -73.87 47.19
CA GLY K 363 25.54 -74.23 46.57
C GLY K 363 25.37 -74.31 45.06
N ASP K 364 25.88 -73.38 44.21
CA ASP K 364 26.85 -72.31 44.49
C ASP K 364 28.33 -72.76 44.46
N ASP K 365 28.55 -73.97 43.96
CA ASP K 365 29.90 -74.54 43.71
C ASP K 365 30.51 -73.82 42.48
N ASP K 366 31.71 -74.18 41.97
CA ASP K 366 32.64 -75.21 42.48
C ASP K 366 34.09 -74.72 42.75
N ASP K 367 34.66 -73.92 41.84
CA ASP K 367 36.13 -73.71 41.76
C ASP K 367 36.85 -73.04 42.95
N ARG K 368 36.35 -71.89 43.40
CA ARG K 368 37.06 -71.08 44.41
C ARG K 368 36.13 -70.66 45.54
N ALA K 369 35.64 -71.65 46.28
CA ALA K 369 34.96 -71.41 47.55
C ALA K 369 35.98 -71.03 48.62
N ARG K 370 37.26 -71.23 48.33
CA ARG K 370 38.35 -70.82 49.21
C ARG K 370 38.36 -69.31 49.50
N GLN K 371 37.88 -68.52 48.54
CA GLN K 371 37.73 -67.08 48.73
C GLN K 371 36.65 -66.77 49.76
N LEU K 372 35.52 -67.47 49.65
CA LEU K 372 34.39 -67.24 50.53
C LEU K 372 34.74 -67.60 51.97
N ALA K 373 35.44 -68.71 52.16
CA ALA K 373 35.91 -69.12 53.49
C ALA K 373 36.80 -68.04 54.13
N ALA K 374 37.66 -67.45 53.31
CA ALA K 374 38.54 -66.38 53.76
C ALA K 374 37.75 -65.17 54.25
N ARG K 375 36.68 -64.85 53.54
CA ARG K 375 35.78 -63.75 53.90
C ARG K 375 34.92 -64.10 55.11
N ALA K 376 34.47 -65.35 55.18
CA ALA K 376 33.65 -65.80 56.30
C ALA K 376 34.43 -65.77 57.61
N ARG K 377 35.65 -66.29 57.57
CA ARG K 377 36.52 -66.27 58.75
C ARG K 377 36.78 -64.83 59.17
N GLU K 378 36.97 -63.95 58.19
CA GLU K 378 37.08 -62.51 58.44
C GLU K 378 35.85 -61.98 59.15
N TRP K 379 34.68 -62.26 58.57
CA TRP K 379 33.42 -61.74 59.09
C TRP K 379 33.09 -62.35 60.45
N VAL K 380 33.24 -63.67 60.56
CA VAL K 380 32.93 -64.38 61.80
C VAL K 380 33.75 -63.85 62.98
N THR K 381 35.05 -63.68 62.77
CA THR K 381 35.95 -63.23 63.84
C THR K 381 35.86 -61.73 64.15
N ARG K 382 35.35 -60.94 63.20
CA ARG K 382 35.28 -59.48 63.37
C ARG K 382 34.05 -59.03 64.16
N ASN K 383 32.91 -59.66 63.90
CA ASN K 383 31.67 -59.33 64.60
C ASN K 383 31.60 -59.99 65.97
N CYS K 384 32.32 -61.10 66.13
CA CYS K 384 32.52 -61.69 67.44
C CYS K 384 33.35 -60.76 68.31
N ALA K 385 34.36 -60.15 67.70
CA ALA K 385 35.16 -59.13 68.37
C ALA K 385 34.31 -57.92 68.70
N SER K 386 33.59 -57.39 67.70
CA SER K 386 32.73 -56.23 67.90
C SER K 386 31.68 -56.47 68.98
N PHE K 387 31.15 -57.70 69.05
CA PHE K 387 30.15 -58.06 70.05
C PHE K 387 30.74 -58.08 71.46
N CYS K 388 31.87 -58.78 71.61
CA CYS K 388 32.55 -58.87 72.90
C CYS K 388 33.02 -57.48 73.38
N ASP K 389 33.44 -56.64 72.44
CA ASP K 389 33.85 -55.26 72.73
C ASP K 389 32.69 -54.47 73.34
N GLY K 390 31.51 -54.60 72.73
CA GLY K 390 30.30 -53.91 73.22
C GLY K 390 29.80 -54.44 74.54
N TYR K 391 29.90 -55.75 74.74
CA TYR K 391 29.54 -56.37 76.00
C TYR K 391 30.43 -55.83 77.11
N ALA K 392 31.74 -55.82 76.85
CA ALA K 392 32.73 -55.35 77.81
C ALA K 392 32.63 -53.85 78.08
N ALA K 393 32.08 -53.11 77.12
CA ALA K 393 31.87 -51.67 77.28
C ALA K 393 30.71 -51.36 78.24
N GLU K 394 29.77 -52.29 78.37
CA GLU K 394 28.61 -52.09 79.23
C GLU K 394 28.93 -52.41 80.69
N ALA K 395 29.30 -53.66 80.96
CA ALA K 395 29.76 -54.06 82.29
C ALA K 395 31.28 -54.01 82.31
N GLY K 396 31.85 -53.63 83.46
CA GLY K 396 33.31 -53.54 83.61
C GLY K 396 34.04 -54.79 83.18
N THR K 397 33.45 -55.94 83.49
CA THR K 397 34.02 -57.25 83.13
C THR K 397 34.05 -57.46 81.62
N ASP K 398 35.18 -57.98 81.12
CA ASP K 398 35.32 -58.37 79.71
C ASP K 398 35.30 -59.91 79.63
N PRO K 399 34.43 -60.49 78.77
CA PRO K 399 34.34 -61.95 78.60
C PRO K 399 35.62 -62.59 78.06
N ARG K 400 36.24 -61.92 77.08
CA ARG K 400 37.51 -62.38 76.51
C ARG K 400 38.68 -62.27 77.50
N ASP K 401 38.56 -61.39 78.49
CA ASP K 401 39.58 -61.25 79.54
C ASP K 401 39.67 -62.54 80.38
N SER K 402 38.52 -63.15 80.66
CA SER K 402 38.48 -64.49 81.24
C SER K 402 38.16 -65.50 80.14
N ALA K 403 39.08 -65.59 79.16
CA ALA K 403 38.86 -66.36 77.93
C ALA K 403 38.70 -67.86 78.14
N ASP K 404 39.54 -68.43 79.01
CA ASP K 404 39.55 -69.87 79.22
C ASP K 404 38.17 -70.43 79.61
N LEU K 405 37.44 -69.70 80.44
CA LEU K 405 36.08 -70.10 80.84
C LEU K 405 35.13 -70.08 79.64
N LEU K 406 35.26 -69.06 78.80
CA LEU K 406 34.43 -68.90 77.60
C LEU K 406 34.76 -69.98 76.56
N ALA K 407 36.05 -70.18 76.32
CA ALA K 407 36.51 -71.16 75.33
C ALA K 407 36.02 -72.56 75.65
N ALA K 408 35.80 -72.84 76.94
CA ALA K 408 35.25 -74.11 77.37
C ALA K 408 33.79 -74.24 76.95
N TYR K 409 32.98 -73.22 77.28
CA TYR K 409 31.55 -73.24 76.95
C TYR K 409 31.28 -73.18 75.44
N GLU K 410 32.18 -72.53 74.69
CA GLU K 410 32.11 -72.53 73.23
C GLU K 410 32.31 -73.94 72.70
N LEU K 411 33.29 -74.64 73.25
CA LEU K 411 33.56 -76.03 72.89
C LEU K 411 32.41 -76.97 73.27
N ASP K 412 31.76 -76.71 74.40
CA ASP K 412 30.61 -77.51 74.85
C ASP K 412 29.39 -77.26 73.96
N LYS K 413 29.14 -76.00 73.63
CA LYS K 413 28.05 -75.62 72.73
C LYS K 413 28.25 -76.22 71.32
N ALA K 414 29.51 -76.48 70.96
CA ALA K 414 29.83 -77.14 69.69
C ALA K 414 29.57 -78.65 69.75
N VAL K 415 29.83 -79.26 70.91
CA VAL K 415 29.58 -80.69 71.12
C VAL K 415 28.08 -81.00 71.12
N TYR K 416 27.30 -80.14 71.78
CA TYR K 416 25.85 -80.24 71.75
C TYR K 416 25.31 -79.93 70.35
N GLU K 417 25.97 -78.98 69.67
CA GLU K 417 25.61 -78.62 68.28
C GLU K 417 25.88 -79.75 67.31
N ALA K 418 27.00 -80.45 67.50
CA ALA K 418 27.36 -81.60 66.66
C ALA K 418 26.33 -82.71 66.77
N ALA K 419 26.03 -83.12 68.00
CA ALA K 419 25.08 -84.21 68.27
C ALA K 419 23.64 -83.85 67.87
N TYR K 420 23.22 -82.62 68.17
CA TYR K 420 21.89 -82.14 67.80
C TYR K 420 21.72 -82.03 66.28
N GLU K 421 22.79 -81.63 65.59
CA GLU K 421 22.79 -81.53 64.13
C GLU K 421 22.93 -82.91 63.48
N ALA K 422 23.97 -83.65 63.87
CA ALA K 422 24.31 -84.93 63.24
C ALA K 422 23.13 -85.89 63.13
N ARG K 423 22.35 -86.01 64.21
CA ARG K 423 21.18 -86.88 64.24
C ARG K 423 20.11 -86.40 63.27
N HIS K 424 19.81 -85.10 63.33
CA HIS K 424 18.78 -84.49 62.48
C HIS K 424 19.26 -84.27 61.04
N ARG K 425 20.34 -83.51 60.88
CA ARG K 425 20.86 -83.14 59.54
C ARG K 425 22.34 -83.52 59.37
N PRO K 426 22.63 -84.47 58.47
CA PRO K 426 24.02 -84.91 58.22
C PRO K 426 24.90 -83.82 57.58
N SER K 427 24.30 -82.98 56.75
CA SER K 427 25.02 -81.94 56.02
C SER K 427 25.63 -80.87 56.93
N TRP K 428 25.04 -80.66 58.11
CA TRP K 428 25.54 -79.68 59.07
C TRP K 428 26.90 -80.06 59.66
N LEU K 429 27.12 -81.35 59.89
CA LEU K 429 28.31 -81.89 60.61
C LEU K 429 29.68 -81.22 60.38
N PRO K 430 29.99 -80.81 59.14
CA PRO K 430 31.20 -80.00 58.90
C PRO K 430 31.28 -78.67 59.68
N ILE K 431 30.14 -78.04 59.94
CA ILE K 431 30.11 -76.76 60.65
C ILE K 431 30.54 -76.90 62.12
N PRO K 432 29.92 -77.81 62.89
CA PRO K 432 30.43 -78.05 64.25
C PRO K 432 31.86 -78.61 64.29
N LEU K 433 32.17 -79.55 63.39
CA LEU K 433 33.48 -80.22 63.35
C LEU K 433 34.61 -79.25 62.97
N GLY K 434 34.37 -78.43 61.95
CA GLY K 434 35.34 -77.44 61.50
C GLY K 434 35.58 -76.33 62.51
N SER K 435 34.50 -75.88 63.15
CA SER K 435 34.57 -74.85 64.18
C SER K 435 35.22 -75.38 65.46
N ILE K 436 34.98 -76.65 65.77
CA ILE K 436 35.68 -77.32 66.87
C ILE K 436 37.17 -77.36 66.57
N ALA K 437 37.52 -77.61 65.31
CA ALA K 437 38.91 -77.60 64.86
C ALA K 437 39.52 -76.19 64.91
N ARG K 438 38.71 -75.19 64.60
CA ARG K 438 39.14 -73.79 64.67
C ARG K 438 39.52 -73.37 66.11
N LEU K 439 38.72 -73.82 67.07
CA LEU K 439 38.97 -73.53 68.49
C LEU K 439 39.68 -74.69 69.17
N MET L 1 -37.03 -77.54 53.11
CA MET L 1 -36.50 -77.66 51.72
C MET L 1 -35.23 -76.82 51.54
N SER L 2 -34.15 -77.46 51.11
CA SER L 2 -32.81 -76.83 51.04
C SER L 2 -32.24 -76.55 52.44
N VAL L 3 -32.90 -75.66 53.18
CA VAL L 3 -32.61 -75.40 54.60
C VAL L 3 -31.18 -74.91 54.82
N GLU L 4 -31.01 -73.61 55.05
CA GLU L 4 -29.72 -73.02 55.43
C GLU L 4 -28.63 -73.19 54.36
N PHE L 5 -28.39 -74.43 53.92
CA PHE L 5 -27.69 -74.72 52.66
C PHE L 5 -28.15 -73.80 51.52
N GLU L 6 -29.44 -73.46 51.51
CA GLU L 6 -29.95 -72.45 50.59
C GLU L 6 -29.11 -71.18 50.61
N ASP L 7 -28.77 -70.68 51.81
CA ASP L 7 -27.99 -69.44 51.94
C ASP L 7 -26.76 -69.46 51.05
N TRP L 8 -26.03 -70.57 51.05
CA TRP L 8 -24.84 -70.72 50.19
C TRP L 8 -25.16 -70.52 48.70
N LEU L 9 -26.29 -71.06 48.24
CA LEU L 9 -26.69 -70.93 46.83
C LEU L 9 -27.10 -69.52 46.41
N THR L 10 -27.09 -68.57 47.36
CA THR L 10 -27.33 -67.15 47.06
C THR L 10 -26.08 -66.28 47.22
N GLN L 11 -24.97 -66.88 47.64
CA GLN L 11 -23.69 -66.16 47.79
C GLN L 11 -22.83 -66.23 46.52
N GLN L 12 -23.37 -66.83 45.46
CA GLN L 12 -22.55 -67.35 44.37
C GLN L 12 -21.82 -66.35 43.51
N ARG L 13 -22.57 -65.46 42.88
CA ARG L 13 -22.06 -64.66 41.76
C ARG L 13 -22.63 -65.24 40.47
N TRP L 14 -22.68 -66.58 40.38
CA TRP L 14 -23.47 -67.22 39.31
C TRP L 14 -24.95 -67.35 39.65
N TYR L 15 -25.33 -66.94 40.86
CA TYR L 15 -26.73 -66.90 41.25
C TYR L 15 -27.34 -65.57 40.78
N ALA L 16 -28.40 -65.67 39.98
CA ALA L 16 -29.04 -64.51 39.35
C ALA L 16 -30.24 -63.98 40.13
N GLY L 17 -30.78 -64.77 41.05
CA GLY L 17 -31.94 -64.35 41.84
C GLY L 17 -31.61 -63.40 42.98
N ARG L 18 -30.52 -62.65 42.84
CA ARG L 18 -30.10 -61.71 43.87
C ARG L 18 -31.14 -60.60 44.02
N ASN L 19 -31.88 -60.31 42.94
CA ASN L 19 -32.94 -59.31 42.95
C ASN L 19 -34.36 -59.86 42.75
N ARG L 20 -34.48 -61.16 42.46
CA ARG L 20 -35.72 -61.71 41.91
C ARG L 20 -36.90 -61.98 42.88
N GLU L 21 -36.67 -61.87 44.20
CA GLU L 21 -37.75 -62.06 45.20
C GLU L 21 -38.44 -63.43 45.12
N LEU L 22 -37.84 -64.43 45.75
CA LEU L 22 -38.21 -65.83 45.53
C LEU L 22 -39.45 -66.30 46.27
N VAL L 23 -40.17 -67.26 45.68
CA VAL L 23 -41.13 -68.09 46.40
C VAL L 23 -40.42 -69.43 46.66
N SER L 24 -41.15 -70.47 47.03
CA SER L 24 -40.53 -71.77 47.35
C SER L 24 -39.40 -72.22 46.41
N ALA L 25 -38.20 -72.39 46.97
CA ALA L 25 -37.01 -72.85 46.22
C ALA L 25 -36.54 -74.19 46.78
N THR L 26 -36.63 -75.23 45.95
CA THR L 26 -36.51 -76.62 46.42
C THR L 26 -35.66 -77.46 45.47
N THR L 27 -35.05 -78.51 46.00
CA THR L 27 -34.23 -79.43 45.20
C THR L 27 -35.10 -80.26 44.27
N ALA L 28 -34.81 -80.21 42.97
CA ALA L 28 -35.63 -80.91 41.97
C ALA L 28 -35.13 -82.31 41.64
N MET L 29 -33.86 -82.59 41.95
CA MET L 29 -33.28 -83.89 41.63
C MET L 29 -32.05 -84.16 42.47
N ALA L 30 -31.69 -85.43 42.55
CA ALA L 30 -30.44 -85.85 43.19
C ALA L 30 -30.09 -87.27 42.74
N VAL L 31 -29.37 -87.39 41.63
CA VAL L 31 -28.79 -88.65 41.22
C VAL L 31 -27.58 -88.89 42.10
N ARG L 32 -27.26 -90.16 42.37
CA ARG L 32 -26.09 -90.54 43.17
C ARG L 32 -24.99 -91.04 42.25
N LEU L 33 -23.89 -90.29 42.18
CA LEU L 33 -22.76 -90.60 41.30
C LEU L 33 -21.78 -91.57 41.96
N ARG L 34 -21.43 -91.29 43.22
CA ARG L 34 -20.54 -92.14 44.03
C ARG L 34 -21.03 -92.17 45.46
N ASP L 35 -20.40 -93.00 46.29
CA ASP L 35 -20.71 -93.09 47.72
C ASP L 35 -20.85 -91.72 48.39
N GLY L 36 -19.86 -90.85 48.15
CA GLY L 36 -19.84 -89.53 48.76
C GLY L 36 -20.12 -88.35 47.83
N LEU L 37 -20.94 -88.60 46.79
CA LEU L 37 -21.27 -87.58 45.78
C LEU L 37 -22.73 -87.66 45.32
N GLU L 38 -23.25 -86.55 44.81
CA GLU L 38 -24.61 -86.50 44.25
C GLU L 38 -24.80 -85.27 43.36
N LEU L 39 -25.13 -85.49 42.08
CA LEU L 39 -25.38 -84.39 41.14
C LEU L 39 -26.75 -83.78 41.40
N VAL L 40 -26.81 -82.86 42.35
CA VAL L 40 -28.08 -82.22 42.73
C VAL L 40 -28.45 -81.12 41.74
N LEU L 41 -29.64 -81.21 41.15
CA LEU L 41 -30.15 -80.18 40.26
C LEU L 41 -31.23 -79.39 40.98
N LEU L 42 -30.84 -78.34 41.69
CA LEU L 42 -31.78 -77.50 42.43
C LEU L 42 -32.63 -76.63 41.49
N GLN L 43 -33.81 -76.22 41.95
CA GLN L 43 -34.70 -75.33 41.18
C GLN L 43 -35.20 -74.19 42.04
N ALA L 44 -35.12 -72.97 41.51
CA ALA L 44 -35.46 -71.76 42.24
C ALA L 44 -36.66 -71.10 41.61
N ASN L 45 -37.75 -71.00 42.37
CA ASN L 45 -38.98 -70.36 41.90
C ASN L 45 -39.08 -68.96 42.48
N TYR L 46 -39.26 -67.98 41.59
CA TYR L 46 -39.42 -66.58 42.00
C TYR L 46 -40.88 -66.12 41.83
N ALA L 47 -41.27 -65.07 42.54
CA ALA L 47 -42.59 -64.46 42.38
C ALA L 47 -42.50 -63.27 41.44
N ASP L 48 -43.22 -63.35 40.32
CA ASP L 48 -43.12 -62.37 39.24
C ASP L 48 -41.74 -62.47 38.57
N GLY L 49 -41.60 -63.45 37.67
CA GLY L 49 -40.35 -63.70 36.96
C GLY L 49 -40.13 -65.21 36.85
N PRO L 50 -39.70 -65.70 35.67
CA PRO L 50 -39.62 -67.14 35.38
C PRO L 50 -38.68 -67.96 36.28
N ASP L 51 -38.95 -69.27 36.39
CA ASP L 51 -38.15 -70.17 37.24
C ASP L 51 -36.80 -70.47 36.60
N GLU L 52 -35.78 -70.69 37.45
CA GLU L 52 -34.41 -70.96 36.99
C GLU L 52 -33.74 -72.09 37.78
N ARG L 53 -33.23 -73.08 37.07
CA ARG L 53 -32.73 -74.32 37.66
C ARG L 53 -31.20 -74.43 37.62
N TYR L 54 -30.58 -74.47 38.80
CA TYR L 54 -29.13 -74.59 38.92
C TYR L 54 -28.69 -76.04 39.16
N GLN L 55 -27.37 -76.26 39.17
CA GLN L 55 -26.80 -77.56 39.54
C GLN L 55 -25.68 -77.40 40.55
N VAL L 56 -25.34 -78.49 41.23
CA VAL L 56 -24.25 -78.52 42.20
C VAL L 56 -23.89 -79.97 42.59
N ILE L 57 -22.67 -80.39 42.27
CA ILE L 57 -22.21 -81.75 42.52
C ILE L 57 -21.69 -81.84 43.95
N VAL L 58 -22.58 -82.11 44.90
CA VAL L 58 -22.27 -82.00 46.33
C VAL L 58 -21.63 -83.25 46.95
N ALA L 59 -20.53 -83.06 47.66
CA ALA L 59 -19.83 -84.13 48.36
C ALA L 59 -19.92 -83.96 49.87
N THR L 60 -19.75 -85.07 50.60
CA THR L 60 -19.83 -85.10 52.06
C THR L 60 -18.49 -85.49 52.68
N GLY L 61 -18.43 -85.45 54.02
CA GLY L 61 -17.22 -85.88 54.76
C GLY L 61 -16.27 -84.74 55.08
N SER L 62 -15.06 -84.81 54.53
CA SER L 62 -14.05 -83.74 54.66
C SER L 62 -13.73 -83.18 53.28
N GLY L 63 -13.66 -81.85 53.17
CA GLY L 63 -13.58 -81.16 51.87
C GLY L 63 -12.40 -80.23 51.71
N PRO L 64 -11.17 -80.80 51.60
CA PRO L 64 -9.94 -80.03 51.40
C PRO L 64 -9.83 -79.38 50.02
N ILE L 65 -8.81 -78.56 49.75
CA ILE L 65 -7.75 -78.22 50.70
C ILE L 65 -8.20 -77.13 51.68
N ASP L 66 -7.30 -76.74 52.57
CA ASP L 66 -7.56 -75.65 53.52
C ASP L 66 -7.73 -74.31 52.81
N GLU L 67 -7.08 -74.15 51.65
CA GLU L 67 -7.10 -72.90 50.89
C GLU L 67 -8.37 -72.69 50.04
N TYR L 68 -9.40 -73.52 50.25
CA TYR L 68 -10.71 -73.31 49.61
C TYR L 68 -11.91 -73.36 50.56
N SER L 69 -11.69 -73.70 51.83
CA SER L 69 -12.76 -74.00 52.78
C SER L 69 -13.87 -72.94 52.84
N VAL L 70 -13.47 -71.66 52.70
CA VAL L 70 -14.42 -70.56 52.62
C VAL L 70 -15.32 -70.73 51.40
N VAL L 71 -14.69 -70.90 50.25
CA VAL L 71 -15.40 -71.00 48.97
C VAL L 71 -15.85 -72.43 48.61
N ALA L 72 -16.27 -73.22 49.59
CA ALA L 72 -16.54 -74.64 49.37
C ALA L 72 -17.51 -75.28 50.36
N THR L 73 -17.31 -75.04 51.66
CA THR L 73 -18.15 -75.65 52.70
C THR L 73 -19.61 -75.20 52.56
N ILE L 74 -20.45 -76.07 52.00
CA ILE L 74 -21.86 -75.76 51.73
C ILE L 74 -22.70 -75.71 53.00
N GLY L 75 -22.40 -76.59 53.95
CA GLY L 75 -23.10 -76.61 55.24
C GLY L 75 -22.70 -77.78 56.12
N ILE L 76 -23.69 -78.41 56.75
CA ILE L 76 -23.44 -79.57 57.61
C ILE L 76 -24.67 -80.48 57.71
N ALA L 77 -24.66 -81.56 56.92
CA ALA L 77 -25.69 -82.61 57.01
C ALA L 77 -25.23 -83.71 57.96
N ASP L 78 -26.17 -84.28 58.71
CA ASP L 78 -25.83 -85.25 59.77
C ASP L 78 -24.97 -86.43 59.24
N GLY L 79 -23.68 -86.51 59.60
CA GLY L 79 -23.01 -85.57 60.52
C GLY L 79 -21.60 -85.24 60.07
N GLN L 80 -21.45 -84.90 58.79
CA GLN L 80 -20.20 -84.36 58.25
C GLN L 80 -20.54 -83.20 57.30
N THR L 81 -19.66 -82.20 57.24
CA THR L 81 -19.94 -80.99 56.45
C THR L 81 -19.94 -81.29 54.95
N ALA L 82 -20.91 -80.71 54.25
CA ALA L 82 -21.10 -80.96 52.83
C ALA L 82 -20.47 -79.83 52.02
N TYR L 83 -19.92 -80.17 50.87
CA TYR L 83 -19.14 -79.23 50.06
C TYR L 83 -19.21 -79.63 48.57
N ASP L 84 -19.13 -78.64 47.68
CA ASP L 84 -19.24 -78.92 46.25
C ASP L 84 -17.94 -79.50 45.71
N ALA L 85 -18.07 -80.53 44.87
CA ALA L 85 -16.96 -81.41 44.53
C ALA L 85 -15.95 -80.84 43.52
N LEU L 86 -16.20 -79.65 43.00
CA LEU L 86 -15.24 -79.01 42.08
C LEU L 86 -13.93 -78.66 42.79
N TYR L 87 -13.94 -78.65 44.13
CA TYR L 87 -12.76 -78.33 44.94
C TYR L 87 -12.02 -79.54 45.51
N ASP L 88 -12.53 -80.75 45.25
CA ASP L 88 -11.87 -81.97 45.66
C ASP L 88 -11.18 -82.63 44.47
N PRO L 89 -9.91 -83.04 44.63
CA PRO L 89 -9.22 -83.72 43.55
C PRO L 89 -9.67 -85.17 43.33
N ASP L 90 -9.90 -85.91 44.42
CA ASP L 90 -10.37 -87.29 44.32
C ASP L 90 -11.73 -87.36 43.63
N ALA L 91 -12.53 -86.31 43.78
CA ALA L 91 -13.88 -86.26 43.24
C ALA L 91 -13.94 -85.88 41.76
N THR L 92 -13.20 -84.84 41.36
CA THR L 92 -13.17 -84.43 39.96
C THR L 92 -12.54 -85.51 39.08
N ARG L 93 -11.63 -86.29 39.66
CA ARG L 93 -11.03 -87.43 38.98
C ARG L 93 -12.12 -88.40 38.57
N TYR L 94 -12.95 -88.79 39.54
CA TYR L 94 -14.07 -89.68 39.29
C TYR L 94 -15.01 -89.10 38.22
N LEU L 95 -15.32 -87.81 38.33
CA LEU L 95 -16.24 -87.15 37.40
C LEU L 95 -15.66 -87.03 35.98
N LEU L 96 -14.35 -87.26 35.85
CA LEU L 96 -13.68 -87.31 34.55
C LEU L 96 -13.55 -88.76 34.06
N SER L 97 -13.38 -89.70 34.98
CA SER L 97 -13.37 -91.10 34.61
C SER L 97 -14.78 -91.56 34.19
N LEU L 98 -15.81 -90.89 34.72
CA LEU L 98 -17.19 -91.15 34.31
C LEU L 98 -17.47 -90.66 32.90
N ILE L 99 -16.87 -89.52 32.54
CA ILE L 99 -17.01 -88.99 31.18
C ILE L 99 -16.24 -89.87 30.18
N ASP L 100 -15.19 -90.54 30.66
CA ASP L 100 -14.32 -91.36 29.83
C ASP L 100 -14.93 -92.73 29.50
N GLU L 101 -15.69 -93.28 30.43
CA GLU L 101 -16.17 -94.68 30.35
C GLU L 101 -16.71 -95.14 28.99
N SER L 102 -17.59 -94.38 28.33
CA SER L 102 -18.27 -93.21 28.88
C SER L 102 -19.61 -93.67 29.47
N ALA L 103 -19.81 -93.30 30.74
CA ALA L 103 -20.77 -93.98 31.60
C ALA L 103 -22.13 -93.30 31.65
N THR L 104 -22.99 -93.85 32.50
CA THR L 104 -24.28 -93.27 32.84
C THR L 104 -24.68 -93.68 34.25
N VAL L 105 -25.45 -92.84 34.92
CA VAL L 105 -25.93 -93.12 36.27
C VAL L 105 -27.38 -92.65 36.41
N GLN L 106 -28.28 -93.61 36.55
CA GLN L 106 -29.72 -93.37 36.72
C GLN L 106 -30.33 -92.52 35.60
N ASN L 107 -30.09 -91.20 35.65
CA ASN L 107 -30.57 -90.29 34.61
C ASN L 107 -29.45 -89.56 33.87
N VAL L 108 -28.40 -89.16 34.59
CA VAL L 108 -27.32 -88.37 34.01
C VAL L 108 -26.36 -89.23 33.18
N ARG L 109 -26.51 -89.18 31.85
CA ARG L 109 -25.65 -89.93 30.95
C ARG L 109 -24.44 -89.09 30.51
N PHE L 110 -23.24 -89.67 30.57
CA PHE L 110 -22.00 -88.97 30.17
C PHE L 110 -21.55 -89.44 28.79
N VAL L 111 -21.14 -88.52 27.92
CA VAL L 111 -20.65 -88.86 26.58
C VAL L 111 -19.29 -88.21 26.30
N ARG L 112 -18.47 -88.87 25.48
CA ARG L 112 -17.18 -88.33 25.03
C ARG L 112 -17.03 -88.49 23.53
N GLU L 113 -16.35 -87.55 22.88
CA GLU L 113 -16.15 -87.66 21.44
C GLU L 113 -15.08 -88.72 21.15
N PRO L 114 -14.85 -89.05 19.86
CA PRO L 114 -13.80 -90.04 19.49
C PRO L 114 -12.34 -89.59 19.69
N ASP L 115 -12.04 -89.01 20.84
CA ASP L 115 -10.73 -88.48 21.18
C ASP L 115 -10.20 -89.19 22.42
N VAL L 116 -9.23 -88.58 23.11
CA VAL L 116 -8.62 -89.16 24.32
C VAL L 116 -8.64 -88.18 25.51
N GLU L 117 -9.39 -88.52 26.56
CA GLU L 117 -9.41 -87.75 27.80
C GLU L 117 -8.12 -88.00 28.59
N LEU L 118 -7.71 -87.04 29.42
CA LEU L 118 -6.37 -87.07 30.05
C LEU L 118 -6.38 -87.12 31.59
N PRO L 119 -6.86 -88.25 32.17
CA PRO L 119 -6.80 -88.41 33.64
C PRO L 119 -5.38 -88.69 34.17
N LEU L 120 -5.28 -88.95 35.47
CA LEU L 120 -3.98 -89.17 36.13
C LEU L 120 -3.09 -87.92 36.06
N ASP L 121 -3.71 -86.74 36.12
CA ASP L 121 -2.99 -85.46 36.21
C ASP L 121 -3.62 -84.61 37.31
N ALA L 122 -2.81 -83.76 37.94
CA ALA L 122 -3.28 -82.95 39.07
C ALA L 122 -4.27 -81.87 38.62
N PRO L 123 -5.44 -81.75 39.28
CA PRO L 123 -6.39 -80.69 38.95
C PRO L 123 -6.57 -79.61 40.03
N PRO L 124 -6.44 -78.31 39.64
CA PRO L 124 -6.97 -77.19 40.44
C PRO L 124 -8.15 -76.49 39.76
N ARG L 125 -8.86 -75.65 40.52
CA ARG L 125 -10.00 -74.90 40.03
C ARG L 125 -9.58 -73.50 39.56
N VAL L 126 -10.05 -73.08 38.39
CA VAL L 126 -9.68 -71.76 37.82
C VAL L 126 -10.38 -70.60 38.57
N PHE L 127 -9.66 -69.48 38.68
CA PHE L 127 -10.07 -68.35 39.50
C PHE L 127 -11.32 -67.60 39.03
N GLY L 128 -11.34 -67.16 37.76
CA GLY L 128 -12.44 -66.34 37.24
C GLY L 128 -13.71 -67.11 36.84
N ALA L 129 -14.30 -67.84 37.78
CA ALA L 129 -15.51 -68.64 37.53
C ALA L 129 -16.67 -67.69 37.20
N GLU L 130 -17.37 -67.97 36.10
CA GLU L 130 -18.32 -67.03 35.51
C GLU L 130 -19.75 -67.18 36.04
N GLN L 131 -20.59 -66.22 35.61
CA GLN L 131 -21.98 -66.12 36.05
C GLN L 131 -22.90 -67.19 35.45
N SER L 132 -22.35 -68.06 34.62
CA SER L 132 -23.07 -69.23 34.12
C SER L 132 -22.28 -70.53 34.22
N ASN L 133 -21.04 -70.49 34.72
CA ASN L 133 -20.23 -71.71 34.85
C ASN L 133 -19.05 -71.65 35.85
N THR L 134 -18.53 -72.84 36.15
CA THR L 134 -17.36 -73.04 37.01
C THR L 134 -16.39 -73.98 36.28
N SER L 135 -15.08 -73.81 36.50
CA SER L 135 -14.06 -74.48 35.69
C SER L 135 -12.84 -75.03 36.45
N VAL L 136 -12.48 -76.28 36.15
CA VAL L 136 -11.28 -76.92 36.72
C VAL L 136 -10.37 -77.48 35.62
N VAL L 137 -9.06 -77.27 35.79
CA VAL L 137 -8.06 -77.54 34.76
C VAL L 137 -7.25 -78.78 35.11
N PHE L 138 -7.41 -79.85 34.34
CA PHE L 138 -6.63 -81.07 34.56
C PHE L 138 -5.25 -80.95 33.91
N GLY L 139 -4.23 -80.65 34.72
CA GLY L 139 -2.85 -80.54 34.23
C GLY L 139 -2.62 -79.29 33.37
N GLU L 140 -2.16 -79.52 32.15
CA GLU L 140 -2.19 -78.48 31.11
C GLU L 140 -2.81 -79.04 29.83
N ASP L 141 -3.56 -80.14 29.95
CA ASP L 141 -4.09 -80.90 28.81
C ASP L 141 -5.61 -80.78 28.57
N ALA L 142 -6.41 -80.62 29.62
CA ALA L 142 -7.88 -80.46 29.48
C ALA L 142 -8.55 -79.67 30.61
N ILE L 143 -9.64 -78.98 30.29
CA ILE L 143 -10.38 -78.17 31.26
C ILE L 143 -11.87 -78.55 31.33
N PHE L 144 -12.33 -78.92 32.52
CA PHE L 144 -13.71 -79.35 32.74
C PHE L 144 -14.56 -78.16 33.19
N LYS L 145 -15.80 -78.09 32.72
CA LYS L 145 -16.68 -76.93 32.98
C LYS L 145 -18.14 -77.36 33.20
N LEU L 146 -18.59 -77.30 34.46
CA LEU L 146 -19.97 -77.68 34.81
C LEU L 146 -20.87 -76.44 34.83
N PHE L 147 -21.93 -76.46 34.02
CA PHE L 147 -22.81 -75.29 33.89
C PHE L 147 -23.62 -75.06 35.14
N ARG L 148 -23.30 -74.00 35.87
CA ARG L 148 -23.94 -73.72 37.14
C ARG L 148 -25.41 -73.31 37.01
N ARG L 149 -25.85 -72.90 35.82
CA ARG L 149 -27.27 -72.64 35.59
C ARG L 149 -27.74 -73.35 34.33
N ILE L 150 -28.22 -74.58 34.53
CA ILE L 150 -28.70 -75.42 33.44
C ILE L 150 -30.09 -74.97 33.04
N THR L 151 -30.26 -74.67 31.76
CA THR L 151 -31.58 -74.42 31.17
C THR L 151 -31.73 -75.41 30.00
N PRO L 152 -32.98 -75.77 29.67
CA PRO L 152 -33.28 -76.97 28.86
C PRO L 152 -32.58 -77.01 27.49
N GLY L 153 -31.63 -77.92 27.34
CA GLY L 153 -30.74 -78.01 26.17
C GLY L 153 -31.45 -78.16 24.82
N VAL L 154 -30.71 -78.08 23.70
CA VAL L 154 -29.24 -78.24 23.67
C VAL L 154 -28.43 -76.95 23.88
N HIS L 155 -27.24 -77.12 24.44
CA HIS L 155 -26.36 -76.01 24.83
C HIS L 155 -25.40 -75.66 23.68
N PRO L 156 -25.45 -74.40 23.20
CA PRO L 156 -24.64 -74.01 22.03
C PRO L 156 -23.13 -74.02 22.27
N ASP L 157 -22.69 -73.75 23.50
CA ASP L 157 -21.26 -73.82 23.84
C ASP L 157 -20.70 -75.24 23.59
N ILE L 158 -21.59 -76.25 23.58
CA ILE L 158 -21.22 -77.62 23.20
C ILE L 158 -21.51 -77.86 21.73
N GLU L 159 -22.71 -77.46 21.29
CA GLU L 159 -23.18 -77.69 19.92
C GLU L 159 -22.26 -77.05 18.90
N LEU L 160 -21.96 -75.78 19.09
CA LEU L 160 -21.19 -75.00 18.12
C LEU L 160 -19.69 -75.26 18.19
N ASN L 161 -19.21 -75.80 19.31
CA ASN L 161 -17.82 -76.24 19.40
C ASN L 161 -17.58 -77.52 18.61
N ARG L 162 -18.61 -78.36 18.52
CA ARG L 162 -18.50 -79.66 17.87
C ARG L 162 -18.35 -79.52 16.36
N VAL L 163 -19.36 -78.92 15.72
CA VAL L 163 -19.40 -78.77 14.26
C VAL L 163 -18.23 -77.94 13.75
N LEU L 164 -17.74 -77.04 14.58
CA LEU L 164 -16.64 -76.15 14.20
C LEU L 164 -15.35 -76.93 14.06
N ALA L 165 -15.07 -77.79 15.03
CA ALA L 165 -13.87 -78.63 15.02
C ALA L 165 -14.01 -79.84 14.09
N ARG L 166 -15.23 -80.38 13.97
CA ARG L 166 -15.49 -81.44 12.99
C ARG L 166 -15.21 -80.96 11.57
N ALA L 167 -15.45 -79.68 11.31
CA ALA L 167 -15.06 -79.05 10.06
C ALA L 167 -13.55 -78.89 9.98
N GLY L 168 -12.91 -78.65 11.13
CA GLY L 168 -11.46 -78.48 11.21
C GLY L 168 -11.05 -77.03 11.39
N ASN L 169 -12.02 -76.14 11.59
CA ASN L 169 -11.74 -74.74 11.85
C ASN L 169 -10.80 -74.65 13.05
N PRO L 170 -9.68 -73.92 12.90
CA PRO L 170 -8.66 -73.91 13.94
C PRO L 170 -8.97 -73.00 15.11
N HIS L 171 -9.99 -72.16 15.00
CA HIS L 171 -10.21 -71.12 15.97
C HIS L 171 -11.18 -71.51 17.09
N VAL L 172 -11.16 -72.78 17.52
CA VAL L 172 -11.90 -73.17 18.73
C VAL L 172 -11.14 -74.24 19.49
N ALA L 173 -11.05 -74.06 20.81
CA ALA L 173 -10.46 -75.08 21.66
C ALA L 173 -11.28 -76.33 21.46
N ARG L 174 -10.61 -77.44 21.18
CA ARG L 174 -11.29 -78.66 20.75
C ARG L 174 -12.09 -79.32 21.87
N LEU L 175 -13.29 -79.79 21.54
CA LEU L 175 -14.17 -80.44 22.53
C LEU L 175 -13.88 -81.93 22.70
N LEU L 176 -13.83 -82.37 23.95
CA LEU L 176 -13.45 -83.72 24.30
C LEU L 176 -14.67 -84.57 24.67
N GLY L 177 -15.56 -84.02 25.49
CA GLY L 177 -16.76 -84.72 25.93
C GLY L 177 -17.72 -83.83 26.69
N SER L 178 -18.80 -84.41 27.18
CA SER L 178 -19.83 -83.67 27.92
C SER L 178 -20.76 -84.61 28.67
N PHE L 179 -21.75 -84.05 29.36
CA PHE L 179 -22.74 -84.86 30.04
C PHE L 179 -24.05 -84.10 30.26
N GLU L 180 -25.14 -84.86 30.24
CA GLU L 180 -26.49 -84.31 30.29
C GLU L 180 -27.43 -85.25 31.02
N THR L 181 -28.64 -84.77 31.28
CA THR L 181 -29.69 -85.56 31.93
C THR L 181 -31.05 -85.23 31.30
N GLU L 182 -32.10 -85.93 31.74
CA GLU L 182 -33.45 -85.69 31.22
C GLU L 182 -34.45 -85.45 32.35
N TRP L 183 -34.28 -84.32 33.04
CA TRP L 183 -35.14 -83.93 34.17
C TRP L 183 -36.54 -83.52 33.68
N GLU L 184 -37.55 -84.17 34.24
CA GLU L 184 -38.93 -84.01 33.79
C GLU L 184 -38.99 -84.31 32.28
N GLY L 185 -39.58 -83.39 31.51
CA GLY L 185 -39.73 -83.59 30.08
C GLY L 185 -38.44 -83.42 29.31
N GLU L 186 -38.15 -82.16 28.94
CA GLU L 186 -37.03 -81.85 28.07
C GLU L 186 -35.68 -82.27 28.68
N PRO L 187 -34.60 -82.25 27.88
CA PRO L 187 -33.26 -82.57 28.40
C PRO L 187 -32.54 -81.34 28.98
N TYR L 188 -31.49 -81.59 29.75
CA TYR L 188 -30.65 -80.55 30.29
C TYR L 188 -29.16 -80.93 30.13
N ALA L 189 -28.42 -80.14 29.34
CA ALA L 189 -26.97 -80.30 29.25
C ALA L 189 -26.34 -79.75 30.52
N LEU L 190 -25.39 -80.48 31.09
CA LEU L 190 -24.88 -80.19 32.43
C LEU L 190 -23.45 -79.69 32.48
N GLY L 191 -22.65 -79.98 31.46
CA GLY L 191 -21.27 -79.53 31.41
C GLY L 191 -20.48 -80.15 30.28
N MET L 192 -19.36 -79.52 29.96
CA MET L 192 -18.47 -79.98 28.90
C MET L 192 -17.04 -80.06 29.40
N VAL L 193 -16.23 -80.87 28.73
CA VAL L 193 -14.80 -80.89 28.96
C VAL L 193 -14.12 -80.59 27.64
N THR L 194 -13.01 -79.86 27.71
CA THR L 194 -12.35 -79.38 26.50
C THR L 194 -10.84 -79.21 26.62
N GLU L 195 -10.21 -79.24 25.45
CA GLU L 195 -8.78 -79.16 25.30
C GLU L 195 -8.28 -77.81 25.81
N PHE L 196 -7.40 -77.83 26.80
CA PHE L 196 -6.98 -76.61 27.51
C PHE L 196 -5.98 -75.79 26.72
N ALA L 197 -6.34 -74.55 26.45
CA ALA L 197 -5.41 -73.58 25.86
C ALA L 197 -4.51 -73.04 26.97
N ALA L 198 -3.68 -73.91 27.53
CA ALA L 198 -2.65 -73.44 28.45
C ALA L 198 -1.80 -72.45 27.69
N ASN L 199 -1.30 -71.43 28.40
CA ASN L 199 -0.64 -70.29 27.76
C ASN L 199 -1.60 -69.53 26.84
N SER L 200 -2.55 -68.84 27.46
CA SER L 200 -3.56 -68.05 26.77
C SER L 200 -3.58 -66.66 27.36
N ALA L 201 -4.28 -65.75 26.70
CA ALA L 201 -4.53 -64.41 27.23
C ALA L 201 -5.76 -63.81 26.58
N GLU L 202 -6.58 -63.13 27.38
CA GLU L 202 -7.83 -62.58 26.87
C GLU L 202 -7.58 -61.42 25.91
N GLY L 203 -8.51 -61.22 24.99
CA GLY L 203 -8.45 -60.10 24.07
C GLY L 203 -8.55 -58.76 24.76
N TRP L 204 -9.50 -58.65 25.71
CA TRP L 204 -9.70 -57.41 26.46
C TRP L 204 -8.45 -57.05 27.25
N ASP L 205 -7.81 -58.04 27.87
CA ASP L 205 -6.58 -57.85 28.64
C ASP L 205 -5.41 -57.44 27.77
N MET L 206 -5.45 -57.85 26.50
CA MET L 206 -4.39 -57.56 25.55
C MET L 206 -4.58 -56.20 24.86
N ALA L 207 -5.85 -55.86 24.58
CA ALA L 207 -6.18 -54.53 24.09
C ALA L 207 -5.95 -53.49 25.19
N THR L 208 -6.28 -53.86 26.43
CA THR L 208 -6.11 -52.97 27.57
C THR L 208 -4.66 -52.54 27.75
N THR L 209 -3.73 -53.43 27.41
CA THR L 209 -2.28 -53.13 27.50
C THR L 209 -1.75 -52.27 26.34
N SER L 210 -2.41 -52.36 25.19
CA SER L 210 -2.09 -51.49 24.05
C SER L 210 -2.72 -50.11 24.24
N THR L 211 -3.94 -50.07 24.77
CA THR L 211 -4.61 -48.82 25.11
C THR L 211 -3.87 -48.14 26.27
N ARG L 212 -3.25 -48.94 27.13
CA ARG L 212 -2.37 -48.45 28.19
C ARG L 212 -1.12 -47.79 27.64
N ASP L 213 -0.64 -48.27 26.50
CA ASP L 213 0.61 -47.79 25.91
C ASP L 213 0.50 -46.37 25.37
N LEU L 214 -0.44 -46.13 24.47
CA LEU L 214 -0.63 -44.81 23.87
C LEU L 214 -0.78 -43.76 24.93
N PHE L 215 -1.69 -44.07 25.85
CA PHE L 215 -2.20 -43.13 26.80
C PHE L 215 -1.11 -42.66 27.77
N ALA L 216 -0.47 -43.61 28.45
CA ALA L 216 0.72 -43.32 29.24
C ALA L 216 1.83 -42.90 28.28
N GLU L 217 2.57 -41.85 28.63
CA GLU L 217 3.58 -41.27 27.74
C GLU L 217 2.99 -41.06 26.34
N GLY L 218 1.90 -40.30 26.28
CA GLY L 218 1.13 -40.10 25.06
C GLY L 218 1.57 -38.90 24.26
N ASP L 219 0.66 -38.39 23.43
CA ASP L 219 0.95 -37.30 22.50
C ASP L 219 2.03 -37.70 21.48
N LEU L 220 2.01 -38.96 21.05
CA LEU L 220 3.03 -39.47 20.12
C LEU L 220 2.45 -40.27 18.94
N TYR L 221 1.15 -40.08 18.66
CA TYR L 221 0.47 -40.74 17.53
C TYR L 221 0.11 -42.20 17.82
N ALA L 222 -0.98 -42.67 17.21
CA ALA L 222 -1.49 -44.02 17.43
C ALA L 222 -0.76 -45.08 16.62
N GLU L 223 -0.19 -44.67 15.49
CA GLU L 223 0.53 -45.57 14.60
C GLU L 223 2.02 -45.68 14.95
N GLU L 224 2.57 -44.61 15.52
CA GLU L 224 4.00 -44.55 15.82
C GLU L 224 4.38 -45.39 17.05
N VAL L 225 3.51 -45.43 18.06
CA VAL L 225 3.78 -46.16 19.30
C VAL L 225 4.04 -47.64 19.05
N GLY L 226 4.86 -48.25 19.88
CA GLY L 226 5.17 -49.67 19.75
C GLY L 226 3.99 -50.57 20.06
N GLY L 227 3.18 -50.16 21.04
CA GLY L 227 2.03 -50.94 21.51
C GLY L 227 0.96 -51.25 20.49
N ASP L 228 1.02 -50.58 19.34
CA ASP L 228 0.05 -50.72 18.25
C ASP L 228 -0.61 -52.10 18.13
N PHE L 229 -1.92 -52.14 18.35
CA PHE L 229 -2.70 -53.36 18.30
C PHE L 229 -3.17 -53.70 16.88
N ALA L 230 -3.06 -52.73 15.98
CA ALA L 230 -3.61 -52.82 14.61
C ALA L 230 -3.32 -54.13 13.88
N GLY L 231 -2.09 -54.60 13.99
CA GLY L 231 -1.71 -55.84 13.35
C GLY L 231 -2.45 -57.04 13.91
N GLU L 232 -2.60 -57.05 15.22
CA GLU L 232 -3.28 -58.14 15.93
C GLU L 232 -4.79 -58.08 15.69
N ALA L 233 -5.33 -56.86 15.60
CA ALA L 233 -6.74 -56.67 15.31
C ALA L 233 -7.12 -57.22 13.94
N TYR L 234 -6.27 -57.00 12.95
CA TYR L 234 -6.48 -57.51 11.60
C TYR L 234 -6.54 -59.04 11.58
N ARG L 235 -5.65 -59.67 12.33
CA ARG L 235 -5.62 -61.13 12.45
C ARG L 235 -6.91 -61.64 13.11
N LEU L 236 -7.36 -60.93 14.14
CA LEU L 236 -8.62 -61.27 14.82
C LEU L 236 -9.83 -61.14 13.90
N GLY L 237 -9.71 -60.24 12.91
CA GLY L 237 -10.76 -60.05 11.91
C GLY L 237 -11.00 -61.30 11.07
N GLU L 238 -9.94 -61.74 10.40
CA GLU L 238 -10.00 -62.96 9.59
C GLU L 238 -10.25 -64.22 10.43
N ALA L 239 -9.99 -64.13 11.74
CA ALA L 239 -10.31 -65.21 12.67
C ALA L 239 -11.82 -65.35 12.87
N VAL L 240 -12.48 -64.22 13.14
CA VAL L 240 -13.94 -64.20 13.30
C VAL L 240 -14.64 -64.47 11.97
N ALA L 241 -14.07 -63.98 10.87
CA ALA L 241 -14.63 -64.23 9.54
C ALA L 241 -14.51 -65.70 9.13
N SER L 242 -13.47 -66.37 9.61
CA SER L 242 -13.22 -67.77 9.30
C SER L 242 -14.29 -68.66 9.90
N VAL L 243 -14.54 -68.47 11.20
CA VAL L 243 -15.59 -69.22 11.91
C VAL L 243 -16.99 -68.95 11.33
N HIS L 244 -17.26 -67.69 10.98
CA HIS L 244 -18.53 -67.30 10.37
C HIS L 244 -18.79 -68.00 9.04
N ALA L 245 -17.80 -67.97 8.15
CA ALA L 245 -17.91 -68.59 6.84
C ALA L 245 -18.02 -70.10 6.95
N CYS L 246 -17.24 -70.68 7.86
CA CYS L 246 -17.29 -72.12 8.13
C CYS L 246 -18.62 -72.53 8.76
N LEU L 247 -19.15 -71.68 9.63
CA LEU L 247 -20.44 -71.95 10.30
C LEU L 247 -21.59 -71.91 9.30
N ALA L 248 -21.54 -70.93 8.38
CA ALA L 248 -22.54 -70.79 7.33
C ALA L 248 -22.57 -71.98 6.37
N HIS L 249 -21.43 -72.65 6.18
CA HIS L 249 -21.33 -73.81 5.31
C HIS L 249 -22.17 -74.96 5.85
N GLU L 250 -22.01 -75.27 7.13
CA GLU L 250 -22.75 -76.38 7.76
C GLU L 250 -24.14 -75.97 8.27
N LEU L 251 -24.23 -74.80 8.90
CA LEU L 251 -25.51 -74.30 9.39
C LEU L 251 -26.47 -73.92 8.26
N GLY L 252 -25.92 -73.45 7.14
CA GLY L 252 -26.72 -72.96 6.03
C GLY L 252 -27.07 -71.49 6.20
N THR L 253 -27.62 -70.89 5.14
CA THR L 253 -28.01 -69.48 5.18
C THR L 253 -29.46 -69.31 4.73
N GLU L 254 -30.06 -68.21 5.15
CA GLU L 254 -31.42 -67.85 4.74
C GLU L 254 -31.49 -66.34 4.55
N GLU L 255 -32.53 -65.87 3.86
CA GLU L 255 -32.77 -64.45 3.68
C GLU L 255 -33.94 -64.02 4.56
N VAL L 256 -33.80 -62.88 5.23
CA VAL L 256 -34.86 -62.34 6.09
C VAL L 256 -34.76 -60.82 6.11
N PRO L 257 -35.88 -60.11 6.36
CA PRO L 257 -35.81 -58.65 6.42
C PRO L 257 -35.41 -58.11 7.80
N PHE L 258 -34.79 -56.93 7.82
CA PHE L 258 -34.34 -56.29 9.06
C PHE L 258 -35.47 -56.24 10.09
N PRO L 259 -35.24 -56.71 11.33
CA PRO L 259 -36.29 -56.75 12.35
C PRO L 259 -36.73 -55.36 12.82
N ALA L 260 -37.45 -54.64 11.95
CA ALA L 260 -37.83 -53.26 12.20
C ALA L 260 -38.69 -53.14 13.46
N ASP L 261 -39.80 -53.86 13.49
CA ASP L 261 -40.74 -53.83 14.62
C ASP L 261 -40.16 -54.47 15.88
N VAL L 262 -39.25 -55.42 15.72
CA VAL L 262 -38.59 -56.09 16.84
C VAL L 262 -37.55 -55.18 17.48
N MET L 263 -36.71 -54.57 16.66
CA MET L 263 -35.66 -53.66 17.12
C MET L 263 -36.20 -52.28 17.51
N ALA L 264 -37.42 -51.96 17.07
CA ALA L 264 -38.14 -50.78 17.56
C ALA L 264 -38.61 -51.00 19.00
N GLN L 265 -39.06 -52.23 19.29
CA GLN L 265 -39.46 -52.61 20.64
C GLN L 265 -38.30 -52.56 21.62
N ARG L 266 -37.10 -52.84 21.13
CA ARG L 266 -35.89 -52.73 21.94
C ARG L 266 -35.58 -51.28 22.28
N LEU L 267 -35.60 -50.42 21.27
CA LEU L 267 -35.33 -48.99 21.45
C LEU L 267 -36.43 -48.29 22.24
N ALA L 268 -37.66 -48.82 22.16
CA ALA L 268 -38.79 -48.27 22.90
C ALA L 268 -38.70 -48.58 24.39
N ALA L 269 -38.33 -49.83 24.70
CA ALA L 269 -38.16 -50.27 26.09
C ALA L 269 -36.93 -49.61 26.74
N ALA L 270 -35.91 -49.35 25.93
CA ALA L 270 -34.70 -48.65 26.39
C ALA L 270 -35.02 -47.23 26.87
N VAL L 271 -36.00 -46.59 26.24
CA VAL L 271 -36.45 -45.26 26.62
C VAL L 271 -37.18 -45.19 27.97
N ASP L 272 -37.45 -46.36 28.57
CA ASP L 272 -38.04 -46.43 29.91
C ASP L 272 -37.08 -45.85 30.95
N ALA L 273 -35.80 -46.24 30.87
CA ALA L 273 -34.74 -45.63 31.68
C ALA L 273 -34.08 -44.51 30.87
N VAL L 274 -34.90 -43.51 30.53
CA VAL L 274 -34.49 -42.45 29.60
C VAL L 274 -33.51 -41.46 30.21
N PRO L 275 -32.56 -40.99 29.39
CA PRO L 275 -31.62 -39.90 29.63
C PRO L 275 -31.76 -38.86 28.53
N GLU L 276 -30.64 -38.40 27.95
CA GLU L 276 -30.67 -37.62 26.70
C GLU L 276 -30.89 -38.54 25.48
N LEU L 277 -30.96 -39.86 25.73
CA LEU L 277 -31.25 -40.86 24.70
C LEU L 277 -32.58 -40.60 23.95
N ARG L 278 -33.54 -39.98 24.63
CA ARG L 278 -34.80 -39.59 23.99
C ARG L 278 -34.59 -38.52 22.92
N GLU L 279 -33.58 -37.67 23.10
CA GLU L 279 -33.24 -36.62 22.13
C GLU L 279 -32.61 -37.18 20.85
N HIS L 280 -31.82 -38.25 20.99
CA HIS L 280 -31.25 -38.95 19.84
C HIS L 280 -32.29 -39.84 19.15
N VAL L 281 -33.31 -40.26 19.90
CA VAL L 281 -34.29 -41.26 19.46
C VAL L 281 -34.95 -41.02 18.10
N PRO L 282 -35.34 -39.77 17.79
CA PRO L 282 -35.86 -39.50 16.44
C PRO L 282 -34.81 -39.65 15.34
N GLN L 283 -33.57 -39.22 15.60
CA GLN L 283 -32.47 -39.39 14.66
C GLN L 283 -32.09 -40.86 14.52
N ILE L 284 -32.20 -41.60 15.62
CA ILE L 284 -31.95 -43.05 15.63
C ILE L 284 -33.05 -43.79 14.88
N GLU L 285 -34.31 -43.44 15.16
CA GLU L 285 -35.46 -44.02 14.47
C GLU L 285 -35.44 -43.73 12.97
N GLU L 286 -34.89 -42.58 12.59
CA GLU L 286 -34.68 -42.23 11.18
C GLU L 286 -33.66 -43.14 10.51
N ARG L 287 -32.64 -43.56 11.26
CA ARG L 287 -31.65 -44.53 10.78
C ARG L 287 -32.25 -45.94 10.70
N TYR L 288 -33.18 -46.25 11.60
CA TYR L 288 -33.88 -47.56 11.63
C TYR L 288 -34.86 -47.73 10.47
N HIS L 289 -35.82 -46.82 10.35
CA HIS L 289 -36.84 -46.89 9.30
C HIS L 289 -36.29 -46.61 7.89
N LYS L 290 -35.02 -46.21 7.82
CA LYS L 290 -34.30 -46.10 6.53
C LYS L 290 -34.02 -47.46 5.91
N LEU L 291 -33.74 -48.45 6.76
CA LEU L 291 -33.43 -49.82 6.32
C LEU L 291 -34.64 -50.76 6.39
N ALA L 292 -35.85 -50.21 6.52
CA ALA L 292 -37.08 -51.00 6.57
C ALA L 292 -37.38 -51.61 5.20
N ASP L 293 -37.94 -52.82 5.21
CA ASP L 293 -38.23 -53.59 3.99
C ASP L 293 -36.99 -53.88 3.15
N THR L 294 -35.88 -54.20 3.83
CA THR L 294 -34.64 -54.59 3.17
C THR L 294 -34.23 -55.96 3.71
N THR L 295 -33.73 -56.82 2.82
CA THR L 295 -33.37 -58.20 3.17
C THR L 295 -31.88 -58.36 3.49
N MET L 296 -31.62 -59.19 4.50
CA MET L 296 -30.26 -59.51 4.94
C MET L 296 -30.05 -61.03 4.82
N THR L 297 -28.84 -61.47 5.15
CA THR L 297 -28.50 -62.89 5.17
C THR L 297 -28.33 -63.32 6.62
N VAL L 298 -28.96 -64.42 7.01
CA VAL L 298 -28.87 -64.91 8.39
C VAL L 298 -28.21 -66.28 8.47
N GLN L 299 -27.13 -66.33 9.25
CA GLN L 299 -26.42 -67.57 9.57
C GLN L 299 -26.61 -67.87 11.04
N ARG L 300 -26.12 -69.04 11.44
CA ARG L 300 -25.87 -69.31 12.83
C ARG L 300 -24.65 -68.46 13.20
N VAL L 301 -24.68 -67.80 14.36
CA VAL L 301 -23.58 -66.92 14.79
C VAL L 301 -23.24 -67.09 16.26
N HIS L 302 -22.20 -66.38 16.71
CA HIS L 302 -21.76 -66.42 18.12
C HIS L 302 -22.84 -65.86 19.05
N GLY L 303 -23.37 -64.70 18.70
CA GLY L 303 -24.47 -64.08 19.47
C GLY L 303 -24.04 -63.11 20.56
N ASP L 304 -22.86 -63.33 21.12
CA ASP L 304 -22.30 -62.50 22.18
C ASP L 304 -20.78 -62.35 22.04
N LEU L 305 -20.34 -61.72 20.96
CA LEU L 305 -18.92 -61.48 20.75
C LEU L 305 -18.44 -60.18 21.40
N HIS L 306 -17.41 -60.31 22.22
CA HIS L 306 -16.65 -59.15 22.68
C HIS L 306 -15.25 -59.64 23.01
N LEU L 307 -14.32 -58.71 23.18
CA LEU L 307 -12.91 -59.06 23.38
C LEU L 307 -12.67 -60.04 24.53
N GLY L 308 -13.55 -60.06 25.52
CA GLY L 308 -13.49 -61.02 26.61
C GLY L 308 -13.69 -62.48 26.21
N GLN L 309 -14.55 -62.71 25.21
CA GLN L 309 -14.88 -64.06 24.75
C GLN L 309 -13.92 -64.54 23.67
N VAL L 310 -12.76 -63.90 23.57
CA VAL L 310 -11.77 -64.20 22.54
C VAL L 310 -10.39 -64.36 23.19
N LEU L 311 -9.72 -65.47 22.90
CA LEU L 311 -8.44 -65.79 23.54
C LEU L 311 -7.35 -65.86 22.52
N ARG L 312 -6.14 -65.47 22.94
CA ARG L 312 -4.95 -65.63 22.08
C ARG L 312 -3.99 -66.66 22.63
N THR L 313 -3.69 -67.64 21.78
CA THR L 313 -2.70 -68.66 22.06
C THR L 313 -1.56 -68.45 21.08
N PRO L 314 -0.39 -69.08 21.34
CA PRO L 314 0.61 -69.13 20.29
C PRO L 314 0.05 -69.89 19.09
N LYS L 315 0.27 -69.35 17.89
CA LYS L 315 -0.28 -69.94 16.67
C LYS L 315 -1.80 -69.94 16.65
N GLY L 316 -2.41 -68.79 16.91
CA GLY L 316 -3.83 -68.58 16.60
C GLY L 316 -4.69 -67.88 17.64
N TRP L 317 -5.74 -67.21 17.13
CA TRP L 317 -6.84 -66.69 17.95
C TRP L 317 -7.87 -67.78 18.17
N LEU L 318 -8.48 -67.79 19.36
CA LEU L 318 -9.53 -68.75 19.72
C LEU L 318 -10.81 -68.02 20.08
N LEU L 319 -11.95 -68.51 19.58
CA LEU L 319 -13.27 -68.00 19.98
C LEU L 319 -13.91 -68.95 20.98
N ILE L 320 -14.34 -68.42 22.12
CA ILE L 320 -14.93 -69.22 23.19
C ILE L 320 -16.29 -68.67 23.65
N ASP L 321 -16.93 -69.38 24.58
CA ASP L 321 -18.16 -68.94 25.23
C ASP L 321 -19.27 -68.63 24.23
N PHE L 322 -19.66 -69.62 23.43
CA PHE L 322 -20.83 -69.47 22.56
C PHE L 322 -22.11 -69.56 23.40
N GLU L 323 -22.25 -68.62 24.33
CA GLU L 323 -23.20 -68.69 25.44
C GLU L 323 -24.64 -69.00 25.00
N GLY L 324 -25.25 -68.25 24.06
CA GLY L 324 -24.70 -67.04 23.46
C GLY L 324 -25.30 -65.79 24.09
N GLU L 325 -26.63 -65.74 24.18
CA GLU L 325 -27.35 -64.57 24.74
C GLU L 325 -27.09 -63.28 23.96
N PRO L 329 -34.13 -67.21 27.26
CA PRO L 329 -34.83 -67.65 26.07
C PRO L 329 -33.86 -68.46 25.21
N LEU L 330 -33.77 -69.76 25.53
CA LEU L 330 -32.88 -70.66 24.81
C LEU L 330 -33.32 -70.86 23.37
N ASP L 331 -34.63 -70.78 23.13
CA ASP L 331 -35.19 -70.84 21.78
C ASP L 331 -34.69 -69.69 20.92
N GLU L 332 -34.69 -68.48 21.49
CA GLU L 332 -34.23 -67.27 20.80
C GLU L 332 -32.72 -67.26 20.59
N ARG L 333 -31.98 -67.86 21.51
CA ARG L 333 -30.52 -67.92 21.43
C ARG L 333 -30.03 -68.70 20.20
N ARG L 334 -30.68 -69.82 19.91
CA ARG L 334 -30.32 -70.65 18.77
C ARG L 334 -30.70 -70.03 17.42
N ARG L 335 -31.66 -69.10 17.42
CA ARG L 335 -32.14 -68.47 16.19
C ARG L 335 -31.00 -67.81 15.41
N PRO L 336 -30.95 -68.01 14.07
CA PRO L 336 -29.93 -67.39 13.23
C PRO L 336 -29.98 -65.86 13.22
N ASP L 337 -28.93 -65.21 12.70
CA ASP L 337 -28.87 -63.76 12.66
C ASP L 337 -27.81 -63.25 11.69
N THR L 338 -27.94 -61.99 11.27
CA THR L 338 -26.93 -61.32 10.46
C THR L 338 -25.58 -61.34 11.17
N PRO L 339 -24.51 -61.79 10.46
CA PRO L 339 -23.18 -61.74 11.05
C PRO L 339 -22.73 -60.30 11.38
N VAL L 340 -23.40 -59.31 10.78
CA VAL L 340 -23.16 -57.90 11.09
C VAL L 340 -23.42 -57.56 12.56
N ARG L 341 -24.14 -58.42 13.28
CA ARG L 341 -24.33 -58.27 14.73
C ARG L 341 -23.07 -58.64 15.51
N ASP L 342 -22.36 -59.67 15.04
CA ASP L 342 -21.13 -60.11 15.69
C ASP L 342 -19.97 -59.11 15.50
N VAL L 343 -19.79 -58.62 14.28
CA VAL L 343 -18.77 -57.59 14.03
C VAL L 343 -19.12 -56.29 14.73
N ALA L 344 -20.41 -56.05 14.96
CA ALA L 344 -20.85 -54.92 15.76
C ALA L 344 -20.42 -55.11 17.21
N GLY L 345 -20.50 -56.34 17.71
CA GLY L 345 -20.09 -56.64 19.08
C GLY L 345 -18.61 -56.43 19.35
N ILE L 346 -17.76 -56.81 18.41
CA ILE L 346 -16.32 -56.64 18.55
C ILE L 346 -15.95 -55.16 18.43
N LEU L 347 -16.49 -54.48 17.42
CA LEU L 347 -16.25 -53.04 17.25
C LEU L 347 -16.79 -52.24 18.43
N ARG L 348 -17.88 -52.71 19.01
CA ARG L 348 -18.44 -52.10 20.21
C ARG L 348 -17.46 -52.25 21.37
N SER L 349 -16.85 -53.44 21.45
CA SER L 349 -15.93 -53.77 22.54
C SER L 349 -14.64 -52.97 22.47
N PHE L 350 -14.20 -52.62 21.27
CA PHE L 350 -12.98 -51.82 21.09
C PHE L 350 -13.10 -50.45 21.74
N GLU L 351 -14.25 -49.79 21.54
CA GLU L 351 -14.50 -48.47 22.12
C GLU L 351 -14.55 -48.53 23.65
N TYR L 352 -15.16 -49.59 24.20
CA TYR L 352 -15.23 -49.77 25.66
C TYR L 352 -13.87 -49.97 26.30
N ALA L 353 -12.90 -50.84 25.50
CA ALA L 353 -11.53 -51.04 25.95
C ALA L 353 -10.75 -49.74 26.01
N ALA L 354 -10.98 -48.87 25.03
CA ALA L 354 -10.25 -47.60 24.93
C ALA L 354 -10.71 -46.54 25.93
N HIS L 355 -12.01 -46.54 26.26
CA HIS L 355 -12.58 -45.47 27.09
C HIS L 355 -12.78 -45.84 28.56
N GLN L 356 -12.78 -47.13 28.90
CA GLN L 356 -12.69 -47.53 30.30
C GLN L 356 -11.38 -47.01 30.83
N ARG L 357 -10.36 -47.15 29.99
CA ARG L 357 -9.04 -46.61 30.25
C ARG L 357 -9.11 -45.08 30.41
N LEU L 358 -9.85 -44.40 29.53
CA LEU L 358 -10.01 -42.93 29.61
C LEU L 358 -10.82 -42.46 30.83
N VAL L 359 -11.68 -43.34 31.33
CA VAL L 359 -12.37 -43.13 32.61
C VAL L 359 -11.37 -43.42 33.74
N ASP L 360 -10.58 -44.48 33.55
CA ASP L 360 -9.44 -44.78 34.41
C ASP L 360 -8.28 -43.78 34.22
N GLN L 361 -8.38 -42.98 33.16
CA GLN L 361 -7.48 -41.83 32.92
C GLN L 361 -8.13 -40.50 33.23
N ALA L 362 -9.43 -40.52 33.45
CA ALA L 362 -10.10 -39.46 34.15
C ALA L 362 -9.98 -39.77 35.65
N GLY L 363 -9.15 -40.76 35.96
CA GLY L 363 -8.98 -41.30 37.30
C GLY L 363 -8.12 -40.59 38.35
N ASP L 364 -6.91 -40.05 38.07
CA ASP L 364 -6.27 -39.80 36.76
C ASP L 364 -6.72 -38.48 36.11
N ASP L 365 -7.40 -37.64 36.90
CA ASP L 365 -7.78 -36.29 36.49
C ASP L 365 -6.57 -35.38 36.25
N ASP L 366 -6.72 -34.08 36.41
CA ASP L 366 -7.80 -33.27 35.84
C ASP L 366 -7.64 -32.57 34.51
N ASP L 367 -6.41 -31.75 34.21
CA ASP L 367 -6.38 -30.59 33.32
C ASP L 367 -6.62 -30.90 31.84
N ARG L 368 -5.95 -31.94 31.30
CA ARG L 368 -5.96 -32.20 29.86
C ARG L 368 -6.22 -33.66 29.54
N ALA L 369 -7.43 -34.11 29.90
CA ALA L 369 -7.95 -35.39 29.45
C ALA L 369 -8.34 -35.30 27.97
N ARG L 370 -8.43 -34.07 27.46
CA ARG L 370 -8.71 -33.82 26.03
C ARG L 370 -7.68 -34.47 25.11
N GLN L 371 -6.44 -34.60 25.59
CA GLN L 371 -5.39 -35.28 24.83
C GLN L 371 -5.69 -36.78 24.73
N LEU L 372 -6.10 -37.36 25.84
CA LEU L 372 -6.36 -38.78 25.90
C LEU L 372 -7.53 -39.17 25.00
N ALA L 373 -8.59 -38.35 25.00
CA ALA L 373 -9.74 -38.56 24.13
C ALA L 373 -9.31 -38.56 22.66
N ALA L 374 -8.41 -37.65 22.31
CA ALA L 374 -7.89 -37.55 20.94
C ALA L 374 -7.16 -38.82 20.54
N ARG L 375 -6.41 -39.39 21.49
CA ARG L 375 -5.69 -40.65 21.26
C ARG L 375 -6.64 -41.85 21.25
N ALA L 376 -7.64 -41.82 22.11
CA ALA L 376 -8.60 -42.90 22.17
C ALA L 376 -9.42 -43.00 20.90
N ARG L 377 -9.91 -41.85 20.41
CA ARG L 377 -10.65 -41.80 19.16
C ARG L 377 -9.77 -42.31 18.02
N GLU L 378 -8.49 -41.93 18.05
CA GLU L 378 -7.50 -42.45 17.10
C GLU L 378 -7.40 -43.96 17.19
N TRP L 379 -7.20 -44.47 18.39
CA TRP L 379 -7.02 -45.90 18.60
C TRP L 379 -8.30 -46.68 18.29
N VAL L 380 -9.44 -46.18 18.79
CA VAL L 380 -10.72 -46.85 18.61
C VAL L 380 -11.04 -47.02 17.12
N THR L 381 -10.88 -45.94 16.36
CA THR L 381 -11.22 -45.96 14.93
C THR L 381 -10.19 -46.68 14.04
N ARG L 382 -8.97 -46.85 14.54
CA ARG L 382 -7.91 -47.46 13.74
C ARG L 382 -7.92 -48.99 13.80
N ASN L 383 -8.21 -49.53 14.98
CA ASN L 383 -8.28 -50.98 15.17
C ASN L 383 -9.62 -51.54 14.71
N CYS L 384 -10.66 -50.70 14.73
CA CYS L 384 -11.92 -51.04 14.12
C CYS L 384 -11.75 -51.17 12.61
N ALA L 385 -10.96 -50.26 12.05
CA ALA L 385 -10.61 -50.33 10.63
C ALA L 385 -9.79 -51.58 10.35
N SER L 386 -8.71 -51.77 11.13
CA SER L 386 -7.83 -52.93 10.96
C SER L 386 -8.60 -54.25 11.09
N PHE L 387 -9.59 -54.29 11.98
CA PHE L 387 -10.42 -55.48 12.18
C PHE L 387 -11.33 -55.76 10.99
N CYS L 388 -12.05 -54.74 10.56
CA CYS L 388 -12.93 -54.86 9.40
C CYS L 388 -12.13 -55.22 8.14
N ASP L 389 -10.93 -54.65 8.01
CA ASP L 389 -10.05 -54.96 6.89
C ASP L 389 -9.70 -56.44 6.83
N GLY L 390 -9.35 -56.99 7.99
CA GLY L 390 -9.00 -58.41 8.11
C GLY L 390 -10.19 -59.33 7.88
N TYR L 391 -11.36 -58.92 8.37
CA TYR L 391 -12.58 -59.68 8.13
C TYR L 391 -12.87 -59.75 6.64
N ALA L 392 -12.80 -58.60 5.99
CA ALA L 392 -13.08 -58.50 4.56
C ALA L 392 -12.02 -59.21 3.72
N ALA L 393 -10.82 -59.37 4.26
CA ALA L 393 -9.76 -60.09 3.57
C ALA L 393 -10.02 -61.60 3.54
N GLU L 394 -10.77 -62.09 4.52
CA GLU L 394 -11.04 -63.53 4.63
C GLU L 394 -12.19 -63.95 3.72
N ALA L 395 -13.38 -63.39 3.96
CA ALA L 395 -14.52 -63.62 3.07
C ALA L 395 -14.58 -62.46 2.09
N GLY L 396 -15.00 -62.74 0.85
CA GLY L 396 -15.12 -61.71 -0.19
C GLY L 396 -15.91 -60.49 0.26
N THR L 397 -16.98 -60.73 1.01
CA THR L 397 -17.84 -59.67 1.52
C THR L 397 -17.11 -58.77 2.53
N ASP L 398 -17.31 -57.46 2.38
CA ASP L 398 -16.80 -56.47 3.34
C ASP L 398 -17.99 -55.95 4.17
N PRO L 399 -17.87 -55.97 5.52
CA PRO L 399 -18.94 -55.48 6.40
C PRO L 399 -19.21 -53.97 6.26
N ARG L 400 -18.13 -53.20 6.12
CA ARG L 400 -18.23 -51.75 5.91
C ARG L 400 -18.84 -51.39 4.55
N ASP L 401 -18.70 -52.30 3.57
CA ASP L 401 -19.29 -52.12 2.24
C ASP L 401 -20.82 -52.06 2.32
N SER L 402 -21.40 -52.90 3.19
CA SER L 402 -22.82 -52.80 3.53
C SER L 402 -22.94 -52.12 4.90
N ALA L 403 -22.48 -50.87 4.95
CA ALA L 403 -22.35 -50.12 6.22
C ALA L 403 -23.67 -49.86 6.94
N ASP L 404 -24.69 -49.49 6.18
CA ASP L 404 -25.98 -49.11 6.78
C ASP L 404 -26.58 -50.19 7.68
N LEU L 405 -26.41 -51.47 7.29
CA LEU L 405 -26.89 -52.61 8.09
C LEU L 405 -26.10 -52.73 9.39
N LEU L 406 -24.78 -52.52 9.29
CA LEU L 406 -23.87 -52.58 10.45
C LEU L 406 -24.11 -51.42 11.41
N ALA L 407 -24.24 -50.21 10.86
CA ALA L 407 -24.48 -49.00 11.65
C ALA L 407 -25.77 -49.09 12.47
N ALA L 408 -26.73 -49.86 11.98
CA ALA L 408 -27.96 -50.09 12.70
C ALA L 408 -27.70 -50.96 13.93
N TYR L 409 -27.05 -52.10 13.71
CA TYR L 409 -26.76 -53.05 14.81
C TYR L 409 -25.80 -52.47 15.85
N GLU L 410 -24.89 -51.61 15.42
CA GLU L 410 -24.00 -50.89 16.34
C GLU L 410 -24.84 -49.98 17.24
N LEU L 411 -25.80 -49.27 16.65
CA LEU L 411 -26.70 -48.41 17.39
C LEU L 411 -27.58 -49.19 18.36
N ASP L 412 -28.01 -50.39 17.96
CA ASP L 412 -28.83 -51.26 18.80
C ASP L 412 -28.02 -51.81 19.96
N LYS L 413 -26.80 -52.26 19.68
CA LYS L 413 -25.90 -52.75 20.72
C LYS L 413 -25.56 -51.66 21.74
N ALA L 414 -25.64 -50.40 21.31
CA ALA L 414 -25.42 -49.25 22.20
C ALA L 414 -26.63 -48.99 23.09
N VAL L 415 -27.83 -49.20 22.54
CA VAL L 415 -29.09 -49.03 23.29
C VAL L 415 -29.23 -50.11 24.37
N TYR L 416 -28.88 -51.34 24.03
CA TYR L 416 -28.84 -52.43 25.01
C TYR L 416 -27.72 -52.21 26.02
N GLU L 417 -26.61 -51.64 25.56
CA GLU L 417 -25.46 -51.31 26.41
C GLU L 417 -25.80 -50.20 27.41
N ALA L 418 -26.54 -49.19 26.94
CA ALA L 418 -26.96 -48.09 27.80
C ALA L 418 -27.85 -48.60 28.93
N ALA L 419 -28.90 -49.35 28.59
CA ALA L 419 -29.86 -49.88 29.56
C ALA L 419 -29.24 -50.90 30.52
N TYR L 420 -28.42 -51.80 29.98
CA TYR L 420 -27.72 -52.80 30.79
C TYR L 420 -26.71 -52.16 31.75
N GLU L 421 -26.06 -51.09 31.30
CA GLU L 421 -25.11 -50.34 32.13
C GLU L 421 -25.83 -49.43 33.12
N ALA L 422 -26.72 -48.58 32.61
CA ALA L 422 -27.39 -47.56 33.42
C ALA L 422 -28.00 -48.12 34.71
N ARG L 423 -28.71 -49.25 34.59
CA ARG L 423 -29.33 -49.89 35.75
C ARG L 423 -28.29 -50.38 36.75
N HIS L 424 -27.27 -51.07 36.25
CA HIS L 424 -26.22 -51.62 37.09
C HIS L 424 -25.21 -50.55 37.55
N ARG L 425 -24.57 -49.88 36.60
CA ARG L 425 -23.52 -48.89 36.88
C ARG L 425 -23.82 -47.52 36.26
N PRO L 426 -24.06 -46.48 37.10
CA PRO L 426 -24.35 -45.12 36.61
C PRO L 426 -23.17 -44.45 35.90
N SER L 427 -21.96 -44.77 36.35
CA SER L 427 -20.73 -44.17 35.81
C SER L 427 -20.46 -44.52 34.35
N TRP L 428 -20.96 -45.66 33.90
CA TRP L 428 -20.79 -46.11 32.52
C TRP L 428 -21.54 -45.24 31.51
N LEU L 429 -22.74 -44.77 31.88
CA LEU L 429 -23.68 -44.05 30.99
C LEU L 429 -23.10 -43.08 29.93
N PRO L 430 -22.05 -42.30 30.28
CA PRO L 430 -21.34 -41.50 29.26
C PRO L 430 -20.75 -42.29 28.09
N ILE L 431 -20.32 -43.53 28.33
CA ILE L 431 -19.72 -44.37 27.28
C ILE L 431 -20.73 -44.75 26.18
N PRO L 432 -21.90 -45.33 26.57
CA PRO L 432 -22.94 -45.57 25.56
C PRO L 432 -23.50 -44.28 24.93
N LEU L 433 -23.72 -43.27 25.76
CA LEU L 433 -24.33 -42.02 25.29
C LEU L 433 -23.41 -41.27 24.34
N GLY L 434 -22.13 -41.16 24.69
CA GLY L 434 -21.14 -40.49 23.84
C GLY L 434 -20.87 -41.22 22.54
N SER L 435 -20.82 -42.56 22.61
CA SER L 435 -20.62 -43.38 21.42
C SER L 435 -21.86 -43.38 20.51
N ILE L 436 -23.04 -43.31 21.11
CA ILE L 436 -24.29 -43.11 20.36
C ILE L 436 -24.22 -41.78 19.62
N ALA L 437 -23.70 -40.76 20.28
CA ALA L 437 -23.51 -39.43 19.68
C ALA L 437 -22.47 -39.46 18.57
N ARG L 438 -21.42 -40.27 18.75
CA ARG L 438 -20.37 -40.43 17.75
C ARG L 438 -20.92 -41.03 16.45
N LEU L 439 -21.83 -42.01 16.59
CA LEU L 439 -22.45 -42.67 15.44
C LEU L 439 -23.84 -42.09 15.17
N SER M 2 13.99 -3.50 21.75
CA SER M 2 14.43 -4.85 21.29
C SER M 2 13.31 -5.58 20.53
N VAL M 3 12.94 -5.02 19.38
CA VAL M 3 11.91 -5.61 18.52
C VAL M 3 12.44 -5.68 17.09
N GLU M 4 12.16 -6.78 16.39
CA GLU M 4 12.60 -6.97 15.00
C GLU M 4 11.85 -6.05 14.02
N PHE M 5 12.39 -4.84 13.80
CA PHE M 5 11.81 -3.85 12.88
C PHE M 5 11.60 -4.36 11.45
N GLU M 6 12.47 -5.27 11.01
CA GLU M 6 12.45 -5.81 9.65
C GLU M 6 11.08 -5.78 8.97
N ASP M 7 10.05 -6.21 9.72
CA ASP M 7 8.70 -6.38 9.18
C ASP M 7 7.98 -5.09 8.75
N TRP M 8 8.15 -3.99 9.49
CA TRP M 8 7.48 -2.73 9.16
C TRP M 8 8.43 -1.67 8.61
N LEU M 9 9.75 -1.88 8.73
CA LEU M 9 10.74 -0.92 8.23
C LEU M 9 10.75 -0.87 6.70
N THR M 10 10.21 -1.91 6.07
CA THR M 10 10.07 -1.96 4.62
C THR M 10 8.69 -1.53 4.14
N GLN M 11 7.70 -1.59 5.03
CA GLN M 11 6.31 -1.31 4.67
C GLN M 11 6.03 0.19 4.52
N GLN M 12 6.94 1.03 5.03
CA GLN M 12 6.63 2.44 5.23
C GLN M 12 6.35 3.26 3.97
N ARG M 13 7.23 3.16 2.98
CA ARG M 13 7.09 3.94 1.74
C ARG M 13 8.00 5.18 1.72
N TRP M 14 8.70 5.45 2.82
CA TRP M 14 9.86 6.34 2.75
C TRP M 14 11.13 5.49 2.62
N TYR M 15 10.94 4.17 2.56
CA TYR M 15 12.03 3.19 2.53
C TYR M 15 12.46 2.90 1.10
N ALA M 16 13.76 2.95 0.86
CA ALA M 16 14.32 2.84 -0.49
C ALA M 16 14.39 1.40 -0.98
N GLY M 17 14.78 0.50 -0.09
CA GLY M 17 15.06 -0.87 -0.48
C GLY M 17 13.84 -1.73 -0.76
N ARG M 18 12.79 -1.15 -1.31
CA ARG M 18 11.63 -1.92 -1.75
C ARG M 18 12.09 -2.96 -2.78
N ASN M 19 13.18 -2.66 -3.48
CA ASN M 19 13.83 -3.58 -4.43
C ASN M 19 15.09 -4.29 -3.90
N ARG M 20 15.72 -3.74 -2.87
CA ARG M 20 17.12 -4.07 -2.55
C ARG M 20 17.41 -5.51 -2.12
N GLU M 21 16.56 -6.10 -1.28
CA GLU M 21 16.82 -7.42 -0.68
C GLU M 21 17.66 -7.26 0.58
N LEU M 22 17.03 -6.80 1.64
CA LEU M 22 17.72 -6.52 2.90
C LEU M 22 17.87 -7.79 3.73
N VAL M 23 19.11 -8.20 3.99
CA VAL M 23 19.38 -9.17 5.07
C VAL M 23 19.07 -8.43 6.37
N SER M 24 19.26 -9.08 7.51
CA SER M 24 18.93 -8.47 8.81
C SER M 24 19.36 -6.99 8.94
N ALA M 25 18.47 -6.16 9.50
CA ALA M 25 18.72 -4.73 9.69
C ALA M 25 18.45 -4.33 11.15
N THR M 26 19.46 -3.76 11.81
CA THR M 26 19.45 -3.57 13.26
C THR M 26 19.92 -2.17 13.69
N THR M 27 19.75 -1.86 14.98
CA THR M 27 19.91 -0.47 15.47
C THR M 27 21.37 -0.05 15.60
N ALA M 28 21.68 1.16 15.14
CA ALA M 28 23.04 1.73 15.26
C ALA M 28 23.14 2.81 16.34
N MET M 29 21.99 3.29 16.84
CA MET M 29 21.96 4.20 17.98
C MET M 29 20.58 4.16 18.63
N ALA M 30 20.52 4.48 19.92
CA ALA M 30 19.25 4.60 20.62
C ALA M 30 19.41 5.49 21.85
N VAL M 31 19.20 6.79 21.68
CA VAL M 31 19.27 7.75 22.79
C VAL M 31 17.99 7.69 23.62
N ARG M 32 18.04 8.21 24.85
CA ARG M 32 16.92 8.15 25.79
C ARG M 32 16.26 9.51 25.94
N LEU M 33 15.19 9.75 25.18
CA LEU M 33 14.49 11.04 25.17
C LEU M 33 13.62 11.23 26.42
N ARG M 34 12.72 10.28 26.66
CA ARG M 34 11.82 10.31 27.81
C ARG M 34 11.83 8.93 28.46
N ASP M 35 11.08 8.77 29.55
CA ASP M 35 10.89 7.44 30.15
C ASP M 35 10.14 6.46 29.23
N GLY M 36 9.45 6.98 28.22
CA GLY M 36 8.82 6.15 27.19
C GLY M 36 9.11 6.59 25.76
N LEU M 37 10.35 6.99 25.49
CA LEU M 37 10.76 7.38 24.13
C LEU M 37 12.26 7.18 23.92
N GLU M 38 12.64 6.77 22.71
CA GLU M 38 14.05 6.65 22.33
C GLU M 38 14.25 6.93 20.83
N LEU M 39 15.11 7.89 20.52
CA LEU M 39 15.42 8.23 19.12
C LEU M 39 16.38 7.19 18.57
N VAL M 40 15.84 6.11 18.02
CA VAL M 40 16.63 5.03 17.45
C VAL M 40 17.03 5.34 16.01
N LEU M 41 18.29 5.13 15.66
CA LEU M 41 18.78 5.27 14.30
C LEU M 41 19.17 3.90 13.75
N LEU M 42 18.22 3.21 13.13
CA LEU M 42 18.41 1.85 12.60
C LEU M 42 19.23 1.83 11.31
N GLN M 43 20.20 0.91 11.20
CA GLN M 43 21.00 0.73 9.98
C GLN M 43 20.44 -0.45 9.17
N ALA M 44 20.53 -0.37 7.84
CA ALA M 44 19.97 -1.39 6.96
C ALA M 44 21.02 -2.02 6.06
N ASN M 45 21.59 -3.14 6.50
CA ASN M 45 22.59 -3.85 5.71
C ASN M 45 21.91 -4.66 4.61
N TYR M 46 22.12 -4.28 3.35
CA TYR M 46 21.54 -5.03 2.21
C TYR M 46 22.54 -6.01 1.64
N ALA M 47 22.06 -6.89 0.77
CA ALA M 47 22.94 -7.83 0.06
C ALA M 47 23.36 -7.23 -1.26
N ASP M 48 24.67 -7.10 -1.48
CA ASP M 48 25.26 -6.52 -2.69
C ASP M 48 24.88 -5.06 -2.94
N GLY M 49 25.09 -4.23 -1.94
CA GLY M 49 24.87 -2.80 -2.08
C GLY M 49 25.31 -2.05 -0.83
N PRO M 50 25.28 -0.70 -0.87
CA PRO M 50 25.63 0.09 0.30
C PRO M 50 24.52 0.06 1.35
N ASP M 51 24.87 0.38 2.58
CA ASP M 51 23.91 0.42 3.67
C ASP M 51 23.11 1.71 3.62
N GLU M 52 22.09 1.80 4.46
CA GLU M 52 21.29 3.02 4.63
C GLU M 52 20.85 3.12 6.09
N ARG M 53 20.98 4.32 6.67
CA ARG M 53 20.61 4.55 8.06
C ARG M 53 19.33 5.39 8.12
N TYR M 54 18.22 4.78 8.56
CA TYR M 54 16.93 5.48 8.75
C TYR M 54 16.68 5.78 10.22
N GLN M 55 16.19 6.98 10.56
CA GLN M 55 15.84 7.28 11.95
C GLN M 55 14.37 7.01 12.25
N VAL M 56 14.05 6.82 13.52
CA VAL M 56 12.67 6.57 13.95
C VAL M 56 12.54 6.72 15.46
N ILE M 57 11.76 7.71 15.90
CA ILE M 57 11.52 7.96 17.33
C ILE M 57 10.46 6.99 17.87
N VAL M 58 10.91 5.98 18.61
CA VAL M 58 10.05 4.86 19.02
C VAL M 58 9.35 5.10 20.37
N ALA M 59 8.02 4.98 20.35
CA ALA M 59 7.20 5.09 21.55
C ALA M 59 6.72 3.71 22.01
N THR M 60 6.81 3.46 23.32
CA THR M 60 6.39 2.19 23.92
C THR M 60 5.25 2.38 24.91
N GLY M 61 4.10 1.74 24.65
CA GLY M 61 2.91 1.85 25.49
C GLY M 61 1.65 1.60 24.68
N SER M 62 0.80 2.61 24.57
CA SER M 62 -0.39 2.57 23.72
C SER M 62 -0.14 3.41 22.45
N GLY M 63 -0.58 2.91 21.29
CA GLY M 63 -0.37 3.60 20.01
C GLY M 63 -1.64 4.02 19.29
N PRO M 64 -2.35 5.05 19.82
CA PRO M 64 -3.56 5.56 19.18
C PRO M 64 -3.26 6.60 18.10
N ILE M 65 -4.26 7.07 17.35
CA ILE M 65 -5.63 6.52 17.39
C ILE M 65 -5.69 5.21 16.60
N ASP M 66 -6.77 4.46 16.78
CA ASP M 66 -6.98 3.21 16.03
C ASP M 66 -7.08 3.46 14.52
N GLU M 67 -7.40 4.70 14.14
CA GLU M 67 -7.38 5.13 12.74
C GLU M 67 -5.97 5.12 12.13
N TYR M 68 -4.95 4.92 12.97
CA TYR M 68 -3.55 4.86 12.53
C TYR M 68 -2.90 3.51 12.88
N SER M 69 -3.66 2.42 12.77
CA SER M 69 -3.16 1.08 13.12
C SER M 69 -2.07 0.62 12.16
N VAL M 70 -2.44 0.51 10.88
CA VAL M 70 -1.56 -0.03 9.85
C VAL M 70 -0.23 0.71 9.79
N VAL M 71 -0.30 2.03 9.66
CA VAL M 71 0.87 2.87 9.39
C VAL M 71 1.85 2.99 10.57
N ALA M 72 1.40 2.73 11.79
CA ALA M 72 2.17 3.04 13.01
C ALA M 72 2.77 1.85 13.76
N THR M 73 2.05 0.73 13.83
CA THR M 73 2.48 -0.42 14.64
C THR M 73 3.86 -0.98 14.25
N ILE M 74 4.75 -1.05 15.23
CA ILE M 74 6.08 -1.66 15.03
C ILE M 74 6.04 -3.15 15.38
N GLY M 75 6.04 -3.47 16.68
CA GLY M 75 5.88 -4.85 17.14
C GLY M 75 5.40 -4.90 18.58
N ILE M 76 4.85 -6.03 19.00
CA ILE M 76 4.35 -6.21 20.36
C ILE M 76 5.13 -7.30 21.08
N THR M 81 2.92 -2.14 23.82
CA THR M 81 3.22 -2.19 22.39
C THR M 81 4.26 -1.14 21.99
N ALA M 82 4.68 -1.18 20.73
CA ALA M 82 5.65 -0.22 20.20
C ALA M 82 5.19 0.34 18.85
N TYR M 83 5.54 1.59 18.60
CA TYR M 83 5.13 2.29 17.38
C TYR M 83 5.93 3.59 17.28
N ASP M 84 6.08 4.12 16.07
CA ASP M 84 6.80 5.38 15.89
C ASP M 84 6.00 6.56 16.43
N ALA M 85 6.70 7.46 17.11
CA ALA M 85 6.07 8.45 18.00
C ALA M 85 5.16 9.46 17.31
N LEU M 86 5.42 9.72 16.03
CA LEU M 86 4.72 10.79 15.30
C LEU M 86 3.19 10.63 15.29
N TYR M 87 2.66 9.54 15.87
CA TYR M 87 1.22 9.30 15.90
C TYR M 87 0.55 9.58 17.24
N ASP M 88 1.34 9.73 18.29
CA ASP M 88 0.80 10.16 19.57
C ASP M 88 0.89 11.69 19.68
N PRO M 89 -0.20 12.35 20.12
CA PRO M 89 -0.13 13.78 20.37
C PRO M 89 0.77 14.16 21.56
N ASP M 90 0.72 13.36 22.62
CA ASP M 90 1.55 13.60 23.81
C ASP M 90 3.05 13.48 23.49
N ALA M 91 3.39 12.57 22.58
CA ALA M 91 4.79 12.32 22.22
C ALA M 91 5.33 13.38 21.26
N THR M 92 4.53 13.74 20.25
CA THR M 92 4.90 14.81 19.33
C THR M 92 5.07 16.11 20.10
N ARG M 93 4.13 16.39 21.00
CA ARG M 93 4.16 17.62 21.80
C ARG M 93 5.40 17.68 22.68
N TYR M 94 5.77 16.55 23.27
CA TYR M 94 6.97 16.48 24.09
C TYR M 94 8.20 16.81 23.27
N LEU M 95 8.34 16.14 22.12
CA LEU M 95 9.46 16.39 21.21
C LEU M 95 9.56 17.87 20.80
N LEU M 96 8.42 18.56 20.70
CA LEU M 96 8.43 19.99 20.43
C LEU M 96 8.98 20.76 21.62
N SER M 97 8.51 20.42 22.83
CA SER M 97 8.97 21.13 24.04
C SER M 97 10.48 21.00 24.26
N LEU M 98 11.10 19.98 23.65
CA LEU M 98 12.55 19.82 23.65
C LEU M 98 13.24 20.76 22.67
N ILE M 99 12.62 20.98 21.52
CA ILE M 99 13.09 21.97 20.55
C ILE M 99 12.66 23.37 21.02
N ASP M 100 11.77 23.41 22.01
CA ASP M 100 11.37 24.66 22.67
C ASP M 100 12.28 25.03 23.84
N GLU M 101 12.79 24.03 24.56
CA GLU M 101 13.60 24.27 25.76
C GLU M 101 14.63 25.40 25.59
N SER M 102 15.52 25.35 24.59
CA SER M 102 15.70 24.21 23.68
C SER M 102 16.92 23.46 24.18
N ALA M 103 16.71 22.23 24.63
CA ALA M 103 17.74 21.49 25.38
C ALA M 103 18.63 20.69 24.45
N THR M 104 19.57 19.99 25.06
CA THR M 104 20.36 18.97 24.36
C THR M 104 20.33 17.71 25.23
N VAL M 105 20.16 16.55 24.60
CA VAL M 105 20.02 15.28 25.31
C VAL M 105 21.06 14.29 24.84
N GLN M 106 21.88 13.81 25.77
CA GLN M 106 22.97 12.86 25.52
C GLN M 106 23.79 13.19 24.27
N ASN M 107 23.23 12.86 23.11
CA ASN M 107 23.89 13.10 21.82
C ASN M 107 23.11 14.08 20.93
N VAL M 108 21.80 13.91 20.83
CA VAL M 108 20.97 14.75 19.96
C VAL M 108 20.76 16.15 20.56
N ARG M 109 21.24 17.18 19.87
CA ARG M 109 21.12 18.56 20.33
C ARG M 109 19.95 19.23 19.61
N PHE M 110 18.92 19.62 20.35
CA PHE M 110 17.77 20.35 19.79
C PHE M 110 18.02 21.86 19.88
N VAL M 111 18.09 22.53 18.74
CA VAL M 111 18.32 23.97 18.70
C VAL M 111 17.14 24.70 18.06
N ARG M 112 16.80 25.87 18.61
CA ARG M 112 15.75 26.74 18.07
C ARG M 112 16.28 28.13 17.74
N GLU M 113 15.54 28.86 16.92
CA GLU M 113 15.89 30.24 16.58
C GLU M 113 15.34 31.15 17.69
N PRO M 114 15.72 32.45 17.69
CA PRO M 114 15.05 33.47 18.53
C PRO M 114 13.61 33.87 18.10
N ASP M 115 12.70 32.89 18.06
CA ASP M 115 11.29 33.10 17.73
C ASP M 115 10.45 32.00 18.41
N VAL M 116 9.43 32.42 19.16
CA VAL M 116 8.67 31.50 20.03
C VAL M 116 7.96 30.37 19.28
N GLU M 117 8.15 29.13 19.75
CA GLU M 117 7.45 27.96 19.19
C GLU M 117 5.98 27.94 19.64
N LEU M 118 5.18 27.03 19.08
CA LEU M 118 3.74 27.00 19.33
C LEU M 118 3.20 25.64 19.83
N PRO M 119 3.60 25.22 21.05
CA PRO M 119 3.00 24.01 21.64
C PRO M 119 1.58 24.26 22.16
N LEU M 120 1.01 23.25 22.83
CA LEU M 120 -0.36 23.32 23.35
C LEU M 120 -1.41 23.40 22.23
N ASP M 121 -1.03 22.97 21.03
CA ASP M 121 -1.93 22.92 19.88
C ASP M 121 -2.18 21.47 19.51
N ALA M 122 -3.38 21.14 19.07
CA ALA M 122 -3.74 19.77 18.71
C ALA M 122 -2.96 19.32 17.46
N PRO M 123 -2.13 18.27 17.57
CA PRO M 123 -1.31 17.87 16.42
C PRO M 123 -1.71 16.56 15.72
N PRO M 124 -2.06 16.61 14.42
CA PRO M 124 -2.13 15.42 13.56
C PRO M 124 -0.92 15.25 12.62
N ARG M 125 -0.79 14.06 12.04
CA ARG M 125 0.26 13.76 11.06
C ARG M 125 -0.26 13.95 9.64
N VAL M 126 0.37 14.83 8.87
CA VAL M 126 -0.03 15.04 7.46
C VAL M 126 0.46 13.86 6.63
N PHE M 127 -0.44 13.32 5.79
CA PHE M 127 -0.26 11.99 5.16
C PHE M 127 0.44 11.96 3.79
N GLY M 128 0.85 13.13 3.28
CA GLY M 128 1.63 13.20 2.03
C GLY M 128 3.07 12.73 2.23
N ALA M 129 3.22 11.44 2.55
CA ALA M 129 4.49 10.89 3.00
C ALA M 129 5.49 10.77 1.85
N GLU M 130 6.24 11.86 1.63
CA GLU M 130 7.33 11.88 0.67
C GLU M 130 8.44 10.88 1.05
N GLN M 131 9.23 10.49 0.05
CA GLN M 131 10.32 9.53 0.26
C GLN M 131 11.40 10.09 1.21
N SER M 132 11.44 11.42 1.34
CA SER M 132 12.44 12.10 2.17
C SER M 132 12.14 12.05 3.67
N ASN M 133 10.90 12.39 4.05
CA ASN M 133 10.58 12.68 5.45
C ASN M 133 9.20 12.21 5.93
N THR M 134 8.93 12.46 7.21
CA THR M 134 7.59 12.31 7.81
C THR M 134 7.30 13.57 8.65
N SER M 135 6.07 14.09 8.60
CA SER M 135 5.77 15.40 9.20
C SER M 135 4.42 15.53 9.92
N VAL M 136 4.45 16.16 11.09
CA VAL M 136 3.27 16.41 11.92
C VAL M 136 3.02 17.90 12.08
N VAL M 137 1.75 18.29 12.13
CA VAL M 137 1.36 19.70 12.12
C VAL M 137 0.76 20.10 13.47
N PHE M 138 1.35 21.11 14.11
CA PHE M 138 0.86 21.58 15.40
C PHE M 138 -0.11 22.74 15.23
N GLY M 139 -1.40 22.45 15.32
CA GLY M 139 -2.43 23.46 15.15
C GLY M 139 -2.48 24.02 13.73
N GLU M 140 -2.36 25.33 13.60
CA GLU M 140 -2.29 26.00 12.31
C GLU M 140 -1.17 27.04 12.27
N ASP M 141 -0.12 26.82 13.07
CA ASP M 141 0.98 27.78 13.21
C ASP M 141 2.37 27.13 13.40
N ALA M 142 2.57 25.92 12.85
CA ALA M 142 3.88 25.22 12.88
C ALA M 142 3.82 23.77 12.39
N ILE M 143 4.84 23.33 11.65
CA ILE M 143 4.93 21.94 11.15
C ILE M 143 6.32 21.33 11.39
N PHE M 144 6.34 20.19 12.08
CA PHE M 144 7.57 19.47 12.44
C PHE M 144 7.80 18.34 11.45
N LYS M 145 9.06 18.11 11.06
CA LYS M 145 9.39 17.19 9.97
C LYS M 145 10.63 16.35 10.31
N LEU M 146 10.44 15.04 10.50
CA LEU M 146 11.54 14.12 10.82
C LEU M 146 12.12 13.48 9.57
N PHE M 147 13.36 13.82 9.24
CA PHE M 147 14.03 13.24 8.07
C PHE M 147 14.17 11.74 8.27
N ARG M 148 13.34 10.96 7.58
CA ARG M 148 13.30 9.52 7.81
C ARG M 148 14.60 8.81 7.45
N ARG M 149 15.39 9.39 6.56
CA ARG M 149 16.72 8.84 6.26
C ARG M 149 17.79 9.86 6.55
N ILE M 150 18.82 9.44 7.29
CA ILE M 150 19.84 10.35 7.79
C ILE M 150 21.20 10.11 7.15
N THR M 151 21.49 10.82 6.05
CA THR M 151 22.85 10.93 5.52
C THR M 151 23.49 12.16 6.19
N PRO M 152 24.85 12.29 6.15
CA PRO M 152 25.57 13.27 7.00
C PRO M 152 25.20 14.75 6.80
N GLY M 153 25.69 15.59 7.70
CA GLY M 153 25.36 17.03 7.68
C GLY M 153 26.41 17.86 6.95
N VAL M 154 26.10 19.11 6.63
CA VAL M 154 24.83 19.75 6.97
C VAL M 154 23.75 19.40 5.95
N HIS M 155 22.51 19.78 6.26
CA HIS M 155 21.37 19.57 5.37
C HIS M 155 21.06 20.92 4.71
N PRO M 156 20.98 20.96 3.36
CA PRO M 156 20.74 22.24 2.66
C PRO M 156 19.29 22.77 2.67
N ASP M 157 18.34 21.98 3.18
CA ASP M 157 16.99 22.48 3.41
C ASP M 157 16.99 23.34 4.67
N ILE M 158 17.71 22.91 5.70
CA ILE M 158 17.83 23.67 6.94
C ILE M 158 18.79 24.85 6.76
N GLU M 159 19.88 24.61 6.04
CA GLU M 159 20.93 25.62 5.86
C GLU M 159 20.45 26.83 5.06
N LEU M 160 19.75 26.58 3.96
CA LEU M 160 19.29 27.64 3.06
C LEU M 160 18.07 28.38 3.62
N ASN M 161 17.11 27.66 4.19
CA ASN M 161 15.95 28.29 4.86
C ASN M 161 16.37 29.32 5.91
N ARG M 162 17.48 29.06 6.60
CA ARG M 162 17.99 29.97 7.63
C ARG M 162 18.47 31.30 7.05
N VAL M 163 19.50 31.23 6.20
CA VAL M 163 20.06 32.44 5.58
C VAL M 163 19.02 33.23 4.80
N LEU M 164 18.03 32.52 4.26
CA LEU M 164 16.94 33.13 3.52
C LEU M 164 15.94 33.78 4.48
N ALA M 165 15.76 33.18 5.66
CA ALA M 165 14.92 33.76 6.71
C ALA M 165 15.59 34.95 7.41
N ARG M 166 16.90 34.84 7.66
CA ARG M 166 17.65 35.92 8.32
C ARG M 166 17.79 37.17 7.45
N ALA M 167 17.76 37.01 6.13
CA ALA M 167 17.93 38.13 5.20
C ALA M 167 16.65 38.93 5.00
N GLY M 168 15.50 38.27 5.12
CA GLY M 168 14.19 38.92 4.96
C GLY M 168 13.56 38.70 3.60
N ASN M 169 13.59 37.46 3.12
CA ASN M 169 12.97 37.07 1.85
C ASN M 169 11.66 36.35 2.13
N PRO M 170 10.51 37.00 1.91
CA PRO M 170 9.24 36.38 2.28
C PRO M 170 8.68 35.36 1.27
N HIS M 171 9.55 34.66 0.54
CA HIS M 171 9.13 33.60 -0.38
C HIS M 171 9.48 32.19 0.15
N VAL M 172 9.85 32.10 1.42
CA VAL M 172 10.26 30.83 2.03
C VAL M 172 9.67 30.67 3.43
N ALA M 173 9.18 29.47 3.72
CA ALA M 173 8.60 29.16 5.03
C ALA M 173 9.62 29.44 6.11
N ARG M 174 9.23 30.20 7.12
CA ARG M 174 10.15 30.60 8.19
C ARG M 174 10.60 29.38 8.98
N LEU M 175 11.91 29.23 9.14
CA LEU M 175 12.46 28.12 9.91
C LEU M 175 12.51 28.50 11.39
N LEU M 176 12.01 27.60 12.24
CA LEU M 176 11.96 27.82 13.69
C LEU M 176 13.14 27.23 14.44
N GLY M 177 13.65 26.10 13.93
CA GLY M 177 14.79 25.42 14.53
C GLY M 177 15.05 24.08 13.88
N SER M 178 15.83 23.24 14.54
CA SER M 178 16.08 21.88 14.06
C SER M 178 16.58 21.00 15.19
N PHE M 179 17.04 19.81 14.83
CA PHE M 179 17.77 18.97 15.76
C PHE M 179 18.63 17.95 15.02
N GLU M 180 19.84 17.74 15.53
CA GLU M 180 20.84 16.91 14.87
C GLU M 180 21.64 16.12 15.89
N THR M 181 22.57 15.32 15.40
CA THR M 181 23.44 14.49 16.24
C THR M 181 24.82 14.41 15.58
N GLU M 182 25.75 13.74 16.27
CA GLU M 182 27.07 13.45 15.73
C GLU M 182 27.34 11.96 15.90
N TRP M 183 27.34 11.23 14.79
CA TRP M 183 27.50 9.76 14.84
C TRP M 183 28.81 9.32 14.18
N GLU M 184 29.50 8.39 14.82
CA GLU M 184 30.81 7.89 14.38
C GLU M 184 31.67 9.04 13.88
N GLY M 185 31.77 9.21 12.56
CA GLY M 185 32.54 10.30 11.99
C GLY M 185 31.85 11.64 12.13
N GLU M 186 30.83 11.87 11.29
CA GLU M 186 30.28 13.20 11.03
C GLU M 186 28.99 13.51 11.79
N PRO M 187 28.48 14.76 11.64
CA PRO M 187 27.14 15.13 12.15
C PRO M 187 25.97 14.67 11.27
N TYR M 188 24.77 14.64 11.84
CA TYR M 188 23.57 14.17 11.13
C TYR M 188 22.31 14.96 11.53
N ALA M 189 21.67 15.60 10.57
CA ALA M 189 20.40 16.29 10.80
C ALA M 189 19.27 15.27 10.88
N LEU M 190 18.53 15.30 11.99
CA LEU M 190 17.46 14.33 12.25
C LEU M 190 16.04 14.89 12.02
N GLY M 191 15.94 16.17 11.68
CA GLY M 191 14.63 16.77 11.37
C GLY M 191 14.61 18.28 11.54
N MET M 192 13.48 18.90 11.18
CA MET M 192 13.31 20.34 11.36
C MET M 192 11.85 20.73 11.58
N VAL M 193 11.67 21.82 12.32
CA VAL M 193 10.36 22.43 12.51
C VAL M 193 10.33 23.74 11.72
N THR M 194 9.20 24.01 11.09
CA THR M 194 9.06 25.17 10.22
C THR M 194 7.63 25.71 10.24
N GLU M 195 7.48 26.92 9.72
CA GLU M 195 6.25 27.70 9.87
C GLU M 195 5.21 27.22 8.87
N PHE M 196 4.03 26.83 9.38
CA PHE M 196 3.03 26.17 8.55
C PHE M 196 2.25 27.15 7.68
N ALA M 197 2.36 26.94 6.38
CA ALA M 197 1.50 27.60 5.42
C ALA M 197 0.27 26.71 5.21
N ALA M 198 -0.63 26.78 6.19
CA ALA M 198 -2.01 26.29 6.03
C ALA M 198 -2.67 27.11 4.92
N ASN M 199 -3.60 26.49 4.20
CA ASN M 199 -4.16 27.07 2.98
C ASN M 199 -3.06 27.28 1.93
N SER M 200 -2.62 26.16 1.36
CA SER M 200 -1.61 26.13 0.32
C SER M 200 -2.09 25.29 -0.84
N ALA M 201 -1.38 25.36 -1.97
CA ALA M 201 -1.65 24.50 -3.10
C ALA M 201 -0.40 24.38 -3.96
N GLU M 202 -0.13 23.18 -4.46
CA GLU M 202 1.07 22.94 -5.24
C GLU M 202 1.01 23.61 -6.60
N GLY M 203 2.18 23.95 -7.14
CA GLY M 203 2.27 24.54 -8.46
C GLY M 203 1.81 23.59 -9.55
N TRP M 204 2.24 22.33 -9.45
CA TRP M 204 1.87 21.31 -10.44
C TRP M 204 0.34 21.11 -10.45
N ASP M 205 -0.26 21.07 -9.27
CA ASP M 205 -1.71 20.91 -9.15
C ASP M 205 -2.49 22.10 -9.71
N MET M 206 -1.86 23.27 -9.68
CA MET M 206 -2.48 24.51 -10.14
C MET M 206 -2.29 24.73 -11.62
N ALA M 207 -1.14 24.32 -12.14
CA ALA M 207 -0.89 24.31 -13.57
C ALA M 207 -1.74 23.23 -14.23
N THR M 208 -1.88 22.08 -13.56
CA THR M 208 -2.69 20.97 -14.07
C THR M 208 -4.14 21.37 -14.31
N THR M 209 -4.67 22.27 -13.48
CA THR M 209 -6.04 22.76 -13.62
C THR M 209 -6.21 23.81 -14.73
N SER M 210 -5.13 24.54 -15.02
CA SER M 210 -5.13 25.47 -16.14
C SER M 210 -4.92 24.74 -17.46
N THR M 211 -4.06 23.72 -17.44
CA THR M 211 -3.86 22.84 -18.61
C THR M 211 -5.12 22.01 -18.87
N ARG M 212 -5.86 21.73 -17.80
CA ARG M 212 -7.17 21.09 -17.90
C ARG M 212 -8.22 21.98 -18.58
N ASP M 213 -8.08 23.29 -18.40
CA ASP M 213 -9.04 24.26 -18.91
C ASP M 213 -9.01 24.37 -20.43
N LEU M 214 -7.84 24.67 -20.99
CA LEU M 214 -7.69 24.82 -22.45
C LEU M 214 -8.19 23.59 -23.17
N PHE M 215 -7.71 22.46 -22.69
CA PHE M 215 -7.84 21.20 -23.36
C PHE M 215 -9.29 20.73 -23.43
N ALA M 216 -9.95 20.64 -22.28
CA ALA M 216 -11.39 20.44 -22.22
C ALA M 216 -12.08 21.66 -22.80
N GLU M 217 -13.09 21.45 -23.65
CA GLU M 217 -13.74 22.55 -24.37
C GLU M 217 -12.68 23.46 -25.02
N GLY M 218 -11.84 22.85 -25.85
CA GLY M 218 -10.69 23.53 -26.46
C GLY M 218 -11.00 24.15 -27.81
N ASP M 219 -9.96 24.36 -28.59
CA ASP M 219 -10.06 25.06 -29.87
C ASP M 219 -10.52 26.50 -29.70
N LEU M 220 -10.07 27.16 -28.63
CA LEU M 220 -10.50 28.53 -28.32
C LEU M 220 -9.35 29.46 -27.95
N TYR M 221 -8.12 29.09 -28.32
CA TYR M 221 -6.93 29.90 -28.06
C TYR M 221 -6.43 29.81 -26.62
N ALA M 222 -5.13 29.96 -26.44
CA ALA M 222 -4.48 29.84 -25.12
C ALA M 222 -4.59 31.11 -24.28
N GLU M 223 -4.73 32.26 -24.95
CA GLU M 223 -4.84 33.55 -24.27
C GLU M 223 -6.28 33.92 -23.96
N GLU M 224 -7.21 33.44 -24.77
CA GLU M 224 -8.62 33.80 -24.61
C GLU M 224 -9.30 33.07 -23.44
N VAL M 225 -8.91 31.83 -23.19
CA VAL M 225 -9.51 31.03 -22.11
C VAL M 225 -9.32 31.69 -20.74
N GLY M 226 -10.29 31.49 -19.85
CA GLY M 226 -10.23 32.04 -18.51
C GLY M 226 -9.13 31.44 -17.66
N GLY M 227 -8.88 30.14 -17.86
CA GLY M 227 -7.90 29.39 -17.07
C GLY M 227 -6.46 29.87 -17.16
N ASP M 228 -6.18 30.74 -18.13
CA ASP M 228 -4.84 31.30 -18.37
C ASP M 228 -3.93 31.42 -17.13
N PHE M 229 -2.85 30.65 -17.16
CA PHE M 229 -1.88 30.62 -16.05
C PHE M 229 -0.81 31.70 -16.20
N ALA M 230 -0.74 32.33 -17.37
CA ALA M 230 0.31 33.29 -17.72
C ALA M 230 0.62 34.34 -16.65
N GLY M 231 -0.43 34.91 -16.06
CA GLY M 231 -0.27 35.92 -15.02
C GLY M 231 0.39 35.37 -13.78
N GLU M 232 0.00 34.16 -13.41
CA GLU M 232 0.54 33.48 -12.24
C GLU M 232 1.98 33.01 -12.49
N ALA M 233 2.25 32.57 -13.72
CA ALA M 233 3.59 32.15 -14.13
C ALA M 233 4.60 33.29 -14.01
N TYR M 234 4.20 34.48 -14.43
CA TYR M 234 5.03 35.68 -14.33
C TYR M 234 5.40 36.00 -12.88
N ARG M 235 4.42 35.90 -11.99
CA ARG M 235 4.65 36.12 -10.56
C ARG M 235 5.62 35.09 -10.00
N LEU M 236 5.48 33.83 -10.42
CA LEU M 236 6.39 32.76 -10.02
C LEU M 236 7.82 32.99 -10.53
N GLY M 237 7.95 33.70 -11.65
CA GLY M 237 9.25 34.05 -12.21
C GLY M 237 10.03 34.95 -11.28
N GLU M 238 9.47 36.11 -10.96
CA GLU M 238 10.08 37.05 -10.02
C GLU M 238 10.22 36.48 -8.59
N ALA M 239 9.44 35.44 -8.28
CA ALA M 239 9.56 34.74 -6.99
C ALA M 239 10.86 33.93 -6.94
N VAL M 240 11.11 33.16 -7.98
CA VAL M 240 12.34 32.36 -8.10
C VAL M 240 13.56 33.26 -8.27
N ALA M 241 13.41 34.36 -9.01
CA ALA M 241 14.49 35.32 -9.20
C ALA M 241 14.83 36.05 -7.91
N SER M 242 13.85 36.24 -7.05
CA SER M 242 14.04 36.92 -5.77
C SER M 242 14.93 36.12 -4.85
N VAL M 243 14.58 34.84 -4.66
CA VAL M 243 15.38 33.94 -3.84
C VAL M 243 16.80 33.75 -4.40
N HIS M 244 16.93 33.66 -5.72
CA HIS M 244 18.23 33.53 -6.38
C HIS M 244 19.14 34.73 -6.11
N ALA M 245 18.61 35.93 -6.30
CA ALA M 245 19.38 37.17 -6.10
C ALA M 245 19.74 37.37 -4.63
N CYS M 246 18.80 37.03 -3.75
CA CYS M 246 19.02 37.09 -2.30
C CYS M 246 20.03 36.05 -1.85
N LEU M 247 19.99 34.86 -2.45
CA LEU M 247 20.91 33.78 -2.11
C LEU M 247 22.33 34.13 -2.55
N ALA M 248 22.45 34.72 -3.73
CA ALA M 248 23.74 35.16 -4.25
C ALA M 248 24.40 36.25 -3.39
N HIS M 249 23.59 37.07 -2.71
CA HIS M 249 24.10 38.14 -1.84
C HIS M 249 24.87 37.55 -0.65
N GLU M 250 24.27 36.58 0.03
CA GLU M 250 24.89 35.94 1.20
C GLU M 250 25.84 34.80 0.81
N LEU M 251 25.43 33.95 -0.12
CA LEU M 251 26.26 32.82 -0.57
C LEU M 251 27.49 33.30 -1.34
N GLY M 252 27.36 34.42 -2.05
CA GLY M 252 28.43 34.92 -2.91
C GLY M 252 28.37 34.30 -4.29
N THR M 253 29.18 34.82 -5.20
CA THR M 253 29.24 34.32 -6.57
C THR M 253 30.68 34.01 -6.98
N GLU M 254 30.83 33.14 -7.96
CA GLU M 254 32.14 32.82 -8.54
C GLU M 254 31.97 32.62 -10.05
N GLU M 255 33.09 32.64 -10.77
CA GLU M 255 33.08 32.38 -12.21
C GLU M 255 33.69 31.00 -12.47
N VAL M 256 33.06 30.22 -13.35
CA VAL M 256 33.54 28.89 -13.71
C VAL M 256 33.14 28.58 -15.15
N PRO M 257 33.89 27.70 -15.84
CA PRO M 257 33.51 27.35 -17.21
C PRO M 257 32.48 26.23 -17.28
N PHE M 258 31.70 26.21 -18.35
CA PHE M 258 30.66 25.19 -18.57
C PHE M 258 31.25 23.78 -18.42
N PRO M 259 30.62 22.93 -17.61
CA PRO M 259 31.16 21.58 -17.37
C PRO M 259 31.08 20.67 -18.60
N ALA M 260 31.93 20.95 -19.59
CA ALA M 260 31.88 20.25 -20.87
C ALA M 260 32.11 18.75 -20.70
N ASP M 261 33.25 18.40 -20.10
CA ASP M 261 33.61 16.99 -19.89
C ASP M 261 32.72 16.29 -18.87
N VAL M 262 32.16 17.05 -17.93
CA VAL M 262 31.24 16.51 -16.91
C VAL M 262 29.87 16.21 -17.51
N MET M 263 29.33 17.18 -18.26
CA MET M 263 28.03 17.03 -18.89
C MET M 263 28.08 16.14 -20.15
N ALA M 264 29.28 15.92 -20.68
CA ALA M 264 29.49 14.92 -21.73
C ALA M 264 29.37 13.51 -21.15
N GLN M 265 29.90 13.32 -19.95
CA GLN M 265 29.80 12.06 -19.22
C GLN M 265 28.34 11.71 -18.89
N ARG M 266 27.52 12.73 -18.66
CA ARG M 266 26.09 12.55 -18.42
C ARG M 266 25.38 12.08 -19.68
N LEU M 267 25.64 12.75 -20.80
CA LEU M 267 25.04 12.40 -22.09
C LEU M 267 25.57 11.07 -22.64
N ALA M 268 26.80 10.71 -22.26
CA ALA M 268 27.41 9.44 -22.65
C ALA M 268 26.78 8.26 -21.92
N ALA M 269 26.58 8.41 -20.60
CA ALA M 269 25.94 7.39 -19.78
C ALA M 269 24.46 7.23 -20.10
N ALA M 270 23.82 8.33 -20.50
CA ALA M 270 22.42 8.31 -20.95
C ALA M 270 22.23 7.44 -22.19
N VAL M 271 23.23 7.41 -23.06
CA VAL M 271 23.19 6.58 -24.27
C VAL M 271 23.29 5.08 -24.01
N ASP M 272 23.52 4.69 -22.75
CA ASP M 272 23.51 3.27 -22.34
C ASP M 272 22.12 2.67 -22.51
N ALA M 273 21.10 3.39 -22.05
CA ALA M 273 19.70 3.03 -22.32
C ALA M 273 19.22 3.77 -23.56
N VAL M 274 19.88 3.50 -24.69
CA VAL M 274 19.68 4.25 -25.93
C VAL M 274 18.36 3.94 -26.61
N PRO M 275 17.76 4.98 -27.23
CA PRO M 275 16.59 4.94 -28.10
C PRO M 275 16.96 5.61 -29.44
N GLU M 276 16.11 6.49 -29.94
CA GLU M 276 16.48 7.40 -31.04
C GLU M 276 17.36 8.55 -30.53
N LEU M 277 17.58 8.61 -29.21
CA LEU M 277 18.47 9.59 -28.58
C LEU M 277 19.89 9.60 -29.16
N ARG M 278 20.36 8.44 -29.63
CA ARG M 278 21.65 8.34 -30.29
C ARG M 278 21.68 9.12 -31.61
N GLU M 279 20.54 9.23 -32.28
CA GLU M 279 20.42 10.01 -33.53
C GLU M 279 20.49 11.52 -33.30
N HIS M 280 19.95 11.98 -32.17
CA HIS M 280 20.04 13.38 -31.78
C HIS M 280 21.43 13.72 -31.21
N VAL M 281 22.11 12.71 -30.68
CA VAL M 281 23.38 12.88 -29.94
C VAL M 281 24.46 13.73 -30.62
N PRO M 282 24.69 13.53 -31.93
CA PRO M 282 25.65 14.40 -32.63
C PRO M 282 25.19 15.87 -32.71
N GLN M 283 23.90 16.09 -32.93
CA GLN M 283 23.33 17.44 -32.96
C GLN M 283 23.33 18.06 -31.56
N ILE M 284 23.13 17.21 -30.54
CA ILE M 284 23.20 17.63 -29.14
C ILE M 284 24.64 17.96 -28.74
N GLU M 285 25.57 17.08 -29.10
CA GLU M 285 27.00 17.29 -28.84
C GLU M 285 27.54 18.55 -29.54
N GLU M 286 26.97 18.86 -30.70
CA GLU M 286 27.28 20.10 -31.42
C GLU M 286 26.83 21.34 -30.66
N ARG M 287 25.70 21.23 -29.96
CA ARG M 287 25.21 22.30 -29.08
C ARG M 287 26.06 22.42 -27.80
N TYR M 288 26.58 21.28 -27.33
CA TYR M 288 27.44 21.25 -26.15
C TYR M 288 28.82 21.87 -26.39
N HIS M 289 29.54 21.34 -27.38
CA HIS M 289 30.90 21.81 -27.70
C HIS M 289 30.93 23.21 -28.33
N LYS M 290 29.74 23.75 -28.62
CA LYS M 290 29.61 25.16 -29.04
C LYS M 290 29.88 26.12 -27.89
N LEU M 291 29.47 25.73 -26.67
CA LEU M 291 29.66 26.56 -25.48
C LEU M 291 30.91 26.17 -24.66
N ALA M 292 31.81 25.38 -25.25
CA ALA M 292 33.05 24.98 -24.58
C ALA M 292 34.00 26.17 -24.41
N ASP M 293 34.74 26.17 -23.31
CA ASP M 293 35.66 27.28 -22.95
C ASP M 293 34.94 28.62 -22.81
N THR M 294 33.74 28.59 -22.22
CA THR M 294 32.98 29.81 -21.92
C THR M 294 32.66 29.83 -20.42
N THR M 295 32.76 31.01 -19.82
CA THR M 295 32.58 31.17 -18.37
C THR M 295 31.16 31.59 -17.99
N MET M 296 30.66 31.01 -16.90
CA MET M 296 29.34 31.31 -16.34
C MET M 296 29.50 31.84 -14.92
N THR M 297 28.37 32.18 -14.30
CA THR M 297 28.35 32.63 -12.90
C THR M 297 27.68 31.55 -12.06
N VAL M 298 28.32 31.17 -10.96
CA VAL M 298 27.79 30.12 -10.09
C VAL M 298 27.41 30.66 -8.70
N GLN M 299 26.15 30.47 -8.35
CA GLN M 299 25.66 30.79 -7.01
C GLN M 299 25.29 29.50 -6.31
N ARG M 300 24.93 29.62 -5.04
CA ARG M 300 24.19 28.58 -4.37
C ARG M 300 22.77 28.63 -4.95
N VAL M 301 22.20 27.46 -5.26
CA VAL M 301 20.87 27.38 -5.90
C VAL M 301 20.00 26.29 -5.28
N HIS M 302 18.75 26.20 -5.74
CA HIS M 302 17.80 25.19 -5.26
C HIS M 302 18.26 23.77 -5.63
N GLY M 303 18.66 23.57 -6.88
CA GLY M 303 19.20 22.29 -7.35
C GLY M 303 18.18 21.32 -7.93
N ASP M 304 16.93 21.41 -7.46
CA ASP M 304 15.85 20.55 -7.89
C ASP M 304 14.52 21.31 -7.94
N LEU M 305 14.44 22.31 -8.82
CA LEU M 305 13.20 23.07 -8.99
C LEU M 305 12.27 22.42 -10.01
N HIS M 306 11.05 22.19 -9.56
CA HIS M 306 9.94 21.88 -10.45
C HIS M 306 8.64 22.31 -9.78
N LEU M 307 7.57 22.39 -10.54
CA LEU M 307 6.30 22.93 -10.05
C LEU M 307 5.81 22.27 -8.75
N GLY M 308 6.21 21.01 -8.52
CA GLY M 308 5.90 20.29 -7.29
C GLY M 308 6.54 20.87 -6.04
N GLN M 309 7.76 21.41 -6.19
CA GLN M 309 8.52 21.96 -5.04
C GLN M 309 8.19 23.44 -4.80
N VAL M 310 7.07 23.91 -5.35
CA VAL M 310 6.67 25.30 -5.26
C VAL M 310 5.21 25.38 -4.80
N LEU M 311 4.94 26.17 -3.78
CA LEU M 311 3.61 26.26 -3.19
C LEU M 311 3.04 27.65 -3.33
N ARG M 312 1.72 27.75 -3.47
CA ARG M 312 1.05 29.03 -3.47
C ARG M 312 0.19 29.21 -2.22
N THR M 313 0.46 30.30 -1.51
CA THR M 313 -0.35 30.73 -0.38
C THR M 313 -1.01 32.05 -0.76
N PRO M 314 -2.01 32.49 0.04
CA PRO M 314 -2.46 33.86 -0.15
C PRO M 314 -1.34 34.81 0.17
N LYS M 315 -1.16 35.83 -0.67
CA LYS M 315 -0.06 36.78 -0.52
C LYS M 315 1.31 36.12 -0.64
N GLY M 316 1.53 35.38 -1.73
CA GLY M 316 2.88 34.95 -2.12
C GLY M 316 3.08 33.52 -2.58
N TRP M 317 4.08 33.34 -3.44
CA TRP M 317 4.61 32.03 -3.80
C TRP M 317 5.66 31.62 -2.78
N LEU M 318 5.73 30.32 -2.48
CA LEU M 318 6.71 29.75 -1.55
C LEU M 318 7.57 28.69 -2.26
N LEU M 319 8.88 28.74 -2.02
CA LEU M 319 9.80 27.70 -2.51
C LEU M 319 10.18 26.75 -1.36
N ILE M 320 9.96 25.45 -1.57
CA ILE M 320 10.22 24.43 -0.56
C ILE M 320 11.12 23.32 -1.07
N ASP M 321 11.46 22.38 -0.18
CA ASP M 321 12.22 21.16 -0.53
C ASP M 321 13.55 21.48 -1.21
N PHE M 322 14.42 22.22 -0.53
CA PHE M 322 15.79 22.42 -1.02
C PHE M 322 16.60 21.14 -0.79
N GLU M 323 16.16 20.07 -1.43
CA GLU M 323 16.58 18.69 -1.12
C GLU M 323 18.11 18.51 -1.06
N GLY M 324 18.87 18.88 -2.10
CA GLY M 324 18.38 19.37 -3.39
C GLY M 324 18.41 18.28 -4.45
N GLU M 325 19.55 17.61 -4.60
CA GLU M 325 19.74 16.55 -5.61
C GLU M 325 19.55 17.05 -7.04
N PRO M 329 25.28 11.92 -2.94
CA PRO M 329 26.47 12.74 -2.92
C PRO M 329 26.13 14.09 -2.30
N LEU M 330 26.17 14.16 -0.98
CA LEU M 330 25.84 15.38 -0.24
C LEU M 330 26.86 16.48 -0.49
N ASP M 331 28.10 16.08 -0.76
CA ASP M 331 29.17 17.01 -1.13
C ASP M 331 28.86 17.71 -2.45
N GLU M 332 28.37 16.96 -3.43
CA GLU M 332 28.00 17.50 -4.74
C GLU M 332 26.74 18.33 -4.70
N ARG M 333 25.83 18.02 -3.78
CA ARG M 333 24.56 18.75 -3.65
C ARG M 333 24.76 20.20 -3.19
N ARG M 334 25.69 20.41 -2.26
CA ARG M 334 26.01 21.75 -1.76
C ARG M 334 26.79 22.61 -2.77
N ARG M 335 27.46 21.98 -3.73
CA ARG M 335 28.27 22.69 -4.72
C ARG M 335 27.44 23.73 -5.49
N PRO M 336 27.97 24.96 -5.68
CA PRO M 336 27.26 26.00 -6.43
C PRO M 336 27.00 25.65 -7.89
N ASP M 337 26.15 26.42 -8.56
CA ASP M 337 25.81 26.16 -9.96
C ASP M 337 25.14 27.37 -10.63
N THR M 338 25.19 27.40 -11.96
CA THR M 338 24.50 28.41 -12.74
C THR M 338 23.01 28.40 -12.41
N PRO M 339 22.43 29.57 -12.10
CA PRO M 339 20.98 29.65 -11.88
C PRO M 339 20.17 29.27 -13.12
N VAL M 340 20.82 29.25 -14.29
CA VAL M 340 20.21 28.77 -15.53
C VAL M 340 19.75 27.31 -15.44
N ARG M 341 20.28 26.55 -14.48
CA ARG M 341 19.83 25.18 -14.22
C ARG M 341 18.46 25.15 -13.54
N ASP M 342 18.22 26.10 -12.65
CA ASP M 342 16.95 26.17 -11.92
C ASP M 342 15.80 26.64 -12.81
N VAL M 343 16.03 27.65 -13.64
CA VAL M 343 15.02 28.10 -14.59
C VAL M 343 14.80 27.06 -15.68
N ALA M 344 15.81 26.24 -15.95
CA ALA M 344 15.65 25.09 -16.84
C ALA M 344 14.70 24.07 -16.22
N GLY M 345 14.82 23.87 -14.91
CA GLY M 345 13.97 22.93 -14.17
C GLY M 345 12.49 23.29 -14.20
N ILE M 346 12.20 24.58 -14.01
CA ILE M 346 10.82 25.07 -14.02
C ILE M 346 10.25 25.00 -15.43
N LEU M 347 11.00 25.48 -16.42
CA LEU M 347 10.57 25.43 -17.82
C LEU M 347 10.40 23.98 -18.29
N ARG M 348 11.24 23.10 -17.76
CA ARG M 348 11.13 21.67 -18.04
C ARG M 348 9.82 21.14 -17.48
N SER M 349 9.47 21.60 -16.28
CA SER M 349 8.28 21.15 -15.58
C SER M 349 6.98 21.61 -16.24
N PHE M 350 7.01 22.77 -16.89
CA PHE M 350 5.84 23.28 -17.60
C PHE M 350 5.41 22.37 -18.74
N GLU M 351 6.38 21.88 -19.51
CA GLU M 351 6.10 20.97 -20.63
C GLU M 351 5.51 19.64 -20.12
N TYR M 352 6.05 19.14 -19.01
CA TYR M 352 5.54 17.90 -18.40
C TYR M 352 4.11 18.04 -17.89
N ALA M 353 3.79 19.20 -17.29
CA ALA M 353 2.43 19.49 -16.85
C ALA M 353 1.44 19.52 -18.01
N ALA M 354 1.85 20.09 -19.14
CA ALA M 354 1.00 20.24 -20.30
C ALA M 354 0.79 18.92 -21.05
N HIS M 355 1.81 18.05 -21.07
CA HIS M 355 1.78 16.85 -21.90
C HIS M 355 1.43 15.56 -21.16
N GLN M 356 1.54 15.55 -19.84
CA GLN M 356 0.98 14.46 -19.04
C GLN M 356 -0.51 14.46 -19.27
N ARG M 357 -1.05 15.68 -19.29
CA ARG M 357 -2.44 15.92 -19.62
C ARG M 357 -2.74 15.42 -21.04
N LEU M 358 -1.87 15.70 -22.01
CA LEU M 358 -2.05 15.24 -23.41
C LEU M 358 -1.92 13.73 -23.57
N VAL M 359 -1.18 13.11 -22.65
CA VAL M 359 -1.12 11.66 -22.55
C VAL M 359 -2.42 11.19 -21.88
N ASP M 360 -2.83 11.93 -20.85
CA ASP M 360 -4.14 11.76 -20.22
C ASP M 360 -5.30 12.22 -21.12
N GLN M 361 -4.95 12.92 -22.20
CA GLN M 361 -5.86 13.26 -23.29
C GLN M 361 -5.69 12.42 -24.53
N ALA M 362 -4.61 11.64 -24.55
CA ALA M 362 -4.51 10.51 -25.43
C ALA M 362 -5.17 9.33 -24.69
N GLY M 363 -5.83 9.65 -23.58
CA GLY M 363 -6.43 8.68 -22.67
C GLY M 363 -7.76 7.99 -22.96
N ASP M 364 -8.82 8.66 -23.46
CA ASP M 364 -8.90 10.03 -24.03
C ASP M 364 -8.49 10.11 -25.53
N ASP M 365 -8.37 8.96 -26.18
CA ASP M 365 -8.15 8.83 -27.62
C ASP M 365 -9.44 9.19 -28.37
N ASP M 366 -9.55 9.09 -29.71
CA ASP M 366 -8.50 8.70 -30.67
C ASP M 366 -8.26 9.72 -31.82
N ASP M 367 -9.32 10.27 -32.42
CA ASP M 367 -9.25 10.90 -33.76
C ASP M 367 -8.38 12.16 -33.92
N ARG M 368 -8.56 13.16 -33.07
CA ARG M 368 -7.93 14.46 -33.24
C ARG M 368 -7.25 14.95 -31.95
N ALA M 369 -6.25 14.20 -31.52
CA ALA M 369 -5.34 14.64 -30.48
C ALA M 369 -4.41 15.73 -31.02
N ARG M 370 -4.36 15.87 -32.34
CA ARG M 370 -3.59 16.92 -33.02
C ARG M 370 -4.00 18.32 -32.58
N GLN M 371 -5.27 18.49 -32.20
CA GLN M 371 -5.77 19.76 -31.67
C GLN M 371 -5.16 20.04 -30.31
N LEU M 372 -5.12 19.02 -29.47
CA LEU M 372 -4.62 19.17 -28.12
C LEU M 372 -3.14 19.52 -28.10
N ALA M 373 -2.37 18.86 -28.96
CA ALA M 373 -0.94 19.16 -29.12
C ALA M 373 -0.73 20.62 -29.50
N ALA M 374 -1.57 21.13 -30.39
CA ALA M 374 -1.50 22.52 -30.84
C ALA M 374 -1.74 23.48 -29.67
N ARG M 375 -2.68 23.12 -28.79
CA ARG M 375 -2.97 23.91 -27.60
C ARG M 375 -1.89 23.77 -26.54
N ALA M 376 -1.35 22.56 -26.40
CA ALA M 376 -0.29 22.32 -25.44
C ALA M 376 0.98 23.10 -25.78
N ARG M 377 1.38 23.03 -27.05
CA ARG M 377 2.53 23.78 -27.52
C ARG M 377 2.32 25.27 -27.29
N GLU M 378 1.09 25.73 -27.54
CA GLU M 378 0.70 27.11 -27.23
C GLU M 378 0.89 27.42 -25.76
N TRP M 379 0.32 26.57 -24.90
CA TRP M 379 0.35 26.79 -23.46
C TRP M 379 1.77 26.65 -22.91
N VAL M 380 2.48 25.61 -23.34
CA VAL M 380 3.84 25.35 -22.87
C VAL M 380 4.76 26.53 -23.17
N THR M 381 4.71 27.03 -24.39
CA THR M 381 5.60 28.12 -24.82
C THR M 381 5.19 29.50 -24.29
N ARG M 382 3.92 29.65 -23.89
CA ARG M 382 3.42 30.96 -23.44
C ARG M 382 3.72 31.23 -21.97
N ASN M 383 3.60 30.21 -21.13
CA ASN M 383 3.89 30.33 -19.70
C ASN M 383 5.37 30.26 -19.40
N CYS M 384 6.12 29.59 -20.28
CA CYS M 384 7.57 29.64 -20.24
C CYS M 384 8.06 31.05 -20.54
N ALA M 385 7.40 31.69 -21.51
CA ALA M 385 7.67 33.09 -21.83
C ALA M 385 7.29 33.98 -20.65
N SER M 386 6.07 33.83 -20.14
CA SER M 386 5.59 34.62 -19.01
C SER M 386 6.49 34.45 -17.79
N PHE M 387 7.00 33.24 -17.57
CA PHE M 387 7.90 32.96 -16.44
C PHE M 387 9.25 33.66 -16.59
N CYS M 388 9.87 33.49 -17.75
CA CYS M 388 11.15 34.13 -18.05
C CYS M 388 11.03 35.66 -18.00
N ASP M 389 9.90 36.18 -18.47
CA ASP M 389 9.63 37.62 -18.43
C ASP M 389 9.62 38.14 -16.99
N GLY M 390 8.95 37.41 -16.11
CA GLY M 390 8.88 37.77 -14.70
C GLY M 390 10.21 37.65 -13.97
N TYR M 391 10.98 36.62 -14.33
CA TYR M 391 12.32 36.44 -13.78
C TYR M 391 13.20 37.62 -14.17
N ALA M 392 13.17 37.96 -15.45
CA ALA M 392 13.97 39.07 -15.98
C ALA M 392 13.52 40.43 -15.46
N ALA M 393 12.26 40.53 -15.04
CA ALA M 393 11.73 41.76 -14.46
C ALA M 393 12.25 42.01 -13.04
N GLU M 394 12.65 40.93 -12.35
CA GLU M 394 13.14 41.03 -10.97
C GLU M 394 14.62 41.39 -10.93
N ALA M 395 15.46 40.53 -11.50
CA ALA M 395 16.88 40.84 -11.64
C ALA M 395 17.11 41.41 -13.04
N GLY M 396 18.04 42.36 -13.15
CA GLY M 396 18.37 42.99 -14.44
C GLY M 396 18.65 41.99 -15.54
N THR M 397 19.35 40.90 -15.18
CA THR M 397 19.69 39.83 -16.12
C THR M 397 18.46 39.09 -16.63
N ASP M 398 18.42 38.83 -17.94
CA ASP M 398 17.38 38.02 -18.57
C ASP M 398 17.99 36.65 -18.94
N PRO M 399 17.35 35.55 -18.51
CA PRO M 399 17.84 34.19 -18.83
C PRO M 399 17.84 33.86 -20.31
N ARG M 400 16.78 34.28 -21.01
CA ARG M 400 16.67 34.10 -22.46
C ARG M 400 17.69 34.96 -23.24
N ASP M 401 18.15 36.06 -22.64
CA ASP M 401 19.18 36.90 -23.25
C ASP M 401 20.50 36.14 -23.41
N SER M 402 20.84 35.31 -22.42
CA SER M 402 21.94 34.36 -22.53
C SER M 402 21.36 32.96 -22.80
N ALA M 403 20.67 32.84 -23.94
CA ALA M 403 19.88 31.65 -24.27
C ALA M 403 20.71 30.38 -24.43
N ASP M 404 21.86 30.49 -25.08
CA ASP M 404 22.69 29.32 -25.37
C ASP M 404 23.07 28.52 -24.12
N LEU M 405 23.35 29.21 -23.02
CA LEU M 405 23.66 28.55 -21.74
C LEU M 405 22.46 27.81 -21.18
N LEU M 406 21.29 28.42 -21.30
CA LEU M 406 20.02 27.83 -20.84
C LEU M 406 19.63 26.63 -21.69
N ALA M 407 19.70 26.79 -23.01
CA ALA M 407 19.35 25.73 -23.97
C ALA M 407 20.17 24.47 -23.76
N ALA M 408 21.39 24.64 -23.24
CA ALA M 408 22.25 23.51 -22.92
C ALA M 408 21.70 22.76 -21.70
N TYR M 409 21.42 23.48 -20.62
CA TYR M 409 20.91 22.87 -19.39
C TYR M 409 19.52 22.28 -19.55
N GLU M 410 18.71 22.86 -20.44
CA GLU M 410 17.40 22.29 -20.78
C GLU M 410 17.59 20.93 -21.46
N LEU M 411 18.54 20.87 -22.40
CA LEU M 411 18.87 19.62 -23.08
C LEU M 411 19.42 18.56 -22.11
N ASP M 412 20.22 18.99 -21.13
CA ASP M 412 20.79 18.08 -20.13
C ASP M 412 19.70 17.56 -19.20
N LYS M 413 18.81 18.45 -18.75
CA LYS M 413 17.70 18.05 -17.91
C LYS M 413 16.76 17.09 -18.63
N ALA M 414 16.74 17.15 -19.97
CA ALA M 414 15.96 16.22 -20.79
C ALA M 414 16.64 14.84 -20.89
N VAL M 415 17.97 14.84 -20.96
CA VAL M 415 18.74 13.59 -21.00
C VAL M 415 18.64 12.82 -19.68
N TYR M 416 18.72 13.55 -18.57
CA TYR M 416 18.50 12.96 -17.24
C TYR M 416 17.05 12.53 -17.06
N GLU M 417 16.13 13.30 -17.63
CA GLU M 417 14.70 12.98 -17.61
C GLU M 417 14.38 11.73 -18.42
N ALA M 418 15.03 11.58 -19.57
CA ALA M 418 14.84 10.41 -20.42
C ALA M 418 15.28 9.14 -19.68
N ALA M 419 16.50 9.15 -19.16
CA ALA M 419 17.06 7.98 -18.46
C ALA M 419 16.32 7.66 -17.16
N TYR M 420 15.98 8.70 -16.40
CA TYR M 420 15.23 8.52 -15.14
C TYR M 420 13.82 7.99 -15.40
N GLU M 421 13.21 8.44 -16.50
CA GLU M 421 11.87 7.98 -16.88
C GLU M 421 11.93 6.59 -17.52
N ALA M 422 12.76 6.44 -18.55
CA ALA M 422 12.82 5.22 -19.36
C ALA M 422 12.95 3.95 -18.51
N ARG M 423 13.85 3.98 -17.52
CA ARG M 423 14.08 2.85 -16.62
C ARG M 423 12.84 2.56 -15.78
N HIS M 424 12.28 3.60 -15.18
CA HIS M 424 11.09 3.46 -14.33
C HIS M 424 9.79 3.28 -15.13
N ARG M 425 9.48 4.24 -16.00
CA ARG M 425 8.22 4.24 -16.77
C ARG M 425 8.47 4.34 -18.29
N PRO M 426 8.13 3.27 -19.04
CA PRO M 426 8.32 3.27 -20.51
C PRO M 426 7.42 4.26 -21.25
N SER M 427 6.22 4.48 -20.71
CA SER M 427 5.23 5.36 -21.34
C SER M 427 5.66 6.82 -21.41
N TRP M 428 6.52 7.24 -20.48
CA TRP M 428 7.03 8.62 -20.43
C TRP M 428 7.92 8.98 -21.63
N LEU M 429 8.75 8.02 -22.06
CA LEU M 429 9.79 8.21 -23.09
C LEU M 429 9.51 9.17 -24.27
N PRO M 430 8.27 9.17 -24.81
CA PRO M 430 7.90 10.19 -25.81
C PRO M 430 8.01 11.64 -25.34
N ILE M 431 7.77 11.90 -24.06
CA ILE M 431 7.84 13.26 -23.51
C ILE M 431 9.25 13.85 -23.54
N PRO M 432 10.24 13.13 -22.96
CA PRO M 432 11.64 13.59 -23.12
C PRO M 432 12.14 13.61 -24.57
N LEU M 433 11.80 12.57 -25.34
CA LEU M 433 12.28 12.42 -26.72
C LEU M 433 11.69 13.49 -27.64
N GLY M 434 10.39 13.72 -27.51
CA GLY M 434 9.71 14.76 -28.31
C GLY M 434 10.15 16.17 -27.97
N SER M 435 10.35 16.42 -26.68
CA SER M 435 10.82 17.73 -26.20
C SER M 435 12.29 17.97 -26.59
N ILE M 436 13.09 16.91 -26.57
CA ILE M 436 14.47 16.96 -27.07
C ILE M 436 14.45 17.33 -28.56
N ALA M 437 13.50 16.76 -29.29
CA ALA M 437 13.32 17.07 -30.71
C ALA M 437 12.84 18.50 -30.92
N ARG M 438 11.99 18.99 -30.02
CA ARG M 438 11.50 20.36 -30.07
C ARG M 438 12.64 21.39 -29.90
N LEU M 439 13.58 21.09 -29.00
CA LEU M 439 14.73 21.96 -28.76
C LEU M 439 15.96 21.44 -29.51
N ASP N 88 -6.26 -13.08 5.55
CA ASP N 88 -5.60 -14.03 4.62
C ASP N 88 -6.64 -14.61 3.65
N PRO N 89 -6.38 -14.49 2.34
CA PRO N 89 -7.28 -15.08 1.34
C PRO N 89 -7.13 -16.60 1.22
N ASP N 90 -5.89 -17.07 1.10
CA ASP N 90 -5.61 -18.50 0.95
C ASP N 90 -6.08 -19.32 2.15
N ALA N 91 -6.13 -18.70 3.33
CA ALA N 91 -6.61 -19.36 4.55
C ALA N 91 -8.14 -19.46 4.57
N THR N 92 -8.80 -18.31 4.43
CA THR N 92 -10.25 -18.26 4.44
C THR N 92 -10.86 -18.97 3.24
N ARG N 93 -10.13 -19.00 2.12
CA ARG N 93 -10.56 -19.72 0.92
C ARG N 93 -10.64 -21.23 1.20
N TYR N 94 -9.60 -21.76 1.85
CA TYR N 94 -9.55 -23.18 2.21
C TYR N 94 -10.65 -23.56 3.23
N LEU N 95 -10.91 -22.67 4.18
CA LEU N 95 -11.97 -22.90 5.16
C LEU N 95 -13.33 -23.00 4.49
N LEU N 96 -13.54 -22.23 3.42
CA LEU N 96 -14.79 -22.28 2.65
C LEU N 96 -14.92 -23.56 1.80
N SER N 97 -13.80 -24.13 1.38
CA SER N 97 -13.81 -25.41 0.66
C SER N 97 -14.21 -26.56 1.58
N LEU N 98 -13.86 -26.45 2.86
CA LEU N 98 -14.19 -27.46 3.86
C LEU N 98 -15.68 -27.53 4.18
N ILE N 99 -16.38 -26.39 4.05
CA ILE N 99 -17.82 -26.35 4.25
C ILE N 99 -18.59 -26.71 2.96
N ASP N 100 -17.85 -26.89 1.87
CA ASP N 100 -18.37 -27.39 0.60
C ASP N 100 -18.13 -28.90 0.42
N GLU N 101 -17.06 -29.41 1.02
CA GLU N 101 -16.63 -30.82 0.85
C GLU N 101 -17.70 -31.89 1.09
N SER N 102 -18.48 -31.83 2.17
CA SER N 102 -18.31 -30.90 3.29
C SER N 102 -17.77 -31.67 4.47
N ALA N 103 -16.48 -31.53 4.73
CA ALA N 103 -15.74 -32.47 5.58
C ALA N 103 -15.98 -32.28 7.08
N THR N 104 -15.47 -33.25 7.83
CA THR N 104 -15.42 -33.20 9.30
C THR N 104 -14.00 -33.55 9.71
N VAL N 105 -13.41 -32.72 10.58
CA VAL N 105 -11.99 -32.86 10.94
C VAL N 105 -11.76 -33.00 12.44
N GLN N 106 -11.67 -34.24 12.92
CA GLN N 106 -11.39 -34.57 14.32
C GLN N 106 -12.49 -34.11 15.29
N ASN N 107 -12.61 -32.81 15.48
CA ASN N 107 -13.60 -32.23 16.39
C ASN N 107 -14.74 -31.49 15.65
N VAL N 108 -14.38 -30.55 14.79
CA VAL N 108 -15.36 -29.68 14.13
C VAL N 108 -15.90 -30.29 12.83
N ARG N 109 -17.23 -30.32 12.72
CA ARG N 109 -17.92 -30.81 11.52
C ARG N 109 -18.45 -29.64 10.68
N PHE N 110 -18.29 -29.73 9.37
CA PHE N 110 -18.78 -28.72 8.44
C PHE N 110 -19.91 -29.30 7.58
N VAL N 111 -21.05 -28.60 7.55
CA VAL N 111 -22.23 -29.06 6.80
C VAL N 111 -22.69 -28.03 5.76
N ARG N 112 -23.64 -28.42 4.93
CA ARG N 112 -24.21 -27.53 3.92
C ARG N 112 -25.65 -27.93 3.52
N GLU N 113 -26.36 -26.97 2.93
CA GLU N 113 -27.76 -27.14 2.53
C GLU N 113 -27.85 -27.62 1.07
N PRO N 114 -29.07 -27.93 0.60
CA PRO N 114 -29.28 -28.18 -0.84
C PRO N 114 -29.10 -26.92 -1.70
N ASP N 115 -27.83 -26.57 -1.96
CA ASP N 115 -27.48 -25.39 -2.76
C ASP N 115 -26.04 -25.52 -3.25
N VAL N 116 -25.52 -24.45 -3.87
CA VAL N 116 -24.13 -24.43 -4.35
C VAL N 116 -23.35 -23.29 -3.69
N GLU N 117 -22.10 -23.56 -3.33
CA GLU N 117 -21.22 -22.54 -2.75
C GLU N 117 -20.64 -21.63 -3.84
N LEU N 118 -19.76 -20.70 -3.46
CA LEU N 118 -19.10 -19.80 -4.41
C LEU N 118 -17.60 -19.59 -4.09
N PRO N 119 -16.79 -20.67 -4.20
CA PRO N 119 -15.36 -20.59 -3.88
C PRO N 119 -14.50 -20.12 -5.06
N LEU N 120 -13.26 -19.73 -4.76
CA LEU N 120 -12.31 -19.23 -5.76
C LEU N 120 -12.59 -17.79 -6.23
N ASP N 121 -13.39 -17.05 -5.45
CA ASP N 121 -13.72 -15.65 -5.75
C ASP N 121 -13.08 -14.71 -4.73
N ALA N 122 -12.67 -13.52 -5.17
CA ALA N 122 -11.89 -12.58 -4.35
C ALA N 122 -12.50 -12.37 -2.94
N PRO N 123 -11.72 -12.65 -1.87
CA PRO N 123 -12.21 -12.49 -0.50
C PRO N 123 -11.47 -11.44 0.35
N PRO N 124 -12.11 -10.28 0.61
CA PRO N 124 -11.67 -9.37 1.68
C PRO N 124 -12.34 -9.66 3.03
N ARG N 125 -11.92 -8.95 4.09
CA ARG N 125 -12.60 -8.97 5.38
C ARG N 125 -13.68 -7.88 5.41
N VAL N 126 -14.40 -7.75 6.53
CA VAL N 126 -15.47 -6.75 6.65
C VAL N 126 -15.18 -5.70 7.73
N PHE N 127 -15.45 -4.44 7.40
CA PHE N 127 -15.16 -3.28 8.26
C PHE N 127 -16.43 -2.70 8.90
N GLY N 128 -17.24 -3.59 9.48
CA GLY N 128 -18.36 -3.22 10.34
C GLY N 128 -18.47 -4.25 11.45
N ALA N 129 -17.32 -4.56 12.05
CA ALA N 129 -17.18 -5.72 12.94
C ALA N 129 -17.60 -5.40 14.38
N GLU N 130 -18.61 -6.11 14.86
CA GLU N 130 -18.98 -6.09 16.28
C GLU N 130 -17.89 -6.84 17.04
N GLN N 131 -17.74 -6.52 18.33
CA GLN N 131 -16.65 -7.09 19.15
C GLN N 131 -16.62 -8.63 19.17
N SER N 132 -17.79 -9.24 19.01
CA SER N 132 -17.93 -10.70 19.09
C SER N 132 -17.71 -11.45 17.77
N ASN N 133 -17.48 -10.74 16.66
CA ASN N 133 -17.24 -11.41 15.38
C ASN N 133 -16.62 -10.55 14.28
N THR N 134 -15.92 -11.23 13.38
CA THR N 134 -15.38 -10.64 12.17
C THR N 134 -15.69 -11.59 11.00
N SER N 135 -15.73 -11.05 9.79
CA SER N 135 -16.25 -11.79 8.63
C SER N 135 -15.58 -11.45 7.31
N VAL N 136 -15.72 -12.35 6.34
CA VAL N 136 -15.21 -12.15 4.98
C VAL N 136 -16.33 -12.33 3.96
N VAL N 137 -16.14 -11.76 2.78
CA VAL N 137 -17.14 -11.83 1.71
C VAL N 137 -16.48 -12.33 0.43
N PHE N 138 -17.15 -13.24 -0.27
CA PHE N 138 -16.63 -13.81 -1.51
C PHE N 138 -17.35 -13.19 -2.70
N GLY N 139 -16.65 -12.32 -3.41
CA GLY N 139 -17.23 -11.61 -4.54
C GLY N 139 -18.43 -10.77 -4.12
N GLU N 140 -19.56 -10.99 -4.78
CA GLU N 140 -20.84 -10.42 -4.38
C GLU N 140 -21.88 -11.54 -4.41
N ASP N 141 -21.51 -12.67 -3.82
CA ASP N 141 -22.35 -13.88 -3.82
C ASP N 141 -22.62 -14.46 -2.43
N ALA N 142 -21.59 -14.52 -1.58
CA ALA N 142 -21.71 -15.13 -0.25
C ALA N 142 -20.90 -14.38 0.82
N ILE N 143 -21.37 -14.42 2.06
CA ILE N 143 -20.70 -13.74 3.18
C ILE N 143 -20.45 -14.72 4.35
N PHE N 144 -19.18 -15.04 4.57
CA PHE N 144 -18.75 -15.99 5.59
C PHE N 144 -18.44 -15.26 6.90
N LYS N 145 -19.00 -15.73 8.00
CA LYS N 145 -18.87 -15.05 9.31
C LYS N 145 -18.36 -16.00 10.39
N LEU N 146 -17.45 -15.51 11.23
CA LEU N 146 -16.79 -16.33 12.25
C LEU N 146 -16.69 -15.61 13.60
N PHE N 147 -17.22 -16.25 14.65
CA PHE N 147 -17.27 -15.66 16.00
C PHE N 147 -15.95 -15.82 16.72
N ARG N 148 -15.29 -14.69 17.02
CA ARG N 148 -14.02 -14.70 17.75
C ARG N 148 -14.21 -15.27 19.15
N ARG N 149 -15.08 -14.63 19.94
CA ARG N 149 -15.43 -15.13 21.26
C ARG N 149 -16.53 -16.18 21.16
N ILE N 150 -16.35 -17.30 21.85
CA ILE N 150 -17.27 -18.43 21.77
C ILE N 150 -18.14 -18.50 23.02
N THR N 151 -19.41 -18.87 22.83
CA THR N 151 -20.34 -19.15 23.92
C THR N 151 -21.09 -20.44 23.59
N PRO N 152 -21.68 -21.10 24.61
CA PRO N 152 -22.35 -22.39 24.36
C PRO N 152 -23.55 -22.27 23.40
N GLY N 153 -23.86 -23.36 22.70
CA GLY N 153 -24.91 -23.35 21.68
C GLY N 153 -26.31 -23.50 22.27
N VAL N 154 -27.35 -23.46 21.44
CA VAL N 154 -27.25 -23.24 19.99
C VAL N 154 -27.60 -21.81 19.62
N HIS N 155 -27.14 -21.39 18.46
CA HIS N 155 -27.37 -20.04 17.95
C HIS N 155 -28.72 -19.98 17.21
N PRO N 156 -29.67 -19.17 17.71
CA PRO N 156 -31.00 -19.12 17.08
C PRO N 156 -31.06 -18.42 15.70
N ASP N 157 -30.10 -17.55 15.41
CA ASP N 157 -29.98 -16.96 14.06
C ASP N 157 -29.85 -18.07 13.01
N ILE N 158 -28.96 -19.03 13.27
CA ILE N 158 -28.71 -20.15 12.36
C ILE N 158 -29.90 -21.10 12.34
N GLU N 159 -30.44 -21.39 13.53
CA GLU N 159 -31.52 -22.34 13.68
C GLU N 159 -32.74 -21.93 12.87
N LEU N 160 -33.21 -20.71 13.08
CA LEU N 160 -34.44 -20.23 12.47
C LEU N 160 -34.33 -20.06 10.94
N ASN N 161 -33.12 -19.79 10.45
CA ASN N 161 -32.90 -19.68 9.00
C ASN N 161 -32.98 -21.01 8.27
N ARG N 162 -32.45 -22.05 8.90
CA ARG N 162 -32.41 -23.39 8.29
C ARG N 162 -33.79 -23.87 7.88
N VAL N 163 -34.65 -24.11 8.88
CA VAL N 163 -36.01 -24.63 8.66
C VAL N 163 -36.86 -23.66 7.82
N LEU N 164 -36.49 -22.38 7.85
CA LEU N 164 -37.16 -21.34 7.08
C LEU N 164 -36.69 -21.31 5.61
N ALA N 165 -35.43 -21.66 5.38
CA ALA N 165 -34.88 -21.77 4.04
C ALA N 165 -35.40 -23.01 3.32
N ARG N 166 -35.43 -24.13 4.03
CA ARG N 166 -36.00 -25.37 3.48
C ARG N 166 -37.48 -25.23 3.16
N ALA N 167 -38.22 -24.53 4.02
CA ALA N 167 -39.65 -24.31 3.81
C ALA N 167 -39.94 -23.43 2.58
N GLY N 168 -38.94 -22.70 2.11
CA GLY N 168 -39.03 -21.94 0.87
C GLY N 168 -39.46 -20.49 1.05
N ASN N 169 -39.28 -19.97 2.26
CA ASN N 169 -39.67 -18.60 2.57
C ASN N 169 -38.79 -17.60 1.82
N PRO N 170 -39.40 -16.75 0.97
CA PRO N 170 -38.58 -15.81 0.19
C PRO N 170 -38.08 -14.56 0.93
N HIS N 171 -38.50 -14.35 2.18
CA HIS N 171 -38.17 -13.11 2.91
C HIS N 171 -36.96 -13.22 3.86
N VAL N 172 -36.00 -14.07 3.55
CA VAL N 172 -34.78 -14.21 4.35
C VAL N 172 -33.56 -14.51 3.46
N ALA N 173 -32.39 -14.01 3.86
CA ALA N 173 -31.14 -14.29 3.13
C ALA N 173 -30.75 -15.75 3.26
N ARG N 174 -30.80 -16.48 2.15
CA ARG N 174 -30.65 -17.93 2.14
C ARG N 174 -29.35 -18.37 2.83
N LEU N 175 -29.47 -19.27 3.80
CA LEU N 175 -28.31 -19.82 4.52
C LEU N 175 -27.61 -20.88 3.70
N LEU N 176 -26.29 -20.97 3.86
CA LEU N 176 -25.51 -22.01 3.18
C LEU N 176 -24.90 -23.03 4.17
N GLY N 177 -24.28 -22.55 5.27
CA GLY N 177 -23.66 -23.46 6.23
C GLY N 177 -23.14 -22.82 7.51
N SER N 178 -22.51 -23.64 8.35
CA SER N 178 -21.97 -23.20 9.64
C SER N 178 -21.05 -24.26 10.26
N PHE N 179 -20.39 -23.91 11.37
CA PHE N 179 -19.52 -24.87 12.09
C PHE N 179 -19.46 -24.60 13.58
N GLU N 180 -19.10 -25.64 14.34
CA GLU N 180 -19.14 -25.58 15.80
C GLU N 180 -18.18 -26.61 16.43
N THR N 181 -18.14 -26.62 17.77
CA THR N 181 -17.33 -27.57 18.54
C THR N 181 -18.00 -27.87 19.89
N GLU N 182 -17.47 -28.88 20.61
CA GLU N 182 -18.06 -29.32 21.89
C GLU N 182 -17.09 -29.22 23.06
N TRP N 183 -16.74 -27.98 23.43
CA TRP N 183 -15.83 -27.70 24.55
C TRP N 183 -16.50 -27.98 25.89
N GLU N 184 -15.71 -28.46 26.85
CA GLU N 184 -16.18 -28.71 28.21
C GLU N 184 -17.42 -29.60 28.28
N GLY N 185 -18.61 -28.99 28.31
CA GLY N 185 -19.86 -29.72 28.53
C GLY N 185 -20.72 -29.86 27.30
N GLU N 186 -21.13 -28.73 26.73
CA GLU N 186 -22.11 -28.69 25.63
C GLU N 186 -21.47 -28.21 24.32
N PRO N 187 -22.29 -28.02 23.26
CA PRO N 187 -21.78 -27.46 22.00
C PRO N 187 -21.48 -25.96 22.04
N TYR N 188 -20.66 -25.51 21.09
CA TYR N 188 -20.25 -24.12 20.96
C TYR N 188 -20.23 -23.72 19.49
N ALA N 189 -21.20 -22.92 19.07
CA ALA N 189 -21.22 -22.40 17.69
C ALA N 189 -19.99 -21.53 17.46
N LEU N 190 -19.44 -21.57 16.25
CA LEU N 190 -18.24 -20.79 15.91
C LEU N 190 -18.32 -19.93 14.63
N GLY N 191 -19.30 -20.14 13.77
CA GLY N 191 -19.42 -19.33 12.57
C GLY N 191 -20.50 -19.76 11.61
N MET N 192 -20.85 -18.87 10.68
CA MET N 192 -21.91 -19.12 9.70
C MET N 192 -21.55 -18.50 8.35
N VAL N 193 -22.25 -18.95 7.31
CA VAL N 193 -22.12 -18.39 5.97
C VAL N 193 -23.50 -18.32 5.31
N THR N 194 -23.79 -17.19 4.67
CA THR N 194 -25.12 -16.96 4.11
C THR N 194 -25.03 -16.20 2.79
N GLU N 195 -26.07 -16.36 1.96
CA GLU N 195 -26.14 -15.73 0.65
C GLU N 195 -26.16 -14.21 0.79
N PHE N 196 -25.16 -13.57 0.19
CA PHE N 196 -24.93 -12.14 0.41
C PHE N 196 -25.86 -11.28 -0.43
N ALA N 197 -26.72 -10.53 0.26
CA ALA N 197 -27.65 -9.65 -0.40
C ALA N 197 -26.93 -8.42 -0.92
N ALA N 198 -26.30 -8.55 -2.07
CA ALA N 198 -25.71 -7.40 -2.74
C ALA N 198 -26.84 -6.54 -3.28
N ASN N 199 -26.64 -5.22 -3.28
CA ASN N 199 -27.71 -4.27 -3.59
C ASN N 199 -28.86 -4.39 -2.57
N SER N 200 -28.58 -3.93 -1.36
CA SER N 200 -29.54 -3.94 -0.26
C SER N 200 -29.58 -2.55 0.36
N ALA N 201 -30.58 -2.33 1.20
CA ALA N 201 -30.68 -1.10 1.98
C ALA N 201 -31.51 -1.35 3.22
N GLU N 202 -31.08 -0.78 4.35
CA GLU N 202 -31.77 -1.00 5.63
C GLU N 202 -33.13 -0.32 5.65
N GLY N 203 -34.03 -0.89 6.45
CA GLY N 203 -35.37 -0.31 6.63
C GLY N 203 -35.30 1.05 7.31
N TRP N 204 -34.49 1.15 8.35
CA TRP N 204 -34.35 2.41 9.09
C TRP N 204 -33.81 3.51 8.20
N ASP N 205 -32.82 3.17 7.37
CA ASP N 205 -32.23 4.14 6.42
C ASP N 205 -33.22 4.58 5.35
N MET N 206 -34.19 3.71 5.04
CA MET N 206 -35.18 3.97 4.00
C MET N 206 -36.39 4.73 4.55
N ALA N 207 -36.75 4.43 5.79
CA ALA N 207 -37.78 5.21 6.50
C ALA N 207 -37.24 6.59 6.84
N THR N 208 -35.96 6.66 7.20
CA THR N 208 -35.32 7.94 7.52
C THR N 208 -35.35 8.92 6.35
N THR N 209 -35.28 8.42 5.13
CA THR N 209 -35.34 9.26 3.92
C THR N 209 -36.76 9.69 3.57
N SER N 210 -37.75 8.91 3.97
CA SER N 210 -39.16 9.29 3.80
C SER N 210 -39.60 10.28 4.90
N THR N 211 -39.12 10.05 6.11
CA THR N 211 -39.34 10.98 7.22
C THR N 211 -38.60 12.29 6.97
N ARG N 212 -37.50 12.21 6.24
CA ARG N 212 -36.75 13.38 5.78
C ARG N 212 -37.54 14.21 4.76
N ASP N 213 -38.35 13.53 3.97
CA ASP N 213 -39.11 14.15 2.88
C ASP N 213 -40.21 15.08 3.39
N LEU N 214 -41.11 14.55 4.21
CA LEU N 214 -42.23 15.33 4.76
C LEU N 214 -41.73 16.57 5.46
N PHE N 215 -40.76 16.35 6.32
CA PHE N 215 -40.30 17.32 7.27
C PHE N 215 -39.63 18.52 6.58
N ALA N 216 -38.62 18.24 5.76
CA ALA N 216 -38.05 19.25 4.87
C ALA N 216 -39.10 19.65 3.86
N GLU N 217 -39.24 20.96 3.60
CA GLU N 217 -40.31 21.45 2.73
C GLU N 217 -41.66 20.83 3.13
N GLY N 218 -42.02 21.01 4.40
CA GLY N 218 -43.21 20.40 4.99
C GLY N 218 -44.46 21.24 4.88
N ASP N 219 -45.42 20.97 5.77
CA ASP N 219 -46.74 21.61 5.73
C ASP N 219 -47.50 21.29 4.44
N LEU N 220 -47.35 20.06 3.95
CA LEU N 220 -47.98 19.66 2.68
C LEU N 220 -48.69 18.31 2.76
N TYR N 221 -49.00 17.86 3.97
CA TYR N 221 -49.72 16.58 4.19
C TYR N 221 -48.82 15.35 4.04
N ALA N 222 -49.15 14.30 4.80
CA ALA N 222 -48.36 13.06 4.82
C ALA N 222 -48.65 12.12 3.65
N GLU N 223 -49.85 12.24 3.08
CA GLU N 223 -50.26 11.41 1.96
C GLU N 223 -49.94 12.03 0.62
N GLU N 224 -49.88 13.37 0.58
CA GLU N 224 -49.65 14.09 -0.67
C GLU N 224 -48.19 14.05 -1.12
N VAL N 225 -47.25 14.08 -0.17
CA VAL N 225 -45.82 14.07 -0.48
C VAL N 225 -45.41 12.83 -1.27
N GLY N 226 -44.42 12.97 -2.14
CA GLY N 226 -43.92 11.87 -2.94
C GLY N 226 -43.24 10.80 -2.11
N GLY N 227 -42.53 11.23 -1.07
CA GLY N 227 -41.75 10.33 -0.22
C GLY N 227 -42.52 9.25 0.51
N ASP N 228 -43.86 9.37 0.51
CA ASP N 228 -44.76 8.43 1.17
C ASP N 228 -44.26 6.98 1.27
N PHE N 229 -44.04 6.53 2.50
CA PHE N 229 -43.54 5.18 2.79
C PHE N 229 -44.67 4.17 2.90
N ALA N 230 -45.91 4.64 3.00
CA ALA N 230 -47.09 3.81 3.26
C ALA N 230 -47.19 2.54 2.41
N GLY N 231 -46.90 2.65 1.11
CA GLY N 231 -46.95 1.50 0.21
C GLY N 231 -45.92 0.46 0.56
N GLU N 232 -44.72 0.92 0.91
CA GLU N 232 -43.62 0.04 1.26
C GLU N 232 -43.84 -0.58 2.64
N ALA N 233 -44.44 0.18 3.55
CA ALA N 233 -44.77 -0.30 4.89
C ALA N 233 -45.75 -1.47 4.84
N TYR N 234 -46.75 -1.35 3.96
CA TYR N 234 -47.75 -2.41 3.75
C TYR N 234 -47.10 -3.71 3.28
N ARG N 235 -46.17 -3.58 2.33
CA ARG N 235 -45.43 -4.74 1.83
C ARG N 235 -44.60 -5.39 2.93
N LEU N 236 -43.97 -4.57 3.77
CA LEU N 236 -43.20 -5.05 4.93
C LEU N 236 -44.10 -5.76 5.95
N GLY N 237 -45.37 -5.37 6.00
CA GLY N 237 -46.33 -6.03 6.87
C GLY N 237 -46.53 -7.49 6.51
N GLU N 238 -46.96 -7.74 5.28
CA GLU N 238 -47.15 -9.10 4.78
C GLU N 238 -45.86 -9.90 4.69
N ALA N 239 -44.72 -9.21 4.68
CA ALA N 239 -43.41 -9.85 4.75
C ALA N 239 -43.16 -10.46 6.12
N VAL N 240 -43.40 -9.68 7.17
CA VAL N 240 -43.24 -10.15 8.55
C VAL N 240 -44.31 -11.20 8.91
N ALA N 241 -45.52 -11.01 8.38
CA ALA N 241 -46.61 -11.96 8.59
C ALA N 241 -46.35 -13.30 7.91
N SER N 242 -45.64 -13.25 6.78
CA SER N 242 -45.32 -14.45 6.01
C SER N 242 -44.37 -15.36 6.79
N VAL N 243 -43.27 -14.78 7.28
CA VAL N 243 -42.30 -15.52 8.09
C VAL N 243 -42.92 -16.05 9.38
N HIS N 244 -43.78 -15.24 10.02
CA HIS N 244 -44.49 -15.65 11.24
C HIS N 244 -45.39 -16.87 11.04
N ALA N 245 -46.21 -16.84 9.98
CA ALA N 245 -47.14 -17.93 9.66
C ALA N 245 -46.37 -19.18 9.24
N CYS N 246 -45.31 -19.00 8.47
CA CYS N 246 -44.43 -20.10 8.05
C CYS N 246 -43.68 -20.70 9.24
N LEU N 247 -43.25 -19.86 10.16
CA LEU N 247 -42.52 -20.30 11.35
C LEU N 247 -43.44 -21.11 12.26
N ALA N 248 -44.68 -20.65 12.42
CA ALA N 248 -45.68 -21.33 13.22
C ALA N 248 -46.04 -22.72 12.69
N HIS N 249 -45.92 -22.91 11.37
CA HIS N 249 -46.22 -24.20 10.74
C HIS N 249 -45.23 -25.27 11.19
N GLU N 250 -43.93 -24.95 11.13
CA GLU N 250 -42.88 -25.89 11.53
C GLU N 250 -42.59 -25.87 13.03
N LEU N 251 -42.53 -24.69 13.63
CA LEU N 251 -42.28 -24.55 15.06
C LEU N 251 -43.46 -25.06 15.90
N GLY N 252 -44.67 -24.93 15.38
CA GLY N 252 -45.88 -25.28 16.11
C GLY N 252 -46.35 -24.13 16.98
N THR N 253 -47.54 -24.26 17.54
CA THR N 253 -48.13 -23.22 18.40
C THR N 253 -48.57 -23.83 19.74
N GLU N 254 -48.67 -22.97 20.75
CA GLU N 254 -49.19 -23.35 22.06
C GLU N 254 -50.00 -22.21 22.64
N GLU N 255 -50.81 -22.50 23.65
CA GLU N 255 -51.59 -21.48 24.34
C GLU N 255 -50.97 -21.22 25.72
N VAL N 256 -50.86 -19.95 26.09
CA VAL N 256 -50.30 -19.56 27.39
C VAL N 256 -50.94 -18.25 27.83
N PRO N 257 -50.99 -17.99 29.16
CA PRO N 257 -51.57 -16.72 29.62
C PRO N 257 -50.56 -15.58 29.64
N PHE N 258 -51.06 -14.34 29.51
CA PHE N 258 -50.22 -13.15 29.51
C PHE N 258 -49.31 -13.13 30.75
N PRO N 259 -47.99 -12.93 30.54
CA PRO N 259 -47.03 -12.96 31.66
C PRO N 259 -47.22 -11.78 32.62
N ALA N 260 -48.30 -11.81 33.41
CA ALA N 260 -48.66 -10.70 34.29
C ALA N 260 -47.58 -10.42 35.32
N ASP N 261 -47.23 -11.45 36.10
CA ASP N 261 -46.21 -11.33 37.14
C ASP N 261 -44.80 -11.12 36.59
N VAL N 262 -44.55 -11.64 35.38
CA VAL N 262 -43.25 -11.48 34.72
C VAL N 262 -43.07 -10.06 34.18
N MET N 263 -44.09 -9.56 33.50
CA MET N 263 -44.08 -8.21 32.91
C MET N 263 -44.31 -7.12 33.97
N ALA N 264 -44.83 -7.50 35.13
CA ALA N 264 -44.90 -6.61 36.28
C ALA N 264 -43.50 -6.40 36.86
N GLN N 265 -42.70 -7.47 36.90
CA GLN N 265 -41.32 -7.41 37.35
C GLN N 265 -40.46 -6.51 36.45
N ARG N 266 -40.80 -6.47 35.16
CA ARG N 266 -40.12 -5.59 34.20
C ARG N 266 -40.45 -4.13 34.46
N LEU N 267 -41.74 -3.84 34.65
CA LEU N 267 -42.19 -2.48 34.93
C LEU N 267 -41.78 -1.99 36.33
N ALA N 268 -41.61 -2.94 37.25
CA ALA N 268 -41.15 -2.63 38.61
C ALA N 268 -39.68 -2.26 38.64
N ALA N 269 -38.86 -3.03 37.93
CA ALA N 269 -37.42 -2.76 37.82
C ALA N 269 -37.14 -1.49 37.01
N ALA N 270 -37.99 -1.20 36.03
CA ALA N 270 -37.89 0.03 35.25
C ALA N 270 -38.07 1.27 36.12
N VAL N 271 -38.90 1.17 37.16
CA VAL N 271 -39.13 2.27 38.10
C VAL N 271 -37.93 2.58 39.00
N ASP N 272 -36.88 1.76 38.94
CA ASP N 272 -35.63 2.01 39.66
C ASP N 272 -34.95 3.28 39.15
N ALA N 273 -34.87 3.42 37.82
CA ALA N 273 -34.42 4.65 37.17
C ALA N 273 -35.64 5.51 36.84
N VAL N 274 -36.37 5.89 37.89
CA VAL N 274 -37.67 6.56 37.74
C VAL N 274 -37.56 8.00 37.28
N PRO N 275 -38.52 8.44 36.45
CA PRO N 275 -38.77 9.79 35.99
C PRO N 275 -40.23 10.16 36.31
N GLU N 276 -40.95 10.74 35.36
CA GLU N 276 -42.41 10.87 35.45
C GLU N 276 -43.10 9.54 35.15
N LEU N 277 -42.32 8.52 34.78
CA LEU N 277 -42.81 7.16 34.55
C LEU N 277 -43.59 6.57 35.74
N ARG N 278 -43.24 6.98 36.96
CA ARG N 278 -43.96 6.56 38.16
C ARG N 278 -45.40 7.11 38.19
N GLU N 279 -45.61 8.27 37.57
CA GLU N 279 -46.95 8.87 37.46
C GLU N 279 -47.86 8.14 36.48
N HIS N 280 -47.28 7.62 35.40
CA HIS N 280 -48.02 6.79 34.45
C HIS N 280 -48.24 5.36 34.98
N VAL N 281 -47.37 4.93 35.89
CA VAL N 281 -47.33 3.53 36.38
C VAL N 281 -48.66 2.95 36.84
N PRO N 282 -49.47 3.71 37.61
CA PRO N 282 -50.79 3.19 37.98
C PRO N 282 -51.74 3.02 36.78
N GLN N 283 -51.70 3.96 35.85
CA GLN N 283 -52.49 3.86 34.62
C GLN N 283 -51.99 2.73 33.72
N ILE N 284 -50.67 2.52 33.73
CA ILE N 284 -50.06 1.42 32.99
C ILE N 284 -50.41 0.07 33.63
N GLU N 285 -50.28 -0.01 34.95
CA GLU N 285 -50.63 -1.21 35.71
C GLU N 285 -52.11 -1.57 35.56
N GLU N 286 -52.95 -0.55 35.39
CA GLU N 286 -54.38 -0.74 35.11
C GLU N 286 -54.60 -1.38 33.74
N ARG N 287 -53.75 -1.04 32.77
CA ARG N 287 -53.77 -1.65 31.45
C ARG N 287 -53.24 -3.10 31.49
N TYR N 288 -52.28 -3.34 32.38
CA TYR N 288 -51.68 -4.67 32.55
C TYR N 288 -52.65 -5.66 33.21
N HIS N 289 -53.13 -5.32 34.41
CA HIS N 289 -54.03 -6.20 35.16
C HIS N 289 -55.44 -6.32 34.54
N LYS N 290 -55.70 -5.54 33.50
CA LYS N 290 -56.91 -5.67 32.68
C LYS N 290 -56.87 -6.96 31.84
N LEU N 291 -55.69 -7.33 31.35
CA LEU N 291 -55.51 -8.52 30.52
C LEU N 291 -55.03 -9.75 31.32
N ALA N 292 -55.12 -9.69 32.65
CA ALA N 292 -54.72 -10.81 33.50
C ALA N 292 -55.70 -11.98 33.35
N ASP N 293 -55.16 -13.20 33.45
CA ASP N 293 -55.93 -14.44 33.26
C ASP N 293 -56.58 -14.54 31.87
N THR N 294 -55.84 -14.10 30.85
CA THR N 294 -56.28 -14.22 29.46
C THR N 294 -55.21 -14.98 28.67
N THR N 295 -55.65 -15.87 27.78
CA THR N 295 -54.73 -16.73 27.03
C THR N 295 -54.39 -16.18 25.65
N MET N 296 -53.12 -16.33 25.27
CA MET N 296 -52.61 -15.91 23.97
C MET N 296 -52.07 -17.13 23.21
N THR N 297 -51.58 -16.89 21.99
CA THR N 297 -50.96 -17.94 21.19
C THR N 297 -49.47 -17.64 21.09
N VAL N 298 -48.64 -18.65 21.36
CA VAL N 298 -47.18 -18.46 21.32
C VAL N 298 -46.53 -19.30 20.23
N GLN N 299 -45.82 -18.62 19.33
CA GLN N 299 -45.00 -19.26 18.30
C GLN N 299 -43.55 -18.98 18.59
N ARG N 300 -42.69 -19.61 17.80
CA ARG N 300 -41.31 -19.17 17.69
C ARG N 300 -41.36 -17.86 16.91
N VAL N 301 -40.59 -16.85 17.35
CA VAL N 301 -40.61 -15.52 16.73
C VAL N 301 -39.21 -14.94 16.57
N HIS N 302 -39.12 -13.77 15.94
CA HIS N 302 -37.85 -13.08 15.74
C HIS N 302 -37.22 -12.64 17.08
N GLY N 303 -38.04 -12.02 17.94
CA GLY N 303 -37.61 -11.62 19.28
C GLY N 303 -37.07 -10.20 19.40
N ASP N 304 -36.47 -9.70 18.32
CA ASP N 304 -35.86 -8.37 18.27
C ASP N 304 -36.08 -7.72 16.90
N LEU N 305 -37.33 -7.47 16.54
CA LEU N 305 -37.64 -6.80 15.28
C LEU N 305 -37.62 -5.29 15.42
N HIS N 306 -36.83 -4.66 14.55
CA HIS N 306 -36.92 -3.23 14.32
C HIS N 306 -36.43 -2.96 12.90
N LEU N 307 -36.69 -1.76 12.40
CA LEU N 307 -36.38 -1.43 11.00
C LEU N 307 -34.92 -1.69 10.60
N GLY N 308 -34.01 -1.65 11.58
CA GLY N 308 -32.61 -1.98 11.37
C GLY N 308 -32.35 -3.43 10.98
N GLN N 309 -33.15 -4.35 11.54
CA GLN N 309 -32.97 -5.78 11.29
C GLN N 309 -33.75 -6.25 10.06
N VAL N 310 -34.12 -5.32 9.19
CA VAL N 310 -34.92 -5.60 8.01
C VAL N 310 -34.26 -4.94 6.80
N LEU N 311 -34.07 -5.70 5.73
CA LEU N 311 -33.38 -5.22 4.54
C LEU N 311 -34.29 -5.26 3.33
N ARG N 312 -34.08 -4.32 2.41
CA ARG N 312 -34.80 -4.33 1.14
C ARG N 312 -33.87 -4.63 -0.02
N THR N 313 -34.21 -5.66 -0.78
CA THR N 313 -33.54 -6.00 -2.01
C THR N 313 -34.52 -5.76 -3.15
N PRO N 314 -34.02 -5.77 -4.40
CA PRO N 314 -34.97 -5.85 -5.51
C PRO N 314 -35.73 -7.16 -5.44
N LYS N 315 -37.05 -7.12 -5.65
CA LYS N 315 -37.89 -8.29 -5.55
C LYS N 315 -37.88 -8.90 -4.14
N GLY N 316 -38.16 -8.08 -3.13
CA GLY N 316 -38.49 -8.58 -1.79
C GLY N 316 -37.86 -7.90 -0.59
N TRP N 317 -38.58 -7.95 0.54
CA TRP N 317 -38.06 -7.60 1.85
C TRP N 317 -37.38 -8.82 2.47
N LEU N 318 -36.28 -8.58 3.20
CA LEU N 318 -35.53 -9.64 3.90
C LEU N 318 -35.51 -9.38 5.40
N LEU N 319 -35.74 -10.43 6.19
CA LEU N 319 -35.58 -10.36 7.65
C LEU N 319 -34.26 -11.00 8.07
N ILE N 320 -33.46 -10.26 8.82
CA ILE N 320 -32.14 -10.73 9.26
C ILE N 320 -31.95 -10.60 10.77
N ASP N 321 -30.80 -11.06 11.25
CA ASP N 321 -30.39 -10.91 12.66
C ASP N 321 -31.41 -11.48 13.64
N PHE N 322 -31.71 -12.77 13.53
CA PHE N 322 -32.54 -13.46 14.52
C PHE N 322 -31.73 -13.70 15.80
N GLU N 323 -31.29 -12.58 16.40
CA GLU N 323 -30.24 -12.57 17.42
C GLU N 323 -30.48 -13.58 18.57
N GLY N 324 -31.64 -13.55 19.25
CA GLY N 324 -32.71 -12.57 19.08
C GLY N 324 -32.68 -11.51 20.17
N GLU N 325 -32.61 -11.94 21.44
CA GLU N 325 -32.59 -11.03 22.59
C GLU N 325 -33.85 -10.16 22.67
N PRO N 329 -29.11 -14.81 28.31
CA PRO N 329 -29.99 -15.92 28.61
C PRO N 329 -30.43 -16.57 27.30
N LEU N 330 -29.58 -17.48 26.81
CA LEU N 330 -29.84 -18.19 25.55
C LEU N 330 -31.05 -19.12 25.66
N ASP N 331 -31.28 -19.63 26.86
CA ASP N 331 -32.47 -20.44 27.15
C ASP N 331 -33.76 -19.64 26.98
N GLU N 332 -33.76 -18.40 27.48
CA GLU N 332 -34.91 -17.50 27.37
C GLU N 332 -35.12 -16.98 25.95
N ARG N 333 -34.04 -16.83 25.19
CA ARG N 333 -34.12 -16.33 23.82
C ARG N 333 -34.88 -17.29 22.90
N ARG N 334 -34.65 -18.59 23.07
CA ARG N 334 -35.33 -19.61 22.26
C ARG N 334 -36.81 -19.79 22.62
N ARG N 335 -37.20 -19.41 23.83
CA ARG N 335 -38.58 -19.55 24.31
C ARG N 335 -39.58 -18.88 23.37
N PRO N 336 -40.70 -19.56 23.05
CA PRO N 336 -41.74 -18.98 22.18
C PRO N 336 -42.40 -17.74 22.76
N ASP N 337 -43.15 -17.01 21.94
CA ASP N 337 -43.82 -15.79 22.39
C ASP N 337 -44.92 -15.34 21.42
N THR N 338 -45.84 -14.52 21.93
CA THR N 338 -46.90 -13.91 21.11
C THR N 338 -46.27 -13.13 19.97
N PRO N 339 -46.71 -13.37 18.72
CA PRO N 339 -46.23 -12.56 17.59
C PRO N 339 -46.57 -11.07 17.73
N VAL N 340 -47.51 -10.74 18.62
CA VAL N 340 -47.84 -9.37 18.95
C VAL N 340 -46.65 -8.58 19.53
N ARG N 341 -45.62 -9.28 20.01
CA ARG N 341 -44.38 -8.65 20.46
C ARG N 341 -43.54 -8.16 19.29
N ASP N 342 -43.52 -8.92 18.20
CA ASP N 342 -42.76 -8.57 17.01
C ASP N 342 -43.37 -7.38 16.25
N VAL N 343 -44.69 -7.38 16.07
CA VAL N 343 -45.37 -6.23 15.46
C VAL N 343 -45.31 -5.01 16.36
N ALA N 344 -45.19 -5.22 17.66
CA ALA N 344 -44.95 -4.13 18.60
C ALA N 344 -43.57 -3.51 18.36
N GLY N 345 -42.58 -4.36 18.09
CA GLY N 345 -41.21 -3.92 17.81
C GLY N 345 -41.08 -3.04 16.57
N ILE N 346 -41.77 -3.42 15.50
CA ILE N 346 -41.74 -2.68 14.24
C ILE N 346 -42.49 -1.36 14.40
N LEU N 347 -43.69 -1.40 15.00
CA LEU N 347 -44.47 -0.18 15.24
C LEU N 347 -43.74 0.75 16.21
N ARG N 348 -43.00 0.17 17.16
CA ARG N 348 -42.18 0.95 18.07
C ARG N 348 -41.07 1.65 17.30
N SER N 349 -40.49 0.94 16.33
CA SER N 349 -39.39 1.46 15.53
C SER N 349 -39.81 2.59 14.60
N PHE N 350 -41.06 2.57 14.13
CA PHE N 350 -41.57 3.63 13.26
C PHE N 350 -41.58 4.99 13.96
N GLU N 351 -42.02 5.01 15.21
CA GLU N 351 -42.06 6.25 15.98
C GLU N 351 -40.65 6.79 16.24
N TYR N 352 -39.69 5.90 16.51
CA TYR N 352 -38.30 6.30 16.71
C TYR N 352 -37.69 6.89 15.44
N ALA N 353 -38.01 6.30 14.29
CA ALA N 353 -37.53 6.81 13.00
C ALA N 353 -38.06 8.21 12.72
N ALA N 354 -39.31 8.45 13.08
CA ALA N 354 -39.96 9.74 12.82
C ALA N 354 -39.49 10.84 13.79
N HIS N 355 -39.18 10.48 15.02
CA HIS N 355 -38.89 11.48 16.06
C HIS N 355 -37.41 11.69 16.34
N GLN N 356 -36.55 10.75 15.95
CA GLN N 356 -35.10 11.02 15.94
C GLN N 356 -34.88 12.17 15.01
N ARG N 357 -35.59 12.11 13.88
CA ARG N 357 -35.60 13.17 12.89
C ARG N 357 -36.12 14.47 13.51
N LEU N 358 -37.19 14.40 14.31
CA LEU N 358 -37.75 15.59 14.99
C LEU N 358 -36.85 16.15 16.08
N VAL N 359 -36.01 15.29 16.65
CA VAL N 359 -34.93 15.71 17.55
C VAL N 359 -33.81 16.32 16.70
N ASP N 360 -33.54 15.67 15.57
CA ASP N 360 -32.64 16.20 14.54
C ASP N 360 -33.25 17.40 13.78
N GLN N 361 -34.55 17.62 13.99
CA GLN N 361 -35.27 18.81 13.55
C GLN N 361 -35.58 19.79 14.65
N ALA N 362 -35.35 19.37 15.89
CA ALA N 362 -35.16 20.27 17.00
C ALA N 362 -33.68 20.67 17.00
N GLY N 363 -32.98 20.28 15.93
CA GLY N 363 -31.54 20.45 15.80
C GLY N 363 -30.89 21.78 15.42
N ASP N 364 -31.40 22.59 14.46
CA ASP N 364 -32.71 22.51 13.75
C ASP N 364 -33.88 23.16 14.53
N ASP N 365 -33.54 23.91 15.58
CA ASP N 365 -34.49 24.72 16.35
C ASP N 365 -34.89 25.96 15.51
N ASP N 366 -35.68 26.92 15.99
CA ASP N 366 -36.34 26.99 17.31
C ASP N 366 -37.89 27.20 17.27
N ASP N 367 -38.38 28.10 16.42
CA ASP N 367 -39.73 28.69 16.57
C ASP N 367 -40.96 27.76 16.44
N ARG N 368 -41.03 26.97 15.37
CA ARG N 368 -42.23 26.18 15.06
C ARG N 368 -41.89 24.73 14.75
N ALA N 369 -41.35 24.03 15.75
CA ALA N 369 -41.19 22.59 15.70
C ALA N 369 -42.56 21.92 15.88
N ARG N 370 -43.56 22.70 16.31
CA ARG N 370 -44.93 22.24 16.43
C ARG N 370 -45.50 21.71 15.10
N GLN N 371 -45.03 22.28 13.99
CA GLN N 371 -45.42 21.80 12.66
C GLN N 371 -44.86 20.41 12.39
N LEU N 372 -43.60 20.21 12.73
CA LEU N 372 -42.94 18.94 12.49
C LEU N 372 -43.57 17.81 13.30
N ALA N 373 -43.91 18.09 14.56
CA ALA N 373 -44.59 17.12 15.40
C ALA N 373 -45.93 16.68 14.79
N ALA N 374 -46.65 17.66 14.23
CA ALA N 374 -47.92 17.39 13.57
C ALA N 374 -47.74 16.44 12.37
N ARG N 375 -46.67 16.65 11.63
CA ARG N 375 -46.33 15.79 10.49
C ARG N 375 -45.82 14.43 10.94
N ALA N 376 -45.04 14.41 12.01
CA ALA N 376 -44.51 13.16 12.54
C ALA N 376 -45.60 12.25 13.05
N ARG N 377 -46.53 12.83 13.82
CA ARG N 377 -47.66 12.08 14.33
C ARG N 377 -48.49 11.54 13.16
N GLU N 378 -48.63 12.36 12.12
CA GLU N 378 -49.28 11.93 10.88
C GLU N 378 -48.56 10.74 10.27
N TRP N 379 -47.25 10.87 10.09
CA TRP N 379 -46.44 9.83 9.45
C TRP N 379 -46.36 8.58 10.31
N VAL N 380 -46.11 8.75 11.60
CA VAL N 380 -45.98 7.62 12.53
C VAL N 380 -47.25 6.76 12.54
N THR N 381 -48.41 7.41 12.65
CA THR N 381 -49.68 6.70 12.74
C THR N 381 -50.18 6.13 11.39
N ARG N 382 -49.68 6.67 10.28
CA ARG N 382 -50.14 6.25 8.96
C ARG N 382 -49.42 5.00 8.44
N ASN N 383 -48.12 4.92 8.69
CA ASN N 383 -47.33 3.76 8.28
C ASN N 383 -47.48 2.60 9.25
N CYS N 384 -47.81 2.90 10.49
CA CYS N 384 -48.20 1.88 11.46
C CYS N 384 -49.50 1.24 11.00
N ALA N 385 -50.43 2.07 10.51
CA ALA N 385 -51.68 1.58 9.95
C ALA N 385 -51.41 0.76 8.71
N SER N 386 -50.63 1.31 7.78
CA SER N 386 -50.29 0.61 6.53
C SER N 386 -49.59 -0.72 6.79
N PHE N 387 -48.75 -0.77 7.82
CA PHE N 387 -48.04 -2.00 8.20
C PHE N 387 -49.00 -3.06 8.75
N CYS N 388 -49.82 -2.67 9.71
CA CYS N 388 -50.80 -3.58 10.31
C CYS N 388 -51.80 -4.08 9.26
N ASP N 389 -52.17 -3.19 8.31
CA ASP N 389 -53.06 -3.56 7.21
C ASP N 389 -52.47 -4.67 6.35
N GLY N 390 -51.19 -4.54 6.03
CA GLY N 390 -50.48 -5.53 5.22
C GLY N 390 -50.27 -6.85 5.96
N TYR N 391 -50.00 -6.77 7.25
CA TYR N 391 -49.86 -7.95 8.08
C TYR N 391 -51.17 -8.72 8.10
N ALA N 392 -52.26 -8.00 8.35
CA ALA N 392 -53.60 -8.59 8.40
C ALA N 392 -54.07 -9.13 7.05
N ALA N 393 -53.52 -8.58 5.97
CA ALA N 393 -53.84 -9.04 4.62
C ALA N 393 -53.20 -10.39 4.30
N GLU N 394 -52.10 -10.72 4.99
CA GLU N 394 -51.38 -11.97 4.75
C GLU N 394 -52.01 -13.13 5.53
N ALA N 395 -52.02 -13.03 6.85
CA ALA N 395 -52.71 -14.00 7.70
C ALA N 395 -54.11 -13.46 8.01
N GLY N 396 -55.08 -14.36 8.11
CA GLY N 396 -56.46 -13.98 8.42
C GLY N 396 -56.58 -13.10 9.64
N THR N 397 -55.78 -13.40 10.66
CA THR N 397 -55.76 -12.64 11.91
C THR N 397 -55.25 -11.20 11.72
N ASP N 398 -55.94 -10.25 12.33
CA ASP N 398 -55.52 -8.85 12.36
C ASP N 398 -54.99 -8.53 13.76
N PRO N 399 -53.77 -7.96 13.86
CA PRO N 399 -53.16 -7.60 15.15
C PRO N 399 -53.94 -6.52 15.91
N ARG N 400 -54.41 -5.51 15.18
CA ARG N 400 -55.23 -4.43 15.75
C ARG N 400 -56.61 -4.92 16.20
N ASP N 401 -57.09 -6.02 15.63
CA ASP N 401 -58.36 -6.63 16.03
C ASP N 401 -58.29 -7.14 17.46
N SER N 402 -57.15 -7.71 17.85
CA SER N 402 -56.87 -8.04 19.24
C SER N 402 -55.92 -6.97 19.81
N ALA N 403 -56.42 -5.73 19.83
CA ALA N 403 -55.60 -4.55 20.16
C ALA N 403 -55.04 -4.54 21.58
N ASP N 404 -55.87 -4.94 22.55
CA ASP N 404 -55.49 -4.89 23.96
C ASP N 404 -54.19 -5.66 24.25
N LEU N 405 -54.01 -6.81 23.60
CA LEU N 405 -52.79 -7.60 23.77
C LEU N 405 -51.57 -6.88 23.19
N LEU N 406 -51.76 -6.24 22.05
CA LEU N 406 -50.71 -5.47 21.38
C LEU N 406 -50.34 -4.22 22.17
N ALA N 407 -51.35 -3.48 22.61
CA ALA N 407 -51.15 -2.25 23.38
C ALA N 407 -50.36 -2.48 24.66
N ALA N 408 -50.47 -3.69 25.20
CA ALA N 408 -49.69 -4.07 26.38
C ALA N 408 -48.21 -4.21 26.02
N TYR N 409 -47.91 -4.99 24.98
CA TYR N 409 -46.53 -5.22 24.56
C TYR N 409 -45.86 -3.95 24.03
N GLU N 410 -46.63 -3.04 23.43
CA GLU N 410 -46.13 -1.74 23.02
C GLU N 410 -45.69 -0.93 24.24
N LEU N 411 -46.52 -0.97 25.29
CA LEU N 411 -46.20 -0.29 26.54
C LEU N 411 -44.98 -0.91 27.24
N ASP N 412 -44.83 -2.23 27.14
CA ASP N 412 -43.69 -2.93 27.73
C ASP N 412 -42.40 -2.60 26.97
N LYS N 413 -42.48 -2.62 25.64
CA LYS N 413 -41.34 -2.26 24.80
C LYS N 413 -40.91 -0.81 25.02
N ALA N 414 -41.84 0.04 25.46
CA ALA N 414 -41.52 1.42 25.81
C ALA N 414 -40.82 1.54 27.17
N VAL N 415 -41.22 0.68 28.12
CA VAL N 415 -40.59 0.63 29.44
C VAL N 415 -39.15 0.13 29.37
N TYR N 416 -38.92 -0.90 28.56
CA TYR N 416 -37.58 -1.40 28.28
C TYR N 416 -36.76 -0.39 27.48
N GLU N 417 -37.44 0.33 26.58
CA GLU N 417 -36.82 1.40 25.78
C GLU N 417 -36.41 2.59 26.65
N ALA N 418 -37.25 2.96 27.61
CA ALA N 418 -36.95 4.04 28.54
C ALA N 418 -35.70 3.74 29.36
N ALA N 419 -35.68 2.57 30.01
CA ALA N 419 -34.56 2.16 30.85
C ALA N 419 -33.26 1.93 30.07
N TYR N 420 -33.37 1.29 28.90
CA TYR N 420 -32.22 1.05 28.03
C TYR N 420 -31.64 2.36 27.46
N GLU N 421 -32.52 3.32 27.18
CA GLU N 421 -32.10 4.63 26.69
C GLU N 421 -31.59 5.51 27.84
N ALA N 422 -32.41 5.67 28.88
CA ALA N 422 -32.11 6.58 29.99
C ALA N 422 -30.70 6.41 30.56
N ARG N 423 -30.30 5.16 30.79
CA ARG N 423 -28.97 4.84 31.31
C ARG N 423 -27.87 5.24 30.33
N HIS N 424 -28.03 4.85 29.07
CA HIS N 424 -27.04 5.14 28.03
C HIS N 424 -27.11 6.60 27.56
N ARG N 425 -28.27 7.03 27.07
CA ARG N 425 -28.46 8.36 26.49
C ARG N 425 -29.60 9.14 27.15
N PRO N 426 -29.28 10.24 27.87
CA PRO N 426 -30.31 11.06 28.53
C PRO N 426 -31.25 11.79 27.57
N SER N 427 -30.73 12.18 26.40
CA SER N 427 -31.48 12.93 25.42
C SER N 427 -32.66 12.16 24.82
N TRP N 428 -32.56 10.83 24.80
CA TRP N 428 -33.62 9.96 24.26
C TRP N 428 -34.90 10.00 25.11
N LEU N 429 -34.75 10.07 26.43
CA LEU N 429 -35.86 9.96 27.41
C LEU N 429 -37.23 10.56 27.05
N PRO N 430 -37.27 11.74 26.41
CA PRO N 430 -38.53 12.28 25.88
C PRO N 430 -39.27 11.37 24.87
N ILE N 431 -38.52 10.61 24.08
CA ILE N 431 -39.13 9.72 23.07
C ILE N 431 -39.92 8.57 23.69
N PRO N 432 -39.31 7.79 24.62
CA PRO N 432 -40.11 6.78 25.34
C PRO N 432 -41.22 7.38 26.20
N LEU N 433 -40.92 8.47 26.91
CA LEU N 433 -41.87 9.09 27.84
C LEU N 433 -43.07 9.70 27.11
N GLY N 434 -42.81 10.40 26.02
CA GLY N 434 -43.87 11.01 25.21
C GLY N 434 -44.73 9.99 24.49
N SER N 435 -44.11 8.93 23.98
CA SER N 435 -44.82 7.83 23.33
C SER N 435 -45.63 7.00 24.33
N ILE N 436 -45.09 6.84 25.54
CA ILE N 436 -45.84 6.22 26.64
C ILE N 436 -47.09 7.04 26.94
N ALA N 437 -46.93 8.37 26.93
CA ALA N 437 -48.04 9.30 27.12
C ALA N 437 -49.05 9.24 25.97
N ARG N 438 -48.54 9.05 24.75
CA ARG N 438 -49.41 8.91 23.57
C ARG N 438 -50.31 7.67 23.66
N LEU N 439 -49.76 6.56 24.15
CA LEU N 439 -50.50 5.31 24.32
C LEU N 439 -50.98 5.14 25.76
N ALA O 198 -89.97 56.18 -66.18
CA ALA O 198 -89.25 56.75 -65.00
C ALA O 198 -88.22 55.76 -64.50
N ASN O 199 -87.10 56.26 -63.98
CA ASN O 199 -85.95 55.42 -63.63
C ASN O 199 -85.38 54.72 -64.86
N SER O 200 -84.76 55.51 -65.73
CA SER O 200 -84.14 55.02 -66.95
C SER O 200 -82.73 55.55 -67.05
N ALA O 201 -81.95 54.99 -67.98
CA ALA O 201 -80.61 55.48 -68.25
C ALA O 201 -80.21 55.11 -69.67
N GLU O 202 -79.56 56.04 -70.37
CA GLU O 202 -79.19 55.81 -71.76
C GLU O 202 -78.10 54.76 -71.88
N GLY O 203 -78.08 54.08 -73.03
CA GLY O 203 -77.05 53.10 -73.32
C GLY O 203 -75.67 53.72 -73.44
N TRP O 204 -75.59 54.85 -74.14
CA TRP O 204 -74.32 55.56 -74.31
C TRP O 204 -73.75 56.00 -72.97
N ASP O 205 -74.61 56.52 -72.10
CA ASP O 205 -74.20 56.96 -70.76
C ASP O 205 -73.74 55.80 -69.88
N MET O 206 -74.25 54.60 -70.17
CA MET O 206 -73.94 53.40 -69.41
C MET O 206 -72.70 52.69 -69.92
N ALA O 207 -72.51 52.72 -71.24
CA ALA O 207 -71.28 52.25 -71.85
C ALA O 207 -70.12 53.19 -71.52
N THR O 208 -70.42 54.49 -71.49
CA THR O 208 -69.42 55.51 -71.17
C THR O 208 -68.81 55.31 -69.77
N THR O 209 -69.63 54.83 -68.82
CA THR O 209 -69.15 54.56 -67.45
C THR O 209 -68.36 53.25 -67.34
N SER O 210 -68.61 52.30 -68.23
CA SER O 210 -67.81 51.07 -68.30
C SER O 210 -66.51 51.30 -69.04
N THR O 211 -66.56 52.11 -70.10
CA THR O 211 -65.36 52.53 -70.82
C THR O 211 -64.50 53.42 -69.94
N ARG O 212 -65.14 54.16 -69.03
CA ARG O 212 -64.47 54.97 -68.00
C ARG O 212 -63.72 54.09 -66.99
N ASP O 213 -64.25 52.90 -66.73
CA ASP O 213 -63.70 51.99 -65.75
C ASP O 213 -62.35 51.41 -66.15
N LEU O 214 -62.31 50.74 -67.30
CA LEU O 214 -61.06 50.13 -67.79
C LEU O 214 -59.94 51.15 -67.84
N PHE O 215 -60.26 52.26 -68.44
CA PHE O 215 -59.31 53.26 -68.83
C PHE O 215 -58.64 53.92 -67.63
N ALA O 216 -59.44 54.47 -66.72
CA ALA O 216 -58.96 54.94 -65.43
C ALA O 216 -58.50 53.73 -64.63
N GLU O 217 -57.35 53.83 -63.97
CA GLU O 217 -56.74 52.69 -63.28
C GLU O 217 -56.72 51.46 -64.20
N GLY O 218 -56.10 51.62 -65.36
CA GLY O 218 -56.09 50.60 -66.41
C GLY O 218 -54.92 49.65 -66.33
N ASP O 219 -54.60 49.03 -67.46
CA ASP O 219 -53.57 47.99 -67.53
C ASP O 219 -53.93 46.77 -66.68
N LEU O 220 -55.22 46.43 -66.63
CA LEU O 220 -55.70 45.32 -65.80
C LEU O 220 -56.66 44.37 -66.53
N TYR O 221 -56.62 44.38 -67.86
CA TYR O 221 -57.47 43.50 -68.69
C TYR O 221 -58.92 43.96 -68.79
N ALA O 222 -59.56 43.65 -69.91
CA ALA O 222 -60.94 44.07 -70.18
C ALA O 222 -61.98 43.16 -69.52
N GLU O 223 -61.61 41.91 -69.28
CA GLU O 223 -62.51 40.93 -68.68
C GLU O 223 -62.40 40.92 -67.15
N GLU O 224 -61.24 41.27 -66.63
CA GLU O 224 -60.99 41.23 -65.19
C GLU O 224 -61.65 42.39 -64.42
N VAL O 225 -61.70 43.57 -65.04
CA VAL O 225 -62.28 44.75 -64.40
C VAL O 225 -63.76 44.53 -64.03
N GLY O 226 -64.19 45.16 -62.95
CA GLY O 226 -65.57 45.05 -62.50
C GLY O 226 -66.55 45.69 -63.47
N GLY O 227 -66.15 46.81 -64.07
CA GLY O 227 -67.01 47.59 -64.96
C GLY O 227 -67.54 46.87 -66.20
N ASP O 228 -66.97 45.70 -66.49
CA ASP O 228 -67.33 44.88 -67.65
C ASP O 228 -68.78 45.00 -68.13
N PHE O 229 -68.93 45.53 -69.35
CA PHE O 229 -70.24 45.74 -69.95
C PHE O 229 -70.75 44.50 -70.69
N ALA O 230 -69.85 43.54 -70.92
CA ALA O 230 -70.12 42.36 -71.75
C ALA O 230 -71.45 41.65 -71.48
N GLY O 231 -71.78 41.48 -70.20
CA GLY O 231 -73.03 40.83 -69.81
C GLY O 231 -74.25 41.63 -70.23
N GLU O 232 -74.16 42.94 -70.08
CA GLU O 232 -75.24 43.86 -70.43
C GLU O 232 -75.37 43.98 -71.95
N ALA O 233 -74.23 43.95 -72.65
CA ALA O 233 -74.21 43.99 -74.11
C ALA O 233 -74.93 42.79 -74.71
N TYR O 234 -74.69 41.62 -74.14
CA TYR O 234 -75.36 40.39 -74.59
C TYR O 234 -76.87 40.49 -74.46
N ARG O 235 -77.34 41.01 -73.33
CA ARG O 235 -78.77 41.22 -73.12
C ARG O 235 -79.37 42.20 -74.13
N LEU O 236 -78.62 43.26 -74.43
CA LEU O 236 -79.02 44.24 -75.44
C LEU O 236 -79.09 43.61 -76.84
N GLY O 237 -78.28 42.58 -77.07
CA GLY O 237 -78.30 41.85 -78.33
C GLY O 237 -79.63 41.17 -78.58
N GLU O 238 -80.02 40.29 -77.67
CA GLU O 238 -81.32 39.61 -77.76
C GLU O 238 -82.51 40.55 -77.63
N ALA O 239 -82.29 41.75 -77.09
CA ALA O 239 -83.31 42.79 -77.06
C ALA O 239 -83.60 43.36 -78.44
N VAL O 240 -82.54 43.70 -79.16
CA VAL O 240 -82.65 44.20 -80.54
C VAL O 240 -83.12 43.09 -81.50
N ALA O 241 -82.66 41.87 -81.26
CA ALA O 241 -83.09 40.72 -82.06
C ALA O 241 -84.56 40.38 -81.86
N SER O 242 -85.07 40.64 -80.65
CA SER O 242 -86.47 40.37 -80.30
C SER O 242 -87.41 41.27 -81.10
N VAL O 243 -87.14 42.57 -81.06
CA VAL O 243 -87.94 43.55 -81.81
C VAL O 243 -87.86 43.31 -83.32
N HIS O 244 -86.67 42.96 -83.82
CA HIS O 244 -86.47 42.65 -85.24
C HIS O 244 -87.31 41.45 -85.71
N ALA O 245 -87.26 40.36 -84.95
CA ALA O 245 -88.01 39.15 -85.28
C ALA O 245 -89.51 39.37 -85.17
N CYS O 246 -89.92 40.10 -84.15
CA CYS O 246 -91.33 40.46 -83.95
C CYS O 246 -91.82 41.42 -85.04
N LEU O 247 -90.96 42.34 -85.46
CA LEU O 247 -91.32 43.30 -86.50
C LEU O 247 -91.48 42.60 -87.85
N ALA O 248 -90.60 41.66 -88.13
CA ALA O 248 -90.65 40.85 -89.36
C ALA O 248 -91.92 39.99 -89.45
N HIS O 249 -92.47 39.58 -88.31
CA HIS O 249 -93.69 38.79 -88.26
C HIS O 249 -94.88 39.57 -88.82
N GLU O 250 -95.07 40.79 -88.33
CA GLU O 250 -96.18 41.65 -88.76
C GLU O 250 -95.87 42.44 -90.04
N LEU O 251 -94.67 43.00 -90.13
CA LEU O 251 -94.26 43.77 -91.30
C LEU O 251 -94.09 42.87 -92.53
N GLY O 252 -93.68 41.63 -92.31
CA GLY O 252 -93.38 40.71 -93.41
C GLY O 252 -91.96 40.87 -93.88
N THR O 253 -91.51 39.96 -94.74
CA THR O 253 -90.16 39.98 -95.30
C THR O 253 -90.19 39.90 -96.82
N GLU O 254 -89.13 40.38 -97.46
CA GLU O 254 -88.95 40.29 -98.91
C GLU O 254 -87.49 40.03 -99.22
N GLU O 255 -87.21 39.58 -100.44
CA GLU O 255 -85.84 39.39 -100.90
C GLU O 255 -85.46 40.49 -101.88
N VAL O 256 -84.27 41.04 -101.74
CA VAL O 256 -83.76 42.09 -102.63
C VAL O 256 -82.24 42.00 -102.72
N PRO O 257 -81.65 42.47 -103.83
CA PRO O 257 -80.19 42.43 -103.94
C PRO O 257 -79.51 43.63 -103.29
N PHE O 258 -78.26 43.45 -102.86
CA PHE O 258 -77.47 44.50 -102.22
C PHE O 258 -77.44 45.76 -103.09
N PRO O 259 -77.77 46.94 -102.51
CA PRO O 259 -77.84 48.18 -103.29
C PRO O 259 -76.46 48.65 -103.78
N ALA O 260 -75.92 47.94 -104.75
CA ALA O 260 -74.57 48.19 -105.25
C ALA O 260 -74.43 49.61 -105.82
N ASP O 261 -75.27 49.95 -106.78
CA ASP O 261 -75.25 51.27 -107.43
C ASP O 261 -75.71 52.40 -106.50
N VAL O 262 -76.57 52.07 -105.54
CA VAL O 262 -77.05 53.05 -104.57
C VAL O 262 -75.98 53.36 -103.53
N MET O 263 -75.35 52.32 -102.98
CA MET O 263 -74.30 52.48 -101.97
C MET O 263 -72.95 52.91 -102.58
N ALA O 264 -72.81 52.75 -103.90
CA ALA O 264 -71.69 53.31 -104.64
C ALA O 264 -71.83 54.83 -104.74
N GLN O 265 -73.06 55.29 -104.95
CA GLN O 265 -73.38 56.73 -104.99
C GLN O 265 -73.11 57.40 -103.65
N ARG O 266 -73.29 56.66 -102.56
CA ARG O 266 -72.98 57.15 -101.21
C ARG O 266 -71.48 57.31 -101.01
N LEU O 267 -70.71 56.28 -101.39
CA LEU O 267 -69.26 56.31 -101.27
C LEU O 267 -68.61 57.30 -102.25
N ALA O 268 -69.28 57.54 -103.38
CA ALA O 268 -68.80 58.50 -104.37
C ALA O 268 -68.97 59.94 -103.89
N ALA O 269 -70.13 60.23 -103.32
CA ALA O 269 -70.43 61.56 -102.77
C ALA O 269 -69.59 61.86 -101.52
N ALA O 270 -69.29 60.82 -100.76
CA ALA O 270 -68.42 60.94 -99.58
C ALA O 270 -67.01 61.39 -99.96
N VAL O 271 -66.55 60.97 -101.14
CA VAL O 271 -65.23 61.37 -101.66
C VAL O 271 -65.14 62.85 -102.05
N ASP O 272 -66.27 63.57 -102.03
CA ASP O 272 -66.28 65.01 -102.27
C ASP O 272 -65.51 65.76 -101.19
N ALA O 273 -65.76 65.39 -99.93
CA ALA O 273 -64.97 65.89 -98.80
C ALA O 273 -63.86 64.89 -98.50
N VAL O 274 -62.98 64.69 -99.48
CA VAL O 274 -61.98 63.63 -99.43
C VAL O 274 -60.84 63.93 -98.47
N PRO O 275 -60.33 62.89 -97.81
CA PRO O 275 -59.14 62.83 -96.98
C PRO O 275 -58.21 61.72 -97.51
N GLU O 276 -57.68 60.87 -96.61
CA GLU O 276 -57.03 59.63 -97.03
C GLU O 276 -58.07 58.56 -97.40
N LEU O 277 -59.36 58.88 -97.25
CA LEU O 277 -60.47 58.01 -97.64
C LEU O 277 -60.43 57.58 -99.12
N ARG O 278 -59.87 58.44 -99.97
CA ARG O 278 -59.67 58.10 -101.39
C ARG O 278 -58.67 56.95 -101.57
N GLU O 279 -57.70 56.83 -100.66
CA GLU O 279 -56.72 55.74 -100.68
C GLU O 279 -57.32 54.38 -100.29
N HIS O 280 -58.28 54.40 -99.36
CA HIS O 280 -59.00 53.19 -98.98
C HIS O 280 -60.07 52.82 -100.02
N VAL O 281 -60.53 53.81 -100.78
CA VAL O 281 -61.68 53.68 -101.71
C VAL O 281 -61.63 52.49 -102.69
N PRO O 282 -60.46 52.22 -103.30
CA PRO O 282 -60.36 51.02 -104.15
C PRO O 282 -60.49 49.71 -103.36
N GLN O 283 -59.90 49.65 -102.17
CA GLN O 283 -60.03 48.48 -101.30
C GLN O 283 -61.45 48.34 -100.76
N ILE O 284 -62.11 49.48 -100.53
CA ILE O 284 -63.51 49.51 -100.10
C ILE O 284 -64.43 49.08 -101.24
N GLU O 285 -64.21 49.64 -102.44
CA GLU O 285 -64.97 49.28 -103.64
C GLU O 285 -64.82 47.80 -104.00
N GLU O 286 -63.65 47.24 -103.70
CA GLU O 286 -63.40 45.80 -103.87
C GLU O 286 -64.25 44.96 -102.92
N ARG O 287 -64.48 45.47 -101.71
CA ARG O 287 -65.38 44.84 -100.74
C ARG O 287 -66.85 44.98 -101.16
N TYR O 288 -67.18 46.09 -101.81
CA TYR O 288 -68.54 46.36 -102.30
C TYR O 288 -68.92 45.47 -103.49
N HIS O 289 -68.14 45.54 -104.57
CA HIS O 289 -68.42 44.78 -105.79
C HIS O 289 -68.20 43.26 -105.61
N LYS O 290 -67.67 42.85 -104.45
CA LYS O 290 -67.58 41.43 -104.08
C LYS O 290 -68.96 40.85 -103.77
N LEU O 291 -69.83 41.66 -103.17
CA LEU O 291 -71.19 41.23 -102.80
C LEU O 291 -72.25 41.64 -103.84
N ALA O 292 -71.82 42.04 -105.04
CA ALA O 292 -72.74 42.41 -106.12
C ALA O 292 -73.50 41.20 -106.64
N ASP O 293 -74.76 41.42 -107.02
CA ASP O 293 -75.66 40.34 -107.49
C ASP O 293 -75.89 39.25 -106.44
N THR O 294 -76.01 39.66 -105.18
CA THR O 294 -76.33 38.74 -104.08
C THR O 294 -77.59 39.25 -103.37
N THR O 295 -78.46 38.32 -102.99
CA THR O 295 -79.76 38.66 -102.40
C THR O 295 -79.74 38.63 -100.86
N MET O 296 -80.43 39.60 -100.27
CA MET O 296 -80.56 39.72 -98.81
C MET O 296 -82.03 39.64 -98.44
N THR O 297 -82.31 39.70 -97.14
CA THR O 297 -83.69 39.73 -96.62
C THR O 297 -83.97 41.11 -96.05
N VAL O 298 -85.09 41.71 -96.45
CA VAL O 298 -85.44 43.05 -95.98
C VAL O 298 -86.71 43.05 -95.12
N GLN O 299 -86.57 43.55 -93.90
CA GLN O 299 -87.69 43.76 -93.01
C GLN O 299 -87.89 45.24 -92.80
N ARG O 300 -88.96 45.58 -92.10
CA ARG O 300 -89.08 46.90 -91.50
C ARG O 300 -88.08 46.91 -90.34
N VAL O 301 -87.33 48.01 -90.19
CA VAL O 301 -86.28 48.11 -89.16
C VAL O 301 -86.30 49.47 -88.47
N HIS O 302 -85.43 49.62 -87.44
CA HIS O 302 -85.31 50.87 -86.70
C HIS O 302 -84.79 52.00 -87.60
N GLY O 303 -83.72 51.72 -88.35
CA GLY O 303 -83.16 52.69 -89.31
C GLY O 303 -82.04 53.57 -88.77
N ASP O 304 -82.08 53.85 -87.47
CA ASP O 304 -81.12 54.72 -86.80
C ASP O 304 -80.81 54.21 -85.38
N LEU O 305 -80.24 53.02 -85.30
CA LEU O 305 -79.86 52.46 -84.00
C LEU O 305 -78.47 52.90 -83.57
N HIS O 306 -78.39 53.46 -82.38
CA HIS O 306 -77.14 53.65 -81.67
C HIS O 306 -77.44 53.68 -80.17
N LEU O 307 -76.40 53.56 -79.36
CA LEU O 307 -76.56 53.43 -77.90
C LEU O 307 -77.41 54.55 -77.27
N GLY O 308 -77.44 55.72 -77.91
CA GLY O 308 -78.28 56.83 -77.49
C GLY O 308 -79.77 56.58 -77.60
N GLN O 309 -80.18 55.82 -78.62
CA GLN O 309 -81.61 55.53 -78.86
C GLN O 309 -82.07 54.27 -78.12
N VAL O 310 -81.33 53.86 -77.10
CA VAL O 310 -81.60 52.65 -76.34
C VAL O 310 -81.55 52.98 -74.85
N LEU O 311 -82.60 52.60 -74.12
CA LEU O 311 -82.72 52.92 -72.70
C LEU O 311 -82.75 51.66 -71.84
N ARG O 312 -82.20 51.76 -70.63
CA ARG O 312 -82.30 50.67 -69.68
C ARG O 312 -83.18 51.03 -68.51
N THR O 313 -84.19 50.19 -68.28
CA THR O 313 -85.05 50.28 -67.12
C THR O 313 -84.80 49.06 -66.26
N PRO O 314 -85.29 49.07 -65.01
CA PRO O 314 -85.32 47.81 -64.28
C PRO O 314 -86.23 46.82 -65.00
N LYS O 315 -85.78 45.58 -65.13
CA LYS O 315 -86.51 44.54 -65.85
C LYS O 315 -86.69 44.89 -67.34
N GLY O 316 -85.59 45.20 -68.01
CA GLY O 316 -85.57 45.25 -69.48
C GLY O 316 -84.88 46.42 -70.16
N TRP O 317 -84.39 46.14 -71.36
CA TRP O 317 -83.91 47.17 -72.31
C TRP O 317 -85.08 47.70 -73.12
N LEU O 318 -85.05 49.00 -73.42
CA LEU O 318 -86.09 49.65 -74.23
C LEU O 318 -85.48 50.27 -75.49
N LEU O 319 -86.14 50.08 -76.64
CA LEU O 319 -85.75 50.75 -77.88
C LEU O 319 -86.68 51.92 -78.16
N ILE O 320 -86.11 53.10 -78.37
CA ILE O 320 -86.87 54.33 -78.60
C ILE O 320 -86.43 55.06 -79.87
N ASP O 321 -87.12 56.17 -80.17
CA ASP O 321 -86.76 57.06 -81.28
C ASP O 321 -86.66 56.33 -82.62
N PHE O 322 -87.75 55.71 -83.06
CA PHE O 322 -87.82 55.14 -84.41
C PHE O 322 -87.99 56.26 -85.43
N GLU O 323 -86.98 57.14 -85.46
CA GLU O 323 -87.07 58.45 -86.12
C GLU O 323 -87.59 58.38 -87.58
N GLY O 324 -86.99 57.58 -88.47
CA GLY O 324 -85.77 56.80 -88.24
C GLY O 324 -84.55 57.47 -88.83
N GLU O 325 -84.64 57.88 -90.10
CA GLU O 325 -83.52 58.51 -90.81
C GLU O 325 -82.28 57.62 -90.90
N PRO O 329 -86.65 62.73 -96.44
CA PRO O 329 -87.27 61.77 -97.32
C PRO O 329 -88.05 60.76 -96.49
N LEU O 330 -89.29 61.12 -96.16
CA LEU O 330 -90.16 60.27 -95.34
C LEU O 330 -90.54 58.98 -96.07
N ASP O 331 -90.60 59.05 -97.40
CA ASP O 331 -90.85 57.88 -98.25
C ASP O 331 -89.72 56.87 -98.13
N GLU O 332 -88.47 57.36 -98.15
CA GLU O 332 -87.28 56.50 -98.01
C GLU O 332 -87.11 55.92 -96.60
N ARG O 333 -87.56 56.67 -95.60
CA ARG O 333 -87.44 56.25 -94.20
C ARG O 333 -88.28 55.00 -93.90
N ARG O 334 -89.49 54.95 -94.45
CA ARG O 334 -90.38 53.79 -94.27
C ARG O 334 -89.93 52.54 -95.03
N ARG O 335 -89.12 52.71 -96.08
CA ARG O 335 -88.66 51.59 -96.91
C ARG O 335 -87.94 50.53 -96.07
N PRO O 336 -88.25 49.23 -96.31
CA PRO O 336 -87.59 48.14 -95.58
C PRO O 336 -86.08 48.06 -95.83
N ASP O 337 -85.39 47.27 -95.02
CA ASP O 337 -83.93 47.12 -95.15
C ASP O 337 -83.40 45.90 -94.40
N THR O 338 -82.21 45.45 -94.79
CA THR O 338 -81.52 44.37 -94.10
C THR O 338 -81.30 44.73 -92.63
N PRO O 339 -81.69 43.83 -91.71
CA PRO O 339 -81.43 44.07 -90.29
C PRO O 339 -79.94 44.18 -89.97
N VAL O 340 -79.08 43.72 -90.88
CA VAL O 340 -77.63 43.90 -90.77
C VAL O 340 -77.19 45.37 -90.71
N ARG O 341 -78.06 46.28 -91.14
CA ARG O 341 -77.82 47.72 -91.01
C ARG O 341 -77.97 48.20 -89.56
N ASP O 342 -78.94 47.64 -88.85
CA ASP O 342 -79.19 48.00 -87.45
C ASP O 342 -78.11 47.48 -86.50
N VAL O 343 -77.70 46.23 -86.67
CA VAL O 343 -76.59 45.68 -85.88
C VAL O 343 -75.27 46.36 -86.24
N ALA O 344 -75.16 46.87 -87.47
CA ALA O 344 -74.02 47.69 -87.86
C ALA O 344 -74.02 49.00 -87.07
N GLY O 345 -75.20 49.59 -86.89
CA GLY O 345 -75.35 50.83 -86.14
C GLY O 345 -74.93 50.73 -84.67
N ILE O 346 -75.31 49.63 -84.02
CA ILE O 346 -74.97 49.41 -82.62
C ILE O 346 -73.49 49.11 -82.48
N LEU O 347 -72.96 48.23 -83.32
CA LEU O 347 -71.51 47.93 -83.31
C LEU O 347 -70.68 49.15 -83.66
N ARG O 348 -71.21 50.00 -84.53
CA ARG O 348 -70.57 51.27 -84.88
C ARG O 348 -70.52 52.18 -83.64
N SER O 349 -71.61 52.19 -82.88
CA SER O 349 -71.74 53.03 -81.70
C SER O 349 -70.81 52.60 -80.56
N PHE O 350 -70.52 51.30 -80.46
CA PHE O 350 -69.61 50.79 -79.43
C PHE O 350 -68.21 51.36 -79.59
N GLU O 351 -67.71 51.41 -80.82
CA GLU O 351 -66.38 51.96 -81.08
C GLU O 351 -66.32 53.46 -80.77
N TYR O 352 -67.39 54.19 -81.09
CA TYR O 352 -67.45 55.62 -80.77
C TYR O 352 -67.48 55.89 -79.26
N ALA O 353 -68.19 55.05 -78.51
CA ALA O 353 -68.23 55.15 -77.05
C ALA O 353 -66.85 54.92 -76.43
N ALA O 354 -66.11 53.97 -76.98
CA ALA O 354 -64.79 53.61 -76.46
C ALA O 354 -63.71 54.64 -76.82
N HIS O 355 -63.83 55.28 -77.98
CA HIS O 355 -62.77 56.16 -78.49
C HIS O 355 -63.01 57.65 -78.29
N GLN O 356 -64.26 58.05 -78.06
CA GLN O 356 -64.52 59.41 -77.60
C GLN O 356 -63.82 59.57 -76.27
N ARG O 357 -63.91 58.52 -75.46
CA ARG O 357 -63.20 58.44 -74.20
C ARG O 357 -61.69 58.51 -74.42
N LEU O 358 -61.17 57.79 -75.43
CA LEU O 358 -59.73 57.84 -75.75
C LEU O 358 -59.25 59.17 -76.31
N VAL O 359 -60.17 59.91 -76.91
CA VAL O 359 -59.94 61.30 -77.31
C VAL O 359 -60.00 62.16 -76.06
N ASP O 360 -60.97 61.86 -75.20
CA ASP O 360 -61.07 62.45 -73.85
C ASP O 360 -59.98 61.92 -72.90
N GLN O 361 -59.28 60.87 -73.35
CA GLN O 361 -58.08 60.36 -72.70
C GLN O 361 -56.80 60.73 -73.41
N ALA O 362 -56.95 61.26 -74.62
CA ALA O 362 -55.90 62.04 -75.24
C ALA O 362 -56.06 63.48 -74.73
N GLY O 363 -56.93 63.64 -73.73
CA GLY O 363 -57.32 64.93 -73.19
C GLY O 363 -56.44 65.71 -72.21
N ASP O 364 -55.79 65.12 -71.19
CA ASP O 364 -55.58 63.68 -70.92
C ASP O 364 -54.39 63.06 -71.68
N ASP O 365 -53.56 63.92 -72.27
CA ASP O 365 -52.29 63.55 -72.91
C ASP O 365 -51.27 63.20 -71.80
N ASP O 366 -50.00 62.88 -72.10
CA ASP O 366 -49.36 62.75 -73.42
C ASP O 366 -48.64 61.41 -73.69
N ASP O 367 -47.88 60.89 -72.72
CA ASP O 367 -46.84 59.86 -73.00
C ASP O 367 -47.29 58.48 -73.53
N ARG O 368 -48.25 57.85 -72.86
CA ARG O 368 -48.62 56.46 -73.17
C ARG O 368 -50.13 56.31 -73.31
N ALA O 369 -50.68 56.96 -74.33
CA ALA O 369 -52.05 56.73 -74.77
C ALA O 369 -52.13 55.39 -75.51
N ARG O 370 -50.97 54.83 -75.86
CA ARG O 370 -50.87 53.51 -76.49
C ARG O 370 -51.47 52.40 -75.62
N GLN O 371 -51.44 52.58 -74.30
CA GLN O 371 -52.07 51.63 -73.37
C GLN O 371 -53.58 51.69 -73.49
N LEU O 372 -54.11 52.91 -73.55
CA LEU O 372 -55.55 53.11 -73.63
C LEU O 372 -56.15 52.54 -74.91
N ALA O 373 -55.45 52.75 -76.03
CA ALA O 373 -55.85 52.18 -77.31
C ALA O 373 -55.93 50.65 -77.25
N ALA O 374 -54.96 50.05 -76.57
CA ALA O 374 -54.93 48.59 -76.39
C ALA O 374 -56.16 48.11 -75.61
N ARG O 375 -56.54 48.88 -74.60
CA ARG O 375 -57.73 48.57 -73.79
C ARG O 375 -59.02 48.85 -74.55
N ALA O 376 -59.03 49.92 -75.32
CA ALA O 376 -60.20 50.28 -76.11
C ALA O 376 -60.50 49.24 -77.18
N ARG O 377 -59.47 48.82 -77.90
CA ARG O 377 -59.60 47.78 -78.91
C ARG O 377 -60.10 46.49 -78.25
N GLU O 378 -59.58 46.19 -77.06
CA GLU O 378 -60.06 45.07 -76.26
C GLU O 378 -61.55 45.21 -75.94
N TRP O 379 -61.93 46.37 -75.42
CA TRP O 379 -63.32 46.62 -75.00
C TRP O 379 -64.25 46.68 -76.21
N VAL O 380 -63.85 47.39 -77.25
CA VAL O 380 -64.67 47.55 -78.45
C VAL O 380 -64.98 46.21 -79.08
N THR O 381 -63.97 45.36 -79.25
CA THR O 381 -64.15 44.05 -79.90
C THR O 381 -64.83 43.01 -79.02
N ARG O 382 -64.82 43.19 -77.70
CA ARG O 382 -65.38 42.21 -76.79
C ARG O 382 -66.89 42.37 -76.59
N ASN O 383 -67.36 43.61 -76.51
CA ASN O 383 -68.78 43.89 -76.35
C ASN O 383 -69.53 43.79 -77.68
N CYS O 384 -68.81 44.01 -78.77
CA CYS O 384 -69.34 43.75 -80.11
C CYS O 384 -69.58 42.25 -80.26
N ALA O 385 -68.64 41.45 -79.74
CA ALA O 385 -68.78 40.00 -79.72
C ALA O 385 -69.95 39.60 -78.82
N SER O 386 -69.96 40.12 -77.59
CA SER O 386 -71.03 39.81 -76.64
C SER O 386 -72.41 40.20 -77.18
N PHE O 387 -72.48 41.31 -77.92
CA PHE O 387 -73.74 41.77 -78.51
C PHE O 387 -74.22 40.84 -79.62
N CYS O 388 -73.33 40.53 -80.56
CA CYS O 388 -73.64 39.63 -81.66
C CYS O 388 -74.00 38.24 -81.15
N ASP O 389 -73.33 37.80 -80.08
CA ASP O 389 -73.64 36.51 -79.44
C ASP O 389 -75.07 36.47 -78.92
N GLY O 390 -75.48 37.54 -78.25
CA GLY O 390 -76.83 37.66 -77.71
C GLY O 390 -77.89 37.78 -78.78
N TYR O 391 -77.58 38.50 -79.85
CA TYR O 391 -78.48 38.62 -80.99
C TYR O 391 -78.71 37.24 -81.61
N ALA O 392 -77.62 36.52 -81.85
CA ALA O 392 -77.66 35.19 -82.45
C ALA O 392 -78.32 34.16 -81.54
N ALA O 393 -78.31 34.40 -80.23
CA ALA O 393 -78.97 33.54 -79.26
C ALA O 393 -80.50 33.67 -79.30
N GLU O 394 -81.00 34.82 -79.76
CA GLU O 394 -82.43 35.07 -79.82
C GLU O 394 -83.05 34.48 -81.08
N ALA O 395 -82.62 34.97 -82.24
CA ALA O 395 -83.03 34.39 -83.52
C ALA O 395 -81.98 33.38 -83.96
N GLY O 396 -82.41 32.30 -84.60
CA GLY O 396 -81.51 31.27 -85.10
C GLY O 396 -80.35 31.81 -85.91
N THR O 397 -80.64 32.81 -86.74
CA THR O 397 -79.64 33.45 -87.60
C THR O 397 -78.58 34.20 -86.78
N ASP O 398 -77.32 34.03 -87.17
CA ASP O 398 -76.20 34.77 -86.58
C ASP O 398 -75.73 35.83 -87.60
N PRO O 399 -75.63 37.11 -87.17
CA PRO O 399 -75.18 38.19 -88.06
C PRO O 399 -73.73 38.02 -88.55
N ARG O 400 -72.85 37.59 -87.64
CA ARG O 400 -71.45 37.33 -87.98
C ARG O 400 -71.29 36.12 -88.91
N ASP O 401 -72.27 35.21 -88.90
CA ASP O 401 -72.26 34.06 -89.80
C ASP O 401 -72.37 34.49 -91.26
N SER O 402 -73.18 35.51 -91.52
CA SER O 402 -73.22 36.18 -92.82
C SER O 402 -72.44 37.49 -92.71
N ALA O 403 -71.14 37.37 -92.42
CA ALA O 403 -70.27 38.52 -92.08
C ALA O 403 -70.11 39.52 -93.22
N ASP O 404 -69.91 39.01 -94.44
CA ASP O 404 -69.63 39.87 -95.60
C ASP O 404 -70.71 40.95 -95.82
N LEU O 405 -71.97 40.59 -95.60
CA LEU O 405 -73.08 41.56 -95.72
C LEU O 405 -72.99 42.63 -94.64
N LEU O 406 -72.65 42.22 -93.42
CA LEU O 406 -72.51 43.13 -92.28
C LEU O 406 -71.30 44.05 -92.46
N ALA O 407 -70.17 43.47 -92.84
CA ALA O 407 -68.93 44.23 -93.04
C ALA O 407 -69.08 45.33 -94.08
N ALA O 408 -69.99 45.13 -95.03
CA ALA O 408 -70.31 46.15 -96.03
C ALA O 408 -71.04 47.32 -95.39
N TYR O 409 -72.10 47.03 -94.65
CA TYR O 409 -72.91 48.07 -94.01
C TYR O 409 -72.14 48.82 -92.90
N GLU O 410 -71.21 48.12 -92.24
CA GLU O 410 -70.33 48.77 -91.27
C GLU O 410 -69.43 49.79 -91.97
N LEU O 411 -68.90 49.40 -93.13
CA LEU O 411 -68.07 50.29 -93.95
C LEU O 411 -68.88 51.49 -94.49
N ASP O 412 -70.14 51.26 -94.83
CA ASP O 412 -71.02 52.33 -95.33
C ASP O 412 -71.38 53.30 -94.20
N LYS O 413 -71.70 52.76 -93.04
CA LYS O 413 -72.00 53.58 -91.85
C LYS O 413 -70.78 54.41 -91.42
N ALA O 414 -69.58 53.94 -91.74
CA ALA O 414 -68.35 54.69 -91.49
C ALA O 414 -68.15 55.83 -92.50
N VAL O 415 -68.54 55.59 -93.76
CA VAL O 415 -68.45 56.60 -94.82
C VAL O 415 -69.42 57.76 -94.57
N TYR O 416 -70.64 57.41 -94.15
CA TYR O 416 -71.63 58.42 -93.75
C TYR O 416 -71.20 59.12 -92.46
N GLU O 417 -70.56 58.37 -91.56
CA GLU O 417 -70.03 58.92 -90.31
C GLU O 417 -68.89 59.89 -90.56
N ALA O 418 -68.02 59.56 -91.51
CA ALA O 418 -66.90 60.43 -91.87
C ALA O 418 -67.39 61.77 -92.41
N ALA O 419 -68.27 61.72 -93.40
CA ALA O 419 -68.81 62.92 -94.03
C ALA O 419 -69.67 63.77 -93.07
N TYR O 420 -70.51 63.10 -92.28
CA TYR O 420 -71.36 63.78 -91.29
C TYR O 420 -70.53 64.42 -90.19
N GLU O 421 -69.43 63.77 -89.81
CA GLU O 421 -68.53 64.31 -88.79
C GLU O 421 -67.61 65.38 -89.38
N ALA O 422 -66.92 65.05 -90.47
CA ALA O 422 -65.91 65.94 -91.06
C ALA O 422 -66.41 67.37 -91.28
N ARG O 423 -67.62 67.49 -91.83
CA ARG O 423 -68.23 68.81 -92.09
C ARG O 423 -68.51 69.55 -90.79
N HIS O 424 -69.12 68.87 -89.84
CA HIS O 424 -69.48 69.46 -88.55
C HIS O 424 -68.27 69.60 -87.61
N ARG O 425 -67.62 68.48 -87.30
CA ARG O 425 -66.49 68.45 -86.36
C ARG O 425 -65.22 67.84 -86.97
N PRO O 426 -64.15 68.65 -87.13
CA PRO O 426 -62.89 68.16 -87.70
C PRO O 426 -62.16 67.16 -86.81
N SER O 427 -62.29 67.33 -85.48
CA SER O 427 -61.61 66.49 -84.51
C SER O 427 -62.05 65.02 -84.55
N TRP O 428 -63.29 64.77 -84.99
CA TRP O 428 -63.83 63.41 -85.08
C TRP O 428 -63.15 62.56 -86.15
N LEU O 429 -62.78 63.18 -87.27
CA LEU O 429 -62.24 62.49 -88.47
C LEU O 429 -61.31 61.27 -88.28
N PRO O 430 -60.40 61.32 -87.29
CA PRO O 430 -59.61 60.11 -86.94
C PRO O 430 -60.43 58.88 -86.54
N ILE O 431 -61.59 59.09 -85.91
CA ILE O 431 -62.44 57.97 -85.47
C ILE O 431 -63.04 57.17 -86.65
N PRO O 432 -63.70 57.85 -87.60
CA PRO O 432 -64.14 57.14 -88.81
C PRO O 432 -63.00 56.59 -89.67
N LEU O 433 -61.93 57.38 -89.84
CA LEU O 433 -60.80 57.00 -90.67
C LEU O 433 -60.02 55.81 -90.11
N GLY O 434 -59.76 55.84 -88.80
CA GLY O 434 -59.06 54.75 -88.12
C GLY O 434 -59.87 53.46 -88.07
N SER O 435 -61.18 53.59 -87.83
CA SER O 435 -62.08 52.44 -87.81
C SER O 435 -62.28 51.85 -89.20
N ILE O 436 -62.30 52.71 -90.22
CA ILE O 436 -62.31 52.27 -91.60
C ILE O 436 -61.05 51.46 -91.90
N ALA O 437 -59.92 51.92 -91.37
CA ALA O 437 -58.65 51.23 -91.51
C ALA O 437 -58.65 49.90 -90.75
N ARG O 438 -59.32 49.87 -89.60
CA ARG O 438 -59.45 48.65 -88.81
C ARG O 438 -60.22 47.56 -89.55
N LEU O 439 -61.27 47.96 -90.24
CA LEU O 439 -62.09 47.03 -91.02
C LEU O 439 -61.70 47.06 -92.49
N ALA P 198 -64.48 90.86 -54.87
CA ALA P 198 -64.41 89.41 -55.22
C ALA P 198 -63.77 88.64 -54.05
N ASN P 199 -64.22 87.40 -53.84
CA ASN P 199 -63.84 86.63 -52.66
C ASN P 199 -64.31 87.30 -51.37
N SER P 200 -65.63 87.27 -51.18
CA SER P 200 -66.27 87.86 -50.02
C SER P 200 -67.20 86.82 -49.39
N ALA P 201 -67.69 87.11 -48.19
CA ALA P 201 -68.70 86.29 -47.55
C ALA P 201 -69.46 87.12 -46.53
N GLU P 202 -70.77 86.93 -46.47
CA GLU P 202 -71.61 87.72 -45.57
C GLU P 202 -71.36 87.37 -44.11
N GLY P 203 -71.59 88.34 -43.24
CA GLY P 203 -71.47 88.13 -41.80
C GLY P 203 -72.49 87.13 -41.28
N TRP P 204 -73.73 87.25 -41.73
CA TRP P 204 -74.80 86.34 -41.30
C TRP P 204 -74.48 84.91 -41.71
N ASP P 205 -73.99 84.73 -42.93
CA ASP P 205 -73.62 83.40 -43.44
C ASP P 205 -72.45 82.80 -42.68
N MET P 206 -71.60 83.65 -42.12
CA MET P 206 -70.40 83.23 -41.41
C MET P 206 -70.68 82.96 -39.93
N ALA P 207 -71.58 83.75 -39.35
CA ALA P 207 -72.09 83.50 -38.01
C ALA P 207 -72.97 82.24 -38.00
N THR P 208 -73.75 82.07 -39.07
CA THR P 208 -74.62 80.90 -39.21
C THR P 208 -73.85 79.59 -39.18
N THR P 209 -72.63 79.59 -39.73
CA THR P 209 -71.77 78.40 -39.74
C THR P 209 -71.09 78.13 -38.40
N SER P 210 -70.87 79.19 -37.61
CA SER P 210 -70.35 79.04 -36.25
C SER P 210 -71.45 78.64 -35.28
N THR P 211 -72.64 79.19 -35.47
CA THR P 211 -73.83 78.78 -34.71
C THR P 211 -74.22 77.35 -35.06
N ARG P 212 -73.94 76.95 -36.30
CA ARG P 212 -74.11 75.57 -36.77
C ARG P 212 -73.15 74.60 -36.06
N ASP P 213 -71.97 75.09 -35.71
CA ASP P 213 -70.92 74.26 -35.10
C ASP P 213 -71.26 73.81 -33.69
N LEU P 214 -71.53 74.76 -32.80
CA LEU P 214 -71.86 74.45 -31.40
C LEU P 214 -73.01 73.48 -31.32
N PHE P 215 -74.05 73.81 -32.05
CA PHE P 215 -75.33 73.18 -31.95
C PHE P 215 -75.30 71.71 -32.39
N ALA P 216 -74.83 71.48 -33.62
CA ALA P 216 -74.52 70.12 -34.08
C ALA P 216 -73.36 69.59 -33.26
N GLU P 217 -73.44 68.34 -32.81
CA GLU P 217 -72.45 67.76 -31.91
C GLU P 217 -72.16 68.72 -30.75
N GLY P 218 -73.22 69.07 -30.03
CA GLY P 218 -73.17 70.08 -28.97
C GLY P 218 -72.88 69.50 -27.59
N ASP P 219 -73.27 70.25 -26.56
CA ASP P 219 -72.96 69.90 -25.18
C ASP P 219 -71.45 69.86 -24.92
N LEU P 220 -70.71 70.79 -25.54
CA LEU P 220 -69.25 70.81 -25.41
C LEU P 220 -68.70 72.22 -25.14
N TYR P 221 -69.54 73.13 -24.64
CA TYR P 221 -69.13 74.50 -24.29
C TYR P 221 -68.97 75.40 -25.51
N ALA P 222 -69.22 76.70 -25.33
CA ALA P 222 -69.17 77.69 -26.41
C ALA P 222 -67.75 78.16 -26.73
N GLU P 223 -66.86 78.09 -25.73
CA GLU P 223 -65.48 78.52 -25.88
C GLU P 223 -64.57 77.40 -26.38
N GLU P 224 -64.93 76.16 -26.04
CA GLU P 224 -64.08 75.00 -26.36
C GLU P 224 -64.18 74.59 -27.84
N VAL P 225 -65.36 74.74 -28.44
CA VAL P 225 -65.57 74.36 -29.85
C VAL P 225 -64.66 75.13 -30.79
N GLY P 226 -64.27 74.50 -31.88
CA GLY P 226 -63.41 75.13 -32.88
C GLY P 226 -64.08 76.28 -33.60
N GLY P 227 -65.38 76.14 -33.86
CA GLY P 227 -66.16 77.13 -34.62
C GLY P 227 -66.23 78.53 -34.03
N ASP P 228 -65.82 78.67 -32.77
CA ASP P 228 -65.82 79.94 -32.04
C ASP P 228 -65.69 81.20 -32.89
N PHE P 229 -66.74 82.02 -32.90
CA PHE P 229 -66.77 83.25 -33.68
C PHE P 229 -66.18 84.44 -32.91
N ALA P 230 -65.98 84.26 -31.61
CA ALA P 230 -65.57 85.34 -30.69
C ALA P 230 -64.43 86.21 -31.19
N GLY P 231 -63.41 85.59 -31.77
CA GLY P 231 -62.27 86.31 -32.29
C GLY P 231 -62.61 87.19 -33.46
N GLU P 232 -63.47 86.67 -34.33
CA GLU P 232 -63.92 87.40 -35.51
C GLU P 232 -64.91 88.51 -35.13
N ALA P 233 -65.73 88.26 -34.12
CA ALA P 233 -66.67 89.25 -33.61
C ALA P 233 -65.95 90.48 -33.05
N TYR P 234 -64.86 90.25 -32.33
CA TYR P 234 -64.04 91.31 -31.78
C TYR P 234 -63.46 92.21 -32.88
N ARG P 235 -62.97 91.58 -33.94
CA ARG P 235 -62.45 92.33 -35.09
C ARG P 235 -63.54 93.17 -35.75
N LEU P 236 -64.74 92.60 -35.86
CA LEU P 236 -65.90 93.31 -36.42
C LEU P 236 -66.30 94.50 -35.54
N GLY P 237 -66.02 94.41 -34.25
CA GLY P 237 -66.28 95.50 -33.32
C GLY P 237 -65.48 96.73 -33.64
N GLU P 238 -64.16 96.59 -33.65
CA GLU P 238 -63.26 97.69 -33.99
C GLU P 238 -63.40 98.14 -35.46
N ALA P 239 -63.98 97.29 -36.30
CA ALA P 239 -64.31 97.66 -37.68
C ALA P 239 -65.46 98.68 -37.74
N VAL P 240 -66.54 98.38 -37.01
CA VAL P 240 -67.69 99.29 -36.92
C VAL P 240 -67.34 100.57 -36.14
N ALA P 241 -66.50 100.42 -35.12
CA ALA P 241 -66.04 101.57 -34.34
C ALA P 241 -65.13 102.50 -35.15
N SER P 242 -64.40 101.92 -36.09
CA SER P 242 -63.48 102.68 -36.94
C SER P 242 -64.24 103.62 -37.87
N VAL P 243 -65.22 103.06 -38.58
CA VAL P 243 -66.07 103.85 -39.48
C VAL P 243 -66.87 104.91 -38.71
N HIS P 244 -67.37 104.57 -37.52
CA HIS P 244 -68.10 105.52 -36.67
C HIS P 244 -67.26 106.73 -36.26
N ALA P 245 -66.05 106.45 -35.77
CA ALA P 245 -65.13 107.51 -35.32
C ALA P 245 -64.67 108.37 -36.50
N CYS P 246 -64.40 107.72 -37.63
CA CYS P 246 -64.01 108.41 -38.86
C CYS P 246 -65.15 109.25 -39.42
N LEU P 247 -66.38 108.73 -39.32
CA LEU P 247 -67.56 109.43 -39.81
C LEU P 247 -67.84 110.67 -38.97
N ALA P 248 -67.68 110.53 -37.65
CA ALA P 248 -67.86 111.65 -36.72
C ALA P 248 -66.86 112.79 -36.93
N HIS P 249 -65.67 112.46 -37.44
CA HIS P 249 -64.63 113.46 -37.71
C HIS P 249 -65.08 114.42 -38.83
N GLU P 250 -65.57 113.87 -39.94
CA GLU P 250 -66.01 114.68 -41.07
C GLU P 250 -67.47 115.15 -40.94
N LEU P 251 -68.36 114.26 -40.51
CA LEU P 251 -69.77 114.61 -40.31
C LEU P 251 -69.96 115.60 -39.17
N GLY P 252 -69.12 115.50 -38.14
CA GLY P 252 -69.26 116.32 -36.94
C GLY P 252 -70.20 115.67 -35.94
N THR P 253 -70.26 116.23 -34.73
CA THR P 253 -71.12 115.70 -33.67
C THR P 253 -71.98 116.82 -33.08
N GLU P 254 -73.11 116.42 -32.48
CA GLU P 254 -74.00 117.34 -31.78
C GLU P 254 -74.55 116.64 -30.54
N GLU P 255 -75.09 117.43 -29.62
CA GLU P 255 -75.74 116.90 -28.42
C GLU P 255 -77.25 117.05 -28.55
N VAL P 256 -77.98 116.00 -28.19
CA VAL P 256 -79.44 116.01 -28.25
C VAL P 256 -79.99 115.09 -27.16
N PRO P 257 -81.22 115.35 -26.68
CA PRO P 257 -81.80 114.46 -25.66
C PRO P 257 -82.50 113.25 -26.25
N PHE P 258 -82.55 112.16 -25.47
CA PHE P 258 -83.19 110.91 -25.89
C PHE P 258 -84.62 111.16 -26.40
N PRO P 259 -84.94 110.65 -27.61
CA PRO P 259 -86.27 110.91 -28.21
C PRO P 259 -87.40 110.20 -27.44
N ALA P 260 -87.71 110.73 -26.25
CA ALA P 260 -88.69 110.11 -25.36
C ALA P 260 -90.07 110.02 -26.00
N ASP P 261 -90.60 111.17 -26.43
CA ASP P 261 -91.92 111.25 -27.05
C ASP P 261 -91.97 110.61 -28.44
N VAL P 262 -90.83 110.58 -29.14
CA VAL P 262 -90.73 109.96 -30.46
C VAL P 262 -90.70 108.43 -30.35
N MET P 263 -89.87 107.91 -29.44
CA MET P 263 -89.75 106.47 -29.22
C MET P 263 -90.92 105.90 -28.41
N ALA P 264 -91.67 106.77 -27.73
CA ALA P 264 -92.94 106.38 -27.11
C ALA P 264 -94.01 106.14 -28.17
N GLN P 265 -94.00 106.97 -29.21
CA GLN P 265 -94.91 106.83 -30.36
C GLN P 265 -94.65 105.52 -31.12
N ARG P 266 -93.38 105.09 -31.14
CA ARG P 266 -93.01 103.81 -31.75
C ARG P 266 -93.54 102.62 -30.95
N LEU P 267 -93.35 102.66 -29.64
CA LEU P 267 -93.83 101.60 -28.74
C LEU P 267 -95.36 101.60 -28.63
N ALA P 268 -95.98 102.76 -28.81
CA ALA P 268 -97.44 102.88 -28.78
C ALA P 268 -98.08 102.28 -30.02
N ALA P 269 -97.51 102.56 -31.18
CA ALA P 269 -97.98 102.02 -32.46
C ALA P 269 -97.72 100.52 -32.55
N ALA P 270 -96.63 100.06 -31.95
CA ALA P 270 -96.30 98.63 -31.88
C ALA P 270 -97.37 97.84 -31.13
N VAL P 271 -97.99 98.47 -30.12
CA VAL P 271 -99.06 97.85 -29.34
C VAL P 271 -100.37 97.66 -30.12
N ASP P 272 -100.44 98.20 -31.34
CA ASP P 272 -101.59 97.99 -32.23
C ASP P 272 -101.73 96.52 -32.62
N ALA P 273 -100.61 95.90 -33.00
CA ALA P 273 -100.53 94.46 -33.23
C ALA P 273 -100.07 93.78 -31.93
N VAL P 274 -100.86 93.94 -30.88
CA VAL P 274 -100.46 93.54 -29.53
C VAL P 274 -100.49 92.02 -29.33
N PRO P 275 -99.54 91.50 -28.55
CA PRO P 275 -99.43 90.15 -28.03
C PRO P 275 -99.32 90.19 -26.50
N GLU P 276 -98.38 89.45 -25.91
CA GLU P 276 -98.00 89.65 -24.52
C GLU P 276 -97.10 90.88 -24.34
N LEU P 277 -96.77 91.54 -25.46
CA LEU P 277 -95.99 92.79 -25.45
C LEU P 277 -96.63 93.91 -24.60
N ARG P 278 -97.96 93.90 -24.49
CA ARG P 278 -98.67 94.86 -23.63
C ARG P 278 -98.35 94.64 -22.14
N GLU P 279 -98.06 93.39 -21.77
CA GLU P 279 -97.68 93.05 -20.39
C GLU P 279 -96.27 93.54 -20.02
N HIS P 280 -95.36 93.51 -20.99
CA HIS P 280 -94.01 94.06 -20.81
C HIS P 280 -94.01 95.60 -20.87
N VAL P 281 -95.01 96.16 -21.56
CA VAL P 281 -95.06 97.60 -21.88
C VAL P 281 -94.86 98.57 -20.71
N PRO P 282 -95.47 98.30 -19.55
CA PRO P 282 -95.20 99.14 -18.37
C PRO P 282 -93.76 99.05 -17.87
N GLN P 283 -93.20 97.83 -17.87
CA GLN P 283 -91.79 97.63 -17.49
C GLN P 283 -90.85 98.24 -18.52
N ILE P 284 -91.25 98.19 -19.79
CA ILE P 284 -90.49 98.83 -20.88
C ILE P 284 -90.56 100.35 -20.79
N GLU P 285 -91.77 100.88 -20.57
CA GLU P 285 -91.98 102.32 -20.41
C GLU P 285 -91.23 102.87 -19.19
N GLU P 286 -91.08 102.04 -18.16
CA GLU P 286 -90.28 102.37 -16.98
C GLU P 286 -88.80 102.51 -17.31
N ARG P 287 -88.32 101.68 -18.24
CA ARG P 287 -86.95 101.77 -18.76
C ARG P 287 -86.76 103.00 -19.66
N TYR P 288 -87.82 103.36 -20.39
CA TYR P 288 -87.80 104.54 -21.27
C TYR P 288 -87.78 105.87 -20.50
N HIS P 289 -88.78 106.08 -19.65
CA HIS P 289 -88.90 107.32 -18.88
C HIS P 289 -87.82 107.46 -17.79
N LYS P 290 -87.02 106.41 -17.59
CA LYS P 290 -85.84 106.48 -16.74
C LYS P 290 -84.73 107.33 -17.35
N LEU P 291 -84.60 107.28 -18.68
CA LEU P 291 -83.58 108.03 -19.41
C LEU P 291 -84.12 109.35 -20.00
N ALA P 292 -85.29 109.80 -19.55
CA ALA P 292 -85.87 111.05 -20.02
C ALA P 292 -85.07 112.25 -19.52
N ASP P 293 -85.01 113.30 -20.34
CA ASP P 293 -84.22 114.51 -20.04
C ASP P 293 -82.72 114.22 -19.84
N THR P 294 -82.18 113.31 -20.65
CA THR P 294 -80.75 113.00 -20.65
C THR P 294 -80.20 113.21 -22.06
N THR P 295 -79.00 113.77 -22.15
CA THR P 295 -78.40 114.13 -23.43
C THR P 295 -77.44 113.05 -23.95
N MET P 296 -77.48 112.82 -25.26
CA MET P 296 -76.62 111.86 -25.95
C MET P 296 -75.79 112.60 -27.00
N THR P 297 -74.92 111.87 -27.70
CA THR P 297 -74.13 112.42 -28.79
C THR P 297 -74.64 111.83 -30.10
N VAL P 298 -74.88 112.68 -31.09
CA VAL P 298 -75.40 112.22 -32.38
C VAL P 298 -74.40 112.47 -33.51
N GLN P 299 -74.05 111.39 -34.20
CA GLN P 299 -73.22 111.45 -35.40
C GLN P 299 -74.06 111.04 -36.58
N ARG P 300 -73.47 111.15 -37.77
CA ARG P 300 -73.97 110.46 -38.94
C ARG P 300 -73.63 108.98 -38.72
N VAL P 301 -74.58 108.09 -39.01
CA VAL P 301 -74.39 106.65 -38.77
C VAL P 301 -74.90 105.81 -39.93
N HIS P 302 -74.70 104.49 -39.84
CA HIS P 302 -75.16 103.55 -40.86
C HIS P 302 -76.69 103.53 -40.95
N GLY P 303 -77.36 103.43 -39.80
CA GLY P 303 -78.81 103.46 -39.73
C GLY P 303 -79.51 102.10 -39.78
N ASP P 304 -78.89 101.14 -40.47
CA ASP P 304 -79.43 99.80 -40.66
C ASP P 304 -78.32 98.74 -40.62
N LEU P 305 -77.64 98.62 -39.48
CA LEU P 305 -76.58 97.61 -39.34
C LEU P 305 -77.15 96.27 -38.89
N HIS P 306 -76.82 95.24 -39.65
CA HIS P 306 -76.99 93.86 -39.21
C HIS P 306 -75.97 93.01 -39.96
N LEU P 307 -75.77 91.77 -39.50
CA LEU P 307 -74.73 90.91 -40.05
C LEU P 307 -74.79 90.73 -41.57
N GLY P 308 -75.99 90.87 -42.14
CA GLY P 308 -76.18 90.84 -43.59
C GLY P 308 -75.54 91.99 -44.35
N GLN P 309 -75.48 93.16 -43.74
CA GLN P 309 -74.91 94.36 -44.39
C GLN P 309 -73.41 94.50 -44.11
N VAL P 310 -72.77 93.40 -43.73
CA VAL P 310 -71.36 93.38 -43.39
C VAL P 310 -70.68 92.21 -44.11
N LEU P 311 -69.58 92.50 -44.80
CA LEU P 311 -68.88 91.50 -45.61
C LEU P 311 -67.47 91.26 -45.09
N ARG P 312 -67.00 90.03 -45.24
CA ARG P 312 -65.61 89.71 -44.92
C ARG P 312 -64.81 89.39 -46.17
N THR P 313 -63.73 90.13 -46.36
CA THR P 313 -62.75 89.86 -47.40
C THR P 313 -61.45 89.42 -46.72
N PRO P 314 -60.51 88.86 -47.50
CA PRO P 314 -59.17 88.72 -46.94
C PRO P 314 -58.61 90.09 -46.63
N LYS P 315 -57.98 90.21 -45.46
CA LYS P 315 -57.45 91.49 -44.99
C LYS P 315 -58.54 92.56 -44.82
N GLY P 316 -59.58 92.22 -44.05
CA GLY P 316 -60.52 93.22 -43.53
C GLY P 316 -62.01 92.92 -43.60
N TRP P 317 -62.74 93.51 -42.66
CA TRP P 317 -64.20 93.57 -42.69
C TRP P 317 -64.64 94.77 -43.53
N LEU P 318 -65.74 94.63 -44.26
CA LEU P 318 -66.31 95.70 -45.08
C LEU P 318 -67.75 96.00 -44.65
N LEU P 319 -68.09 97.28 -44.53
CA LEU P 319 -69.46 97.71 -44.26
C LEU P 319 -70.10 98.21 -45.55
N ILE P 320 -71.27 97.65 -45.88
CA ILE P 320 -71.97 97.98 -47.12
C ILE P 320 -73.43 98.38 -46.86
N ASP P 321 -74.14 98.76 -47.94
CA ASP P 321 -75.57 99.06 -47.90
C ASP P 321 -75.94 100.12 -46.86
N PHE P 322 -75.36 101.32 -47.00
CA PHE P 322 -75.77 102.46 -46.18
C PHE P 322 -77.13 102.98 -46.66
N GLU P 323 -78.13 102.10 -46.58
CA GLU P 323 -79.42 102.27 -47.27
C GLU P 323 -80.08 103.64 -47.03
N GLY P 324 -80.29 104.09 -45.78
CA GLY P 324 -80.05 103.33 -44.56
C GLY P 324 -81.33 102.74 -43.99
N GLU P 325 -82.37 103.58 -43.86
CA GLU P 325 -83.66 103.16 -43.30
C GLU P 325 -83.55 102.66 -41.87
N PRO P 329 -88.91 108.04 -46.11
CA PRO P 329 -88.57 109.32 -45.55
C PRO P 329 -87.05 109.52 -45.69
N LEU P 330 -86.65 110.02 -46.85
CA LEU P 330 -85.23 110.25 -47.15
C LEU P 330 -84.65 111.37 -46.28
N ASP P 331 -85.49 112.32 -45.90
CA ASP P 331 -85.12 113.38 -44.97
C ASP P 331 -84.75 112.82 -43.59
N GLU P 332 -85.56 111.88 -43.10
CA GLU P 332 -85.33 111.24 -41.81
C GLU P 332 -84.12 110.30 -41.83
N ARG P 333 -83.85 109.68 -42.98
CA ARG P 333 -82.73 108.74 -43.13
C ARG P 333 -81.37 109.43 -42.95
N ARG P 334 -81.24 110.63 -43.49
CA ARG P 334 -79.99 111.40 -43.39
C ARG P 334 -79.76 111.97 -41.98
N ARG P 335 -80.83 112.12 -41.19
CA ARG P 335 -80.72 112.70 -39.84
C ARG P 335 -79.73 111.93 -38.96
N PRO P 336 -78.87 112.65 -38.21
CA PRO P 336 -77.90 112.00 -37.32
C PRO P 336 -78.55 111.20 -36.19
N ASP P 337 -77.75 110.37 -35.50
CA ASP P 337 -78.26 109.55 -34.41
C ASP P 337 -77.15 109.00 -33.52
N THR P 338 -77.52 108.61 -32.30
CA THR P 338 -76.59 107.95 -31.38
C THR P 338 -76.02 106.71 -32.03
N PRO P 339 -74.68 106.55 -32.00
CA PRO P 339 -74.07 105.32 -32.51
C PRO P 339 -74.49 104.07 -31.73
N VAL P 340 -75.05 104.27 -30.53
CA VAL P 340 -75.63 103.18 -29.74
C VAL P 340 -76.77 102.45 -30.46
N ARG P 341 -77.36 103.08 -31.48
CA ARG P 341 -78.38 102.43 -32.32
C ARG P 341 -77.76 101.40 -33.26
N ASP P 342 -76.57 101.70 -33.78
CA ASP P 342 -75.87 100.80 -34.69
C ASP P 342 -75.31 99.55 -33.98
N VAL P 343 -74.70 99.74 -32.81
CA VAL P 343 -74.23 98.60 -32.01
C VAL P 343 -75.42 97.78 -31.46
N ALA P 344 -76.57 98.43 -31.30
CA ALA P 344 -77.81 97.73 -30.96
C ALA P 344 -78.23 96.83 -32.11
N GLY P 345 -78.08 97.32 -33.34
CA GLY P 345 -78.44 96.56 -34.54
C GLY P 345 -77.63 95.29 -34.75
N ILE P 346 -76.31 95.38 -34.49
CA ILE P 346 -75.41 94.23 -34.63
C ILE P 346 -75.66 93.22 -33.51
N LEU P 347 -75.77 93.70 -32.27
CA LEU P 347 -76.07 92.83 -31.13
C LEU P 347 -77.46 92.19 -31.27
N ARG P 348 -78.39 92.93 -31.88
CA ARG P 348 -79.72 92.40 -32.17
C ARG P 348 -79.60 91.26 -33.20
N SER P 349 -78.73 91.44 -34.18
CA SER P 349 -78.54 90.47 -35.26
C SER P 349 -77.87 89.17 -34.79
N PHE P 350 -77.02 89.26 -33.76
CA PHE P 350 -76.37 88.08 -33.21
C PHE P 350 -77.37 87.09 -32.61
N GLU P 351 -78.36 87.61 -31.87
CA GLU P 351 -79.39 86.77 -31.28
C GLU P 351 -80.27 86.11 -32.35
N TYR P 352 -80.58 86.85 -33.41
CA TYR P 352 -81.36 86.28 -34.53
C TYR P 352 -80.60 85.18 -35.27
N ALA P 353 -79.29 85.35 -35.44
CA ALA P 353 -78.44 84.33 -36.06
C ALA P 353 -78.41 83.04 -35.23
N ALA P 354 -78.35 83.19 -33.92
CA ALA P 354 -78.27 82.05 -33.01
C ALA P 354 -79.60 81.30 -32.87
N HIS P 355 -80.72 82.01 -32.94
CA HIS P 355 -82.03 81.43 -32.65
C HIS P 355 -82.86 81.06 -33.87
N GLN P 356 -82.54 81.61 -35.05
CA GLN P 356 -83.10 81.10 -36.29
C GLN P 356 -82.66 79.66 -36.42
N ARG P 357 -81.39 79.44 -36.08
CA ARG P 357 -80.81 78.11 -36.01
C ARG P 357 -81.56 77.26 -34.99
N LEU P 358 -81.87 77.80 -33.81
CA LEU P 358 -82.63 77.07 -32.78
C LEU P 358 -84.08 76.78 -33.16
N VAL P 359 -84.63 77.62 -34.03
CA VAL P 359 -85.92 77.36 -34.66
C VAL P 359 -85.72 76.30 -35.73
N ASP P 360 -84.62 76.42 -36.47
CA ASP P 360 -84.17 75.39 -37.41
C ASP P 360 -83.62 74.15 -36.69
N GLN P 361 -83.42 74.27 -35.38
CA GLN P 361 -83.10 73.16 -34.49
C GLN P 361 -84.27 72.71 -33.62
N ALA P 362 -85.33 73.50 -33.64
CA ALA P 362 -86.64 73.03 -33.26
C ALA P 362 -87.27 72.39 -34.50
N GLY P 363 -86.44 72.22 -35.54
CA GLY P 363 -86.87 71.76 -36.86
C GLY P 363 -87.14 70.29 -37.15
N ASP P 364 -86.33 69.30 -36.71
CA ASP P 364 -85.23 69.36 -35.72
C ASP P 364 -85.70 69.26 -34.26
N ASP P 365 -86.97 68.90 -34.07
CA ASP P 365 -87.56 68.60 -32.75
C ASP P 365 -87.02 67.25 -32.25
N ASP P 366 -87.45 66.68 -31.10
CA ASP P 366 -88.41 67.23 -30.13
C ASP P 366 -87.92 67.31 -28.67
N ASP P 367 -87.23 66.26 -28.17
CA ASP P 367 -87.07 66.04 -26.71
C ASP P 367 -86.27 67.08 -25.90
N ARG P 368 -85.06 67.43 -26.34
CA ARG P 368 -84.15 68.26 -25.55
C ARG P 368 -83.58 69.41 -26.38
N ALA P 369 -84.46 70.29 -26.81
CA ALA P 369 -84.07 71.58 -27.39
C ALA P 369 -83.56 72.52 -26.28
N ARG P 370 -83.83 72.14 -25.02
CA ARG P 370 -83.32 72.87 -23.86
C ARG P 370 -81.80 72.97 -23.83
N GLN P 371 -81.12 71.97 -24.39
CA GLN P 371 -79.67 71.99 -24.51
C GLN P 371 -79.22 73.07 -25.50
N LEU P 372 -79.92 73.13 -26.63
CA LEU P 372 -79.56 74.07 -27.68
C LEU P 372 -79.74 75.52 -27.22
N ALA P 373 -80.83 75.78 -26.50
CA ALA P 373 -81.09 77.10 -25.92
C ALA P 373 -79.96 77.53 -24.98
N ALA P 374 -79.48 76.58 -24.19
CA ALA P 374 -78.36 76.82 -23.27
C ALA P 374 -77.10 77.22 -24.02
N ARG P 375 -76.86 76.56 -25.16
CA ARG P 375 -75.71 76.87 -26.01
C ARG P 375 -75.89 78.17 -26.76
N ALA P 376 -77.11 78.44 -27.21
CA ALA P 376 -77.42 79.67 -27.92
C ALA P 376 -77.24 80.88 -27.03
N ARG P 377 -77.79 80.82 -25.82
CA ARG P 377 -77.64 81.90 -24.85
C ARG P 377 -76.15 82.12 -24.56
N GLU P 378 -75.40 81.04 -24.45
CA GLU P 378 -73.94 81.09 -24.30
C GLU P 378 -73.31 81.83 -25.48
N TRP P 379 -73.64 81.39 -26.69
CA TRP P 379 -73.05 81.95 -27.91
C TRP P 379 -73.48 83.39 -28.13
N VAL P 380 -74.78 83.66 -27.97
CA VAL P 380 -75.33 84.99 -28.17
C VAL P 380 -74.67 86.02 -27.25
N THR P 381 -74.55 85.69 -25.97
CA THR P 381 -73.98 86.61 -24.98
C THR P 381 -72.46 86.73 -25.04
N ARG P 382 -71.78 85.75 -25.63
CA ARG P 382 -70.31 85.75 -25.68
C ARG P 382 -69.75 86.56 -26.84
N ASN P 383 -70.40 86.49 -27.99
CA ASN P 383 -69.97 87.25 -29.18
C ASN P 383 -70.46 88.69 -29.14
N CYS P 384 -71.55 88.93 -28.41
CA CYS P 384 -71.98 90.28 -28.09
C CYS P 384 -70.95 90.96 -27.19
N ALA P 385 -70.43 90.19 -26.23
CA ALA P 385 -69.36 90.66 -25.37
C ALA P 385 -68.10 90.92 -26.19
N SER P 386 -67.69 89.92 -26.98
CA SER P 386 -66.50 90.04 -27.83
C SER P 386 -66.59 91.22 -28.79
N PHE P 387 -67.79 91.49 -29.31
CA PHE P 387 -68.02 92.62 -30.22
C PHE P 387 -67.89 93.96 -29.52
N CYS P 388 -68.58 94.11 -28.38
CA CYS P 388 -68.51 95.32 -27.59
C CYS P 388 -67.09 95.59 -27.07
N ASP P 389 -66.38 94.51 -26.73
CA ASP P 389 -64.97 94.62 -26.30
C ASP P 389 -64.10 95.21 -27.41
N GLY P 390 -64.27 94.72 -28.63
CA GLY P 390 -63.53 95.22 -29.78
C GLY P 390 -63.88 96.64 -30.17
N TYR P 391 -65.16 96.99 -30.06
CA TYR P 391 -65.62 98.35 -30.31
C TYR P 391 -64.96 99.31 -29.32
N ALA P 392 -65.00 98.94 -28.04
CA ALA P 392 -64.42 99.75 -26.97
C ALA P 392 -62.90 99.83 -27.05
N ALA P 393 -62.27 98.84 -27.68
CA ALA P 393 -60.83 98.83 -27.88
C ALA P 393 -60.38 99.83 -28.95
N GLU P 394 -61.27 100.17 -29.87
CA GLU P 394 -60.97 101.09 -30.96
C GLU P 394 -61.11 102.55 -30.52
N ALA P 395 -62.32 102.93 -30.13
CA ALA P 395 -62.56 104.25 -29.56
C ALA P 395 -62.51 104.14 -28.03
N GLY P 396 -62.01 105.18 -27.37
CA GLY P 396 -61.92 105.20 -25.90
C GLY P 396 -63.23 104.86 -25.22
N THR P 397 -64.34 105.36 -25.78
CA THR P 397 -65.68 105.12 -25.24
C THR P 397 -66.08 103.64 -25.35
N ASP P 398 -66.67 103.12 -24.27
CA ASP P 398 -67.23 101.77 -24.25
C ASP P 398 -68.76 101.88 -24.28
N PRO P 399 -69.43 101.18 -25.22
CA PRO P 399 -70.90 101.20 -25.32
C PRO P 399 -71.61 100.63 -24.09
N ARG P 400 -71.08 99.54 -23.55
CA ARG P 400 -71.62 98.91 -22.35
C ARG P 400 -71.41 99.77 -21.09
N ASP P 401 -70.41 100.66 -21.12
CA ASP P 401 -70.16 101.60 -20.03
C ASP P 401 -71.33 102.57 -19.86
N SER P 402 -71.90 103.02 -20.98
CA SER P 402 -73.16 103.76 -20.98
C SER P 402 -74.29 102.82 -21.38
N ALA P 403 -74.50 101.79 -20.55
CA ALA P 403 -75.40 100.68 -20.88
C ALA P 403 -76.87 101.08 -21.02
N ASP P 404 -77.34 101.94 -20.11
CA ASP P 404 -78.75 102.34 -20.08
C ASP P 404 -79.25 102.92 -21.42
N LEU P 405 -78.41 103.71 -22.10
CA LEU P 405 -78.74 104.25 -23.41
C LEU P 405 -78.85 103.16 -24.47
N LEU P 406 -77.93 102.19 -24.41
CA LEU P 406 -77.92 101.05 -25.34
C LEU P 406 -79.11 100.11 -25.11
N ALA P 407 -79.36 99.79 -23.84
CA ALA P 407 -80.47 98.90 -23.46
C ALA P 407 -81.82 99.44 -23.92
N ALA P 408 -81.93 100.76 -24.04
CA ALA P 408 -83.14 101.39 -24.55
C ALA P 408 -83.29 101.10 -26.04
N TYR P 409 -82.23 101.38 -26.81
CA TYR P 409 -82.26 101.17 -28.27
C TYR P 409 -82.37 99.69 -28.67
N GLU P 410 -81.84 98.81 -27.84
CA GLU P 410 -82.02 97.36 -28.04
C GLU P 410 -83.49 96.99 -27.88
N LEU P 411 -84.13 97.56 -26.85
CA LEU P 411 -85.55 97.33 -26.61
C LEU P 411 -86.43 97.91 -27.73
N ASP P 412 -86.02 99.06 -28.28
CA ASP P 412 -86.75 99.70 -29.40
C ASP P 412 -86.60 98.89 -30.68
N LYS P 413 -85.38 98.43 -30.95
CA LYS P 413 -85.10 97.58 -32.11
C LYS P 413 -85.86 96.25 -32.04
N ALA P 414 -86.18 95.81 -30.82
CA ALA P 414 -87.00 94.61 -30.61
C ALA P 414 -88.49 94.88 -30.87
N VAL P 415 -88.96 96.08 -30.51
CA VAL P 415 -90.35 96.49 -30.74
C VAL P 415 -90.64 96.66 -32.24
N TYR P 416 -89.70 97.27 -32.95
CA TYR P 416 -89.78 97.36 -34.41
C TYR P 416 -89.62 95.99 -35.08
N GLU P 417 -88.78 95.13 -34.48
CA GLU P 417 -88.59 93.76 -34.94
C GLU P 417 -89.83 92.91 -34.76
N ALA P 418 -90.51 93.09 -33.63
CA ALA P 418 -91.75 92.36 -33.34
C ALA P 418 -92.83 92.71 -34.37
N ALA P 419 -93.09 94.00 -34.55
CA ALA P 419 -94.13 94.48 -35.48
C ALA P 419 -93.80 94.15 -36.95
N TYR P 420 -92.54 94.34 -37.33
CA TYR P 420 -92.09 94.02 -38.70
C TYR P 420 -92.15 92.52 -38.98
N GLU P 421 -91.86 91.70 -37.97
CA GLU P 421 -91.95 90.25 -38.11
C GLU P 421 -93.39 89.77 -38.02
N ALA P 422 -94.09 90.15 -36.95
CA ALA P 422 -95.45 89.66 -36.68
C ALA P 422 -96.40 89.77 -37.87
N ARG P 423 -96.38 90.92 -38.54
CA ARG P 423 -97.23 91.14 -39.71
C ARG P 423 -96.85 90.22 -40.87
N HIS P 424 -95.55 90.14 -41.15
CA HIS P 424 -95.04 89.32 -42.26
C HIS P 424 -95.00 87.83 -41.90
N ARG P 425 -94.28 87.48 -40.84
CA ARG P 425 -94.08 86.08 -40.42
C ARG P 425 -94.50 85.83 -38.97
N PRO P 426 -95.55 85.02 -38.75
CA PRO P 426 -96.03 84.71 -37.39
C PRO P 426 -95.05 83.86 -36.57
N SER P 427 -94.29 83.00 -37.24
CA SER P 427 -93.36 82.08 -36.59
C SER P 427 -92.19 82.80 -35.90
N TRP P 428 -91.84 83.99 -36.38
CA TRP P 428 -90.76 84.78 -35.79
C TRP P 428 -91.07 85.30 -34.38
N LEU P 429 -92.33 85.68 -34.16
CA LEU P 429 -92.80 86.35 -32.92
C LEU P 429 -92.17 85.93 -31.56
N PRO P 430 -91.92 84.61 -31.35
CA PRO P 430 -91.17 84.18 -30.17
C PRO P 430 -89.76 84.78 -30.02
N ILE P 431 -89.08 85.04 -31.14
CA ILE P 431 -87.73 85.61 -31.12
C ILE P 431 -87.68 87.03 -30.55
N PRO P 432 -88.50 87.96 -31.09
CA PRO P 432 -88.59 89.30 -30.47
C PRO P 432 -89.16 89.28 -29.04
N LEU P 433 -90.20 88.47 -28.81
CA LEU P 433 -90.87 88.41 -27.51
C LEU P 433 -89.98 87.82 -26.42
N GLY P 434 -89.29 86.73 -26.74
CA GLY P 434 -88.37 86.08 -25.80
C GLY P 434 -87.14 86.92 -25.50
N SER P 435 -86.61 87.59 -26.52
CA SER P 435 -85.46 88.49 -26.34
C SER P 435 -85.84 89.77 -25.58
N ILE P 436 -87.06 90.25 -25.82
CA ILE P 436 -87.60 91.35 -25.02
C ILE P 436 -87.69 90.94 -23.55
N ALA P 437 -88.10 89.69 -23.32
CA ALA P 437 -88.16 89.13 -21.97
C ALA P 437 -86.77 88.96 -21.36
N ARG P 438 -85.79 88.60 -22.20
CA ARG P 438 -84.40 88.46 -21.76
C ARG P 438 -83.82 89.80 -21.26
N LEU P 439 -84.14 90.88 -21.97
CA LEU P 439 -83.67 92.22 -21.60
C LEU P 439 -84.75 92.98 -20.84
CA CA Q . 59.09 -8.94 59.61
CA CA R . 32.02 -42.51 -25.13
CA CA S . 27.50 -73.41 -6.37
CA CA T . 24.00 -12.22 66.60
CA CA U . -18.17 69.84 0.52
CA CA V . -49.17 -12.11 -39.25
CA CA W . -22.70 85.12 -35.53
CA CA X . -89.84 17.93 -39.38
#